data_7ADZ
#
_entry.id   7ADZ
#
loop_
_entity.id
_entity.type
_entity.pdbx_description
1 polymer 'cap protein (Algo1)'
2 polymer 'cap adaptor protein (Algo2)'
3 polymer 'Phage tail protein'
4 polymer 'Putative phage tail sheath protein FI'
#
loop_
_entity_poly.entity_id
_entity_poly.type
_entity_poly.pdbx_seq_one_letter_code
_entity_poly.pdbx_strand_id
1 'polypeptide(L)'
;MIFEVLKILTDEVNQNFKGLEMEDSEVVLNNVALIDSQQDVATELQNKVILSMINLREEVTMKNFPNNVLEGTKVTYKNP
KLNINLFLIFCANRTGYKKSLSDLSRILEFFQHKSVFTQSNTSFDRDLEEMENVKNFRFTMELFTPTFEELNYIWGTLGG
RQYPSVFYKLNLIVIDRDATTSEEGVITNIHRNYETL
;
0A,0B,0C,0D,0E,0F
2 'polypeptide(L)'
;MQVSSSFRSFLKLDILHSYFLNDGEKDFSSMNEEESKTQLKSYNWKDFLEIYPSQKTSHMMRGNKIFFKSFNDSIILAIK
VESGTENQPFNELYEDESMTFLLSLKDQYFGNYTDLDLADQLLYFSNKTPVLPEAFTFKPIDRINQSGTVGEEYLYEGEN
KKHLLEEAHLNPGGGVLGIIQIYMKGDTPVLSLINNDGTLKNSLPHFKIHFSNRKSTWKYINLKDDFETETKKDYPLTKF
GFILLDKKSDFISPPAHFEKYVFPNPDARRIKITPTKNYSEIFI
;
1A,1B,1C,1D,1E,1F
3 'polypeptide(L)'
;MSYPLSKFHFSVEWGGTKIGFTEVSGLDLETEIIEYRHGASPEYSKIKMPGMQKFSNITLKRGTFKSDNEYFQWYNTINL
NKVERRDLTISLLNEEHEPVVTWKVKNAWPLKVQSTDLKGDGNEVAIESMELAHEGLVIQNE
;
1a,1b,1c,1d,1e,1f,2a,2b,2c,2d,2e,2f
4 'polypeptide(L)'
;MATYKTPGVYIEEITKFPPSVAQVETAIPAFIGYTQFARTKPSVDSDDLILKPKRISSLLDFTTYYGGAQNEQGITVKLT
DTLIEGAENRTINVPEPTFKSPYLMFYSLQMYFANGGGPCYIVSTGVYDDWSDSETPPTINFSDLESGLAVIRKEDEPTL
LLFPDATNLPTDDEFYSLYNSALMQCNDLQDRFTILDTYSDQTYNDGVEDLDPIPALRNGINLTKDYLKYGAAYYPFVQT
ILNYQYSADEIVIQHLSYNPNAIATALDNLNAVNGPTFIDAILDDLRDLSLPDISGEISDAVGFMYDDVDGFDIDGTFTT
NSVKVANFASLVESVLSTLNELIDAKEEINKDVNSAIASSEEDNAIKTAISDALDVFNEDFEGADKIESVAKNLSDLLIK
IKQADTNTKVENVLSINALNFSAEFEKLLTYDVNTGLTASVTLDLFANIGTRLDDIIAAVSAAEPIDVNNGKLNGRLLSD
IEPLDNATYNTILLEINSHKVTLPPSSSMAGAYARVDNDRGVWKSPANIGLNYVSKPSVTVSHEEQESMNVHGTGKSVNA
IRSFVGKGTLVWGARTLAGNDNEWRYISVRRFFNMAEESIKKATEQFVFEPNDGNTWVRVRAMIENFLILQWRAGALAGA
KPEHAFYVKVGLGQTMTAQDILEGNMNVEIGLAVVRPAEFIILKFSHKMQES
;
2A,2B,2C,2D,2E,2F
#
# COMPACT_ATOMS: atom_id res chain seq x y z
N MET A 1 -6.78 -39.43 -44.52
CA MET A 1 -6.13 -38.53 -45.47
C MET A 1 -4.66 -38.29 -45.16
N ILE A 2 -4.09 -39.06 -44.24
CA ILE A 2 -2.71 -38.83 -43.84
C ILE A 2 -1.74 -39.30 -44.92
N PHE A 3 -1.99 -40.50 -45.47
CA PHE A 3 -1.11 -41.03 -46.50
C PHE A 3 -1.21 -40.23 -47.80
N GLU A 4 -2.40 -39.75 -48.13
CA GLU A 4 -2.61 -39.12 -49.43
C GLU A 4 -2.03 -37.71 -49.48
N VAL A 5 -2.04 -37.00 -48.35
CA VAL A 5 -1.41 -35.68 -48.29
C VAL A 5 0.11 -35.81 -48.40
N LEU A 6 0.68 -36.81 -47.72
CA LEU A 6 2.14 -36.95 -47.72
C LEU A 6 2.65 -37.52 -49.03
N LYS A 7 1.82 -38.31 -49.73
CA LYS A 7 2.18 -38.80 -51.04
C LYS A 7 2.15 -37.68 -52.08
N ILE A 8 1.21 -36.75 -51.93
CA ILE A 8 1.15 -35.58 -52.81
C ILE A 8 2.36 -34.68 -52.58
N LEU A 9 2.74 -34.48 -51.31
CA LEU A 9 3.89 -33.65 -50.98
C LEU A 9 5.20 -34.25 -51.47
N THR A 10 5.29 -35.58 -51.51
CA THR A 10 6.50 -36.23 -51.98
C THR A 10 6.69 -36.02 -53.49
N ASP A 11 5.59 -35.95 -54.24
CA ASP A 11 5.67 -35.77 -55.68
C ASP A 11 6.07 -34.35 -56.07
N GLU A 12 5.68 -33.36 -55.25
CA GLU A 12 6.01 -31.97 -55.57
C GLU A 12 7.50 -31.68 -55.40
N VAL A 13 8.13 -32.31 -54.40
CA VAL A 13 9.56 -32.13 -54.20
C VAL A 13 10.35 -32.86 -55.29
N ASN A 14 9.86 -34.02 -55.72
CA ASN A 14 10.55 -34.78 -56.75
C ASN A 14 10.42 -34.12 -58.11
N GLN A 15 9.34 -33.37 -58.35
CA GLN A 15 9.20 -32.61 -59.59
C GLN A 15 10.15 -31.43 -59.62
N ASN A 16 10.45 -30.84 -58.46
CA ASN A 16 11.35 -29.70 -58.40
C ASN A 16 12.80 -30.12 -58.64
N PHE A 17 13.16 -31.33 -58.24
CA PHE A 17 14.49 -31.85 -58.55
C PHE A 17 14.65 -32.14 -60.03
N LYS A 18 13.54 -32.44 -60.70
CA LYS A 18 13.59 -32.74 -62.14
C LYS A 18 13.83 -31.48 -62.96
N GLY A 19 13.20 -30.36 -62.58
CA GLY A 19 13.40 -29.12 -63.31
C GLY A 19 14.79 -28.53 -63.15
N LEU A 20 15.49 -28.89 -62.08
CA LEU A 20 16.86 -28.45 -61.86
C LEU A 20 17.89 -29.39 -62.47
N GLU A 21 17.44 -30.41 -63.22
CA GLU A 21 18.29 -31.41 -63.89
C GLU A 21 19.21 -32.14 -62.93
N MET A 22 18.68 -32.55 -61.78
CA MET A 22 19.40 -33.39 -60.83
C MET A 22 18.79 -34.78 -60.83
N GLU A 23 19.54 -35.75 -61.33
CA GLU A 23 19.04 -37.10 -61.55
C GLU A 23 19.42 -38.07 -60.44
N ASP A 24 20.04 -37.58 -59.36
CA ASP A 24 20.43 -38.44 -58.24
C ASP A 24 19.56 -38.25 -57.01
N SER A 25 18.88 -37.12 -56.87
CA SER A 25 18.14 -36.79 -55.66
C SER A 25 16.70 -37.25 -55.79
N GLU A 26 16.26 -38.13 -54.89
CA GLU A 26 14.86 -38.53 -54.80
C GLU A 26 14.45 -38.62 -53.34
N VAL A 27 13.21 -38.21 -53.06
CA VAL A 27 12.63 -38.27 -51.73
C VAL A 27 11.78 -39.53 -51.65
N VAL A 28 11.85 -40.22 -50.50
CA VAL A 28 11.13 -41.45 -50.24
C VAL A 28 10.40 -41.29 -48.90
N LEU A 29 9.16 -41.81 -48.86
CA LEU A 29 8.37 -41.91 -47.63
C LEU A 29 8.71 -43.20 -46.91
N ASN A 30 9.41 -43.09 -45.78
CA ASN A 30 9.63 -44.21 -44.87
C ASN A 30 9.91 -43.60 -43.50
N ASN A 31 10.33 -44.42 -42.54
CA ASN A 31 10.59 -43.90 -41.19
C ASN A 31 12.09 -43.86 -40.90
N VAL A 32 12.52 -42.77 -40.27
CA VAL A 32 13.94 -42.46 -40.07
C VAL A 32 14.57 -43.38 -39.03
N ALA A 33 13.76 -43.88 -38.09
CA ALA A 33 14.29 -44.64 -36.95
C ALA A 33 14.90 -45.98 -37.34
N LEU A 34 14.65 -46.48 -38.55
CA LEU A 34 15.19 -47.74 -39.01
C LEU A 34 16.35 -47.60 -39.99
N ILE A 35 17.11 -46.49 -39.96
CA ILE A 35 18.23 -46.31 -40.89
C ILE A 35 19.33 -47.33 -40.63
N ASP A 36 19.70 -47.52 -39.36
CA ASP A 36 20.73 -48.49 -39.02
C ASP A 36 20.19 -49.70 -38.26
N SER A 37 18.93 -50.08 -38.50
CA SER A 37 18.33 -51.20 -37.78
C SER A 37 18.87 -52.53 -38.27
N GLN A 38 19.32 -52.59 -39.53
CA GLN A 38 19.96 -53.76 -40.16
C GLN A 38 18.99 -54.96 -40.21
N GLN A 39 17.70 -54.67 -40.39
CA GLN A 39 16.71 -55.71 -40.62
C GLN A 39 15.81 -55.28 -41.79
N ASP A 40 16.25 -55.58 -43.02
CA ASP A 40 15.43 -55.72 -44.24
C ASP A 40 14.83 -54.42 -44.77
N VAL A 41 14.92 -53.33 -44.01
CA VAL A 41 14.36 -52.05 -44.43
C VAL A 41 15.45 -51.05 -44.77
N ALA A 42 16.66 -51.28 -44.24
CA ALA A 42 17.73 -50.30 -44.35
C ALA A 42 18.29 -50.23 -45.78
N THR A 43 18.11 -51.29 -46.56
CA THR A 43 18.64 -51.30 -47.92
C THR A 43 17.84 -50.38 -48.85
N GLU A 44 16.58 -50.11 -48.50
CA GLU A 44 15.80 -49.15 -49.27
C GLU A 44 16.15 -47.71 -48.91
N LEU A 45 16.73 -47.50 -47.73
CA LEU A 45 16.94 -46.13 -47.25
C LEU A 45 18.26 -45.55 -47.73
N GLN A 46 19.17 -46.37 -48.24
CA GLN A 46 20.52 -45.92 -48.54
C GLN A 46 20.54 -45.01 -49.77
N ASN A 47 21.31 -43.92 -49.65
CA ASN A 47 21.54 -42.91 -50.71
C ASN A 47 20.24 -42.23 -51.14
N LYS A 48 19.45 -41.77 -50.17
CA LYS A 48 18.18 -41.14 -50.44
C LYS A 48 17.89 -40.09 -49.38
N VAL A 49 16.90 -39.23 -49.67
CA VAL A 49 16.32 -38.33 -48.69
C VAL A 49 15.01 -38.96 -48.21
N ILE A 50 14.80 -38.94 -46.89
CA ILE A 50 13.68 -39.65 -46.27
C ILE A 50 12.77 -38.64 -45.59
N LEU A 51 11.48 -38.74 -45.88
CA LEU A 51 10.45 -37.93 -45.25
C LEU A 51 9.62 -38.77 -44.30
N SER A 52 9.41 -38.28 -43.09
CA SER A 52 8.76 -39.06 -42.04
C SER A 52 7.88 -38.15 -41.19
N MET A 53 6.94 -38.76 -40.48
CA MET A 53 6.03 -38.08 -39.56
C MET A 53 6.45 -38.38 -38.13
N ILE A 54 6.65 -37.34 -37.33
CA ILE A 54 7.20 -37.57 -35.99
C ILE A 54 6.18 -37.25 -34.89
N ASN A 55 5.15 -36.45 -35.16
CA ASN A 55 4.19 -36.09 -34.12
C ASN A 55 2.83 -35.72 -34.72
N LEU A 56 1.80 -35.77 -33.88
CA LEU A 56 0.43 -35.36 -34.22
C LEU A 56 -0.14 -34.48 -33.12
N ARG A 57 -0.82 -33.40 -33.52
CA ARG A 57 -1.52 -32.53 -32.59
C ARG A 57 -2.93 -32.29 -33.11
N GLU A 58 -3.75 -31.61 -32.30
CA GLU A 58 -5.13 -31.30 -32.64
C GLU A 58 -5.34 -29.79 -32.58
N GLU A 59 -5.99 -29.24 -33.59
CA GLU A 59 -6.31 -27.82 -33.59
C GLU A 59 -7.46 -27.50 -32.63
N VAL A 60 -7.21 -26.59 -31.70
CA VAL A 60 -8.12 -26.34 -30.59
C VAL A 60 -9.19 -25.31 -30.92
N THR A 61 -8.90 -24.33 -31.77
CA THR A 61 -9.83 -23.24 -32.06
C THR A 61 -11.07 -23.70 -32.82
N MET A 62 -11.03 -24.86 -33.47
CA MET A 62 -12.15 -25.37 -34.25
C MET A 62 -12.83 -26.57 -33.62
N LYS A 63 -12.58 -26.84 -32.33
CA LYS A 63 -12.96 -28.11 -31.75
C LYS A 63 -14.46 -28.18 -31.45
N ASN A 64 -15.06 -27.07 -31.03
CA ASN A 64 -16.47 -27.05 -30.63
C ASN A 64 -17.39 -26.54 -31.72
N PHE A 65 -17.02 -26.66 -32.99
CA PHE A 65 -17.88 -26.21 -34.06
C PHE A 65 -18.94 -27.27 -34.38
N PRO A 66 -20.18 -26.88 -34.64
CA PRO A 66 -21.22 -27.86 -34.99
C PRO A 66 -21.20 -28.23 -36.47
N ASN A 67 -21.99 -29.26 -36.81
CA ASN A 67 -21.96 -29.84 -38.15
C ASN A 67 -23.34 -30.32 -38.63
N ASN A 68 -24.42 -29.64 -38.24
CA ASN A 68 -25.76 -30.04 -38.67
C ASN A 68 -26.12 -29.39 -40.00
N VAL A 69 -27.06 -30.01 -40.71
CA VAL A 69 -27.49 -29.56 -42.04
C VAL A 69 -29.00 -29.35 -42.03
N LEU A 70 -29.45 -28.19 -42.49
CA LEU A 70 -30.86 -27.86 -42.62
C LEU A 70 -31.24 -27.78 -44.09
N GLU A 71 -32.35 -28.43 -44.45
CA GLU A 71 -32.86 -28.43 -45.82
C GLU A 71 -34.37 -28.62 -45.84
N GLY A 72 -35.11 -27.66 -46.39
CA GLY A 72 -36.56 -27.76 -46.45
C GLY A 72 -37.19 -27.52 -45.08
N THR A 73 -37.83 -28.56 -44.55
CA THR A 73 -38.36 -28.58 -43.19
C THR A 73 -37.84 -29.82 -42.47
N LYS A 74 -36.54 -30.04 -42.56
CA LYS A 74 -35.91 -31.28 -42.14
C LYS A 74 -34.46 -31.00 -41.74
N VAL A 75 -34.01 -31.65 -40.67
CA VAL A 75 -32.64 -31.47 -40.18
C VAL A 75 -31.97 -32.84 -40.01
N THR A 76 -30.73 -32.95 -40.47
CA THR A 76 -29.91 -34.15 -40.28
C THR A 76 -28.78 -33.82 -39.31
N TYR A 77 -28.52 -34.73 -38.38
CA TYR A 77 -27.51 -34.53 -37.33
C TYR A 77 -26.24 -35.31 -37.65
N LYS A 78 -25.08 -34.65 -37.49
CA LYS A 78 -23.78 -35.28 -37.69
C LYS A 78 -22.83 -34.88 -36.56
N ASN A 79 -21.75 -35.67 -36.40
CA ASN A 79 -20.71 -35.39 -35.42
C ASN A 79 -19.74 -34.31 -35.92
N PRO A 80 -19.13 -33.54 -35.02
CA PRO A 80 -18.15 -32.53 -35.45
C PRO A 80 -16.88 -33.14 -36.02
N LYS A 81 -16.27 -32.43 -36.97
CA LYS A 81 -15.08 -32.86 -37.67
C LYS A 81 -13.84 -32.72 -36.80
N LEU A 82 -12.88 -33.44 -36.88
CA LEU A 82 -11.58 -33.61 -36.23
C LEU A 82 -10.52 -32.79 -36.96
N ASN A 83 -9.74 -31.96 -36.72
CA ASN A 83 -8.68 -31.27 -37.46
C ASN A 83 -7.31 -31.51 -36.82
N ILE A 84 -6.32 -31.86 -37.66
CA ILE A 84 -5.03 -32.39 -37.22
C ILE A 84 -3.89 -31.59 -37.83
N ASN A 85 -2.90 -31.21 -37.01
CA ASN A 85 -1.61 -30.69 -37.45
C ASN A 85 -0.56 -31.78 -37.42
N LEU A 86 0.43 -31.69 -38.32
CA LEU A 86 1.52 -32.66 -38.38
C LEU A 86 2.88 -32.00 -38.12
N PHE A 87 3.85 -32.80 -37.69
CA PHE A 87 5.24 -32.38 -37.60
C PHE A 87 6.11 -33.34 -38.40
N LEU A 88 6.89 -32.82 -39.33
CA LEU A 88 7.60 -33.62 -40.32
C LEU A 88 9.10 -33.37 -40.27
N ILE A 89 9.86 -34.31 -40.83
CA ILE A 89 11.31 -34.19 -40.93
C ILE A 89 11.72 -34.57 -42.36
N PHE A 90 12.69 -33.83 -42.91
CA PHE A 90 13.43 -34.24 -44.10
C PHE A 90 14.83 -34.61 -43.67
N CYS A 91 15.19 -35.88 -43.81
CA CYS A 91 16.48 -36.38 -43.36
C CYS A 91 17.30 -36.83 -44.56
N ALA A 92 18.44 -36.18 -44.78
CA ALA A 92 19.31 -36.51 -45.90
C ALA A 92 20.28 -37.61 -45.52
N ASN A 93 20.36 -38.64 -46.36
CA ASN A 93 21.13 -39.86 -46.10
C ASN A 93 21.92 -40.24 -47.34
N ARG A 94 22.60 -39.28 -47.95
CA ARG A 94 23.39 -39.55 -49.15
C ARG A 94 24.70 -40.24 -48.79
N THR A 95 25.36 -40.79 -49.82
CA THR A 95 26.64 -41.45 -49.61
C THR A 95 27.73 -40.46 -49.23
N GLY A 96 27.74 -39.29 -49.89
CA GLY A 96 28.70 -38.24 -49.58
C GLY A 96 28.07 -37.20 -48.67
N TYR A 97 28.85 -36.72 -47.71
CA TYR A 97 28.35 -35.72 -46.77
C TYR A 97 28.15 -34.38 -47.46
N LYS A 98 28.96 -34.12 -48.49
CA LYS A 98 28.85 -32.88 -49.25
C LYS A 98 27.58 -32.86 -50.09
N LYS A 99 27.13 -34.04 -50.52
CA LYS A 99 25.92 -34.13 -51.32
C LYS A 99 24.67 -33.96 -50.47
N SER A 100 24.72 -34.33 -49.19
CA SER A 100 23.58 -34.14 -48.31
C SER A 100 23.35 -32.66 -48.01
N LEU A 101 24.43 -31.88 -47.90
CA LEU A 101 24.30 -30.46 -47.62
C LEU A 101 23.80 -29.69 -48.83
N SER A 102 23.99 -30.24 -50.02
CA SER A 102 23.47 -29.60 -51.23
C SER A 102 21.98 -29.85 -51.40
N ASP A 103 21.50 -31.03 -50.99
CA ASP A 103 20.08 -31.35 -51.12
C ASP A 103 19.25 -30.59 -50.09
N LEU A 104 19.84 -30.31 -48.92
CA LEU A 104 19.11 -29.57 -47.88
C LEU A 104 18.91 -28.12 -48.27
N SER A 105 19.83 -27.55 -49.04
CA SER A 105 19.65 -26.18 -49.53
C SER A 105 18.53 -26.10 -50.55
N ARG A 106 18.39 -27.13 -51.38
CA ARG A 106 17.34 -27.16 -52.39
C ARG A 106 15.96 -27.27 -51.77
N ILE A 107 15.83 -28.04 -50.70
CA ILE A 107 14.55 -28.19 -50.00
C ILE A 107 14.18 -26.89 -49.28
N LEU A 108 15.18 -26.22 -48.70
CA LEU A 108 14.94 -24.92 -48.08
C LEU A 108 14.60 -23.86 -49.12
N GLU A 109 15.17 -23.96 -50.33
CA GLU A 109 14.89 -22.98 -51.37
C GLU A 109 13.50 -23.20 -51.96
N PHE A 110 13.04 -24.45 -52.01
CA PHE A 110 11.75 -24.76 -52.62
C PHE A 110 10.59 -24.26 -51.78
N PHE A 111 10.66 -24.42 -50.46
CA PHE A 111 9.54 -23.99 -49.62
C PHE A 111 9.59 -22.50 -49.34
N GLN A 112 10.72 -21.85 -49.60
CA GLN A 112 10.79 -20.40 -49.53
C GLN A 112 9.93 -19.76 -50.63
N HIS A 113 9.79 -20.44 -51.76
CA HIS A 113 9.11 -19.85 -52.91
C HIS A 113 7.64 -20.26 -52.98
N LYS A 114 7.30 -21.48 -52.57
CA LYS A 114 5.93 -22.00 -52.66
C LYS A 114 5.53 -22.60 -51.32
N SER A 115 4.49 -22.04 -50.70
CA SER A 115 4.07 -22.52 -49.39
C SER A 115 2.61 -22.96 -49.31
N VAL A 116 1.79 -22.75 -50.34
CA VAL A 116 0.38 -23.12 -50.32
C VAL A 116 0.13 -24.15 -51.41
N PHE A 117 -0.59 -25.23 -51.08
CA PHE A 117 -0.81 -26.36 -51.96
C PHE A 117 -2.29 -26.70 -51.99
N THR A 118 -2.88 -26.69 -53.19
CA THR A 118 -4.30 -26.98 -53.37
C THR A 118 -4.49 -28.06 -54.42
N GLN A 119 -5.75 -28.40 -54.67
CA GLN A 119 -6.08 -29.42 -55.66
C GLN A 119 -5.88 -28.91 -57.08
N SER A 120 -5.84 -27.58 -57.26
CA SER A 120 -5.57 -27.01 -58.57
C SER A 120 -4.09 -26.71 -58.75
N ASN A 121 -3.33 -26.61 -57.65
CA ASN A 121 -1.94 -26.20 -57.72
C ASN A 121 -1.03 -27.34 -58.17
N THR A 122 -1.30 -28.54 -57.67
CA THR A 122 -0.32 -29.62 -57.66
C THR A 122 -0.35 -30.42 -58.98
N SER A 123 0.69 -31.22 -59.19
CA SER A 123 0.86 -31.97 -60.43
C SER A 123 0.86 -33.47 -60.23
N PHE A 124 0.30 -33.98 -59.13
CA PHE A 124 0.21 -35.42 -58.92
C PHE A 124 -0.76 -36.05 -59.91
N ASP A 125 -0.61 -37.36 -60.11
CA ASP A 125 -1.43 -38.09 -61.07
C ASP A 125 -2.79 -38.41 -60.47
N ARG A 126 -3.84 -37.81 -61.02
CA ARG A 126 -5.18 -38.00 -60.47
C ARG A 126 -5.74 -39.37 -60.82
N ASP A 127 -5.22 -39.99 -61.89
CA ASP A 127 -5.81 -41.23 -62.41
C ASP A 127 -5.40 -42.44 -61.58
N LEU A 128 -4.39 -42.30 -60.71
CA LEU A 128 -3.86 -43.43 -59.95
C LEU A 128 -4.90 -44.00 -58.99
N GLU A 129 -4.88 -45.32 -58.83
CA GLU A 129 -5.96 -46.02 -58.15
C GLU A 129 -5.90 -45.84 -56.64
N GLU A 130 -4.70 -45.64 -56.08
CA GLU A 130 -4.58 -45.43 -54.64
C GLU A 130 -5.05 -44.03 -54.23
N MET A 131 -5.18 -43.12 -55.19
CA MET A 131 -5.62 -41.74 -54.94
C MET A 131 -7.06 -41.51 -55.34
N GLU A 132 -7.95 -42.50 -55.20
CA GLU A 132 -9.32 -42.33 -55.67
C GLU A 132 -10.24 -41.67 -54.65
N ASN A 133 -9.77 -41.45 -53.42
CA ASN A 133 -10.62 -40.89 -52.38
C ASN A 133 -10.42 -39.39 -52.17
N VAL A 134 -9.45 -38.75 -52.83
CA VAL A 134 -9.13 -37.36 -52.55
C VAL A 134 -10.01 -36.44 -53.40
N LYS A 135 -10.60 -35.41 -52.77
CA LYS A 135 -11.40 -34.45 -53.52
C LYS A 135 -10.88 -33.01 -53.48
N ASN A 136 -10.84 -32.39 -52.30
CA ASN A 136 -10.52 -30.98 -52.13
C ASN A 136 -9.60 -30.82 -50.93
N PHE A 137 -8.51 -30.08 -51.08
CA PHE A 137 -7.60 -29.88 -49.96
C PHE A 137 -6.89 -28.53 -50.06
N ARG A 138 -6.37 -28.09 -48.92
CA ARG A 138 -5.54 -26.89 -48.82
C ARG A 138 -4.68 -26.99 -47.56
N PHE A 139 -3.36 -26.93 -47.72
CA PHE A 139 -2.48 -26.93 -46.55
C PHE A 139 -1.28 -26.02 -46.79
N THR A 140 -0.70 -25.54 -45.70
CA THR A 140 0.49 -24.70 -45.74
C THR A 140 1.66 -25.40 -45.06
N MET A 141 2.86 -25.00 -45.46
CA MET A 141 4.11 -25.51 -44.89
C MET A 141 4.85 -24.37 -44.21
N GLU A 142 5.39 -24.63 -43.03
CA GLU A 142 6.07 -23.61 -42.25
C GLU A 142 7.29 -24.19 -41.56
N LEU A 143 8.43 -23.50 -41.71
CA LEU A 143 9.70 -24.00 -41.20
C LEU A 143 9.75 -23.91 -39.68
N PHE A 144 10.28 -24.97 -39.04
CA PHE A 144 10.35 -25.09 -37.60
C PHE A 144 11.78 -25.39 -37.19
N THR A 145 12.35 -24.58 -36.30
CA THR A 145 13.73 -24.75 -35.85
C THR A 145 13.75 -24.95 -34.34
N PRO A 146 14.16 -26.12 -33.84
CA PRO A 146 14.13 -26.36 -32.40
C PRO A 146 15.40 -25.96 -31.67
N THR A 147 15.30 -25.81 -30.35
CA THR A 147 16.45 -25.54 -29.50
C THR A 147 17.22 -26.83 -29.21
N PHE A 148 18.30 -26.70 -28.44
CA PHE A 148 19.17 -27.84 -28.16
C PHE A 148 18.48 -28.85 -27.25
N GLU A 149 17.61 -28.39 -26.35
CA GLU A 149 16.87 -29.31 -25.51
C GLU A 149 15.82 -30.09 -26.30
N GLU A 150 15.22 -29.44 -27.31
CA GLU A 150 14.21 -30.10 -28.12
C GLU A 150 14.82 -31.11 -29.08
N LEU A 151 16.02 -30.83 -29.63
CA LEU A 151 16.71 -31.78 -30.48
C LEU A 151 17.08 -33.06 -29.74
N ASN A 152 17.37 -32.94 -28.44
CA ASN A 152 17.69 -34.11 -27.64
C ASN A 152 16.46 -34.98 -27.44
N TYR A 153 15.27 -34.36 -27.33
CA TYR A 153 14.03 -35.12 -27.22
C TYR A 153 13.69 -35.84 -28.51
N ILE A 154 13.90 -35.18 -29.65
CA ILE A 154 13.48 -35.72 -30.94
C ILE A 154 14.37 -36.89 -31.35
N TRP A 155 15.69 -36.69 -31.31
CA TRP A 155 16.62 -37.75 -31.67
C TRP A 155 16.75 -38.81 -30.57
N GLY A 156 16.19 -38.56 -29.39
CA GLY A 156 16.16 -39.58 -28.36
C GLY A 156 15.19 -40.70 -28.67
N THR A 157 14.16 -40.41 -29.47
CA THR A 157 13.19 -41.41 -29.90
C THR A 157 13.49 -41.97 -31.29
N LEU A 158 14.60 -41.59 -31.91
CA LEU A 158 14.95 -42.06 -33.24
C LEU A 158 16.29 -42.78 -33.26
N GLY A 159 16.88 -43.09 -32.11
CA GLY A 159 18.17 -43.76 -32.12
C GLY A 159 19.32 -43.13 -31.34
N GLY A 160 19.48 -41.81 -31.39
CA GLY A 160 20.54 -41.15 -30.64
C GLY A 160 21.76 -40.74 -31.45
N ARG A 161 21.65 -40.83 -32.76
CA ARG A 161 22.70 -40.48 -33.72
C ARG A 161 22.05 -39.66 -34.83
N GLN A 162 22.32 -38.36 -34.84
CA GLN A 162 21.62 -37.46 -35.72
C GLN A 162 22.21 -37.49 -37.14
N TYR A 163 21.47 -36.88 -38.06
CA TYR A 163 21.80 -36.74 -39.46
C TYR A 163 21.43 -35.33 -39.86
N PRO A 164 21.97 -34.80 -40.97
CA PRO A 164 21.56 -33.46 -41.42
C PRO A 164 20.10 -33.43 -41.82
N SER A 165 19.36 -32.47 -41.24
CA SER A 165 17.92 -32.55 -41.22
C SER A 165 17.31 -31.15 -41.14
N VAL A 166 16.08 -31.04 -41.66
CA VAL A 166 15.24 -29.86 -41.47
C VAL A 166 13.87 -30.32 -41.02
N PHE A 167 13.17 -29.45 -40.29
CA PHE A 167 11.89 -29.77 -39.68
C PHE A 167 10.81 -28.83 -40.19
N TYR A 168 9.62 -29.38 -40.45
CA TYR A 168 8.51 -28.59 -40.97
C TYR A 168 7.23 -28.91 -40.22
N LYS A 169 6.29 -27.98 -40.27
CA LYS A 169 5.01 -28.09 -39.59
C LYS A 169 3.88 -27.91 -40.61
N LEU A 170 3.05 -28.93 -40.75
CA LEU A 170 1.96 -28.96 -41.72
C LEU A 170 0.63 -28.61 -41.05
N ASN A 171 -0.21 -27.86 -41.74
CA ASN A 171 -1.44 -27.34 -41.15
C ASN A 171 -2.69 -27.94 -41.78
N LEU A 172 -3.60 -28.40 -40.91
CA LEU A 172 -5.00 -28.71 -41.23
C LEU A 172 -5.23 -29.84 -42.24
N ILE A 173 -5.05 -31.08 -41.81
CA ILE A 173 -5.68 -32.24 -42.44
C ILE A 173 -7.04 -32.44 -41.78
N VAL A 174 -8.09 -32.56 -42.61
CA VAL A 174 -9.46 -32.70 -42.12
C VAL A 174 -9.85 -34.17 -42.16
N ILE A 175 -10.28 -34.70 -41.02
CA ILE A 175 -10.70 -36.09 -40.88
C ILE A 175 -12.17 -36.12 -40.45
N ASP A 176 -13.01 -36.77 -41.24
CA ASP A 176 -14.46 -36.74 -41.03
C ASP A 176 -15.11 -37.90 -41.76
N ARG A 177 -15.91 -38.68 -41.05
CA ARG A 177 -16.58 -39.83 -41.66
C ARG A 177 -17.83 -39.41 -42.41
N ASP A 178 -18.45 -38.30 -41.99
CA ASP A 178 -19.62 -37.67 -42.62
C ASP A 178 -20.85 -38.58 -42.59
N ALA A 179 -21.06 -39.28 -41.48
CA ALA A 179 -22.19 -40.19 -41.33
C ALA A 179 -23.34 -39.53 -40.59
N THR A 180 -24.55 -40.02 -40.85
CA THR A 180 -25.78 -39.47 -40.31
C THR A 180 -26.16 -40.21 -39.04
N THR A 181 -26.52 -39.46 -37.98
CA THR A 181 -26.99 -40.10 -36.76
C THR A 181 -28.51 -40.05 -36.63
N SER A 182 -29.16 -38.99 -37.13
CA SER A 182 -30.59 -38.80 -36.89
C SER A 182 -31.16 -37.85 -37.93
N GLU A 183 -32.49 -37.92 -38.08
CA GLU A 183 -33.26 -36.99 -38.91
C GLU A 183 -34.58 -36.65 -38.23
N GLU A 184 -34.95 -35.37 -38.26
CA GLU A 184 -36.17 -34.89 -37.62
C GLU A 184 -36.75 -33.74 -38.43
N GLY A 185 -38.00 -33.38 -38.14
CA GLY A 185 -38.65 -32.25 -38.78
C GLY A 185 -38.63 -31.00 -37.90
N VAL A 186 -38.68 -29.84 -38.55
CA VAL A 186 -38.52 -28.57 -37.84
C VAL A 186 -39.84 -28.13 -37.21
N ILE A 187 -39.75 -27.05 -36.43
CA ILE A 187 -40.90 -26.49 -35.71
C ILE A 187 -41.82 -25.80 -36.70
N THR A 188 -43.10 -26.18 -36.69
CA THR A 188 -44.11 -25.52 -37.53
C THR A 188 -45.38 -25.10 -36.80
N ASN A 189 -45.58 -25.48 -35.54
CA ASN A 189 -46.76 -25.08 -34.78
C ASN A 189 -46.35 -24.67 -33.38
N ILE A 190 -46.84 -23.52 -32.91
CA ILE A 190 -46.52 -22.99 -31.59
C ILE A 190 -47.82 -22.74 -30.84
N HIS A 191 -47.89 -23.23 -29.60
CA HIS A 191 -49.05 -23.08 -28.74
C HIS A 191 -48.62 -22.49 -27.41
N ARG A 192 -49.37 -21.50 -26.91
CA ARG A 192 -49.05 -20.81 -25.66
C ARG A 192 -50.26 -20.83 -24.74
N ASN A 193 -50.04 -21.22 -23.50
CA ASN A 193 -51.09 -21.30 -22.48
C ASN A 193 -50.73 -20.42 -21.30
N TYR A 194 -51.69 -19.62 -20.85
CA TYR A 194 -51.49 -18.66 -19.78
C TYR A 194 -52.45 -18.95 -18.64
N GLU A 195 -51.98 -18.79 -17.41
CA GLU A 195 -52.84 -18.92 -16.25
C GLU A 195 -52.49 -17.84 -15.24
N THR A 196 -53.47 -17.52 -14.38
CA THR A 196 -53.30 -16.51 -13.36
C THR A 196 -52.88 -17.20 -12.07
N LEU A 197 -51.66 -16.92 -11.64
CA LEU A 197 -51.03 -17.59 -10.52
C LEU A 197 -51.14 -16.78 -9.25
N MET B 1 -11.50 -56.91 -14.60
CA MET B 1 -12.20 -56.50 -15.80
C MET B 1 -11.28 -55.84 -16.82
N ILE B 2 -9.97 -55.90 -16.61
CA ILE B 2 -9.04 -55.22 -17.51
C ILE B 2 -8.92 -55.97 -18.84
N PHE B 3 -8.80 -57.29 -18.78
CA PHE B 3 -8.66 -58.09 -20.00
C PHE B 3 -9.95 -58.09 -20.81
N GLU B 4 -11.10 -58.10 -20.13
CA GLU B 4 -12.38 -58.27 -20.83
C GLU B 4 -12.81 -56.99 -21.55
N VAL B 5 -12.47 -55.82 -20.99
CA VAL B 5 -12.75 -54.56 -21.65
C VAL B 5 -11.88 -54.40 -22.90
N LEU B 6 -10.61 -54.79 -22.81
CA LEU B 6 -9.70 -54.61 -23.93
C LEU B 6 -9.94 -55.64 -25.03
N LYS B 7 -10.44 -56.82 -24.65
CA LYS B 7 -10.82 -57.83 -25.64
C LYS B 7 -12.07 -57.42 -26.39
N ILE B 8 -13.00 -56.75 -25.71
CA ILE B 8 -14.20 -56.22 -26.36
C ILE B 8 -13.83 -55.11 -27.33
N LEU B 9 -12.92 -54.22 -26.92
CA LEU B 9 -12.48 -53.10 -27.76
C LEU B 9 -11.72 -53.59 -29.00
N THR B 10 -11.02 -54.72 -28.88
CA THR B 10 -10.28 -55.26 -30.02
C THR B 10 -11.23 -55.80 -31.08
N ASP B 11 -12.37 -56.33 -30.67
CA ASP B 11 -13.33 -56.89 -31.61
C ASP B 11 -14.08 -55.81 -32.37
N GLU B 12 -14.31 -54.65 -31.74
CA GLU B 12 -15.05 -53.57 -32.41
C GLU B 12 -14.23 -52.95 -33.53
N VAL B 13 -12.91 -52.84 -33.35
CA VAL B 13 -12.06 -52.29 -34.40
C VAL B 13 -11.91 -53.29 -35.54
N ASN B 14 -11.86 -54.58 -35.23
CA ASN B 14 -11.73 -55.60 -36.26
C ASN B 14 -13.01 -55.75 -37.07
N GLN B 15 -14.16 -55.47 -36.46
CA GLN B 15 -15.42 -55.48 -37.20
C GLN B 15 -15.50 -54.31 -38.17
N ASN B 16 -14.92 -53.17 -37.80
CA ASN B 16 -14.96 -51.99 -38.67
C ASN B 16 -14.06 -52.18 -39.89
N PHE B 17 -12.97 -52.92 -39.75
CA PHE B 17 -12.13 -53.23 -40.90
C PHE B 17 -12.83 -54.19 -41.86
N LYS B 18 -13.74 -55.01 -41.33
CA LYS B 18 -14.45 -55.97 -42.16
C LYS B 18 -15.50 -55.28 -43.04
N GLY B 19 -16.19 -54.28 -42.49
CA GLY B 19 -17.19 -53.56 -43.27
C GLY B 19 -16.61 -52.70 -44.37
N LEU B 20 -15.34 -52.32 -44.25
CA LEU B 20 -14.64 -51.56 -45.27
C LEU B 20 -13.95 -52.44 -46.29
N GLU B 21 -14.15 -53.77 -46.22
CA GLU B 21 -13.57 -54.77 -47.13
C GLU B 21 -12.05 -54.70 -47.18
N MET B 22 -11.41 -54.58 -46.02
CA MET B 22 -9.97 -54.65 -45.91
C MET B 22 -9.58 -55.95 -45.19
N GLU B 23 -8.96 -56.86 -45.93
CA GLU B 23 -8.69 -58.21 -45.45
C GLU B 23 -7.26 -58.38 -44.95
N ASP B 24 -6.48 -57.30 -44.88
CA ASP B 24 -5.11 -57.37 -44.40
C ASP B 24 -4.92 -56.78 -43.01
N SER B 25 -5.81 -55.90 -42.57
CA SER B 25 -5.64 -55.16 -41.33
C SER B 25 -6.31 -55.91 -40.19
N GLU B 26 -5.53 -56.29 -39.17
CA GLU B 26 -6.06 -56.87 -37.94
C GLU B 26 -5.34 -56.30 -36.74
N VAL B 27 -6.08 -56.06 -35.66
CA VAL B 27 -5.54 -55.56 -34.41
C VAL B 27 -5.31 -56.76 -33.48
N VAL B 28 -4.19 -56.75 -32.75
CA VAL B 28 -3.80 -57.79 -31.84
C VAL B 28 -3.46 -57.14 -30.50
N LEU B 29 -3.88 -57.80 -29.40
CA LEU B 29 -3.49 -57.43 -28.04
C LEU B 29 -2.16 -58.09 -27.68
N ASN B 30 -1.10 -57.28 -27.59
CA ASN B 30 0.17 -57.70 -27.05
C ASN B 30 0.89 -56.45 -26.57
N ASN B 31 2.16 -56.56 -26.20
CA ASN B 31 2.89 -55.40 -25.71
C ASN B 31 3.92 -54.92 -26.72
N VAL B 32 3.99 -53.59 -26.87
CA VAL B 32 4.77 -52.93 -27.93
C VAL B 32 6.27 -53.05 -27.67
N ALA B 33 6.66 -53.17 -26.40
CA ALA B 33 8.09 -53.12 -26.03
C ALA B 33 8.88 -54.32 -26.52
N LEU B 34 8.24 -55.39 -26.96
CA LEU B 34 8.91 -56.57 -27.46
C LEU B 34 8.88 -56.71 -28.98
N ILE B 35 8.76 -55.61 -29.73
CA ILE B 35 8.71 -55.70 -31.20
C ILE B 35 10.04 -56.19 -31.76
N ASP B 36 11.15 -55.64 -31.28
CA ASP B 36 12.46 -56.07 -31.75
C ASP B 36 13.26 -56.81 -30.67
N SER B 37 12.59 -57.51 -29.76
CA SER B 37 13.29 -58.20 -28.69
C SER B 37 13.98 -59.47 -29.18
N GLN B 38 13.47 -60.06 -30.27
CA GLN B 38 14.06 -61.22 -30.97
C GLN B 38 14.09 -62.45 -30.05
N GLN B 39 13.09 -62.56 -29.17
CA GLN B 39 12.91 -63.76 -28.35
C GLN B 39 11.43 -64.17 -28.39
N ASP B 40 11.07 -64.95 -29.42
CA ASP B 40 9.90 -65.86 -29.46
C ASP B 40 8.54 -65.16 -29.50
N VAL B 41 8.50 -63.84 -29.31
CA VAL B 41 7.25 -63.10 -29.30
C VAL B 41 7.14 -62.20 -30.52
N ALA B 42 8.28 -61.86 -31.14
CA ALA B 42 8.32 -60.89 -32.22
C ALA B 42 7.71 -61.43 -33.50
N THR B 43 7.65 -62.75 -33.65
CA THR B 43 7.10 -63.33 -34.88
C THR B 43 5.58 -63.20 -34.94
N GLU B 44 4.94 -63.05 -33.78
CA GLU B 44 3.50 -62.80 -33.75
C GLU B 44 3.18 -61.34 -34.05
N LEU B 45 4.15 -60.44 -33.85
CA LEU B 45 3.86 -59.01 -33.94
C LEU B 45 4.01 -58.49 -35.37
N GLN B 46 4.64 -59.26 -36.25
CA GLN B 46 4.98 -58.75 -37.58
C GLN B 46 3.74 -58.59 -38.46
N ASN B 47 3.70 -57.46 -39.18
CA ASN B 47 2.64 -57.11 -40.14
C ASN B 47 1.26 -57.02 -39.47
N LYS B 48 1.18 -56.30 -38.35
CA LYS B 48 -0.05 -56.18 -37.59
C LYS B 48 -0.10 -54.83 -36.91
N VAL B 49 -1.28 -54.46 -36.43
CA VAL B 49 -1.47 -53.32 -35.53
C VAL B 49 -1.58 -53.88 -34.11
N ILE B 50 -0.88 -53.26 -33.17
CA ILE B 50 -0.76 -53.75 -31.81
C ILE B 50 -1.38 -52.75 -30.85
N LEU B 51 -2.25 -53.26 -29.97
CA LEU B 51 -2.87 -52.46 -28.92
C LEU B 51 -2.30 -52.87 -27.57
N SER B 52 -1.91 -51.89 -26.77
CA SER B 52 -1.22 -52.15 -25.52
C SER B 52 -1.66 -51.14 -24.46
N MET B 53 -1.42 -51.48 -23.20
CA MET B 53 -1.73 -50.63 -22.05
C MET B 53 -0.42 -50.09 -21.49
N ILE B 54 -0.33 -48.75 -21.34
CA ILE B 54 0.94 -48.17 -20.94
C ILE B 54 0.89 -47.56 -19.55
N ASN B 55 -0.29 -47.24 -19.01
CA ASN B 55 -0.36 -46.61 -17.70
C ASN B 55 -1.72 -46.88 -17.04
N LEU B 56 -1.76 -46.71 -15.71
CA LEU B 56 -2.96 -46.83 -14.89
C LEU B 56 -3.05 -45.64 -13.93
N ARG B 57 -4.26 -45.08 -13.80
CA ARG B 57 -4.52 -44.04 -12.82
C ARG B 57 -5.80 -44.38 -12.06
N GLU B 58 -6.10 -43.58 -11.04
CA GLU B 58 -7.27 -43.77 -10.19
C GLU B 58 -8.13 -42.51 -10.23
N GLU B 59 -9.44 -42.69 -10.39
CA GLU B 59 -10.36 -41.56 -10.37
C GLU B 59 -10.58 -41.06 -8.95
N VAL B 60 -10.32 -39.77 -8.74
CA VAL B 60 -10.27 -39.19 -7.39
C VAL B 60 -11.63 -38.71 -6.90
N THR B 61 -12.51 -38.27 -7.80
CA THR B 61 -13.79 -37.69 -7.39
C THR B 61 -14.74 -38.71 -6.78
N MET B 62 -14.52 -40.00 -7.02
CA MET B 62 -15.40 -41.06 -6.51
C MET B 62 -14.76 -41.89 -5.41
N LYS B 63 -13.67 -41.40 -4.81
CA LYS B 63 -12.85 -42.26 -3.95
C LYS B 63 -13.48 -42.49 -2.58
N ASN B 64 -14.15 -41.47 -2.03
CA ASN B 64 -14.70 -41.54 -0.69
C ASN B 64 -16.19 -41.84 -0.67
N PHE B 65 -16.71 -42.51 -1.70
CA PHE B 65 -18.13 -42.85 -1.72
C PHE B 65 -18.38 -44.11 -0.90
N PRO B 66 -19.46 -44.17 -0.12
CA PRO B 66 -19.77 -45.39 0.64
C PRO B 66 -20.50 -46.43 -0.19
N ASN B 67 -20.63 -47.64 0.40
CA ASN B 67 -21.15 -48.80 -0.31
C ASN B 67 -22.00 -49.71 0.57
N ASN B 68 -22.72 -49.18 1.55
CA ASN B 68 -23.55 -50.02 2.42
C ASN B 68 -24.95 -50.21 1.83
N VAL B 69 -25.62 -51.28 2.25
CA VAL B 69 -26.94 -51.66 1.73
C VAL B 69 -27.90 -51.79 2.91
N LEU B 70 -29.06 -51.14 2.80
CA LEU B 70 -30.12 -51.22 3.80
C LEU B 70 -31.31 -51.98 3.22
N GLU B 71 -31.83 -52.93 3.99
CA GLU B 71 -32.99 -53.72 3.59
C GLU B 71 -33.77 -54.21 4.81
N GLY B 72 -35.04 -53.83 4.92
CA GLY B 72 -35.86 -54.23 6.06
C GLY B 72 -35.47 -53.48 7.31
N THR B 73 -34.96 -54.22 8.30
CA THR B 73 -34.40 -53.66 9.53
C THR B 73 -33.01 -54.23 9.75
N LYS B 74 -32.20 -54.19 8.68
CA LYS B 74 -30.92 -54.89 8.63
C LYS B 74 -29.99 -54.16 7.67
N VAL B 75 -28.72 -54.07 8.04
CA VAL B 75 -27.71 -53.39 7.22
C VAL B 75 -26.51 -54.31 7.00
N THR B 76 -26.03 -54.38 5.76
CA THR B 76 -24.82 -55.12 5.43
C THR B 76 -23.73 -54.13 5.03
N TYR B 77 -22.52 -54.36 5.52
CA TYR B 77 -21.38 -53.46 5.31
C TYR B 77 -20.44 -54.01 4.24
N LYS B 78 -20.03 -53.14 3.31
CA LYS B 78 -19.08 -53.49 2.25
C LYS B 78 -18.02 -52.40 2.11
N ASN B 79 -16.89 -52.76 1.47
CA ASN B 79 -15.82 -51.81 1.18
C ASN B 79 -16.16 -50.96 -0.06
N PRO B 80 -15.63 -49.74 -0.14
CA PRO B 80 -15.86 -48.91 -1.33
C PRO B 80 -15.18 -49.45 -2.58
N LYS B 81 -15.81 -49.20 -3.72
CA LYS B 81 -15.34 -49.67 -5.02
C LYS B 81 -14.15 -48.85 -5.50
N LEU B 82 -13.27 -49.30 -6.21
CA LEU B 82 -12.03 -48.85 -6.83
C LEU B 82 -12.31 -48.30 -8.22
N ASN B 83 -12.15 -47.34 -8.84
CA ASN B 83 -12.37 -46.91 -10.22
C ASN B 83 -11.05 -46.51 -10.89
N ILE B 84 -10.84 -47.00 -12.12
CA ILE B 84 -9.53 -46.96 -12.79
C ILE B 84 -9.69 -46.37 -14.19
N ASN B 85 -8.81 -45.43 -14.54
CA ASN B 85 -8.62 -44.95 -15.92
C ASN B 85 -7.42 -45.64 -16.56
N LEU B 86 -7.47 -45.81 -17.89
CA LEU B 86 -6.38 -46.43 -18.63
C LEU B 86 -5.79 -45.45 -19.65
N PHE B 87 -4.54 -45.72 -20.05
CA PHE B 87 -3.90 -45.03 -21.17
C PHE B 87 -3.41 -46.07 -22.17
N LEU B 88 -3.83 -45.94 -23.42
CA LEU B 88 -3.62 -46.96 -24.43
C LEU B 88 -2.86 -46.41 -25.64
N ILE B 89 -2.29 -47.32 -26.42
CA ILE B 89 -1.59 -46.99 -27.66
C ILE B 89 -2.06 -47.93 -28.77
N PHE B 90 -2.23 -47.38 -29.97
CA PHE B 90 -2.36 -48.18 -31.19
C PHE B 90 -1.08 -47.98 -31.99
N CYS B 91 -0.31 -49.04 -32.15
CA CYS B 91 0.98 -48.97 -32.83
C CYS B 91 0.93 -49.78 -34.12
N ALA B 92 1.10 -49.11 -35.25
CA ALA B 92 1.05 -49.78 -36.55
C ALA B 92 2.42 -50.30 -36.93
N ASN B 93 2.48 -51.58 -37.31
CA ASN B 93 3.72 -52.31 -37.59
C ASN B 93 3.58 -53.09 -38.88
N ARG B 94 3.10 -52.45 -39.94
CA ARG B 94 2.93 -53.12 -41.21
C ARG B 94 4.27 -53.25 -41.94
N THR B 95 4.28 -54.09 -42.98
CA THR B 95 5.48 -54.28 -43.77
C THR B 95 5.83 -53.02 -44.58
N GLY B 96 4.81 -52.38 -45.14
CA GLY B 96 5.01 -51.14 -45.89
C GLY B 96 4.69 -49.95 -45.01
N TYR B 97 5.49 -48.89 -45.15
CA TYR B 97 5.28 -47.68 -44.37
C TYR B 97 4.03 -46.95 -44.82
N LYS B 98 3.70 -47.08 -46.10
CA LYS B 98 2.53 -46.45 -46.67
C LYS B 98 1.26 -47.11 -46.15
N LYS B 99 1.33 -48.42 -45.87
CA LYS B 99 0.18 -49.15 -45.36
C LYS B 99 -0.10 -48.83 -43.89
N SER B 100 0.94 -48.48 -43.13
CA SER B 100 0.74 -48.11 -41.73
C SER B 100 0.03 -46.77 -41.60
N LEU B 101 0.31 -45.84 -42.52
CA LEU B 101 -0.31 -44.53 -42.47
C LEU B 101 -1.78 -44.60 -42.91
N SER B 102 -2.14 -45.62 -43.68
CA SER B 102 -3.53 -45.80 -44.08
C SER B 102 -4.36 -46.40 -42.96
N ASP B 103 -3.76 -47.29 -42.15
CA ASP B 103 -4.49 -47.91 -41.05
C ASP B 103 -4.70 -46.93 -39.91
N LEU B 104 -3.78 -45.98 -39.73
CA LEU B 104 -3.93 -45.00 -38.66
C LEU B 104 -5.04 -44.01 -38.95
N SER B 105 -5.30 -43.73 -40.24
CA SER B 105 -6.42 -42.87 -40.59
C SER B 105 -7.75 -43.55 -40.31
N ARG B 106 -7.82 -44.85 -40.53
CA ARG B 106 -9.05 -45.61 -40.29
C ARG B 106 -9.39 -45.67 -38.80
N ILE B 107 -8.37 -45.80 -37.95
CA ILE B 107 -8.60 -45.84 -36.51
C ILE B 107 -9.02 -44.46 -36.00
N LEU B 108 -8.43 -43.40 -36.55
CA LEU B 108 -8.86 -42.05 -36.21
C LEU B 108 -10.27 -41.75 -36.71
N GLU B 109 -10.64 -42.32 -37.86
CA GLU B 109 -11.97 -42.10 -38.41
C GLU B 109 -13.03 -42.85 -37.61
N PHE B 110 -12.68 -44.03 -37.08
CA PHE B 110 -13.65 -44.87 -36.37
C PHE B 110 -14.05 -44.26 -35.03
N PHE B 111 -13.08 -43.71 -34.28
CA PHE B 111 -13.41 -43.16 -32.97
C PHE B 111 -13.98 -41.76 -33.07
N GLN B 112 -13.84 -41.11 -34.23
CA GLN B 112 -14.51 -39.85 -34.47
C GLN B 112 -16.02 -40.04 -34.54
N HIS B 113 -16.48 -41.21 -34.99
CA HIS B 113 -17.90 -41.44 -35.21
C HIS B 113 -18.57 -42.12 -34.02
N LYS B 114 -17.87 -43.01 -33.33
CA LYS B 114 -18.44 -43.77 -32.22
C LYS B 114 -17.52 -43.67 -31.01
N SER B 115 -18.00 -43.11 -29.91
CA SER B 115 -17.17 -42.94 -28.73
C SER B 115 -17.72 -43.57 -27.45
N VAL B 116 -18.95 -44.08 -27.44
CA VAL B 116 -19.55 -44.68 -26.25
C VAL B 116 -19.86 -46.15 -26.53
N PHE B 117 -19.49 -47.02 -25.60
CA PHE B 117 -19.58 -48.46 -25.77
C PHE B 117 -20.28 -49.07 -24.55
N THR B 118 -21.37 -49.79 -24.80
CA THR B 118 -22.16 -50.41 -23.73
C THR B 118 -22.37 -51.89 -24.03
N GLN B 119 -23.07 -52.56 -23.12
CA GLN B 119 -23.36 -53.99 -23.28
C GLN B 119 -24.41 -54.23 -24.35
N SER B 120 -25.19 -53.20 -24.69
CA SER B 120 -26.16 -53.31 -25.77
C SER B 120 -25.59 -52.85 -27.11
N ASN B 121 -24.52 -52.05 -27.07
CA ASN B 121 -23.96 -51.47 -28.29
C ASN B 121 -23.13 -52.46 -29.08
N THR B 122 -22.34 -53.28 -28.39
CA THR B 122 -21.22 -53.98 -28.99
C THR B 122 -21.66 -55.30 -29.60
N SER B 123 -20.78 -55.87 -30.43
CA SER B 123 -21.08 -57.09 -31.18
C SER B 123 -20.15 -58.26 -30.83
N PHE B 124 -19.52 -58.25 -29.66
CA PHE B 124 -18.69 -59.36 -29.24
C PHE B 124 -19.54 -60.60 -28.95
N ASP B 125 -18.90 -61.76 -28.97
CA ASP B 125 -19.60 -63.03 -28.78
C ASP B 125 -19.82 -63.26 -27.29
N ARG B 126 -21.10 -63.26 -26.88
CA ARG B 126 -21.42 -63.42 -25.46
C ARG B 126 -21.24 -64.86 -25.02
N ASP B 127 -21.30 -65.81 -25.95
CA ASP B 127 -21.31 -67.23 -25.59
C ASP B 127 -19.93 -67.76 -25.24
N LEU B 128 -18.88 -66.98 -25.55
CA LEU B 128 -17.50 -67.43 -25.34
C LEU B 128 -17.19 -67.64 -23.86
N GLU B 129 -16.39 -68.68 -23.59
CA GLU B 129 -16.21 -69.14 -22.21
C GLU B 129 -15.31 -68.21 -21.41
N GLU B 130 -14.37 -67.52 -22.06
CA GLU B 130 -13.51 -66.59 -21.34
C GLU B 130 -14.26 -65.32 -20.94
N MET B 131 -15.41 -65.05 -21.54
CA MET B 131 -16.21 -63.87 -21.27
C MET B 131 -17.42 -64.16 -20.39
N GLU B 132 -17.32 -65.10 -19.45
CA GLU B 132 -18.50 -65.49 -18.68
C GLU B 132 -18.71 -64.61 -17.46
N ASN B 133 -17.79 -63.71 -17.14
CA ASN B 133 -17.91 -62.88 -15.94
C ASN B 133 -18.45 -61.48 -16.20
N VAL B 134 -18.63 -61.08 -17.46
CA VAL B 134 -19.01 -59.70 -17.77
C VAL B 134 -20.53 -59.54 -17.73
N LYS B 135 -21.00 -58.49 -17.05
CA LYS B 135 -22.44 -58.22 -17.00
C LYS B 135 -22.85 -56.89 -17.62
N ASN B 136 -22.41 -55.78 -17.05
CA ASN B 136 -22.85 -54.44 -17.44
C ASN B 136 -21.64 -53.51 -17.48
N PHE B 137 -21.51 -52.72 -18.55
CA PHE B 137 -20.38 -51.81 -18.65
C PHE B 137 -20.74 -50.58 -19.48
N ARG B 138 -19.95 -49.53 -19.29
CA ARG B 138 -20.03 -48.31 -20.08
C ARG B 138 -18.70 -47.58 -20.01
N PHE B 139 -18.07 -47.34 -21.16
CA PHE B 139 -16.83 -46.57 -21.17
C PHE B 139 -16.77 -45.68 -22.40
N THR B 140 -15.99 -44.61 -22.30
CA THR B 140 -15.78 -43.67 -23.39
C THR B 140 -14.31 -43.67 -23.82
N MET B 141 -14.07 -43.29 -25.07
CA MET B 141 -12.74 -43.18 -25.64
C MET B 141 -12.48 -41.73 -26.01
N GLU B 142 -11.29 -41.24 -25.70
CA GLU B 142 -10.93 -39.84 -25.94
C GLU B 142 -9.49 -39.73 -26.42
N LEU B 143 -9.30 -39.00 -27.51
CA LEU B 143 -7.99 -38.90 -28.14
C LEU B 143 -7.04 -38.05 -27.30
N PHE B 144 -5.79 -38.50 -27.18
CA PHE B 144 -4.77 -37.86 -26.37
C PHE B 144 -3.53 -37.61 -27.22
N THR B 145 -3.07 -36.37 -27.27
CA THR B 145 -1.91 -36.00 -28.07
C THR B 145 -0.83 -35.40 -27.17
N PRO B 146 0.33 -36.05 -27.02
CA PRO B 146 1.35 -35.53 -26.10
C PRO B 146 2.33 -34.56 -26.76
N THR B 147 3.03 -33.79 -25.91
CA THR B 147 4.09 -32.90 -26.36
C THR B 147 5.38 -33.68 -26.61
N PHE B 148 6.41 -32.95 -27.02
CA PHE B 148 7.68 -33.60 -27.37
C PHE B 148 8.40 -34.12 -26.14
N GLU B 149 8.22 -33.47 -24.99
CA GLU B 149 8.82 -33.97 -23.75
C GLU B 149 8.12 -35.23 -23.28
N GLU B 150 6.81 -35.32 -23.49
CA GLU B 150 6.05 -36.50 -23.06
C GLU B 150 6.32 -37.70 -23.96
N LEU B 151 6.51 -37.49 -25.26
CA LEU B 151 6.87 -38.58 -26.16
C LEU B 151 8.21 -39.20 -25.82
N ASN B 152 9.13 -38.38 -25.32
CA ASN B 152 10.44 -38.90 -24.91
C ASN B 152 10.31 -39.78 -23.67
N TYR B 153 9.39 -39.45 -22.77
CA TYR B 153 9.13 -40.29 -21.59
C TYR B 153 8.49 -41.61 -21.98
N ILE B 154 7.55 -41.59 -22.92
CA ILE B 154 6.77 -42.78 -23.25
C ILE B 154 7.63 -43.78 -24.02
N TRP B 155 8.31 -43.32 -25.08
CA TRP B 155 9.18 -44.21 -25.84
C TRP B 155 10.49 -44.51 -25.15
N GLY B 156 10.79 -43.82 -24.04
CA GLY B 156 11.95 -44.17 -23.25
C GLY B 156 11.78 -45.46 -22.48
N THR B 157 10.54 -45.84 -22.19
CA THR B 157 10.24 -47.10 -21.52
C THR B 157 9.81 -48.19 -22.48
N LEU B 158 9.86 -47.96 -23.79
CA LEU B 158 9.47 -48.95 -24.77
C LEU B 158 10.59 -49.29 -25.74
N GLY B 159 11.82 -48.85 -25.48
CA GLY B 159 12.91 -49.14 -26.40
C GLY B 159 13.73 -47.99 -26.95
N GLY B 160 13.10 -46.87 -27.31
CA GLY B 160 13.83 -45.72 -27.82
C GLY B 160 13.81 -45.53 -29.33
N ARG B 161 12.96 -46.29 -30.00
CA ARG B 161 12.77 -46.27 -31.44
C ARG B 161 11.28 -46.27 -31.71
N GLN B 162 10.75 -45.13 -32.14
CA GLN B 162 9.31 -44.96 -32.26
C GLN B 162 8.78 -45.59 -33.54
N TYR B 163 7.46 -45.70 -33.59
CA TYR B 163 6.68 -46.22 -34.70
C TYR B 163 5.48 -45.30 -34.87
N PRO B 164 4.82 -45.31 -36.03
CA PRO B 164 3.60 -44.49 -36.19
C PRO B 164 2.48 -44.97 -35.26
N SER B 165 1.93 -44.02 -34.50
CA SER B 165 1.16 -44.38 -33.31
C SER B 165 0.13 -43.30 -33.02
N VAL B 166 -0.96 -43.71 -32.36
CA VAL B 166 -1.94 -42.81 -31.77
C VAL B 166 -2.19 -43.25 -30.34
N PHE B 167 -2.58 -42.29 -29.50
CA PHE B 167 -2.77 -42.52 -28.08
C PHE B 167 -4.21 -42.21 -27.67
N TYR B 168 -4.76 -43.04 -26.79
CA TYR B 168 -6.13 -42.88 -26.34
C TYR B 168 -6.23 -43.03 -24.83
N LYS B 169 -7.28 -42.46 -24.26
CA LYS B 169 -7.53 -42.49 -22.83
C LYS B 169 -8.91 -43.08 -22.56
N LEU B 170 -8.95 -44.18 -21.82
CA LEU B 170 -10.17 -44.93 -21.53
C LEU B 170 -10.69 -44.56 -20.13
N ASN B 171 -12.00 -44.45 -19.98
CA ASN B 171 -12.60 -43.96 -18.74
C ASN B 171 -13.40 -45.05 -18.03
N LEU B 172 -13.14 -45.19 -16.72
CA LEU B 172 -13.97 -45.90 -15.76
C LEU B 172 -14.16 -47.40 -15.99
N ILE B 173 -13.13 -48.19 -15.68
CA ILE B 173 -13.30 -49.60 -15.37
C ILE B 173 -13.56 -49.73 -13.87
N VAL B 174 -14.61 -50.46 -13.51
CA VAL B 174 -15.02 -50.61 -12.12
C VAL B 174 -14.51 -51.95 -11.59
N ILE B 175 -13.75 -51.90 -10.49
CA ILE B 175 -13.18 -53.09 -9.86
C ILE B 175 -13.73 -53.20 -8.44
N ASP B 176 -14.37 -54.33 -8.13
CA ASP B 176 -15.08 -54.48 -6.87
C ASP B 176 -15.32 -55.95 -6.60
N ARG B 177 -14.92 -56.42 -5.42
CA ARG B 177 -15.09 -57.83 -5.07
C ARG B 177 -16.51 -58.12 -4.58
N ASP B 178 -17.18 -57.10 -4.02
CA ASP B 178 -18.57 -57.14 -3.57
C ASP B 178 -18.78 -58.13 -2.43
N ALA B 179 -17.84 -58.20 -1.50
CA ALA B 179 -17.91 -59.13 -0.38
C ALA B 179 -18.44 -58.44 0.87
N THR B 180 -19.05 -59.24 1.76
CA THR B 180 -19.70 -58.75 2.97
C THR B 180 -18.72 -58.81 4.13
N THR B 181 -18.66 -57.72 4.92
CA THR B 181 -17.82 -57.73 6.11
C THR B 181 -18.63 -57.95 7.39
N SER B 182 -19.87 -57.44 7.43
CA SER B 182 -20.63 -57.46 8.68
C SER B 182 -22.13 -57.31 8.38
N GLU B 183 -22.94 -57.71 9.35
CA GLU B 183 -24.38 -57.51 9.33
C GLU B 183 -24.89 -57.15 10.72
N GLU B 184 -25.78 -56.17 10.80
CA GLU B 184 -26.33 -55.69 12.06
C GLU B 184 -27.78 -55.26 11.86
N GLY B 185 -28.49 -55.08 12.98
CA GLY B 185 -29.86 -54.58 12.93
C GLY B 185 -29.95 -53.09 13.23
N VAL B 186 -30.99 -52.45 12.70
CA VAL B 186 -31.11 -50.99 12.80
C VAL B 186 -31.70 -50.58 14.15
N ILE B 187 -31.72 -49.26 14.37
CA ILE B 187 -32.21 -48.67 15.61
C ILE B 187 -33.73 -48.76 15.66
N THR B 188 -34.26 -49.36 16.73
CA THR B 188 -35.71 -49.43 16.93
C THR B 188 -36.20 -48.96 18.30
N ASN B 189 -35.31 -48.70 19.26
CA ASN B 189 -35.71 -48.23 20.59
C ASN B 189 -34.80 -47.09 21.02
N ILE B 190 -35.39 -45.99 21.50
CA ILE B 190 -34.65 -44.82 21.94
C ILE B 190 -35.04 -44.50 23.38
N HIS B 191 -34.05 -44.30 24.24
CA HIS B 191 -34.24 -43.98 25.64
C HIS B 191 -33.46 -42.72 25.98
N ARG B 192 -34.10 -41.80 26.71
CA ARG B 192 -33.48 -40.52 27.09
C ARG B 192 -33.58 -40.32 28.59
N ASN B 193 -32.46 -39.97 29.22
CA ASN B 193 -32.38 -39.75 30.65
C ASN B 193 -31.89 -38.34 30.93
N TYR B 194 -32.57 -37.64 31.82
CA TYR B 194 -32.29 -36.25 32.14
C TYR B 194 -31.96 -36.12 33.63
N GLU B 195 -31.00 -35.27 33.95
CA GLU B 195 -30.69 -34.98 35.34
C GLU B 195 -30.41 -33.49 35.49
N THR B 196 -30.60 -32.99 36.71
CA THR B 196 -30.38 -31.59 37.03
C THR B 196 -28.96 -31.44 37.55
N LEU B 197 -28.13 -30.73 36.80
CA LEU B 197 -26.71 -30.61 37.06
C LEU B 197 -26.39 -29.30 37.77
N MET C 1 13.83 -57.47 9.53
CA MET C 1 12.45 -57.88 9.31
C MET C 1 11.98 -57.65 7.87
N ILE C 2 12.90 -57.32 6.96
CA ILE C 2 12.51 -57.02 5.59
C ILE C 2 12.12 -58.28 4.84
N PHE C 3 12.93 -59.34 4.99
CA PHE C 3 12.64 -60.59 4.29
C PHE C 3 11.39 -61.27 4.83
N GLU C 4 11.17 -61.18 6.15
CA GLU C 4 10.08 -61.93 6.77
C GLU C 4 8.71 -61.30 6.49
N VAL C 5 8.65 -59.98 6.37
CA VAL C 5 7.41 -59.31 6.00
C VAL C 5 7.04 -59.63 4.55
N LEU C 6 8.03 -59.64 3.66
CA LEU C 6 7.74 -59.86 2.24
C LEU C 6 7.45 -61.33 1.96
N LYS C 7 8.02 -62.23 2.76
CA LYS C 7 7.70 -63.65 2.64
C LYS C 7 6.29 -63.95 3.12
N ILE C 8 5.84 -63.24 4.16
CA ILE C 8 4.47 -63.38 4.64
C ILE C 8 3.48 -62.85 3.60
N LEU C 9 3.82 -61.71 2.98
CA LEU C 9 2.95 -61.12 1.96
C LEU C 9 2.85 -61.98 0.71
N THR C 10 3.92 -62.72 0.39
CA THR C 10 3.90 -63.59 -0.77
C THR C 10 2.96 -64.78 -0.56
N ASP C 11 2.85 -65.26 0.68
CA ASP C 11 2.00 -66.41 0.97
C ASP C 11 0.53 -66.03 0.94
N GLU C 12 0.19 -64.79 1.32
CA GLU C 12 -1.22 -64.38 1.34
C GLU C 12 -1.79 -64.25 -0.07
N VAL C 13 -0.97 -63.80 -1.02
CA VAL C 13 -1.44 -63.68 -2.40
C VAL C 13 -1.56 -65.07 -3.03
N ASN C 14 -0.65 -65.98 -2.69
CA ASN C 14 -0.69 -67.33 -3.24
C ASN C 14 -1.86 -68.13 -2.67
N GLN C 15 -2.29 -67.82 -1.45
CA GLN C 15 -3.47 -68.46 -0.88
C GLN C 15 -4.75 -67.99 -1.56
N ASN C 16 -4.76 -66.73 -2.00
CA ASN C 16 -5.95 -66.19 -2.66
C ASN C 16 -6.12 -66.77 -4.06
N PHE C 17 -5.01 -67.09 -4.73
CA PHE C 17 -5.10 -67.76 -6.03
C PHE C 17 -5.61 -69.19 -5.88
N LYS C 18 -5.37 -69.80 -4.72
CA LYS C 18 -5.80 -71.18 -4.49
C LYS C 18 -7.32 -71.25 -4.29
N GLY C 19 -7.89 -70.28 -3.57
CA GLY C 19 -9.33 -70.28 -3.36
C GLY C 19 -10.14 -70.00 -4.60
N LEU C 20 -9.53 -69.34 -5.59
CA LEU C 20 -10.17 -69.07 -6.87
C LEU C 20 -9.97 -70.19 -7.88
N GLU C 21 -9.34 -71.30 -7.46
CA GLU C 21 -9.07 -72.49 -8.30
C GLU C 21 -8.26 -72.14 -9.55
N MET C 22 -7.22 -71.33 -9.39
CA MET C 22 -6.28 -71.03 -10.47
C MET C 22 -4.95 -71.68 -10.13
N GLU C 23 -4.58 -72.69 -10.92
CA GLU C 23 -3.42 -73.52 -10.65
C GLU C 23 -2.19 -73.11 -11.46
N ASP C 24 -2.26 -72.02 -12.20
CA ASP C 24 -1.13 -71.54 -12.99
C ASP C 24 -0.45 -70.31 -12.42
N SER C 25 -1.15 -69.54 -11.59
CA SER C 25 -0.64 -68.25 -11.12
C SER C 25 0.09 -68.45 -9.80
N GLU C 26 1.36 -68.09 -9.76
CA GLU C 26 2.14 -68.07 -8.52
C GLU C 26 3.02 -66.84 -8.49
N VAL C 27 3.15 -66.25 -7.30
CA VAL C 27 4.00 -65.09 -7.06
C VAL C 27 5.33 -65.58 -6.51
N VAL C 28 6.43 -64.96 -6.97
CA VAL C 28 7.78 -65.30 -6.58
C VAL C 28 8.49 -64.01 -6.16
N LEU C 29 9.29 -64.10 -5.08
CA LEU C 29 10.17 -63.03 -4.66
C LEU C 29 11.50 -63.11 -5.40
N ASN C 30 11.74 -62.17 -6.30
CA ASN C 30 13.04 -62.00 -6.93
C ASN C 30 13.10 -60.55 -7.41
N ASN C 31 14.13 -60.20 -8.19
CA ASN C 31 14.25 -58.82 -8.67
C ASN C 31 13.95 -58.72 -10.15
N VAL C 32 13.20 -57.67 -10.51
CA VAL C 32 12.63 -57.49 -11.84
C VAL C 32 13.72 -57.14 -12.86
N ALA C 33 14.81 -56.52 -12.41
CA ALA C 33 15.83 -56.00 -13.32
C ALA C 33 16.61 -57.09 -14.07
N LEU C 34 16.51 -58.34 -13.63
CA LEU C 34 17.20 -59.45 -14.28
C LEU C 34 16.29 -60.33 -15.13
N ILE C 35 15.17 -59.81 -15.64
CA ILE C 35 14.26 -60.63 -16.46
C ILE C 35 14.92 -61.05 -17.77
N ASP C 36 15.58 -60.12 -18.45
CA ASP C 36 16.25 -60.45 -19.70
C ASP C 36 17.78 -60.37 -19.59
N SER C 37 18.33 -60.63 -18.40
CA SER C 37 19.78 -60.53 -18.21
C SER C 37 20.52 -61.70 -18.87
N GLN C 38 19.84 -62.84 -19.00
CA GLN C 38 20.34 -64.04 -19.69
C GLN C 38 21.59 -64.61 -18.98
N GLN C 39 21.62 -64.47 -17.65
CA GLN C 39 22.66 -65.10 -16.84
C GLN C 39 22.02 -65.77 -15.62
N ASP C 40 21.55 -67.01 -15.82
CA ASP C 40 21.33 -68.03 -14.78
C ASP C 40 20.16 -67.75 -13.83
N VAL C 41 19.58 -66.55 -13.89
CA VAL C 41 18.47 -66.19 -13.01
C VAL C 41 17.17 -66.07 -13.79
N ALA C 42 17.27 -65.88 -15.11
CA ALA C 42 16.09 -65.59 -15.93
C ALA C 42 15.22 -66.81 -16.11
N THR C 43 15.78 -68.02 -15.95
CA THR C 43 14.99 -69.23 -16.14
C THR C 43 14.01 -69.46 -14.98
N GLU C 44 14.30 -68.88 -13.82
CA GLU C 44 13.36 -68.96 -12.70
C GLU C 44 12.23 -67.95 -12.86
N LEU C 45 12.44 -66.89 -13.65
CA LEU C 45 11.47 -65.80 -13.70
C LEU C 45 10.38 -66.05 -14.74
N GLN C 46 10.58 -67.01 -15.64
CA GLN C 46 9.68 -67.19 -16.77
C GLN C 46 8.32 -67.75 -16.33
N ASN C 47 7.26 -67.17 -16.89
CA ASN C 47 5.86 -67.58 -16.67
C ASN C 47 5.45 -67.46 -15.21
N LYS C 48 5.74 -66.31 -14.60
CA LYS C 48 5.45 -66.07 -13.19
C LYS C 48 5.15 -64.60 -12.97
N VAL C 49 4.58 -64.30 -11.81
CA VAL C 49 4.45 -62.93 -11.31
C VAL C 49 5.57 -62.71 -10.29
N ILE C 50 6.24 -61.57 -10.40
CA ILE C 50 7.43 -61.28 -9.62
C ILE C 50 7.17 -60.08 -8.71
N LEU C 51 7.48 -60.24 -7.43
CA LEU C 51 7.38 -59.16 -6.45
C LEU C 51 8.78 -58.71 -6.02
N SER C 52 9.00 -57.40 -6.04
CA SER C 52 10.31 -56.85 -5.80
C SER C 52 10.20 -55.56 -4.99
N MET C 53 11.32 -55.17 -4.38
CA MET C 53 11.44 -53.94 -3.60
C MET C 53 12.25 -52.92 -4.39
N ILE C 54 11.71 -51.72 -4.58
CA ILE C 54 12.37 -50.76 -5.45
C ILE C 54 12.91 -49.55 -4.69
N ASN C 55 12.40 -49.26 -3.48
CA ASN C 55 12.86 -48.10 -2.75
C ASN C 55 12.65 -48.26 -1.25
N LEU C 56 13.39 -47.46 -0.47
CA LEU C 56 13.27 -47.39 0.99
C LEU C 56 13.21 -45.94 1.45
N ARG C 57 12.31 -45.66 2.39
CA ARG C 57 12.23 -44.34 3.01
C ARG C 57 12.17 -44.50 4.52
N GLU C 58 12.22 -43.37 5.23
CA GLU C 58 12.18 -43.36 6.69
C GLU C 58 11.01 -42.49 7.15
N GLU C 59 10.25 -43.00 8.12
CA GLU C 59 9.15 -42.24 8.69
C GLU C 59 9.67 -41.14 9.62
N VAL C 60 9.27 -39.90 9.34
CA VAL C 60 9.84 -38.73 9.99
C VAL C 60 9.14 -38.36 11.28
N THR C 61 7.82 -38.62 11.39
CA THR C 61 7.05 -38.20 12.55
C THR C 61 7.42 -38.94 13.83
N MET C 62 8.07 -40.09 13.72
CA MET C 62 8.44 -40.90 14.88
C MET C 62 9.94 -40.92 15.15
N LYS C 63 10.69 -39.99 14.57
CA LYS C 63 12.15 -40.10 14.55
C LYS C 63 12.77 -39.73 15.89
N ASN C 64 12.20 -38.74 16.58
CA ASN C 64 12.78 -38.23 17.82
C ASN C 64 12.09 -38.78 19.07
N PHE C 65 11.49 -39.97 18.98
CA PHE C 65 10.84 -40.56 20.14
C PHE C 65 11.88 -41.26 21.02
N PRO C 66 11.78 -41.15 22.35
CA PRO C 66 12.73 -41.84 23.23
C PRO C 66 12.33 -43.29 23.50
N ASN C 67 13.25 -44.02 24.13
CA ASN C 67 13.10 -45.47 24.31
C ASN C 67 13.66 -45.97 25.64
N ASN C 68 13.58 -45.17 26.70
CA ASN C 68 14.09 -45.60 28.01
C ASN C 68 13.01 -46.35 28.80
N VAL C 69 13.46 -47.18 29.75
CA VAL C 69 12.58 -48.02 30.55
C VAL C 69 12.84 -47.75 32.02
N LEU C 70 11.77 -47.50 32.78
CA LEU C 70 11.83 -47.27 34.22
C LEU C 70 11.18 -48.45 34.94
N GLU C 71 11.86 -48.97 35.96
CA GLU C 71 11.35 -50.08 36.76
C GLU C 71 11.95 -50.02 38.18
N GLY C 72 11.08 -49.91 39.19
CA GLY C 72 11.54 -49.86 40.57
C GLY C 72 12.17 -48.51 40.89
N THR C 73 13.46 -48.53 41.19
CA THR C 73 14.27 -47.33 41.38
C THR C 73 15.50 -47.41 40.48
N LYS C 74 15.27 -47.74 39.21
CA LYS C 74 16.34 -48.09 38.28
C LYS C 74 15.88 -47.77 36.86
N VAL C 75 16.80 -47.24 36.04
CA VAL C 75 16.50 -46.88 34.67
C VAL C 75 17.53 -47.52 33.73
N THR C 76 17.06 -48.10 32.62
CA THR C 76 17.92 -48.64 31.58
C THR C 76 17.79 -47.78 30.33
N TYR C 77 18.91 -47.48 29.69
CA TYR C 77 18.96 -46.59 28.53
C TYR C 77 19.10 -47.40 27.25
N LYS C 78 18.30 -47.05 26.23
CA LYS C 78 18.36 -47.69 24.91
C LYS C 78 18.30 -46.62 23.82
N ASN C 79 18.74 -47.00 22.60
CA ASN C 79 18.67 -46.14 21.43
C ASN C 79 17.26 -46.12 20.84
N PRO C 80 16.87 -45.03 20.18
CA PRO C 80 15.55 -44.97 19.53
C PRO C 80 15.43 -45.91 18.34
N LYS C 81 14.21 -46.42 18.13
CA LYS C 81 13.91 -47.36 17.07
C LYS C 81 13.86 -46.68 15.70
N LEU C 82 14.15 -47.22 14.67
CA LEU C 82 14.24 -46.90 13.25
C LEU C 82 12.90 -47.21 12.57
N ASN C 83 12.10 -46.67 11.91
CA ASN C 83 10.88 -47.05 11.22
C ASN C 83 11.00 -46.78 9.71
N ILE C 84 10.61 -47.77 8.90
CA ILE C 84 10.91 -47.82 7.46
C ILE C 84 9.62 -48.05 6.67
N ASN C 85 9.42 -47.26 5.61
CA ASN C 85 8.40 -47.51 4.59
C ASN C 85 9.04 -48.15 3.36
N LEU C 86 8.27 -48.98 2.65
CA LEU C 86 8.74 -49.66 1.44
C LEU C 86 7.93 -49.23 0.21
N PHE C 87 8.52 -49.38 -0.96
CA PHE C 87 7.82 -49.24 -2.24
C PHE C 87 8.02 -50.52 -3.06
N LEU C 88 6.91 -51.12 -3.47
CA LEU C 88 6.92 -52.45 -4.08
C LEU C 88 6.30 -52.43 -5.48
N ILE C 89 6.61 -53.48 -6.24
CA ILE C 89 6.06 -53.67 -7.58
C ILE C 89 5.58 -55.12 -7.70
N PHE C 90 4.44 -55.31 -8.37
CA PHE C 90 4.01 -56.61 -8.86
C PHE C 90 4.13 -56.58 -10.37
N CYS C 91 5.02 -57.39 -10.92
CA CYS C 91 5.29 -57.41 -12.35
C CYS C 91 4.87 -58.76 -12.93
N ALA C 92 3.90 -58.73 -13.84
CA ALA C 92 3.40 -59.95 -14.46
C ALA C 92 4.22 -60.31 -15.70
N ASN C 93 4.68 -61.55 -15.77
CA ASN C 93 5.58 -62.04 -16.80
C ASN C 93 5.11 -63.38 -17.33
N ARG C 94 3.83 -63.48 -17.65
CA ARG C 94 3.26 -64.71 -18.17
C ARG C 94 3.64 -64.91 -19.63
N THR C 95 3.42 -66.14 -20.12
CA THR C 95 3.72 -66.44 -21.51
C THR C 95 2.75 -65.73 -22.46
N GLY C 96 1.47 -65.68 -22.10
CA GLY C 96 0.48 -64.98 -22.88
C GLY C 96 0.22 -63.60 -22.31
N TYR C 97 0.04 -62.62 -23.19
CA TYR C 97 -0.22 -61.26 -22.75
C TYR C 97 -1.60 -61.13 -22.13
N LYS C 98 -2.53 -61.95 -22.62
CA LYS C 98 -3.89 -61.95 -22.11
C LYS C 98 -3.94 -62.51 -20.68
N LYS C 99 -3.04 -63.44 -20.39
CA LYS C 99 -3.00 -64.05 -19.05
C LYS C 99 -2.40 -63.09 -18.02
N SER C 100 -1.49 -62.20 -18.45
CA SER C 100 -0.92 -61.23 -17.52
C SER C 100 -1.95 -60.19 -17.11
N LEU C 101 -2.85 -59.81 -18.02
CA LEU C 101 -3.87 -58.81 -17.69
C LEU C 101 -4.94 -59.39 -16.77
N SER C 102 -5.10 -60.71 -16.79
CA SER C 102 -6.07 -61.35 -15.89
C SER C 102 -5.52 -61.47 -14.47
N ASP C 103 -4.20 -61.68 -14.33
CA ASP C 103 -3.59 -61.79 -13.01
C ASP C 103 -3.50 -60.44 -12.33
N LEU C 104 -3.35 -59.36 -13.11
CA LEU C 104 -3.27 -58.04 -12.51
C LEU C 104 -4.61 -57.58 -11.96
N SER C 105 -5.72 -58.05 -12.55
CA SER C 105 -7.04 -57.74 -12.02
C SER C 105 -7.27 -58.43 -10.68
N ARG C 106 -6.77 -59.67 -10.54
CA ARG C 106 -6.93 -60.42 -9.31
C ARG C 106 -6.15 -59.80 -8.15
N ILE C 107 -4.96 -59.27 -8.43
CA ILE C 107 -4.15 -58.62 -7.41
C ILE C 107 -4.79 -57.30 -6.98
N LEU C 108 -5.36 -56.56 -7.95
CA LEU C 108 -6.09 -55.34 -7.62
C LEU C 108 -7.36 -55.63 -6.85
N GLU C 109 -8.01 -56.77 -7.13
CA GLU C 109 -9.23 -57.14 -6.43
C GLU C 109 -8.95 -57.59 -5.00
N PHE C 110 -7.80 -58.23 -4.80
CA PHE C 110 -7.46 -58.77 -3.47
C PHE C 110 -7.16 -57.68 -2.47
N PHE C 111 -6.42 -56.64 -2.87
CA PHE C 111 -6.07 -55.59 -1.93
C PHE C 111 -7.19 -54.58 -1.75
N GLN C 112 -8.17 -54.59 -2.65
CA GLN C 112 -9.37 -53.79 -2.46
C GLN C 112 -10.18 -54.30 -1.27
N HIS C 113 -10.12 -55.60 -1.00
CA HIS C 113 -10.96 -56.20 0.04
C HIS C 113 -10.23 -56.30 1.38
N LYS C 114 -8.93 -56.56 1.37
CA LYS C 114 -8.16 -56.76 2.60
C LYS C 114 -6.91 -55.88 2.55
N SER C 115 -6.79 -54.95 3.51
CA SER C 115 -5.65 -54.04 3.51
C SER C 115 -4.83 -54.04 4.79
N VAL C 116 -5.26 -54.72 5.86
CA VAL C 116 -4.54 -54.75 7.14
C VAL C 116 -4.13 -56.19 7.43
N PHE C 117 -2.87 -56.37 7.83
CA PHE C 117 -2.28 -57.68 8.04
C PHE C 117 -1.59 -57.73 9.40
N THR C 118 -1.99 -58.68 10.23
CA THR C 118 -1.45 -58.82 11.58
C THR C 118 -0.99 -60.25 11.81
N GLN C 119 -0.46 -60.50 13.01
CA GLN C 119 0.02 -61.84 13.37
C GLN C 119 -1.14 -62.81 13.60
N SER C 120 -2.34 -62.27 13.86
CA SER C 120 -3.52 -63.12 14.02
C SER C 120 -4.27 -63.28 12.70
N ASN C 121 -4.05 -62.37 11.75
CA ASN C 121 -4.82 -62.37 10.50
C ASN C 121 -4.33 -63.44 9.53
N THR C 122 -3.01 -63.61 9.45
CA THR C 122 -2.39 -64.27 8.31
C THR C 122 -2.33 -65.78 8.50
N SER C 123 -2.06 -66.49 7.41
CA SER C 123 -2.06 -67.95 7.39
C SER C 123 -0.72 -68.57 7.06
N PHE C 124 0.38 -67.83 7.24
CA PHE C 124 1.71 -68.38 7.01
C PHE C 124 2.05 -69.45 8.05
N ASP C 125 3.01 -70.31 7.71
CA ASP C 125 3.40 -71.41 8.57
C ASP C 125 4.33 -70.92 9.67
N ARG C 126 3.86 -70.96 10.91
CA ARG C 126 4.65 -70.46 12.03
C ARG C 126 5.79 -71.40 12.39
N ASP C 127 5.67 -72.68 12.02
CA ASP C 127 6.62 -73.70 12.47
C ASP C 127 7.91 -73.67 11.66
N LEU C 128 7.92 -72.96 10.53
CA LEU C 128 9.07 -72.95 9.63
C LEU C 128 10.29 -72.31 10.29
N GLU C 129 11.46 -72.87 9.98
CA GLU C 129 12.67 -72.54 10.71
C GLU C 129 13.21 -71.16 10.33
N GLU C 130 12.98 -70.72 9.09
CA GLU C 130 13.44 -69.40 8.68
C GLU C 130 12.61 -68.28 9.31
N MET C 131 11.42 -68.61 9.82
CA MET C 131 10.52 -67.64 10.44
C MET C 131 10.54 -67.70 11.96
N GLU C 132 11.69 -68.00 12.58
CA GLU C 132 11.70 -68.17 14.03
C GLU C 132 11.89 -66.85 14.79
N ASN C 133 12.16 -65.74 14.09
CA ASN C 133 12.41 -64.48 14.77
C ASN C 133 11.20 -63.55 14.82
N VAL C 134 10.09 -63.88 14.16
CA VAL C 134 8.97 -62.96 14.05
C VAL C 134 8.04 -63.11 15.27
N LYS C 135 7.66 -61.99 15.87
CA LYS C 135 6.72 -62.04 16.99
C LYS C 135 5.40 -61.32 16.76
N ASN C 136 5.43 -60.01 16.56
CA ASN C 136 4.22 -59.17 16.47
C ASN C 136 4.41 -58.16 15.35
N PHE C 137 3.41 -58.02 14.48
CA PHE C 137 3.51 -57.07 13.39
C PHE C 137 2.15 -56.53 12.98
N ARG C 138 2.16 -55.39 12.31
CA ARG C 138 0.98 -54.78 11.72
C ARG C 138 1.40 -53.85 10.58
N PHE C 139 0.92 -54.09 9.37
CA PHE C 139 1.22 -53.20 8.26
C PHE C 139 0.01 -53.07 7.35
N THR C 140 -0.04 -51.95 6.62
CA THR C 140 -1.09 -51.68 5.66
C THR C 140 -0.52 -51.59 4.25
N MET C 141 -1.38 -51.85 3.27
CA MET C 141 -1.03 -51.77 1.85
C MET C 141 -1.88 -50.68 1.19
N GLU C 142 -1.25 -49.87 0.36
CA GLU C 142 -1.92 -48.75 -0.28
C GLU C 142 -1.46 -48.61 -1.72
N LEU C 143 -2.42 -48.49 -2.64
CA LEU C 143 -2.13 -48.45 -4.07
C LEU C 143 -1.49 -47.12 -4.45
N PHE C 144 -0.47 -47.19 -5.30
CA PHE C 144 0.30 -46.03 -5.74
C PHE C 144 0.34 -45.99 -7.26
N THR C 145 -0.08 -44.88 -7.85
CA THR C 145 -0.10 -44.73 -9.30
C THR C 145 0.76 -43.55 -9.73
N PRO C 146 1.87 -43.78 -10.45
CA PRO C 146 2.76 -42.67 -10.80
C PRO C 146 2.39 -41.99 -12.12
N THR C 147 2.93 -40.78 -12.29
CA THR C 147 2.78 -40.04 -13.54
C THR C 147 3.78 -40.55 -14.59
N PHE C 148 3.73 -39.93 -15.77
CA PHE C 148 4.57 -40.38 -16.89
C PHE C 148 6.05 -40.06 -16.64
N GLU C 149 6.33 -38.97 -15.93
CA GLU C 149 7.71 -38.63 -15.60
C GLU C 149 8.27 -39.60 -14.56
N GLU C 150 7.43 -40.05 -13.63
CA GLU C 150 7.88 -40.98 -12.59
C GLU C 150 8.10 -42.39 -13.14
N LEU C 151 7.26 -42.82 -14.10
CA LEU C 151 7.47 -44.13 -14.74
C LEU C 151 8.78 -44.19 -15.50
N ASN C 152 9.20 -43.06 -16.07
CA ASN C 152 10.47 -43.02 -16.77
C ASN C 152 11.65 -43.16 -15.80
N TYR C 153 11.51 -42.62 -14.60
CA TYR C 153 12.55 -42.79 -13.58
C TYR C 153 12.63 -44.22 -13.08
N ILE C 154 11.48 -44.88 -12.89
CA ILE C 154 11.44 -46.20 -12.29
C ILE C 154 11.97 -47.24 -13.26
N TRP C 155 11.46 -47.25 -14.49
CA TRP C 155 11.92 -48.20 -15.49
C TRP C 155 13.28 -47.84 -16.07
N GLY C 156 13.79 -46.64 -15.77
CA GLY C 156 15.14 -46.29 -16.18
C GLY C 156 16.20 -47.03 -15.38
N THR C 157 15.87 -47.45 -14.16
CA THR C 157 16.78 -48.23 -13.33
C THR C 157 16.50 -49.72 -13.39
N LEU C 158 15.57 -50.18 -14.23
CA LEU C 158 15.24 -51.59 -14.34
C LEU C 158 15.45 -52.13 -15.75
N GLY C 159 16.09 -51.37 -16.64
CA GLY C 159 16.29 -51.86 -18.00
C GLY C 159 15.81 -50.99 -19.16
N GLY C 160 14.64 -50.38 -19.04
CA GLY C 160 14.13 -49.51 -20.11
C GLY C 160 13.07 -50.11 -21.01
N ARG C 161 12.56 -51.26 -20.61
CA ARG C 161 11.52 -52.01 -21.31
C ARG C 161 10.49 -52.46 -20.28
N GLN C 162 9.33 -51.82 -20.30
CA GLN C 162 8.34 -52.04 -19.25
C GLN C 162 7.54 -53.32 -19.48
N TYR C 163 6.82 -53.71 -18.45
CA TYR C 163 5.94 -54.88 -18.40
C TYR C 163 4.66 -54.43 -17.70
N PRO C 164 3.56 -55.17 -17.85
CA PRO C 164 2.33 -54.80 -17.11
C PRO C 164 2.53 -54.97 -15.61
N SER C 165 2.22 -53.90 -14.86
CA SER C 165 2.70 -53.78 -13.50
C SER C 165 1.73 -52.93 -12.68
N VAL C 166 1.74 -53.16 -11.36
CA VAL C 166 1.08 -52.31 -10.39
C VAL C 166 2.07 -52.01 -9.27
N PHE C 167 1.88 -50.87 -8.62
CA PHE C 167 2.79 -50.38 -7.60
C PHE C 167 2.07 -50.22 -6.27
N TYR C 168 2.74 -50.59 -5.18
CA TYR C 168 2.15 -50.50 -3.85
C TYR C 168 3.14 -49.89 -2.86
N LYS C 169 2.59 -49.35 -1.79
CA LYS C 169 3.37 -48.69 -0.74
C LYS C 169 3.06 -49.34 0.60
N LEU C 170 4.08 -49.90 1.25
CA LEU C 170 3.95 -50.63 2.50
C LEU C 170 4.35 -49.73 3.68
N ASN C 171 3.63 -49.84 4.79
CA ASN C 171 3.81 -48.93 5.92
C ASN C 171 4.38 -49.64 7.15
N LEU C 172 5.43 -49.04 7.73
CA LEU C 172 5.93 -49.33 9.08
C LEU C 172 6.46 -50.74 9.31
N ILE C 173 7.65 -51.04 8.82
CA ILE C 173 8.50 -52.11 9.35
C ILE C 173 9.36 -51.50 10.45
N VAL C 174 9.37 -52.15 11.62
CA VAL C 174 10.10 -51.67 12.79
C VAL C 174 11.41 -52.42 12.89
N ILE C 175 12.52 -51.68 12.94
CA ILE C 175 13.86 -52.23 13.04
C ILE C 175 14.49 -51.72 14.34
N ASP C 176 14.91 -52.64 15.20
CA ASP C 176 15.39 -52.27 16.54
C ASP C 176 16.20 -53.43 17.11
N ARG C 177 17.42 -53.14 17.56
CA ARG C 177 18.27 -54.18 18.13
C ARG C 177 17.92 -54.47 19.59
N ASP C 178 17.37 -53.47 20.28
CA ASP C 178 16.86 -53.56 21.66
C ASP C 178 17.98 -53.87 22.66
N ALA C 179 19.16 -53.27 22.46
CA ALA C 179 20.30 -53.49 23.33
C ALA C 179 20.43 -52.39 24.38
N THR C 180 21.05 -52.74 25.50
CA THR C 180 21.19 -51.86 26.66
C THR C 180 22.53 -51.12 26.57
N THR C 181 22.50 -49.80 26.81
CA THR C 181 23.73 -49.04 26.85
C THR C 181 24.18 -48.75 28.28
N SER C 182 23.24 -48.55 29.21
CA SER C 182 23.60 -48.10 30.55
C SER C 182 22.48 -48.43 31.53
N GLU C 183 22.84 -48.44 32.82
CA GLU C 183 21.89 -48.59 33.92
C GLU C 183 22.30 -47.69 35.08
N GLU C 184 21.32 -47.00 35.68
CA GLU C 184 21.56 -46.08 36.78
C GLU C 184 20.38 -46.12 37.75
N GLY C 185 20.58 -45.56 38.93
CA GLY C 185 19.50 -45.44 39.92
C GLY C 185 18.87 -44.06 39.92
N VAL C 186 17.61 -44.00 40.34
CA VAL C 186 16.83 -42.76 40.27
C VAL C 186 17.14 -41.85 41.46
N ILE C 187 16.58 -40.65 41.40
CA ILE C 187 16.78 -39.62 42.42
C ILE C 187 15.98 -40.00 43.67
N THR C 188 16.67 -40.06 44.81
CA THR C 188 16.01 -40.33 46.10
C THR C 188 16.35 -39.34 47.21
N ASN C 189 17.33 -38.45 47.04
CA ASN C 189 17.69 -37.46 48.06
C ASN C 189 17.89 -36.10 47.41
N ILE C 190 17.29 -35.07 47.98
CA ILE C 190 17.37 -33.70 47.47
C ILE C 190 17.89 -32.79 48.58
N HIS C 191 18.90 -31.98 48.26
CA HIS C 191 19.52 -31.06 49.20
C HIS C 191 19.53 -29.66 48.58
N ARG C 192 19.14 -28.65 49.36
CA ARG C 192 19.06 -27.28 48.90
C ARG C 192 19.86 -26.37 49.83
N ASN C 193 20.71 -25.53 49.25
CA ASN C 193 21.56 -24.60 50.00
C ASN C 193 21.27 -23.18 49.55
N TYR C 194 21.08 -22.28 50.51
CA TYR C 194 20.72 -20.90 50.25
C TYR C 194 21.78 -19.97 50.83
N GLU C 195 22.10 -18.90 50.13
CA GLU C 195 23.00 -17.89 50.65
C GLU C 195 22.47 -16.51 50.29
N THR C 196 22.88 -15.52 51.08
CA THR C 196 22.47 -14.13 50.87
C THR C 196 23.53 -13.44 50.03
N LEU C 197 23.17 -13.06 48.81
CA LEU C 197 24.09 -12.53 47.83
C LEU C 197 24.03 -11.01 47.79
N MET D 1 43.89 -40.55 3.71
CA MET D 1 43.18 -41.29 4.74
C MET D 1 41.88 -41.92 4.24
N ILE D 2 41.66 -41.91 2.91
CA ILE D 2 40.40 -42.43 2.37
C ILE D 2 40.37 -43.95 2.44
N PHE D 3 41.48 -44.59 2.05
CA PHE D 3 41.53 -46.05 2.06
C PHE D 3 41.51 -46.61 3.49
N GLU D 4 42.16 -45.91 4.42
CA GLU D 4 42.33 -46.46 5.77
C GLU D 4 41.03 -46.35 6.58
N VAL D 5 40.24 -45.32 6.36
CA VAL D 5 38.95 -45.20 7.02
C VAL D 5 37.98 -46.27 6.52
N LEU D 6 37.99 -46.52 5.20
CA LEU D 6 37.05 -47.49 4.64
C LEU D 6 37.47 -48.92 4.93
N LYS D 7 38.77 -49.16 5.10
CA LYS D 7 39.24 -50.48 5.49
C LYS D 7 38.90 -50.77 6.95
N ILE D 8 38.93 -49.75 7.80
CA ILE D 8 38.52 -49.90 9.20
C ILE D 8 37.02 -50.19 9.28
N LEU D 9 36.22 -49.47 8.47
CA LEU D 9 34.78 -49.67 8.46
C LEU D 9 34.38 -51.04 7.95
N THR D 10 35.17 -51.61 7.03
CA THR D 10 34.88 -52.92 6.49
C THR D 10 35.10 -54.01 7.55
N ASP D 11 36.07 -53.81 8.44
CA ASP D 11 36.36 -54.79 9.47
C ASP D 11 35.30 -54.80 10.58
N GLU D 12 34.70 -53.65 10.86
CA GLU D 12 33.69 -53.58 11.92
C GLU D 12 32.40 -54.30 11.52
N VAL D 13 32.03 -54.23 10.24
CA VAL D 13 30.84 -54.93 9.78
C VAL D 13 31.09 -56.43 9.72
N ASN D 14 32.31 -56.83 9.36
CA ASN D 14 32.63 -58.25 9.28
C ASN D 14 32.73 -58.88 10.66
N GLN D 15 33.11 -58.09 11.68
CA GLN D 15 33.13 -58.59 13.05
C GLN D 15 31.71 -58.80 13.58
N ASN D 16 30.76 -57.96 13.14
CA ASN D 16 29.38 -58.09 13.61
C ASN D 16 28.71 -59.31 13.01
N PHE D 17 29.09 -59.70 11.79
CA PHE D 17 28.57 -60.92 11.21
C PHE D 17 29.11 -62.16 11.92
N LYS D 18 30.30 -62.04 12.51
CA LYS D 18 30.91 -63.16 13.21
C LYS D 18 30.22 -63.44 14.53
N GLY D 19 29.84 -62.39 15.25
CA GLY D 19 29.15 -62.56 16.52
C GLY D 19 27.75 -63.12 16.38
N LEU D 20 27.14 -62.95 15.22
CA LEU D 20 25.82 -63.50 14.94
C LEU D 20 25.87 -64.91 14.35
N GLU D 21 27.07 -65.50 14.29
CA GLU D 21 27.32 -66.85 13.76
C GLU D 21 26.81 -67.04 12.33
N MET D 22 27.08 -66.05 11.47
CA MET D 22 26.79 -66.15 10.05
C MET D 22 28.09 -66.25 9.28
N GLU D 23 28.34 -67.42 8.69
CA GLU D 23 29.61 -67.74 8.06
C GLU D 23 29.59 -67.55 6.54
N ASP D 24 28.50 -67.02 5.99
CA ASP D 24 28.40 -66.79 4.56
C ASP D 24 28.52 -65.33 4.16
N SER D 25 28.23 -64.41 5.07
CA SER D 25 28.16 -62.99 4.75
C SER D 25 29.51 -62.33 4.98
N GLU D 26 30.08 -61.75 3.93
CA GLU D 26 31.30 -60.96 4.04
C GLU D 26 31.18 -59.71 3.17
N VAL D 27 31.70 -58.60 3.67
CA VAL D 27 31.74 -57.33 2.95
C VAL D 27 33.10 -57.19 2.30
N VAL D 28 33.12 -56.68 1.06
CA VAL D 28 34.32 -56.48 0.27
C VAL D 28 34.31 -55.04 -0.25
N LEU D 29 35.49 -54.41 -0.23
CA LEU D 29 35.72 -53.11 -0.86
C LEU D 29 36.07 -53.28 -2.32
N ASN D 30 35.13 -52.90 -3.20
CA ASN D 30 35.39 -52.81 -4.63
C ASN D 30 34.37 -51.82 -5.19
N ASN D 31 34.28 -51.71 -6.51
CA ASN D 31 33.34 -50.76 -7.11
C ASN D 31 32.16 -51.49 -7.76
N VAL D 32 30.96 -50.94 -7.55
CA VAL D 32 29.70 -51.57 -7.91
C VAL D 32 29.50 -51.58 -9.42
N ALA D 33 30.08 -50.61 -10.12
CA ALA D 33 29.82 -50.42 -11.55
C ALA D 33 30.36 -51.55 -12.42
N LEU D 34 31.23 -52.40 -11.90
CA LEU D 34 31.79 -53.50 -12.66
C LEU D 34 31.20 -54.87 -12.30
N ILE D 35 29.96 -54.92 -11.79
CA ILE D 35 29.34 -56.20 -11.42
C ILE D 35 29.12 -57.08 -12.65
N ASP D 36 28.58 -56.51 -13.72
CA ASP D 36 28.35 -57.27 -14.94
C ASP D 36 29.25 -56.83 -16.09
N SER D 37 30.45 -56.34 -15.79
CA SER D 37 31.35 -55.87 -16.85
C SER D 37 31.97 -57.02 -17.62
N GLN D 38 32.09 -58.20 -17.00
CA GLN D 38 32.56 -59.44 -17.60
C GLN D 38 34.02 -59.30 -18.08
N GLN D 39 34.81 -58.51 -17.35
CA GLN D 39 36.24 -58.41 -17.60
C GLN D 39 36.99 -58.49 -16.27
N ASP D 40 37.26 -59.73 -15.81
CA ASP D 40 38.32 -60.11 -14.87
C ASP D 40 38.10 -59.63 -13.43
N VAL D 41 37.10 -58.78 -13.19
CA VAL D 41 36.84 -58.26 -11.85
C VAL D 41 35.54 -58.82 -11.30
N ALA D 42 34.66 -59.30 -12.18
CA ALA D 42 33.32 -59.72 -11.77
C ALA D 42 33.33 -61.02 -10.99
N THR D 43 34.38 -61.84 -11.16
CA THR D 43 34.44 -63.10 -10.45
C THR D 43 34.73 -62.91 -8.97
N GLU D 44 35.34 -61.79 -8.59
CA GLU D 44 35.54 -61.48 -7.18
C GLU D 44 34.27 -60.95 -6.53
N LEU D 45 33.34 -60.42 -7.33
CA LEU D 45 32.18 -59.73 -6.77
C LEU D 45 31.03 -60.69 -6.48
N GLN D 46 31.08 -61.90 -7.00
CA GLN D 46 29.94 -62.80 -6.93
C GLN D 46 29.73 -63.34 -5.51
N ASN D 47 28.46 -63.36 -5.08
CA ASN D 47 28.02 -63.88 -3.78
C ASN D 47 28.64 -63.12 -2.61
N LYS D 48 28.60 -61.79 -2.67
CA LYS D 48 29.20 -60.94 -1.65
C LYS D 48 28.40 -59.66 -1.51
N VAL D 49 28.65 -58.93 -0.42
CA VAL D 49 28.18 -57.56 -0.25
C VAL D 49 29.35 -56.64 -0.57
N ILE D 50 29.07 -55.58 -1.34
CA ILE D 50 30.10 -54.70 -1.87
C ILE D 50 29.89 -53.30 -1.32
N LEU D 51 30.97 -52.72 -0.80
CA LEU D 51 30.98 -51.35 -0.31
C LEU D 51 31.80 -50.47 -1.24
N SER D 52 31.25 -49.33 -1.62
CA SER D 52 31.86 -48.47 -2.62
C SER D 52 31.63 -47.01 -2.26
N MET D 53 32.47 -46.15 -2.85
CA MET D 53 32.38 -44.70 -2.67
C MET D 53 31.82 -44.08 -3.94
N ILE D 54 30.76 -43.27 -3.81
CA ILE D 54 30.09 -42.77 -5.00
C ILE D 54 30.25 -41.26 -5.18
N ASN D 55 30.57 -40.51 -4.11
CA ASN D 55 30.70 -39.07 -4.23
C ASN D 55 31.61 -38.50 -3.15
N LEU D 56 32.11 -37.29 -3.40
CA LEU D 56 32.92 -36.51 -2.46
C LEU D 56 32.41 -35.07 -2.38
N ARG D 57 32.35 -34.55 -1.15
CA ARG D 57 32.01 -33.15 -0.92
C ARG D 57 33.02 -32.54 0.04
N GLU D 58 32.92 -31.23 0.23
CA GLU D 58 33.80 -30.48 1.12
C GLU D 58 32.97 -29.77 2.18
N GLU D 59 33.42 -29.86 3.44
CA GLU D 59 32.76 -29.16 4.52
C GLU D 59 33.07 -27.67 4.49
N VAL D 60 32.01 -26.84 4.43
CA VAL D 60 32.15 -25.41 4.18
C VAL D 60 32.36 -24.60 5.45
N THR D 61 31.82 -25.04 6.59
CA THR D 61 31.89 -24.26 7.82
C THR D 61 33.29 -24.16 8.39
N MET D 62 34.19 -25.05 8.00
CA MET D 62 35.56 -25.07 8.51
C MET D 62 36.60 -24.64 7.49
N LYS D 63 36.18 -24.00 6.40
CA LYS D 63 37.06 -23.80 5.26
C LYS D 63 38.07 -22.68 5.49
N ASN D 64 37.67 -21.63 6.19
CA ASN D 64 38.52 -20.46 6.38
C ASN D 64 39.21 -20.43 7.75
N PHE D 65 39.41 -21.59 8.37
CA PHE D 65 40.10 -21.64 9.65
C PHE D 65 41.61 -21.56 9.45
N PRO D 66 42.33 -20.82 10.30
CA PRO D 66 43.79 -20.77 10.18
C PRO D 66 44.48 -21.93 10.87
N ASN D 67 45.79 -22.04 10.63
CA ASN D 67 46.57 -23.19 11.09
C ASN D 67 48.00 -22.82 11.51
N ASN D 68 48.22 -21.63 12.06
CA ASN D 68 49.55 -21.23 12.50
C ASN D 68 49.83 -21.69 13.93
N VAL D 69 51.11 -21.81 14.27
CA VAL D 69 51.55 -22.30 15.58
C VAL D 69 52.49 -21.27 16.20
N LEU D 70 52.23 -20.90 17.45
CA LEU D 70 53.06 -19.98 18.21
C LEU D 70 53.75 -20.73 19.34
N GLU D 71 55.06 -20.51 19.48
CA GLU D 71 55.86 -21.14 20.53
C GLU D 71 57.07 -20.26 20.88
N GLY D 72 57.16 -19.84 22.15
CA GLY D 72 58.26 -19.00 22.59
C GLY D 72 58.12 -17.58 22.07
N THR D 73 59.07 -17.18 21.21
CA THR D 73 59.02 -15.91 20.49
C THR D 73 59.20 -16.17 18.99
N LYS D 74 58.43 -17.14 18.48
CA LYS D 74 58.64 -17.69 17.15
C LYS D 74 57.31 -18.22 16.63
N VAL D 75 57.05 -18.00 15.34
CA VAL D 75 55.82 -18.45 14.71
C VAL D 75 56.14 -19.25 13.44
N THR D 76 55.48 -20.39 13.26
CA THR D 76 55.59 -21.18 12.04
C THR D 76 54.28 -21.12 11.28
N TYR D 77 54.36 -20.96 9.96
CA TYR D 77 53.19 -20.80 9.10
C TYR D 77 52.87 -22.09 8.36
N LYS D 78 51.59 -22.48 8.34
CA LYS D 78 51.13 -23.66 7.62
C LYS D 78 49.84 -23.33 6.85
N ASN D 79 49.52 -24.18 5.85
CA ASN D 79 48.30 -24.06 5.08
C ASN D 79 47.10 -24.63 5.85
N PRO D 80 45.89 -24.12 5.60
CA PRO D 80 44.70 -24.67 6.26
C PRO D 80 44.37 -26.10 5.80
N LYS D 81 43.80 -26.87 6.72
CA LYS D 81 43.44 -28.26 6.48
C LYS D 81 42.19 -28.38 5.61
N LEU D 82 41.99 -29.30 4.86
CA LEU D 82 40.98 -29.74 3.90
C LEU D 82 39.95 -30.60 4.61
N ASN D 83 38.79 -30.64 4.77
CA ASN D 83 37.84 -31.57 5.40
C ASN D 83 36.83 -32.08 4.38
N ILE D 84 36.60 -33.40 4.36
CA ILE D 84 35.89 -34.10 3.29
C ILE D 84 34.77 -34.96 3.88
N ASN D 85 33.57 -34.87 3.30
CA ASN D 85 32.47 -35.80 3.53
C ASN D 85 32.40 -36.83 2.41
N LEU D 86 31.93 -38.04 2.73
CA LEU D 86 31.79 -39.12 1.75
C LEU D 86 30.33 -39.55 1.61
N PHE D 87 30.00 -40.15 0.48
CA PHE D 87 28.73 -40.81 0.25
C PHE D 87 28.98 -42.26 -0.18
N LEU D 88 28.40 -43.21 0.55
CA LEU D 88 28.71 -44.62 0.39
C LEU D 88 27.47 -45.44 0.06
N ILE D 89 27.71 -46.64 -0.47
CA ILE D 89 26.64 -47.59 -0.79
C ILE D 89 27.05 -48.96 -0.26
N PHE D 90 26.07 -49.69 0.29
CA PHE D 90 26.19 -51.12 0.55
C PHE D 90 25.29 -51.83 -0.44
N CYS D 91 25.87 -52.61 -1.34
CA CYS D 91 25.13 -53.29 -2.40
C CYS D 91 25.22 -54.80 -2.19
N ALA D 92 24.08 -55.43 -1.97
CA ALA D 92 24.02 -56.87 -1.74
C ALA D 92 23.90 -57.61 -3.06
N ASN D 93 24.77 -58.60 -3.27
CA ASN D 93 24.90 -59.35 -4.52
C ASN D 93 24.99 -60.84 -4.23
N ARG D 94 24.09 -61.35 -3.40
CA ARG D 94 24.09 -62.77 -3.06
C ARG D 94 23.48 -63.59 -4.19
N THR D 95 23.69 -64.90 -4.11
CA THR D 95 23.13 -65.80 -5.11
C THR D 95 21.62 -65.88 -5.01
N GLY D 96 21.08 -65.92 -3.80
CA GLY D 96 19.65 -65.93 -3.57
C GLY D 96 19.15 -64.54 -3.24
N TYR D 97 17.98 -64.20 -3.78
CA TYR D 97 17.40 -62.88 -3.54
C TYR D 97 16.92 -62.75 -2.10
N LYS D 98 16.52 -63.88 -1.52
CA LYS D 98 16.06 -63.90 -0.14
C LYS D 98 17.22 -63.67 0.83
N LYS D 99 18.41 -64.11 0.44
CA LYS D 99 19.59 -63.93 1.28
C LYS D 99 20.10 -62.49 1.26
N SER D 100 19.88 -61.78 0.16
CA SER D 100 20.29 -60.38 0.09
C SER D 100 19.42 -59.50 0.99
N LEU D 101 18.13 -59.83 1.11
CA LEU D 101 17.24 -59.05 1.95
C LEU D 101 17.50 -59.29 3.42
N SER D 102 18.10 -60.43 3.76
CA SER D 102 18.44 -60.72 5.14
C SER D 102 19.71 -59.99 5.56
N ASP D 103 20.66 -59.83 4.63
CA ASP D 103 21.90 -59.13 4.95
C ASP D 103 21.68 -57.63 5.08
N LEU D 104 20.71 -57.08 4.33
CA LEU D 104 20.44 -55.65 4.40
C LEU D 104 19.79 -55.28 5.72
N SER D 105 19.03 -56.19 6.32
CA SER D 105 18.45 -55.93 7.64
C SER D 105 19.53 -55.89 8.71
N ARG D 106 20.53 -56.75 8.59
CA ARG D 106 21.62 -56.80 9.55
C ARG D 106 22.47 -55.54 9.52
N ILE D 107 22.70 -55.00 8.33
CA ILE D 107 23.47 -53.76 8.19
C ILE D 107 22.69 -52.57 8.74
N LEU D 108 21.38 -52.55 8.51
CA LEU D 108 20.53 -51.51 9.09
C LEU D 108 20.44 -51.64 10.60
N GLU D 109 20.47 -52.86 11.12
CA GLU D 109 20.41 -53.07 12.57
C GLU D 109 21.71 -52.68 13.25
N PHE D 110 22.85 -52.86 12.56
CA PHE D 110 24.15 -52.59 13.15
C PHE D 110 24.38 -51.09 13.33
N PHE D 111 24.02 -50.29 12.34
CA PHE D 111 24.27 -48.85 12.45
C PHE D 111 23.20 -48.15 13.28
N GLN D 112 22.08 -48.82 13.54
CA GLN D 112 21.10 -48.30 14.48
C GLN D 112 21.65 -48.29 15.91
N HIS D 113 22.54 -49.23 16.21
CA HIS D 113 23.03 -49.39 17.58
C HIS D 113 24.35 -48.65 17.82
N LYS D 114 25.22 -48.60 16.81
CA LYS D 114 26.55 -47.98 16.96
C LYS D 114 26.77 -47.01 15.81
N SER D 115 26.96 -45.73 16.12
CA SER D 115 27.14 -44.72 15.08
C SER D 115 28.42 -43.91 15.18
N VAL D 116 29.21 -44.04 16.26
CA VAL D 116 30.44 -43.27 16.45
C VAL D 116 31.61 -44.23 16.52
N PHE D 117 32.68 -43.93 15.78
CA PHE D 117 33.84 -44.80 15.65
C PHE D 117 35.11 -44.01 15.91
N THR D 118 35.91 -44.47 16.88
CA THR D 118 37.15 -43.80 17.24
C THR D 118 38.30 -44.80 17.25
N GLN D 119 39.49 -44.30 17.58
CA GLN D 119 40.69 -45.13 17.62
C GLN D 119 40.66 -46.07 18.83
N SER D 120 39.87 -45.74 19.85
CA SER D 120 39.73 -46.60 21.01
C SER D 120 38.56 -47.56 20.86
N ASN D 121 37.61 -47.24 19.98
CA ASN D 121 36.38 -48.03 19.84
C ASN D 121 36.61 -49.31 19.06
N THR D 122 37.39 -49.22 17.99
CA THR D 122 37.38 -50.22 16.93
C THR D 122 38.31 -51.38 17.24
N SER D 123 38.15 -52.46 16.49
CA SER D 123 38.89 -53.69 16.72
C SER D 123 39.78 -54.11 15.54
N PHE D 124 40.15 -53.17 14.66
CA PHE D 124 41.04 -53.48 13.56
C PHE D 124 42.45 -53.78 14.07
N ASP D 125 43.23 -54.47 13.25
CA ASP D 125 44.58 -54.89 13.63
C ASP D 125 45.55 -53.73 13.45
N ARG D 126 46.09 -53.23 14.57
CA ARG D 126 46.98 -52.08 14.52
C ARG D 126 48.35 -52.46 13.97
N ASP D 127 48.72 -53.75 14.06
CA ASP D 127 50.07 -54.16 13.72
C ASP D 127 50.29 -54.29 12.22
N LEU D 128 49.20 -54.26 11.44
CA LEU D 128 49.29 -54.46 9.99
C LEU D 128 50.08 -53.35 9.31
N GLU D 129 50.84 -53.74 8.29
CA GLU D 129 51.84 -52.83 7.70
C GLU D 129 51.19 -51.76 6.84
N GLU D 130 50.04 -52.06 6.22
CA GLU D 130 49.35 -51.06 5.40
C GLU D 130 48.69 -49.98 6.26
N MET D 131 48.51 -50.24 7.55
CA MET D 131 47.87 -49.31 8.48
C MET D 131 48.87 -48.58 9.37
N GLU D 132 50.07 -48.28 8.87
CA GLU D 132 51.09 -47.70 9.74
C GLU D 132 51.00 -46.17 9.82
N ASN D 133 50.14 -45.54 9.03
CA ASN D 133 50.05 -44.09 9.03
C ASN D 133 48.90 -43.53 9.87
N VAL D 134 48.03 -44.37 10.42
CA VAL D 134 46.83 -43.88 11.10
C VAL D 134 47.15 -43.59 12.56
N LYS D 135 46.72 -42.42 13.05
CA LYS D 135 46.93 -42.10 14.46
C LYS D 135 45.64 -41.89 15.26
N ASN D 136 44.85 -40.88 14.92
CA ASN D 136 43.67 -40.46 15.68
C ASN D 136 42.54 -40.15 14.72
N PHE D 137 41.34 -40.67 14.98
CA PHE D 137 40.21 -40.40 14.09
C PHE D 137 38.90 -40.44 14.86
N ARG D 138 37.88 -39.81 14.27
CA ARG D 138 36.52 -39.84 14.76
C ARG D 138 35.56 -39.55 13.61
N PHE D 139 34.64 -40.47 13.33
CA PHE D 139 33.65 -40.22 12.30
C PHE D 139 32.30 -40.81 12.69
N THR D 140 31.24 -40.26 12.13
CA THR D 140 29.88 -40.73 12.35
C THR D 140 29.27 -41.24 11.06
N MET D 141 28.29 -42.13 11.20
CA MET D 141 27.55 -42.71 10.09
C MET D 141 26.09 -42.30 10.20
N GLU D 142 25.49 -41.91 9.08
CA GLU D 142 24.12 -41.43 9.05
C GLU D 142 23.40 -41.93 7.82
N LEU D 143 22.21 -42.51 8.02
CA LEU D 143 21.45 -43.13 6.94
C LEU D 143 20.87 -42.08 6.00
N PHE D 144 20.97 -42.35 4.70
CA PHE D 144 20.52 -41.44 3.66
C PHE D 144 19.57 -42.17 2.72
N THR D 145 18.37 -41.62 2.53
CA THR D 145 17.36 -42.23 1.67
C THR D 145 16.98 -41.27 0.54
N PRO D 146 17.27 -41.60 -0.72
CA PRO D 146 16.98 -40.67 -1.81
C PRO D 146 15.58 -40.83 -2.40
N THR D 147 15.15 -39.79 -3.13
CA THR D 147 13.89 -39.83 -3.86
C THR D 147 14.07 -40.58 -5.18
N PHE D 148 12.97 -40.67 -5.93
CA PHE D 148 12.98 -41.43 -7.19
C PHE D 148 13.81 -40.74 -8.26
N GLU D 149 13.85 -39.41 -8.24
CA GLU D 149 14.68 -38.67 -9.19
C GLU D 149 16.16 -38.84 -8.87
N GLU D 150 16.50 -38.93 -7.58
CA GLU D 150 17.90 -39.09 -7.18
C GLU D 150 18.41 -40.51 -7.46
N LEU D 151 17.56 -41.52 -7.29
CA LEU D 151 17.95 -42.90 -7.62
C LEU D 151 18.25 -43.06 -9.10
N ASN D 152 17.54 -42.31 -9.95
CA ASN D 152 17.80 -42.37 -11.38
C ASN D 152 19.16 -41.76 -11.72
N TYR D 153 19.57 -40.73 -10.99
CA TYR D 153 20.89 -40.14 -11.19
C TYR D 153 22.01 -41.08 -10.73
N ILE D 154 21.81 -41.76 -9.61
CA ILE D 154 22.85 -42.58 -9.01
C ILE D 154 23.09 -43.84 -9.84
N TRP D 155 22.02 -44.56 -10.16
CA TRP D 155 22.15 -45.77 -10.95
C TRP D 155 22.36 -45.48 -12.43
N GLY D 156 22.23 -44.22 -12.85
CA GLY D 156 22.56 -43.85 -14.21
C GLY D 156 24.05 -43.85 -14.47
N THR D 157 24.86 -43.66 -13.42
CA THR D 157 26.31 -43.71 -13.53
C THR D 157 26.89 -45.05 -13.11
N LEU D 158 26.06 -46.04 -12.80
CA LEU D 158 26.55 -47.35 -12.38
C LEU D 158 26.05 -48.47 -13.29
N GLY D 159 25.45 -48.15 -14.44
CA GLY D 159 24.97 -49.20 -15.31
C GLY D 159 23.51 -49.15 -15.76
N GLY D 160 22.59 -48.82 -14.86
CA GLY D 160 21.17 -48.74 -15.22
C GLY D 160 20.30 -49.92 -14.81
N ARG D 161 20.87 -50.79 -13.98
CA ARG D 161 20.22 -51.99 -13.46
C ARG D 161 20.52 -52.05 -11.97
N GLN D 162 19.50 -51.77 -11.15
CA GLN D 162 19.71 -51.63 -9.72
C GLN D 162 19.78 -52.98 -9.02
N TYR D 163 20.22 -52.94 -7.78
CA TYR D 163 20.35 -54.07 -6.87
C TYR D 163 19.84 -53.60 -5.52
N PRO D 164 19.49 -54.53 -4.61
CA PRO D 164 19.07 -54.10 -3.26
C PRO D 164 20.21 -53.45 -2.50
N SER D 165 19.95 -52.24 -1.99
CA SER D 165 21.02 -51.34 -1.59
C SER D 165 20.54 -50.42 -0.47
N VAL D 166 21.50 -49.96 0.33
CA VAL D 166 21.30 -48.90 1.29
C VAL D 166 22.42 -47.88 1.12
N PHE D 167 22.12 -46.63 1.48
CA PHE D 167 23.05 -45.51 1.27
C PHE D 167 23.38 -44.86 2.60
N TYR D 168 24.64 -44.48 2.77
CA TYR D 168 25.11 -43.86 4.00
C TYR D 168 25.98 -42.65 3.71
N LYS D 169 26.06 -41.76 4.68
CA LYS D 169 26.84 -40.52 4.59
C LYS D 169 27.84 -40.46 5.72
N LEU D 170 29.13 -40.39 5.38
CA LEU D 170 30.23 -40.39 6.34
C LEU D 170 30.73 -38.96 6.56
N ASN D 171 31.07 -38.64 7.82
CA ASN D 171 31.43 -37.28 8.18
C ASN D 171 32.89 -37.14 8.57
N LEU D 172 33.55 -36.12 7.99
CA LEU D 172 34.84 -35.59 8.42
C LEU D 172 36.04 -36.54 8.37
N ILE D 173 36.55 -36.79 7.17
CA ILE D 173 37.93 -37.25 6.98
C ILE D 173 38.81 -36.01 6.86
N VAL D 174 39.88 -35.96 7.64
CA VAL D 174 40.80 -34.81 7.68
C VAL D 174 42.01 -35.12 6.81
N ILE D 175 42.28 -34.24 5.85
CA ILE D 175 43.41 -34.38 4.93
C ILE D 175 44.32 -33.17 5.10
N ASP D 176 45.59 -33.42 5.43
CA ASP D 176 46.52 -32.35 5.77
C ASP D 176 47.95 -32.86 5.66
N ARG D 177 48.78 -32.14 4.91
CA ARG D 177 50.17 -32.55 4.73
C ARG D 177 51.04 -32.13 5.91
N ASP D 178 50.64 -31.05 6.60
CA ASP D 178 51.27 -30.54 7.82
C ASP D 178 52.71 -30.07 7.57
N ALA D 179 52.93 -29.42 6.42
CA ALA D 179 54.26 -28.93 6.06
C ALA D 179 54.43 -27.45 6.41
N THR D 180 55.68 -27.05 6.63
CA THR D 180 56.03 -25.70 7.06
C THR D 180 56.34 -24.85 5.84
N THR D 181 55.80 -23.63 5.79
CA THR D 181 56.14 -22.71 4.70
C THR D 181 57.15 -21.65 5.15
N SER D 182 57.10 -21.22 6.41
CA SER D 182 57.91 -20.08 6.85
C SER D 182 58.07 -20.09 8.36
N GLU D 183 59.09 -19.39 8.84
CA GLU D 183 59.32 -19.16 10.27
C GLU D 183 59.82 -17.73 10.49
N GLU D 184 59.28 -17.06 11.50
CA GLU D 184 59.64 -15.68 11.81
C GLU D 184 59.59 -15.47 13.32
N GLY D 185 60.15 -14.35 13.78
CA GLY D 185 60.11 -13.99 15.18
C GLY D 185 59.03 -12.96 15.47
N VAL D 186 58.54 -12.96 16.71
CA VAL D 186 57.41 -12.12 17.09
C VAL D 186 57.86 -10.68 17.40
N ILE D 187 56.87 -9.82 17.61
CA ILE D 187 57.10 -8.41 17.90
C ILE D 187 57.63 -8.25 19.32
N THR D 188 58.77 -7.58 19.47
CA THR D 188 59.34 -7.30 20.78
C THR D 188 59.74 -5.84 21.01
N ASN D 189 59.72 -4.98 19.99
CA ASN D 189 60.06 -3.57 20.16
C ASN D 189 59.06 -2.71 19.39
N ILE D 190 58.54 -1.67 20.05
CA ILE D 190 57.55 -0.77 19.46
C ILE D 190 58.07 0.66 19.56
N HIS D 191 58.04 1.38 18.44
CA HIS D 191 58.49 2.77 18.36
C HIS D 191 57.39 3.62 17.77
N ARG D 192 57.13 4.78 18.38
CA ARG D 192 56.08 5.68 17.95
C ARG D 192 56.65 7.08 17.73
N ASN D 193 56.34 7.67 16.57
CA ASN D 193 56.80 9.00 16.19
C ASN D 193 55.62 9.91 15.93
N TYR D 194 55.65 11.10 16.50
CA TYR D 194 54.56 12.06 16.42
C TYR D 194 55.05 13.35 15.78
N GLU D 195 54.24 13.96 14.95
CA GLU D 195 54.55 15.26 14.38
C GLU D 195 53.30 16.13 14.35
N THR D 196 53.52 17.44 14.34
CA THR D 196 52.43 18.41 14.33
C THR D 196 52.15 18.79 12.87
N LEU D 197 50.98 18.42 12.39
CA LEU D 197 50.60 18.55 11.00
C LEU D 197 49.75 19.79 10.78
N MET E 1 48.62 -23.08 -26.23
CA MET E 1 49.25 -23.33 -24.94
C MET E 1 48.50 -24.37 -24.12
N ILE E 2 47.55 -25.08 -24.72
CA ILE E 2 46.75 -26.04 -23.96
C ILE E 2 47.57 -27.30 -23.65
N PHE E 3 48.29 -27.80 -24.66
CA PHE E 3 49.08 -29.02 -24.46
C PHE E 3 50.26 -28.76 -23.52
N GLU E 4 50.87 -27.58 -23.59
CA GLU E 4 52.10 -27.32 -22.85
C GLU E 4 51.83 -27.09 -21.36
N VAL E 5 50.68 -26.50 -21.03
CA VAL E 5 50.30 -26.34 -19.63
C VAL E 5 49.98 -27.69 -18.99
N LEU E 6 49.29 -28.57 -19.73
CA LEU E 6 48.89 -29.85 -19.17
C LEU E 6 50.07 -30.82 -19.11
N LYS E 7 51.04 -30.67 -20.00
CA LYS E 7 52.25 -31.47 -19.94
C LYS E 7 53.13 -31.06 -18.77
N ILE E 8 53.15 -29.77 -18.44
CA ILE E 8 53.88 -29.28 -17.27
C ILE E 8 53.22 -29.78 -15.99
N LEU E 9 51.89 -29.76 -15.94
CA LEU E 9 51.15 -30.22 -14.76
C LEU E 9 51.31 -31.72 -14.55
N THR E 10 51.48 -32.49 -15.62
CA THR E 10 51.66 -33.93 -15.50
C THR E 10 53.01 -34.26 -14.88
N ASP E 11 54.03 -33.44 -15.15
CA ASP E 11 55.37 -33.69 -14.62
C ASP E 11 55.46 -33.36 -13.14
N GLU E 12 54.69 -32.37 -12.67
CA GLU E 12 54.74 -31.99 -11.26
C GLU E 12 54.13 -33.06 -10.36
N VAL E 13 53.08 -33.72 -10.83
CA VAL E 13 52.46 -34.78 -10.05
C VAL E 13 53.35 -36.03 -10.04
N ASN E 14 54.03 -36.30 -11.16
CA ASN E 14 54.91 -37.45 -11.23
C ASN E 14 56.17 -37.27 -10.40
N GLN E 15 56.61 -36.02 -10.23
CA GLN E 15 57.75 -35.74 -9.36
C GLN E 15 57.38 -35.94 -7.89
N ASN E 16 56.14 -35.66 -7.53
CA ASN E 16 55.71 -35.82 -6.15
C ASN E 16 55.58 -37.29 -5.76
N PHE E 17 55.22 -38.14 -6.72
CA PHE E 17 55.19 -39.58 -6.46
C PHE E 17 56.59 -40.13 -6.28
N LYS E 18 57.58 -39.50 -6.89
CA LYS E 18 58.96 -39.96 -6.79
C LYS E 18 59.55 -39.66 -5.42
N GLY E 19 59.23 -38.50 -4.85
CA GLY E 19 59.75 -38.15 -3.54
C GLY E 19 59.14 -38.98 -2.41
N LEU E 20 57.96 -39.55 -2.64
CA LEU E 20 57.31 -40.43 -1.67
C LEU E 20 57.71 -41.88 -1.84
N GLU E 21 58.66 -42.17 -2.74
CA GLU E 21 59.18 -43.52 -3.03
C GLU E 21 58.07 -44.49 -3.44
N MET E 22 57.18 -44.05 -4.32
CA MET E 22 56.17 -44.91 -4.91
C MET E 22 56.47 -45.11 -6.38
N GLU E 23 56.85 -46.33 -6.74
CA GLU E 23 57.34 -46.66 -8.07
C GLU E 23 56.28 -47.27 -8.97
N ASP E 24 55.02 -47.33 -8.53
CA ASP E 24 53.94 -47.88 -9.33
C ASP E 24 52.99 -46.82 -9.88
N SER E 25 52.93 -45.66 -9.26
CA SER E 25 51.95 -44.64 -9.61
C SER E 25 52.53 -43.70 -10.66
N GLU E 26 51.88 -43.61 -11.82
CA GLU E 26 52.24 -42.63 -12.84
C GLU E 26 50.98 -42.05 -13.46
N VAL E 27 51.01 -40.76 -13.75
CA VAL E 27 49.91 -40.06 -14.39
C VAL E 27 50.20 -39.98 -15.89
N VAL E 28 49.17 -40.18 -16.71
CA VAL E 28 49.25 -40.16 -18.16
C VAL E 28 48.18 -39.21 -18.69
N LEU E 29 48.53 -38.43 -19.71
CA LEU E 29 47.59 -37.60 -20.46
C LEU E 29 46.94 -38.42 -21.58
N ASN E 30 45.66 -38.73 -21.41
CA ASN E 30 44.84 -39.31 -22.47
C ASN E 30 43.40 -38.99 -22.14
N ASN E 31 42.45 -39.57 -22.87
CA ASN E 31 41.04 -39.28 -22.62
C ASN E 31 40.33 -40.45 -21.96
N VAL E 32 39.49 -40.13 -20.97
CA VAL E 32 38.87 -41.11 -20.09
C VAL E 32 37.80 -41.92 -20.82
N ALA E 33 37.18 -41.33 -21.84
CA ALA E 33 36.04 -41.95 -22.50
C ALA E 33 36.37 -43.23 -23.27
N LEU E 34 37.66 -43.50 -23.52
CA LEU E 34 38.08 -44.69 -24.23
C LEU E 34 38.67 -45.77 -23.33
N ILE E 35 38.31 -45.82 -22.04
CA ILE E 35 38.86 -46.84 -21.14
C ILE E 35 38.41 -48.24 -21.54
N ASP E 36 37.13 -48.41 -21.84
CA ASP E 36 36.62 -49.70 -22.25
C ASP E 36 36.18 -49.74 -23.71
N SER E 37 36.80 -48.92 -24.58
CA SER E 37 36.40 -48.87 -25.98
C SER E 37 36.86 -50.09 -26.75
N GLN E 38 37.94 -50.74 -26.28
CA GLN E 38 38.48 -52.00 -26.83
C GLN E 38 38.93 -51.81 -28.28
N GLN E 39 39.44 -50.62 -28.61
CA GLN E 39 40.05 -50.36 -29.91
C GLN E 39 41.37 -49.61 -29.70
N ASP E 40 42.45 -50.37 -29.44
CA ASP E 40 43.85 -49.99 -29.67
C ASP E 40 44.40 -48.91 -28.73
N VAL E 41 43.53 -48.29 -27.93
CA VAL E 41 43.95 -47.23 -27.01
C VAL E 41 43.86 -47.69 -25.56
N ALA E 42 43.04 -48.71 -25.31
CA ALA E 42 42.74 -49.14 -23.94
C ALA E 42 43.93 -49.84 -23.29
N THR E 43 44.84 -50.38 -24.09
CA THR E 43 46.00 -51.08 -23.52
C THR E 43 47.00 -50.12 -22.91
N GLU E 44 47.00 -48.86 -23.34
CA GLU E 44 47.85 -47.85 -22.72
C GLU E 44 47.25 -47.34 -21.42
N LEU E 45 45.94 -47.49 -21.24
CA LEU E 45 45.27 -46.86 -20.10
C LEU E 45 45.30 -47.76 -18.86
N GLN E 46 45.61 -49.04 -19.02
CA GLN E 46 45.48 -49.99 -17.93
C GLN E 46 46.53 -49.77 -16.85
N ASN E 47 46.09 -49.83 -15.58
CA ASN E 47 46.93 -49.71 -14.38
C ASN E 47 47.63 -48.36 -14.31
N LYS E 48 46.88 -47.28 -14.52
CA LYS E 48 47.43 -45.93 -14.52
C LYS E 48 46.39 -44.94 -14.02
N VAL E 49 46.85 -43.73 -13.69
CA VAL E 49 45.98 -42.59 -13.42
C VAL E 49 45.96 -41.74 -14.69
N ILE E 50 44.76 -41.31 -15.09
CA ILE E 50 44.55 -40.62 -16.36
C ILE E 50 44.06 -39.20 -16.09
N LEU E 51 44.71 -38.23 -16.72
CA LEU E 51 44.31 -36.83 -16.66
C LEU E 51 43.73 -36.39 -18.00
N SER E 52 42.57 -35.74 -17.95
CA SER E 52 41.85 -35.40 -19.17
C SER E 52 41.18 -34.04 -19.02
N MET E 53 40.84 -33.43 -20.14
CA MET E 53 40.14 -32.15 -20.20
C MET E 53 38.69 -32.39 -20.60
N ILE E 54 37.75 -31.86 -19.81
CA ILE E 54 36.35 -32.18 -20.07
C ILE E 54 35.54 -30.96 -20.53
N ASN E 55 36.02 -29.75 -20.27
CA ASN E 55 35.25 -28.56 -20.67
C ASN E 55 36.17 -27.35 -20.85
N LEU E 56 35.66 -26.35 -21.58
CA LEU E 56 36.32 -25.06 -21.80
C LEU E 56 35.34 -23.93 -21.58
N ARG E 57 35.80 -22.88 -20.88
CA ARG E 57 35.01 -21.66 -20.70
C ARG E 57 35.89 -20.45 -21.03
N GLU E 58 35.27 -19.28 -21.05
CA GLU E 58 35.95 -18.02 -21.34
C GLU E 58 35.78 -17.06 -20.17
N GLU E 59 36.87 -16.42 -19.77
CA GLU E 59 36.82 -15.41 -18.71
C GLU E 59 36.20 -14.12 -19.22
N VAL E 60 35.13 -13.68 -18.54
CA VAL E 60 34.30 -12.57 -19.03
C VAL E 60 34.80 -11.21 -18.58
N THR E 61 35.44 -11.12 -17.40
CA THR E 61 35.84 -9.83 -16.85
C THR E 61 36.97 -9.16 -17.65
N MET E 62 37.71 -9.93 -18.46
CA MET E 62 38.82 -9.40 -19.23
C MET E 62 38.54 -9.33 -20.72
N LYS E 63 37.27 -9.43 -21.14
CA LYS E 63 36.96 -9.66 -22.54
C LYS E 63 37.10 -8.39 -23.38
N ASN E 64 36.76 -7.24 -22.82
CA ASN E 64 36.76 -5.99 -23.55
C ASN E 64 38.01 -5.14 -23.30
N PHE E 65 39.12 -5.75 -22.93
CA PHE E 65 40.35 -5.00 -22.70
C PHE E 65 41.05 -4.73 -24.03
N PRO E 66 41.61 -3.54 -24.22
CA PRO E 66 42.34 -3.25 -25.45
C PRO E 66 43.79 -3.73 -25.41
N ASN E 67 44.45 -3.67 -26.58
CA ASN E 67 45.78 -4.25 -26.75
C ASN E 67 46.68 -3.43 -27.69
N ASN E 68 46.53 -2.11 -27.71
CA ASN E 68 47.36 -1.28 -28.58
C ASN E 68 48.66 -0.87 -27.89
N VAL E 69 49.68 -0.55 -28.69
CA VAL E 69 51.01 -0.21 -28.20
C VAL E 69 51.40 1.16 -28.74
N LEU E 70 51.86 2.05 -27.85
CA LEU E 70 52.33 3.38 -28.20
C LEU E 70 53.83 3.46 -27.98
N GLU E 71 54.56 3.98 -28.96
CA GLU E 71 56.01 4.14 -28.87
C GLU E 71 56.47 5.31 -29.76
N GLY E 72 57.10 6.31 -29.16
CA GLY E 72 57.57 7.47 -29.91
C GLY E 72 56.42 8.37 -30.33
N THR E 73 56.21 8.48 -31.63
CA THR E 73 55.07 9.17 -32.22
C THR E 73 54.37 8.23 -33.20
N LYS E 74 54.11 7.00 -32.75
CA LYS E 74 53.66 5.92 -33.60
C LYS E 74 52.85 4.93 -32.78
N VAL E 75 51.77 4.41 -33.37
CA VAL E 75 50.90 3.46 -32.69
C VAL E 75 50.70 2.23 -33.57
N THR E 76 50.80 1.04 -32.98
CA THR E 76 50.51 -0.22 -33.66
C THR E 76 49.24 -0.83 -33.07
N TYR E 77 48.37 -1.34 -33.93
CA TYR E 77 47.07 -1.87 -33.53
C TYR E 77 47.09 -3.39 -33.52
N LYS E 78 46.55 -3.99 -32.46
CA LYS E 78 46.43 -5.45 -32.33
C LYS E 78 45.05 -5.81 -31.82
N ASN E 79 44.68 -7.09 -32.01
CA ASN E 79 43.42 -7.64 -31.51
C ASN E 79 43.52 -7.98 -30.02
N PRO E 80 42.40 -7.94 -29.29
CA PRO E 80 42.42 -8.31 -27.87
C PRO E 80 42.68 -9.79 -27.65
N LYS E 81 43.34 -10.10 -26.54
CA LYS E 81 43.71 -11.46 -26.18
C LYS E 81 42.51 -12.26 -25.68
N LEU E 82 42.40 -13.45 -25.82
CA LEU E 82 41.44 -14.51 -25.51
C LEU E 82 41.75 -15.09 -24.14
N ASN E 83 41.21 -15.28 -23.12
CA ASN E 83 41.54 -15.94 -21.86
C ASN E 83 40.58 -17.10 -21.58
N ILE E 84 41.12 -18.26 -21.19
CA ILE E 84 40.41 -19.53 -21.14
C ILE E 84 40.58 -20.19 -19.77
N ASN E 85 39.48 -20.66 -19.19
CA ASN E 85 39.49 -21.55 -18.02
C ASN E 85 39.26 -22.99 -18.47
N LEU E 86 39.84 -23.94 -17.72
CA LEU E 86 39.69 -25.37 -18.01
C LEU E 86 38.99 -26.09 -16.87
N PHE E 87 38.40 -27.25 -17.18
CA PHE E 87 37.87 -28.18 -16.20
C PHE E 87 38.49 -29.55 -16.43
N LEU E 88 39.12 -30.11 -15.39
CA LEU E 88 39.94 -31.30 -15.51
C LEU E 88 39.45 -32.41 -14.59
N ILE E 89 39.86 -33.65 -14.90
CA ILE E 89 39.55 -34.81 -14.09
C ILE E 89 40.83 -35.62 -13.88
N PHE E 90 41.00 -36.15 -12.68
CA PHE E 90 41.98 -37.20 -12.40
C PHE E 90 41.21 -38.48 -12.14
N CYS E 91 41.38 -39.47 -13.02
CA CYS E 91 40.64 -40.72 -12.94
C CYS E 91 41.61 -41.86 -12.66
N ALA E 92 41.42 -42.52 -11.52
CA ALA E 92 42.29 -43.62 -11.12
C ALA E 92 41.77 -44.94 -11.69
N ASN E 93 42.65 -45.69 -12.33
CA ASN E 93 42.32 -46.92 -13.06
C ASN E 93 43.32 -48.01 -12.72
N ARG E 94 43.60 -48.21 -11.44
CA ARG E 94 44.56 -49.22 -11.01
C ARG E 94 43.92 -50.61 -11.07
N THR E 95 44.78 -51.63 -10.98
CA THR E 95 44.29 -53.00 -10.99
C THR E 95 43.52 -53.33 -9.72
N GLY E 96 44.01 -52.87 -8.58
CA GLY E 96 43.33 -53.07 -7.30
C GLY E 96 42.53 -51.83 -6.93
N TYR E 97 41.35 -52.06 -6.37
CA TYR E 97 40.48 -50.95 -5.98
C TYR E 97 41.05 -50.21 -4.78
N LYS E 98 41.78 -50.94 -3.93
CA LYS E 98 42.40 -50.37 -2.75
C LYS E 98 43.55 -49.45 -3.15
N LYS E 99 44.22 -49.76 -4.25
CA LYS E 99 45.33 -48.95 -4.72
C LYS E 99 44.86 -47.64 -5.35
N SER E 100 43.66 -47.65 -5.94
CA SER E 100 43.12 -46.42 -6.52
C SER E 100 42.74 -45.42 -5.45
N LEU E 101 42.25 -45.89 -4.30
CA LEU E 101 41.86 -45.00 -3.22
C LEU E 101 43.07 -44.41 -2.52
N SER E 102 44.22 -45.07 -2.61
CA SER E 102 45.44 -44.54 -2.02
C SER E 102 46.05 -43.45 -2.91
N ASP E 103 45.93 -43.59 -4.23
CA ASP E 103 46.48 -42.59 -5.14
C ASP E 103 45.64 -41.32 -5.13
N LEU E 104 44.34 -41.44 -4.89
CA LEU E 104 43.48 -40.26 -4.86
C LEU E 104 43.75 -39.41 -3.61
N SER E 105 44.16 -40.03 -2.52
CA SER E 105 44.53 -39.28 -1.34
C SER E 105 45.80 -38.48 -1.55
N ARG E 106 46.76 -39.06 -2.29
CA ARG E 106 48.02 -38.38 -2.57
C ARG E 106 47.82 -37.16 -3.46
N ILE E 107 46.91 -37.26 -4.44
CA ILE E 107 46.64 -36.13 -5.32
C ILE E 107 45.90 -35.02 -4.57
N LEU E 108 45.00 -35.39 -3.67
CA LEU E 108 44.33 -34.41 -2.81
C LEU E 108 45.31 -33.77 -1.83
N GLU E 109 46.31 -34.53 -1.36
CA GLU E 109 47.28 -33.99 -0.43
C GLU E 109 48.25 -33.04 -1.12
N PHE E 110 48.56 -33.32 -2.39
CA PHE E 110 49.55 -32.52 -3.12
C PHE E 110 49.02 -31.13 -3.43
N PHE E 111 47.76 -31.02 -3.85
CA PHE E 111 47.22 -29.71 -4.22
C PHE E 111 46.77 -28.92 -3.00
N GLN E 112 46.64 -29.58 -1.85
CA GLN E 112 46.40 -28.87 -0.60
C GLN E 112 47.62 -28.04 -0.20
N HIS E 113 48.81 -28.49 -0.57
CA HIS E 113 50.04 -27.82 -0.13
C HIS E 113 50.56 -26.82 -1.16
N LYS E 114 50.40 -27.09 -2.45
CA LYS E 114 50.93 -26.24 -3.51
C LYS E 114 49.82 -25.97 -4.52
N SER E 115 49.47 -24.69 -4.68
CA SER E 115 48.38 -24.34 -5.59
C SER E 115 48.76 -23.32 -6.68
N VAL E 116 49.96 -22.73 -6.65
CA VAL E 116 50.38 -21.73 -7.64
C VAL E 116 51.60 -22.27 -8.37
N PHE E 117 51.59 -22.16 -9.70
CA PHE E 117 52.62 -22.72 -10.56
C PHE E 117 53.11 -21.66 -11.54
N THR E 118 54.41 -21.40 -11.54
CA THR E 118 55.01 -20.39 -12.39
C THR E 118 56.19 -20.99 -13.16
N GLN E 119 56.82 -20.16 -13.99
CA GLN E 119 57.97 -20.59 -14.78
C GLN E 119 59.21 -20.76 -13.91
N SER E 120 59.22 -20.14 -12.74
CA SER E 120 60.33 -20.32 -11.79
C SER E 120 60.07 -21.44 -10.80
N ASN E 121 58.79 -21.80 -10.62
CA ASN E 121 58.41 -22.79 -9.60
C ASN E 121 58.71 -24.21 -10.04
N THR E 122 58.45 -24.51 -11.30
CA THR E 122 58.28 -25.89 -11.76
C THR E 122 59.62 -26.50 -12.15
N SER E 123 59.62 -27.83 -12.28
CA SER E 123 60.83 -28.59 -12.54
C SER E 123 60.80 -29.35 -13.88
N PHE E 124 59.97 -28.93 -14.83
CA PHE E 124 59.96 -29.56 -16.14
C PHE E 124 61.24 -29.26 -16.91
N ASP E 125 61.53 -30.10 -17.90
CA ASP E 125 62.76 -29.97 -18.68
C ASP E 125 62.59 -28.88 -19.73
N ARG E 126 63.35 -27.80 -19.59
CA ARG E 126 63.23 -26.67 -20.51
C ARG E 126 63.87 -26.99 -21.85
N ASP E 127 64.80 -27.93 -21.89
CA ASP E 127 65.59 -28.18 -23.09
C ASP E 127 64.83 -29.00 -24.14
N LEU E 128 63.69 -29.59 -23.74
CA LEU E 128 62.94 -30.48 -24.62
C LEU E 128 62.38 -29.72 -25.83
N GLU E 129 62.36 -30.40 -26.98
CA GLU E 129 62.09 -29.73 -28.24
C GLU E 129 60.61 -29.40 -28.42
N GLU E 130 59.72 -30.20 -27.82
CA GLU E 130 58.29 -29.91 -27.90
C GLU E 130 57.89 -28.72 -27.06
N MET E 131 58.74 -28.32 -26.11
CA MET E 131 58.48 -27.20 -25.21
C MET E 131 59.24 -25.94 -25.58
N GLU E 132 59.46 -25.69 -26.88
CA GLU E 132 60.28 -24.55 -27.27
C GLU E 132 59.48 -23.25 -27.38
N ASN E 133 58.16 -23.30 -27.27
CA ASN E 133 57.35 -22.10 -27.43
C ASN E 133 56.94 -21.45 -26.11
N VAL E 134 57.22 -22.06 -24.96
CA VAL E 134 56.71 -21.55 -23.69
C VAL E 134 57.67 -20.50 -23.13
N LYS E 135 57.12 -19.35 -22.68
CA LYS E 135 57.96 -18.33 -22.07
C LYS E 135 57.63 -18.03 -20.61
N ASN E 136 56.43 -17.52 -20.35
CA ASN E 136 56.02 -17.03 -19.02
C ASN E 136 54.59 -17.49 -18.74
N PHE E 137 54.34 -18.04 -17.56
CA PHE E 137 53.00 -18.48 -17.22
C PHE E 137 52.75 -18.40 -15.72
N ARG E 138 51.47 -18.39 -15.36
CA ARG E 138 51.02 -18.45 -13.98
C ARG E 138 49.59 -18.98 -13.96
N PHE E 139 49.36 -20.08 -13.25
CA PHE E 139 48.01 -20.60 -13.11
C PHE E 139 47.80 -21.18 -11.71
N THR E 140 46.54 -21.21 -11.29
CA THR E 140 46.15 -21.77 -10.00
C THR E 140 45.24 -22.99 -10.20
N MET E 141 45.24 -23.87 -9.20
CA MET E 141 44.41 -25.07 -9.18
C MET E 141 43.43 -24.97 -8.02
N GLU E 142 42.17 -25.33 -8.27
CA GLU E 142 41.13 -25.22 -7.27
C GLU E 142 40.20 -26.41 -7.35
N LEU E 143 39.94 -27.04 -6.19
CA LEU E 143 39.15 -28.26 -6.13
C LEU E 143 37.68 -27.97 -6.39
N PHE E 144 37.04 -28.84 -7.18
CA PHE E 144 35.66 -28.68 -7.60
C PHE E 144 34.89 -29.97 -7.27
N THR E 145 33.80 -29.85 -6.53
CA THR E 145 33.00 -31.00 -6.13
C THR E 145 31.57 -30.85 -6.64
N PRO E 146 31.11 -31.70 -7.56
CA PRO E 146 29.76 -31.53 -8.12
C PRO E 146 28.67 -32.25 -7.33
N THR E 147 27.43 -31.83 -7.58
CA THR E 147 26.26 -32.49 -7.01
C THR E 147 25.91 -33.75 -7.81
N PHE E 148 24.85 -34.43 -7.37
CA PHE E 148 24.47 -35.70 -8.00
C PHE E 148 23.90 -35.48 -9.40
N GLU E 149 23.24 -34.35 -9.62
CA GLU E 149 22.74 -34.04 -10.95
C GLU E 149 23.87 -33.72 -11.92
N GLU E 150 24.94 -33.07 -11.42
CA GLU E 150 26.07 -32.71 -12.27
C GLU E 150 26.92 -33.93 -12.61
N LEU E 151 27.07 -34.89 -11.67
CA LEU E 151 27.79 -36.12 -11.96
C LEU E 151 27.12 -36.95 -13.04
N ASN E 152 25.79 -36.89 -13.11
CA ASN E 152 25.07 -37.60 -14.14
C ASN E 152 25.32 -36.98 -15.52
N TYR E 153 25.47 -35.66 -15.57
CA TYR E 153 25.79 -34.99 -16.83
C TYR E 153 27.21 -35.32 -17.30
N ILE E 154 28.16 -35.36 -16.37
CA ILE E 154 29.56 -35.54 -16.72
C ILE E 154 29.83 -36.96 -17.19
N TRP E 155 29.40 -37.96 -16.41
CA TRP E 155 29.60 -39.35 -16.80
C TRP E 155 28.63 -39.80 -17.89
N GLY E 156 27.63 -38.97 -18.22
CA GLY E 156 26.77 -39.29 -19.34
C GLY E 156 27.46 -39.10 -20.69
N THR E 157 28.48 -38.25 -20.73
CA THR E 157 29.28 -38.04 -21.94
C THR E 157 30.58 -38.83 -21.94
N LEU E 158 30.82 -39.69 -20.95
CA LEU E 158 32.04 -40.47 -20.88
C LEU E 158 31.76 -41.97 -20.84
N GLY E 159 30.52 -42.40 -21.10
CA GLY E 159 30.23 -43.82 -21.06
C GLY E 159 29.10 -44.32 -20.17
N GLY E 160 28.96 -43.77 -18.97
CA GLY E 160 27.89 -44.18 -18.08
C GLY E 160 28.26 -45.15 -16.96
N ARG E 161 29.56 -45.34 -16.78
CA ARG E 161 30.14 -46.22 -15.77
C ARG E 161 31.29 -45.46 -15.11
N GLN E 162 31.08 -45.02 -13.88
CA GLN E 162 32.03 -44.14 -13.22
C GLN E 162 33.22 -44.91 -12.65
N TYR E 163 34.24 -44.16 -12.27
CA TYR E 163 35.47 -44.62 -11.66
C TYR E 163 35.79 -43.66 -10.53
N PRO E 164 36.64 -44.05 -9.58
CA PRO E 164 37.04 -43.09 -8.52
C PRO E 164 37.83 -41.93 -9.09
N SER E 165 37.38 -40.72 -8.76
CA SER E 165 37.78 -39.54 -9.51
C SER E 165 37.74 -38.30 -8.63
N VAL E 166 38.55 -37.31 -8.99
CA VAL E 166 38.49 -35.97 -8.43
C VAL E 166 38.49 -34.97 -9.57
N PHE E 167 37.89 -33.80 -9.33
CA PHE E 167 37.71 -32.78 -10.35
C PHE E 167 38.40 -31.49 -9.95
N TYR E 168 39.04 -30.83 -10.91
CA TYR E 168 39.76 -29.60 -10.65
C TYR E 168 39.44 -28.55 -11.70
N LYS E 169 39.65 -27.28 -11.33
CA LYS E 169 39.38 -26.15 -12.20
C LYS E 169 40.64 -25.30 -12.33
N LEU E 170 41.12 -25.16 -13.57
CA LEU E 170 42.36 -24.44 -13.87
C LEU E 170 42.06 -23.04 -14.36
N ASN E 171 42.87 -22.07 -13.95
CA ASN E 171 42.59 -20.66 -14.23
C ASN E 171 43.61 -20.05 -15.19
N LEU E 172 43.09 -19.35 -16.22
CA LEU E 172 43.83 -18.42 -17.07
C LEU E 172 44.98 -18.99 -17.89
N ILE E 173 44.65 -19.71 -18.96
CA ILE E 173 45.54 -19.89 -20.10
C ILE E 173 45.33 -18.73 -21.06
N VAL E 174 46.42 -18.07 -21.46
CA VAL E 174 46.36 -16.90 -22.34
C VAL E 174 46.67 -17.35 -23.77
N ILE E 175 45.75 -17.05 -24.69
CA ILE E 175 45.90 -17.39 -26.11
C ILE E 175 45.90 -16.10 -26.91
N ASP E 176 46.96 -15.88 -27.69
CA ASP E 176 47.16 -14.61 -28.39
C ASP E 176 48.16 -14.80 -29.51
N ARG E 177 47.80 -14.40 -30.73
CA ARG E 177 48.68 -14.55 -31.88
C ARG E 177 49.71 -13.42 -31.92
N ASP E 178 49.37 -12.26 -31.38
CA ASP E 178 50.23 -11.08 -31.23
C ASP E 178 50.64 -10.51 -32.60
N ALA E 179 49.72 -10.50 -33.56
CA ALA E 179 50.00 -9.99 -34.89
C ALA E 179 49.54 -8.54 -35.05
N THR E 180 50.18 -7.84 -35.98
CA THR E 180 49.95 -6.42 -36.22
C THR E 180 48.92 -6.25 -37.33
N THR E 181 47.94 -5.37 -37.11
CA THR E 181 46.97 -5.08 -38.16
C THR E 181 47.27 -3.75 -38.87
N SER E 182 47.82 -2.76 -38.16
CA SER E 182 47.98 -1.43 -38.72
C SER E 182 49.02 -0.64 -37.94
N GLU E 183 49.55 0.40 -38.59
CA GLU E 183 50.46 1.37 -37.97
C GLU E 183 50.14 2.77 -38.46
N GLU E 184 50.13 3.74 -37.55
CA GLU E 184 49.81 5.13 -37.87
C GLU E 184 50.63 6.05 -36.97
N GLY E 185 50.66 7.34 -37.32
CA GLY E 185 51.34 8.34 -36.52
C GLY E 185 50.35 9.13 -35.66
N VAL E 186 50.86 9.65 -34.54
CA VAL E 186 50.01 10.31 -33.55
C VAL E 186 49.73 11.75 -33.94
N ILE E 187 48.85 12.39 -33.18
CA ILE E 187 48.42 13.77 -33.41
C ILE E 187 49.55 14.72 -33.02
N THR E 188 49.95 15.59 -33.95
CA THR E 188 50.95 16.61 -33.66
C THR E 188 50.56 18.03 -34.08
N ASN E 189 49.47 18.24 -34.80
CA ASN E 189 49.03 19.57 -35.20
C ASN E 189 47.53 19.70 -34.98
N ILE E 190 47.10 20.80 -34.34
CA ILE E 190 45.69 21.05 -34.05
C ILE E 190 45.31 22.41 -34.63
N HIS E 191 44.20 22.44 -35.37
CA HIS E 191 43.70 23.66 -36.00
C HIS E 191 42.24 23.85 -35.60
N ARG E 192 41.88 25.08 -35.23
CA ARG E 192 40.53 25.40 -34.79
C ARG E 192 39.99 26.58 -35.59
N ASN E 193 38.77 26.43 -36.12
CA ASN E 193 38.11 27.45 -36.92
C ASN E 193 36.79 27.83 -36.28
N TYR E 194 36.54 29.13 -36.16
CA TYR E 194 35.36 29.66 -35.50
C TYR E 194 34.58 30.53 -36.47
N GLU E 195 33.26 30.45 -36.39
CA GLU E 195 32.40 31.32 -37.19
C GLU E 195 31.23 31.78 -36.34
N THR E 196 30.65 32.92 -36.73
CA THR E 196 29.51 33.50 -36.03
C THR E 196 28.25 33.03 -36.73
N LEU E 197 27.46 32.23 -36.02
CA LEU E 197 26.29 31.57 -36.55
C LEU E 197 25.01 32.32 -36.21
N MET F 1 23.28 -22.53 -50.34
CA MET F 1 24.59 -21.96 -50.04
C MET F 1 25.23 -22.57 -48.80
N ILE F 2 24.67 -23.67 -48.29
CA ILE F 2 25.20 -24.25 -47.06
C ILE F 2 26.51 -24.99 -47.33
N PHE F 3 26.55 -25.76 -48.41
CA PHE F 3 27.76 -26.52 -48.73
C PHE F 3 28.90 -25.59 -49.15
N GLU F 4 28.58 -24.51 -49.87
CA GLU F 4 29.62 -23.67 -50.44
C GLU F 4 30.29 -22.78 -49.39
N VAL F 5 29.54 -22.36 -48.38
CA VAL F 5 30.12 -21.59 -47.28
C VAL F 5 31.04 -22.47 -46.44
N LEU F 6 30.64 -23.72 -46.19
CA LEU F 6 31.44 -24.59 -45.34
C LEU F 6 32.66 -25.13 -46.08
N LYS F 7 32.56 -25.25 -47.41
CA LYS F 7 33.71 -25.65 -48.20
C LYS F 7 34.74 -24.53 -48.27
N ILE F 8 34.29 -23.28 -48.30
CA ILE F 8 35.19 -22.12 -48.27
C ILE F 8 35.88 -22.04 -46.92
N LEU F 9 35.14 -22.27 -45.83
CA LEU F 9 35.70 -22.22 -44.48
C LEU F 9 36.72 -23.33 -44.25
N THR F 10 36.54 -24.48 -44.89
CA THR F 10 37.47 -25.59 -44.73
C THR F 10 38.81 -25.28 -45.39
N ASP F 11 38.79 -24.52 -46.49
CA ASP F 11 40.01 -24.18 -47.20
C ASP F 11 40.84 -23.14 -46.45
N GLU F 12 40.18 -22.24 -45.72
CA GLU F 12 40.91 -21.19 -44.99
C GLU F 12 41.68 -21.76 -43.81
N VAL F 13 41.13 -22.77 -43.14
CA VAL F 13 41.83 -23.39 -42.03
C VAL F 13 42.98 -24.25 -42.53
N ASN F 14 42.80 -24.90 -43.69
CA ASN F 14 43.86 -25.73 -44.25
C ASN F 14 45.01 -24.89 -44.79
N GLN F 15 44.73 -23.66 -45.24
CA GLN F 15 45.79 -22.76 -45.67
C GLN F 15 46.61 -22.27 -44.48
N ASN F 16 45.97 -22.11 -43.33
CA ASN F 16 46.69 -21.63 -42.15
C ASN F 16 47.62 -22.70 -41.58
N PHE F 17 47.25 -23.97 -41.73
CA PHE F 17 48.15 -25.05 -41.32
C PHE F 17 49.36 -25.13 -42.25
N LYS F 18 49.20 -24.70 -43.50
CA LYS F 18 50.31 -24.75 -44.46
C LYS F 18 51.36 -23.69 -44.16
N GLY F 19 50.92 -22.49 -43.76
CA GLY F 19 51.87 -21.44 -43.44
C GLY F 19 52.67 -21.69 -42.18
N LEU F 20 52.14 -22.52 -41.29
CA LEU F 20 52.84 -22.91 -40.07
C LEU F 20 53.73 -24.13 -40.25
N GLU F 21 53.85 -24.63 -41.49
CA GLU F 21 54.66 -25.80 -41.85
C GLU F 21 54.28 -27.05 -41.06
N MET F 22 52.98 -27.31 -40.94
CA MET F 22 52.47 -28.53 -40.35
C MET F 22 51.82 -29.38 -41.43
N GLU F 23 52.45 -30.51 -41.73
CA GLU F 23 52.06 -31.35 -42.86
C GLU F 23 51.19 -32.53 -42.46
N ASP F 24 50.80 -32.62 -41.19
CA ASP F 24 49.95 -33.71 -40.71
C ASP F 24 48.51 -33.30 -40.44
N SER F 25 48.26 -32.01 -40.22
CA SER F 25 46.94 -31.55 -39.81
C SER F 25 46.12 -31.16 -41.03
N GLU F 26 44.98 -31.81 -41.21
CA GLU F 26 44.02 -31.44 -42.25
C GLU F 26 42.60 -31.52 -41.71
N VAL F 27 41.76 -30.57 -42.11
CA VAL F 27 40.35 -30.54 -41.73
C VAL F 27 39.54 -31.17 -42.85
N VAL F 28 38.54 -31.95 -42.48
CA VAL F 28 37.65 -32.66 -43.40
C VAL F 28 36.21 -32.35 -43.01
N LEU F 29 35.35 -32.14 -44.02
CA LEU F 29 33.91 -32.01 -43.84
C LEU F 29 33.26 -33.40 -43.85
N ASN F 30 32.79 -33.83 -42.69
CA ASN F 30 31.96 -35.03 -42.57
C ASN F 30 31.17 -34.89 -41.28
N ASN F 31 30.47 -35.94 -40.87
CA ASN F 31 29.67 -35.86 -39.65
C ASN F 31 30.30 -36.66 -38.51
N VAL F 32 30.28 -36.07 -37.32
CA VAL F 32 30.99 -36.57 -36.15
C VAL F 32 30.34 -37.84 -35.60
N ALA F 33 29.02 -37.99 -35.81
CA ALA F 33 28.28 -39.08 -35.19
C ALA F 33 28.65 -40.46 -35.71
N LEU F 34 29.36 -40.55 -36.82
CA LEU F 34 29.77 -41.83 -37.39
C LEU F 34 31.24 -42.16 -37.17
N ILE F 35 31.88 -41.62 -36.11
CA ILE F 35 33.30 -41.91 -35.86
C ILE F 35 33.51 -43.37 -35.52
N ASP F 36 32.68 -43.93 -34.64
CA ASP F 36 32.80 -45.33 -34.28
C ASP F 36 31.64 -46.18 -34.78
N SER F 37 31.03 -45.81 -35.91
CA SER F 37 29.89 -46.55 -36.42
C SER F 37 30.30 -47.88 -37.05
N GLN F 38 31.56 -47.96 -37.53
CA GLN F 38 32.17 -49.18 -38.09
C GLN F 38 31.41 -49.66 -39.33
N GLN F 39 30.87 -48.72 -40.11
CA GLN F 39 30.27 -49.03 -41.40
C GLN F 39 30.77 -48.03 -42.44
N ASP F 40 31.93 -48.31 -43.03
CA ASP F 40 32.40 -47.81 -44.34
C ASP F 40 32.75 -46.33 -44.38
N VAL F 41 32.43 -45.58 -43.32
CA VAL F 41 32.70 -44.14 -43.29
C VAL F 41 33.80 -43.82 -42.29
N ALA F 42 34.03 -44.72 -41.32
CA ALA F 42 34.94 -44.45 -40.22
C ALA F 42 36.41 -44.46 -40.67
N THR F 43 36.70 -45.13 -41.79
CA THR F 43 38.08 -45.20 -42.25
C THR F 43 38.55 -43.87 -42.84
N GLU F 44 37.61 -43.03 -43.28
CA GLU F 44 37.97 -41.70 -43.76
C GLU F 44 38.18 -40.74 -42.59
N LEU F 45 37.62 -41.05 -41.43
CA LEU F 45 37.64 -40.08 -40.32
C LEU F 45 38.90 -40.20 -39.47
N GLN F 46 39.65 -41.29 -39.63
CA GLN F 46 40.77 -41.56 -38.72
C GLN F 46 41.93 -40.62 -38.96
N ASN F 47 42.51 -40.13 -37.85
CA ASN F 47 43.69 -39.24 -37.83
C ASN F 47 43.43 -37.92 -38.56
N LYS F 48 42.30 -37.27 -38.25
CA LYS F 48 41.91 -36.04 -38.91
C LYS F 48 41.13 -35.17 -37.94
N VAL F 49 40.97 -33.90 -38.29
CA VAL F 49 40.04 -32.99 -37.64
C VAL F 49 38.79 -32.91 -38.49
N ILE F 50 37.62 -32.99 -37.85
CA ILE F 50 36.34 -33.10 -38.53
C ILE F 50 35.49 -31.89 -38.21
N LEU F 51 34.95 -31.25 -39.26
CA LEU F 51 34.04 -30.13 -39.12
C LEU F 51 32.63 -30.56 -39.52
N SER F 52 31.65 -30.23 -38.67
CA SER F 52 30.29 -30.71 -38.88
C SER F 52 29.31 -29.62 -38.47
N MET F 53 28.08 -29.75 -38.95
CA MET F 53 26.97 -28.84 -38.64
C MET F 53 26.01 -29.55 -37.69
N ILE F 54 25.70 -28.91 -36.56
CA ILE F 54 24.90 -29.60 -35.55
C ILE F 54 23.52 -28.97 -35.38
N ASN F 55 23.31 -27.72 -35.79
CA ASN F 55 22.00 -27.09 -35.61
C ASN F 55 21.79 -25.97 -36.63
N LEU F 56 20.51 -25.61 -36.81
CA LEU F 56 20.08 -24.50 -37.67
C LEU F 56 19.06 -23.63 -36.94
N ARG F 57 19.22 -22.31 -37.07
CA ARG F 57 18.24 -21.36 -36.53
C ARG F 57 17.92 -20.34 -37.60
N GLU F 58 16.94 -19.48 -37.30
CA GLU F 58 16.48 -18.44 -38.21
C GLU F 58 16.62 -17.08 -37.54
N GLU F 59 17.17 -16.11 -38.28
CA GLU F 59 17.28 -14.75 -37.76
C GLU F 59 15.93 -14.05 -37.78
N VAL F 60 15.52 -13.55 -36.60
CA VAL F 60 14.17 -13.04 -36.40
C VAL F 60 14.02 -11.57 -36.75
N THR F 61 15.09 -10.77 -36.59
CA THR F 61 14.99 -9.33 -36.79
C THR F 61 14.79 -8.94 -38.25
N MET F 62 15.09 -9.84 -39.19
CA MET F 62 14.96 -9.55 -40.61
C MET F 62 13.83 -10.31 -41.28
N LYS F 63 12.90 -10.86 -40.50
CA LYS F 63 11.94 -11.83 -41.04
C LYS F 63 10.83 -11.15 -41.85
N ASN F 64 10.40 -9.98 -41.43
CA ASN F 64 9.27 -9.30 -42.06
C ASN F 64 9.71 -8.20 -43.03
N PHE F 65 10.90 -8.30 -43.60
CA PHE F 65 11.36 -7.30 -44.56
C PHE F 65 10.78 -7.59 -45.94
N PRO F 66 10.36 -6.57 -46.69
CA PRO F 66 9.84 -6.80 -48.04
C PRO F 66 10.95 -6.88 -49.08
N ASN F 67 10.55 -7.28 -50.30
CA ASN F 67 11.51 -7.58 -51.37
C ASN F 67 11.00 -7.18 -52.76
N ASN F 68 10.21 -6.12 -52.87
CA ASN F 68 9.71 -5.69 -54.17
C ASN F 68 10.69 -4.74 -54.85
N VAL F 69 10.59 -4.65 -56.18
CA VAL F 69 11.48 -3.84 -57.01
C VAL F 69 10.65 -2.89 -57.85
N LEU F 70 11.01 -1.60 -57.83
CA LEU F 70 10.37 -0.56 -58.62
C LEU F 70 11.33 -0.07 -59.69
N GLU F 71 10.85 0.02 -60.93
CA GLU F 71 11.65 0.50 -62.06
C GLU F 71 10.75 1.13 -63.13
N GLY F 72 10.96 2.40 -63.43
CA GLY F 72 10.15 3.09 -64.43
C GLY F 72 8.77 3.40 -63.90
N THR F 73 7.76 2.78 -64.52
CA THR F 73 6.37 2.83 -64.07
C THR F 73 5.84 1.40 -63.95
N LYS F 74 6.62 0.55 -63.28
CA LYS F 74 6.38 -0.88 -63.26
C LYS F 74 6.96 -1.46 -61.97
N VAL F 75 6.24 -2.41 -61.38
CA VAL F 75 6.67 -3.06 -60.14
C VAL F 75 6.64 -4.58 -60.31
N THR F 76 7.69 -5.25 -59.84
CA THR F 76 7.75 -6.70 -59.82
C THR F 76 7.71 -7.18 -58.37
N TYR F 77 6.93 -8.22 -58.11
CA TYR F 77 6.71 -8.74 -56.75
C TYR F 77 7.53 -10.00 -56.53
N LYS F 78 8.20 -10.09 -55.38
CA LYS F 78 8.98 -11.26 -54.98
C LYS F 78 8.71 -11.60 -53.52
N ASN F 79 9.03 -12.86 -53.14
CA ASN F 79 8.91 -13.31 -51.76
C ASN F 79 10.09 -12.82 -50.91
N PRO F 80 9.89 -12.65 -49.60
CA PRO F 80 10.99 -12.25 -48.72
C PRO F 80 12.06 -13.34 -48.57
N LYS F 81 13.30 -12.89 -48.39
CA LYS F 81 14.45 -13.79 -48.26
C LYS F 81 14.50 -14.44 -46.89
N LEU F 82 14.96 -15.53 -46.68
CA LEU F 82 15.16 -16.46 -45.58
C LEU F 82 16.51 -16.19 -44.92
N ASN F 83 16.95 -15.95 -43.86
CA ASN F 83 18.28 -15.80 -43.27
C ASN F 83 18.51 -16.83 -42.17
N ILE F 84 19.67 -17.49 -42.20
CA ILE F 84 19.94 -18.69 -41.39
C ILE F 84 21.26 -18.51 -40.63
N ASN F 85 21.24 -18.83 -39.33
CA ASN F 85 22.44 -19.00 -38.51
C ASN F 85 22.79 -20.47 -38.38
N LEU F 86 24.09 -20.78 -38.24
CA LEU F 86 24.57 -22.15 -38.07
C LEU F 86 25.26 -22.33 -36.72
N PHE F 87 25.33 -23.58 -36.27
CA PHE F 87 26.14 -23.97 -35.12
C PHE F 87 27.06 -25.11 -35.53
N LEU F 88 28.36 -24.92 -35.32
CA LEU F 88 29.39 -25.82 -35.86
C LEU F 88 30.26 -26.39 -34.75
N ILE F 89 30.94 -27.48 -35.06
CA ILE F 89 31.89 -28.12 -34.16
C ILE F 89 33.17 -28.43 -34.93
N PHE F 90 34.31 -28.24 -34.25
CA PHE F 90 35.59 -28.77 -34.70
C PHE F 90 35.98 -29.88 -33.75
N CYS F 91 36.04 -31.11 -34.24
CA CYS F 91 36.31 -32.28 -33.41
C CYS F 91 37.64 -32.90 -33.83
N ALA F 92 38.60 -32.91 -32.91
CA ALA F 92 39.93 -33.45 -33.19
C ALA F 92 39.96 -34.95 -32.90
N ASN F 93 40.45 -35.72 -33.87
CA ASN F 93 40.44 -37.19 -33.84
C ASN F 93 41.79 -37.73 -34.26
N ARG F 94 42.86 -37.18 -33.70
CA ARG F 94 44.20 -37.63 -34.05
C ARG F 94 44.53 -38.94 -33.36
N THR F 95 45.61 -39.58 -33.82
CA THR F 95 46.04 -40.84 -33.23
C THR F 95 46.58 -40.63 -31.81
N GLY F 96 47.33 -39.56 -31.60
CA GLY F 96 47.86 -39.23 -30.29
C GLY F 96 47.00 -38.17 -29.63
N TYR F 97 46.78 -38.33 -28.33
CA TYR F 97 45.96 -37.38 -27.59
C TYR F 97 46.67 -36.04 -27.44
N LYS F 98 47.99 -36.08 -27.41
CA LYS F 98 48.79 -34.87 -27.30
C LYS F 98 48.73 -34.06 -28.59
N LYS F 99 48.58 -34.75 -29.72
CA LYS F 99 48.50 -34.06 -31.00
C LYS F 99 47.14 -33.39 -31.21
N SER F 100 46.09 -33.93 -30.61
CA SER F 100 44.77 -33.31 -30.71
C SER F 100 44.71 -32.01 -29.93
N LEU F 101 45.40 -31.93 -28.80
CA LEU F 101 45.40 -30.72 -27.98
C LEU F 101 46.23 -29.61 -28.63
N SER F 102 47.18 -29.98 -29.49
CA SER F 102 47.97 -28.99 -30.20
C SER F 102 47.19 -28.39 -31.38
N ASP F 103 46.36 -29.20 -32.03
CA ASP F 103 45.57 -28.71 -33.17
C ASP F 103 44.44 -27.81 -32.70
N LEU F 104 43.91 -28.06 -31.50
CA LEU F 104 42.82 -27.22 -30.99
C LEU F 104 43.31 -25.84 -30.61
N SER F 105 44.57 -25.72 -30.18
CA SER F 105 45.14 -24.42 -29.90
C SER F 105 45.31 -23.59 -31.17
N ARG F 106 45.69 -24.25 -32.27
CA ARG F 106 45.88 -23.56 -33.54
C ARG F 106 44.57 -23.03 -34.11
N ILE F 107 43.48 -23.79 -33.94
CA ILE F 107 42.18 -23.35 -34.42
C ILE F 107 41.66 -22.19 -33.57
N LEU F 108 41.90 -22.24 -32.26
CA LEU F 108 41.56 -21.11 -31.39
C LEU F 108 42.40 -19.88 -31.68
N GLU F 109 43.65 -20.08 -32.08
CA GLU F 109 44.53 -18.95 -32.39
C GLU F 109 44.15 -18.31 -33.72
N PHE F 110 43.68 -19.11 -34.67
CA PHE F 110 43.35 -18.61 -36.00
C PHE F 110 42.13 -17.71 -35.99
N PHE F 111 41.08 -18.09 -35.25
CA PHE F 111 39.87 -17.28 -35.25
C PHE F 111 39.97 -16.10 -34.30
N GLN F 112 40.97 -16.10 -33.42
CA GLN F 112 41.25 -14.93 -32.60
C GLN F 112 41.77 -13.78 -33.46
N HIS F 113 42.45 -14.09 -34.56
CA HIS F 113 43.08 -13.07 -35.37
C HIS F 113 42.21 -12.63 -36.55
N LYS F 114 41.45 -13.54 -37.14
CA LYS F 114 40.63 -13.25 -38.31
C LYS F 114 39.22 -13.76 -38.08
N SER F 115 38.24 -12.84 -38.09
CA SER F 115 36.86 -13.23 -37.83
C SER F 115 35.86 -12.85 -38.92
N VAL F 116 36.25 -12.09 -39.95
CA VAL F 116 35.34 -11.67 -41.02
C VAL F 116 35.86 -12.23 -42.34
N PHE F 117 34.97 -12.81 -43.13
CA PHE F 117 35.30 -13.51 -44.36
C PHE F 117 34.41 -13.02 -45.49
N THR F 118 35.02 -12.52 -46.56
CA THR F 118 34.30 -11.98 -47.71
C THR F 118 34.80 -12.63 -48.99
N GLN F 119 34.19 -12.22 -50.12
CA GLN F 119 34.58 -12.74 -51.42
C GLN F 119 35.93 -12.19 -51.87
N SER F 120 36.37 -11.07 -51.28
CA SER F 120 37.68 -10.52 -51.59
C SER F 120 38.75 -11.02 -50.61
N ASN F 121 38.32 -11.49 -49.43
CA ASN F 121 39.25 -11.88 -48.38
C ASN F 121 39.89 -13.23 -48.65
N THR F 122 39.10 -14.18 -49.14
CA THR F 122 39.44 -15.60 -49.06
C THR F 122 40.29 -16.04 -50.25
N SER F 123 40.88 -17.22 -50.11
CA SER F 123 41.82 -17.74 -51.12
C SER F 123 41.35 -19.04 -51.75
N PHE F 124 40.05 -19.35 -51.72
CA PHE F 124 39.54 -20.53 -52.38
C PHE F 124 39.63 -20.41 -53.90
N ASP F 125 39.60 -21.55 -54.57
CA ASP F 125 39.75 -21.59 -56.03
C ASP F 125 38.42 -21.24 -56.69
N ARG F 126 38.38 -20.10 -57.38
CA ARG F 126 37.14 -19.64 -58.00
C ARG F 126 36.82 -20.45 -59.26
N ASP F 127 37.82 -21.08 -59.86
CA ASP F 127 37.64 -21.72 -61.16
C ASP F 127 36.97 -23.09 -61.03
N LEU F 128 36.89 -23.62 -59.81
CA LEU F 128 36.35 -24.97 -59.59
C LEU F 128 34.88 -25.05 -59.97
N GLU F 129 34.50 -26.21 -60.53
CA GLU F 129 33.19 -26.33 -61.16
C GLU F 129 32.06 -26.45 -60.14
N GLU F 130 32.35 -27.01 -58.96
CA GLU F 130 31.32 -27.11 -57.93
C GLU F 130 31.01 -25.76 -57.29
N MET F 131 31.89 -24.76 -57.47
CA MET F 131 31.73 -23.44 -56.91
C MET F 131 31.26 -22.41 -57.94
N GLU F 132 30.43 -22.81 -58.91
CA GLU F 132 30.07 -21.88 -59.97
C GLU F 132 28.87 -21.01 -59.62
N ASN F 133 28.21 -21.26 -58.49
CA ASN F 133 27.01 -20.51 -58.13
C ASN F 133 27.27 -19.38 -57.12
N VAL F 134 28.48 -19.25 -56.59
CA VAL F 134 28.73 -18.29 -55.51
C VAL F 134 29.08 -16.93 -56.10
N LYS F 135 28.46 -15.87 -55.60
CA LYS F 135 28.79 -14.52 -56.06
C LYS F 135 29.36 -13.60 -54.98
N ASN F 136 28.57 -13.29 -53.96
CA ASN F 136 28.92 -12.30 -52.93
C ASN F 136 28.52 -12.83 -51.56
N PHE F 137 29.43 -12.75 -50.59
CA PHE F 137 29.10 -13.24 -49.25
C PHE F 137 29.86 -12.45 -48.18
N ARG F 138 29.34 -12.53 -46.96
CA ARG F 138 29.99 -11.98 -45.77
C ARG F 138 29.47 -12.71 -44.54
N PHE F 139 30.36 -13.32 -43.77
CA PHE F 139 29.94 -13.97 -42.53
C PHE F 139 31.01 -13.79 -41.46
N THR F 140 30.57 -13.87 -40.20
CA THR F 140 31.45 -13.76 -39.05
C THR F 140 31.44 -15.07 -38.26
N MET F 141 32.53 -15.31 -37.53
CA MET F 141 32.69 -16.47 -36.67
C MET F 141 32.82 -16.01 -35.22
N GLU F 142 32.13 -16.69 -34.32
CA GLU F 142 32.11 -16.31 -32.91
C GLU F 142 32.15 -17.55 -32.03
N LEU F 143 33.05 -17.55 -31.05
CA LEU F 143 33.28 -18.70 -30.19
C LEU F 143 32.11 -18.90 -29.22
N PHE F 144 31.70 -20.15 -29.05
CA PHE F 144 30.57 -20.52 -28.21
C PHE F 144 31.01 -21.59 -27.22
N THR F 145 30.80 -21.34 -25.93
CA THR F 145 31.18 -22.28 -24.88
C THR F 145 29.96 -22.70 -24.07
N PRO F 146 29.56 -23.96 -24.11
CA PRO F 146 28.34 -24.39 -23.40
C PRO F 146 28.59 -24.82 -21.97
N THR F 147 27.50 -24.85 -21.19
CA THR F 147 27.54 -25.36 -19.81
C THR F 147 27.49 -26.88 -19.81
N PHE F 148 27.52 -27.46 -18.61
CA PHE F 148 27.56 -28.92 -18.47
C PHE F 148 26.24 -29.55 -18.88
N GLU F 149 25.12 -28.85 -18.67
CA GLU F 149 23.84 -29.37 -19.09
C GLU F 149 23.71 -29.35 -20.62
N GLU F 150 24.29 -28.34 -21.26
CA GLU F 150 24.23 -28.23 -22.72
C GLU F 150 25.13 -29.25 -23.41
N LEU F 151 26.30 -29.54 -22.83
CA LEU F 151 27.18 -30.58 -23.38
C LEU F 151 26.54 -31.96 -23.35
N ASN F 152 25.71 -32.21 -22.34
CA ASN F 152 25.01 -33.49 -22.26
C ASN F 152 23.96 -33.61 -23.36
N TYR F 153 23.33 -32.49 -23.73
CA TYR F 153 22.37 -32.49 -24.83
C TYR F 153 23.05 -32.72 -26.17
N ILE F 154 24.21 -32.09 -26.37
CA ILE F 154 24.89 -32.12 -27.67
C ILE F 154 25.48 -33.49 -27.94
N TRP F 155 26.24 -34.03 -26.98
CA TRP F 155 26.83 -35.35 -27.15
C TRP F 155 25.82 -36.47 -26.94
N GLY F 156 24.62 -36.16 -26.47
CA GLY F 156 23.57 -37.16 -26.41
C GLY F 156 23.03 -37.55 -27.77
N THR F 157 23.13 -36.64 -28.74
CA THR F 157 22.72 -36.91 -30.11
C THR F 157 23.87 -37.31 -31.02
N LEU F 158 25.08 -37.47 -30.49
CA LEU F 158 26.24 -37.84 -31.29
C LEU F 158 26.88 -39.14 -30.81
N GLY F 159 26.23 -39.89 -29.93
CA GLY F 159 26.84 -41.12 -29.45
C GLY F 159 27.00 -41.32 -27.94
N GLY F 160 27.41 -40.28 -27.21
CA GLY F 160 27.57 -40.40 -25.76
C GLY F 160 28.99 -40.57 -25.26
N ARG F 161 29.96 -40.37 -26.15
CA ARG F 161 31.39 -40.48 -25.88
C ARG F 161 32.06 -39.28 -26.52
N GLN F 162 32.49 -38.33 -25.71
CA GLN F 162 32.99 -37.06 -26.21
C GLN F 162 34.43 -37.18 -26.70
N TYR F 163 34.86 -36.15 -27.40
CA TYR F 163 36.20 -35.97 -27.94
C TYR F 163 36.60 -34.53 -27.68
N PRO F 164 37.90 -34.20 -27.75
CA PRO F 164 38.29 -32.78 -27.58
C PRO F 164 37.78 -31.93 -28.73
N SER F 165 37.09 -30.83 -28.38
CA SER F 165 36.23 -30.15 -29.32
C SER F 165 36.12 -28.67 -28.95
N VAL F 166 35.84 -27.86 -29.97
CA VAL F 166 35.46 -26.47 -29.80
C VAL F 166 34.22 -26.20 -30.64
N PHE F 167 33.42 -25.22 -30.21
CA PHE F 167 32.13 -24.93 -30.82
C PHE F 167 32.12 -23.49 -31.34
N TYR F 168 31.53 -23.28 -32.52
CA TYR F 168 31.47 -21.97 -33.13
C TYR F 168 30.07 -21.69 -33.66
N LYS F 169 29.76 -20.40 -33.80
CA LYS F 169 28.47 -19.94 -34.28
C LYS F 169 28.66 -19.04 -35.49
N LEU F 170 28.08 -19.44 -36.63
CA LEU F 170 28.23 -18.74 -37.89
C LEU F 170 27.01 -17.87 -38.17
N ASN F 171 27.22 -16.68 -38.73
CA ASN F 171 26.16 -15.70 -38.89
C ASN F 171 25.82 -15.46 -40.36
N LEU F 172 24.51 -15.50 -40.66
CA LEU F 172 23.90 -14.99 -41.89
C LEU F 172 24.34 -15.65 -43.19
N ILE F 173 23.85 -16.86 -43.44
CA ILE F 173 23.74 -17.40 -44.80
C ILE F 173 22.40 -16.96 -45.38
N VAL F 174 22.43 -16.38 -46.58
CA VAL F 174 21.23 -15.86 -47.24
C VAL F 174 20.74 -16.88 -48.25
N ILE F 175 19.47 -17.28 -48.12
CA ILE F 175 18.84 -18.25 -49.01
C ILE F 175 17.65 -17.58 -49.69
N ASP F 176 17.65 -17.58 -51.03
CA ASP F 176 16.66 -16.82 -51.79
C ASP F 176 16.63 -17.33 -53.22
N ARG F 177 15.44 -17.69 -53.70
CA ARG F 177 15.31 -18.21 -55.06
C ARG F 177 15.27 -17.08 -56.09
N ASP F 178 14.81 -15.89 -55.67
CA ASP F 178 14.78 -14.65 -56.47
C ASP F 178 13.86 -14.78 -57.68
N ALA F 179 12.71 -15.44 -57.51
CA ALA F 179 11.77 -15.63 -58.60
C ALA F 179 10.65 -14.60 -58.56
N THR F 180 10.07 -14.34 -59.72
CA THR F 180 9.04 -13.31 -59.91
C THR F 180 7.66 -13.95 -59.77
N THR F 181 6.77 -13.29 -59.00
CA THR F 181 5.41 -13.78 -58.89
C THR F 181 4.45 -12.96 -59.77
N SER F 182 4.69 -11.66 -59.93
CA SER F 182 3.72 -10.80 -60.59
C SER F 182 4.40 -9.53 -61.10
N GLU F 183 3.75 -8.87 -62.06
CA GLU F 183 4.16 -7.56 -62.56
C GLU F 183 2.94 -6.70 -62.82
N GLU F 184 3.01 -5.42 -62.43
CA GLU F 184 1.91 -4.48 -62.58
C GLU F 184 2.46 -3.09 -62.85
N GLY F 185 1.58 -2.19 -63.29
CA GLY F 185 1.94 -0.80 -63.50
C GLY F 185 1.53 0.10 -62.35
N VAL F 186 2.26 1.20 -62.18
CA VAL F 186 2.04 2.07 -61.02
C VAL F 186 0.88 3.03 -61.26
N ILE F 187 0.53 3.76 -60.21
CA ILE F 187 -0.58 4.71 -60.22
C ILE F 187 -0.19 5.94 -61.04
N THR F 188 -1.00 6.29 -62.04
CA THR F 188 -0.77 7.49 -62.84
C THR F 188 -1.99 8.40 -62.99
N ASN F 189 -3.19 7.99 -62.58
CA ASN F 189 -4.39 8.81 -62.67
C ASN F 189 -5.18 8.72 -61.37
N ILE F 190 -5.59 9.86 -60.83
CA ILE F 190 -6.35 9.94 -59.59
C ILE F 190 -7.64 10.71 -59.84
N HIS F 191 -8.76 10.14 -59.41
CA HIS F 191 -10.08 10.73 -59.55
C HIS F 191 -10.76 10.79 -58.20
N ARG F 192 -11.38 11.93 -57.89
CA ARG F 192 -12.04 12.14 -56.60
C ARG F 192 -13.47 12.62 -56.83
N ASN F 193 -14.42 11.98 -56.16
CA ASN F 193 -15.84 12.30 -56.27
C ASN F 193 -16.39 12.66 -54.89
N TYR F 194 -17.13 13.77 -54.85
CA TYR F 194 -17.66 14.30 -53.59
C TYR F 194 -19.18 14.37 -53.69
N GLU F 195 -19.85 14.07 -52.58
CA GLU F 195 -21.30 14.23 -52.51
C GLU F 195 -21.67 14.79 -51.15
N THR F 196 -22.84 15.44 -51.10
CA THR F 196 -23.35 16.04 -49.89
C THR F 196 -24.27 15.04 -49.21
N LEU F 197 -23.86 14.56 -48.04
CA LEU F 197 -24.53 13.49 -47.33
C LEU F 197 -25.43 14.04 -46.24
N MET G 1 -56.14 -18.53 -21.13
CA MET G 1 -55.98 -17.94 -22.45
C MET G 1 -55.08 -18.77 -23.33
N GLN G 2 -55.67 -19.48 -24.30
CA GLN G 2 -54.88 -20.27 -25.21
C GLN G 2 -54.57 -19.46 -26.45
N VAL G 3 -53.37 -19.64 -26.96
CA VAL G 3 -52.92 -18.97 -28.17
C VAL G 3 -52.28 -20.01 -29.07
N SER G 4 -52.59 -19.98 -30.37
CA SER G 4 -52.00 -20.94 -31.29
C SER G 4 -51.66 -20.31 -32.63
N SER G 5 -50.79 -20.97 -33.37
CA SER G 5 -50.35 -20.52 -34.68
C SER G 5 -49.87 -21.69 -35.52
N SER G 6 -49.74 -21.46 -36.82
CA SER G 6 -49.29 -22.45 -37.78
C SER G 6 -48.65 -21.75 -38.96
N PHE G 7 -47.51 -22.25 -39.44
CA PHE G 7 -46.82 -21.61 -40.55
C PHE G 7 -46.56 -22.57 -41.69
N ARG G 8 -46.62 -22.06 -42.91
CA ARG G 8 -46.35 -22.85 -44.12
C ARG G 8 -45.47 -22.11 -45.14
N SER G 9 -44.75 -22.87 -45.97
CA SER G 9 -43.91 -22.27 -47.00
C SER G 9 -44.73 -21.42 -47.96
N PHE G 10 -44.20 -20.26 -48.32
CA PHE G 10 -44.86 -19.32 -49.20
C PHE G 10 -44.18 -19.15 -50.55
N LEU G 11 -42.85 -19.03 -50.55
CA LEU G 11 -42.05 -18.79 -51.77
C LEU G 11 -40.60 -19.27 -51.72
N LYS G 12 -40.13 -20.01 -52.73
CA LYS G 12 -38.71 -20.39 -52.74
C LYS G 12 -37.90 -19.78 -53.91
N LEU G 13 -36.66 -19.34 -53.59
CA LEU G 13 -35.69 -18.80 -54.56
C LEU G 13 -34.31 -19.50 -54.50
N ASP G 14 -33.90 -20.05 -55.66
CA ASP G 14 -32.66 -20.80 -55.89
C ASP G 14 -31.48 -19.89 -56.36
N ILE G 15 -30.38 -19.80 -55.57
CA ILE G 15 -29.26 -18.89 -55.88
C ILE G 15 -27.95 -19.62 -56.27
N LEU G 16 -27.58 -19.58 -57.56
CA LEU G 16 -26.45 -20.36 -58.08
C LEU G 16 -25.37 -19.54 -58.80
N HIS G 17 -24.13 -20.06 -58.85
CA HIS G 17 -23.05 -19.41 -59.61
C HIS G 17 -22.06 -20.48 -60.09
N SER G 18 -21.81 -20.51 -61.39
CA SER G 18 -20.96 -21.49 -62.06
C SER G 18 -19.53 -21.54 -61.57
N TYR G 19 -18.98 -20.40 -61.15
CA TYR G 19 -17.61 -20.36 -60.66
C TYR G 19 -17.41 -21.37 -59.52
N PHE G 20 -18.39 -21.50 -58.65
CA PHE G 20 -18.22 -22.36 -57.51
C PHE G 20 -18.75 -23.77 -57.78
N LEU G 21 -19.76 -23.89 -58.65
CA LEU G 21 -20.39 -25.17 -58.92
C LEU G 21 -19.86 -26.04 -60.06
N ASN G 22 -19.24 -25.46 -61.09
CA ASN G 22 -18.73 -26.26 -62.22
C ASN G 22 -17.42 -26.92 -61.87
N ASP G 23 -17.06 -27.97 -62.61
CA ASP G 23 -15.76 -28.59 -62.39
C ASP G 23 -14.97 -28.63 -63.70
N GLY G 24 -14.13 -27.61 -63.90
CA GLY G 24 -13.43 -27.46 -65.15
C GLY G 24 -14.47 -27.30 -66.24
N GLU G 25 -14.35 -28.11 -67.29
CA GLU G 25 -15.28 -28.08 -68.41
C GLU G 25 -16.68 -28.62 -68.10
N LYS G 26 -16.84 -29.37 -67.01
CA LYS G 26 -18.14 -29.99 -66.73
C LYS G 26 -19.13 -29.02 -66.10
N ASP G 27 -20.22 -28.80 -66.84
CA ASP G 27 -21.30 -27.89 -66.50
C ASP G 27 -22.28 -28.46 -65.49
N PHE G 28 -22.42 -27.79 -64.36
CA PHE G 28 -23.31 -28.17 -63.26
C PHE G 28 -24.69 -28.55 -63.78
N SER G 29 -25.21 -27.78 -64.73
CA SER G 29 -26.54 -27.97 -65.28
C SER G 29 -26.74 -29.33 -65.98
N SER G 30 -25.65 -30.00 -66.34
CA SER G 30 -25.66 -31.28 -67.03
C SER G 30 -25.22 -32.45 -66.14
N MET G 31 -25.04 -32.21 -64.84
CA MET G 31 -24.62 -33.24 -63.90
C MET G 31 -25.77 -34.14 -63.46
N ASN G 32 -25.45 -35.38 -63.09
CA ASN G 32 -26.48 -36.29 -62.61
C ASN G 32 -26.74 -35.98 -61.13
N GLU G 33 -27.59 -36.77 -60.48
CA GLU G 33 -27.95 -36.46 -59.11
C GLU G 33 -26.81 -36.57 -58.10
N GLU G 34 -25.99 -37.59 -58.20
CA GLU G 34 -24.89 -37.72 -57.24
C GLU G 34 -23.85 -36.63 -57.44
N GLU G 35 -23.60 -36.29 -58.71
CA GLU G 35 -22.64 -35.27 -59.05
C GLU G 35 -23.11 -33.90 -58.57
N SER G 36 -24.41 -33.62 -58.73
CA SER G 36 -24.98 -32.37 -58.29
C SER G 36 -24.89 -32.22 -56.80
N LYS G 37 -25.27 -33.26 -56.06
CA LYS G 37 -25.20 -33.22 -54.61
C LYS G 37 -23.78 -32.98 -54.12
N THR G 38 -22.82 -33.65 -54.74
CA THR G 38 -21.43 -33.51 -54.36
C THR G 38 -20.96 -32.08 -54.50
N GLN G 39 -21.30 -31.44 -55.62
CA GLN G 39 -20.84 -30.06 -55.79
C GLN G 39 -21.51 -29.12 -54.80
N LEU G 40 -22.80 -29.32 -54.53
CA LEU G 40 -23.55 -28.45 -53.63
C LEU G 40 -23.01 -28.48 -52.20
N LYS G 41 -22.49 -29.61 -51.76
CA LYS G 41 -21.94 -29.71 -50.40
C LYS G 41 -20.83 -28.69 -50.09
N SER G 42 -20.15 -28.16 -51.11
CA SER G 42 -19.07 -27.20 -50.92
C SER G 42 -19.50 -25.75 -51.24
N TYR G 43 -20.78 -25.54 -51.52
CA TYR G 43 -21.27 -24.23 -51.93
C TYR G 43 -22.13 -23.51 -50.90
N ASN G 44 -21.87 -22.21 -50.74
CA ASN G 44 -22.69 -21.37 -49.88
C ASN G 44 -22.81 -19.97 -50.48
N TRP G 45 -24.00 -19.60 -50.95
CA TRP G 45 -24.15 -18.30 -51.62
C TRP G 45 -23.70 -17.10 -50.80
N LYS G 46 -23.68 -17.24 -49.47
CA LYS G 46 -23.33 -16.15 -48.56
C LYS G 46 -21.83 -15.88 -48.54
N ASP G 47 -21.07 -16.69 -49.26
CA ASP G 47 -19.64 -16.48 -49.40
C ASP G 47 -19.37 -15.26 -50.27
N PHE G 48 -20.29 -14.91 -51.19
CA PHE G 48 -20.02 -13.76 -52.03
C PHE G 48 -21.13 -12.70 -52.05
N LEU G 49 -22.38 -13.11 -51.80
CA LEU G 49 -23.53 -12.21 -51.92
C LEU G 49 -24.26 -11.97 -50.59
N GLU G 50 -24.73 -10.75 -50.38
CA GLU G 50 -25.57 -10.43 -49.22
C GLU G 50 -26.97 -10.01 -49.67
N ILE G 51 -28.01 -10.59 -49.04
CA ILE G 51 -29.40 -10.27 -49.41
C ILE G 51 -30.25 -9.85 -48.23
N TYR G 52 -30.95 -8.73 -48.35
CA TYR G 52 -31.81 -8.28 -47.26
C TYR G 52 -32.98 -7.42 -47.77
N PRO G 53 -34.12 -7.34 -47.05
CA PRO G 53 -35.28 -6.50 -47.34
C PRO G 53 -35.08 -5.02 -47.12
N SER G 54 -35.84 -4.22 -47.88
CA SER G 54 -35.90 -2.76 -47.67
C SER G 54 -36.68 -2.46 -46.39
N GLN G 55 -36.60 -1.22 -45.89
CA GLN G 55 -37.32 -0.89 -44.66
C GLN G 55 -38.83 -1.02 -44.79
N LYS G 56 -39.38 -0.66 -45.95
CA LYS G 56 -40.81 -0.80 -46.15
C LYS G 56 -41.20 -2.26 -46.21
N THR G 57 -40.36 -3.07 -46.85
CA THR G 57 -40.63 -4.49 -46.95
C THR G 57 -40.65 -5.09 -45.55
N SER G 58 -39.69 -4.75 -44.69
CA SER G 58 -39.66 -5.31 -43.36
C SER G 58 -40.91 -4.95 -42.58
N HIS G 59 -41.37 -3.71 -42.73
CA HIS G 59 -42.56 -3.26 -42.05
C HIS G 59 -43.77 -4.08 -42.49
N MET G 60 -43.93 -4.25 -43.81
CA MET G 60 -45.05 -5.01 -44.34
C MET G 60 -45.00 -6.46 -43.87
N MET G 61 -43.83 -7.09 -43.94
CA MET G 61 -43.69 -8.48 -43.57
C MET G 61 -44.09 -8.68 -42.12
N ARG G 62 -43.73 -7.73 -41.24
CA ARG G 62 -44.18 -7.88 -39.88
C ARG G 62 -45.70 -7.86 -39.80
N GLY G 63 -46.32 -6.89 -40.48
CA GLY G 63 -47.78 -6.76 -40.46
C GLY G 63 -48.53 -7.98 -41.00
N ASN G 64 -48.00 -8.58 -42.05
CA ASN G 64 -48.63 -9.74 -42.67
C ASN G 64 -48.11 -11.09 -42.20
N LYS G 65 -47.27 -11.12 -41.16
CA LYS G 65 -46.72 -12.37 -40.64
C LYS G 65 -45.95 -13.21 -41.66
N ILE G 66 -45.04 -12.56 -42.40
CA ILE G 66 -44.19 -13.24 -43.39
C ILE G 66 -42.74 -13.27 -42.87
N PHE G 67 -42.14 -14.46 -42.88
CA PHE G 67 -40.81 -14.68 -42.32
C PHE G 67 -39.78 -15.02 -43.39
N PHE G 68 -38.51 -14.65 -43.15
CA PHE G 68 -37.40 -14.89 -44.09
C PHE G 68 -36.36 -15.88 -43.57
N LYS G 69 -36.22 -17.03 -44.24
CA LYS G 69 -35.25 -18.06 -43.82
C LYS G 69 -34.21 -18.30 -44.92
N SER G 70 -33.02 -18.75 -44.54
CA SER G 70 -32.01 -19.03 -45.57
C SER G 70 -31.22 -20.30 -45.35
N PHE G 71 -30.74 -20.83 -46.47
CA PHE G 71 -30.01 -22.07 -46.61
C PHE G 71 -28.81 -21.84 -47.50
N ASN G 72 -27.84 -22.73 -47.51
CA ASN G 72 -26.65 -22.53 -48.33
C ASN G 72 -26.89 -22.34 -49.84
N ASP G 73 -28.00 -22.82 -50.38
CA ASP G 73 -28.27 -22.65 -51.79
C ASP G 73 -29.56 -21.91 -52.08
N SER G 74 -30.23 -21.39 -51.06
CA SER G 74 -31.56 -20.81 -51.31
C SER G 74 -32.16 -19.92 -50.21
N ILE G 75 -33.24 -19.24 -50.57
CA ILE G 75 -34.07 -18.46 -49.66
C ILE G 75 -35.52 -18.92 -49.67
N ILE G 76 -36.09 -19.11 -48.49
CA ILE G 76 -37.50 -19.49 -48.38
C ILE G 76 -38.29 -18.53 -47.51
N LEU G 77 -39.41 -18.05 -48.04
CA LEU G 77 -40.26 -17.21 -47.24
C LEU G 77 -41.37 -18.10 -46.73
N ALA G 78 -41.86 -17.82 -45.52
CA ALA G 78 -42.95 -18.58 -44.91
C ALA G 78 -44.02 -17.66 -44.36
N ILE G 79 -45.27 -18.13 -44.36
CA ILE G 79 -46.38 -17.29 -43.94
C ILE G 79 -47.29 -17.94 -42.90
N LYS G 80 -47.81 -17.14 -41.97
CA LYS G 80 -48.81 -17.64 -41.02
C LYS G 80 -50.14 -17.92 -41.72
N VAL G 81 -50.74 -19.07 -41.42
CA VAL G 81 -52.02 -19.47 -42.01
C VAL G 81 -53.06 -19.71 -40.93
N GLU G 82 -54.32 -19.78 -41.35
CA GLU G 82 -55.41 -20.05 -40.41
C GLU G 82 -55.34 -21.46 -39.85
N SER G 83 -55.64 -21.57 -38.57
CA SER G 83 -55.67 -22.87 -37.93
C SER G 83 -56.69 -23.77 -38.60
N GLY G 84 -56.32 -25.03 -38.77
CA GLY G 84 -57.19 -26.01 -39.39
C GLY G 84 -56.94 -26.19 -40.88
N THR G 85 -56.18 -25.30 -41.52
CA THR G 85 -55.94 -25.48 -42.94
C THR G 85 -54.50 -25.37 -43.37
N GLU G 86 -54.32 -25.56 -44.67
CA GLU G 86 -53.01 -25.50 -45.31
C GLU G 86 -52.81 -24.31 -46.24
N ASN G 87 -53.91 -23.75 -46.74
CA ASN G 87 -53.77 -22.75 -47.79
C ASN G 87 -54.49 -21.41 -47.61
N GLN G 88 -54.95 -21.07 -46.42
CA GLN G 88 -55.61 -19.79 -46.25
C GLN G 88 -54.76 -18.86 -45.39
N PRO G 89 -54.15 -17.80 -45.96
CA PRO G 89 -53.31 -16.87 -45.26
C PRO G 89 -54.10 -16.30 -44.12
N PHE G 90 -53.45 -16.10 -42.98
CA PHE G 90 -54.12 -15.55 -41.83
C PHE G 90 -54.69 -14.17 -42.19
N ASN G 91 -53.83 -13.30 -42.73
CA ASN G 91 -54.28 -11.98 -43.18
C ASN G 91 -54.54 -12.00 -44.68
N GLU G 92 -55.59 -11.33 -45.12
CA GLU G 92 -55.89 -11.22 -46.55
C GLU G 92 -54.76 -10.55 -47.32
N LEU G 93 -54.35 -11.13 -48.45
CA LEU G 93 -53.32 -10.53 -49.28
C LEU G 93 -53.97 -9.90 -50.50
N TYR G 94 -53.39 -8.81 -51.02
CA TYR G 94 -53.95 -8.17 -52.21
C TYR G 94 -52.99 -8.30 -53.39
N GLU G 95 -53.53 -8.25 -54.59
CA GLU G 95 -52.77 -8.46 -55.81
C GLU G 95 -51.55 -7.56 -56.04
N ASP G 96 -51.66 -6.30 -55.63
CA ASP G 96 -50.58 -5.37 -55.84
C ASP G 96 -49.65 -5.17 -54.66
N GLU G 97 -49.74 -6.03 -53.66
CA GLU G 97 -48.77 -5.93 -52.59
C GLU G 97 -47.49 -6.51 -53.15
N SER G 98 -46.36 -6.06 -52.63
CA SER G 98 -45.09 -6.58 -53.09
C SER G 98 -44.01 -6.50 -52.04
N MET G 99 -42.97 -7.29 -52.24
CA MET G 99 -41.79 -7.29 -51.38
C MET G 99 -40.54 -6.94 -52.18
N THR G 100 -39.70 -6.06 -51.63
CA THR G 100 -38.47 -5.65 -52.31
C THR G 100 -37.23 -6.05 -51.53
N PHE G 101 -36.35 -6.80 -52.18
CA PHE G 101 -35.11 -7.23 -51.56
C PHE G 101 -33.92 -6.67 -52.31
N LEU G 102 -32.87 -6.33 -51.57
CA LEU G 102 -31.68 -5.78 -52.18
C LEU G 102 -30.51 -6.73 -52.19
N LEU G 103 -29.74 -6.66 -53.28
CA LEU G 103 -28.52 -7.43 -53.45
C LEU G 103 -27.30 -6.55 -53.33
N SER G 104 -26.28 -7.03 -52.63
CA SER G 104 -24.99 -6.34 -52.55
C SER G 104 -23.85 -7.37 -52.47
N LEU G 105 -22.65 -6.97 -52.85
CA LEU G 105 -21.53 -7.91 -52.84
C LEU G 105 -20.51 -7.74 -51.74
N LYS G 106 -20.02 -8.87 -51.25
CA LYS G 106 -18.92 -8.88 -50.29
C LYS G 106 -17.60 -9.38 -50.90
N ASP G 107 -17.68 -10.21 -51.95
CA ASP G 107 -16.46 -10.77 -52.58
C ASP G 107 -15.82 -9.80 -53.59
N GLN G 108 -14.64 -9.28 -53.27
CA GLN G 108 -13.94 -8.29 -54.10
C GLN G 108 -13.57 -8.81 -55.49
N TYR G 109 -13.55 -10.11 -55.70
CA TYR G 109 -13.16 -10.64 -57.00
C TYR G 109 -14.35 -11.04 -57.85
N PHE G 110 -15.56 -10.71 -57.40
CA PHE G 110 -16.77 -11.10 -58.12
C PHE G 110 -16.69 -10.70 -59.59
N GLY G 111 -16.25 -9.47 -59.85
CA GLY G 111 -16.16 -8.93 -61.20
C GLY G 111 -15.09 -9.57 -62.08
N ASN G 112 -14.13 -10.30 -61.51
CA ASN G 112 -13.12 -10.93 -62.35
C ASN G 112 -13.65 -12.26 -62.85
N TYR G 113 -14.31 -13.01 -61.98
CA TYR G 113 -14.78 -14.30 -62.43
C TYR G 113 -16.21 -14.35 -62.98
N THR G 114 -17.03 -13.32 -62.74
CA THR G 114 -18.42 -13.33 -63.22
C THR G 114 -18.54 -12.71 -64.60
N ASP G 115 -19.12 -13.44 -65.53
CA ASP G 115 -19.21 -12.95 -66.90
C ASP G 115 -20.42 -12.04 -67.13
N LEU G 116 -20.38 -10.83 -66.61
CA LEU G 116 -21.48 -9.88 -66.74
C LEU G 116 -20.98 -8.43 -66.72
N ASP G 117 -21.33 -7.67 -67.76
CA ASP G 117 -20.87 -6.29 -67.87
C ASP G 117 -21.70 -5.31 -67.05
N LEU G 118 -21.40 -5.23 -65.77
CA LEU G 118 -22.13 -4.42 -64.79
C LEU G 118 -21.71 -2.95 -64.72
N ALA G 119 -20.77 -2.53 -65.55
CA ALA G 119 -20.33 -1.15 -65.45
C ALA G 119 -21.50 -0.19 -65.59
N ASP G 120 -21.63 0.68 -64.58
CA ASP G 120 -22.66 1.71 -64.47
C ASP G 120 -24.10 1.26 -64.72
N GLN G 121 -24.48 0.04 -64.32
CA GLN G 121 -25.84 -0.45 -64.55
C GLN G 121 -26.44 -1.15 -63.35
N LEU G 122 -27.77 -1.10 -63.27
CA LEU G 122 -28.54 -1.75 -62.23
C LEU G 122 -29.08 -3.07 -62.69
N LEU G 123 -28.95 -4.10 -61.86
CA LEU G 123 -29.48 -5.41 -62.19
C LEU G 123 -30.88 -5.53 -61.56
N TYR G 124 -31.90 -5.85 -62.36
CA TYR G 124 -33.28 -5.89 -61.83
C TYR G 124 -34.08 -7.13 -62.21
N PHE G 125 -34.73 -7.75 -61.21
CA PHE G 125 -35.54 -8.94 -61.44
C PHE G 125 -36.94 -8.77 -60.89
N SER G 126 -37.95 -9.27 -61.60
CA SER G 126 -39.34 -9.20 -61.10
C SER G 126 -40.27 -10.19 -61.81
N ASN G 127 -41.48 -10.37 -61.27
CA ASN G 127 -42.49 -11.21 -61.91
C ASN G 127 -43.64 -10.42 -62.55
N LYS G 128 -43.43 -9.11 -62.74
CA LYS G 128 -44.42 -8.20 -63.30
C LYS G 128 -43.73 -7.06 -64.03
N THR G 129 -44.14 -6.79 -65.26
CA THR G 129 -43.56 -5.74 -66.08
C THR G 129 -43.68 -4.35 -65.41
N PRO G 130 -42.59 -3.57 -65.25
CA PRO G 130 -42.55 -2.25 -64.66
C PRO G 130 -43.05 -1.17 -65.61
N VAL G 131 -43.31 0.01 -65.08
CA VAL G 131 -43.62 1.17 -65.91
C VAL G 131 -42.49 2.16 -65.79
N LEU G 132 -41.69 2.28 -66.85
CA LEU G 132 -40.50 3.11 -66.82
C LEU G 132 -40.61 4.24 -67.83
N PRO G 133 -39.95 5.40 -67.59
CA PRO G 133 -39.91 6.57 -68.48
C PRO G 133 -39.32 6.41 -69.89
N GLU G 134 -38.45 5.43 -70.14
CA GLU G 134 -37.91 5.27 -71.50
C GLU G 134 -38.19 3.88 -72.02
N ALA G 135 -38.34 3.74 -73.33
CA ALA G 135 -38.64 2.43 -73.93
C ALA G 135 -37.63 1.37 -73.53
N PHE G 136 -38.13 0.18 -73.24
CA PHE G 136 -37.31 -0.94 -72.82
C PHE G 136 -38.02 -2.24 -73.15
N THR G 137 -37.28 -3.34 -73.09
CA THR G 137 -37.88 -4.66 -73.25
C THR G 137 -37.88 -5.30 -71.88
N PHE G 138 -38.64 -6.36 -71.70
CA PHE G 138 -38.69 -6.98 -70.38
C PHE G 138 -38.84 -8.48 -70.39
N LYS G 139 -38.12 -9.14 -69.51
CA LYS G 139 -38.34 -10.54 -69.32
C LYS G 139 -38.38 -10.71 -67.80
N PRO G 140 -39.17 -11.63 -67.28
CA PRO G 140 -39.33 -11.92 -65.88
C PRO G 140 -38.17 -12.69 -65.29
N ILE G 141 -38.19 -12.79 -63.98
CA ILE G 141 -37.31 -13.67 -63.24
C ILE G 141 -37.63 -15.10 -63.70
N ASP G 142 -36.61 -15.84 -64.10
CA ASP G 142 -36.78 -17.20 -64.59
C ASP G 142 -37.28 -18.18 -63.55
N ARG G 143 -38.05 -19.16 -64.00
CA ARG G 143 -38.54 -20.24 -63.16
C ARG G 143 -37.49 -21.33 -63.02
N ILE G 144 -37.64 -22.15 -61.99
CA ILE G 144 -36.70 -23.22 -61.71
C ILE G 144 -36.49 -24.23 -62.85
N ASN G 145 -37.49 -24.46 -63.67
CA ASN G 145 -37.38 -25.42 -64.74
C ASN G 145 -36.99 -24.83 -66.09
N GLN G 146 -36.53 -23.59 -66.11
CA GLN G 146 -36.09 -22.95 -67.34
C GLN G 146 -34.56 -22.92 -67.43
N SER G 147 -34.04 -22.94 -68.66
CA SER G 147 -32.60 -22.84 -68.91
C SER G 147 -32.13 -21.39 -68.99
N GLY G 148 -30.81 -21.19 -68.99
CA GLY G 148 -30.24 -19.85 -69.14
C GLY G 148 -29.61 -19.29 -67.86
N THR G 149 -28.87 -18.20 -68.04
CA THR G 149 -28.17 -17.49 -66.97
C THR G 149 -28.47 -16.01 -67.03
N VAL G 150 -28.04 -15.28 -66.00
CA VAL G 150 -28.24 -13.84 -65.96
C VAL G 150 -27.45 -13.17 -67.08
N GLY G 151 -28.10 -12.33 -67.86
CA GLY G 151 -27.46 -11.62 -68.95
C GLY G 151 -27.88 -10.16 -69.01
N GLU G 152 -27.59 -9.53 -70.13
CA GLU G 152 -27.86 -8.12 -70.39
C GLU G 152 -29.32 -7.73 -70.36
N GLU G 153 -30.20 -8.72 -70.54
CA GLU G 153 -31.63 -8.52 -70.53
C GLU G 153 -32.13 -7.99 -69.20
N TYR G 154 -31.35 -8.17 -68.12
CA TYR G 154 -31.75 -7.71 -66.80
C TYR G 154 -31.04 -6.43 -66.39
N LEU G 155 -30.33 -5.76 -67.30
CA LEU G 155 -29.65 -4.53 -66.89
C LEU G 155 -30.36 -3.25 -67.34
N TYR G 156 -30.36 -2.26 -66.44
CA TYR G 156 -30.97 -0.95 -66.68
C TYR G 156 -29.99 0.20 -66.47
N GLU G 157 -30.17 1.25 -67.25
CA GLU G 157 -29.34 2.44 -67.16
C GLU G 157 -30.13 3.73 -67.29
N GLY G 158 -29.44 4.86 -67.15
CA GLY G 158 -30.02 6.19 -67.33
C GLY G 158 -31.21 6.48 -66.46
N GLU G 159 -32.27 6.99 -67.09
CA GLU G 159 -33.51 7.35 -66.43
C GLU G 159 -34.26 6.15 -65.88
N ASN G 160 -34.20 5.01 -66.56
CA ASN G 160 -34.92 3.86 -66.06
C ASN G 160 -34.27 3.40 -64.76
N LYS G 161 -32.94 3.44 -64.72
CA LYS G 161 -32.21 3.11 -63.50
C LYS G 161 -32.56 4.05 -62.37
N LYS G 162 -32.51 5.35 -62.65
CA LYS G 162 -32.82 6.37 -61.66
C LYS G 162 -34.20 6.14 -61.07
N HIS G 163 -35.18 5.90 -61.93
CA HIS G 163 -36.55 5.68 -61.52
C HIS G 163 -36.67 4.50 -60.55
N LEU G 164 -36.09 3.35 -60.93
CA LEU G 164 -36.19 2.16 -60.08
C LEU G 164 -35.54 2.36 -58.71
N LEU G 165 -34.38 3.02 -58.67
CA LEU G 165 -33.70 3.25 -57.40
C LEU G 165 -34.51 4.14 -56.48
N GLU G 166 -35.16 5.17 -57.05
CA GLU G 166 -35.98 6.07 -56.27
C GLU G 166 -37.23 5.38 -55.72
N GLU G 167 -37.92 4.57 -56.52
CA GLU G 167 -39.13 3.91 -56.03
C GLU G 167 -38.84 2.95 -54.90
N ALA G 168 -37.64 2.37 -54.92
CA ALA G 168 -37.23 1.44 -53.89
C ALA G 168 -36.72 2.17 -52.64
N HIS G 169 -36.63 3.50 -52.73
CA HIS G 169 -36.17 4.34 -51.63
C HIS G 169 -34.86 3.83 -51.03
N LEU G 170 -33.79 3.90 -51.81
CA LEU G 170 -32.48 3.42 -51.36
C LEU G 170 -31.64 4.47 -50.63
N ASN G 171 -30.79 3.96 -49.72
CA ASN G 171 -29.88 4.77 -48.93
C ASN G 171 -28.85 5.50 -49.82
N PRO G 172 -28.55 6.79 -49.58
CA PRO G 172 -27.56 7.59 -50.29
C PRO G 172 -26.18 6.94 -50.46
N GLY G 173 -25.76 6.06 -49.53
CA GLY G 173 -24.45 5.41 -49.64
C GLY G 173 -24.37 4.41 -50.81
N GLY G 174 -25.51 4.12 -51.42
CA GLY G 174 -25.56 3.19 -52.54
C GLY G 174 -24.96 1.84 -52.24
N GLY G 175 -24.15 1.34 -53.16
CA GLY G 175 -23.51 0.05 -53.00
C GLY G 175 -24.48 -1.09 -53.29
N VAL G 176 -25.42 -0.84 -54.21
CA VAL G 176 -26.41 -1.84 -54.58
C VAL G 176 -26.11 -2.47 -55.92
N LEU G 177 -26.15 -3.80 -55.97
CA LEU G 177 -25.89 -4.54 -57.20
C LEU G 177 -27.17 -4.59 -57.98
N GLY G 178 -28.24 -4.89 -57.26
CA GLY G 178 -29.53 -5.05 -57.89
C GLY G 178 -30.68 -5.14 -56.93
N ILE G 179 -31.86 -5.12 -57.53
CA ILE G 179 -33.14 -5.14 -56.84
C ILE G 179 -34.07 -6.27 -57.30
N ILE G 180 -34.62 -7.02 -56.35
CA ILE G 180 -35.59 -8.07 -56.68
C ILE G 180 -36.99 -7.68 -56.16
N GLN G 181 -37.97 -7.61 -57.06
CA GLN G 181 -39.35 -7.25 -56.65
C GLN G 181 -40.41 -8.26 -57.03
N ILE G 182 -41.05 -8.83 -56.02
CA ILE G 182 -42.07 -9.84 -56.25
C ILE G 182 -43.46 -9.37 -55.83
N TYR G 183 -44.41 -9.47 -56.76
CA TYR G 183 -45.80 -9.08 -56.56
C TYR G 183 -46.63 -10.30 -56.25
N MET G 184 -47.68 -10.13 -55.45
CA MET G 184 -48.55 -11.27 -55.12
C MET G 184 -49.18 -11.82 -56.40
N LYS G 185 -49.58 -10.92 -57.30
CA LYS G 185 -50.11 -11.33 -58.60
C LYS G 185 -49.20 -10.78 -59.70
N GLY G 186 -48.66 -11.66 -60.53
CA GLY G 186 -47.73 -11.26 -61.60
C GLY G 186 -48.43 -11.14 -62.96
N ASP G 187 -47.63 -11.22 -64.04
CA ASP G 187 -48.16 -11.08 -65.41
C ASP G 187 -48.78 -12.34 -66.01
N THR G 188 -48.68 -13.45 -65.32
CA THR G 188 -49.22 -14.72 -65.79
C THR G 188 -49.39 -15.62 -64.57
N PRO G 189 -50.39 -16.52 -64.52
CA PRO G 189 -50.63 -17.43 -63.42
C PRO G 189 -49.41 -18.21 -62.91
N VAL G 190 -48.51 -18.62 -63.80
CA VAL G 190 -47.36 -19.38 -63.35
C VAL G 190 -46.31 -18.59 -62.57
N LEU G 191 -46.46 -17.26 -62.52
CA LEU G 191 -45.53 -16.46 -61.77
C LEU G 191 -46.17 -15.86 -60.53
N SER G 192 -47.44 -16.20 -60.25
CA SER G 192 -48.15 -15.61 -59.12
C SER G 192 -47.96 -16.41 -57.85
N LEU G 193 -48.25 -15.79 -56.71
CA LEU G 193 -48.13 -16.49 -55.44
C LEU G 193 -49.47 -17.02 -54.96
N ILE G 194 -50.55 -16.34 -55.34
CA ILE G 194 -51.91 -16.66 -54.88
C ILE G 194 -52.89 -16.84 -56.02
N ASN G 195 -54.01 -17.49 -55.71
CA ASN G 195 -55.08 -17.69 -56.66
C ASN G 195 -56.07 -16.52 -56.66
N ASN G 196 -57.07 -16.59 -57.51
CA ASN G 196 -58.03 -15.49 -57.63
C ASN G 196 -58.85 -15.20 -56.38
N ASP G 197 -59.08 -16.21 -55.54
CA ASP G 197 -59.84 -16.02 -54.33
C ASP G 197 -58.95 -15.77 -53.11
N GLY G 198 -57.65 -15.56 -53.32
CA GLY G 198 -56.70 -15.30 -52.25
C GLY G 198 -56.03 -16.53 -51.67
N THR G 199 -56.47 -17.73 -52.06
CA THR G 199 -55.93 -19.01 -51.60
C THR G 199 -54.48 -19.17 -52.02
N LEU G 200 -53.63 -19.72 -51.15
CA LEU G 200 -52.24 -19.93 -51.56
C LEU G 200 -52.22 -21.00 -52.65
N LYS G 201 -51.30 -20.88 -53.60
CA LYS G 201 -51.23 -21.93 -54.61
C LYS G 201 -50.84 -23.27 -54.00
N ASN G 202 -51.24 -24.35 -54.68
CA ASN G 202 -50.98 -25.72 -54.24
C ASN G 202 -49.69 -26.33 -54.78
N SER G 203 -48.86 -25.50 -55.35
CA SER G 203 -47.56 -25.86 -55.86
C SER G 203 -46.68 -24.67 -55.54
N LEU G 204 -45.69 -24.85 -54.68
CA LEU G 204 -44.89 -23.74 -54.23
C LEU G 204 -44.18 -23.09 -55.42
N PRO G 205 -44.29 -21.77 -55.66
CA PRO G 205 -43.57 -21.06 -56.69
C PRO G 205 -42.10 -21.28 -56.42
N HIS G 206 -41.33 -21.51 -57.46
CA HIS G 206 -39.91 -21.77 -57.29
C HIS G 206 -39.10 -21.08 -58.40
N PHE G 207 -38.49 -19.94 -58.04
CA PHE G 207 -37.75 -19.10 -58.98
C PHE G 207 -36.24 -19.34 -58.89
N LYS G 208 -35.52 -19.01 -59.95
CA LYS G 208 -34.06 -19.17 -59.99
C LYS G 208 -33.24 -18.01 -60.59
N ILE G 209 -32.09 -17.74 -59.96
CA ILE G 209 -31.08 -16.81 -60.48
C ILE G 209 -29.73 -17.54 -60.59
N HIS G 210 -29.13 -17.58 -61.78
CA HIS G 210 -27.87 -18.31 -61.99
C HIS G 210 -26.83 -17.48 -62.76
N PHE G 211 -25.67 -17.25 -62.13
CA PHE G 211 -24.60 -16.46 -62.78
C PHE G 211 -23.58 -17.34 -63.50
N SER G 212 -23.14 -16.92 -64.69
CA SER G 212 -22.12 -17.66 -65.45
C SER G 212 -20.69 -17.24 -65.13
N ASN G 213 -19.73 -18.09 -65.49
CA ASN G 213 -18.32 -17.78 -65.28
C ASN G 213 -17.59 -17.35 -66.55
N ARG G 214 -16.55 -16.56 -66.35
CA ARG G 214 -15.68 -16.05 -67.41
C ARG G 214 -14.61 -17.07 -67.89
N LYS G 215 -14.27 -17.04 -69.20
CA LYS G 215 -13.19 -17.85 -69.82
C LYS G 215 -11.99 -17.00 -70.26
N SER G 216 -10.80 -17.63 -70.41
CA SER G 216 -9.60 -16.92 -70.90
C SER G 216 -8.49 -17.79 -71.52
N THR G 217 -7.57 -17.13 -72.25
CA THR G 217 -6.35 -17.71 -72.80
C THR G 217 -5.27 -17.72 -71.75
N TRP G 218 -4.58 -18.86 -71.59
CA TRP G 218 -3.56 -18.93 -70.56
C TRP G 218 -2.18 -18.69 -71.18
N LYS G 219 -1.41 -17.84 -70.54
CA LYS G 219 -0.06 -17.51 -70.99
C LYS G 219 0.97 -17.89 -69.95
N TYR G 220 1.96 -18.66 -70.37
CA TYR G 220 2.99 -19.13 -69.46
C TYR G 220 4.32 -18.43 -69.70
N ILE G 221 4.87 -17.86 -68.63
CA ILE G 221 6.10 -17.11 -68.69
C ILE G 221 7.24 -17.74 -67.91
N ASN G 222 8.33 -18.02 -68.58
CA ASN G 222 9.51 -18.60 -67.97
C ASN G 222 10.68 -17.64 -68.06
N LEU G 223 10.95 -16.92 -66.99
CA LEU G 223 11.99 -15.92 -67.10
C LEU G 223 13.39 -16.52 -67.14
N LYS G 224 13.65 -17.55 -66.35
CA LYS G 224 15.01 -18.08 -66.30
C LYS G 224 15.46 -18.70 -67.62
N ASP G 225 14.51 -19.29 -68.34
CA ASP G 225 14.77 -19.90 -69.64
C ASP G 225 14.47 -18.92 -70.78
N ASP G 226 13.96 -17.74 -70.40
CA ASP G 226 13.63 -16.68 -71.36
C ASP G 226 12.68 -17.08 -72.50
N PHE G 227 11.63 -17.84 -72.17
CA PHE G 227 10.67 -18.26 -73.19
C PHE G 227 9.21 -18.06 -72.76
N GLU G 228 8.34 -17.78 -73.73
CA GLU G 228 6.93 -17.59 -73.46
C GLU G 228 6.10 -18.47 -74.36
N THR G 229 4.97 -18.97 -73.88
CA THR G 229 4.05 -19.77 -74.70
C THR G 229 2.58 -19.56 -74.32
N GLU G 230 1.68 -19.78 -75.28
CA GLU G 230 0.24 -19.61 -75.01
C GLU G 230 -0.59 -20.80 -75.40
N THR G 231 -1.73 -20.99 -74.75
CA THR G 231 -2.60 -22.07 -75.17
C THR G 231 -3.34 -21.70 -76.43
N LYS G 232 -3.86 -22.71 -77.13
CA LYS G 232 -4.63 -22.47 -78.35
C LYS G 232 -6.08 -22.06 -78.18
N LYS G 233 -6.72 -22.48 -77.11
CA LYS G 233 -8.12 -22.16 -76.91
C LYS G 233 -8.35 -21.73 -75.49
N ASP G 234 -9.38 -20.91 -75.27
CA ASP G 234 -9.79 -20.46 -73.95
C ASP G 234 -10.29 -21.57 -73.03
N TYR G 235 -10.00 -21.45 -71.75
CA TYR G 235 -10.49 -22.37 -70.74
C TYR G 235 -11.25 -21.61 -69.67
N PRO G 236 -12.27 -22.19 -69.03
CA PRO G 236 -13.06 -21.57 -67.98
C PRO G 236 -12.32 -21.41 -66.67
N LEU G 237 -12.67 -20.35 -65.94
CA LEU G 237 -12.18 -20.19 -64.59
C LEU G 237 -13.16 -20.83 -63.64
N THR G 238 -12.65 -21.66 -62.76
CA THR G 238 -13.47 -22.31 -61.74
C THR G 238 -12.74 -22.23 -60.44
N LYS G 239 -13.43 -22.42 -59.34
CA LYS G 239 -12.76 -22.43 -58.04
C LYS G 239 -12.07 -23.75 -57.69
N PHE G 240 -12.74 -24.89 -57.94
CA PHE G 240 -12.22 -26.17 -57.49
C PHE G 240 -11.75 -27.17 -58.55
N GLY G 241 -11.95 -26.91 -59.82
CA GLY G 241 -11.60 -27.90 -60.84
C GLY G 241 -10.13 -27.89 -61.27
N PHE G 242 -9.80 -28.76 -62.21
CA PHE G 242 -8.43 -28.87 -62.72
C PHE G 242 -8.37 -29.33 -64.17
N ILE G 243 -7.63 -28.59 -64.97
CA ILE G 243 -7.43 -28.89 -66.37
C ILE G 243 -5.99 -29.31 -66.63
N LEU G 244 -5.84 -30.48 -67.21
CA LEU G 244 -4.51 -30.98 -67.47
C LEU G 244 -4.03 -30.67 -68.87
N LEU G 245 -2.92 -29.95 -68.96
CA LEU G 245 -2.34 -29.63 -70.25
C LEU G 245 -1.03 -30.39 -70.35
N ASP G 246 -0.95 -31.35 -71.25
CA ASP G 246 0.27 -32.14 -71.34
C ASP G 246 0.72 -32.48 -72.75
N LYS G 247 0.19 -31.82 -73.79
CA LYS G 247 0.65 -32.15 -75.12
C LYS G 247 1.29 -30.94 -75.76
N LYS G 248 2.30 -31.15 -76.59
CA LYS G 248 2.94 -30.04 -77.28
C LYS G 248 1.91 -29.32 -78.13
N SER G 249 0.99 -30.10 -78.70
CA SER G 249 -0.06 -29.66 -79.59
C SER G 249 -1.09 -28.73 -78.93
N ASP G 250 -1.08 -28.63 -77.60
CA ASP G 250 -2.01 -27.77 -76.88
C ASP G 250 -1.56 -26.32 -76.92
N PHE G 251 -0.27 -26.13 -77.23
CA PHE G 251 0.36 -24.83 -77.15
C PHE G 251 0.83 -24.25 -78.46
N ILE G 252 0.90 -22.93 -78.45
CA ILE G 252 1.45 -22.16 -79.53
C ILE G 252 2.89 -21.89 -79.16
N SER G 253 3.80 -22.35 -80.02
CA SER G 253 5.24 -22.24 -79.81
C SER G 253 5.74 -22.84 -78.49
N PRO G 254 5.49 -24.14 -78.21
CA PRO G 254 5.90 -24.85 -77.00
C PRO G 254 7.43 -24.90 -76.94
N PRO G 255 8.02 -25.00 -75.74
CA PRO G 255 9.45 -25.05 -75.48
C PRO G 255 10.14 -26.32 -75.95
N ALA G 256 11.44 -26.17 -76.23
CA ALA G 256 12.32 -27.25 -76.66
C ALA G 256 12.31 -28.47 -75.76
N HIS G 257 12.20 -28.25 -74.46
CA HIS G 257 12.24 -29.35 -73.52
C HIS G 257 10.93 -29.53 -72.80
N PHE G 258 9.82 -29.33 -73.51
CA PHE G 258 8.46 -29.46 -73.00
C PHE G 258 8.27 -30.63 -72.05
N GLU G 259 8.86 -31.78 -72.33
CA GLU G 259 8.67 -32.95 -71.51
C GLU G 259 9.04 -32.77 -70.01
N LYS G 260 9.92 -31.81 -69.68
CA LYS G 260 10.29 -31.62 -68.27
C LYS G 260 9.45 -30.55 -67.55
N TYR G 261 8.51 -29.92 -68.23
CA TYR G 261 7.75 -28.84 -67.62
C TYR G 261 6.36 -29.21 -67.13
N VAL G 262 5.93 -28.49 -66.12
CA VAL G 262 4.59 -28.59 -65.53
C VAL G 262 3.88 -27.27 -65.68
N PHE G 263 2.64 -27.31 -66.14
CA PHE G 263 1.85 -26.11 -66.38
C PHE G 263 0.63 -25.95 -65.44
N PRO G 264 0.73 -25.17 -64.34
CA PRO G 264 -0.31 -24.90 -63.34
C PRO G 264 -1.51 -24.18 -63.90
N ASN G 265 -2.68 -24.37 -63.30
CA ASN G 265 -3.88 -23.63 -63.69
C ASN G 265 -3.83 -22.25 -63.00
N PRO G 266 -4.32 -21.17 -63.62
CA PRO G 266 -4.40 -19.83 -63.07
C PRO G 266 -5.50 -19.62 -62.04
N ASP G 267 -5.28 -18.63 -61.19
CA ASP G 267 -6.27 -18.14 -60.23
C ASP G 267 -7.15 -17.08 -60.92
N ALA G 268 -8.11 -16.51 -60.20
CA ALA G 268 -9.00 -15.47 -60.76
C ALA G 268 -8.76 -14.10 -60.11
N ARG G 269 -7.60 -13.93 -59.50
CA ARG G 269 -7.24 -12.69 -58.82
C ARG G 269 -6.79 -11.57 -59.74
N ARG G 270 -6.18 -11.93 -60.87
CA ARG G 270 -5.69 -10.95 -61.82
C ARG G 270 -6.05 -11.44 -63.20
N ILE G 271 -6.60 -10.56 -64.02
CA ILE G 271 -6.97 -10.93 -65.38
C ILE G 271 -7.05 -9.71 -66.27
N LYS G 272 -6.61 -9.85 -67.51
CA LYS G 272 -6.71 -8.77 -68.47
C LYS G 272 -7.97 -8.92 -69.28
N ILE G 273 -8.80 -7.90 -69.28
CA ILE G 273 -10.06 -7.95 -70.00
C ILE G 273 -9.99 -7.01 -71.18
N THR G 274 -10.28 -7.51 -72.37
CA THR G 274 -10.24 -6.66 -73.55
C THR G 274 -11.53 -6.95 -74.30
N PRO G 275 -11.89 -6.18 -75.35
CA PRO G 275 -13.02 -6.41 -76.23
C PRO G 275 -13.01 -7.75 -76.97
N THR G 276 -11.85 -8.40 -77.07
CA THR G 276 -11.76 -9.66 -77.78
C THR G 276 -11.46 -10.80 -76.81
N LYS G 277 -10.19 -11.02 -76.53
CA LYS G 277 -9.80 -12.09 -75.62
C LYS G 277 -9.48 -11.62 -74.22
N ASN G 278 -9.63 -12.54 -73.28
CA ASN G 278 -9.22 -12.27 -71.92
C ASN G 278 -7.93 -13.03 -71.71
N TYR G 279 -7.03 -12.52 -70.88
CA TYR G 279 -5.78 -13.24 -70.63
C TYR G 279 -5.42 -13.44 -69.18
N SER G 280 -4.87 -14.61 -68.88
CA SER G 280 -4.35 -14.94 -67.56
C SER G 280 -2.86 -15.26 -67.65
N GLU G 281 -2.02 -14.50 -66.93
CA GLU G 281 -0.57 -14.70 -66.95
C GLU G 281 -0.10 -15.53 -65.78
N ILE G 282 0.63 -16.59 -66.08
CA ILE G 282 1.13 -17.54 -65.12
C ILE G 282 2.65 -17.59 -65.19
N PHE G 283 3.33 -17.43 -64.06
CA PHE G 283 4.79 -17.50 -64.07
C PHE G 283 5.30 -18.87 -63.65
N ILE G 284 6.34 -19.32 -64.33
CA ILE G 284 7.01 -20.57 -64.04
C ILE G 284 8.31 -20.31 -63.29
N MET H 1 -19.24 17.04 -57.27
CA MET H 1 -17.97 17.66 -57.66
C MET H 1 -16.93 16.63 -58.03
N GLN H 2 -16.65 16.50 -59.31
CA GLN H 2 -15.63 15.57 -59.75
C GLN H 2 -14.31 16.28 -59.88
N VAL H 3 -13.25 15.59 -59.51
CA VAL H 3 -11.90 16.11 -59.61
C VAL H 3 -11.02 15.05 -60.26
N SER H 4 -10.17 15.44 -61.20
CA SER H 4 -9.30 14.47 -61.85
C SER H 4 -7.91 15.04 -62.09
N SER H 5 -6.96 14.13 -62.32
CA SER H 5 -5.58 14.50 -62.58
C SER H 5 -4.88 13.40 -63.37
N SER H 6 -3.72 13.73 -63.92
CA SER H 6 -2.90 12.81 -64.71
C SER H 6 -1.46 13.26 -64.65
N PHE H 7 -0.54 12.31 -64.46
CA PHE H 7 0.87 12.68 -64.35
C PHE H 7 1.73 11.91 -65.34
N ARG H 8 2.78 12.57 -65.85
CA ARG H 8 3.72 11.95 -66.78
C ARG H 8 5.18 12.28 -66.45
N SER H 9 6.10 11.40 -66.86
CA SER H 9 7.53 11.62 -66.65
C SER H 9 7.99 12.91 -67.31
N PHE H 10 8.81 13.67 -66.59
CA PHE H 10 9.33 14.94 -67.04
C PHE H 10 10.84 14.94 -67.33
N LEU H 11 11.62 14.35 -66.43
CA LEU H 11 13.09 14.32 -66.53
C LEU H 11 13.78 13.16 -65.81
N LYS H 12 14.71 12.45 -66.49
CA LYS H 12 15.44 11.39 -65.78
C LYS H 12 16.95 11.67 -65.64
N LEU H 13 17.51 11.34 -64.45
CA LEU H 13 18.95 11.44 -64.14
C LEU H 13 19.55 10.13 -63.60
N ASP H 14 20.58 9.64 -64.28
CA ASP H 14 21.32 8.41 -64.02
C ASP H 14 22.56 8.62 -63.09
N ILE H 15 22.58 8.01 -61.88
CA ILE H 15 23.67 8.23 -60.90
C ILE H 15 24.57 7.00 -60.67
N LEU H 16 25.80 7.04 -61.17
CA LEU H 16 26.71 5.88 -61.15
C LEU H 16 28.08 6.13 -60.48
N HIS H 17 28.71 5.05 -59.99
CA HIS H 17 30.06 5.15 -59.42
C HIS H 17 30.78 3.82 -59.63
N SER H 18 31.97 3.87 -60.25
CA SER H 18 32.79 2.70 -60.60
C SER H 18 33.20 1.84 -59.42
N TYR H 19 33.41 2.44 -58.26
CA TYR H 19 33.82 1.67 -57.08
C TYR H 19 32.83 0.55 -56.78
N PHE H 20 31.54 0.82 -56.97
CA PHE H 20 30.56 -0.18 -56.62
C PHE H 20 30.18 -1.04 -57.82
N LEU H 21 30.27 -0.47 -59.02
CA LEU H 21 29.85 -1.18 -60.24
C LEU H 21 30.89 -2.00 -61.01
N ASN H 22 32.18 -1.68 -60.93
CA ASN H 22 33.20 -2.43 -61.68
C ASN H 22 33.55 -3.73 -60.97
N ASP H 23 34.11 -4.67 -61.71
CA ASP H 23 34.56 -5.91 -61.07
C ASP H 23 36.04 -6.14 -61.36
N GLY H 24 36.89 -5.70 -60.43
CA GLY H 24 38.32 -5.74 -60.65
C GLY H 24 38.61 -4.89 -61.87
N GLU H 25 39.34 -5.47 -62.82
CA GLU H 25 39.70 -4.78 -64.05
C GLU H 25 38.55 -4.55 -65.03
N LYS H 26 37.43 -5.27 -64.87
CA LYS H 26 36.34 -5.16 -65.84
C LYS H 26 35.48 -3.92 -65.61
N ASP H 27 35.49 -3.06 -66.61
CA ASP H 27 34.78 -1.78 -66.65
C ASP H 27 33.31 -1.91 -66.96
N PHE H 28 32.46 -1.45 -66.04
CA PHE H 28 31.01 -1.49 -66.15
C PHE H 28 30.54 -1.00 -67.52
N SER H 29 31.16 0.06 -68.02
CA SER H 29 30.80 0.68 -69.28
C SER H 29 30.96 -0.24 -70.49
N SER H 30 31.73 -1.31 -70.36
CA SER H 30 32.00 -2.28 -71.42
C SER H 30 31.31 -3.63 -71.20
N MET H 31 30.43 -3.71 -70.21
CA MET H 31 29.71 -4.95 -69.90
C MET H 31 28.53 -5.18 -70.83
N ASN H 32 28.16 -6.44 -71.03
CA ASN H 32 26.99 -6.74 -71.86
C ASN H 32 25.73 -6.59 -71.01
N GLU H 33 24.57 -6.92 -71.55
CA GLU H 33 23.34 -6.68 -70.82
C GLU H 33 23.17 -7.51 -69.56
N GLU H 34 23.52 -8.80 -69.61
CA GLU H 34 23.35 -9.63 -68.42
C GLU H 34 24.34 -9.23 -67.33
N GLU H 35 25.55 -8.88 -67.75
CA GLU H 35 26.59 -8.45 -66.82
C GLU H 35 26.22 -7.15 -66.15
N SER H 36 25.66 -6.21 -66.92
CA SER H 36 25.25 -4.92 -66.40
C SER H 36 24.14 -5.09 -65.38
N LYS H 37 23.11 -5.88 -65.72
CA LYS H 37 22.02 -6.10 -64.79
C LYS H 37 22.49 -6.72 -63.50
N THR H 38 23.40 -7.69 -63.58
CA THR H 38 23.91 -8.35 -62.42
C THR H 38 24.60 -7.37 -61.48
N GLN H 39 25.43 -6.49 -62.02
CA GLN H 39 26.10 -5.54 -61.15
C GLN H 39 25.13 -4.55 -60.51
N LEU H 40 24.14 -4.10 -61.28
CA LEU H 40 23.18 -3.13 -60.77
C LEU H 40 22.35 -3.64 -59.62
N LYS H 41 22.06 -4.93 -59.58
CA LYS H 41 21.28 -5.52 -58.50
C LYS H 41 21.87 -5.29 -57.10
N SER H 42 23.18 -5.05 -57.00
CA SER H 42 23.84 -4.82 -55.72
C SER H 42 24.16 -3.35 -55.45
N TYR H 43 23.69 -2.46 -56.31
CA TYR H 43 24.00 -1.03 -56.20
C TYR H 43 22.84 -0.14 -55.79
N ASN H 44 23.13 0.79 -54.87
CA ASN H 44 22.15 1.78 -54.45
C ASN H 44 22.84 3.11 -54.19
N TRP H 45 22.61 4.11 -55.03
CA TRP H 45 23.34 5.39 -54.87
C TRP H 45 23.19 6.03 -53.49
N LYS H 46 22.11 5.69 -52.77
CA LYS H 46 21.83 6.28 -51.46
C LYS H 46 22.72 5.73 -50.36
N ASP H 47 23.56 4.77 -50.71
CA ASP H 47 24.53 4.22 -49.79
C ASP H 47 25.62 5.24 -49.51
N PHE H 48 25.90 6.16 -50.45
CA PHE H 48 26.96 7.12 -50.21
C PHE H 48 26.56 8.58 -50.39
N LEU H 49 25.56 8.85 -51.23
CA LEU H 49 25.18 10.22 -51.58
C LEU H 49 23.75 10.59 -51.14
N GLU H 50 23.57 11.83 -50.69
CA GLU H 50 22.24 12.36 -50.38
C GLU H 50 21.87 13.51 -51.32
N ILE H 51 20.66 13.47 -51.90
CA ILE H 51 20.23 14.52 -52.85
C ILE H 51 18.88 15.11 -52.48
N TYR H 52 18.82 16.44 -52.42
CA TYR H 52 17.56 17.10 -52.09
C TYR H 52 17.46 18.51 -52.70
N PRO H 53 16.25 19.06 -52.96
CA PRO H 53 15.99 20.41 -53.44
C PRO H 53 16.23 21.52 -52.44
N SER H 54 16.57 22.70 -52.96
CA SER H 54 16.67 23.92 -52.15
C SER H 54 15.27 24.38 -51.73
N GLN H 55 15.18 25.29 -50.76
CA GLN H 55 13.86 25.75 -50.33
C GLN H 55 13.07 26.46 -51.43
N LYS H 56 13.75 27.23 -52.27
CA LYS H 56 13.05 27.89 -53.36
C LYS H 56 12.59 26.88 -54.38
N THR H 57 13.40 25.86 -54.64
CA THR H 57 13.03 24.82 -55.57
C THR H 57 11.79 24.10 -55.08
N SER H 58 11.74 23.75 -53.79
CA SER H 58 10.57 23.06 -53.26
C SER H 58 9.31 23.90 -53.42
N HIS H 59 9.42 25.19 -53.17
CA HIS H 59 8.28 26.08 -53.30
C HIS H 59 7.79 26.10 -54.74
N MET H 60 8.70 26.25 -55.71
CA MET H 60 8.33 26.28 -57.11
C MET H 60 7.68 24.96 -57.52
N MET H 61 8.29 23.83 -57.15
CA MET H 61 7.77 22.53 -57.54
C MET H 61 6.37 22.35 -57.04
N ARG H 62 6.06 22.81 -55.82
CA ARG H 62 4.69 22.71 -55.37
C ARG H 62 3.77 23.51 -56.28
N GLY H 63 4.14 24.74 -56.59
CA GLY H 63 3.32 25.61 -57.43
C GLY H 63 3.07 25.07 -58.82
N ASN H 64 4.08 24.45 -59.42
CA ASN H 64 3.97 23.91 -60.77
C ASN H 64 3.60 22.43 -60.84
N LYS H 65 3.27 21.81 -59.71
CA LYS H 65 2.91 20.39 -59.68
C LYS H 65 4.00 19.45 -60.22
N ILE H 66 5.23 19.63 -59.76
CA ILE H 66 6.36 18.77 -60.14
C ILE H 66 6.77 17.91 -58.94
N PHE H 67 6.88 16.61 -59.16
CA PHE H 67 7.16 15.64 -58.10
C PHE H 67 8.52 14.98 -58.25
N PHE H 68 9.14 14.60 -57.12
CA PHE H 68 10.46 13.97 -57.09
C PHE H 68 10.45 12.50 -56.63
N LYS H 69 10.82 11.58 -57.50
CA LYS H 69 10.83 10.15 -57.18
C LYS H 69 12.24 9.58 -57.28
N SER H 70 12.53 8.51 -56.54
CA SER H 70 13.88 7.92 -56.63
C SER H 70 13.89 6.41 -56.64
N PHE H 71 14.95 5.89 -57.28
CA PHE H 71 15.21 4.49 -57.53
C PHE H 71 16.66 4.20 -57.16
N ASN H 72 17.05 2.94 -57.01
CA ASN H 72 18.42 2.63 -56.64
C ASN H 72 19.51 3.14 -57.58
N ASP H 73 19.21 3.40 -58.85
CA ASP H 73 20.21 3.90 -59.76
C ASP H 73 19.85 5.26 -60.38
N SER H 74 18.76 5.89 -59.94
CA SER H 74 18.31 7.10 -60.62
C SER H 74 17.28 7.97 -59.92
N ILE H 75 17.10 9.17 -60.47
CA ILE H 75 16.05 10.11 -60.07
C ILE H 75 15.14 10.49 -61.22
N ILE H 76 13.84 10.43 -60.98
CA ILE H 76 12.86 10.84 -62.00
C ILE H 76 11.92 11.91 -61.51
N LEU H 77 11.81 12.98 -62.28
CA LEU H 77 10.84 14.01 -61.93
C LEU H 77 9.62 13.76 -62.79
N ALA H 78 8.45 14.06 -62.24
CA ALA H 78 7.18 13.90 -62.95
C ALA H 78 6.32 15.14 -62.84
N ILE H 79 5.51 15.39 -63.86
CA ILE H 79 4.70 16.60 -63.89
C ILE H 79 3.22 16.37 -64.18
N LYS H 80 2.36 17.17 -63.56
CA LYS H 80 0.93 17.11 -63.89
C LYS H 80 0.66 17.68 -65.29
N VAL H 81 -0.16 16.98 -66.07
CA VAL H 81 -0.52 17.41 -67.43
C VAL H 81 -2.01 17.57 -67.58
N GLU H 82 -2.42 18.25 -68.65
CA GLU H 82 -3.83 18.43 -68.92
C GLU H 82 -4.53 17.14 -69.26
N SER H 83 -5.75 16.98 -68.75
CA SER H 83 -6.53 15.81 -69.05
C SER H 83 -6.77 15.70 -70.54
N GLY H 84 -6.69 14.48 -71.05
CA GLY H 84 -6.90 14.20 -72.45
C GLY H 84 -5.61 14.16 -73.26
N THR H 85 -4.49 14.62 -72.70
CA THR H 85 -3.25 14.56 -73.48
C THR H 85 -2.06 13.97 -72.78
N GLU H 86 -0.96 13.93 -73.51
CA GLU H 86 0.30 13.39 -73.04
C GLU H 86 1.39 14.42 -72.86
N ASN H 87 1.29 15.55 -73.56
CA ASN H 87 2.39 16.49 -73.59
C ASN H 87 2.13 17.95 -73.26
N GLN H 88 0.98 18.29 -72.68
CA GLN H 88 0.73 19.68 -72.34
C GLN H 88 0.73 19.88 -70.84
N PRO H 89 1.75 20.54 -70.26
CA PRO H 89 1.87 20.77 -68.84
C PRO H 89 0.62 21.49 -68.39
N PHE H 90 0.14 21.13 -67.21
CA PHE H 90 -1.04 21.76 -66.67
C PHE H 90 -0.80 23.27 -66.55
N ASN H 91 0.30 23.65 -65.89
CA ASN H 91 0.67 25.05 -65.77
C ASN H 91 1.71 25.40 -66.82
N GLU H 92 1.60 26.60 -67.41
CA GLU H 92 2.58 27.06 -68.39
C GLU H 92 3.98 27.16 -67.78
N LEU H 93 4.98 26.64 -68.48
CA LEU H 93 6.36 26.74 -68.02
C LEU H 93 7.09 27.80 -68.83
N TYR H 94 8.05 28.49 -68.22
CA TYR H 94 8.81 29.50 -68.95
C TYR H 94 10.27 29.09 -69.10
N GLU H 95 10.92 29.60 -70.13
CA GLU H 95 12.29 29.21 -70.48
C GLU H 95 13.35 29.38 -69.39
N ASP H 96 13.22 30.42 -68.58
CA ASP H 96 14.20 30.69 -67.54
C ASP H 96 13.85 30.17 -66.17
N GLU H 97 12.81 29.34 -66.07
CA GLU H 97 12.54 28.74 -64.77
C GLU H 97 13.59 27.68 -64.58
N SER H 98 13.93 27.38 -63.33
CA SER H 98 14.91 26.36 -63.06
C SER H 98 14.72 25.70 -61.73
N MET H 99 15.32 24.52 -61.59
CA MET H 99 15.31 23.78 -60.33
C MET H 99 16.73 23.55 -59.83
N THR H 100 16.95 23.76 -58.53
CA THR H 100 18.28 23.57 -57.95
C THR H 100 18.29 22.47 -56.91
N PHE H 101 19.15 21.48 -57.12
CA PHE H 101 19.28 20.38 -56.18
C PHE H 101 20.68 20.34 -55.58
N LEU H 102 20.76 19.97 -54.32
CA LEU H 102 22.04 19.91 -53.64
C LEU H 102 22.53 18.50 -53.39
N LEU H 103 23.85 18.33 -53.50
CA LEU H 103 24.52 17.08 -53.23
C LEU H 103 25.32 17.17 -51.94
N SER H 104 25.23 16.12 -51.12
CA SER H 104 26.06 16.00 -49.91
C SER H 104 26.43 14.55 -49.67
N LEU H 105 27.50 14.30 -48.93
CA LEU H 105 27.95 12.93 -48.68
C LEU H 105 27.70 12.37 -47.31
N LYS H 106 27.36 11.08 -47.28
CA LYS H 106 27.22 10.36 -46.02
C LYS H 106 28.36 9.35 -45.80
N ASP H 107 28.97 8.85 -46.89
CA ASP H 107 30.05 7.85 -46.76
C ASP H 107 31.42 8.50 -46.47
N GLN H 108 31.95 8.26 -45.27
CA GLN H 108 33.21 8.86 -44.82
C GLN H 108 34.43 8.46 -45.66
N TYR H 109 34.33 7.38 -46.43
CA TYR H 109 35.48 6.94 -47.21
C TYR H 109 35.38 7.36 -48.67
N PHE H 110 34.40 8.20 -49.01
CA PHE H 110 34.20 8.62 -50.39
C PHE H 110 35.49 9.14 -51.00
N GLY H 111 36.21 9.99 -50.26
CA GLY H 111 37.44 10.60 -50.72
C GLY H 111 38.62 9.65 -50.89
N ASN H 112 38.57 8.44 -50.31
CA ASN H 112 39.68 7.52 -50.48
C ASN H 112 39.50 6.76 -51.78
N TYR H 113 38.27 6.35 -52.07
CA TYR H 113 38.09 5.57 -53.29
C TYR H 113 37.71 6.37 -54.53
N THR H 114 37.25 7.62 -54.39
CA THR H 114 36.83 8.40 -55.55
C THR H 114 37.99 9.22 -56.13
N ASP H 115 38.25 9.04 -57.42
CA ASP H 115 39.39 9.72 -58.02
C ASP H 115 39.06 11.15 -58.48
N LEU H 116 38.92 12.06 -57.52
CA LEU H 116 38.59 13.46 -57.83
C LEU H 116 39.15 14.41 -56.77
N ASP H 117 39.94 15.40 -57.21
CA ASP H 117 40.57 16.32 -56.29
C ASP H 117 39.66 17.46 -55.85
N LEU H 118 38.83 17.16 -54.86
CA LEU H 118 37.80 18.07 -54.34
C LEU H 118 38.28 19.06 -53.29
N ALA H 119 39.57 19.06 -52.98
CA ALA H 119 40.02 19.98 -51.94
C ALA H 119 39.66 21.41 -52.28
N ASP H 120 38.97 22.05 -51.33
CA ASP H 120 38.51 23.44 -51.40
C ASP H 120 37.79 23.84 -52.69
N GLN H 121 37.00 22.95 -53.29
CA GLN H 121 36.31 23.29 -54.54
C GLN H 121 34.86 22.84 -54.57
N LEU H 122 34.05 23.55 -55.34
CA LEU H 122 32.65 23.24 -55.54
C LEU H 122 32.43 22.48 -56.81
N LEU H 123 31.63 21.42 -56.77
CA LEU H 123 31.31 20.65 -57.96
C LEU H 123 29.98 21.19 -58.53
N TYR H 124 29.97 21.57 -59.81
CA TYR H 124 28.76 22.18 -60.39
C TYR H 124 28.34 21.62 -61.74
N PHE H 125 27.05 21.27 -61.88
CA PHE H 125 26.53 20.73 -63.13
C PHE H 125 25.32 21.52 -63.61
N SER H 126 25.20 21.73 -64.92
CA SER H 126 24.02 22.44 -65.47
C SER H 126 23.85 22.20 -66.96
N ASN H 127 22.69 22.60 -67.51
CA ASN H 127 22.44 22.52 -68.94
C ASN H 127 22.46 23.89 -69.65
N LYS H 128 22.99 24.90 -68.96
CA LYS H 128 23.05 26.27 -69.47
C LYS H 128 24.28 26.98 -68.88
N THR H 129 25.07 27.61 -69.73
CA THR H 129 26.27 28.32 -69.31
C THR H 129 25.94 29.44 -68.30
N PRO H 130 26.62 29.51 -67.13
CA PRO H 130 26.45 30.50 -66.08
C PRO H 130 27.12 31.81 -66.42
N VAL H 131 26.80 32.86 -65.67
CA VAL H 131 27.52 34.12 -65.78
C VAL H 131 28.29 34.35 -64.49
N LEU H 132 29.60 34.19 -64.55
CA LEU H 132 30.43 34.26 -63.36
C LEU H 132 31.40 35.44 -63.45
N PRO H 133 31.83 36.03 -62.31
CA PRO H 133 32.79 37.13 -62.22
C PRO H 133 34.22 36.90 -62.76
N GLU H 134 34.71 35.67 -62.85
CA GLU H 134 36.07 35.48 -63.38
C GLU H 134 36.03 34.54 -64.58
N ALA H 135 36.97 34.70 -65.51
CA ALA H 135 37.00 33.85 -66.71
C ALA H 135 37.05 32.38 -66.37
N PHE H 136 36.27 31.59 -67.12
CA PHE H 136 36.18 30.16 -66.91
C PHE H 136 35.77 29.48 -68.21
N THR H 137 35.92 28.17 -68.27
CA THR H 137 35.42 27.41 -69.40
C THR H 137 34.22 26.66 -68.92
N PHE H 138 33.41 26.13 -69.82
CA PHE H 138 32.21 25.42 -69.40
C PHE H 138 31.83 24.25 -70.26
N LYS H 139 31.40 23.18 -69.61
CA LYS H 139 30.83 22.08 -70.34
C LYS H 139 29.58 21.73 -69.56
N PRO H 140 28.51 21.30 -70.21
CA PRO H 140 27.26 20.90 -69.63
C PRO H 140 27.28 19.56 -68.95
N ILE H 141 26.21 19.29 -68.24
CA ILE H 141 25.96 17.97 -67.69
C ILE H 141 25.85 17.01 -68.88
N ASP H 142 26.59 15.91 -68.84
CA ASP H 142 26.60 14.94 -69.93
C ASP H 142 25.30 14.22 -70.13
N ARG H 143 25.00 13.87 -71.37
CA ARG H 143 23.84 13.08 -71.72
C ARG H 143 24.10 11.60 -71.53
N ILE H 144 23.02 10.83 -71.43
CA ILE H 144 23.13 9.38 -71.21
C ILE H 144 23.94 8.61 -72.26
N ASN H 145 23.97 9.08 -73.50
CA ASN H 145 24.69 8.38 -74.54
C ASN H 145 26.10 8.89 -74.79
N GLN H 146 26.63 9.71 -73.87
CA GLN H 146 27.99 10.20 -74.00
C GLN H 146 28.95 9.44 -73.08
N SER H 147 30.21 9.34 -73.48
CA SER H 147 31.26 8.72 -72.67
C SER H 147 31.89 9.70 -71.68
N GLY H 148 32.69 9.18 -70.75
CA GLY H 148 33.42 10.03 -69.80
C GLY H 148 32.88 9.98 -68.37
N THR H 149 33.66 10.53 -67.46
CA THR H 149 33.37 10.59 -66.02
C THR H 149 33.55 11.99 -65.50
N VAL H 150 33.13 12.23 -64.26
CA VAL H 150 33.28 13.53 -63.64
C VAL H 150 34.75 13.85 -63.46
N GLY H 151 35.17 15.03 -63.90
CA GLY H 151 36.56 15.46 -63.78
C GLY H 151 36.66 16.91 -63.35
N GLU H 152 37.85 17.47 -63.51
CA GLU H 152 38.20 18.83 -63.13
C GLU H 152 37.41 19.91 -63.84
N GLU H 153 36.85 19.57 -64.98
CA GLU H 153 36.05 20.48 -65.79
C GLU H 153 34.81 20.98 -65.06
N TYR H 154 34.39 20.25 -64.02
CA TYR H 154 33.20 20.63 -63.27
C TYR H 154 33.54 21.27 -61.93
N LEU H 155 34.81 21.62 -61.67
CA LEU H 155 35.13 22.22 -60.39
C LEU H 155 35.34 23.74 -60.46
N TYR H 156 34.83 24.42 -59.43
CA TYR H 156 34.94 25.87 -59.29
C TYR H 156 35.58 26.30 -57.98
N GLU H 157 36.30 27.41 -58.02
CA GLU H 157 36.96 27.96 -56.84
C GLU H 157 36.87 29.47 -56.76
N GLY H 158 37.39 30.03 -55.67
CA GLY H 158 37.49 31.47 -55.48
C GLY H 158 36.16 32.21 -55.58
N GLU H 159 36.17 33.28 -56.37
CA GLU H 159 35.00 34.13 -56.58
C GLU H 159 33.89 33.42 -57.33
N ASN H 160 34.23 32.54 -58.27
CA ASN H 160 33.19 31.87 -59.00
C ASN H 160 32.43 30.94 -58.06
N LYS H 161 33.16 30.27 -57.18
CA LYS H 161 32.55 29.42 -56.17
C LYS H 161 31.65 30.23 -55.25
N LYS H 162 32.16 31.34 -54.73
CA LYS H 162 31.42 32.19 -53.83
C LYS H 162 30.10 32.62 -54.47
N HIS H 163 30.18 33.07 -55.72
CA HIS H 163 29.02 33.53 -56.46
C HIS H 163 27.95 32.45 -56.55
N LEU H 164 28.33 31.24 -56.99
CA LEU H 164 27.36 30.17 -57.15
C LEU H 164 26.69 29.78 -55.83
N LEU H 165 27.46 29.72 -54.74
CA LEU H 165 26.89 29.36 -53.45
C LEU H 165 25.88 30.38 -52.97
N GLU H 166 26.18 31.67 -53.20
CA GLU H 166 25.27 32.74 -52.81
C GLU H 166 23.98 32.72 -53.61
N GLU H 167 24.04 32.54 -54.93
CA GLU H 167 22.83 32.53 -55.75
C GLU H 167 21.91 31.39 -55.36
N ALA H 168 22.48 30.28 -54.93
CA ALA H 168 21.71 29.12 -54.52
C ALA H 168 21.16 29.27 -53.11
N HIS H 169 21.56 30.35 -52.43
CA HIS H 169 21.13 30.64 -51.06
C HIS H 169 21.29 29.44 -50.14
N LEU H 170 22.54 29.06 -49.88
CA LEU H 170 22.84 27.91 -49.04
C LEU H 170 22.95 28.23 -47.55
N ASN H 171 22.62 27.23 -46.73
CA ASN H 171 22.68 27.30 -45.28
C ASN H 171 24.12 27.52 -44.79
N PRO H 172 24.37 28.40 -43.80
CA PRO H 172 25.67 28.67 -43.19
C PRO H 172 26.45 27.43 -42.74
N GLY H 173 25.78 26.34 -42.38
CA GLY H 173 26.49 25.13 -41.94
C GLY H 173 27.25 24.43 -43.08
N GLY H 174 27.02 24.87 -44.31
CA GLY H 174 27.69 24.31 -45.47
C GLY H 174 27.52 22.81 -45.59
N GLY H 175 28.61 22.12 -45.88
CA GLY H 175 28.58 20.66 -46.04
C GLY H 175 28.02 20.27 -47.39
N VAL H 176 28.25 21.10 -48.39
CA VAL H 176 27.77 20.84 -49.74
C VAL H 176 28.89 20.38 -50.67
N LEU H 177 28.63 19.28 -51.38
CA LEU H 177 29.59 18.72 -52.31
C LEU H 177 29.48 19.47 -53.61
N GLY H 178 28.23 19.66 -54.02
CA GLY H 178 27.96 20.30 -55.27
C GLY H 178 26.52 20.68 -55.49
N ILE H 179 26.32 21.39 -56.57
CA ILE H 179 25.02 21.94 -56.99
C ILE H 179 24.64 21.54 -58.41
N ILE H 180 23.41 21.06 -58.59
CA ILE H 180 22.89 20.74 -59.92
C ILE H 180 21.77 21.70 -60.30
N GLN H 181 21.92 22.42 -61.42
CA GLN H 181 20.89 23.37 -61.86
C GLN H 181 20.37 23.13 -63.27
N ILE H 182 19.09 22.82 -63.37
CA ILE H 182 18.48 22.55 -64.66
C ILE H 182 17.45 23.61 -65.05
N TYR H 183 17.63 24.16 -66.25
CA TYR H 183 16.75 25.18 -66.83
C TYR H 183 15.77 24.54 -67.78
N MET H 184 14.57 25.11 -67.88
CA MET H 184 13.57 24.55 -68.81
C MET H 184 14.11 24.63 -70.24
N LYS H 185 14.78 25.73 -70.58
CA LYS H 185 15.43 25.86 -71.87
C LYS H 185 16.93 26.03 -71.67
N GLY H 186 17.72 25.14 -72.26
CA GLY H 186 19.18 25.16 -72.10
C GLY H 186 19.89 25.83 -73.28
N ASP H 187 21.18 25.52 -73.45
CA ASP H 187 22.00 26.13 -74.52
C ASP H 187 21.86 25.50 -75.91
N THR H 188 21.14 24.41 -75.99
CA THR H 188 20.94 23.69 -77.24
C THR H 188 19.68 22.84 -77.10
N PRO H 189 18.89 22.59 -78.15
CA PRO H 189 17.69 21.77 -78.11
C PRO H 189 17.82 20.41 -77.44
N VAL H 190 18.95 19.74 -77.60
CA VAL H 190 19.11 18.43 -76.98
C VAL H 190 19.25 18.43 -75.47
N LEU H 191 19.40 19.61 -74.86
CA LEU H 191 19.51 19.68 -73.42
C LEU H 191 18.28 20.32 -72.81
N SER H 192 17.27 20.65 -73.62
CA SER H 192 16.08 21.34 -73.09
C SER H 192 15.01 20.36 -72.64
N LEU H 193 14.07 20.85 -71.83
CA LEU H 193 12.99 20.00 -71.37
C LEU H 193 11.72 20.18 -72.20
N ILE H 194 11.55 21.38 -72.76
CA ILE H 194 10.35 21.74 -73.51
C ILE H 194 10.65 22.28 -74.89
N ASN H 195 9.63 22.26 -75.75
CA ASN H 195 9.73 22.82 -77.08
C ASN H 195 9.41 24.31 -77.11
N ASN H 196 9.48 24.91 -78.29
CA ASN H 196 9.26 26.35 -78.42
C ASN H 196 7.85 26.81 -78.05
N ASP H 197 6.86 25.95 -78.22
CA ASP H 197 5.51 26.33 -77.88
C ASP H 197 5.08 25.88 -76.48
N GLY H 198 6.05 25.41 -75.68
CA GLY H 198 5.80 24.97 -74.31
C GLY H 198 5.46 23.49 -74.16
N THR H 199 5.28 22.78 -75.28
CA THR H 199 4.95 21.36 -75.30
C THR H 199 6.08 20.53 -74.72
N LEU H 200 5.77 19.48 -73.95
CA LEU H 200 6.85 18.64 -73.42
C LEU H 200 7.50 17.92 -74.57
N LYS H 201 8.80 17.69 -74.50
CA LYS H 201 9.43 16.92 -75.57
C LYS H 201 8.90 15.51 -75.65
N ASN H 202 8.98 14.91 -76.85
CA ASN H 202 8.50 13.56 -77.11
C ASN H 202 9.53 12.46 -76.92
N SER H 203 10.63 12.82 -76.31
CA SER H 203 11.72 11.92 -75.96
C SER H 203 12.21 12.41 -74.63
N LEU H 204 12.06 11.60 -73.59
CA LEU H 204 12.39 12.04 -72.25
C LEU H 204 13.88 12.40 -72.18
N PRO H 205 14.27 13.61 -71.72
CA PRO H 205 15.65 13.99 -71.52
C PRO H 205 16.24 13.01 -70.53
N HIS H 206 17.46 12.57 -70.78
CA HIS H 206 18.08 11.59 -69.91
C HIS H 206 19.55 11.92 -69.70
N PHE H 207 19.87 12.49 -68.54
CA PHE H 207 21.21 12.97 -68.21
C PHE H 207 21.95 11.97 -67.31
N LYS H 208 23.28 12.04 -67.31
CA LYS H 208 24.11 11.15 -66.50
C LYS H 208 25.30 11.78 -65.74
N ILE H 209 25.51 11.32 -64.50
CA ILE H 209 26.69 11.64 -63.70
C ILE H 209 27.39 10.35 -63.28
N HIS H 210 28.68 10.20 -63.63
CA HIS H 210 29.41 8.96 -63.32
C HIS H 210 30.80 9.24 -62.69
N PHE H 211 31.01 8.73 -61.49
CA PHE H 211 32.30 8.94 -60.79
C PHE H 211 33.27 7.78 -61.01
N SER H 212 34.56 8.09 -61.21
CA SER H 212 35.59 7.05 -61.39
C SER H 212 36.25 6.62 -60.08
N ASN H 213 36.91 5.46 -60.12
CA ASN H 213 37.60 4.94 -58.95
C ASN H 213 39.12 5.13 -59.01
N ARG H 214 39.73 5.22 -57.84
CA ARG H 214 41.18 5.36 -57.66
C ARG H 214 41.96 4.03 -57.79
N LYS H 215 43.20 4.08 -58.32
CA LYS H 215 44.13 2.94 -58.41
C LYS H 215 45.35 3.10 -57.48
N SER H 216 46.03 1.98 -57.13
CA SER H 216 47.25 2.02 -56.31
C SER H 216 48.19 0.81 -56.40
N THR H 217 49.43 1.00 -55.92
CA THR H 217 50.45 -0.04 -55.76
C THR H 217 50.23 -0.78 -54.47
N TRP H 218 50.27 -2.11 -54.51
CA TRP H 218 50.03 -2.87 -53.30
C TRP H 218 51.35 -3.29 -52.67
N LYS H 219 51.47 -3.07 -51.37
CA LYS H 219 52.66 -3.43 -50.61
C LYS H 219 52.35 -4.46 -49.55
N TYR H 220 53.08 -5.55 -49.55
CA TYR H 220 52.86 -6.62 -48.60
C TYR H 220 53.96 -6.70 -47.55
N ILE H 221 53.54 -6.67 -46.29
CA ILE H 221 54.44 -6.66 -45.16
C ILE H 221 54.35 -7.92 -44.31
N ASN H 222 55.45 -8.62 -44.15
CA ASN H 222 55.52 -9.81 -43.34
C ASN H 222 56.47 -9.61 -42.17
N LEU H 223 55.93 -9.31 -41.00
CA LEU H 223 56.82 -8.98 -39.91
C LEU H 223 57.52 -10.21 -39.35
N LYS H 224 56.83 -11.35 -39.24
CA LYS H 224 57.46 -12.50 -38.61
C LYS H 224 58.62 -13.05 -39.42
N ASP H 225 58.54 -12.93 -40.75
CA ASP H 225 59.60 -13.37 -41.65
C ASP H 225 60.53 -12.22 -42.01
N ASP H 226 60.19 -11.02 -41.53
CA ASP H 226 60.97 -9.81 -41.76
C ASP H 226 61.24 -9.47 -43.24
N PHE H 227 60.24 -9.61 -44.09
CA PHE H 227 60.39 -9.31 -45.51
C PHE H 227 59.26 -8.45 -46.08
N GLU H 228 59.59 -7.61 -47.05
CA GLU H 228 58.61 -6.74 -47.68
C GLU H 228 58.67 -6.92 -49.19
N THR H 229 57.53 -6.82 -49.87
CA THR H 229 57.49 -6.88 -51.34
C THR H 229 56.40 -6.00 -51.94
N GLU H 230 56.59 -5.57 -53.18
CA GLU H 230 55.58 -4.72 -53.84
C GLU H 230 55.18 -5.22 -55.22
N THR H 231 53.98 -4.90 -55.63
CA THR H 231 53.58 -5.28 -56.98
C THR H 231 54.23 -4.38 -58.01
N LYS H 232 54.29 -4.85 -59.26
CA LYS H 232 54.85 -4.06 -60.34
C LYS H 232 53.97 -2.98 -60.94
N LYS H 233 52.67 -3.17 -60.94
CA LYS H 233 51.77 -2.19 -61.54
C LYS H 233 50.60 -1.94 -60.62
N ASP H 234 50.01 -0.75 -60.75
CA ASP H 234 48.82 -0.37 -60.00
C ASP H 234 47.58 -1.19 -60.34
N TYR H 235 46.75 -1.44 -59.34
CA TYR H 235 45.48 -2.12 -59.52
C TYR H 235 44.36 -1.25 -58.99
N PRO H 236 43.13 -1.31 -59.55
CA PRO H 236 41.98 -0.55 -59.11
C PRO H 236 41.41 -1.00 -57.80
N LEU H 237 40.85 -0.04 -57.05
CA LEU H 237 40.08 -0.37 -55.87
C LEU H 237 38.64 -0.55 -56.26
N THR H 238 38.05 -1.65 -55.84
CA THR H 238 36.66 -1.93 -56.08
C THR H 238 36.05 -2.46 -54.81
N LYS H 239 34.74 -2.44 -54.69
CA LYS H 239 34.10 -2.99 -53.51
C LYS H 239 33.93 -4.52 -53.54
N PHE H 240 33.52 -5.07 -54.68
CA PHE H 240 33.20 -6.51 -54.73
C PHE H 240 34.10 -7.43 -55.56
N GLY H 241 35.06 -6.90 -56.30
CA GLY H 241 35.85 -7.74 -57.18
C GLY H 241 37.03 -8.43 -56.50
N PHE H 242 37.79 -9.18 -57.28
CA PHE H 242 38.95 -9.91 -56.78
C PHE H 242 40.05 -10.10 -57.82
N ILE H 243 41.25 -9.74 -57.45
CA ILE H 243 42.42 -9.87 -58.30
C ILE H 243 43.37 -10.92 -57.75
N LEU H 244 43.67 -11.90 -58.58
CA LEU H 244 44.54 -12.97 -58.15
C LEU H 244 45.99 -12.73 -58.52
N LEU H 245 46.84 -12.69 -57.51
CA LEU H 245 48.27 -12.53 -57.72
C LEU H 245 48.93 -13.83 -57.35
N ASP H 246 49.50 -14.54 -58.31
CA ASP H 246 50.10 -15.82 -57.99
C ASP H 246 51.41 -16.12 -58.70
N LYS H 247 52.07 -15.13 -59.32
CA LYS H 247 53.33 -15.43 -59.98
C LYS H 247 54.44 -14.65 -59.33
N LYS H 248 55.63 -15.22 -59.29
CA LYS H 248 56.78 -14.51 -58.74
C LYS H 248 57.01 -13.24 -59.53
N SER H 249 56.78 -13.32 -60.83
CA SER H 249 56.96 -12.26 -61.80
C SER H 249 56.05 -11.05 -61.60
N ASP H 250 55.02 -11.19 -60.76
CA ASP H 250 54.09 -10.09 -60.49
C ASP H 250 54.68 -9.11 -59.49
N PHE H 251 55.70 -9.56 -58.76
CA PHE H 251 56.27 -8.82 -57.67
C PHE H 251 57.70 -8.36 -57.84
N ILE H 252 58.01 -7.30 -57.14
CA ILE H 252 59.34 -6.76 -57.03
C ILE H 252 59.93 -7.35 -55.76
N SER H 253 61.04 -8.08 -55.93
CA SER H 253 61.72 -8.77 -54.84
C SER H 253 60.83 -9.74 -54.05
N PRO H 254 60.20 -10.75 -54.70
CA PRO H 254 59.33 -11.74 -54.09
C PRO H 254 60.14 -12.60 -53.10
N PRO H 255 59.51 -13.17 -52.07
CA PRO H 255 60.12 -14.00 -51.04
C PRO H 255 60.62 -15.35 -51.52
N ALA H 256 61.62 -15.86 -50.79
CA ALA H 256 62.25 -17.16 -51.03
C ALA H 256 61.28 -18.32 -51.12
N HIS H 257 60.22 -18.28 -50.32
CA HIS H 257 59.28 -19.37 -50.30
C HIS H 257 57.90 -18.96 -50.80
N PHE H 258 57.89 -18.10 -51.80
CA PHE H 258 56.67 -17.57 -52.43
C PHE H 258 55.56 -18.61 -52.58
N GLU H 259 55.89 -19.83 -52.96
CA GLU H 259 54.88 -20.85 -53.19
C GLU H 259 53.95 -21.12 -51.98
N LYS H 260 54.38 -20.84 -50.74
CA LYS H 260 53.52 -21.09 -49.58
C LYS H 260 52.70 -19.88 -49.15
N TYR H 261 52.81 -18.75 -49.84
CA TYR H 261 52.13 -17.54 -49.40
C TYR H 261 50.86 -17.21 -50.18
N VAL H 262 49.95 -16.53 -49.50
CA VAL H 262 48.71 -16.01 -50.04
C VAL H 262 48.69 -14.52 -49.92
N PHE H 263 48.34 -13.83 -51.00
CA PHE H 263 48.33 -12.37 -51.03
C PHE H 263 46.92 -11.75 -51.17
N PRO H 264 46.25 -11.32 -50.07
CA PRO H 264 44.93 -10.72 -50.00
C PRO H 264 44.83 -9.39 -50.73
N ASN H 265 43.64 -9.04 -51.20
CA ASN H 265 43.42 -7.73 -51.82
C ASN H 265 43.18 -6.71 -50.68
N PRO H 266 43.61 -5.44 -50.82
CA PRO H 266 43.41 -4.37 -49.87
C PRO H 266 42.01 -3.79 -49.86
N ASP H 267 41.66 -3.21 -48.72
CA ASP H 267 40.45 -2.42 -48.53
C ASP H 267 40.71 -0.97 -48.96
N ALA H 268 39.70 -0.11 -48.86
CA ALA H 268 39.84 1.31 -49.23
C ALA H 268 39.75 2.24 -48.01
N ARG H 269 39.96 1.68 -46.82
CA ARG H 269 39.89 2.43 -45.57
C ARG H 269 41.11 3.28 -45.27
N ARG H 270 42.27 2.84 -45.73
CA ARG H 270 43.51 3.56 -45.49
C ARG H 270 44.30 3.55 -46.77
N ILE H 271 44.81 4.70 -47.16
CA ILE H 271 45.61 4.80 -48.37
C ILE H 271 46.53 6.01 -48.33
N LYS H 272 47.73 5.85 -48.86
CA LYS H 272 48.65 6.97 -48.94
C LYS H 272 48.54 7.62 -50.30
N ILE H 273 48.27 8.91 -50.30
CA ILE H 273 48.12 9.64 -51.55
C ILE H 273 49.29 10.58 -51.73
N THR H 274 49.97 10.50 -52.87
CA THR H 274 51.09 11.37 -53.09
C THR H 274 50.90 11.92 -54.50
N PRO H 275 51.68 12.92 -54.96
CA PRO H 275 51.67 13.47 -56.31
C PRO H 275 52.00 12.45 -57.41
N THR H 276 52.60 11.31 -57.07
CA THR H 276 52.96 10.32 -58.06
C THR H 276 52.13 9.06 -57.87
N LYS H 277 52.58 8.17 -57.02
CA LYS H 277 51.88 6.93 -56.77
C LYS H 277 51.04 6.92 -55.51
N ASN H 278 50.02 6.09 -55.52
CA ASN H 278 49.23 5.88 -54.33
C ASN H 278 49.65 4.54 -53.77
N TYR H 279 49.61 4.37 -52.45
CA TYR H 279 49.98 3.07 -51.88
C TYR H 279 48.99 2.49 -50.90
N SER H 280 48.84 1.17 -50.96
CA SER H 280 48.01 0.42 -50.03
C SER H 280 48.87 -0.62 -49.29
N GLU H 281 48.93 -0.53 -47.95
CA GLU H 281 49.75 -1.45 -47.15
C GLU H 281 48.91 -2.58 -46.57
N ILE H 282 49.36 -3.79 -46.83
CA ILE H 282 48.67 -5.01 -46.43
C ILE H 282 49.60 -5.83 -45.53
N PHE H 283 49.13 -6.23 -44.36
CA PHE H 283 49.96 -7.05 -43.49
C PHE H 283 49.62 -8.53 -43.60
N ILE H 284 50.67 -9.34 -43.56
CA ILE H 284 50.58 -10.78 -43.60
C ILE H 284 50.77 -11.36 -42.20
N MET I 1 37.92 33.37 -37.27
CA MET I 1 39.07 33.30 -36.38
C MET I 1 39.76 31.94 -36.46
N GLN I 2 40.91 31.89 -37.10
CA GLN I 2 41.65 30.64 -37.20
C GLN I 2 42.65 30.58 -36.08
N VAL I 3 42.82 29.39 -35.53
CA VAL I 3 43.78 29.12 -34.47
C VAL I 3 44.58 27.89 -34.83
N SER I 4 45.88 27.92 -34.65
CA SER I 4 46.70 26.76 -34.97
C SER I 4 47.81 26.55 -33.96
N SER I 5 48.35 25.34 -33.94
CA SER I 5 49.43 24.95 -33.04
C SER I 5 50.23 23.79 -33.62
N SER I 6 51.39 23.56 -33.04
CA SER I 6 52.29 22.49 -33.45
C SER I 6 53.17 22.10 -32.28
N PHE I 7 53.35 20.80 -32.06
CA PHE I 7 54.15 20.35 -30.92
C PHE I 7 55.26 19.42 -31.35
N ARG I 8 56.40 19.49 -30.64
CA ARG I 8 57.55 18.64 -30.92
C ARG I 8 58.20 18.10 -29.63
N SER I 9 58.87 16.94 -29.74
CA SER I 9 59.56 16.35 -28.59
C SER I 9 60.61 17.30 -28.04
N PHE I 10 60.67 17.38 -26.72
CA PHE I 10 61.60 18.27 -26.01
C PHE I 10 62.68 17.52 -25.23
N LEU I 11 62.30 16.47 -24.51
CA LEU I 11 63.21 15.70 -23.64
C LEU I 11 62.80 14.25 -23.36
N LYS I 12 63.72 13.29 -23.54
CA LYS I 12 63.36 11.90 -23.19
C LYS I 12 64.17 11.32 -22.01
N LEU I 13 63.48 10.57 -21.13
CA LEU I 13 64.07 9.85 -19.99
C LEU I 13 63.71 8.35 -19.95
N ASP I 14 64.76 7.51 -19.95
CA ASP I 14 64.71 6.04 -19.95
C ASP I 14 64.73 5.44 -18.50
N ILE I 15 63.66 4.72 -18.10
CA ILE I 15 63.55 4.18 -16.71
C ILE I 15 63.62 2.65 -16.63
N LEU I 16 64.74 2.11 -16.12
CA LEU I 16 65.00 0.67 -16.12
C LEU I 16 65.30 0.05 -14.74
N HIS I 17 65.06 -1.25 -14.59
CA HIS I 17 65.40 -1.97 -13.35
C HIS I 17 65.70 -3.43 -13.69
N SER I 18 66.89 -3.91 -13.28
CA SER I 18 67.39 -5.24 -13.55
C SER I 18 66.51 -6.38 -13.04
N TYR I 19 65.84 -6.17 -11.92
CA TYR I 19 64.98 -7.21 -11.35
C TYR I 19 63.95 -7.68 -12.37
N PHE I 20 63.41 -6.76 -13.16
CA PHE I 20 62.37 -7.14 -14.07
C PHE I 20 62.92 -7.47 -15.45
N LEU I 21 64.04 -6.85 -15.82
CA LEU I 21 64.62 -7.03 -17.16
C LEU I 21 65.66 -8.15 -17.37
N ASN I 22 66.40 -8.56 -16.34
CA ASN I 22 67.42 -9.60 -16.52
C ASN I 22 66.79 -10.98 -16.54
N ASP I 23 67.50 -11.95 -17.09
CA ASP I 23 67.00 -13.32 -17.06
C ASP I 23 68.02 -14.25 -16.41
N GLY I 24 67.87 -14.46 -15.10
CA GLY I 24 68.85 -15.21 -14.34
C GLY I 24 70.16 -14.46 -14.45
N GLU I 25 71.22 -15.17 -14.84
CA GLU I 25 72.54 -14.60 -14.99
C GLU I 25 72.70 -13.64 -16.18
N LYS I 26 71.79 -13.68 -17.16
CA LYS I 26 71.96 -12.87 -18.36
C LYS I 26 71.54 -11.42 -18.15
N ASP I 27 72.52 -10.54 -18.29
CA ASP I 27 72.40 -9.10 -18.11
C ASP I 27 71.77 -8.40 -19.30
N PHE I 28 70.66 -7.71 -19.05
CA PHE I 28 69.91 -6.96 -20.06
C PHE I 28 70.82 -6.10 -20.92
N SER I 29 71.79 -5.44 -20.28
CA SER I 29 72.72 -4.54 -20.95
C SER I 29 73.59 -5.20 -22.02
N SER I 30 73.70 -6.53 -21.99
CA SER I 30 74.49 -7.31 -22.93
C SER I 30 73.65 -8.12 -23.91
N MET I 31 72.34 -7.89 -23.94
CA MET I 31 71.42 -8.60 -24.83
C MET I 31 71.43 -8.02 -26.24
N ASN I 32 71.12 -8.86 -27.23
CA ASN I 32 71.04 -8.38 -28.61
C ASN I 32 69.68 -7.72 -28.82
N GLU I 33 69.38 -7.30 -30.04
CA GLU I 33 68.15 -6.57 -30.28
C GLU I 33 66.87 -7.39 -30.05
N GLU I 34 66.84 -8.64 -30.52
CA GLU I 34 65.63 -9.44 -30.34
C GLU I 34 65.43 -9.78 -28.87
N GLU I 35 66.52 -10.06 -28.17
CA GLU I 35 66.46 -10.40 -26.77
C GLU I 35 65.99 -9.21 -25.94
N SER I 36 66.48 -8.01 -26.27
CA SER I 36 66.10 -6.80 -25.58
C SER I 36 64.62 -6.52 -25.76
N LYS I 37 64.13 -6.60 -27.01
CA LYS I 37 62.72 -6.35 -27.27
C LYS I 37 61.84 -7.33 -26.52
N THR I 38 62.24 -8.59 -26.48
CA THR I 38 61.46 -9.61 -25.81
C THR I 38 61.32 -9.29 -24.34
N GLN I 39 62.41 -8.90 -23.68
CA GLN I 39 62.29 -8.60 -22.26
C GLN I 39 61.44 -7.36 -22.01
N LEU I 40 61.57 -6.33 -22.85
CA LEU I 40 60.81 -5.10 -22.67
C LEU I 40 59.32 -5.29 -22.78
N LYS I 41 58.86 -6.23 -23.59
CA LYS I 41 57.42 -6.48 -23.74
C LYS I 41 56.71 -6.82 -22.43
N SER I 42 57.43 -7.31 -21.42
CA SER I 42 56.85 -7.68 -20.13
C SER I 42 57.11 -6.63 -19.04
N TYR I 43 57.71 -5.51 -19.38
CA TYR I 43 58.10 -4.50 -18.42
C TYR I 43 57.29 -3.22 -18.46
N ASN I 44 56.92 -2.73 -17.27
CA ASN I 44 56.23 -1.45 -17.13
C ASN I 44 56.70 -0.74 -15.86
N TRP I 45 57.44 0.35 -16.00
CA TRP I 45 57.99 1.02 -14.82
C TRP I 45 56.93 1.42 -13.77
N LYS I 46 55.68 1.59 -14.19
CA LYS I 46 54.60 2.02 -13.31
C LYS I 46 54.14 0.92 -12.38
N ASP I 47 54.69 -0.27 -12.54
CA ASP I 47 54.40 -1.38 -11.66
C ASP I 47 55.03 -1.15 -10.29
N PHE I 48 56.12 -0.37 -10.20
CA PHE I 48 56.72 -0.15 -8.90
C PHE I 48 56.94 1.31 -8.53
N LEU I 49 57.09 2.19 -9.51
CA LEU I 49 57.44 3.59 -9.28
C LEU I 49 56.35 4.58 -9.73
N GLU I 50 56.14 5.64 -8.96
CA GLU I 50 55.24 6.72 -9.35
C GLU I 50 56.02 8.03 -9.55
N ILE I 51 55.77 8.72 -10.68
CA ILE I 51 56.49 9.97 -10.98
C ILE I 51 55.55 11.12 -11.31
N TYR I 52 55.74 12.26 -10.65
CA TYR I 52 54.90 13.42 -10.93
C TYR I 52 55.62 14.75 -10.63
N PRO I 53 55.24 15.87 -11.27
CA PRO I 53 55.76 17.22 -11.04
C PRO I 53 55.33 17.87 -9.74
N SER I 54 56.18 18.76 -9.23
CA SER I 54 55.84 19.61 -8.08
C SER I 54 54.81 20.65 -8.49
N GLN I 55 54.17 21.32 -7.52
CA GLN I 55 53.17 22.33 -7.87
C GLN I 55 53.74 23.50 -8.66
N LYS I 56 54.96 23.92 -8.34
CA LYS I 56 55.56 25.01 -9.09
C LYS I 56 55.88 24.57 -10.49
N THR I 57 56.34 23.33 -10.63
CA THR I 57 56.67 22.80 -11.95
C THR I 57 55.41 22.78 -12.80
N SER I 58 54.29 22.31 -12.25
CA SER I 58 53.05 22.25 -13.03
C SER I 58 52.63 23.62 -13.50
N HIS I 59 52.77 24.61 -12.63
CA HIS I 59 52.40 25.97 -12.97
C HIS I 59 53.26 26.48 -14.13
N MET I 60 54.58 26.28 -14.03
CA MET I 60 55.48 26.72 -15.09
C MET I 60 55.18 26.02 -16.41
N MET I 61 54.98 24.70 -16.37
CA MET I 61 54.74 23.93 -17.58
C MET I 61 53.49 24.44 -18.27
N ARG I 62 52.45 24.79 -17.51
CA ARG I 62 51.29 25.35 -18.17
C ARG I 62 51.65 26.64 -18.89
N GLY I 63 52.37 27.54 -18.20
CA GLY I 63 52.73 28.82 -18.79
C GLY I 63 53.59 28.71 -20.04
N ASN I 64 54.51 27.77 -20.06
CA ASN I 64 55.40 27.58 -21.19
C ASN I 64 54.95 26.55 -22.21
N LYS I 65 53.73 26.02 -22.08
CA LYS I 65 53.21 25.01 -22.99
C LYS I 65 54.07 23.75 -23.10
N ILE I 66 54.44 23.17 -21.95
CA ILE I 66 55.22 21.94 -21.90
C ILE I 66 54.31 20.80 -21.37
N PHE I 67 54.28 19.69 -22.09
CA PHE I 67 53.40 18.56 -21.77
C PHE I 67 54.17 17.32 -21.33
N PHE I 68 53.54 16.50 -20.48
CA PHE I 68 54.15 15.28 -19.93
C PHE I 68 53.47 13.99 -20.40
N LYS I 69 54.19 13.15 -21.16
CA LYS I 69 53.64 11.90 -21.67
C LYS I 69 54.41 10.69 -21.14
N SER I 70 53.77 9.53 -21.05
CA SER I 70 54.49 8.35 -20.55
C SER I 70 54.19 7.07 -21.31
N PHE I 71 55.20 6.20 -21.27
CA PHE I 71 55.26 4.92 -21.96
C PHE I 71 55.74 3.88 -20.98
N ASN I 72 55.58 2.60 -21.28
CA ASN I 72 56.00 1.55 -20.35
C ASN I 72 57.49 1.56 -19.95
N ASP I 73 58.37 2.14 -20.76
CA ASP I 73 59.76 2.19 -20.41
C ASP I 73 60.33 3.60 -20.32
N SER I 74 59.49 4.62 -20.43
CA SER I 74 60.02 5.98 -20.51
C SER I 74 59.06 7.15 -20.31
N ILE I 75 59.64 8.34 -20.14
CA ILE I 75 58.92 9.60 -20.09
C ILE I 75 59.39 10.57 -21.16
N ILE I 76 58.43 11.17 -21.87
CA ILE I 76 58.77 12.17 -22.88
C ILE I 76 58.06 13.49 -22.64
N LEU I 77 58.83 14.57 -22.63
CA LEU I 77 58.22 15.88 -22.52
C LEU I 77 58.14 16.44 -23.92
N ALA I 78 57.09 17.22 -24.18
CA ALA I 78 56.90 17.85 -25.49
C ALA I 78 56.57 19.33 -25.34
N ILE I 79 56.98 20.12 -26.33
CA ILE I 79 56.79 21.57 -26.24
C ILE I 79 56.13 22.19 -27.47
N LYS I 80 55.30 23.22 -27.26
CA LYS I 80 54.73 23.97 -28.38
C LYS I 80 55.81 24.80 -29.08
N VAL I 81 55.81 24.76 -30.41
CA VAL I 81 56.77 25.52 -31.22
C VAL I 81 56.07 26.46 -32.17
N GLU I 82 56.82 27.41 -32.73
CA GLU I 82 56.27 28.34 -33.68
C GLU I 82 55.86 27.68 -34.98
N SER I 83 54.73 28.11 -35.52
CA SER I 83 54.27 27.58 -36.79
C SER I 83 55.29 27.84 -37.87
N GLY I 84 55.49 26.85 -38.73
CA GLY I 84 56.43 26.95 -39.83
C GLY I 84 57.81 26.37 -39.51
N THR I 85 58.10 26.08 -38.24
CA THR I 85 59.42 25.52 -37.94
C THR I 85 59.41 24.28 -37.08
N GLU I 86 60.62 23.80 -36.84
CA GLU I 86 60.84 22.62 -36.03
C GLU I 86 61.55 22.88 -34.72
N ASN I 87 62.28 23.98 -34.63
CA ASN I 87 63.13 24.20 -33.47
C ASN I 87 63.03 25.52 -32.71
N GLN I 88 61.98 26.30 -32.92
CA GLN I 88 61.85 27.55 -32.17
C GLN I 88 60.70 27.48 -31.19
N PRO I 89 60.96 27.41 -29.87
CA PRO I 89 59.95 27.32 -28.86
C PRO I 89 59.02 28.50 -29.01
N PHE I 90 57.74 28.26 -28.81
CA PHE I 90 56.77 29.33 -28.91
C PHE I 90 57.13 30.44 -27.92
N ASN I 91 57.31 30.09 -26.66
CA ASN I 91 57.72 31.05 -25.65
C ASN I 91 59.22 30.97 -25.42
N GLU I 92 59.87 32.12 -25.24
CA GLU I 92 61.30 32.15 -24.97
C GLU I 92 61.65 31.42 -23.67
N LEU I 93 62.67 30.56 -23.71
CA LEU I 93 63.11 29.85 -22.53
C LEU I 93 64.38 30.50 -22.00
N TYR I 94 64.60 30.47 -20.69
CA TYR I 94 65.82 31.04 -20.12
C TYR I 94 66.69 29.95 -19.51
N GLU I 95 67.98 30.21 -19.43
CA GLU I 95 68.97 29.23 -18.96
C GLU I 95 68.75 28.64 -17.57
N ASP I 96 68.25 29.45 -16.66
CA ASP I 96 68.05 29.00 -15.29
C ASP I 96 66.63 28.54 -14.97
N GLU I 97 65.79 28.35 -15.98
CA GLU I 97 64.49 27.80 -15.69
C GLU I 97 64.72 26.32 -15.45
N SER I 98 63.86 25.71 -14.65
CA SER I 98 64.00 24.29 -14.38
C SER I 98 62.69 23.63 -14.05
N MET I 99 62.68 22.31 -14.18
CA MET I 99 61.52 21.50 -13.83
C MET I 99 61.89 20.48 -12.76
N THR I 100 61.04 20.33 -11.74
CA THR I 100 61.30 19.39 -10.66
C THR I 100 60.25 18.30 -10.59
N PHE I 101 60.71 17.05 -10.66
CA PHE I 101 59.80 15.92 -10.59
C PHE I 101 60.13 15.06 -9.37
N LEU I 102 59.09 14.51 -8.76
CA LEU I 102 59.28 13.68 -7.59
C LEU I 102 59.06 12.20 -7.85
N LEU I 103 59.88 11.39 -7.17
CA LEU I 103 59.78 9.94 -7.20
C LEU I 103 59.23 9.40 -5.90
N SER I 104 58.33 8.44 -5.99
CA SER I 104 57.81 7.72 -4.82
C SER I 104 57.53 6.26 -5.17
N LEU I 105 57.51 5.38 -4.18
CA LEU I 105 57.28 3.97 -4.45
C LEU I 105 55.93 3.41 -4.09
N LYS I 106 55.44 2.50 -4.93
CA LYS I 106 54.23 1.76 -4.64
C LYS I 106 54.50 0.29 -4.30
N ASP I 107 55.60 -0.27 -4.80
CA ASP I 107 55.92 -1.69 -4.55
C ASP I 107 56.60 -1.91 -3.19
N GLN I 108 55.91 -2.57 -2.27
CA GLN I 108 56.39 -2.80 -0.91
C GLN I 108 57.67 -3.64 -0.83
N TYR I 109 58.01 -4.38 -1.89
CA TYR I 109 59.19 -5.21 -1.84
C TYR I 109 60.39 -4.58 -2.54
N PHE I 110 60.26 -3.31 -2.94
CA PHE I 110 61.32 -2.65 -3.67
C PHE I 110 62.66 -2.79 -2.95
N GLY I 111 62.65 -2.56 -1.64
CA GLY I 111 63.86 -2.61 -0.81
C GLY I 111 64.48 -4.01 -0.66
N ASN I 112 63.73 -5.07 -0.96
CA ASN I 112 64.31 -6.41 -0.82
C ASN I 112 65.08 -6.73 -2.08
N TYR I 113 64.52 -6.40 -3.23
CA TYR I 113 65.23 -6.76 -4.45
C TYR I 113 66.16 -5.71 -5.03
N THR I 114 66.04 -4.44 -4.60
CA THR I 114 66.89 -3.38 -5.15
C THR I 114 68.18 -3.21 -4.36
N ASP I 115 69.31 -3.30 -5.04
CA ASP I 115 70.58 -3.21 -4.33
C ASP I 115 71.05 -1.77 -4.09
N LEU I 116 70.40 -1.09 -3.15
CA LEU I 116 70.74 0.30 -2.84
C LEU I 116 70.42 0.64 -1.38
N ASP I 117 71.43 1.12 -0.65
CA ASP I 117 71.26 1.43 0.77
C ASP I 117 70.61 2.79 1.02
N LEU I 118 69.29 2.82 0.93
CA LEU I 118 68.47 4.03 1.03
C LEU I 118 68.12 4.45 2.46
N ALA I 119 68.61 3.73 3.46
CA ALA I 119 68.24 4.09 4.82
C ALA I 119 68.60 5.53 5.11
N ASP I 120 67.59 6.28 5.56
CA ASP I 120 67.66 7.69 5.92
C ASP I 120 68.36 8.62 4.92
N GLN I 121 68.21 8.37 3.61
CA GLN I 121 68.86 9.21 2.60
C GLN I 121 67.96 9.59 1.44
N LEU I 122 68.26 10.74 0.85
CA LEU I 122 67.55 11.25 -0.32
C LEU I 122 68.28 10.92 -1.60
N LEU I 123 67.56 10.44 -2.60
CA LEU I 123 68.16 10.15 -3.88
C LEU I 123 67.98 11.38 -4.80
N TYR I 124 69.05 11.91 -5.36
CA TYR I 124 68.95 13.14 -6.17
C TYR I 124 69.66 13.10 -7.52
N PHE I 125 68.96 13.51 -8.57
CA PHE I 125 69.54 13.53 -9.92
C PHE I 125 69.39 14.89 -10.57
N SER I 126 70.40 15.35 -11.31
CA SER I 126 70.31 16.63 -12.02
C SER I 126 71.35 16.76 -13.13
N ASN I 127 71.20 17.78 -13.98
CA ASN I 127 72.19 18.08 -15.02
C ASN I 127 73.04 19.33 -14.74
N LYS I 128 73.01 19.79 -13.49
CA LYS I 128 73.72 20.98 -13.05
C LYS I 128 74.11 20.86 -11.58
N THR I 129 75.37 21.11 -11.26
CA THR I 129 75.88 21.01 -9.89
C THR I 129 75.11 21.95 -8.93
N PRO I 130 74.58 21.47 -7.79
CA PRO I 130 73.86 22.23 -6.78
C PRO I 130 74.79 23.03 -5.89
N VAL I 131 74.22 23.96 -5.13
CA VAL I 131 74.98 24.66 -4.10
C VAL I 131 74.44 24.24 -2.75
N LEU I 132 75.22 23.45 -2.03
CA LEU I 132 74.77 22.88 -0.77
C LEU I 132 75.63 23.36 0.39
N PRO I 133 75.10 23.46 1.63
CA PRO I 133 75.80 23.87 2.84
C PRO I 133 77.00 23.02 3.32
N GLU I 134 77.11 21.74 2.96
CA GLU I 134 78.27 20.96 3.40
C GLU I 134 79.00 20.38 2.21
N ALA I 135 80.30 20.17 2.32
CA ALA I 135 81.10 19.64 1.21
C ALA I 135 80.55 18.32 0.70
N PHE I 136 80.54 18.18 -0.62
CA PHE I 136 80.02 17.00 -1.28
C PHE I 136 80.68 16.85 -2.64
N THR I 137 80.54 15.68 -3.25
CA THR I 137 80.99 15.48 -4.61
C THR I 137 79.75 15.41 -5.48
N PHE I 138 79.91 15.52 -6.78
CA PHE I 138 78.73 15.49 -7.64
C PHE I 138 78.96 14.84 -8.97
N LYS I 139 77.98 14.06 -9.41
CA LYS I 139 78.01 13.56 -10.76
C LYS I 139 76.60 13.79 -11.27
N PRO I 140 76.42 14.08 -12.55
CA PRO I 140 75.15 14.32 -13.19
C PRO I 140 74.35 13.07 -13.45
N ILE I 141 73.12 13.28 -13.85
CA ILE I 141 72.26 12.23 -14.35
C ILE I 141 72.94 11.67 -15.61
N ASP I 142 73.11 10.35 -15.66
CA ASP I 142 73.78 9.71 -16.79
C ASP I 142 73.03 9.81 -18.10
N ARG I 143 73.79 9.87 -19.19
CA ARG I 143 73.24 9.87 -20.54
C ARG I 143 72.92 8.46 -21.00
N ILE I 144 72.07 8.36 -22.01
CA ILE I 144 71.66 7.06 -22.55
C ILE I 144 72.78 6.17 -23.04
N ASN I 145 73.89 6.74 -23.50
CA ASN I 145 74.98 5.94 -24.02
C ASN I 145 76.09 5.66 -23.00
N GLN I 146 75.85 5.93 -21.73
CA GLN I 146 76.82 5.65 -20.70
C GLN I 146 76.48 4.37 -19.93
N SER I 147 77.50 3.69 -19.42
CA SER I 147 77.33 2.50 -18.59
C SER I 147 77.12 2.83 -17.11
N GLY I 148 76.73 1.83 -16.32
CA GLY I 148 76.57 2.02 -14.88
C GLY I 148 75.11 2.03 -14.40
N THR I 149 74.95 1.94 -13.09
CA THR I 149 73.66 1.91 -12.41
C THR I 149 73.64 2.92 -11.28
N VAL I 150 72.47 3.14 -10.70
CA VAL I 150 72.33 4.05 -9.57
C VAL I 150 73.10 3.52 -8.38
N GLY I 151 73.93 4.35 -7.78
CA GLY I 151 74.72 3.97 -6.62
C GLY I 151 74.73 5.08 -5.57
N GLU I 152 75.66 4.95 -4.62
CA GLU I 152 75.83 5.85 -3.49
C GLU I 152 76.17 7.28 -3.87
N GLU I 153 76.69 7.47 -5.06
CA GLU I 153 77.06 8.78 -5.58
C GLU I 153 75.87 9.71 -5.69
N TYR I 154 74.65 9.17 -5.72
CA TYR I 154 73.45 9.99 -5.83
C TYR I 154 72.71 10.13 -4.50
N LEU I 155 73.31 9.72 -3.39
CA LEU I 155 72.61 9.85 -2.11
C LEU I 155 73.09 11.03 -1.26
N TYR I 156 72.13 11.72 -0.63
CA TYR I 156 72.39 12.84 0.26
C TYR I 156 71.79 12.67 1.64
N GLU I 157 72.47 13.22 2.64
CA GLU I 157 72.02 13.15 4.02
C GLU I 157 72.23 14.46 4.78
N GLY I 158 71.78 14.49 6.02
CA GLY I 158 71.98 15.61 6.93
C GLY I 158 71.45 16.93 6.40
N GLU I 159 72.29 17.96 6.48
CA GLU I 159 71.97 19.31 6.05
C GLU I 159 71.78 19.42 4.55
N ASN I 160 72.54 18.65 3.77
CA ASN I 160 72.39 18.75 2.34
C ASN I 160 71.01 18.21 1.95
N LYS I 161 70.60 17.13 2.59
CA LYS I 161 69.26 16.58 2.37
C LYS I 161 68.19 17.57 2.73
N LYS I 162 68.30 18.15 3.93
CA LYS I 162 67.33 19.12 4.42
C LYS I 162 67.18 20.27 3.44
N HIS I 163 68.31 20.79 2.98
CA HIS I 163 68.33 21.90 2.04
C HIS I 163 67.56 21.58 0.76
N LEU I 164 67.87 20.43 0.13
CA LEU I 164 67.23 20.06 -1.11
C LEU I 164 65.71 19.87 -0.96
N LEU I 165 65.28 19.26 0.14
CA LEU I 165 63.85 19.05 0.35
C LEU I 165 63.11 20.36 0.51
N GLU I 166 63.74 21.31 1.21
CA GLU I 166 63.12 22.61 1.40
C GLU I 166 63.01 23.41 0.11
N GLU I 167 64.07 23.42 -0.71
CA GLU I 167 64.01 24.18 -1.96
C GLU I 167 62.94 23.65 -2.90
N ALA I 168 62.70 22.35 -2.83
CA ALA I 168 61.69 21.72 -3.68
C ALA I 168 60.28 21.91 -3.11
N HIS I 169 60.20 22.50 -1.92
CA HIS I 169 58.93 22.75 -1.24
C HIS I 169 58.04 21.51 -1.20
N LEU I 170 58.48 20.50 -0.45
CA LEU I 170 57.74 19.25 -0.34
C LEU I 170 56.67 19.22 0.77
N ASN I 171 55.64 18.43 0.53
CA ASN I 171 54.54 18.23 1.46
C ASN I 171 55.03 17.57 2.77
N PRO I 172 54.56 18.03 3.96
CA PRO I 172 54.88 17.48 5.27
C PRO I 172 54.72 15.97 5.42
N GLY I 173 53.82 15.33 4.65
CA GLY I 173 53.63 13.89 4.74
C GLY I 173 54.82 13.08 4.19
N GLY I 174 55.76 13.76 3.55
CA GLY I 174 56.94 13.13 3.00
C GLY I 174 56.62 11.98 2.07
N GLY I 175 57.34 10.87 2.24
CA GLY I 175 57.15 9.70 1.40
C GLY I 175 57.81 9.87 0.05
N VAL I 176 58.92 10.60 0.04
CA VAL I 176 59.66 10.86 -1.20
C VAL I 176 60.94 10.03 -1.27
N LEU I 177 61.13 9.36 -2.41
CA LEU I 177 62.30 8.54 -2.62
C LEU I 177 63.42 9.43 -3.09
N GLY I 178 63.06 10.31 -4.02
CA GLY I 178 64.04 11.18 -4.61
C GLY I 178 63.46 12.28 -5.46
N ILE I 179 64.36 13.16 -5.86
CA ILE I 179 64.06 14.35 -6.64
C ILE I 179 64.89 14.45 -7.93
N ILE I 180 64.22 14.71 -9.05
CA ILE I 180 64.91 14.92 -10.32
C ILE I 180 64.77 16.38 -10.78
N GLN I 181 65.90 17.07 -10.97
CA GLN I 181 65.86 18.48 -11.40
C GLN I 181 66.63 18.77 -12.68
N ILE I 182 65.90 19.20 -13.71
CA ILE I 182 66.53 19.49 -14.99
C ILE I 182 66.46 20.98 -15.34
N TYR I 183 67.62 21.54 -15.65
CA TYR I 183 67.78 22.95 -16.04
C TYR I 183 67.85 23.07 -17.54
N MET I 184 67.36 24.19 -18.08
CA MET I 184 67.42 24.38 -19.52
C MET I 184 68.87 24.39 -19.99
N LYS I 185 69.75 25.02 -19.21
CA LYS I 185 71.18 25.01 -19.50
C LYS I 185 71.91 24.33 -18.33
N GLY I 186 72.65 23.26 -18.64
CA GLY I 186 73.37 22.49 -17.61
C GLY I 186 74.84 22.87 -17.51
N ASP I 187 75.66 21.96 -16.95
CA ASP I 187 77.10 22.23 -16.76
C ASP I 187 77.98 21.97 -17.98
N THR I 188 77.41 21.45 -19.04
CA THR I 188 78.15 21.16 -20.26
C THR I 188 77.13 21.07 -21.40
N PRO I 189 77.46 21.45 -22.65
CA PRO I 189 76.57 21.38 -23.79
C PRO I 189 75.84 20.06 -24.00
N VAL I 190 76.48 18.94 -23.71
CA VAL I 190 75.80 17.65 -23.92
C VAL I 190 74.68 17.34 -22.93
N LEU I 191 74.53 18.15 -21.89
CA LEU I 191 73.46 17.93 -20.94
C LEU I 191 72.40 19.02 -21.03
N SER I 192 72.54 19.95 -21.98
CA SER I 192 71.59 21.05 -22.08
C SER I 192 70.42 20.73 -22.98
N LEU I 193 69.33 21.50 -22.85
CA LEU I 193 68.17 21.27 -23.69
C LEU I 193 68.14 22.21 -24.90
N ILE I 194 68.73 23.41 -24.72
CA ILE I 194 68.72 24.45 -25.74
C ILE I 194 70.10 24.97 -26.10
N ASN I 195 70.18 25.62 -27.26
CA ASN I 195 71.41 26.24 -27.69
C ASN I 195 71.56 27.66 -27.16
N ASN I 196 72.67 28.32 -27.50
CA ASN I 196 72.93 29.66 -26.99
C ASN I 196 71.93 30.71 -27.44
N ASP I 197 71.32 30.55 -28.60
CA ASP I 197 70.36 31.52 -29.07
C ASP I 197 68.91 31.14 -28.73
N GLY I 198 68.72 30.11 -27.89
CA GLY I 198 67.40 29.66 -27.47
C GLY I 198 66.79 28.57 -28.35
N THR I 199 67.43 28.25 -29.47
CA THR I 199 66.96 27.23 -30.41
C THR I 199 66.98 25.84 -29.76
N LEU I 200 65.97 25.01 -30.04
CA LEU I 200 66.00 23.66 -29.47
C LEU I 200 67.13 22.90 -30.10
N LYS I 201 67.78 22.02 -29.35
CA LYS I 201 68.82 21.22 -29.96
C LYS I 201 68.29 20.32 -31.07
N ASN I 202 69.16 19.95 -32.01
CA ASN I 202 68.81 19.12 -33.16
C ASN I 202 69.03 17.63 -32.94
N SER I 203 69.25 17.26 -31.71
CA SER I 203 69.41 15.89 -31.28
C SER I 203 68.74 15.83 -29.93
N LEU I 204 67.66 15.07 -29.83
CA LEU I 204 66.88 15.05 -28.60
C LEU I 204 67.74 14.56 -27.43
N PRO I 205 67.86 15.31 -26.31
CA PRO I 205 68.57 14.87 -25.12
C PRO I 205 67.92 13.59 -24.68
N HIS I 206 68.72 12.62 -24.27
CA HIS I 206 68.19 11.34 -23.85
C HIS I 206 68.94 10.81 -22.63
N PHE I 207 68.31 10.95 -21.46
CA PHE I 207 68.91 10.60 -20.17
C PHE I 207 68.43 9.23 -19.70
N LYS I 208 69.20 8.59 -18.82
CA LYS I 208 68.84 7.28 -18.26
C LYS I 208 69.05 7.08 -16.74
N ILE I 209 68.11 6.38 -16.11
CA ILE I 209 68.20 5.91 -14.73
C ILE I 209 68.01 4.39 -14.69
N HIS I 210 68.99 3.65 -14.16
CA HIS I 210 68.92 2.18 -14.13
C HIS I 210 69.26 1.59 -12.76
N PHE I 211 68.32 0.86 -12.16
CA PHE I 211 68.56 0.26 -10.84
C PHE I 211 69.05 -1.19 -10.94
N SER I 212 70.01 -1.57 -10.08
CA SER I 212 70.53 -2.93 -10.06
C SER I 212 69.77 -3.85 -9.09
N ASN I 213 69.94 -5.16 -9.28
CA ASN I 213 69.31 -6.15 -8.41
C ASN I 213 70.27 -6.76 -7.40
N ARG I 214 69.70 -7.20 -6.28
CA ARG I 214 70.42 -7.86 -5.18
C ARG I 214 70.68 -9.37 -5.44
N LYS I 215 71.83 -9.88 -4.94
CA LYS I 215 72.21 -11.32 -4.98
C LYS I 215 72.20 -11.97 -3.58
N SER I 216 72.08 -13.31 -3.52
CA SER I 216 72.13 -14.05 -2.23
C SER I 216 72.49 -15.54 -2.31
N THR I 217 72.86 -16.09 -1.14
CA THR I 217 73.10 -17.53 -0.92
C THR I 217 71.80 -18.24 -0.68
N TRP I 218 71.59 -19.37 -1.34
CA TRP I 218 70.33 -20.07 -1.17
C TRP I 218 70.50 -21.21 -0.17
N LYS I 219 69.58 -21.29 0.77
CA LYS I 219 69.59 -22.34 1.78
C LYS I 219 68.35 -23.21 1.70
N TYR I 220 68.55 -24.50 1.62
CA TYR I 220 67.45 -25.44 1.50
C TYR I 220 67.24 -26.23 2.77
N ILE I 221 66.00 -26.19 3.25
CA ILE I 221 65.62 -26.85 4.50
C ILE I 221 64.62 -27.98 4.31
N ASN I 222 64.99 -29.16 4.76
CA ASN I 222 64.14 -30.32 4.66
C ASN I 222 63.79 -30.83 6.05
N LEU I 223 62.63 -30.49 6.55
CA LEU I 223 62.33 -30.85 7.91
C LEU I 223 62.04 -32.34 8.08
N LYS I 224 61.32 -32.93 7.13
CA LYS I 224 60.95 -34.34 7.31
C LYS I 224 62.15 -35.29 7.30
N ASP I 225 63.17 -34.93 6.53
CA ASP I 225 64.39 -35.71 6.45
C ASP I 225 65.47 -35.16 7.40
N ASP I 226 65.12 -34.07 8.07
CA ASP I 226 66.01 -33.42 9.04
C ASP I 226 67.41 -33.04 8.52
N PHE I 227 67.47 -32.50 7.30
CA PHE I 227 68.76 -32.10 6.73
C PHE I 227 68.73 -30.71 6.11
N GLU I 228 69.87 -30.01 6.17
CA GLU I 228 69.99 -28.69 5.60
C GLU I 228 71.19 -28.61 4.67
N THR I 229 71.09 -27.84 3.60
CA THR I 229 72.22 -27.63 2.68
C THR I 229 72.25 -26.23 2.08
N GLU I 230 73.44 -25.77 1.69
CA GLU I 230 73.56 -24.43 1.08
C GLU I 230 74.30 -24.43 -0.23
N THR I 231 74.02 -23.46 -1.07
CA THR I 231 74.78 -23.36 -2.30
C THR I 231 76.16 -22.78 -2.05
N LYS I 232 77.08 -23.01 -2.98
CA LYS I 232 78.43 -22.47 -2.86
C LYS I 232 78.64 -21.01 -3.23
N LYS I 233 77.84 -20.49 -4.15
CA LYS I 233 78.00 -19.10 -4.58
C LYS I 233 76.66 -18.43 -4.65
N ASP I 234 76.66 -17.11 -4.49
CA ASP I 234 75.46 -16.28 -4.61
C ASP I 234 74.86 -16.27 -6.01
N TYR I 235 73.53 -16.20 -6.06
CA TYR I 235 72.81 -16.09 -7.33
C TYR I 235 71.93 -14.86 -7.29
N PRO I 236 71.66 -14.18 -8.42
CA PRO I 236 70.81 -13.00 -8.50
C PRO I 236 69.34 -13.29 -8.32
N LEU I 237 68.64 -12.32 -7.76
CA LEU I 237 67.19 -12.38 -7.71
C LEU I 237 66.63 -11.72 -8.94
N THR I 238 65.73 -12.40 -9.62
CA THR I 238 65.06 -11.87 -10.79
C THR I 238 63.61 -12.21 -10.69
N LYS I 239 62.76 -11.51 -11.44
CA LYS I 239 61.34 -11.85 -11.42
C LYS I 239 60.95 -13.02 -12.31
N PHE I 240 61.50 -13.09 -13.53
CA PHE I 240 61.06 -14.12 -14.48
C PHE I 240 62.05 -15.23 -14.87
N GLY I 241 63.30 -15.17 -14.42
CA GLY I 241 64.27 -16.15 -14.88
C GLY I 241 64.26 -17.45 -14.08
N PHE I 242 65.17 -18.35 -14.43
CA PHE I 242 65.28 -19.65 -13.77
C PHE I 242 66.69 -20.21 -13.79
N ILE I 243 67.17 -20.60 -12.62
CA ILE I 243 68.48 -21.19 -12.45
C ILE I 243 68.37 -22.64 -12.06
N LEU I 244 69.01 -23.49 -12.85
CA LEU I 244 68.94 -24.91 -12.58
C LEU I 244 70.11 -25.41 -11.76
N LEU I 245 69.81 -25.98 -10.61
CA LEU I 245 70.83 -26.55 -9.76
C LEU I 245 70.65 -28.06 -9.76
N ASP I 246 71.59 -28.79 -10.34
CA ASP I 246 71.42 -30.22 -10.40
C ASP I 246 72.67 -31.05 -10.16
N LYS I 247 73.74 -30.46 -9.60
CA LYS I 247 74.92 -31.27 -9.34
C LYS I 247 75.21 -31.30 -7.86
N LYS I 248 75.74 -32.41 -7.37
CA LYS I 248 76.10 -32.50 -5.97
C LYS I 248 77.12 -31.42 -5.64
N SER I 249 78.00 -31.17 -6.60
CA SER I 249 79.10 -30.21 -6.52
C SER I 249 78.67 -28.77 -6.37
N ASP I 250 77.38 -28.46 -6.59
CA ASP I 250 76.86 -27.11 -6.47
C ASP I 250 76.60 -26.75 -5.01
N PHE I 251 76.52 -27.77 -4.17
CA PHE I 251 76.14 -27.62 -2.79
C PHE I 251 77.19 -27.95 -1.76
N ILE I 252 77.03 -27.34 -0.61
CA ILE I 252 77.81 -27.59 0.55
C ILE I 252 77.02 -28.60 1.38
N SER I 253 77.64 -29.76 1.62
CA SER I 253 77.02 -30.86 2.34
C SER I 253 75.69 -31.34 1.75
N PRO I 254 75.63 -31.76 0.47
CA PRO I 254 74.45 -32.23 -0.23
C PRO I 254 73.96 -33.53 0.44
N PRO I 255 72.65 -33.85 0.36
CA PRO I 255 72.01 -35.02 0.93
C PRO I 255 72.40 -36.35 0.29
N ALA I 256 72.30 -37.40 1.09
CA ALA I 256 72.57 -38.78 0.69
C ALA I 256 71.85 -39.23 -0.56
N HIS I 257 70.62 -38.77 -0.75
CA HIS I 257 69.83 -39.20 -1.87
C HIS I 257 69.52 -38.06 -2.83
N PHE I 258 70.49 -37.17 -3.00
CA PHE I 258 70.40 -36.00 -3.88
C PHE I 258 69.67 -36.27 -5.19
N GLU I 259 69.90 -37.41 -5.81
CA GLU I 259 69.30 -37.70 -7.09
C GLU I 259 67.75 -37.63 -7.12
N LYS I 260 67.08 -37.81 -5.98
CA LYS I 260 65.61 -37.76 -5.95
C LYS I 260 65.04 -36.37 -5.61
N TYR I 261 65.89 -35.38 -5.37
CA TYR I 261 65.40 -34.07 -4.94
C TYR I 261 65.37 -33.02 -6.04
N VAL I 262 64.44 -32.08 -5.86
CA VAL I 262 64.27 -30.92 -6.72
C VAL I 262 64.47 -29.67 -5.89
N PHE I 263 65.27 -28.74 -6.40
CA PHE I 263 65.59 -27.50 -5.69
C PHE I 263 65.01 -26.23 -6.36
N PRO I 264 63.85 -25.70 -5.92
CA PRO I 264 63.16 -24.51 -6.41
C PRO I 264 63.97 -23.23 -6.23
N ASN I 265 63.73 -22.24 -7.08
CA ASN I 265 64.36 -20.93 -6.93
C ASN I 265 63.54 -20.13 -5.90
N PRO I 266 64.15 -19.28 -5.07
CA PRO I 266 63.51 -18.41 -4.09
C PRO I 266 62.82 -17.21 -4.68
N ASP I 267 61.84 -16.71 -3.94
CA ASP I 267 61.15 -15.45 -4.21
C ASP I 267 61.93 -14.30 -3.56
N ALA I 268 61.46 -13.07 -3.69
CA ALA I 268 62.13 -11.89 -3.10
C ALA I 268 61.30 -11.27 -1.98
N ARG I 269 60.37 -12.03 -1.43
CA ARG I 269 59.49 -11.56 -0.36
C ARG I 269 60.13 -11.53 1.02
N ARG I 270 61.06 -12.43 1.27
CA ARG I 270 61.73 -12.52 2.55
C ARG I 270 63.20 -12.74 2.29
N ILE I 271 64.04 -11.97 2.96
CA ILE I 271 65.48 -12.11 2.79
C ILE I 271 66.22 -11.58 4.01
N LYS I 272 67.28 -12.26 4.39
CA LYS I 272 68.11 -11.80 5.49
C LYS I 272 69.26 -10.97 4.94
N ILE I 273 69.38 -9.74 5.42
CA ILE I 273 70.43 -8.86 4.96
C ILE I 273 71.44 -8.65 6.06
N THR I 274 72.71 -8.89 5.79
CA THR I 274 73.72 -8.72 6.81
C THR I 274 74.84 -7.93 6.12
N PRO I 275 75.86 -7.42 6.86
CA PRO I 275 77.04 -6.75 6.33
C PRO I 275 77.89 -7.60 5.38
N THR I 276 77.72 -8.93 5.39
CA THR I 276 78.52 -9.79 4.53
C THR I 276 77.62 -10.44 3.47
N LYS I 277 77.02 -11.56 3.82
CA LYS I 277 76.16 -12.27 2.89
C LYS I 277 74.69 -12.03 3.10
N ASN I 278 73.94 -12.20 2.03
CA ASN I 278 72.49 -12.15 2.12
C ASN I 278 72.02 -13.59 2.05
N TYR I 279 70.91 -13.92 2.71
CA TYR I 279 70.40 -15.29 2.62
C TYR I 279 68.93 -15.41 2.29
N SER I 280 68.63 -16.43 1.49
CA SER I 280 67.26 -16.78 1.14
C SER I 280 66.95 -18.21 1.59
N GLU I 281 65.94 -18.37 2.46
CA GLU I 281 65.58 -19.70 2.99
C GLU I 281 64.42 -20.30 2.23
N ILE I 282 64.63 -21.52 1.74
CA ILE I 282 63.66 -22.24 0.94
C ILE I 282 63.30 -23.56 1.63
N PHE I 283 62.02 -23.82 1.83
CA PHE I 283 61.64 -25.09 2.46
C PHE I 283 61.24 -26.14 1.44
N ILE I 284 61.63 -27.36 1.70
CA ILE I 284 61.31 -28.52 0.89
C ILE I 284 60.20 -29.33 1.55
N MET J 1 58.18 14.12 18.86
CA MET J 1 58.12 13.32 20.08
C MET J 1 58.30 11.83 19.79
N GLN J 2 59.46 11.30 20.11
CA GLN J 2 59.70 9.88 19.89
C GLN J 2 59.37 9.12 21.15
N VAL J 3 58.79 7.95 20.99
CA VAL J 3 58.44 7.07 22.08
C VAL J 3 58.93 5.67 21.75
N SER J 4 59.55 4.99 22.70
CA SER J 4 60.03 3.64 22.45
C SER J 4 59.81 2.72 23.64
N SER J 5 59.85 1.42 23.38
CA SER J 5 59.68 0.39 24.40
C SER J 5 60.36 -0.89 23.98
N SER J 6 60.53 -1.80 24.93
CA SER J 6 61.13 -3.10 24.73
C SER J 6 60.62 -4.07 25.78
N PHE J 7 60.29 -5.28 25.36
CA PHE J 7 59.76 -6.26 26.31
C PHE J 7 60.53 -7.56 26.30
N ARG J 8 60.65 -8.20 27.46
CA ARG J 8 61.34 -9.47 27.61
C ARG J 8 60.59 -10.46 28.49
N SER J 9 60.82 -11.76 28.28
CA SER J 9 60.19 -12.80 29.10
C SER J 9 60.55 -12.64 30.56
N PHE J 10 59.55 -12.81 31.42
CA PHE J 10 59.70 -12.67 32.86
C PHE J 10 59.56 -13.98 33.64
N LEU J 11 58.54 -14.76 33.29
CA LEU J 11 58.22 -16.03 33.99
C LEU J 11 57.46 -17.08 33.16
N LYS J 12 57.93 -18.34 33.15
CA LYS J 12 57.15 -19.37 32.43
C LYS J 12 56.57 -20.47 33.35
N LEU J 13 55.32 -20.87 33.05
CA LEU J 13 54.60 -21.97 33.74
C LEU J 13 54.05 -23.05 32.78
N ASP J 14 54.48 -24.29 33.01
CA ASP J 14 54.15 -25.50 32.24
C ASP J 14 52.88 -26.25 32.80
N ILE J 15 51.80 -26.35 32.01
CA ILE J 15 50.53 -26.96 32.48
C ILE J 15 50.19 -28.31 31.80
N LEU J 16 50.32 -29.42 32.54
CA LEU J 16 50.16 -30.76 31.97
C LEU J 16 49.12 -31.65 32.67
N HIS J 17 48.59 -32.64 31.94
CA HIS J 17 47.65 -33.61 32.53
C HIS J 17 47.79 -34.95 31.78
N SER J 18 48.04 -36.02 32.54
CA SER J 18 48.27 -37.37 32.01
C SER J 18 47.12 -37.95 31.19
N TYR J 19 45.90 -37.60 31.53
CA TYR J 19 44.75 -38.10 30.80
C TYR J 19 44.86 -37.81 29.31
N PHE J 20 45.37 -36.63 28.97
CA PHE J 20 45.42 -36.26 27.57
C PHE J 20 46.76 -36.61 26.95
N LEU J 21 47.83 -36.62 27.75
CA LEU J 21 49.18 -36.86 27.25
C LEU J 21 49.72 -38.30 27.21
N ASN J 22 49.25 -39.19 28.08
CA ASN J 22 49.75 -40.57 28.09
C ASN J 22 49.12 -41.39 26.99
N ASP J 23 49.76 -42.50 26.63
CA ASP J 23 49.16 -43.39 25.64
C ASP J 23 49.04 -44.80 26.20
N GLY J 24 47.88 -45.10 26.77
CA GLY J 24 47.68 -46.36 27.45
C GLY J 24 48.67 -46.41 28.60
N GLU J 25 49.44 -47.49 28.69
CA GLU J 25 50.43 -47.67 29.73
C GLU J 25 51.67 -46.76 29.61
N LYS J 26 51.91 -46.17 28.43
CA LYS J 26 53.11 -45.39 28.24
C LYS J 26 53.02 -43.98 28.83
N ASP J 27 53.88 -43.74 29.80
CA ASP J 27 53.97 -42.50 30.56
C ASP J 27 54.69 -41.38 29.82
N PHE J 28 54.01 -40.28 29.61
CA PHE J 28 54.52 -39.10 28.91
C PHE J 28 55.91 -38.72 29.43
N SER J 29 56.09 -38.77 30.74
CA SER J 29 57.34 -38.39 31.40
C SER J 29 58.55 -39.23 30.97
N SER J 30 58.31 -40.40 30.39
CA SER J 30 59.35 -41.32 29.95
C SER J 30 59.49 -41.41 28.42
N MET J 31 58.80 -40.52 27.70
CA MET J 31 58.84 -40.51 26.24
C MET J 31 60.08 -39.80 25.71
N ASN J 32 60.52 -40.18 24.51
CA ASN J 32 61.66 -39.52 23.90
C ASN J 32 61.18 -38.23 23.23
N GLU J 33 62.08 -37.53 22.54
CA GLU J 33 61.70 -36.24 21.99
C GLU J 33 60.63 -36.30 20.90
N GLU J 34 60.71 -37.25 19.98
CA GLU J 34 59.72 -37.33 18.93
C GLU J 34 58.36 -37.74 19.47
N GLU J 35 58.38 -38.65 20.45
CA GLU J 35 57.16 -39.13 21.06
C GLU J 35 56.48 -38.01 21.85
N SER J 36 57.27 -37.21 22.56
CA SER J 36 56.75 -36.09 23.34
C SER J 36 56.11 -35.07 22.43
N LYS J 37 56.80 -34.68 21.36
CA LYS J 37 56.25 -33.70 20.43
C LYS J 37 54.95 -34.18 19.83
N THR J 38 54.89 -35.45 19.46
CA THR J 38 53.70 -36.01 18.86
C THR J 38 52.51 -35.90 19.80
N GLN J 39 52.70 -36.24 21.06
CA GLN J 39 51.57 -36.15 21.98
C GLN J 39 51.13 -34.70 22.21
N LEU J 40 52.09 -33.78 22.31
CA LEU J 40 51.78 -32.38 22.56
C LEU J 40 50.96 -31.73 21.46
N LYS J 41 51.15 -32.17 20.21
CA LYS J 41 50.39 -31.60 19.09
C LYS J 41 48.87 -31.72 19.25
N SER J 42 48.39 -32.67 20.05
CA SER J 42 46.95 -32.87 20.25
C SER J 42 46.45 -32.32 21.59
N TYR J 43 47.31 -31.63 22.33
CA TYR J 43 46.96 -31.13 23.65
C TYR J 43 46.78 -29.63 23.76
N ASN J 44 45.75 -29.22 24.48
CA ASN J 44 45.51 -27.81 24.76
C ASN J 44 44.91 -27.65 26.16
N TRP J 45 45.67 -27.10 27.10
CA TRP J 45 45.19 -27.01 28.49
C TRP J 45 43.83 -26.30 28.63
N LYS J 46 43.49 -25.43 27.67
CA LYS J 46 42.26 -24.65 27.73
C LYS J 46 41.02 -25.48 27.43
N ASP J 47 41.22 -26.75 27.09
CA ASP J 47 40.13 -27.66 26.86
C ASP J 47 39.44 -28.00 28.18
N PHE J 48 40.17 -27.93 29.31
CA PHE J 48 39.53 -28.28 30.57
C PHE J 48 39.66 -27.22 31.67
N LEU J 49 40.71 -26.41 31.63
CA LEU J 49 41.01 -25.44 32.69
C LEU J 49 40.95 -23.97 32.23
N GLU J 50 40.44 -23.10 33.08
CA GLU J 50 40.45 -21.67 32.83
C GLU J 50 41.34 -20.93 33.87
N ILE J 51 42.23 -20.05 33.40
CA ILE J 51 43.14 -19.34 34.30
C ILE J 51 43.10 -17.82 34.09
N TYR J 52 42.92 -17.07 35.17
CA TYR J 52 42.90 -15.62 35.06
C TYR J 52 43.35 -14.93 36.35
N PRO J 53 43.88 -13.69 36.31
CA PRO J 53 44.27 -12.87 37.45
C PRO J 53 43.12 -12.30 38.28
N SER J 54 43.39 -12.07 39.56
CA SER J 54 42.46 -11.37 40.45
C SER J 54 42.41 -9.89 40.08
N GLN J 55 41.41 -9.16 40.59
CA GLN J 55 41.33 -7.73 40.25
C GLN J 55 42.52 -6.92 40.73
N LYS J 56 43.05 -7.24 41.92
CA LYS J 56 44.21 -6.52 42.39
C LYS J 56 45.42 -6.85 41.55
N THR J 57 45.54 -8.10 41.14
CA THR J 57 46.66 -8.51 40.30
C THR J 57 46.61 -7.74 38.99
N SER J 58 45.44 -7.64 38.37
CA SER J 58 45.34 -6.92 37.10
C SER J 58 45.75 -5.47 37.26
N HIS J 59 45.34 -4.85 38.35
CA HIS J 59 45.68 -3.47 38.59
C HIS J 59 47.20 -3.31 38.72
N MET J 60 47.84 -4.18 39.51
CA MET J 60 49.28 -4.10 39.67
C MET J 60 50.01 -4.32 38.36
N MET J 61 49.60 -5.35 37.59
CA MET J 61 50.26 -5.66 36.34
C MET J 61 50.19 -4.48 35.39
N ARG J 62 49.07 -3.77 35.36
CA ARG J 62 49.03 -2.59 34.52
C ARG J 62 50.07 -1.57 34.98
N GLY J 63 50.13 -1.31 36.28
CA GLY J 63 51.07 -0.33 36.82
C GLY J 63 52.53 -0.67 36.58
N ASN J 64 52.88 -1.95 36.68
CA ASN J 64 54.26 -2.38 36.47
C ASN J 64 54.58 -2.85 35.06
N LYS J 65 53.68 -2.68 34.11
CA LYS J 65 53.89 -3.11 32.73
C LYS J 65 54.21 -4.60 32.57
N ILE J 66 53.39 -5.46 33.19
CA ILE J 66 53.54 -6.91 33.09
C ILE J 66 52.37 -7.48 32.27
N PHE J 67 52.69 -8.27 31.26
CA PHE J 67 51.70 -8.81 30.32
C PHE J 67 51.54 -10.32 30.44
N PHE J 68 50.33 -10.82 30.13
CA PHE J 68 49.99 -12.25 30.24
C PHE J 68 49.71 -12.91 28.87
N LYS J 69 50.55 -13.85 28.46
CA LYS J 69 50.39 -14.55 27.17
C LYS J 69 50.15 -16.04 27.38
N SER J 70 49.47 -16.69 26.43
CA SER J 70 49.25 -18.13 26.60
C SER J 70 49.41 -18.93 25.31
N PHE J 71 49.78 -20.21 25.53
CA PHE J 71 50.10 -21.20 24.52
C PHE J 71 49.37 -22.48 24.88
N ASN J 72 49.25 -23.42 23.94
CA ASN J 72 48.54 -24.67 24.23
C ASN J 72 49.08 -25.49 25.41
N ASP J 73 50.35 -25.34 25.79
CA ASP J 73 50.89 -26.08 26.90
C ASP J 73 51.43 -25.21 28.03
N SER J 74 51.24 -23.90 27.94
CA SER J 74 51.90 -23.02 28.92
C SER J 74 51.42 -21.57 29.01
N ILE J 75 51.87 -20.91 30.08
CA ILE J 75 51.68 -19.47 30.29
C ILE J 75 53.00 -18.73 30.44
N ILE J 76 53.13 -17.62 29.72
CA ILE J 76 54.33 -16.80 29.85
C ILE J 76 54.02 -15.36 30.21
N LEU J 77 54.67 -14.86 31.25
CA LEU J 77 54.50 -13.45 31.58
C LEU J 77 55.68 -12.72 30.99
N ALA J 78 55.46 -11.48 30.56
CA ALA J 78 56.51 -10.64 29.99
C ALA J 78 56.50 -9.26 30.61
N ILE J 79 57.68 -8.64 30.69
CA ILE J 79 57.81 -7.35 31.34
C ILE J 79 58.53 -6.29 30.51
N LYS J 80 58.10 -5.04 30.64
CA LYS J 80 58.82 -3.94 30.00
C LYS J 80 60.16 -3.68 30.69
N VAL J 81 61.21 -3.51 29.89
CA VAL J 81 62.56 -3.24 30.40
C VAL J 81 63.11 -1.93 29.87
N GLU J 82 64.17 -1.45 30.49
CA GLU J 82 64.81 -0.23 30.05
C GLU J 82 65.47 -0.37 28.69
N SER J 83 65.34 0.67 27.88
CA SER J 83 65.97 0.67 26.58
C SER J 83 67.47 0.52 26.72
N GLY J 84 68.06 -0.28 25.85
CA GLY J 84 69.49 -0.51 25.84
C GLY J 84 69.92 -1.76 26.61
N THR J 85 69.01 -2.36 27.39
CA THR J 85 69.41 -3.56 28.12
C THR J 85 68.47 -4.73 28.01
N GLU J 86 68.86 -5.81 28.66
CA GLU J 86 68.11 -7.04 28.68
C GLU J 86 67.53 -7.40 30.04
N ASN J 87 68.10 -6.86 31.11
CA ASN J 87 67.72 -7.31 32.43
C ASN J 87 67.34 -6.26 33.47
N GLN J 88 67.07 -5.03 33.09
CA GLN J 88 66.66 -4.03 34.08
C GLN J 88 65.20 -3.66 33.90
N PRO J 89 64.29 -4.05 34.80
CA PRO J 89 62.88 -3.76 34.71
C PRO J 89 62.72 -2.27 34.63
N PHE J 90 61.77 -1.83 33.82
CA PHE J 90 61.52 -0.41 33.68
C PHE J 90 61.18 0.18 35.04
N ASN J 91 60.20 -0.41 35.73
CA ASN J 91 59.83 0.02 37.07
C ASN J 91 60.51 -0.86 38.10
N GLU J 92 60.96 -0.27 39.20
CA GLU J 92 61.57 -1.03 40.29
C GLU J 92 60.59 -2.03 40.89
N LEU J 93 61.03 -3.27 41.08
CA LEU J 93 60.20 -4.29 41.71
C LEU J 93 60.65 -4.49 43.14
N TYR J 94 59.72 -4.83 44.04
CA TYR J 94 60.09 -5.08 45.44
C TYR J 94 59.88 -6.54 45.80
N GLU J 95 60.61 -7.01 46.80
CA GLU J 95 60.60 -8.42 47.19
C GLU J 95 59.25 -9.01 47.57
N ASP J 96 58.41 -8.22 48.21
CA ASP J 96 57.11 -8.71 48.66
C ASP J 96 55.96 -8.42 47.72
N GLU J 97 56.23 -7.97 46.50
CA GLU J 97 55.14 -7.80 45.57
C GLU J 97 54.78 -9.20 45.11
N SER J 98 53.52 -9.39 44.73
CA SER J 98 53.10 -10.70 44.26
C SER J 98 51.95 -10.62 43.30
N MET J 99 51.78 -11.70 42.54
CA MET J 99 50.67 -11.84 41.61
C MET J 99 49.82 -13.05 41.96
N THR J 100 48.49 -12.89 41.95
CA THR J 100 47.59 -13.99 42.27
C THR J 100 46.71 -14.37 41.09
N PHE J 101 46.76 -15.65 40.72
CA PHE J 101 45.96 -16.14 39.62
C PHE J 101 44.99 -17.21 40.11
N LEU J 102 43.81 -17.24 39.54
CA LEU J 102 42.81 -18.22 39.92
C LEU J 102 42.59 -19.30 38.90
N LEU J 103 42.35 -20.51 39.40
CA LEU J 103 42.02 -21.67 38.59
C LEU J 103 40.56 -22.04 38.74
N SER J 104 39.91 -22.37 37.62
CA SER J 104 38.54 -22.88 37.62
C SER J 104 38.36 -23.89 36.50
N LEU J 105 37.38 -24.78 36.64
CA LEU J 105 37.18 -25.81 35.62
C LEU J 105 36.00 -25.63 34.70
N LYS J 106 36.20 -26.01 33.44
CA LYS J 106 35.12 -26.03 32.46
C LYS J 106 34.70 -27.47 32.09
N ASP J 107 35.61 -28.43 32.22
CA ASP J 107 35.30 -29.83 31.84
C ASP J 107 34.57 -30.59 32.96
N GLN J 108 33.30 -30.92 32.74
CA GLN J 108 32.45 -31.58 33.73
C GLN J 108 32.95 -32.97 34.16
N TYR J 109 33.83 -33.58 33.38
CA TYR J 109 34.30 -34.92 33.74
C TYR J 109 35.67 -34.90 34.39
N PHE J 110 36.18 -33.71 34.72
CA PHE J 110 37.50 -33.59 35.30
C PHE J 110 37.67 -34.51 36.50
N GLY J 111 36.68 -34.53 37.38
CA GLY J 111 36.70 -35.33 38.60
C GLY J 111 36.63 -36.84 38.39
N ASN J 112 36.23 -37.31 37.20
CA ASN J 112 36.17 -38.74 36.97
C ASN J 112 37.55 -39.23 36.56
N TYR J 113 38.21 -38.48 35.69
CA TYR J 113 39.50 -38.96 35.24
C TYR J 113 40.71 -38.46 36.02
N THR J 114 40.57 -37.40 36.83
CA THR J 114 41.72 -36.87 37.58
C THR J 114 41.85 -37.53 38.95
N ASP J 115 43.02 -38.07 39.22
CA ASP J 115 43.22 -38.79 40.49
C ASP J 115 43.59 -37.86 41.65
N LEU J 116 42.61 -37.10 42.13
CA LEU J 116 42.85 -36.15 43.23
C LEU J 116 41.58 -35.94 44.06
N ASP J 117 41.68 -36.17 45.37
CA ASP J 117 40.51 -36.04 46.24
C ASP J 117 40.23 -34.60 46.67
N LEU J 118 39.55 -33.88 45.80
CA LEU J 118 39.25 -32.46 45.95
C LEU J 118 38.01 -32.15 46.79
N ALA J 119 37.34 -33.16 47.32
CA ALA J 119 36.13 -32.88 48.06
C ALA J 119 36.39 -31.90 49.19
N ASP J 120 35.63 -30.82 49.19
CA ASP J 120 35.66 -29.73 50.17
C ASP J 120 37.05 -29.16 50.47
N GLN J 121 37.95 -29.08 49.49
CA GLN J 121 39.30 -28.56 49.73
C GLN J 121 39.78 -27.59 48.68
N LEU J 122 40.66 -26.69 49.09
CA LEU J 122 41.28 -25.71 48.21
C LEU J 122 42.64 -26.16 47.76
N LEU J 123 42.93 -26.03 46.47
CA LEU J 123 44.24 -26.38 45.95
C LEU J 123 45.10 -25.12 45.91
N TYR J 124 46.29 -25.14 46.53
CA TYR J 124 47.12 -23.92 46.61
C TYR J 124 48.58 -24.11 46.25
N PHE J 125 49.11 -23.25 45.39
CA PHE J 125 50.51 -23.32 44.97
C PHE J 125 51.22 -21.98 45.18
N SER J 126 52.48 -22.02 45.62
CA SER J 126 53.26 -20.78 45.79
C SER J 126 54.76 -21.04 45.85
N ASN J 127 55.56 -19.97 45.77
CA ASN J 127 57.01 -20.08 45.93
C ASN J 127 57.53 -19.52 47.27
N LYS J 128 56.62 -19.31 48.21
CA LYS J 128 56.94 -18.75 49.53
C LYS J 128 55.96 -19.29 50.57
N THR J 129 56.48 -19.79 51.69
CA THR J 129 55.66 -20.35 52.76
C THR J 129 54.66 -19.31 53.31
N PRO J 130 53.35 -19.61 53.41
CA PRO J 130 52.30 -18.76 53.93
C PRO J 130 52.29 -18.72 55.44
N VAL J 131 51.54 -17.77 56.00
CA VAL J 131 51.32 -17.73 57.44
C VAL J 131 49.84 -18.02 57.69
N LEU J 132 49.55 -19.20 58.20
CA LEU J 132 48.18 -19.64 58.37
C LEU J 132 47.86 -19.87 59.85
N PRO J 133 46.59 -19.71 60.29
CA PRO J 133 46.11 -19.92 61.65
C PRO J 133 46.25 -21.33 62.27
N GLU J 134 46.33 -22.40 61.46
CA GLU J 134 46.48 -23.74 62.07
C GLU J 134 47.73 -24.41 61.53
N ALA J 135 48.34 -25.28 62.33
CA ALA J 135 49.56 -25.97 61.91
C ALA J 135 49.38 -26.70 60.60
N PHE J 136 50.40 -26.62 59.74
CA PHE J 136 50.39 -27.23 58.43
C PHE J 136 51.81 -27.48 57.96
N THR J 137 51.97 -28.30 56.93
CA THR J 137 53.26 -28.49 56.32
C THR J 137 53.23 -27.76 54.99
N PHE J 138 54.37 -27.54 54.38
CA PHE J 138 54.38 -26.82 53.12
C PHE J 138 55.44 -27.27 52.14
N LYS J 139 55.05 -27.35 50.88
CA LYS J 139 56.03 -27.57 49.86
C LYS J 139 55.67 -26.57 48.77
N PRO J 140 56.65 -26.02 48.06
CA PRO J 140 56.49 -25.06 46.99
C PRO J 140 55.97 -25.65 45.71
N ILE J 141 55.63 -24.77 44.80
CA ILE J 141 55.32 -25.12 43.43
C ILE J 141 56.58 -25.75 42.84
N ASP J 142 56.45 -26.93 42.26
CA ASP J 142 57.60 -27.65 41.69
C ASP J 142 58.23 -26.96 40.50
N ARG J 143 59.54 -27.13 40.36
CA ARG J 143 60.29 -26.63 39.22
C ARG J 143 60.19 -27.58 38.04
N ILE J 144 60.47 -27.06 36.85
CA ILE J 144 60.40 -27.85 35.63
C ILE J 144 61.25 -29.11 35.59
N ASN J 145 62.37 -29.14 36.30
CA ASN J 145 63.24 -30.30 36.30
C ASN J 145 63.01 -31.27 37.45
N GLN J 146 61.91 -31.12 38.17
CA GLN J 146 61.60 -32.02 39.26
C GLN J 146 60.53 -33.04 38.85
N SER J 147 60.57 -34.22 39.46
CA SER J 147 59.57 -35.26 39.25
C SER J 147 58.34 -35.10 40.14
N GLY J 148 57.29 -35.86 39.86
CA GLY J 148 56.09 -35.85 40.70
C GLY J 148 54.88 -35.16 40.06
N THR J 149 53.72 -35.36 40.69
CA THR J 149 52.44 -34.81 40.26
C THR J 149 51.74 -34.14 41.42
N VAL J 150 50.66 -33.44 41.13
CA VAL J 150 49.87 -32.77 42.16
C VAL J 150 49.25 -33.80 43.09
N GLY J 151 49.44 -33.64 44.39
CA GLY J 151 48.88 -34.54 45.37
C GLY J 151 48.28 -33.79 46.55
N GLU J 152 48.04 -34.53 47.63
CA GLU J 152 47.42 -34.05 48.87
C GLU J 152 48.21 -32.97 49.58
N GLU J 153 49.51 -32.89 49.29
CA GLU J 153 50.39 -31.91 49.88
C GLU J 153 49.99 -30.49 49.55
N TYR J 154 49.21 -30.29 48.48
CA TYR J 154 48.77 -28.98 48.07
C TYR J 154 47.33 -28.67 48.45
N LEU J 155 46.71 -29.51 49.29
CA LEU J 155 45.32 -29.22 49.66
C LEU J 155 45.15 -28.63 51.05
N TYR J 156 44.25 -27.65 51.16
CA TYR J 156 43.93 -26.98 52.40
C TYR J 156 42.45 -27.03 52.76
N GLU J 157 42.17 -27.09 54.06
CA GLU J 157 40.80 -27.13 54.55
C GLU J 157 40.58 -26.26 55.78
N GLY J 158 39.34 -26.20 56.24
CA GLY J 158 38.97 -25.49 57.48
C GLY J 158 39.36 -24.03 57.49
N GLU J 159 40.00 -23.62 58.60
CA GLU J 159 40.44 -22.25 58.81
C GLU J 159 41.54 -21.83 57.88
N ASN J 160 42.43 -22.75 57.51
CA ASN J 160 43.50 -22.35 56.61
C ASN J 160 42.91 -22.02 55.24
N LYS J 161 41.93 -22.82 54.81
CA LYS J 161 41.24 -22.55 53.56
C LYS J 161 40.53 -21.22 53.61
N LYS J 162 39.77 -20.98 54.66
CA LYS J 162 39.03 -19.74 54.82
C LYS J 162 39.95 -18.55 54.73
N HIS J 163 41.09 -18.61 55.43
CA HIS J 163 42.06 -17.54 55.46
C HIS J 163 42.57 -17.22 54.06
N LEU J 164 43.01 -18.25 53.31
CA LEU J 164 43.56 -18.02 51.98
C LEU J 164 42.52 -17.42 51.02
N LEU J 165 41.27 -17.88 51.08
CA LEU J 165 40.25 -17.35 50.19
C LEU J 165 39.96 -15.88 50.48
N GLU J 166 39.96 -15.51 51.77
CA GLU J 166 39.72 -14.13 52.15
C GLU J 166 40.86 -13.21 51.72
N GLU J 167 42.11 -13.61 51.91
CA GLU J 167 43.24 -12.76 51.51
C GLU J 167 43.25 -12.49 50.02
N ALA J 168 42.80 -13.47 49.25
CA ALA J 168 42.75 -13.35 47.80
C ALA J 168 41.54 -12.55 47.34
N HIS J 169 40.67 -12.19 48.29
CA HIS J 169 39.46 -11.42 48.00
C HIS J 169 38.65 -12.01 46.84
N LEU J 170 38.11 -13.19 47.06
CA LEU J 170 37.33 -13.88 46.02
C LEU J 170 35.85 -13.53 45.99
N ASN J 171 35.27 -13.62 44.79
CA ASN J 171 33.86 -13.36 44.54
C ASN J 171 32.96 -14.36 45.29
N PRO J 172 31.85 -13.92 45.92
CA PRO J 172 30.88 -14.76 46.62
C PRO J 172 30.36 -15.97 45.84
N GLY J 173 30.32 -15.90 44.51
CA GLY J 173 29.84 -17.03 43.71
C GLY J 173 30.79 -18.25 43.74
N GLY J 174 31.98 -18.05 44.30
CA GLY J 174 32.95 -19.12 44.40
C GLY J 174 33.28 -19.77 43.07
N GLY J 175 33.32 -21.10 43.07
CA GLY J 175 33.64 -21.85 41.87
C GLY J 175 35.13 -21.85 41.58
N VAL J 176 35.93 -21.80 42.64
CA VAL J 176 37.38 -21.78 42.50
C VAL J 176 37.99 -23.14 42.85
N LEU J 177 38.87 -23.61 41.97
CA LEU J 177 39.55 -24.88 42.17
C LEU J 177 40.74 -24.64 43.06
N GLY J 178 41.45 -23.58 42.72
CA GLY J 178 42.66 -23.26 43.43
C GLY J 178 43.23 -21.90 43.12
N ILE J 179 44.24 -21.56 43.90
CA ILE J 179 44.94 -20.28 43.84
C ILE J 179 46.45 -20.43 43.67
N ILE J 180 47.02 -19.69 42.71
CA ILE J 180 48.46 -19.68 42.50
C ILE J 180 49.05 -18.30 42.88
N GLN J 181 49.99 -18.28 43.83
CA GLN J 181 50.61 -17.00 44.26
C GLN J 181 52.11 -16.97 44.15
N ILE J 182 52.59 -16.07 43.30
CA ILE J 182 54.03 -15.95 43.08
C ILE J 182 54.58 -14.61 43.58
N TYR J 183 55.61 -14.69 44.42
CA TYR J 183 56.30 -13.54 45.00
C TYR J 183 57.55 -13.23 44.22
N MET J 184 57.93 -11.95 44.16
CA MET J 184 59.15 -11.59 43.44
C MET J 184 60.36 -12.27 44.09
N LYS J 185 60.38 -12.33 45.42
CA LYS J 185 61.41 -13.03 46.16
C LYS J 185 60.77 -14.17 46.96
N GLY J 186 61.21 -15.40 46.71
CA GLY J 186 60.66 -16.58 47.38
C GLY J 186 61.50 -17.05 48.56
N ASP J 187 61.34 -18.31 48.95
CA ASP J 187 62.06 -18.88 50.10
C ASP J 187 63.49 -19.36 49.82
N THR J 188 63.89 -19.33 48.57
CA THR J 188 65.22 -19.77 48.17
C THR J 188 65.53 -19.14 46.82
N PRO J 189 66.78 -18.79 46.48
CA PRO J 189 67.16 -18.20 45.21
C PRO J 189 66.64 -18.89 43.96
N VAL J 190 66.53 -20.22 43.96
CA VAL J 190 66.05 -20.91 42.77
C VAL J 190 64.57 -20.74 42.49
N LEU J 191 63.82 -20.15 43.41
CA LEU J 191 62.41 -19.93 43.18
C LEU J 191 62.09 -18.45 43.00
N SER J 192 63.12 -17.59 43.00
CA SER J 192 62.88 -16.16 42.90
C SER J 192 62.86 -15.67 41.47
N LEU J 193 62.30 -14.48 41.24
CA LEU J 193 62.26 -13.93 39.90
C LEU J 193 63.38 -12.94 39.65
N ILE J 194 63.83 -12.27 40.72
CA ILE J 194 64.84 -11.23 40.64
C ILE J 194 66.02 -11.45 41.56
N ASN J 195 67.13 -10.78 41.27
CA ASN J 195 68.31 -10.82 42.10
C ASN J 195 68.27 -9.79 43.22
N ASN J 196 69.30 -9.77 44.05
CA ASN J 196 69.34 -8.86 45.20
C ASN J 196 69.33 -7.39 44.83
N ASP J 197 69.86 -7.02 43.68
CA ASP J 197 69.89 -5.63 43.28
C ASP J 197 68.71 -5.25 42.37
N GLY J 198 67.73 -6.15 42.24
CA GLY J 198 66.54 -5.90 41.42
C GLY J 198 66.65 -6.36 39.96
N THR J 199 67.84 -6.79 39.55
CA THR J 199 68.12 -7.25 38.18
C THR J 199 67.32 -8.52 37.88
N LEU J 200 66.80 -8.65 36.66
CA LEU J 200 66.08 -9.88 36.33
C LEU J 200 67.07 -11.02 36.29
N LYS J 201 66.66 -12.21 36.70
CA LYS J 201 67.59 -13.33 36.59
C LYS J 201 67.97 -13.63 35.16
N ASN J 202 69.15 -14.24 34.97
CA ASN J 202 69.68 -14.58 33.65
C ASN J 202 69.32 -15.97 33.16
N SER J 203 68.39 -16.59 33.84
CA SER J 203 67.86 -17.90 33.51
C SER J 203 66.39 -17.80 33.85
N LEU J 204 65.53 -17.90 32.84
CA LEU J 204 64.12 -17.70 33.06
C LEU J 204 63.59 -18.75 34.05
N PRO J 205 62.92 -18.36 35.16
CA PRO J 205 62.29 -19.28 36.09
C PRO J 205 61.30 -20.09 35.29
N HIS J 206 61.23 -21.38 35.56
CA HIS J 206 60.33 -22.25 34.82
C HIS J 206 59.68 -23.27 35.74
N PHE J 207 58.43 -23.01 36.10
CA PHE J 207 57.68 -23.83 37.06
C PHE J 207 56.73 -24.80 36.35
N LYS J 208 56.34 -25.88 37.04
CA LYS J 208 55.43 -26.88 36.48
C LYS J 208 54.31 -27.39 37.40
N ILE J 209 53.12 -27.59 36.81
CA ILE J 209 51.98 -28.24 37.46
C ILE J 209 51.53 -29.43 36.59
N HIS J 210 51.52 -30.64 37.15
CA HIS J 210 51.15 -31.84 36.38
C HIS J 210 50.14 -32.74 37.12
N PHE J 211 48.97 -32.95 36.50
CA PHE J 211 47.93 -33.79 37.12
C PHE J 211 47.99 -35.24 36.65
N SER J 212 47.78 -36.20 37.57
CA SER J 212 47.78 -37.62 37.22
C SER J 212 46.40 -38.15 36.85
N ASN J 213 46.37 -39.31 36.18
CA ASN J 213 45.10 -39.94 35.80
C ASN J 213 44.73 -41.12 36.69
N ARG J 214 43.43 -41.37 36.77
CA ARG J 214 42.83 -42.46 37.54
C ARG J 214 42.88 -43.83 36.80
N LYS J 215 43.03 -44.94 37.56
CA LYS J 215 42.98 -46.33 37.05
C LYS J 215 41.74 -47.09 37.54
N SER J 216 41.34 -48.16 36.82
CA SER J 216 40.19 -49.01 37.25
C SER J 216 40.15 -50.44 36.68
N THR J 217 39.32 -51.28 37.32
CA THR J 217 39.00 -52.65 36.88
C THR J 217 37.89 -52.60 35.84
N TRP J 218 38.08 -53.33 34.73
CA TRP J 218 37.07 -53.29 33.69
C TRP J 218 36.14 -54.49 33.82
N LYS J 219 34.85 -54.23 33.75
CA LYS J 219 33.84 -55.27 33.83
C LYS J 219 33.02 -55.33 32.56
N TYR J 220 32.94 -56.52 31.98
CA TYR J 220 32.21 -56.71 30.74
C TYR J 220 30.91 -57.47 30.95
N ILE J 221 29.81 -56.87 30.48
CA ILE J 221 28.48 -57.41 30.64
C ILE J 221 27.82 -57.81 29.32
N ASN J 222 27.44 -59.07 29.23
CA ASN J 222 26.78 -59.59 28.04
C ASN J 222 25.38 -60.06 28.39
N LEU J 223 24.39 -59.22 28.12
CA LEU J 223 23.06 -59.60 28.55
C LEU J 223 22.45 -60.72 27.71
N LYS J 224 22.67 -60.70 26.40
CA LYS J 224 22.02 -61.71 25.55
C LYS J 224 22.52 -63.13 25.84
N ASP J 225 23.79 -63.24 26.21
CA ASP J 225 24.40 -64.52 26.55
C ASP J 225 24.37 -64.77 28.05
N ASP J 226 23.87 -63.78 28.78
CA ASP J 226 23.74 -63.84 30.25
C ASP J 226 25.03 -64.17 31.01
N PHE J 227 26.15 -63.57 30.62
CA PHE J 227 27.42 -63.82 31.29
C PHE J 227 28.19 -62.53 31.62
N GLU J 228 28.94 -62.55 32.71
CA GLU J 228 29.73 -61.41 33.13
C GLU J 228 31.17 -61.83 33.37
N THR J 229 32.13 -60.96 33.07
CA THR J 229 33.54 -61.23 33.35
C THR J 229 34.32 -59.97 33.72
N GLU J 230 35.41 -60.15 34.47
CA GLU J 230 36.24 -58.99 34.87
C GLU J 230 37.70 -59.17 34.57
N THR J 231 38.41 -58.06 34.38
CA THR J 231 39.84 -58.19 34.18
C THR J 231 40.54 -58.46 35.50
N LYS J 232 41.77 -58.98 35.42
CA LYS J 232 42.55 -59.26 36.63
C LYS J 232 43.27 -58.07 37.27
N LYS J 233 43.65 -57.08 36.48
CA LYS J 233 44.37 -55.94 37.03
C LYS J 233 43.80 -54.67 36.48
N ASP J 234 43.95 -53.58 37.24
CA ASP J 234 43.53 -52.25 36.83
C ASP J 234 44.30 -51.70 35.62
N TYR J 235 43.59 -50.94 34.78
CA TYR J 235 44.21 -50.28 33.65
C TYR J 235 43.92 -48.78 33.74
N PRO J 236 44.80 -47.90 33.25
CA PRO J 236 44.62 -46.46 33.24
C PRO J 236 43.59 -45.96 32.28
N LEU J 237 42.93 -44.86 32.65
CA LEU J 237 42.05 -44.17 31.73
C LEU J 237 42.85 -43.13 30.98
N THR J 238 42.72 -43.13 29.68
CA THR J 238 43.38 -42.14 28.84
C THR J 238 42.40 -41.68 27.81
N LYS J 239 42.65 -40.55 27.18
CA LYS J 239 41.76 -40.09 26.12
C LYS J 239 42.00 -40.73 24.75
N PHE J 240 43.26 -40.89 24.35
CA PHE J 240 43.55 -41.37 23.00
C PHE J 240 44.19 -42.75 22.84
N GLY J 241 44.57 -43.41 23.91
CA GLY J 241 45.29 -44.69 23.77
C GLY J 241 44.39 -45.90 23.59
N PHE J 242 44.99 -47.07 23.49
CA PHE J 242 44.26 -48.33 23.31
C PHE J 242 44.96 -49.53 23.90
N ILE J 243 44.24 -50.28 24.69
CA ILE J 243 44.73 -51.48 25.33
C ILE J 243 44.07 -52.71 24.75
N LEU J 244 44.88 -53.63 24.26
CA LEU J 244 44.33 -54.83 23.66
C LEU J 244 44.25 -55.99 24.63
N LEU J 245 43.05 -56.49 24.82
CA LEU J 245 42.83 -57.63 25.70
C LEU J 245 42.42 -58.79 24.81
N ASP J 246 43.25 -59.81 24.71
CA ASP J 246 42.92 -60.91 23.83
C ASP J 246 43.27 -62.31 24.36
N LYS J 247 43.56 -62.46 25.65
CA LYS J 247 43.88 -63.79 26.14
C LYS J 247 42.86 -64.20 27.19
N LYS J 248 42.55 -65.48 27.25
CA LYS J 248 41.62 -65.96 28.27
C LYS J 248 42.17 -65.65 29.65
N SER J 249 43.49 -65.74 29.77
CA SER J 249 44.24 -65.53 30.99
C SER J 249 44.18 -64.10 31.53
N ASP J 250 43.68 -63.15 30.74
CA ASP J 250 43.57 -61.77 31.16
C ASP J 250 42.34 -61.56 32.04
N PHE J 251 41.42 -62.51 31.97
CA PHE J 251 40.13 -62.39 32.62
C PHE J 251 39.84 -63.39 33.72
N ILE J 252 38.97 -62.97 34.60
CA ILE J 252 38.44 -63.78 35.65
C ILE J 252 37.13 -64.34 35.14
N SER J 253 37.05 -65.66 35.09
CA SER J 253 35.90 -66.38 34.56
C SER J 253 35.49 -66.00 33.12
N PRO J 254 36.39 -66.12 32.13
CA PRO J 254 36.17 -65.79 30.72
C PRO J 254 35.09 -66.72 30.16
N PRO J 255 34.35 -66.30 29.13
CA PRO J 255 33.29 -67.04 28.46
C PRO J 255 33.75 -68.25 27.67
N ALA J 256 32.83 -69.21 27.53
CA ALA J 256 33.02 -70.45 26.78
C ALA J 256 33.50 -70.25 25.36
N HIS J 257 33.04 -69.20 24.70
CA HIS J 257 33.39 -68.96 23.32
C HIS J 257 34.21 -67.70 23.15
N PHE J 258 35.08 -67.43 24.11
CA PHE J 258 35.97 -66.26 24.13
C PHE J 258 36.53 -65.90 22.77
N GLU J 259 36.93 -66.87 21.96
CA GLU J 259 37.54 -66.60 20.68
C GLU J 259 36.68 -65.73 19.72
N LYS J 260 35.35 -65.71 19.88
CA LYS J 260 34.50 -64.91 18.99
C LYS J 260 34.19 -63.51 19.52
N TYR J 261 34.70 -63.16 20.70
CA TYR J 261 34.34 -61.88 21.30
C TYR J 261 35.41 -60.79 21.17
N VAL J 262 34.94 -59.56 21.16
CA VAL J 262 35.77 -58.36 21.13
C VAL J 262 35.48 -57.54 22.37
N PHE J 263 36.53 -57.10 23.05
CA PHE J 263 36.41 -56.34 24.29
C PHE J 263 36.87 -54.87 24.18
N PRO J 264 35.96 -53.89 23.97
CA PRO J 264 36.20 -52.46 23.84
C PRO J 264 36.78 -51.82 25.10
N ASN J 265 37.54 -50.74 24.95
CA ASN J 265 38.04 -49.99 26.09
C ASN J 265 36.93 -49.07 26.59
N PRO J 266 36.79 -48.79 27.90
CA PRO J 266 35.82 -47.89 28.49
C PRO J 266 36.14 -46.42 28.32
N ASP J 267 35.09 -45.61 28.38
CA ASP J 267 35.17 -44.15 28.43
C ASP J 267 35.35 -43.70 29.88
N ALA J 268 35.45 -42.39 30.12
CA ALA J 268 35.60 -41.85 31.48
C ALA J 268 34.36 -41.07 31.94
N ARG J 269 33.23 -41.31 31.29
CA ARG J 269 31.98 -40.63 31.60
C ARG J 269 31.26 -41.15 32.82
N ARG J 270 31.41 -42.44 33.11
CA ARG J 270 30.76 -43.06 34.25
C ARG J 270 31.76 -43.97 34.90
N ILE J 271 31.87 -43.88 36.22
CA ILE J 271 32.79 -44.71 36.97
C ILE J 271 32.37 -44.84 38.42
N LYS J 272 32.54 -46.03 38.98
CA LYS J 272 32.24 -46.25 40.37
C LYS J 272 33.49 -46.07 41.20
N ILE J 273 33.44 -45.18 42.17
CA ILE J 273 34.59 -44.92 43.01
C ILE J 273 34.33 -45.43 44.41
N THR J 274 35.23 -46.25 44.92
CA THR J 274 35.04 -46.80 46.25
C THR J 274 36.39 -46.61 46.95
N PRO J 275 36.50 -46.83 48.28
CA PRO J 275 37.72 -46.80 49.06
C PRO J 275 38.80 -47.80 48.61
N THR J 276 38.42 -48.83 47.84
CA THR J 276 39.37 -49.83 47.40
C THR J 276 39.56 -49.74 45.90
N LYS J 277 38.71 -50.43 45.16
CA LYS J 277 38.81 -50.43 43.70
C LYS J 277 37.84 -49.49 43.01
N ASN J 278 38.23 -49.07 41.83
CA ASN J 278 37.33 -48.30 40.98
C ASN J 278 36.83 -49.24 39.92
N TYR J 279 35.60 -49.04 39.45
CA TYR J 279 35.09 -49.91 38.39
C TYR J 279 34.50 -49.20 37.19
N SER J 280 34.74 -49.78 36.02
CA SER J 280 34.16 -49.30 34.76
C SER J 280 33.33 -50.40 34.12
N GLU J 281 32.03 -50.16 33.91
CA GLU J 281 31.13 -51.16 33.33
C GLU J 281 30.95 -50.95 31.84
N ILE J 282 31.20 -51.99 31.07
CA ILE J 282 31.13 -51.97 29.63
C ILE J 282 30.10 -53.00 29.14
N PHE J 283 29.16 -52.59 28.31
CA PHE J 283 28.18 -53.55 27.80
C PHE J 283 28.54 -54.05 26.42
N ILE J 284 28.30 -55.33 26.21
CA ILE J 284 28.53 -56.00 24.95
C ILE J 284 27.20 -56.20 24.22
N MET K 1 21.30 -21.47 55.02
CA MET K 1 20.14 -22.30 55.29
C MET K 1 20.16 -23.58 54.48
N GLN K 2 20.46 -24.70 55.13
CA GLN K 2 20.46 -25.97 54.45
C GLN K 2 19.11 -26.64 54.59
N VAL K 3 18.68 -27.30 53.54
CA VAL K 3 17.43 -28.03 53.52
C VAL K 3 17.69 -29.40 52.93
N SER K 4 17.15 -30.45 53.53
CA SER K 4 17.34 -31.79 53.01
C SER K 4 16.08 -32.64 53.12
N SER K 5 16.04 -33.70 52.33
CA SER K 5 14.92 -34.63 52.31
C SER K 5 15.38 -36.00 51.83
N SER K 6 14.52 -37.00 52.05
CA SER K 6 14.77 -38.38 51.66
C SER K 6 13.45 -39.09 51.47
N PHE K 7 13.33 -39.87 50.40
CA PHE K 7 12.07 -40.55 50.13
C PHE K 7 12.25 -42.05 49.96
N ARG K 8 11.27 -42.82 50.39
CA ARG K 8 11.28 -44.28 50.29
C ARG K 8 9.94 -44.86 49.83
N SER K 9 9.98 -46.04 49.19
CA SER K 9 8.76 -46.70 48.74
C SER K 9 7.83 -46.98 49.92
N PHE K 10 6.54 -46.74 49.71
CA PHE K 10 5.52 -46.93 50.72
C PHE K 10 4.54 -48.07 50.42
N LEU K 11 4.07 -48.16 49.18
CA LEU K 11 3.08 -49.16 48.75
C LEU K 11 3.08 -49.50 47.26
N LYS K 12 3.09 -50.81 46.91
CA LYS K 12 3.01 -51.16 45.49
C LYS K 12 1.72 -51.92 45.09
N LEU K 13 1.16 -51.55 43.93
CA LEU K 13 -0.03 -52.21 43.33
C LEU K 13 0.21 -52.68 41.87
N ASP K 14 0.00 -53.98 41.66
CA ASP K 14 0.17 -54.70 40.39
C ASP K 14 -1.15 -54.76 39.54
N ILE K 15 -1.17 -54.16 38.34
CA ILE K 15 -2.39 -54.07 37.50
C ILE K 15 -2.33 -54.93 36.21
N LEU K 16 -3.07 -56.04 36.17
CA LEU K 16 -2.99 -57.00 35.05
C LEU K 16 -4.32 -57.31 34.36
N HIS K 17 -4.26 -57.75 33.09
CA HIS K 17 -5.45 -58.17 32.36
C HIS K 17 -5.07 -59.25 31.33
N SER K 18 -5.74 -60.40 31.40
CA SER K 18 -5.47 -61.57 30.56
C SER K 18 -5.60 -61.32 29.05
N TYR K 19 -6.50 -60.44 28.66
CA TYR K 19 -6.68 -60.15 27.24
C TYR K 19 -5.37 -59.72 26.59
N PHE K 20 -4.57 -58.95 27.30
CA PHE K 20 -3.36 -58.45 26.70
C PHE K 20 -2.16 -59.34 27.01
N LEU K 21 -2.20 -60.03 28.15
CA LEU K 21 -1.07 -60.86 28.58
C LEU K 21 -1.03 -62.34 28.17
N ASN K 22 -2.17 -62.98 27.94
CA ASN K 22 -2.19 -64.40 27.57
C ASN K 22 -1.85 -64.59 26.11
N ASP K 23 -1.41 -65.79 25.75
CA ASP K 23 -1.15 -66.07 24.34
C ASP K 23 -1.96 -67.29 23.89
N GLY K 24 -3.15 -67.01 23.33
CA GLY K 24 -4.06 -68.08 22.98
C GLY K 24 -4.42 -68.82 24.25
N GLU K 25 -4.26 -70.13 24.25
CA GLU K 25 -4.55 -70.97 25.39
C GLU K 25 -3.56 -70.84 26.56
N LYS K 26 -2.38 -70.29 26.32
CA LYS K 26 -1.37 -70.22 27.36
C LYS K 26 -1.60 -69.08 28.35
N ASP K 27 -1.83 -69.48 29.59
CA ASP K 27 -2.13 -68.60 30.72
C ASP K 27 -0.90 -67.93 31.31
N PHE K 28 -0.89 -66.61 31.30
CA PHE K 28 0.20 -65.78 31.81
C PHE K 28 0.67 -66.27 33.18
N SER K 29 -0.28 -66.61 34.05
CA SER K 29 0.00 -67.05 35.41
C SER K 29 0.85 -68.31 35.51
N SER K 30 0.93 -69.08 34.42
CA SER K 30 1.69 -70.33 34.36
C SER K 30 2.96 -70.23 33.51
N MET K 31 3.32 -69.02 33.08
CA MET K 31 4.51 -68.79 32.26
C MET K 31 5.78 -68.77 33.09
N ASN K 32 6.90 -69.13 32.46
CA ASN K 32 8.19 -69.07 33.16
C ASN K 32 8.71 -67.63 33.12
N GLU K 33 9.91 -67.39 33.63
CA GLU K 33 10.41 -66.03 33.71
C GLU K 33 10.64 -65.36 32.37
N GLU K 34 11.22 -66.06 31.41
CA GLU K 34 11.47 -65.42 30.11
C GLU K 34 10.18 -65.16 29.37
N GLU K 35 9.23 -66.08 29.50
CA GLU K 35 7.94 -65.94 28.85
C GLU K 35 7.16 -64.78 29.45
N SER K 36 7.21 -64.63 30.77
CA SER K 36 6.53 -63.55 31.45
C SER K 36 7.08 -62.21 31.03
N LYS K 37 8.42 -62.08 31.03
CA LYS K 37 9.04 -60.83 30.63
C LYS K 37 8.67 -60.44 29.21
N THR K 38 8.67 -61.42 28.32
CA THR K 38 8.35 -61.17 26.93
C THR K 38 6.95 -60.61 26.79
N GLN K 39 5.98 -61.20 27.48
CA GLN K 39 4.63 -60.68 27.35
C GLN K 39 4.49 -59.28 27.94
N LEU K 40 5.15 -59.02 29.07
CA LEU K 40 5.06 -57.71 29.72
C LEU K 40 5.60 -56.58 28.88
N LYS K 41 6.60 -56.84 28.06
CA LYS K 41 7.18 -55.80 27.19
C LYS K 41 6.16 -55.13 26.26
N SER K 42 5.06 -55.80 25.95
CA SER K 42 4.03 -55.25 25.06
C SER K 42 2.80 -54.74 25.81
N TYR K 43 2.84 -54.72 27.13
CA TYR K 43 1.69 -54.33 27.95
C TYR K 43 1.82 -53.00 28.66
N ASN K 44 0.74 -52.22 28.63
CA ASN K 44 0.67 -50.96 29.35
C ASN K 44 -0.75 -50.74 29.87
N TRP K 45 -0.94 -50.82 31.19
CA TRP K 45 -2.29 -50.71 31.74
C TRP K 45 -3.03 -49.44 31.33
N LYS K 46 -2.29 -48.38 30.98
CA LYS K 46 -2.89 -47.09 30.63
C LYS K 46 -3.53 -47.09 29.26
N ASP K 47 -3.41 -48.20 28.54
CA ASP K 47 -4.04 -48.36 27.26
C ASP K 47 -5.55 -48.50 27.43
N PHE K 48 -6.02 -49.00 28.59
CA PHE K 48 -7.46 -49.15 28.75
C PHE K 48 -8.04 -48.51 30.01
N LEU K 49 -7.23 -48.37 31.06
CA LEU K 49 -7.70 -47.89 32.36
C LEU K 49 -7.07 -46.55 32.79
N GLU K 50 -7.86 -45.68 33.42
CA GLU K 50 -7.35 -44.44 34.01
C GLU K 50 -7.51 -44.46 35.53
N ILE K 51 -6.45 -44.11 36.26
CA ILE K 51 -6.49 -44.11 37.73
C ILE K 51 -6.04 -42.80 38.34
N TYR K 52 -6.84 -42.25 39.25
CA TYR K 52 -6.46 -40.99 39.90
C TYR K 52 -7.09 -40.85 41.29
N PRO K 53 -6.50 -40.08 42.23
CA PRO K 53 -7.01 -39.77 43.56
C PRO K 53 -8.20 -38.84 43.60
N SER K 54 -9.02 -38.99 44.64
CA SER K 54 -10.11 -38.05 44.94
C SER K 54 -9.55 -36.73 45.43
N GLN K 55 -10.36 -35.67 45.46
CA GLN K 55 -9.86 -34.37 45.93
C GLN K 55 -9.38 -34.39 47.38
N LYS K 56 -10.08 -35.13 48.24
CA LYS K 56 -9.64 -35.21 49.63
C LYS K 56 -8.35 -35.98 49.73
N THR K 57 -8.21 -37.03 48.93
CA THR K 57 -7.00 -37.81 48.95
C THR K 57 -5.83 -36.94 48.53
N SER K 58 -5.97 -36.15 47.46
CA SER K 58 -4.88 -35.29 47.02
C SER K 58 -4.47 -34.32 48.10
N HIS K 59 -5.45 -33.75 48.80
CA HIS K 59 -5.16 -32.81 49.86
C HIS K 59 -4.35 -33.48 50.97
N MET K 60 -4.79 -34.67 51.40
CA MET K 60 -4.09 -35.40 52.44
C MET K 60 -2.67 -35.75 52.02
N MET K 61 -2.50 -36.27 50.80
CA MET K 61 -1.20 -36.69 50.32
C MET K 61 -0.25 -35.51 50.32
N ARG K 62 -0.72 -34.32 49.94
CA ARG K 62 0.18 -33.18 50.02
C ARG K 62 0.62 -32.94 51.46
N GLY K 63 -0.33 -32.95 52.40
CA GLY K 63 -0.02 -32.71 53.80
C GLY K 63 0.95 -33.71 54.42
N ASN K 64 0.81 -34.99 54.05
CA ASN K 64 1.66 -36.03 54.59
C ASN K 64 2.87 -36.38 53.72
N LYS K 65 3.14 -35.61 52.68
CA LYS K 65 4.27 -35.87 51.78
C LYS K 65 4.27 -37.26 51.13
N ILE K 66 3.13 -37.65 50.56
CA ILE K 66 3.00 -38.93 49.86
C ILE K 66 2.86 -38.67 48.35
N PHE K 67 3.69 -39.34 47.55
CA PHE K 67 3.75 -39.13 46.11
C PHE K 67 3.24 -40.32 45.31
N PHE K 68 2.69 -40.06 44.12
CA PHE K 68 2.13 -41.11 43.24
C PHE K 68 2.91 -41.29 41.93
N LYS K 69 3.52 -42.47 41.74
CA LYS K 69 4.30 -42.76 40.54
C LYS K 69 3.70 -43.92 39.76
N SER K 70 3.92 -43.97 38.44
CA SER K 70 3.37 -45.08 37.67
C SER K 70 4.31 -45.64 36.62
N PHE K 71 4.09 -46.92 36.33
CA PHE K 71 4.87 -47.77 35.44
C PHE K 71 3.91 -48.52 34.55
N ASN K 72 4.38 -49.11 33.45
CA ASN K 72 3.48 -49.83 32.54
C ASN K 72 2.68 -50.98 33.16
N ASP K 73 3.14 -51.57 34.27
CA ASP K 73 2.41 -52.65 34.88
C ASP K 73 2.01 -52.38 36.33
N SER K 74 2.25 -51.17 36.83
CA SER K 74 2.03 -50.92 38.26
C SER K 74 1.98 -49.47 38.74
N ILE K 75 1.54 -49.32 39.99
CA ILE K 75 1.55 -48.05 40.70
C ILE K 75 2.33 -48.14 42.00
N ILE K 76 3.22 -47.17 42.23
CA ILE K 76 3.97 -47.12 43.47
C ILE K 76 3.81 -45.81 44.21
N LEU K 77 3.47 -45.89 45.48
CA LEU K 77 3.40 -44.68 46.28
C LEU K 77 4.69 -44.59 47.06
N ALA K 78 5.16 -43.36 47.28
CA ALA K 78 6.39 -43.11 48.03
C ALA K 78 6.17 -42.06 49.09
N ILE K 79 6.92 -42.17 50.20
CA ILE K 79 6.74 -41.25 51.31
C ILE K 79 8.03 -40.61 51.82
N LYS K 80 7.94 -39.35 52.24
CA LYS K 80 9.09 -38.70 52.88
C LYS K 80 9.37 -39.29 54.27
N VAL K 81 10.64 -39.57 54.54
CA VAL K 81 11.06 -40.13 55.83
C VAL K 81 12.07 -39.24 56.52
N GLU K 82 12.28 -39.48 57.81
CA GLU K 82 13.25 -38.72 58.57
C GLU K 82 14.68 -38.96 58.12
N SER K 83 15.46 -37.90 58.08
CA SER K 83 16.85 -38.03 57.70
C SER K 83 17.57 -38.95 58.66
N GLY K 84 18.43 -39.79 58.12
CA GLY K 84 19.20 -40.73 58.91
C GLY K 84 18.58 -42.12 58.99
N THR K 85 17.33 -42.28 58.59
CA THR K 85 16.73 -43.61 58.66
C THR K 85 16.04 -44.08 57.41
N GLU K 86 15.52 -45.30 57.51
CA GLU K 86 14.82 -45.94 56.42
C GLU K 86 13.34 -46.14 56.66
N ASN K 87 12.93 -46.17 57.93
CA ASN K 87 11.56 -46.55 58.24
C ASN K 87 10.73 -45.63 59.14
N GLN K 88 11.14 -44.40 59.36
CA GLN K 88 10.33 -43.51 60.19
C GLN K 88 9.71 -42.40 59.34
N PRO K 89 8.40 -42.40 59.11
CA PRO K 89 7.71 -41.40 58.30
C PRO K 89 8.00 -40.06 58.90
N PHE K 90 8.19 -39.08 58.05
CA PHE K 90 8.45 -37.72 58.53
C PHE K 90 7.30 -37.27 59.41
N ASN K 91 6.07 -37.36 58.89
CA ASN K 91 4.89 -37.02 59.66
C ASN K 91 4.26 -38.27 60.26
N GLU K 92 3.78 -38.19 61.49
CA GLU K 92 3.11 -39.31 62.14
C GLU K 92 1.86 -39.74 61.37
N LEU K 93 1.70 -41.04 61.13
CA LEU K 93 0.52 -41.56 60.47
C LEU K 93 -0.40 -42.19 61.48
N TYR K 94 -1.72 -42.13 61.25
CA TYR K 94 -2.66 -42.75 62.19
C TYR K 94 -3.38 -43.92 61.54
N GLU K 95 -3.84 -44.85 62.34
CA GLU K 95 -4.45 -46.10 61.86
C GLU K 95 -5.65 -45.94 60.93
N ASP K 96 -6.47 -44.94 61.17
CA ASP K 96 -7.67 -44.75 60.37
C ASP K 96 -7.53 -43.75 59.24
N GLU K 97 -6.32 -43.33 58.92
CA GLU K 97 -6.17 -42.48 57.76
C GLU K 97 -6.30 -43.38 56.56
N SER K 98 -6.75 -42.83 55.45
CA SER K 98 -6.90 -43.64 54.25
C SER K 98 -6.78 -42.81 52.99
N MET K 99 -6.50 -43.51 51.90
CA MET K 99 -6.43 -42.91 50.57
C MET K 99 -7.44 -43.53 49.63
N THR K 100 -8.16 -42.70 48.86
CA THR K 100 -9.16 -43.21 47.93
C THR K 100 -8.81 -42.88 46.49
N PHE K 101 -8.74 -43.92 45.66
CA PHE K 101 -8.43 -43.74 44.26
C PHE K 101 -9.60 -44.22 43.39
N LEU K 102 -9.83 -43.53 42.29
CA LEU K 102 -10.91 -43.90 41.40
C LEU K 102 -10.45 -44.53 40.11
N LEU K 103 -11.24 -45.49 39.64
CA LEU K 103 -11.01 -46.17 38.38
C LEU K 103 -12.04 -45.74 37.35
N SER K 104 -11.60 -45.50 36.12
CA SER K 104 -12.50 -45.22 35.00
C SER K 104 -11.92 -45.80 33.71
N LEU K 105 -12.77 -46.05 32.73
CA LEU K 105 -12.30 -46.65 31.48
C LEU K 105 -12.20 -45.74 30.28
N LYS K 106 -11.16 -45.97 29.48
CA LYS K 106 -11.01 -45.26 28.21
C LYS K 106 -11.26 -46.20 27.00
N ASP K 107 -11.03 -47.51 27.16
CA ASP K 107 -11.21 -48.45 26.05
C ASP K 107 -12.68 -48.88 25.86
N GLN K 108 -13.29 -48.47 24.75
CA GLN K 108 -14.70 -48.74 24.47
C GLN K 108 -15.04 -50.23 24.34
N TYR K 109 -14.05 -51.08 24.13
CA TYR K 109 -14.34 -52.50 23.97
C TYR K 109 -14.07 -53.29 25.23
N PHE K 110 -13.79 -52.62 26.34
CA PHE K 110 -13.47 -53.30 27.58
C PHE K 110 -14.52 -54.35 27.92
N GLY K 111 -15.79 -53.98 27.81
CA GLY K 111 -16.91 -54.86 28.13
C GLY K 111 -17.08 -56.06 27.20
N ASN K 112 -16.48 -56.05 26.02
CA ASN K 112 -16.63 -57.19 25.13
C ASN K 112 -15.61 -58.25 25.50
N TYR K 113 -14.38 -57.83 25.79
CA TYR K 113 -13.38 -58.83 26.10
C TYR K 113 -13.21 -59.17 27.58
N THR K 114 -13.72 -58.33 28.51
CA THR K 114 -13.54 -58.60 29.93
C THR K 114 -14.69 -59.44 30.50
N ASP K 115 -14.35 -60.56 31.12
CA ASP K 115 -15.38 -61.45 31.63
C ASP K 115 -15.90 -61.05 33.01
N LEU K 116 -16.69 -59.97 33.07
CA LEU K 116 -17.23 -59.48 34.33
C LEU K 116 -18.57 -58.76 34.13
N ASP K 117 -19.60 -59.22 34.85
CA ASP K 117 -20.94 -58.64 34.69
C ASP K 117 -21.13 -57.35 35.49
N LEU K 118 -20.68 -56.26 34.91
CA LEU K 118 -20.69 -54.94 35.53
C LEU K 118 -21.99 -54.15 35.38
N ALA K 119 -23.00 -54.74 34.76
CA ALA K 119 -24.23 -53.99 34.58
C ALA K 119 -24.78 -53.49 35.90
N ASP K 120 -24.98 -52.18 35.96
CA ASP K 120 -25.51 -51.44 37.10
C ASP K 120 -24.84 -51.73 38.46
N GLN K 121 -23.52 -51.98 38.48
CA GLN K 121 -22.85 -52.28 39.74
C GLN K 121 -21.53 -51.55 39.91
N LEU K 122 -21.17 -51.32 41.17
CA LEU K 122 -19.90 -50.68 41.54
C LEU K 122 -18.86 -51.71 41.90
N LEU K 123 -17.65 -51.55 41.38
CA LEU K 123 -16.56 -52.44 41.73
C LEU K 123 -15.78 -51.81 42.90
N TYR K 124 -15.59 -52.55 43.99
CA TYR K 124 -14.93 -51.98 45.19
C TYR K 124 -13.84 -52.85 45.81
N PHE K 125 -12.67 -52.25 46.06
CA PHE K 125 -11.56 -52.98 46.67
C PHE K 125 -11.04 -52.26 47.92
N SER K 126 -10.67 -53.02 48.95
CA SER K 126 -10.11 -52.42 50.17
C SER K 126 -9.35 -53.42 51.03
N ASN K 127 -8.60 -52.93 52.02
CA ASN K 127 -7.92 -53.80 52.98
C ASN K 127 -8.57 -53.82 54.38
N LYS K 128 -9.80 -53.32 54.46
CA LYS K 128 -10.55 -53.22 55.72
C LYS K 128 -12.04 -53.32 55.44
N THR K 129 -12.74 -54.18 56.18
CA THR K 129 -14.17 -54.40 56.01
C THR K 129 -14.97 -53.10 56.22
N PRO K 130 -15.86 -52.69 55.30
CA PRO K 130 -16.69 -51.51 55.37
C PRO K 130 -17.89 -51.70 56.27
N VAL K 131 -18.56 -50.61 56.61
CA VAL K 131 -19.83 -50.69 57.33
C VAL K 131 -20.93 -50.19 56.41
N LEU K 132 -21.74 -51.11 55.92
CA LEU K 132 -22.75 -50.79 54.93
C LEU K 132 -24.16 -51.05 55.49
N PRO K 133 -25.20 -50.32 55.02
CA PRO K 133 -26.61 -50.47 55.41
C PRO K 133 -27.30 -51.81 55.15
N GLU K 134 -26.85 -52.63 54.19
CA GLU K 134 -27.51 -53.92 53.97
C GLU K 134 -26.51 -55.05 54.10
N ALA K 135 -26.98 -56.23 54.53
CA ALA K 135 -26.08 -57.37 54.71
C ALA K 135 -25.29 -57.70 53.44
N PHE K 136 -24.02 -58.01 53.63
CA PHE K 136 -23.12 -58.32 52.54
C PHE K 136 -21.99 -59.19 53.04
N THR K 137 -21.24 -59.80 52.13
CA THR K 137 -20.05 -60.54 52.50
C THR K 137 -18.87 -59.70 52.05
N PHE K 138 -17.68 -60.01 52.53
CA PHE K 138 -16.52 -59.22 52.14
C PHE K 138 -15.25 -59.99 52.02
N LYS K 139 -14.47 -59.65 50.99
CA LYS K 139 -13.14 -60.20 50.89
C LYS K 139 -12.29 -58.99 50.55
N PRO K 140 -11.05 -58.93 51.00
CA PRO K 140 -10.10 -57.87 50.77
C PRO K 140 -9.50 -57.90 49.38
N ILE K 141 -8.80 -56.83 49.08
CA ILE K 141 -7.96 -56.76 47.89
C ILE K 141 -6.90 -57.85 48.04
N ASP K 142 -6.75 -58.68 47.02
CA ASP K 142 -5.79 -59.79 47.04
C ASP K 142 -4.34 -59.36 47.08
N ARG K 143 -3.52 -60.17 47.75
CA ARG K 143 -2.09 -59.95 47.81
C ARG K 143 -1.40 -60.51 46.57
N ILE K 144 -0.19 -60.04 46.31
CA ILE K 144 0.58 -60.46 45.15
C ILE K 144 0.83 -61.96 45.03
N ASN K 145 0.90 -62.68 46.15
CA ASN K 145 1.17 -64.10 46.10
C ASN K 145 -0.08 -64.98 46.15
N GLN K 146 -1.25 -64.40 45.96
CA GLN K 146 -2.48 -65.17 45.95
C GLN K 146 -2.98 -65.39 44.51
N SER K 147 -3.69 -66.50 44.30
CA SER K 147 -4.30 -66.82 43.02
C SER K 147 -5.69 -66.18 42.85
N GLY K 148 -6.22 -66.22 41.64
CA GLY K 148 -7.58 -65.72 41.38
C GLY K 148 -7.61 -64.42 40.59
N THR K 149 -8.82 -64.08 40.12
CA THR K 149 -9.09 -62.89 39.33
C THR K 149 -10.28 -62.13 39.91
N VAL K 150 -10.52 -60.94 39.40
CA VAL K 150 -11.65 -60.13 39.86
C VAL K 150 -12.96 -60.83 39.49
N GLY K 151 -13.84 -60.98 40.45
CA GLY K 151 -15.14 -61.62 40.22
C GLY K 151 -16.25 -60.86 40.92
N GLU K 152 -17.41 -61.52 41.03
CA GLU K 152 -18.64 -60.98 41.60
C GLU K 152 -18.53 -60.60 43.07
N GLU K 153 -17.55 -61.16 43.76
CA GLU K 153 -17.30 -60.89 45.16
C GLU K 153 -16.97 -59.44 45.43
N TYR K 154 -16.53 -58.71 44.39
CA TYR K 154 -16.18 -57.31 44.55
C TYR K 154 -17.25 -56.36 44.01
N LEU K 155 -18.45 -56.87 43.68
CA LEU K 155 -19.47 -55.97 43.16
C LEU K 155 -20.54 -55.60 44.19
N TYR K 156 -20.95 -54.34 44.16
CA TYR K 156 -21.98 -53.80 45.04
C TYR K 156 -23.12 -53.13 44.28
N GLU K 157 -24.33 -53.22 44.84
CA GLU K 157 -25.52 -52.62 44.25
C GLU K 157 -26.43 -51.98 45.28
N GLY K 158 -27.50 -51.35 44.79
CA GLY K 158 -28.54 -50.77 45.63
C GLY K 158 -28.03 -49.74 46.62
N GLU K 159 -28.46 -49.90 47.88
CA GLU K 159 -28.08 -49.01 48.98
C GLU K 159 -26.61 -49.08 49.34
N ASN K 160 -26.01 -50.26 49.22
CA ASN K 160 -24.61 -50.35 49.57
C ASN K 160 -23.79 -49.55 48.56
N LYS K 161 -24.18 -49.64 47.29
CA LYS K 161 -23.53 -48.86 46.24
C LYS K 161 -23.68 -47.38 46.49
N LYS K 162 -24.91 -46.95 46.76
CA LYS K 162 -25.21 -45.54 47.01
C LYS K 162 -24.36 -45.01 48.14
N HIS K 163 -24.28 -45.76 49.23
CA HIS K 163 -23.52 -45.39 50.40
C HIS K 163 -22.05 -45.16 50.07
N LEU K 164 -21.42 -46.13 49.39
CA LEU K 164 -20.00 -46.01 49.06
C LEU K 164 -19.71 -44.81 48.15
N LEU K 165 -20.57 -44.56 47.17
CA LEU K 165 -20.34 -43.45 46.25
C LEU K 165 -20.43 -42.11 46.98
N GLU K 166 -21.37 -42.01 47.93
CA GLU K 166 -21.52 -40.78 48.70
C GLU K 166 -20.35 -40.53 49.63
N GLU K 167 -19.86 -41.56 50.32
CA GLU K 167 -18.72 -41.36 51.23
C GLU K 167 -17.47 -40.91 50.50
N ALA K 168 -17.33 -41.38 49.27
CA ALA K 168 -16.18 -41.02 48.45
C ALA K 168 -16.35 -39.64 47.81
N HIS K 169 -17.52 -39.04 48.00
CA HIS K 169 -17.84 -37.72 47.45
C HIS K 169 -17.50 -37.61 45.97
N LEU K 170 -18.22 -38.35 45.15
CA LEU K 170 -17.99 -38.36 43.70
C LEU K 170 -18.74 -37.28 42.92
N ASN K 171 -18.14 -36.87 41.80
CA ASN K 171 -18.69 -35.88 40.91
C ASN K 171 -20.01 -36.37 40.26
N PRO K 172 -21.06 -35.53 40.16
CA PRO K 172 -22.35 -35.83 39.54
C PRO K 172 -22.27 -36.46 38.14
N GLY K 173 -21.22 -36.17 37.36
CA GLY K 173 -21.09 -36.74 36.02
C GLY K 173 -20.83 -38.25 36.02
N GLY K 174 -20.56 -38.80 37.20
CA GLY K 174 -20.30 -40.22 37.34
C GLY K 174 -19.19 -40.73 36.44
N GLY K 175 -19.43 -41.87 35.80
CA GLY K 175 -18.46 -42.47 34.91
C GLY K 175 -17.37 -43.19 35.69
N VAL K 176 -17.75 -43.74 36.83
CA VAL K 176 -16.81 -44.47 37.68
C VAL K 176 -17.00 -45.97 37.60
N LEU K 177 -15.90 -46.69 37.40
CA LEU K 177 -15.94 -48.13 37.30
C LEU K 177 -15.91 -48.70 38.70
N GLY K 178 -15.02 -48.13 39.49
CA GLY K 178 -14.83 -48.60 40.83
C GLY K 178 -13.97 -47.70 41.69
N ILE K 179 -13.93 -48.07 42.96
CA ILE K 179 -13.23 -47.36 44.01
C ILE K 179 -12.24 -48.24 44.79
N ILE K 180 -11.01 -47.76 44.95
CA ILE K 180 -10.02 -48.47 45.75
C ILE K 180 -9.70 -47.69 47.04
N GLN K 181 -9.91 -48.30 48.21
CA GLN K 181 -9.63 -47.63 49.49
C GLN K 181 -8.67 -48.36 50.39
N ILE K 182 -7.54 -47.72 50.65
CA ILE K 182 -6.52 -48.34 51.50
C ILE K 182 -6.32 -47.58 52.82
N TYR K 183 -6.41 -48.32 53.91
CA TYR K 183 -6.24 -47.80 55.28
C TYR K 183 -4.84 -48.07 55.77
N MET K 184 -4.31 -47.19 56.61
CA MET K 184 -2.96 -47.41 57.15
C MET K 184 -2.92 -48.71 57.95
N LYS K 185 -3.99 -48.98 58.72
CA LYS K 185 -4.12 -50.22 59.45
C LYS K 185 -5.36 -50.97 58.94
N GLY K 186 -5.16 -52.19 58.46
CA GLY K 186 -6.26 -53.00 57.90
C GLY K 186 -6.81 -54.02 58.90
N ASP K 187 -7.48 -55.05 58.38
CA ASP K 187 -8.09 -56.09 59.24
C ASP K 187 -7.15 -57.19 59.72
N THR K 188 -5.92 -57.18 59.26
CA THR K 188 -4.94 -58.18 59.65
C THR K 188 -3.56 -57.60 59.36
N PRO K 189 -2.50 -57.90 60.14
CA PRO K 189 -1.15 -57.41 59.92
C PRO K 189 -0.60 -57.51 58.51
N VAL K 190 -0.94 -58.57 57.77
CA VAL K 190 -0.41 -58.72 56.42
C VAL K 190 -1.00 -57.75 55.40
N LEU K 191 -2.04 -57.01 55.77
CA LEU K 191 -2.62 -56.06 54.86
C LEU K 191 -2.36 -54.62 55.29
N SER K 192 -1.59 -54.44 56.37
CA SER K 192 -1.35 -53.09 56.88
C SER K 192 -0.12 -52.44 56.27
N LEU K 193 -0.02 -51.12 56.39
CA LEU K 193 1.13 -50.43 55.84
C LEU K 193 2.18 -50.14 56.91
N ILE K 194 1.73 -49.99 58.15
CA ILE K 194 2.59 -49.63 59.27
C ILE K 194 2.49 -50.59 60.45
N ASN K 195 3.49 -50.54 61.32
CA ASN K 195 3.50 -51.32 62.53
C ASN K 195 2.81 -50.61 63.68
N ASN K 196 2.74 -51.27 64.84
CA ASN K 196 2.04 -50.70 65.99
C ASN K 196 2.63 -49.40 66.52
N ASP K 197 3.93 -49.19 66.36
CA ASP K 197 4.55 -47.97 66.84
C ASP K 197 4.67 -46.89 65.75
N GLY K 198 4.03 -47.11 64.59
CA GLY K 198 4.05 -46.17 63.49
C GLY K 198 5.17 -46.39 62.47
N THR K 199 6.10 -47.29 62.76
CA THR K 199 7.25 -47.61 61.90
C THR K 199 6.76 -48.22 60.58
N LEU K 200 7.40 -47.86 59.47
CA LEU K 200 6.99 -48.46 58.20
C LEU K 200 7.35 -49.93 58.23
N LYS K 201 6.56 -50.78 57.61
CA LYS K 201 6.94 -52.19 57.57
C LYS K 201 8.23 -52.42 56.82
N ASN K 202 8.92 -53.50 57.15
CA ASN K 202 10.21 -53.86 56.54
C ASN K 202 10.10 -54.77 55.32
N SER K 203 8.90 -54.92 54.83
CA SER K 203 8.59 -55.68 53.63
C SER K 203 7.50 -54.89 52.95
N LEU K 204 7.79 -54.36 51.77
CA LEU K 204 6.84 -53.49 51.10
C LEU K 204 5.54 -54.24 50.83
N PRO K 205 4.36 -53.75 51.24
CA PRO K 205 3.08 -54.33 50.93
C PRO K 205 2.96 -54.38 49.42
N HIS K 206 2.45 -55.46 48.89
CA HIS K 206 2.34 -55.60 47.45
C HIS K 206 1.02 -56.28 47.06
N PHE K 207 0.07 -55.46 46.61
CA PHE K 207 -1.29 -55.90 46.29
C PHE K 207 -1.46 -56.11 44.79
N LYS K 208 -2.45 -56.92 44.40
CA LYS K 208 -2.74 -57.20 43.00
C LYS K 208 -4.22 -57.19 42.57
N ILE K 209 -4.48 -56.64 41.37
CA ILE K 209 -5.78 -56.70 40.70
C ILE K 209 -5.59 -57.32 39.31
N HIS K 210 -6.29 -58.42 39.02
CA HIS K 210 -6.14 -59.10 37.73
C HIS K 210 -7.50 -59.44 37.07
N PHE K 211 -7.73 -58.92 35.87
CA PHE K 211 -8.97 -59.18 35.15
C PHE K 211 -8.87 -60.36 34.17
N SER K 212 -9.91 -61.20 34.10
CA SER K 212 -9.93 -62.33 33.18
C SER K 212 -10.55 -62.00 31.82
N ASN K 213 -10.28 -62.85 30.83
CA ASN K 213 -10.82 -62.66 29.49
C ASN K 213 -12.00 -63.59 29.18
N ARG K 214 -12.86 -63.13 28.27
CA ARG K 214 -14.02 -63.87 27.80
C ARG K 214 -13.70 -64.93 26.71
N LYS K 215 -14.44 -66.05 26.69
CA LYS K 215 -14.35 -67.11 25.66
C LYS K 215 -15.62 -67.18 24.78
N SER K 216 -15.50 -67.76 23.57
CA SER K 216 -16.67 -67.93 22.66
C SER K 216 -16.53 -69.03 21.59
N THR K 217 -17.69 -69.40 21.01
CA THR K 217 -17.81 -70.31 19.86
C THR K 217 -17.60 -69.53 18.58
N TRP K 218 -16.78 -70.07 17.68
CA TRP K 218 -16.52 -69.34 16.45
C TRP K 218 -17.39 -69.89 15.32
N LYS K 219 -18.03 -68.99 14.60
CA LYS K 219 -18.89 -69.34 13.47
C LYS K 219 -18.36 -68.77 12.17
N TYR K 220 -18.19 -69.62 11.19
CA TYR K 220 -17.68 -69.21 9.90
C TYR K 220 -18.75 -69.21 8.82
N ILE K 221 -18.86 -68.06 8.16
CA ILE K 221 -19.88 -67.83 7.13
C ILE K 221 -19.29 -67.63 5.75
N ASN K 222 -19.69 -68.47 4.81
CA ASN K 222 -19.24 -68.37 3.44
C ASN K 222 -20.42 -68.09 2.52
N LEU K 223 -20.59 -66.83 2.14
CA LEU K 223 -21.78 -66.52 1.37
C LEU K 223 -21.69 -67.02 -0.07
N LYS K 224 -20.52 -66.90 -0.69
CA LYS K 224 -20.44 -67.28 -2.10
C LYS K 224 -20.66 -68.77 -2.34
N ASP K 225 -20.26 -69.59 -1.37
CA ASP K 225 -20.44 -71.03 -1.44
C ASP K 225 -21.70 -71.46 -0.70
N ASP K 226 -22.37 -70.49 -0.07
CA ASP K 226 -23.61 -70.71 0.67
C ASP K 226 -23.54 -71.78 1.76
N PHE K 227 -22.46 -71.78 2.55
CA PHE K 227 -22.32 -72.77 3.62
C PHE K 227 -21.88 -72.13 4.94
N GLU K 228 -22.32 -72.72 6.05
CA GLU K 228 -21.96 -72.23 7.38
C GLU K 228 -21.42 -73.38 8.22
N THR K 229 -20.45 -73.09 9.08
CA THR K 229 -19.91 -74.11 10.01
C THR K 229 -19.50 -73.52 11.35
N GLU K 230 -19.50 -74.35 12.40
CA GLU K 230 -19.12 -73.88 13.74
C GLU K 230 -18.08 -74.74 14.40
N THR K 231 -17.29 -74.15 15.29
CA THR K 231 -16.34 -74.98 16.01
C THR K 231 -17.03 -75.78 17.10
N LYS K 232 -16.39 -76.84 17.57
CA LYS K 232 -16.93 -77.67 18.63
C LYS K 232 -16.79 -77.14 20.06
N LYS K 233 -15.75 -76.39 20.33
CA LYS K 233 -15.53 -75.90 21.69
C LYS K 233 -15.16 -74.44 21.65
N ASP K 234 -15.45 -73.73 22.73
CA ASP K 234 -15.09 -72.33 22.90
C ASP K 234 -13.59 -72.08 22.95
N TYR K 235 -13.16 -70.95 22.39
CA TYR K 235 -11.78 -70.52 22.44
C TYR K 235 -11.70 -69.14 23.07
N PRO K 236 -10.62 -68.78 23.77
CA PRO K 236 -10.42 -67.47 24.39
C PRO K 236 -10.15 -66.37 23.42
N LEU K 237 -10.59 -65.17 23.78
CA LEU K 237 -10.23 -63.99 23.03
C LEU K 237 -8.96 -63.41 23.61
N THR K 238 -8.00 -63.14 22.77
CA THR K 238 -6.75 -62.52 23.19
C THR K 238 -6.40 -61.45 22.19
N LYS K 239 -5.52 -60.54 22.55
CA LYS K 239 -5.10 -59.52 21.60
C LYS K 239 -4.01 -59.97 20.62
N PHE K 240 -2.99 -60.70 21.11
CA PHE K 240 -1.85 -61.04 20.26
C PHE K 240 -1.65 -62.50 19.87
N GLY K 241 -2.42 -63.44 20.41
CA GLY K 241 -2.17 -64.85 20.13
C GLY K 241 -2.79 -65.36 18.84
N PHE K 242 -2.61 -66.65 18.58
CA PHE K 242 -3.13 -67.29 17.38
C PHE K 242 -3.45 -68.76 17.57
N ILE K 243 -4.66 -69.14 17.19
CA ILE K 243 -5.12 -70.50 17.28
C ILE K 243 -5.31 -71.10 15.89
N LEU K 244 -4.64 -72.21 15.66
CA LEU K 244 -4.73 -72.84 14.35
C LEU K 244 -5.78 -73.91 14.29
N LEU K 245 -6.73 -73.74 13.39
CA LEU K 245 -7.78 -74.73 13.19
C LEU K 245 -7.56 -75.35 11.83
N ASP K 246 -7.20 -76.62 11.78
CA ASP K 246 -6.93 -77.24 10.50
C ASP K 246 -7.43 -78.66 10.33
N LYS K 247 -8.32 -79.14 11.21
CA LYS K 247 -8.81 -80.50 11.02
C LYS K 247 -10.31 -80.48 10.79
N LYS K 248 -10.80 -81.41 9.98
CA LYS K 248 -12.24 -81.49 9.75
C LYS K 248 -12.96 -81.73 11.06
N SER K 249 -12.31 -82.51 11.92
CA SER K 249 -12.80 -82.92 13.22
C SER K 249 -12.98 -81.78 14.22
N ASP K 250 -12.44 -80.59 13.92
CA ASP K 250 -12.55 -79.43 14.79
C ASP K 250 -13.91 -78.76 14.64
N PHE K 251 -14.58 -79.07 13.53
CA PHE K 251 -15.81 -78.40 13.15
C PHE K 251 -17.05 -79.26 13.12
N ILE K 252 -18.15 -78.59 13.30
CA ILE K 252 -19.47 -79.16 13.18
C ILE K 252 -19.92 -78.86 11.76
N SER K 253 -20.20 -79.93 11.01
CA SER K 253 -20.60 -79.85 9.61
C SER K 253 -19.61 -79.10 8.71
N PRO K 254 -18.32 -79.51 8.64
CA PRO K 254 -17.27 -78.89 7.83
C PRO K 254 -17.64 -79.02 6.35
N PRO K 255 -17.15 -78.12 5.48
CA PRO K 255 -17.38 -78.08 4.05
C PRO K 255 -16.74 -79.21 3.26
N ALA K 256 -17.36 -79.51 2.12
CA ALA K 256 -16.91 -80.53 1.17
C ALA K 256 -15.47 -80.40 0.74
N HIS K 257 -15.00 -79.17 0.59
CA HIS K 257 -13.66 -78.94 0.12
C HIS K 257 -12.79 -78.28 1.16
N PHE K 258 -12.99 -78.66 2.42
CA PHE K 258 -12.25 -78.14 3.58
C PHE K 258 -10.77 -77.92 3.32
N GLU K 259 -10.12 -78.82 2.60
CA GLU K 259 -8.69 -78.70 2.37
C GLU K 259 -8.24 -77.38 1.71
N LYS K 260 -9.13 -76.69 0.96
CA LYS K 260 -8.74 -75.44 0.32
C LYS K 260 -9.05 -74.19 1.14
N TYR K 261 -9.63 -74.34 2.32
CA TYR K 261 -10.03 -73.18 3.10
C TYR K 261 -9.09 -72.80 4.24
N VAL K 262 -9.11 -71.51 4.56
CA VAL K 262 -8.36 -70.93 5.68
C VAL K 262 -9.33 -70.30 6.63
N PHE K 263 -9.17 -70.58 7.92
CA PHE K 263 -10.07 -70.08 8.95
C PHE K 263 -9.41 -69.07 9.92
N PRO K 264 -9.57 -67.74 9.72
CA PRO K 264 -9.04 -66.64 10.52
C PRO K 264 -9.57 -66.62 11.95
N ASN K 265 -8.79 -66.07 12.87
CA ASN K 265 -9.25 -65.89 14.24
C ASN K 265 -10.09 -64.59 14.30
N PRO K 266 -11.16 -64.51 15.12
CA PRO K 266 -11.99 -63.35 15.31
C PRO K 266 -11.37 -62.25 16.15
N ASP K 267 -11.85 -61.04 15.94
CA ASP K 267 -11.54 -59.86 16.74
C ASP K 267 -12.50 -59.81 17.94
N ALA K 268 -12.37 -58.80 18.79
CA ALA K 268 -13.24 -58.64 19.97
C ALA K 268 -14.15 -57.41 19.85
N ARG K 269 -14.33 -56.92 18.63
CA ARG K 269 -15.15 -55.74 18.36
C ARG K 269 -16.65 -55.99 18.35
N ARG K 270 -17.05 -57.20 17.98
CA ARG K 270 -18.46 -57.56 17.92
C ARG K 270 -18.60 -58.95 18.49
N ILE K 271 -19.56 -59.13 19.38
CA ILE K 271 -19.79 -60.43 19.98
C ILE K 271 -21.21 -60.55 20.50
N LYS K 272 -21.81 -61.72 20.34
CA LYS K 272 -23.13 -61.97 20.86
C LYS K 272 -23.03 -62.60 22.23
N ILE K 273 -23.64 -61.98 23.22
CA ILE K 273 -23.60 -62.49 24.58
C ILE K 273 -24.96 -63.01 24.97
N THR K 274 -25.02 -64.24 25.43
CA THR K 274 -26.29 -64.81 25.82
C THR K 274 -26.05 -65.48 27.18
N PRO K 275 -27.08 -65.92 27.91
CA PRO K 275 -26.99 -66.66 29.16
C PRO K 275 -26.23 -67.99 29.07
N THR K 276 -26.05 -68.54 27.86
CA THR K 276 -25.36 -69.80 27.70
C THR K 276 -24.04 -69.58 26.98
N LYS K 277 -24.08 -69.60 25.66
CA LYS K 277 -22.87 -69.43 24.88
C LYS K 277 -22.68 -68.03 24.33
N ASN K 278 -21.43 -67.69 24.09
CA ASN K 278 -21.12 -66.45 23.41
C ASN K 278 -20.77 -66.80 21.99
N TYR K 279 -21.04 -65.93 21.04
CA TYR K 279 -20.67 -66.22 19.65
C TYR K 279 -19.93 -65.12 18.93
N SER K 280 -18.97 -65.54 18.11
CA SER K 280 -18.22 -64.65 17.25
C SER K 280 -18.40 -65.04 15.78
N GLU K 281 -18.93 -64.12 14.96
CA GLU K 281 -19.19 -64.41 13.54
C GLU K 281 -18.07 -63.89 12.66
N ILE K 282 -17.54 -64.77 11.83
CA ILE K 282 -16.42 -64.50 10.95
C ILE K 282 -16.84 -64.75 9.51
N PHE K 283 -16.64 -63.78 8.63
CA PHE K 283 -17.00 -63.99 7.22
C PHE K 283 -15.79 -64.39 6.39
N ILE K 284 -16.03 -65.31 5.46
CA ILE K 284 -15.04 -65.79 4.52
C ILE K 284 -15.27 -65.15 3.16
N MET L 1 -35.87 -37.77 35.03
CA MET L 1 -36.92 -37.91 34.04
C MET L 1 -36.54 -38.86 32.92
N GLN L 2 -37.11 -40.06 32.94
CA GLN L 2 -36.83 -41.02 31.90
C GLN L 2 -37.85 -40.91 30.80
N VAL L 3 -37.40 -41.06 29.57
CA VAL L 3 -38.25 -41.02 28.40
C VAL L 3 -37.92 -42.21 27.52
N SER L 4 -38.93 -42.90 27.01
CA SER L 4 -38.68 -44.05 26.15
C SER L 4 -39.65 -44.12 24.99
N SER L 5 -39.27 -44.88 23.96
CA SER L 5 -40.09 -45.07 22.77
C SER L 5 -39.74 -46.37 22.09
N SER L 6 -40.60 -46.80 21.18
CA SER L 6 -40.44 -48.02 20.41
C SER L 6 -41.19 -47.90 19.11
N PHE L 7 -40.57 -48.33 18.00
CA PHE L 7 -41.21 -48.20 16.70
C PHE L 7 -41.28 -49.53 15.97
N ARG L 8 -42.36 -49.74 15.21
CA ARG L 8 -42.56 -50.94 14.42
C ARG L 8 -43.08 -50.66 13.02
N SER L 9 -42.80 -51.57 12.07
CA SER L 9 -43.29 -51.42 10.70
C SER L 9 -44.80 -51.36 10.66
N PHE L 10 -45.32 -50.46 9.84
CA PHE L 10 -46.75 -50.23 9.69
C PHE L 10 -47.31 -50.64 8.32
N LEU L 11 -46.61 -50.26 7.26
CA LEU L 11 -47.05 -50.52 5.87
C LEU L 11 -45.94 -50.59 4.82
N LYS L 12 -45.92 -51.62 3.97
CA LYS L 12 -44.90 -51.65 2.90
C LYS L 12 -45.51 -51.56 1.47
N LEU L 13 -44.82 -50.78 0.61
CA LEU L 13 -45.16 -50.62 -0.81
C LEU L 13 -43.98 -50.89 -1.77
N ASP L 14 -44.18 -51.85 -2.68
CA ASP L 14 -43.23 -52.34 -3.68
C ASP L 14 -43.32 -51.57 -5.04
N ILE L 15 -42.25 -50.87 -5.46
CA ILE L 15 -42.27 -50.02 -6.68
C ILE L 15 -41.38 -50.57 -7.83
N LEU L 16 -42.00 -51.11 -8.88
CA LEU L 16 -41.28 -51.79 -9.97
C LEU L 16 -41.55 -51.24 -11.38
N HIS L 17 -40.60 -51.45 -12.30
CA HIS L 17 -40.79 -51.06 -13.71
C HIS L 17 -39.98 -52.00 -14.60
N SER L 18 -40.65 -52.62 -15.57
CA SER L 18 -40.07 -53.61 -16.49
C SER L 18 -38.91 -53.10 -17.32
N TYR L 19 -38.93 -51.83 -17.69
CA TYR L 19 -37.85 -51.26 -18.49
C TYR L 19 -36.49 -51.49 -17.83
N PHE L 20 -36.44 -51.38 -16.51
CA PHE L 20 -35.16 -51.49 -15.85
C PHE L 20 -34.91 -52.91 -15.36
N LEU L 21 -35.97 -53.65 -15.06
CA LEU L 21 -35.83 -55.00 -14.50
C LEU L 21 -35.80 -56.19 -15.47
N ASN L 22 -36.40 -56.10 -16.65
CA ASN L 22 -36.41 -57.23 -17.58
C ASN L 22 -35.09 -57.34 -18.33
N ASP L 23 -34.80 -58.51 -18.87
CA ASP L 23 -33.60 -58.66 -19.67
C ASP L 23 -33.95 -59.18 -21.07
N GLY L 24 -34.13 -58.26 -22.01
CA GLY L 24 -34.60 -58.62 -23.33
C GLY L 24 -35.96 -59.25 -23.17
N GLU L 25 -36.14 -60.43 -23.74
CA GLU L 25 -37.39 -61.17 -23.68
C GLU L 25 -37.72 -61.75 -22.29
N LYS L 26 -36.74 -61.87 -21.41
CA LYS L 26 -36.97 -62.51 -20.12
C LYS L 26 -37.66 -61.59 -19.11
N ASP L 27 -38.86 -62.00 -18.73
CA ASP L 27 -39.74 -61.28 -17.82
C ASP L 27 -39.36 -61.45 -16.35
N PHE L 28 -39.08 -60.35 -15.68
CA PHE L 28 -38.69 -60.31 -14.27
C PHE L 28 -39.61 -61.17 -13.42
N SER L 29 -40.91 -61.10 -13.68
CA SER L 29 -41.93 -61.83 -12.93
C SER L 29 -41.77 -63.35 -12.96
N SER L 30 -41.02 -63.86 -13.94
CA SER L 30 -40.80 -65.29 -14.13
C SER L 30 -39.38 -65.73 -13.78
N MET L 31 -38.59 -64.84 -13.18
CA MET L 31 -37.20 -65.14 -12.80
C MET L 31 -37.12 -65.91 -11.50
N ASN L 32 -36.05 -66.70 -11.33
CA ASN L 32 -35.86 -67.44 -10.09
C ASN L 32 -35.24 -66.49 -9.05
N GLU L 33 -34.90 -67.00 -7.88
CA GLU L 33 -34.41 -66.13 -6.83
C GLU L 33 -33.07 -65.46 -7.13
N GLU L 34 -32.11 -66.20 -7.69
CA GLU L 34 -30.82 -65.61 -7.97
C GLU L 34 -30.92 -64.58 -9.08
N GLU L 35 -31.75 -64.89 -10.08
CA GLU L 35 -31.94 -64.00 -11.21
C GLU L 35 -32.62 -62.70 -10.76
N SER L 36 -33.61 -62.82 -9.87
CA SER L 36 -34.33 -61.66 -9.36
C SER L 36 -33.39 -60.76 -8.58
N LYS L 37 -32.60 -61.35 -7.67
CA LYS L 37 -31.67 -60.56 -6.88
C LYS L 37 -30.67 -59.83 -7.75
N THR L 38 -30.17 -60.51 -8.78
CA THR L 38 -29.20 -59.92 -9.67
C THR L 38 -29.78 -58.69 -10.35
N GLN L 39 -31.01 -58.79 -10.86
CA GLN L 39 -31.56 -57.62 -11.53
C GLN L 39 -31.82 -56.46 -10.56
N LEU L 40 -32.28 -56.77 -9.35
CA LEU L 40 -32.58 -55.73 -8.37
C LEU L 40 -31.37 -54.94 -7.95
N LYS L 41 -30.20 -55.54 -7.93
CA LYS L 41 -28.97 -54.83 -7.55
C LYS L 41 -28.67 -53.60 -8.41
N SER L 42 -29.20 -53.52 -9.63
CA SER L 42 -28.97 -52.40 -10.53
C SER L 42 -30.16 -51.43 -10.61
N TYR L 43 -31.19 -51.65 -9.79
CA TYR L 43 -32.40 -50.86 -9.85
C TYR L 43 -32.62 -49.92 -8.68
N ASN L 44 -33.05 -48.70 -8.98
CA ASN L 44 -33.42 -47.72 -7.97
C ASN L 44 -34.60 -46.88 -8.44
N TRP L 45 -35.76 -47.06 -7.83
CA TRP L 45 -36.95 -46.34 -8.31
C TRP L 45 -36.79 -44.82 -8.38
N LYS L 46 -35.87 -44.26 -7.59
CA LYS L 46 -35.67 -42.82 -7.51
C LYS L 46 -34.95 -42.28 -8.73
N ASP L 47 -34.53 -43.15 -9.63
CA ASP L 47 -33.92 -42.76 -10.87
C ASP L 47 -34.94 -42.12 -11.80
N PHE L 48 -36.23 -42.47 -11.67
CA PHE L 48 -37.22 -41.88 -12.55
C PHE L 48 -38.42 -41.24 -11.85
N LEU L 49 -38.76 -41.70 -10.66
CA LEU L 49 -39.96 -41.26 -9.94
C LEU L 49 -39.67 -40.53 -8.63
N GLU L 50 -40.44 -39.49 -8.32
CA GLU L 50 -40.35 -38.81 -7.03
C GLU L 50 -41.66 -38.98 -6.24
N ILE L 51 -41.55 -39.36 -4.95
CA ILE L 51 -42.75 -39.57 -4.13
C ILE L 51 -42.70 -38.80 -2.81
N TYR L 52 -43.76 -38.06 -2.51
CA TYR L 52 -43.81 -37.31 -1.27
C TYR L 52 -45.24 -37.09 -0.77
N PRO L 53 -45.48 -36.90 0.55
CA PRO L 53 -46.77 -36.58 1.15
C PRO L 53 -47.29 -35.17 0.90
N SER L 54 -48.62 -35.04 0.92
CA SER L 54 -49.29 -33.74 0.87
C SER L 54 -49.08 -33.00 2.18
N GLN L 55 -49.36 -31.69 2.22
CA GLN L 55 -49.18 -30.94 3.47
C GLN L 55 -50.05 -31.43 4.61
N LYS L 56 -51.29 -31.83 4.31
CA LYS L 56 -52.16 -32.33 5.36
C LYS L 56 -51.66 -33.67 5.84
N THR L 57 -51.16 -34.50 4.94
CA THR L 57 -50.63 -35.80 5.32
C THR L 57 -49.45 -35.60 6.26
N SER L 58 -48.53 -34.68 5.93
CA SER L 58 -47.38 -34.47 6.80
C SER L 58 -47.80 -34.04 8.19
N HIS L 59 -48.79 -33.17 8.26
CA HIS L 59 -49.27 -32.70 9.54
C HIS L 59 -49.83 -33.86 10.37
N MET L 60 -50.67 -34.69 9.74
CA MET L 60 -51.24 -35.82 10.44
C MET L 60 -50.17 -36.79 10.91
N MET L 61 -49.21 -37.13 10.03
CA MET L 61 -48.17 -38.08 10.37
C MET L 61 -47.39 -37.59 11.56
N ARG L 62 -47.11 -36.28 11.64
CA ARG L 62 -46.42 -35.80 12.83
C ARG L 62 -47.27 -36.06 14.07
N GLY L 63 -48.55 -35.73 14.02
CA GLY L 63 -49.44 -35.90 15.17
C GLY L 63 -49.58 -37.35 15.63
N ASN L 64 -49.63 -38.29 14.69
CA ASN L 64 -49.77 -39.70 15.01
C ASN L 64 -48.47 -40.48 15.10
N LYS L 65 -47.33 -39.81 15.04
CA LYS L 65 -46.03 -40.47 15.10
C LYS L 65 -45.80 -41.54 14.02
N ILE L 66 -46.07 -41.18 12.76
CA ILE L 66 -45.86 -42.07 11.62
C ILE L 66 -44.69 -41.54 10.78
N PHE L 67 -43.73 -42.41 10.50
CA PHE L 67 -42.50 -42.04 9.79
C PHE L 67 -42.41 -42.66 8.40
N PHE L 68 -41.72 -41.97 7.48
CA PHE L 68 -41.57 -42.40 6.09
C PHE L 68 -40.12 -42.77 5.72
N LYS L 69 -39.86 -44.03 5.40
CA LYS L 69 -38.51 -44.50 5.04
C LYS L 69 -38.48 -45.03 3.61
N SER L 70 -37.32 -44.98 2.95
CA SER L 70 -37.25 -45.51 1.60
C SER L 70 -35.99 -46.30 1.29
N PHE L 71 -36.16 -47.22 0.34
CA PHE L 71 -35.18 -48.19 -0.12
C PHE L 71 -35.18 -48.18 -1.64
N ASN L 72 -34.16 -48.74 -2.27
CA ASN L 72 -34.10 -48.73 -3.74
C ASN L 72 -35.29 -49.39 -4.46
N ASP L 73 -36.02 -50.30 -3.82
CA ASP L 73 -37.15 -50.92 -4.46
C ASP L 73 -38.47 -50.72 -3.73
N SER L 74 -38.48 -49.90 -2.67
CA SER L 74 -39.69 -49.81 -1.85
C SER L 74 -39.80 -48.64 -0.87
N ILE L 75 -41.01 -48.47 -0.34
CA ILE L 75 -41.32 -47.53 0.73
C ILE L 75 -41.91 -48.22 1.94
N ILE L 76 -41.39 -47.90 3.13
CA ILE L 76 -41.92 -48.45 4.36
C ILE L 76 -42.34 -47.38 5.35
N LEU L 77 -43.56 -47.47 5.85
CA LEU L 77 -43.98 -46.53 6.87
C LEU L 77 -43.83 -47.26 8.19
N ALA L 78 -43.50 -46.51 9.24
CA ALA L 78 -43.34 -47.06 10.58
C ALA L 78 -44.09 -46.23 11.61
N ILE L 79 -44.55 -46.89 12.66
CA ILE L 79 -45.35 -46.20 13.67
C ILE L 79 -44.88 -46.41 15.11
N LYS L 80 -45.01 -45.38 15.94
CA LYS L 80 -44.71 -45.53 17.37
C LYS L 80 -45.78 -46.39 18.06
N VAL L 81 -45.33 -47.33 18.89
CA VAL L 81 -46.23 -48.22 19.63
C VAL L 81 -46.02 -48.10 21.13
N GLU L 82 -46.97 -48.63 21.89
CA GLU L 82 -46.86 -48.61 23.34
C GLU L 82 -45.73 -49.49 23.85
N SER L 83 -45.03 -49.00 24.86
CA SER L 83 -43.97 -49.77 25.46
C SER L 83 -44.50 -51.07 26.02
N GLY L 84 -43.76 -52.14 25.82
CA GLY L 84 -44.13 -53.46 26.30
C GLY L 84 -44.84 -54.31 25.26
N THR L 85 -45.27 -53.72 24.13
CA THR L 85 -45.94 -54.54 23.13
C THR L 85 -45.45 -54.37 21.72
N GLU L 86 -46.07 -55.14 20.84
CA GLU L 86 -45.74 -55.15 19.44
C GLU L 86 -46.84 -54.59 18.53
N ASN L 87 -48.07 -54.59 19.01
CA ASN L 87 -49.18 -54.25 18.13
C ASN L 87 -50.19 -53.19 18.60
N GLN L 88 -49.86 -52.40 19.61
CA GLN L 88 -50.80 -51.36 20.03
C GLN L 88 -50.26 -49.99 19.70
N PRO L 89 -50.82 -49.25 18.73
CA PRO L 89 -50.37 -47.95 18.33
C PRO L 89 -50.41 -47.06 19.54
N PHE L 90 -49.43 -46.19 19.66
CA PHE L 90 -49.37 -45.27 20.78
C PHE L 90 -50.64 -44.42 20.80
N ASN L 91 -50.95 -43.79 19.67
CA ASN L 91 -52.17 -43.00 19.55
C ASN L 91 -53.25 -43.83 18.87
N GLU L 92 -54.49 -43.69 19.33
CA GLU L 92 -55.62 -44.40 18.71
C GLU L 92 -55.82 -43.98 17.26
N LEU L 93 -55.98 -44.95 16.37
CA LEU L 93 -56.24 -44.65 14.96
C LEU L 93 -57.71 -44.87 14.67
N TYR L 94 -58.27 -44.10 13.73
CA TYR L 94 -59.68 -44.28 13.37
C TYR L 94 -59.81 -44.79 11.93
N GLU L 95 -60.91 -45.46 11.65
CA GLU L 95 -61.13 -46.10 10.36
C GLU L 95 -61.06 -45.21 9.12
N ASP L 96 -61.51 -43.97 9.26
CA ASP L 96 -61.52 -43.06 8.12
C ASP L 96 -60.33 -42.12 8.04
N GLU L 97 -59.29 -42.35 8.84
CA GLU L 97 -58.12 -41.52 8.68
C GLU L 97 -57.43 -42.02 7.44
N SER L 98 -56.69 -41.15 6.77
CA SER L 98 -55.99 -41.56 5.57
C SER L 98 -54.75 -40.74 5.32
N MET L 99 -53.87 -41.30 4.50
CA MET L 99 -52.65 -40.61 4.08
C MET L 99 -52.61 -40.46 2.55
N THR L 100 -52.24 -39.27 2.08
CA THR L 100 -52.18 -39.03 0.64
C THR L 100 -50.77 -38.71 0.18
N PHE L 101 -50.29 -39.49 -0.79
CA PHE L 101 -48.97 -39.28 -1.33
C PHE L 101 -49.04 -38.94 -2.81
N LEU L 102 -48.16 -38.07 -3.26
CA LEU L 102 -48.14 -37.66 -4.66
C LEU L 102 -46.98 -38.23 -5.44
N LEU L 103 -47.27 -38.56 -6.70
CA LEU L 103 -46.28 -39.04 -7.65
C LEU L 103 -45.97 -37.99 -8.69
N SER L 104 -44.69 -37.83 -9.00
CA SER L 104 -44.25 -36.94 -10.09
C SER L 104 -43.01 -37.53 -10.78
N LEU L 105 -42.77 -37.14 -12.02
CA LEU L 105 -41.63 -37.69 -12.76
C LEU L 105 -40.45 -36.78 -12.95
N LYS L 106 -39.26 -37.39 -12.88
CA LYS L 106 -38.02 -36.68 -13.18
C LYS L 106 -37.40 -37.14 -14.50
N ASP L 107 -37.66 -38.38 -14.92
CA ASP L 107 -37.08 -38.91 -16.17
C ASP L 107 -37.86 -38.48 -17.42
N GLN L 108 -37.25 -37.63 -18.25
CA GLN L 108 -37.89 -37.08 -19.45
C GLN L 108 -38.29 -38.13 -20.49
N TYR L 109 -37.72 -39.33 -20.42
CA TYR L 109 -38.06 -40.34 -21.41
C TYR L 109 -39.07 -41.36 -20.90
N PHE L 110 -39.65 -41.11 -19.72
CA PHE L 110 -40.59 -42.04 -19.14
C PHE L 110 -41.68 -42.43 -20.12
N GLY L 111 -42.24 -41.43 -20.82
CA GLY L 111 -43.32 -41.64 -21.77
C GLY L 111 -42.94 -42.42 -23.04
N ASN L 112 -41.64 -42.54 -23.35
CA ASN L 112 -41.26 -43.27 -24.53
C ASN L 112 -41.19 -44.74 -24.21
N TYR L 113 -40.63 -45.08 -23.05
CA TYR L 113 -40.51 -46.50 -22.73
C TYR L 113 -41.65 -47.10 -21.92
N THR L 114 -42.50 -46.28 -21.29
CA THR L 114 -43.59 -46.82 -20.47
C THR L 114 -44.87 -47.02 -21.28
N ASP L 115 -45.40 -48.23 -21.27
CA ASP L 115 -46.58 -48.52 -22.07
C ASP L 115 -47.90 -48.13 -21.39
N LEU L 116 -48.16 -46.83 -21.31
CA LEU L 116 -49.38 -46.33 -20.66
C LEU L 116 -49.83 -45.01 -21.26
N ASP L 117 -51.08 -44.97 -21.72
CA ASP L 117 -51.61 -43.76 -22.37
C ASP L 117 -52.09 -42.70 -21.39
N LEU L 118 -51.14 -41.92 -20.89
CA LEU L 118 -51.36 -40.91 -19.86
C LEU L 118 -51.84 -39.55 -20.38
N ALA L 119 -52.05 -39.42 -21.68
CA ALA L 119 -52.45 -38.12 -22.19
C ALA L 119 -53.71 -37.63 -21.49
N ASP L 120 -53.60 -36.43 -20.94
CA ASP L 120 -54.65 -35.71 -20.22
C ASP L 120 -55.41 -36.52 -19.15
N GLN L 121 -54.73 -37.42 -18.43
CA GLN L 121 -55.40 -38.22 -17.41
C GLN L 121 -54.63 -38.32 -16.11
N LEU L 122 -55.37 -38.52 -15.02
CA LEU L 122 -54.81 -38.70 -13.69
C LEU L 122 -54.71 -40.16 -13.33
N LEU L 123 -53.58 -40.57 -12.78
CA LEU L 123 -53.41 -41.94 -12.34
C LEU L 123 -53.75 -42.01 -10.84
N TYR L 124 -54.67 -42.90 -10.45
CA TYR L 124 -55.11 -42.96 -9.04
C TYR L 124 -55.17 -44.35 -8.44
N PHE L 125 -54.58 -44.49 -7.24
CA PHE L 125 -54.57 -45.78 -6.54
C PHE L 125 -55.12 -45.65 -5.13
N SER L 126 -55.89 -46.64 -4.66
CA SER L 126 -56.40 -46.62 -3.29
C SER L 126 -56.85 -47.99 -2.81
N ASN L 127 -57.11 -48.12 -1.50
CA ASN L 127 -57.67 -49.36 -0.94
C ASN L 127 -59.15 -49.26 -0.53
N LYS L 128 -59.82 -48.21 -1.01
CA LYS L 128 -61.22 -47.93 -0.71
C LYS L 128 -61.88 -47.19 -1.87
N THR L 129 -63.03 -47.68 -2.31
CA THR L 129 -63.77 -47.09 -3.42
C THR L 129 -64.13 -45.61 -3.14
N PRO L 130 -63.82 -44.66 -4.04
CA PRO L 130 -64.10 -43.24 -3.93
C PRO L 130 -65.55 -42.92 -4.26
N VAL L 131 -65.98 -41.71 -3.93
CA VAL L 131 -67.29 -41.22 -4.35
C VAL L 131 -67.09 -40.10 -5.35
N LEU L 132 -67.36 -40.36 -6.62
CA LEU L 132 -67.09 -39.41 -7.67
C LEU L 132 -68.38 -38.99 -8.36
N PRO L 133 -68.46 -37.76 -8.93
CA PRO L 133 -69.61 -37.22 -9.66
C PRO L 133 -70.08 -37.94 -10.93
N GLU L 134 -69.22 -38.71 -11.62
CA GLU L 134 -69.69 -39.41 -12.82
C GLU L 134 -69.46 -40.91 -12.68
N ALA L 135 -70.30 -41.71 -13.31
CA ALA L 135 -70.17 -43.17 -13.22
C ALA L 135 -68.79 -43.65 -13.62
N PHE L 136 -68.27 -44.62 -12.87
CA PHE L 136 -66.95 -45.17 -13.09
C PHE L 136 -66.88 -46.57 -12.52
N THR L 137 -65.86 -47.32 -12.90
CA THR L 137 -65.61 -48.62 -12.30
C THR L 137 -64.42 -48.47 -11.40
N PHE L 138 -64.17 -49.42 -10.52
CA PHE L 138 -63.05 -49.29 -9.61
C PHE L 138 -62.38 -50.59 -9.26
N LYS L 139 -61.05 -50.55 -9.20
CA LYS L 139 -60.33 -51.68 -8.70
C LYS L 139 -59.30 -51.06 -7.75
N PRO L 140 -58.95 -51.72 -6.66
CA PRO L 140 -58.00 -51.29 -5.68
C PRO L 140 -56.55 -51.41 -6.11
N ILE L 141 -55.69 -50.84 -5.31
CA ILE L 141 -54.26 -51.02 -5.45
C ILE L 141 -53.98 -52.51 -5.24
N ASP L 142 -53.26 -53.12 -6.16
CA ASP L 142 -52.97 -54.56 -6.10
C ASP L 142 -52.09 -54.96 -4.94
N ARG L 143 -52.31 -56.17 -4.43
CA ARG L 143 -51.49 -56.74 -3.38
C ARG L 143 -50.23 -57.37 -3.96
N ILE L 144 -49.23 -57.56 -3.12
CA ILE L 144 -47.96 -58.14 -3.52
C ILE L 144 -48.03 -59.51 -4.19
N ASN L 145 -49.02 -60.33 -3.84
CA ASN L 145 -49.13 -61.65 -4.42
C ASN L 145 -50.06 -61.75 -5.62
N GLN L 146 -50.46 -60.62 -6.18
CA GLN L 146 -51.31 -60.62 -7.35
C GLN L 146 -50.50 -60.32 -8.63
N SER L 147 -50.97 -60.85 -9.75
CA SER L 147 -50.37 -60.60 -11.06
C SER L 147 -50.91 -59.31 -11.71
N GLY L 148 -50.26 -58.88 -12.80
CA GLY L 148 -50.73 -57.72 -13.55
C GLY L 148 -49.85 -56.47 -13.38
N THR L 149 -50.10 -55.49 -14.25
CA THR L 149 -49.38 -54.22 -14.28
C THR L 149 -50.37 -53.07 -14.31
N VAL L 150 -49.86 -51.85 -14.16
CA VAL L 150 -50.70 -50.66 -14.21
C VAL L 150 -51.29 -50.50 -15.59
N GLY L 151 -52.60 -50.32 -15.68
CA GLY L 151 -53.29 -50.14 -16.94
C GLY L 151 -54.33 -49.04 -16.86
N GLU L 152 -55.20 -49.00 -17.87
CA GLU L 152 -56.26 -48.01 -18.03
C GLU L 152 -57.28 -47.98 -16.90
N GLU L 153 -57.39 -49.07 -16.17
CA GLU L 153 -58.30 -49.19 -15.04
C GLU L 153 -58.02 -48.19 -13.95
N TYR L 154 -56.80 -47.63 -13.91
CA TYR L 154 -56.43 -46.67 -12.90
C TYR L 154 -56.42 -45.24 -13.41
N LEU L 155 -56.95 -44.99 -14.62
CA LEU L 155 -56.94 -43.61 -15.11
C LEU L 155 -58.29 -42.92 -15.01
N TYR L 156 -58.24 -41.63 -14.64
CA TYR L 156 -59.42 -40.78 -14.51
C TYR L 156 -59.33 -39.50 -15.34
N GLU L 157 -60.48 -39.05 -15.82
CA GLU L 157 -60.57 -37.83 -16.62
C GLU L 157 -61.77 -36.98 -16.27
N GLY L 158 -61.87 -35.82 -16.91
CA GLY L 158 -63.01 -34.92 -16.78
C GLY L 158 -63.30 -34.48 -15.35
N GLU L 159 -64.57 -34.59 -14.98
CA GLU L 159 -65.06 -34.21 -13.65
C GLU L 159 -64.51 -35.09 -12.55
N ASN L 160 -64.31 -36.38 -12.82
CA ASN L 160 -63.80 -37.24 -11.77
C ASN L 160 -62.37 -36.83 -11.45
N LYS L 161 -61.60 -36.51 -12.49
CA LYS L 161 -60.24 -36.02 -12.29
C LYS L 161 -60.22 -34.74 -11.51
N LYS L 162 -61.05 -33.78 -11.91
CA LYS L 162 -61.12 -32.48 -11.25
C LYS L 162 -61.42 -32.66 -9.76
N HIS L 163 -62.40 -33.51 -9.46
CA HIS L 163 -62.82 -33.77 -8.09
C HIS L 163 -61.66 -34.29 -7.25
N LEU L 164 -60.96 -35.33 -7.74
CA LEU L 164 -59.87 -35.92 -6.97
C LEU L 164 -58.73 -34.92 -6.72
N LEU L 165 -58.39 -34.11 -7.72
CA LEU L 165 -57.32 -33.14 -7.55
C LEU L 165 -57.66 -32.09 -6.51
N GLU L 166 -58.93 -31.66 -6.49
CA GLU L 166 -59.37 -30.68 -5.52
C GLU L 166 -59.37 -31.23 -4.10
N GLU L 167 -59.87 -32.46 -3.89
CA GLU L 167 -59.90 -33.02 -2.54
C GLU L 167 -58.52 -33.17 -1.95
N ALA L 168 -57.55 -33.45 -2.83
CA ALA L 168 -56.16 -33.61 -2.40
C ALA L 168 -55.47 -32.28 -2.18
N HIS L 169 -56.16 -31.19 -2.52
CA HIS L 169 -55.64 -29.83 -2.37
C HIS L 169 -54.24 -29.68 -2.97
N LEU L 170 -54.16 -29.80 -4.29
CA LEU L 170 -52.88 -29.70 -4.99
C LEU L 170 -52.47 -28.28 -5.39
N ASN L 171 -51.16 -28.07 -5.46
CA ASN L 171 -50.55 -26.80 -5.84
C ASN L 171 -50.90 -26.43 -7.30
N PRO L 172 -51.24 -25.16 -7.60
CA PRO L 172 -51.55 -24.65 -8.93
C PRO L 172 -50.53 -24.99 -10.01
N GLY L 173 -49.25 -25.18 -9.67
CA GLY L 173 -48.23 -25.50 -10.66
C GLY L 173 -48.39 -26.92 -11.26
N GLY L 174 -49.29 -27.71 -10.68
CA GLY L 174 -49.55 -29.06 -11.14
C GLY L 174 -48.30 -29.91 -11.22
N GLY L 175 -48.16 -30.65 -12.33
CA GLY L 175 -47.03 -31.52 -12.54
C GLY L 175 -47.17 -32.81 -11.76
N VAL L 176 -48.41 -33.25 -11.59
CA VAL L 176 -48.69 -34.48 -10.86
C VAL L 176 -49.05 -35.63 -11.79
N LEU L 177 -48.41 -36.78 -11.58
CA LEU L 177 -48.65 -37.96 -12.39
C LEU L 177 -49.86 -38.66 -11.83
N GLY L 178 -49.86 -38.77 -10.51
CA GLY L 178 -50.91 -39.48 -9.84
C GLY L 178 -50.91 -39.31 -8.34
N ILE L 179 -51.97 -39.85 -7.76
CA ILE L 179 -52.26 -39.78 -6.33
C ILE L 179 -52.50 -41.15 -5.70
N ILE L 180 -51.82 -41.42 -4.57
CA ILE L 180 -52.04 -42.66 -3.83
C ILE L 180 -52.72 -42.36 -2.48
N GLN L 181 -53.88 -42.96 -2.24
CA GLN L 181 -54.60 -42.74 -0.97
C GLN L 181 -54.92 -44.00 -0.19
N ILE L 182 -54.34 -44.09 0.99
CA ILE L 182 -54.55 -45.27 1.83
C ILE L 182 -55.33 -44.95 3.11
N TYR L 183 -56.41 -45.69 3.33
CA TYR L 183 -57.29 -45.57 4.49
C TYR L 183 -56.93 -46.60 5.52
N MET L 184 -57.12 -46.27 6.80
CA MET L 184 -56.81 -47.23 7.86
C MET L 184 -57.70 -48.47 7.70
N LYS L 185 -58.97 -48.26 7.36
CA LYS L 185 -59.88 -49.36 7.07
C LYS L 185 -60.34 -49.26 5.62
N GLY L 186 -60.10 -50.30 4.84
CA GLY L 186 -60.45 -50.32 3.41
C GLY L 186 -61.76 -51.05 3.13
N ASP L 187 -61.95 -51.49 1.88
CA ASP L 187 -63.20 -52.18 1.48
C ASP L 187 -63.28 -53.67 1.81
N THR L 188 -62.20 -54.22 2.31
CA THR L 188 -62.15 -55.64 2.67
C THR L 188 -61.01 -55.82 3.66
N PRO L 189 -61.08 -56.75 4.63
CA PRO L 189 -60.04 -57.01 5.61
C PRO L 189 -58.62 -57.16 5.07
N VAL L 190 -58.45 -57.76 3.90
CA VAL L 190 -57.10 -57.94 3.36
C VAL L 190 -56.44 -56.66 2.87
N LEU L 191 -57.17 -55.56 2.80
CA LEU L 191 -56.57 -54.31 2.38
C LEU L 191 -56.49 -53.32 3.53
N SER L 192 -56.86 -53.73 4.74
CA SER L 192 -56.85 -52.81 5.87
C SER L 192 -55.53 -52.81 6.61
N LEU L 193 -55.29 -51.76 7.41
CA LEU L 193 -54.05 -51.70 8.17
C LEU L 193 -54.24 -52.17 9.61
N ILE L 194 -55.46 -52.00 10.13
CA ILE L 194 -55.77 -52.32 11.52
C ILE L 194 -56.97 -53.26 11.67
N ASN L 195 -57.06 -53.88 12.83
CA ASN L 195 -58.19 -54.74 13.15
C ASN L 195 -59.35 -53.96 13.75
N ASN L 196 -60.44 -54.66 14.06
CA ASN L 196 -61.64 -54.00 14.58
C ASN L 196 -61.46 -53.29 15.91
N ASP L 197 -60.54 -53.77 16.75
CA ASP L 197 -60.32 -53.15 18.04
C ASP L 197 -59.16 -52.15 18.01
N GLY L 198 -58.65 -51.81 16.82
CA GLY L 198 -57.57 -50.85 16.66
C GLY L 198 -56.17 -51.45 16.66
N THR L 199 -56.05 -52.74 16.96
CA THR L 199 -54.78 -53.47 17.02
C THR L 199 -54.13 -53.52 15.63
N LEU L 200 -52.81 -53.38 15.56
CA LEU L 200 -52.15 -53.48 14.25
C LEU L 200 -52.28 -54.89 13.76
N LYS L 201 -52.42 -55.09 12.47
CA LYS L 201 -52.46 -56.47 11.98
C LYS L 201 -51.17 -57.21 12.24
N ASN L 202 -51.26 -58.54 12.33
CA ASN L 202 -50.11 -59.41 12.60
C ASN L 202 -49.40 -59.93 11.36
N SER L 203 -49.72 -59.34 10.23
CA SER L 203 -49.10 -59.63 8.95
C SER L 203 -49.03 -58.29 8.25
N LEU L 204 -47.82 -57.82 8.00
CA LEU L 204 -47.65 -56.49 7.45
C LEU L 204 -48.33 -56.40 6.09
N PRO L 205 -49.24 -55.43 5.83
CA PRO L 205 -49.85 -55.21 4.54
C PRO L 205 -48.72 -54.94 3.56
N HIS L 206 -48.82 -55.51 2.38
CA HIS L 206 -47.77 -55.35 1.39
C HIS L 206 -48.36 -55.15 0.00
N PHE L 207 -48.38 -53.91 -0.45
CA PHE L 207 -49.00 -53.52 -1.73
C PHE L 207 -47.94 -53.37 -2.84
N LYS L 208 -48.38 -53.47 -4.09
CA LYS L 208 -47.47 -53.33 -5.24
C LYS L 208 -47.98 -52.49 -6.43
N ILE L 209 -47.07 -51.70 -7.02
CA ILE L 209 -47.30 -50.97 -8.27
C ILE L 209 -46.21 -51.36 -9.28
N HIS L 210 -46.61 -51.88 -10.45
CA HIS L 210 -45.64 -52.33 -11.46
C HIS L 210 -45.96 -51.81 -12.87
N PHE L 211 -45.02 -51.06 -13.46
CA PHE L 211 -45.23 -50.51 -14.81
C PHE L 211 -44.64 -51.41 -15.91
N SER L 212 -45.36 -51.56 -17.03
CA SER L 212 -44.87 -52.35 -18.15
C SER L 212 -44.07 -51.53 -19.18
N ASN L 213 -43.31 -52.23 -20.02
CA ASN L 213 -42.52 -51.58 -21.06
C ASN L 213 -43.14 -51.69 -22.45
N ARG L 214 -42.81 -50.73 -23.29
CA ARG L 214 -43.27 -50.65 -24.68
C ARG L 214 -42.43 -51.53 -25.65
N LYS L 215 -43.08 -52.09 -26.69
CA LYS L 215 -42.43 -52.86 -27.78
C LYS L 215 -42.46 -52.13 -29.13
N SER L 216 -41.56 -52.48 -30.06
CA SER L 216 -41.54 -51.89 -31.42
C SER L 216 -40.83 -52.70 -32.52
N THR L 217 -41.12 -52.32 -33.77
CA THR L 217 -40.45 -52.83 -34.99
C THR L 217 -39.16 -52.09 -35.22
N TRP L 218 -38.09 -52.82 -35.50
CA TRP L 218 -36.81 -52.16 -35.69
C TRP L 218 -36.54 -51.99 -37.18
N LYS L 219 -36.14 -50.78 -37.56
CA LYS L 219 -35.81 -50.46 -38.94
C LYS L 219 -34.36 -50.04 -39.08
N TYR L 220 -33.66 -50.69 -39.99
CA TYR L 220 -32.26 -50.41 -40.21
C TYR L 220 -32.01 -49.68 -41.51
N ILE L 221 -31.32 -48.55 -41.40
CA ILE L 221 -31.03 -47.68 -42.54
C ILE L 221 -29.55 -47.59 -42.88
N ASN L 222 -29.21 -47.93 -44.10
CA ASN L 222 -27.85 -47.88 -44.57
C ASN L 222 -27.74 -46.88 -45.72
N LEU L 223 -27.28 -45.67 -45.42
CA LEU L 223 -27.29 -44.68 -46.47
C LEU L 223 -26.19 -44.91 -47.50
N LYS L 224 -25.00 -45.33 -47.07
CA LYS L 224 -23.92 -45.46 -48.03
C LYS L 224 -24.16 -46.57 -49.07
N ASP L 225 -24.87 -47.61 -48.66
CA ASP L 225 -25.22 -48.72 -49.53
C ASP L 225 -26.62 -48.53 -50.12
N ASP L 226 -27.29 -47.47 -49.69
CA ASP L 226 -28.64 -47.12 -50.14
C ASP L 226 -29.70 -48.23 -49.99
N PHE L 227 -29.70 -48.92 -48.86
CA PHE L 227 -30.67 -49.98 -48.62
C PHE L 227 -31.33 -49.90 -47.25
N GLU L 228 -32.59 -50.33 -47.17
CA GLU L 228 -33.33 -50.32 -45.93
C GLU L 228 -33.92 -51.70 -45.65
N THR L 229 -34.00 -52.09 -44.40
CA THR L 229 -34.63 -53.38 -44.03
C THR L 229 -35.34 -53.31 -42.67
N GLU L 230 -36.35 -54.16 -42.48
CA GLU L 230 -37.09 -54.18 -41.21
C GLU L 230 -37.20 -55.55 -40.60
N THR L 231 -37.33 -55.62 -39.28
CA THR L 231 -37.53 -56.91 -38.67
C THR L 231 -38.95 -57.39 -38.87
N LYS L 232 -39.17 -58.70 -38.72
CA LYS L 232 -40.51 -59.27 -38.87
C LYS L 232 -41.44 -59.13 -37.68
N LYS L 233 -40.91 -59.09 -36.47
CA LYS L 233 -41.76 -59.00 -35.28
C LYS L 233 -41.22 -57.96 -34.34
N ASP L 234 -42.09 -57.39 -33.53
CA ASP L 234 -41.73 -56.43 -32.49
C ASP L 234 -40.85 -57.01 -31.39
N TYR L 235 -39.94 -56.19 -30.88
CA TYR L 235 -39.10 -56.57 -29.75
C TYR L 235 -39.26 -55.53 -28.64
N PRO L 236 -39.14 -55.92 -27.37
CA PRO L 236 -39.24 -55.02 -26.22
C PRO L 236 -38.08 -54.08 -26.06
N LEU L 237 -38.37 -52.90 -25.52
CA LEU L 237 -37.33 -51.98 -25.14
C LEU L 237 -36.95 -52.24 -23.70
N THR L 238 -35.67 -52.39 -23.45
CA THR L 238 -35.15 -52.59 -22.10
C THR L 238 -33.94 -51.72 -21.94
N LYS L 239 -33.55 -51.46 -20.71
CA LYS L 239 -32.33 -50.68 -20.49
C LYS L 239 -31.03 -51.47 -20.60
N PHE L 240 -30.98 -52.68 -20.04
CA PHE L 240 -29.72 -53.43 -19.99
C PHE L 240 -29.61 -54.70 -20.82
N GLY L 241 -30.66 -55.17 -21.47
CA GLY L 241 -30.59 -56.44 -22.17
C GLY L 241 -30.03 -56.34 -23.59
N PHE L 242 -29.98 -57.48 -24.27
CA PHE L 242 -29.47 -57.55 -25.64
C PHE L 242 -30.10 -58.65 -26.47
N ILE L 243 -30.57 -58.28 -27.64
CA ILE L 243 -31.18 -59.20 -28.58
C ILE L 243 -30.31 -59.38 -29.80
N LEU L 244 -29.97 -60.62 -30.08
CA LEU L 244 -29.13 -60.90 -31.22
C LEU L 244 -29.90 -61.25 -32.46
N LEU L 245 -29.69 -60.47 -33.51
CA LEU L 245 -30.34 -60.72 -34.79
C LEU L 245 -29.26 -61.14 -35.76
N ASP L 246 -29.28 -62.39 -36.20
CA ASP L 246 -28.24 -62.83 -37.09
C ASP L 246 -28.68 -63.75 -38.22
N LYS L 247 -29.98 -63.82 -38.52
CA LYS L 247 -30.39 -64.68 -39.63
C LYS L 247 -31.06 -63.84 -40.70
N LYS L 248 -30.90 -64.24 -41.95
CA LYS L 248 -31.55 -63.52 -43.04
C LYS L 248 -33.05 -63.55 -42.83
N SER L 249 -33.53 -64.68 -42.33
CA SER L 249 -34.94 -64.98 -42.07
C SER L 249 -35.58 -64.09 -41.03
N ASP L 250 -34.79 -63.32 -40.26
CA ASP L 250 -35.31 -62.43 -39.23
C ASP L 250 -35.83 -61.14 -39.83
N PHE L 251 -35.40 -60.86 -41.08
CA PHE L 251 -35.66 -59.62 -41.74
C PHE L 251 -36.53 -59.68 -42.98
N ILE L 252 -37.16 -58.57 -43.23
CA ILE L 252 -37.94 -58.35 -44.42
C ILE L 252 -37.01 -57.64 -45.40
N SER L 253 -36.80 -58.27 -46.55
CA SER L 253 -35.90 -57.78 -47.58
C SER L 253 -34.46 -57.51 -47.11
N PRO L 254 -33.75 -58.51 -46.54
CA PRO L 254 -32.39 -58.42 -46.05
C PRO L 254 -31.44 -58.11 -47.21
N PRO L 255 -30.29 -57.46 -46.96
CA PRO L 255 -29.28 -57.08 -47.94
C PRO L 255 -28.52 -58.24 -48.56
N ALA L 256 -28.03 -57.99 -49.77
CA ALA L 256 -27.23 -58.93 -50.57
C ALA L 256 -26.04 -59.50 -49.83
N HIS L 257 -25.40 -58.69 -49.00
CA HIS L 257 -24.21 -59.12 -48.31
C HIS L 257 -24.40 -59.19 -46.81
N PHE L 258 -25.59 -59.60 -46.39
CA PHE L 258 -25.98 -59.73 -44.99
C PHE L 258 -24.88 -60.28 -44.09
N GLU L 259 -24.12 -61.26 -44.54
CA GLU L 259 -23.09 -61.87 -43.72
C GLU L 259 -22.04 -60.89 -43.16
N LYS L 260 -21.82 -59.74 -43.82
CA LYS L 260 -20.82 -58.78 -43.32
C LYS L 260 -21.39 -57.70 -42.40
N TYR L 261 -22.70 -57.72 -42.15
CA TYR L 261 -23.30 -56.65 -41.36
C TYR L 261 -23.60 -57.01 -39.91
N VAL L 262 -23.59 -55.97 -39.08
CA VAL L 262 -23.92 -56.04 -37.66
C VAL L 262 -25.11 -55.15 -37.39
N PHE L 263 -26.10 -55.69 -36.68
CA PHE L 263 -27.33 -54.95 -36.39
C PHE L 263 -27.51 -54.59 -34.89
N PRO L 264 -27.16 -53.37 -34.45
CA PRO L 264 -27.27 -52.85 -33.08
C PRO L 264 -28.70 -52.78 -32.56
N ASN L 265 -28.87 -52.87 -31.25
CA ASN L 265 -30.19 -52.70 -30.64
C ASN L 265 -30.45 -51.19 -30.50
N PRO L 266 -31.69 -50.69 -30.65
CA PRO L 266 -32.09 -49.31 -30.48
C PRO L 266 -32.16 -48.85 -29.03
N ASP L 267 -32.02 -47.55 -28.85
CA ASP L 267 -32.24 -46.85 -27.59
C ASP L 267 -33.73 -46.48 -27.47
N ALA L 268 -34.12 -45.84 -26.37
CA ALA L 268 -35.52 -45.44 -26.15
C ALA L 268 -35.69 -43.92 -26.18
N ARG L 269 -34.73 -43.22 -26.77
CA ARG L 269 -34.74 -41.76 -26.86
C ARG L 269 -35.65 -41.20 -27.93
N ARG L 270 -35.83 -41.93 -29.01
CA ARG L 270 -36.66 -41.50 -30.12
C ARG L 270 -37.48 -42.68 -30.57
N ILE L 271 -38.78 -42.47 -30.75
CA ILE L 271 -39.66 -43.54 -31.20
C ILE L 271 -40.90 -42.98 -31.86
N LYS L 272 -41.35 -43.62 -32.91
CA LYS L 272 -42.58 -43.22 -33.57
C LYS L 272 -43.73 -44.02 -33.02
N ILE L 273 -44.75 -43.34 -32.51
CA ILE L 273 -45.91 -44.00 -31.94
C ILE L 273 -47.10 -43.80 -32.83
N THR L 274 -47.76 -44.88 -33.23
CA THR L 274 -48.91 -44.74 -34.09
C THR L 274 -49.99 -45.64 -33.47
N PRO L 275 -51.25 -45.59 -33.91
CA PRO L 275 -52.34 -46.46 -33.49
C PRO L 275 -52.11 -47.95 -33.73
N THR L 276 -51.16 -48.32 -34.60
CA THR L 276 -50.91 -49.71 -34.89
C THR L 276 -49.53 -50.11 -34.38
N LYS L 277 -48.51 -49.90 -35.19
CA LYS L 277 -47.15 -50.25 -34.79
C LYS L 277 -46.32 -49.09 -34.30
N ASN L 278 -45.34 -49.42 -33.48
CA ASN L 278 -44.38 -48.43 -33.05
C ASN L 278 -43.12 -48.69 -33.84
N TYR L 279 -42.34 -47.66 -34.13
CA TYR L 279 -41.09 -47.88 -34.86
C TYR L 279 -39.86 -47.23 -34.25
N SER L 280 -38.75 -47.96 -34.36
CA SER L 280 -37.44 -47.46 -33.92
C SER L 280 -36.48 -47.46 -35.11
N GLU L 281 -35.95 -46.28 -35.47
CA GLU L 281 -35.02 -46.17 -36.61
C GLU L 281 -33.57 -46.18 -36.15
N ILE L 282 -32.80 -47.07 -36.75
CA ILE L 282 -31.40 -47.28 -36.43
C ILE L 282 -30.55 -47.04 -37.67
N PHE L 283 -29.54 -46.20 -37.57
CA PHE L 283 -28.66 -45.97 -38.72
C PHE L 283 -27.39 -46.80 -38.66
N ILE L 284 -26.99 -47.30 -39.81
CA ILE L 284 -25.77 -48.07 -39.97
C ILE L 284 -24.69 -47.20 -40.60
N SER M 2 -13.34 -22.70 -40.92
CA SER M 2 -12.42 -22.26 -41.96
C SER M 2 -10.97 -22.58 -41.58
N TYR M 3 -10.10 -21.58 -41.66
CA TYR M 3 -8.71 -21.80 -41.19
C TYR M 3 -8.32 -20.60 -40.32
N PRO M 4 -7.82 -20.84 -39.09
CA PRO M 4 -7.40 -19.75 -38.20
C PRO M 4 -6.17 -19.03 -38.73
N LEU M 5 -6.01 -17.79 -38.28
CA LEU M 5 -4.89 -16.95 -38.69
C LEU M 5 -3.72 -17.09 -37.72
N SER M 6 -2.52 -16.93 -38.26
CA SER M 6 -1.30 -16.90 -37.47
C SER M 6 -0.82 -15.47 -37.29
N LYS M 7 0.10 -15.28 -36.35
CA LYS M 7 0.47 -13.95 -35.90
C LYS M 7 1.96 -13.62 -36.07
N PHE M 8 2.65 -14.25 -37.00
CA PHE M 8 4.07 -13.94 -37.20
C PHE M 8 4.37 -13.17 -38.47
N HIS M 9 3.37 -12.87 -39.31
CA HIS M 9 3.59 -12.12 -40.55
C HIS M 9 2.76 -10.81 -40.45
N PHE M 10 3.43 -9.65 -40.42
CA PHE M 10 2.76 -8.38 -40.18
C PHE M 10 3.66 -7.24 -40.63
N SER M 11 3.08 -6.05 -40.73
CA SER M 11 3.82 -4.85 -41.13
C SER M 11 3.27 -3.63 -40.40
N VAL M 12 4.09 -2.59 -40.30
CA VAL M 12 3.75 -1.37 -39.58
C VAL M 12 4.16 -0.17 -40.44
N GLU M 13 3.20 0.71 -40.71
CA GLU M 13 3.48 1.98 -41.39
C GLU M 13 3.46 3.10 -40.36
N TRP M 14 4.63 3.68 -40.11
CA TRP M 14 4.83 4.63 -39.02
C TRP M 14 5.52 5.91 -39.46
N GLY M 15 5.78 6.09 -40.74
CA GLY M 15 6.49 7.28 -41.21
C GLY M 15 7.99 7.15 -41.27
N GLY M 16 8.54 5.96 -41.01
CA GLY M 16 9.96 5.72 -41.16
C GLY M 16 10.28 5.00 -42.46
N THR M 17 11.54 4.57 -42.56
CA THR M 17 12.00 3.88 -43.77
C THR M 17 11.66 2.39 -43.75
N LYS M 18 11.86 1.71 -42.62
CA LYS M 18 11.69 0.26 -42.54
C LYS M 18 10.38 -0.09 -41.85
N ILE M 19 9.72 -1.14 -42.34
CA ILE M 19 8.44 -1.56 -41.81
C ILE M 19 8.49 -2.90 -41.07
N GLY M 20 9.67 -3.50 -40.93
CA GLY M 20 9.78 -4.80 -40.28
C GLY M 20 10.16 -4.68 -38.81
N PHE M 21 9.34 -5.28 -37.96
CA PHE M 21 9.49 -5.20 -36.52
C PHE M 21 9.52 -6.60 -35.94
N THR M 22 9.74 -6.70 -34.62
CA THR M 22 9.73 -8.00 -33.95
C THR M 22 8.48 -8.27 -33.12
N GLU M 23 7.98 -7.29 -32.40
CA GLU M 23 6.74 -7.49 -31.68
C GLU M 23 5.93 -6.23 -31.49
N VAL M 24 4.61 -6.39 -31.42
CA VAL M 24 3.66 -5.30 -31.15
C VAL M 24 2.75 -5.74 -30.02
N SER M 25 2.47 -4.84 -29.08
CA SER M 25 1.51 -5.13 -28.02
C SER M 25 0.75 -3.86 -27.64
N GLY M 26 -0.39 -4.06 -26.98
CA GLY M 26 -1.14 -2.97 -26.40
C GLY M 26 -2.30 -2.44 -27.21
N LEU M 27 -2.91 -3.26 -28.06
CA LEU M 27 -4.03 -2.82 -28.91
C LEU M 27 -5.36 -3.18 -28.23
N ASP M 28 -5.80 -2.32 -27.32
CA ASP M 28 -6.96 -2.62 -26.47
C ASP M 28 -7.97 -1.47 -26.47
N LEU M 29 -9.20 -1.82 -26.10
CA LEU M 29 -10.30 -0.88 -25.90
C LEU M 29 -10.94 -1.16 -24.56
N GLU M 30 -11.30 -0.11 -23.82
CA GLU M 30 -11.83 -0.27 -22.48
C GLU M 30 -12.76 0.88 -22.11
N THR M 31 -13.89 0.55 -21.47
CA THR M 31 -14.85 1.53 -20.99
C THR M 31 -15.04 1.38 -19.49
N GLU M 32 -15.06 2.50 -18.78
CA GLU M 32 -15.36 2.52 -17.36
C GLU M 32 -16.85 2.29 -17.12
N ILE M 33 -17.20 1.99 -15.87
CA ILE M 33 -18.54 1.54 -15.52
C ILE M 33 -19.15 2.49 -14.48
N ILE M 34 -20.46 2.71 -14.57
CA ILE M 34 -21.22 3.52 -13.63
C ILE M 34 -22.30 2.64 -13.02
N GLU M 35 -22.44 2.66 -11.69
CA GLU M 35 -23.34 1.79 -10.96
C GLU M 35 -24.34 2.58 -10.11
N TYR M 36 -25.51 1.98 -9.86
CA TYR M 36 -26.60 2.68 -9.20
C TYR M 36 -27.54 1.69 -8.52
N ARG M 37 -28.04 2.07 -7.34
CA ARG M 37 -29.15 1.38 -6.69
C ARG M 37 -29.90 2.35 -5.79
N HIS M 38 -31.23 2.33 -5.88
CA HIS M 38 -32.08 3.03 -4.92
C HIS M 38 -32.63 2.02 -3.91
N GLY M 39 -33.10 2.53 -2.78
CA GLY M 39 -33.33 1.70 -1.61
C GLY M 39 -34.57 0.82 -1.69
N ALA M 40 -35.47 1.10 -2.63
CA ALA M 40 -36.74 0.40 -2.72
C ALA M 40 -36.71 -0.79 -3.67
N SER M 41 -35.56 -1.13 -4.22
CA SER M 41 -35.50 -2.18 -5.23
C SER M 41 -35.56 -3.56 -4.58
N PRO M 42 -36.34 -4.50 -5.13
CA PRO M 42 -36.39 -5.85 -4.55
C PRO M 42 -35.15 -6.70 -4.82
N GLU M 43 -34.33 -6.36 -5.81
CA GLU M 43 -33.01 -6.96 -5.97
C GLU M 43 -32.00 -6.20 -5.12
N TYR M 44 -31.08 -6.94 -4.50
CA TYR M 44 -30.06 -6.35 -3.63
C TYR M 44 -28.70 -6.28 -4.30
N SER M 45 -28.69 -5.97 -5.59
CA SER M 45 -27.48 -5.74 -6.36
C SER M 45 -27.67 -4.48 -7.19
N LYS M 46 -26.64 -4.09 -7.94
CA LYS M 46 -26.63 -2.84 -8.67
C LYS M 46 -26.87 -3.04 -10.15
N ILE M 47 -27.32 -1.95 -10.82
CA ILE M 47 -27.47 -1.89 -12.27
C ILE M 47 -26.27 -1.13 -12.84
N LYS M 48 -25.92 -1.41 -14.10
CA LYS M 48 -24.66 -0.99 -14.68
C LYS M 48 -24.84 -0.30 -16.03
N MET M 49 -24.07 0.77 -16.26
CA MET M 49 -24.05 1.60 -17.46
C MET M 49 -22.62 1.83 -17.94
N PRO M 50 -22.43 2.05 -19.25
CA PRO M 50 -21.14 2.54 -19.73
C PRO M 50 -20.95 4.04 -19.49
N GLY M 51 -19.70 4.42 -19.24
CA GLY M 51 -19.32 5.82 -19.08
C GLY M 51 -18.21 6.29 -20.00
N MET M 52 -17.09 6.74 -19.43
CA MET M 52 -15.99 7.30 -20.21
C MET M 52 -15.04 6.21 -20.70
N GLN M 53 -14.32 6.52 -21.77
CA GLN M 53 -13.51 5.53 -22.48
C GLN M 53 -12.02 5.81 -22.32
N LYS M 54 -11.22 4.77 -22.52
CA LYS M 54 -9.78 4.82 -22.28
C LYS M 54 -9.05 4.06 -23.38
N PHE M 55 -7.81 4.49 -23.63
CA PHE M 55 -6.91 3.81 -24.56
C PHE M 55 -5.57 3.60 -23.88
N SER M 56 -4.92 2.50 -24.22
CA SER M 56 -3.64 2.14 -23.62
C SER M 56 -2.50 2.37 -24.59
N ASN M 57 -1.29 2.42 -24.04
CA ASN M 57 -0.10 2.72 -24.84
C ASN M 57 0.33 1.50 -25.66
N ILE M 58 0.95 1.79 -26.80
CA ILE M 58 1.39 0.78 -27.75
C ILE M 58 2.91 0.68 -27.71
N THR M 59 3.44 -0.53 -27.64
CA THR M 59 4.87 -0.79 -27.61
C THR M 59 5.31 -1.46 -28.91
N LEU M 60 6.41 -0.98 -29.48
CA LEU M 60 7.00 -1.51 -30.70
C LEU M 60 8.47 -1.85 -30.47
N LYS M 61 8.91 -3.00 -31.00
CA LYS M 61 10.28 -3.46 -30.83
C LYS M 61 10.87 -3.91 -32.16
N ARG M 62 12.16 -3.66 -32.35
CA ARG M 62 12.89 -4.04 -33.56
C ARG M 62 14.37 -4.13 -33.22
N GLY M 63 15.17 -4.51 -34.23
CA GLY M 63 16.60 -4.62 -34.03
C GLY M 63 17.35 -3.33 -34.35
N THR M 64 18.58 -3.25 -33.86
CA THR M 64 19.44 -2.08 -34.04
C THR M 64 20.34 -2.28 -35.25
N PHE M 65 20.37 -1.30 -36.14
CA PHE M 65 21.13 -1.36 -37.38
C PHE M 65 21.99 -0.12 -37.52
N LYS M 66 23.04 -0.24 -38.33
CA LYS M 66 23.93 0.89 -38.57
C LYS M 66 23.23 1.94 -39.43
N SER M 67 23.45 3.21 -39.08
CA SER M 67 22.94 4.41 -39.75
C SER M 67 21.42 4.50 -39.75
N ASP M 68 20.75 4.05 -38.69
CA ASP M 68 19.31 4.19 -38.54
C ASP M 68 19.04 4.72 -37.14
N ASN M 69 18.80 6.03 -37.04
CA ASN M 69 18.52 6.70 -35.78
C ASN M 69 17.09 7.26 -35.75
N GLU M 70 16.15 6.55 -36.37
CA GLU M 70 14.75 6.98 -36.50
C GLU M 70 14.01 7.15 -35.22
N TYR M 71 14.27 6.29 -34.25
CA TYR M 71 13.59 6.40 -32.96
C TYR M 71 13.93 7.71 -32.27
N PHE M 72 15.22 8.08 -32.29
CA PHE M 72 15.67 9.29 -31.61
C PHE M 72 15.28 10.54 -32.40
N GLN M 73 15.12 10.42 -33.72
CA GLN M 73 14.77 11.59 -34.52
C GLN M 73 13.31 12.00 -34.29
N TRP M 74 12.42 11.03 -34.08
CA TRP M 74 11.04 11.34 -33.75
C TRP M 74 10.94 11.91 -32.33
N TYR M 75 11.70 11.35 -31.38
CA TYR M 75 11.64 11.84 -30.01
C TYR M 75 12.25 13.22 -29.87
N ASN M 76 13.14 13.62 -30.78
CA ASN M 76 13.78 14.92 -30.71
C ASN M 76 12.92 16.06 -31.24
N THR M 77 11.70 15.79 -31.71
CA THR M 77 10.81 16.86 -32.16
C THR M 77 9.95 17.43 -31.04
N ILE M 78 10.16 17.03 -29.80
CA ILE M 78 9.42 17.58 -28.67
C ILE M 78 9.97 18.96 -28.32
N ASN M 79 9.16 20.00 -28.43
CA ASN M 79 9.63 21.34 -28.06
C ASN M 79 8.57 21.91 -27.12
N LEU M 80 8.80 21.86 -25.80
CA LEU M 80 7.79 22.30 -24.80
C LEU M 80 6.50 21.48 -25.02
N ASN M 81 5.37 22.09 -25.38
CA ASN M 81 4.13 21.30 -25.59
C ASN M 81 3.92 20.83 -27.03
N LYS M 82 4.88 21.03 -27.95
CA LYS M 82 4.73 20.65 -29.38
C LYS M 82 5.41 19.32 -29.73
N VAL M 83 4.84 18.55 -30.68
CA VAL M 83 5.41 17.31 -31.16
C VAL M 83 4.84 17.07 -32.55
N GLU M 84 5.49 16.22 -33.32
CA GLU M 84 4.99 15.78 -34.62
C GLU M 84 4.12 14.54 -34.42
N ARG M 85 2.81 14.69 -34.63
CA ARG M 85 1.86 13.61 -34.48
C ARG M 85 1.65 12.90 -35.82
N ARG M 86 1.60 11.57 -35.79
CA ARG M 86 1.54 10.76 -36.99
C ARG M 86 0.37 9.80 -36.94
N ASP M 87 -0.04 9.33 -38.11
CA ASP M 87 -0.98 8.23 -38.25
C ASP M 87 -0.22 6.92 -38.33
N LEU M 88 -0.80 5.88 -37.76
CA LEU M 88 -0.16 4.58 -37.60
C LEU M 88 -1.08 3.50 -38.15
N THR M 89 -0.58 2.66 -39.04
CA THR M 89 -1.36 1.61 -39.66
C THR M 89 -0.64 0.27 -39.53
N ILE M 90 -1.27 -0.67 -38.85
CA ILE M 90 -0.70 -1.98 -38.53
C ILE M 90 -1.58 -3.05 -39.15
N SER M 91 -0.99 -3.92 -39.96
CA SER M 91 -1.74 -4.91 -40.74
C SER M 91 -1.23 -6.31 -40.47
N LEU M 92 -2.15 -7.27 -40.47
CA LEU M 92 -1.83 -8.70 -40.45
C LEU M 92 -1.98 -9.26 -41.86
N LEU M 93 -0.96 -9.96 -42.34
CA LEU M 93 -0.88 -10.33 -43.75
C LEU M 93 -1.13 -11.81 -43.98
N ASN M 94 -1.61 -12.14 -45.18
CA ASN M 94 -1.78 -13.52 -45.60
C ASN M 94 -0.54 -14.02 -46.34
N GLU M 95 -0.67 -15.15 -47.05
CA GLU M 95 0.50 -15.76 -47.69
C GLU M 95 0.95 -15.00 -48.93
N GLU M 96 0.05 -14.30 -49.60
CA GLU M 96 0.44 -13.44 -50.71
C GLU M 96 0.63 -11.98 -50.28
N HIS M 97 0.91 -11.75 -49.00
CA HIS M 97 1.34 -10.48 -48.41
C HIS M 97 0.34 -9.34 -48.56
N GLU M 98 -0.95 -9.63 -48.43
CA GLU M 98 -2.02 -8.63 -48.50
C GLU M 98 -2.71 -8.49 -47.15
N PRO M 99 -3.25 -7.31 -46.82
CA PRO M 99 -3.83 -7.10 -45.49
C PRO M 99 -5.13 -7.86 -45.27
N VAL M 100 -5.31 -8.32 -44.02
CA VAL M 100 -6.51 -9.03 -43.59
C VAL M 100 -7.18 -8.33 -42.42
N VAL M 101 -6.42 -8.03 -41.37
CA VAL M 101 -6.91 -7.28 -40.20
C VAL M 101 -6.02 -6.06 -40.03
N THR M 102 -6.64 -4.89 -39.97
CA THR M 102 -5.91 -3.62 -39.88
C THR M 102 -6.34 -2.85 -38.64
N TRP M 103 -5.35 -2.32 -37.92
CA TRP M 103 -5.55 -1.45 -36.77
C TRP M 103 -5.14 -0.04 -37.18
N LYS M 104 -6.06 0.92 -37.05
CA LYS M 104 -5.85 2.29 -37.50
C LYS M 104 -5.80 3.23 -36.31
N VAL M 105 -4.67 3.93 -36.16
CA VAL M 105 -4.37 4.73 -34.97
C VAL M 105 -4.20 6.18 -35.40
N LYS M 106 -4.80 7.10 -34.63
CA LYS M 106 -4.69 8.52 -34.91
C LYS M 106 -3.97 9.27 -33.79
N ASN M 107 -3.19 10.29 -34.20
CA ASN M 107 -2.50 11.25 -33.33
C ASN M 107 -1.48 10.57 -32.39
N ALA M 108 -0.51 9.86 -32.95
CA ALA M 108 0.48 9.18 -32.14
C ALA M 108 1.75 10.01 -31.98
N TRP M 109 2.38 9.91 -30.81
CA TRP M 109 3.67 10.52 -30.54
C TRP M 109 4.38 9.68 -29.49
N PRO M 110 5.73 9.65 -29.52
CA PRO M 110 6.46 8.77 -28.57
C PRO M 110 6.71 9.44 -27.22
N LEU M 111 6.62 8.64 -26.16
CA LEU M 111 6.90 9.15 -24.82
C LEU M 111 8.08 8.47 -24.11
N LYS M 112 8.41 7.24 -24.52
CA LYS M 112 9.57 6.54 -23.93
C LYS M 112 10.40 5.85 -25.03
N VAL M 113 11.72 6.08 -25.04
CA VAL M 113 12.63 5.40 -25.95
C VAL M 113 13.68 4.68 -25.11
N GLN M 114 13.81 3.37 -25.30
CA GLN M 114 14.71 2.54 -24.51
C GLN M 114 15.72 1.85 -25.42
N SER M 115 16.98 1.99 -25.09
CA SER M 115 18.07 1.37 -25.83
C SER M 115 18.35 -0.03 -25.30
N THR M 116 19.27 -0.71 -25.96
CA THR M 116 19.67 -2.04 -25.52
C THR M 116 20.56 -1.94 -24.27
N ASP M 117 20.62 -3.03 -23.53
CA ASP M 117 21.63 -3.17 -22.49
C ASP M 117 22.85 -3.90 -23.07
N LEU M 118 24.00 -3.67 -22.46
CA LEU M 118 25.27 -4.19 -22.94
C LEU M 118 25.76 -5.28 -21.98
N LYS M 119 25.92 -6.49 -22.50
CA LYS M 119 26.39 -7.64 -21.73
C LYS M 119 27.54 -8.32 -22.45
N GLY M 120 28.50 -8.82 -21.69
CA GLY M 120 29.70 -9.37 -22.31
C GLY M 120 29.65 -10.86 -22.57
N ASP M 121 28.91 -11.61 -21.74
CA ASP M 121 29.08 -13.05 -21.75
C ASP M 121 28.20 -13.75 -22.79
N GLY M 122 27.02 -13.22 -23.06
CA GLY M 122 26.11 -13.91 -23.94
C GLY M 122 26.36 -13.65 -25.42
N ASN M 123 25.58 -14.34 -26.24
CA ASN M 123 25.46 -14.06 -27.67
C ASN M 123 24.06 -13.51 -27.90
N GLU M 124 23.94 -12.19 -27.97
CA GLU M 124 22.59 -11.63 -28.18
C GLU M 124 22.67 -10.39 -29.08
N VAL M 125 21.63 -10.19 -29.87
CA VAL M 125 21.50 -9.01 -30.71
C VAL M 125 20.87 -7.88 -29.90
N ALA M 126 21.01 -6.66 -30.42
CA ALA M 126 20.52 -5.47 -29.76
C ALA M 126 19.09 -5.17 -30.21
N ILE M 127 18.20 -4.97 -29.24
CA ILE M 127 16.80 -4.66 -29.47
C ILE M 127 16.51 -3.29 -28.89
N GLU M 128 15.82 -2.43 -29.64
CA GLU M 128 15.35 -1.15 -29.15
C GLU M 128 13.83 -1.15 -29.08
N SER M 129 13.29 -0.37 -28.15
CA SER M 129 11.85 -0.36 -27.88
C SER M 129 11.34 1.07 -27.74
N MET M 130 10.08 1.25 -28.12
CA MET M 130 9.42 2.56 -28.11
C MET M 130 7.99 2.40 -27.61
N GLU M 131 7.52 3.38 -26.84
CA GLU M 131 6.17 3.40 -26.31
C GLU M 131 5.44 4.63 -26.83
N LEU M 132 4.21 4.45 -27.31
CA LEU M 132 3.46 5.50 -27.98
C LEU M 132 2.16 5.82 -27.25
N ALA M 133 1.84 7.10 -27.17
CA ALA M 133 0.53 7.59 -26.73
C ALA M 133 -0.29 7.98 -27.95
N HIS M 134 -1.61 7.81 -27.86
CA HIS M 134 -2.49 8.07 -29.00
C HIS M 134 -3.89 8.40 -28.49
N GLU M 135 -4.77 8.73 -29.44
CA GLU M 135 -6.10 9.26 -29.12
C GLU M 135 -7.22 8.50 -29.83
N GLY M 136 -7.02 7.24 -30.19
CA GLY M 136 -8.10 6.47 -30.76
C GLY M 136 -7.67 5.34 -31.68
N LEU M 137 -8.54 4.33 -31.79
CA LEU M 137 -8.22 3.11 -32.51
C LEU M 137 -9.49 2.51 -33.11
N VAL M 138 -9.42 2.13 -34.39
CA VAL M 138 -10.54 1.53 -35.13
C VAL M 138 -10.04 0.25 -35.80
N ILE M 139 -10.78 -0.85 -35.63
CA ILE M 139 -10.41 -2.15 -36.17
C ILE M 139 -11.24 -2.44 -37.42
N GLN M 140 -10.57 -2.83 -38.50
CA GLN M 140 -11.21 -3.14 -39.78
C GLN M 140 -10.84 -4.55 -40.21
N ASN M 141 -11.85 -5.44 -40.32
CA ASN M 141 -11.67 -6.83 -40.77
C ASN M 141 -12.85 -7.18 -41.68
N GLU M 142 -12.67 -6.97 -42.98
CA GLU M 142 -13.70 -7.27 -43.97
C GLU M 142 -13.09 -7.75 -45.26
N SER N 2 20.12 -5.66 -43.95
CA SER N 2 21.55 -5.60 -43.76
C SER N 2 22.01 -6.68 -42.78
N TYR N 3 22.79 -6.29 -41.78
CA TYR N 3 23.17 -7.27 -40.73
C TYR N 3 22.96 -6.61 -39.37
N PRO N 4 22.22 -7.25 -38.45
CA PRO N 4 21.98 -6.71 -37.11
C PRO N 4 23.24 -6.66 -36.27
N LEU N 5 23.24 -5.78 -35.29
CA LEU N 5 24.37 -5.58 -34.40
C LEU N 5 24.25 -6.47 -33.16
N SER N 6 25.40 -6.87 -32.64
CA SER N 6 25.47 -7.61 -31.39
C SER N 6 25.90 -6.69 -30.25
N LYS N 7 25.73 -7.16 -29.02
CA LYS N 7 25.85 -6.30 -27.85
C LYS N 7 26.91 -6.77 -26.85
N PHE N 8 27.92 -7.53 -27.28
CA PHE N 8 28.95 -7.97 -26.35
C PHE N 8 30.30 -7.27 -26.52
N HIS N 9 30.45 -6.38 -27.48
CA HIS N 9 31.71 -5.66 -27.70
C HIS N 9 31.43 -4.15 -27.50
N PHE N 10 32.03 -3.53 -26.49
CA PHE N 10 31.72 -2.16 -26.12
C PHE N 10 32.83 -1.60 -25.24
N SER N 11 32.82 -0.28 -25.07
CA SER N 11 33.81 0.40 -24.24
C SER N 11 33.17 1.59 -23.55
N VAL N 12 33.78 2.02 -22.43
CA VAL N 12 33.26 3.11 -21.60
C VAL N 12 34.42 4.04 -21.26
N GLU N 13 34.27 5.33 -21.57
CA GLU N 13 35.24 6.35 -21.18
C GLU N 13 34.64 7.14 -20.01
N TRP N 14 35.24 6.97 -18.82
CA TRP N 14 34.68 7.50 -17.59
C TRP N 14 35.69 8.29 -16.76
N GLY N 15 36.90 8.50 -17.25
CA GLY N 15 37.91 9.19 -16.49
C GLY N 15 38.80 8.31 -15.64
N GLY N 16 38.66 6.99 -15.74
CA GLY N 16 39.54 6.06 -15.05
C GLY N 16 40.60 5.50 -15.97
N THR N 17 41.32 4.50 -15.46
CA THR N 17 42.39 3.88 -16.22
C THR N 17 41.88 2.80 -17.17
N LYS N 18 40.96 1.95 -16.71
CA LYS N 18 40.49 0.81 -17.50
C LYS N 18 39.12 1.09 -18.10
N ILE N 19 38.91 0.62 -19.34
CA ILE N 19 37.67 0.86 -20.06
C ILE N 19 36.84 -0.40 -20.26
N GLY N 20 37.28 -1.55 -19.74
CA GLY N 20 36.57 -2.80 -19.93
C GLY N 20 35.64 -3.12 -18.78
N PHE N 21 34.36 -3.33 -19.09
CA PHE N 21 33.32 -3.58 -18.11
C PHE N 21 32.59 -4.86 -18.45
N THR N 22 31.65 -5.26 -17.59
CA THR N 22 30.86 -6.45 -17.86
C THR N 22 29.43 -6.15 -18.29
N GLU N 23 28.76 -5.19 -17.69
CA GLU N 23 27.44 -4.83 -18.15
C GLU N 23 27.08 -3.37 -17.92
N VAL N 24 26.23 -2.82 -18.79
CA VAL N 24 25.72 -1.46 -18.69
C VAL N 24 24.20 -1.53 -18.82
N SER N 25 23.48 -0.79 -17.98
CA SER N 25 22.03 -0.69 -18.12
C SER N 25 21.55 0.71 -17.73
N GLY N 26 20.33 1.03 -18.17
CA GLY N 26 19.67 2.25 -17.76
C GLY N 26 19.76 3.43 -18.70
N LEU N 27 19.91 3.19 -20.00
CA LEU N 27 20.04 4.27 -20.98
C LEU N 27 18.67 4.55 -21.61
N ASP N 28 17.86 5.37 -20.91
CA ASP N 28 16.48 5.59 -21.30
C ASP N 28 16.13 7.06 -21.36
N LEU N 29 15.06 7.37 -22.10
CA LEU N 29 14.47 8.70 -22.20
C LEU N 29 12.97 8.59 -21.97
N GLU N 30 12.41 9.54 -21.22
CA GLU N 30 11.00 9.47 -20.84
C GLU N 30 10.41 10.86 -20.64
N THR N 31 9.20 11.07 -21.14
CA THR N 31 8.47 12.32 -20.99
C THR N 31 7.13 12.05 -20.29
N GLU N 32 6.79 12.89 -19.32
CA GLU N 32 5.50 12.84 -18.66
C GLU N 32 4.40 13.39 -19.59
N ILE N 33 3.15 13.12 -19.22
CA ILE N 33 2.02 13.40 -20.09
C ILE N 33 1.04 14.35 -19.38
N ILE N 34 0.41 15.23 -20.16
CA ILE N 34 -0.61 16.16 -19.67
C ILE N 34 -1.89 15.89 -20.45
N GLU N 35 -3.02 15.77 -19.73
CA GLU N 35 -4.30 15.38 -20.31
C GLU N 35 -5.38 16.43 -20.05
N TYR N 36 -6.37 16.50 -20.94
CA TYR N 36 -7.37 17.56 -20.90
C TYR N 36 -8.66 17.10 -21.58
N ARG N 37 -9.80 17.50 -21.01
CA ARG N 37 -11.09 17.40 -21.69
C ARG N 37 -12.04 18.46 -21.15
N HIS N 38 -12.73 19.15 -22.04
CA HIS N 38 -13.83 20.03 -21.66
C HIS N 38 -15.15 19.31 -21.93
N GLY N 39 -16.22 19.81 -21.29
CA GLY N 39 -17.46 19.05 -21.18
C GLY N 39 -18.28 18.98 -22.45
N ALA N 40 -17.98 19.83 -23.43
CA ALA N 40 -18.79 19.91 -24.64
C ALA N 40 -18.27 19.05 -25.78
N SER N 41 -17.25 18.26 -25.55
CA SER N 41 -16.63 17.49 -26.64
C SER N 41 -17.47 16.28 -26.99
N PRO N 42 -17.67 15.97 -28.27
CA PRO N 42 -18.44 14.78 -28.65
C PRO N 42 -17.69 13.47 -28.45
N GLU N 43 -16.37 13.47 -28.33
CA GLU N 43 -15.61 12.31 -27.90
C GLU N 43 -15.55 12.29 -26.38
N TYR N 44 -15.66 11.10 -25.81
CA TYR N 44 -15.66 10.91 -24.36
C TYR N 44 -14.32 10.38 -23.85
N SER N 45 -13.22 10.83 -24.45
CA SER N 45 -11.88 10.51 -24.01
C SER N 45 -11.06 11.79 -24.00
N LYS N 46 -9.81 11.69 -23.59
CA LYS N 46 -8.96 12.86 -23.38
C LYS N 46 -7.96 13.06 -24.51
N ILE N 47 -7.46 14.30 -24.64
CA ILE N 47 -6.38 14.66 -25.54
C ILE N 47 -5.09 14.77 -24.75
N LYS N 48 -3.95 14.54 -25.42
CA LYS N 48 -2.68 14.33 -24.73
C LYS N 48 -1.57 15.22 -25.30
N MET N 49 -0.72 15.74 -24.41
CA MET N 49 0.41 16.62 -24.67
C MET N 49 1.66 16.15 -23.96
N PRO N 50 2.85 16.44 -24.48
CA PRO N 50 4.08 16.25 -23.70
C PRO N 50 4.30 17.36 -22.69
N GLY N 51 4.91 17.01 -21.56
CA GLY N 51 5.28 17.95 -20.52
C GLY N 51 6.75 17.90 -20.12
N MET N 52 7.04 17.62 -18.86
CA MET N 52 8.40 17.64 -18.33
C MET N 52 9.10 16.31 -18.56
N GLN N 53 10.42 16.34 -18.60
CA GLN N 53 11.24 15.22 -19.00
C GLN N 53 12.02 14.65 -17.82
N LYS N 54 12.43 13.39 -17.95
CA LYS N 54 13.07 12.64 -16.88
C LYS N 54 14.22 11.80 -17.44
N PHE N 55 15.20 11.55 -16.59
CA PHE N 55 16.32 10.66 -16.90
C PHE N 55 16.50 9.67 -15.77
N SER N 56 16.92 8.45 -16.11
CA SER N 56 17.10 7.41 -15.13
C SER N 56 18.58 7.15 -14.86
N ASN N 57 18.84 6.47 -13.74
CA ASN N 57 20.21 6.24 -13.32
C ASN N 57 20.86 5.12 -14.13
N ILE N 58 22.18 5.21 -14.27
CA ILE N 58 22.98 4.28 -15.07
C ILE N 58 23.79 3.41 -14.12
N THR N 59 23.79 2.10 -14.36
CA THR N 59 24.54 1.13 -13.56
C THR N 59 25.67 0.55 -14.39
N LEU N 60 26.86 0.47 -13.78
CA LEU N 60 28.06 -0.10 -14.40
C LEU N 60 28.64 -1.19 -13.51
N LYS N 61 29.08 -2.29 -14.11
CA LYS N 61 29.63 -3.43 -13.38
C LYS N 61 30.93 -3.89 -14.03
N ARG N 62 31.88 -4.33 -13.19
CA ARG N 62 33.16 -4.84 -13.63
C ARG N 62 33.73 -5.74 -12.55
N GLY N 63 34.90 -6.32 -12.82
CA GLY N 63 35.55 -7.19 -11.85
C GLY N 63 36.49 -6.44 -10.92
N THR N 64 36.83 -7.10 -9.81
CA THR N 64 37.71 -6.53 -8.78
C THR N 64 39.14 -6.98 -9.03
N PHE N 65 40.07 -6.03 -9.03
CA PHE N 65 41.47 -6.29 -9.31
C PHE N 65 42.33 -5.67 -8.22
N LYS N 66 43.55 -6.19 -8.10
CA LYS N 66 44.49 -5.67 -7.12
C LYS N 66 44.98 -4.29 -7.53
N SER N 67 45.10 -3.39 -6.54
CA SER N 67 45.58 -2.02 -6.66
C SER N 67 44.74 -1.15 -7.58
N ASP N 68 43.42 -1.34 -7.61
CA ASP N 68 42.50 -0.50 -8.36
C ASP N 68 41.34 -0.13 -7.44
N ASN N 69 41.40 1.08 -6.87
CA ASN N 69 40.37 1.58 -5.98
C ASN N 69 39.65 2.79 -6.57
N GLU N 70 39.46 2.79 -7.89
CA GLU N 70 38.85 3.90 -8.63
C GLU N 70 37.44 4.23 -8.26
N TYR N 71 36.65 3.21 -7.97
CA TYR N 71 35.26 3.45 -7.59
C TYR N 71 35.18 4.27 -6.30
N PHE N 72 36.01 3.92 -5.31
CA PHE N 72 35.98 4.58 -4.02
C PHE N 72 36.64 5.96 -4.10
N GLN N 73 37.57 6.16 -5.03
CA GLN N 73 38.24 7.45 -5.14
C GLN N 73 37.31 8.51 -5.72
N TRP N 74 36.44 8.12 -6.64
CA TRP N 74 35.44 9.06 -7.16
C TRP N 74 34.38 9.36 -6.11
N TYR N 75 33.94 8.35 -5.36
CA TYR N 75 32.93 8.56 -4.34
C TYR N 75 33.45 9.40 -3.16
N ASN N 76 34.77 9.40 -2.95
CA ASN N 76 35.35 10.15 -1.84
C ASN N 76 35.51 11.64 -2.13
N THR N 77 35.13 12.12 -3.31
CA THR N 77 35.21 13.56 -3.60
C THR N 77 33.94 14.32 -3.20
N ILE N 78 32.99 13.67 -2.53
CA ILE N 78 31.78 14.34 -2.06
C ILE N 78 32.11 15.15 -0.81
N ASN N 79 31.95 16.46 -0.88
CA ASN N 79 32.20 17.29 0.33
C ASN N 79 30.96 18.17 0.50
N LEU N 80 30.04 17.79 1.39
CA LEU N 80 28.76 18.54 1.56
C LEU N 80 28.03 18.55 0.20
N ASN N 81 27.80 19.71 -0.42
CA ASN N 81 27.08 19.73 -1.72
C ASN N 81 28.01 19.67 -2.94
N LYS N 82 29.33 19.48 -2.77
CA LYS N 82 30.30 19.48 -3.91
C LYS N 82 30.69 18.05 -4.35
N VAL N 83 30.96 17.85 -5.65
CA VAL N 83 31.41 16.58 -6.20
C VAL N 83 32.15 16.91 -7.50
N GLU N 84 32.95 15.98 -7.98
CA GLU N 84 33.59 16.08 -9.27
C GLU N 84 32.68 15.46 -10.32
N ARG N 85 32.14 16.30 -11.20
CA ARG N 85 31.24 15.86 -12.27
C ARG N 85 32.03 15.59 -13.54
N ARG N 86 31.70 14.50 -14.22
CA ARG N 86 32.46 14.04 -15.37
C ARG N 86 31.54 13.84 -16.57
N ASP N 87 32.15 13.83 -17.76
CA ASP N 87 31.48 13.43 -19.00
C ASP N 87 31.71 11.94 -19.22
N LEU N 88 30.71 11.27 -19.78
CA LEU N 88 30.69 9.83 -19.92
C LEU N 88 30.37 9.49 -21.37
N THR N 89 31.20 8.67 -22.01
CA THR N 89 31.02 8.28 -23.40
C THR N 89 31.05 6.77 -23.53
N ILE N 90 29.95 6.20 -24.01
CA ILE N 90 29.75 4.76 -24.11
C ILE N 90 29.52 4.41 -25.57
N SER N 91 30.33 3.50 -26.11
CA SER N 91 30.30 3.19 -27.55
C SER N 91 30.08 1.70 -27.78
N LEU N 92 29.36 1.37 -28.84
CA LEU N 92 29.24 0.02 -29.34
C LEU N 92 30.15 -0.15 -30.56
N LEU N 93 30.97 -1.20 -30.55
CA LEU N 93 32.07 -1.34 -31.50
C LEU N 93 31.79 -2.41 -32.55
N ASN N 94 32.41 -2.24 -33.72
CA ASN N 94 32.35 -3.25 -34.78
C ASN N 94 33.55 -4.19 -34.67
N GLU N 95 33.80 -4.97 -35.73
CA GLU N 95 34.85 -5.99 -35.68
C GLU N 95 36.25 -5.39 -35.75
N GLU N 96 36.41 -4.23 -36.37
CA GLU N 96 37.68 -3.53 -36.32
C GLU N 96 37.76 -2.47 -35.23
N HIS N 97 36.95 -2.63 -34.17
CA HIS N 97 36.99 -1.89 -32.92
C HIS N 97 36.78 -0.38 -33.07
N GLU N 98 35.88 0.04 -33.96
CA GLU N 98 35.52 1.43 -34.16
C GLU N 98 34.08 1.70 -33.74
N PRO N 99 33.77 2.92 -33.28
CA PRO N 99 32.43 3.18 -32.77
C PRO N 99 31.34 3.20 -33.84
N VAL N 100 30.16 2.71 -33.47
CA VAL N 100 28.98 2.67 -34.32
C VAL N 100 27.81 3.42 -33.71
N VAL N 101 27.48 3.11 -32.45
CA VAL N 101 26.43 3.81 -31.70
C VAL N 101 27.06 4.34 -30.42
N THR N 102 26.90 5.64 -30.18
CA THR N 102 27.50 6.31 -29.04
C THR N 102 26.43 6.98 -28.18
N TRP N 103 26.54 6.80 -26.87
CA TRP N 103 25.70 7.46 -25.89
C TRP N 103 26.54 8.49 -25.15
N LYS N 104 26.11 9.75 -25.17
CA LYS N 104 26.88 10.86 -24.62
C LYS N 104 26.15 11.43 -23.41
N VAL N 105 26.82 11.41 -22.26
CA VAL N 105 26.23 11.74 -20.96
C VAL N 105 26.96 12.94 -20.38
N LYS N 106 26.19 13.90 -19.84
CA LYS N 106 26.78 15.08 -19.23
C LYS N 106 26.46 15.15 -17.73
N ASN N 107 27.45 15.67 -16.97
CA ASN N 107 27.34 15.97 -15.52
C ASN N 107 27.04 14.73 -14.67
N ALA N 108 27.89 13.71 -14.75
CA ALA N 108 27.67 12.50 -13.99
C ALA N 108 28.45 12.50 -12.68
N TRP N 109 27.85 11.91 -11.64
CA TRP N 109 28.52 11.71 -10.35
C TRP N 109 27.92 10.47 -9.70
N PRO N 110 28.70 9.74 -8.89
CA PRO N 110 28.19 8.48 -8.32
C PRO N 110 27.39 8.70 -7.04
N LEU N 111 26.34 7.90 -6.86
CA LEU N 111 25.54 7.97 -5.64
C LEU N 111 25.51 6.69 -4.82
N LYS N 112 25.77 5.55 -5.46
CA LYS N 112 25.82 4.25 -4.74
C LYS N 112 27.02 3.41 -5.21
N VAL N 113 27.84 2.92 -4.26
CA VAL N 113 28.95 2.02 -4.57
C VAL N 113 28.72 0.73 -3.77
N GLN N 114 28.67 -0.40 -4.46
CA GLN N 114 28.39 -1.69 -3.85
C GLN N 114 29.54 -2.65 -4.09
N SER N 115 30.05 -3.25 -3.02
CA SER N 115 31.13 -4.22 -3.09
C SER N 115 30.57 -5.62 -3.30
N THR N 116 31.48 -6.57 -3.45
CA THR N 116 31.08 -7.95 -3.60
C THR N 116 30.63 -8.53 -2.26
N ASP N 117 29.85 -9.61 -2.34
CA ASP N 117 29.58 -10.41 -1.16
C ASP N 117 30.57 -11.56 -1.09
N LEU N 118 30.80 -12.06 0.12
CA LEU N 118 31.81 -13.09 0.37
C LEU N 118 31.10 -14.40 0.70
N LYS N 119 31.35 -15.43 -0.11
CA LYS N 119 30.77 -16.75 0.05
C LYS N 119 31.86 -17.81 0.01
N GLY N 120 31.71 -18.86 0.82
CA GLY N 120 32.77 -19.84 0.94
C GLY N 120 32.64 -21.02 -0.01
N ASP N 121 31.41 -21.40 -0.36
CA ASP N 121 31.20 -22.70 -0.98
C ASP N 121 31.38 -22.66 -2.50
N GLY N 122 31.03 -21.56 -3.13
CA GLY N 122 31.06 -21.52 -4.58
C GLY N 122 32.43 -21.21 -5.15
N ASN N 123 32.49 -21.24 -6.49
CA ASN N 123 33.62 -20.72 -7.25
C ASN N 123 33.11 -19.50 -8.01
N GLU N 124 33.37 -18.32 -7.45
CA GLU N 124 32.88 -17.10 -8.15
C GLU N 124 33.89 -15.97 -8.00
N VAL N 125 33.97 -15.13 -9.04
CA VAL N 125 34.81 -13.95 -9.01
C VAL N 125 34.05 -12.79 -8.37
N ALA N 126 34.79 -11.76 -7.97
CA ALA N 126 34.23 -10.61 -7.29
C ALA N 126 33.82 -9.56 -8.30
N ILE N 127 32.58 -9.07 -8.19
CA ILE N 127 32.04 -8.03 -9.07
C ILE N 127 31.69 -6.83 -8.21
N GLU N 128 32.08 -5.64 -8.66
CA GLU N 128 31.68 -4.40 -8.02
C GLU N 128 30.75 -3.62 -8.95
N SER N 129 29.87 -2.82 -8.35
CA SER N 129 28.84 -2.11 -9.10
C SER N 129 28.73 -0.66 -8.62
N MET N 130 28.34 0.21 -9.55
CA MET N 130 28.22 1.64 -9.29
C MET N 130 26.98 2.18 -9.99
N GLU N 131 26.30 3.12 -9.34
CA GLU N 131 25.10 3.77 -9.87
C GLU N 131 25.37 5.26 -10.02
N LEU N 132 25.00 5.83 -11.17
CA LEU N 132 25.32 7.21 -11.51
C LEU N 132 24.07 8.04 -11.74
N ALA N 133 24.09 9.27 -11.26
CA ALA N 133 23.09 10.28 -11.58
C ALA N 133 23.66 11.23 -12.61
N HIS N 134 22.80 11.76 -13.48
CA HIS N 134 23.25 12.63 -14.57
C HIS N 134 22.12 13.55 -15.01
N GLU N 135 22.43 14.43 -15.95
CA GLU N 135 21.53 15.52 -16.33
C GLU N 135 21.29 15.58 -17.85
N GLY N 136 21.44 14.48 -18.56
CA GLY N 136 21.10 14.48 -19.97
C GLY N 136 21.84 13.45 -20.81
N LEU N 137 21.23 13.08 -21.93
CA LEU N 137 21.73 12.00 -22.77
C LEU N 137 21.35 12.25 -24.23
N VAL N 138 22.33 12.10 -25.13
CA VAL N 138 22.15 12.30 -26.57
C VAL N 138 22.70 11.06 -27.29
N ILE N 139 21.92 10.52 -28.22
CA ILE N 139 22.29 9.30 -28.95
C ILE N 139 22.75 9.69 -30.36
N GLN N 140 23.91 9.18 -30.77
CA GLN N 140 24.48 9.46 -32.09
C GLN N 140 24.74 8.15 -32.82
N ASN N 141 24.08 7.96 -33.97
CA ASN N 141 24.24 6.76 -34.82
C ASN N 141 24.21 7.23 -36.28
N GLU N 142 25.39 7.50 -36.81
CA GLU N 142 25.52 7.95 -38.20
C GLU N 142 26.80 7.44 -38.83
N SER O 2 45.22 -8.28 -15.99
CA SER O 2 45.91 -9.01 -14.93
C SER O 2 45.17 -10.30 -14.61
N TYR O 3 44.90 -10.54 -13.32
CA TYR O 3 44.08 -11.72 -12.96
C TYR O 3 43.01 -11.28 -11.97
N PRO O 4 41.73 -11.58 -12.21
CA PRO O 4 40.64 -11.21 -11.31
C PRO O 4 40.72 -11.97 -9.99
N LEU O 5 40.12 -11.37 -8.97
CA LEU O 5 40.09 -11.94 -7.63
C LEU O 5 38.87 -12.82 -7.43
N SER O 6 39.02 -13.83 -6.59
CA SER O 6 37.91 -14.70 -6.19
C SER O 6 37.45 -14.32 -4.78
N LYS O 7 36.28 -14.82 -4.41
CA LYS O 7 35.61 -14.35 -3.20
C LYS O 7 35.31 -15.45 -2.18
N PHE O 8 36.08 -16.54 -2.18
CA PHE O 8 35.85 -17.61 -1.21
C PHE O 8 36.89 -17.69 -0.09
N HIS O 9 37.92 -16.87 -0.12
CA HIS O 9 38.97 -16.89 0.91
C HIS O 9 38.96 -15.51 1.62
N PHE O 10 38.63 -15.46 2.90
CA PHE O 10 38.44 -14.21 3.61
C PHE O 10 38.49 -14.46 5.11
N SER O 11 38.62 -13.37 5.88
CA SER O 11 38.68 -13.45 7.33
C SER O 11 38.01 -12.22 7.94
N VAL O 12 37.57 -12.36 9.18
CA VAL O 12 36.84 -11.30 9.90
C VAL O 12 37.41 -11.18 11.30
N GLU O 13 37.85 -9.97 11.67
CA GLU O 13 38.29 -9.68 13.03
C GLU O 13 37.19 -8.90 13.74
N TRP O 14 36.56 -9.53 14.72
CA TRP O 14 35.36 -8.99 15.37
C TRP O 14 35.44 -8.99 16.89
N GLY O 15 36.58 -9.36 17.47
CA GLY O 15 36.70 -9.43 18.91
C GLY O 15 36.35 -10.77 19.52
N GLY O 16 36.08 -11.79 18.72
CA GLY O 16 35.84 -13.12 19.21
C GLY O 16 37.07 -14.01 19.06
N THR O 17 36.85 -15.31 19.31
CA THR O 17 37.95 -16.27 19.23
C THR O 17 38.18 -16.75 17.80
N LYS O 18 37.13 -17.06 17.06
CA LYS O 18 37.25 -17.64 15.73
C LYS O 18 37.00 -16.60 14.65
N ILE O 19 37.76 -16.69 13.55
CA ILE O 19 37.67 -15.73 12.47
C ILE O 19 37.10 -16.33 11.18
N GLY O 20 36.70 -17.60 11.19
CA GLY O 20 36.18 -18.24 10.00
C GLY O 20 34.66 -18.22 9.93
N PHE O 21 34.14 -17.67 8.83
CA PHE O 21 32.71 -17.50 8.63
C PHE O 21 32.31 -18.14 7.31
N THR O 22 31.00 -18.12 7.02
CA THR O 22 30.51 -18.66 5.76
C THR O 22 30.10 -17.60 4.74
N GLU O 23 29.44 -16.53 5.17
CA GLU O 23 29.12 -15.47 4.25
C GLU O 23 29.04 -14.10 4.89
N VAL O 24 29.35 -13.06 4.12
CA VAL O 24 29.25 -11.67 4.54
C VAL O 24 28.48 -10.92 3.46
N SER O 25 27.56 -10.04 3.88
CA SER O 25 26.85 -9.19 2.93
C SER O 25 26.56 -7.83 3.55
N GLY O 26 26.28 -6.86 2.69
CA GLY O 26 25.82 -5.56 3.13
C GLY O 26 26.86 -4.47 3.22
N LEU O 27 27.93 -4.53 2.44
CA LEU O 27 29.01 -3.53 2.48
C LEU O 27 28.77 -2.49 1.39
N ASP O 28 27.93 -1.50 1.70
CA ASP O 28 27.48 -0.53 0.70
C ASP O 28 27.65 0.91 1.19
N LEU O 29 27.67 1.83 0.24
CA LEU O 29 27.70 3.28 0.48
C LEU O 29 26.62 3.93 -0.39
N GLU O 30 25.91 4.90 0.17
CA GLU O 30 24.79 5.51 -0.54
C GLU O 30 24.58 6.95 -0.08
N THR O 31 24.32 7.84 -1.05
CA THR O 31 24.04 9.25 -0.79
C THR O 31 22.67 9.61 -1.35
N GLU O 32 21.88 10.34 -0.58
CA GLU O 32 20.61 10.86 -1.03
C GLU O 32 20.82 12.04 -2.00
N ILE O 33 19.76 12.41 -2.71
CA ILE O 33 19.86 13.36 -3.80
C ILE O 33 18.93 14.55 -3.52
N ILE O 34 19.37 15.74 -3.93
CA ILE O 34 18.60 16.98 -3.82
C ILE O 34 18.41 17.55 -5.23
N GLU O 35 17.18 17.92 -5.57
CA GLU O 35 16.83 18.36 -6.92
C GLU O 35 16.22 19.76 -6.93
N TYR O 36 16.38 20.47 -8.04
CA TYR O 36 15.98 21.88 -8.11
C TYR O 36 15.69 22.28 -9.56
N ARG O 37 14.66 23.12 -9.75
CA ARG O 37 14.43 23.81 -11.01
C ARG O 37 13.68 25.11 -10.76
N HIS O 38 14.14 26.19 -11.37
CA HIS O 38 13.39 27.44 -11.41
C HIS O 38 12.70 27.57 -12.76
N GLY O 39 11.69 28.44 -12.81
CA GLY O 39 10.74 28.42 -13.91
C GLY O 39 11.25 29.00 -15.21
N ALA O 40 12.37 29.72 -15.18
CA ALA O 40 12.89 30.39 -16.36
C ALA O 40 13.92 29.58 -17.13
N SER O 41 14.16 28.34 -16.76
CA SER O 41 15.21 27.55 -17.38
C SER O 41 14.75 27.02 -18.73
N PRO O 42 15.61 27.07 -19.77
CA PRO O 42 15.20 26.53 -21.08
C PRO O 42 15.21 25.01 -21.15
N GLU O 43 15.89 24.31 -20.24
CA GLU O 43 15.74 22.88 -20.09
C GLU O 43 14.55 22.57 -19.17
N TYR O 44 13.79 21.54 -19.50
CA TYR O 44 12.61 21.16 -18.74
C TYR O 44 12.86 19.94 -17.87
N SER O 45 14.05 19.85 -17.30
CA SER O 45 14.41 18.80 -16.35
C SER O 45 15.13 19.46 -15.18
N LYS O 46 15.51 18.65 -14.19
CA LYS O 46 16.07 19.15 -12.95
C LYS O 46 17.58 18.98 -12.88
N ILE O 47 18.21 19.78 -12.01
CA ILE O 47 19.63 19.65 -11.69
C ILE O 47 19.77 18.95 -10.35
N LYS O 48 20.90 18.28 -10.12
CA LYS O 48 21.05 17.32 -9.03
C LYS O 48 22.31 17.58 -8.22
N MET O 49 22.20 17.44 -6.89
CA MET O 49 23.24 17.63 -5.88
C MET O 49 23.29 16.47 -4.90
N PRO O 50 24.45 16.17 -4.32
CA PRO O 50 24.49 15.25 -3.18
C PRO O 50 24.04 15.92 -1.88
N GLY O 51 23.42 15.11 -1.02
CA GLY O 51 23.01 15.55 0.31
C GLY O 51 23.53 14.70 1.45
N MET O 52 22.62 14.10 2.23
CA MET O 52 22.99 13.33 3.41
C MET O 52 23.30 11.87 3.04
N GLN O 53 24.09 11.22 3.89
CA GLN O 53 24.65 9.90 3.59
C GLN O 53 24.04 8.84 4.51
N LYS O 54 24.13 7.59 4.05
CA LYS O 54 23.49 6.46 4.70
C LYS O 54 24.41 5.26 4.67
N PHE O 55 24.26 4.39 5.67
CA PHE O 55 24.96 3.12 5.75
C PHE O 55 23.96 2.01 6.03
N SER O 56 24.22 0.83 5.49
CA SER O 56 23.33 -0.31 5.64
C SER O 56 23.91 -1.33 6.61
N ASN O 57 23.04 -2.21 7.09
CA ASN O 57 23.43 -3.19 8.09
C ASN O 57 24.22 -4.34 7.45
N ILE O 58 25.10 -4.92 8.25
CA ILE O 58 25.99 -5.99 7.83
C ILE O 58 25.54 -7.30 8.45
N THR O 59 25.45 -8.35 7.65
CA THR O 59 25.05 -9.68 8.11
C THR O 59 26.23 -10.64 8.05
N LEU O 60 26.43 -11.42 9.12
CA LEU O 60 27.48 -12.42 9.22
C LEU O 60 26.88 -13.78 9.56
N LYS O 61 27.38 -14.84 8.93
CA LYS O 61 26.89 -16.19 9.15
C LYS O 61 28.04 -17.17 9.35
N ARG O 62 27.83 -18.14 10.22
CA ARG O 62 28.81 -19.17 10.51
C ARG O 62 28.09 -20.40 11.06
N GLY O 63 28.86 -21.45 11.35
CA GLY O 63 28.28 -22.67 11.90
C GLY O 63 28.25 -22.69 13.41
N THR O 64 27.42 -23.59 13.95
CA THR O 64 27.22 -23.74 15.38
C THR O 64 28.14 -24.82 15.92
N PHE O 65 28.88 -24.50 16.99
CA PHE O 65 29.85 -25.40 17.58
C PHE O 65 29.60 -25.51 19.08
N LYS O 66 30.10 -26.60 19.66
CA LYS O 66 29.96 -26.80 21.10
C LYS O 66 30.86 -25.84 21.86
N SER O 67 30.32 -25.31 22.97
CA SER O 67 30.98 -24.38 23.90
C SER O 67 31.41 -23.07 23.26
N ASP O 68 30.64 -22.54 22.31
CA ASP O 68 30.88 -21.23 21.71
C ASP O 68 29.56 -20.47 21.70
N ASN O 69 29.39 -19.58 22.68
CA ASN O 69 28.20 -18.76 22.82
C ASN O 69 28.51 -17.27 22.62
N GLU O 70 29.43 -16.97 21.72
CA GLU O 70 29.91 -15.60 21.46
C GLU O 70 28.88 -14.65 20.95
N TYR O 71 27.98 -15.13 20.12
CA TYR O 71 26.93 -14.27 19.58
C TYR O 71 26.04 -13.75 20.70
N PHE O 72 25.65 -14.63 21.62
CA PHE O 72 24.75 -14.26 22.70
C PHE O 72 25.47 -13.44 23.77
N GLN O 73 26.78 -13.61 23.91
CA GLN O 73 27.53 -12.86 24.92
C GLN O 73 27.67 -11.39 24.53
N TRP O 74 27.82 -11.11 23.24
CA TRP O 74 27.86 -9.74 22.77
C TRP O 74 26.48 -9.08 22.86
N TYR O 75 25.42 -9.83 22.53
CA TYR O 75 24.07 -9.28 22.59
C TYR O 75 23.61 -9.04 24.02
N ASN O 76 24.20 -9.75 24.99
CA ASN O 76 23.80 -9.61 26.39
C ASN O 76 24.44 -8.40 27.08
N THR O 77 25.25 -7.60 26.38
CA THR O 77 25.82 -6.39 26.98
C THR O 77 24.94 -5.17 26.80
N ILE O 78 23.73 -5.32 26.27
CA ILE O 78 22.80 -4.20 26.11
C ILE O 78 22.17 -3.89 27.46
N ASN O 79 22.39 -2.69 27.99
CA ASN O 79 21.75 -2.33 29.27
C ASN O 79 21.09 -0.97 29.03
N LEU O 80 19.78 -0.94 28.79
CA LEU O 80 19.06 0.33 28.44
C LEU O 80 19.73 0.94 27.19
N ASN O 81 20.32 2.12 27.26
CA ASN O 81 20.95 2.73 26.05
C ASN O 81 22.44 2.38 25.90
N LYS O 82 23.02 1.50 26.74
CA LYS O 82 24.47 1.17 26.68
C LYS O 82 24.77 -0.15 25.95
N VAL O 83 25.90 -0.25 25.25
CA VAL O 83 26.34 -1.47 24.58
C VAL O 83 27.85 -1.37 24.43
N GLU O 84 28.50 -2.51 24.19
CA GLU O 84 29.92 -2.55 23.89
C GLU O 84 30.10 -2.42 22.38
N ARG O 85 30.67 -1.30 21.94
CA ARG O 85 30.90 -1.03 20.54
C ARG O 85 32.31 -1.47 20.15
N ARG O 86 32.43 -2.11 18.99
CA ARG O 86 33.69 -2.70 18.56
C ARG O 86 34.07 -2.21 17.17
N ASP O 87 35.36 -2.34 16.86
CA ASP O 87 35.87 -2.13 15.51
C ASP O 87 35.87 -3.47 14.77
N LEU O 88 35.61 -3.42 13.47
CA LEU O 88 35.41 -4.60 12.64
C LEU O 88 36.31 -4.48 11.42
N THR O 89 37.12 -5.51 11.16
CA THR O 89 38.04 -5.51 10.03
C THR O 89 37.84 -6.78 9.21
N ILE O 90 37.48 -6.60 7.94
CA ILE O 90 37.15 -7.70 7.03
C ILE O 90 38.11 -7.63 5.85
N SER O 91 38.82 -8.74 5.58
CA SER O 91 39.87 -8.75 4.57
C SER O 91 39.62 -9.85 3.55
N LEU O 92 39.99 -9.58 2.30
CA LEU O 92 40.03 -10.58 1.24
C LEU O 92 41.48 -11.01 1.03
N LEU O 93 41.73 -12.32 1.01
CA LEU O 93 43.09 -12.84 1.09
C LEU O 93 43.54 -13.43 -0.25
N ASN O 94 44.85 -13.43 -0.47
CA ASN O 94 45.45 -14.07 -1.63
C ASN O 94 45.86 -15.51 -1.28
N GLU O 95 46.69 -16.12 -2.14
CA GLU O 95 47.03 -17.54 -1.96
C GLU O 95 48.01 -17.75 -0.81
N GLU O 96 48.83 -16.77 -0.49
CA GLU O 96 49.68 -16.85 0.70
C GLU O 96 49.06 -16.18 1.92
N HIS O 97 47.74 -16.04 1.95
CA HIS O 97 46.92 -15.65 3.09
C HIS O 97 47.22 -14.24 3.62
N GLU O 98 47.50 -13.29 2.74
CA GLU O 98 47.75 -11.90 3.10
C GLU O 98 46.64 -11.00 2.58
N PRO O 99 46.35 -9.88 3.25
CA PRO O 99 45.22 -9.03 2.84
C PRO O 99 45.46 -8.30 1.53
N VAL O 100 44.38 -8.15 0.75
CA VAL O 100 44.38 -7.43 -0.52
C VAL O 100 43.38 -6.29 -0.51
N VAL O 101 42.13 -6.57 -0.15
CA VAL O 101 41.07 -5.56 -0.01
C VAL O 101 40.54 -5.64 1.41
N THR O 102 40.51 -4.51 2.10
CA THR O 102 40.09 -4.45 3.50
C THR O 102 38.94 -3.46 3.66
N TRP O 103 37.92 -3.88 4.41
CA TRP O 103 36.79 -3.04 4.79
C TRP O 103 36.91 -2.73 6.27
N LYS O 104 36.94 -1.44 6.62
CA LYS O 104 37.17 -1.00 7.99
C LYS O 104 35.91 -0.32 8.53
N VAL O 105 35.38 -0.88 9.62
CA VAL O 105 34.08 -0.51 10.17
C VAL O 105 34.27 0.03 11.58
N LYS O 106 33.62 1.15 11.90
CA LYS O 106 33.71 1.74 13.23
C LYS O 106 32.36 1.73 13.94
N ASN O 107 32.42 1.53 15.26
CA ASN O 107 31.28 1.60 16.20
C ASN O 107 30.17 0.59 15.89
N ALA O 108 30.52 -0.69 15.86
CA ALA O 108 29.53 -1.73 15.57
C ALA O 108 28.93 -2.32 16.83
N TRP O 109 27.65 -2.67 16.78
CA TRP O 109 26.96 -3.39 17.84
C TRP O 109 25.85 -4.22 17.22
N PRO O 110 25.51 -5.38 17.82
CA PRO O 110 24.50 -6.25 17.21
C PRO O 110 23.06 -5.87 17.57
N LEU O 111 22.15 -6.01 16.60
CA LEU O 111 20.75 -5.73 16.86
C LEU O 111 19.82 -6.92 16.67
N LYS O 112 20.25 -7.90 15.87
CA LYS O 112 19.43 -9.13 15.68
C LYS O 112 20.32 -10.39 15.75
N VAL O 113 19.94 -11.38 16.57
CA VAL O 113 20.63 -12.66 16.64
C VAL O 113 19.60 -13.74 16.32
N GLN O 114 19.89 -14.56 15.31
CA GLN O 114 18.97 -15.60 14.85
C GLN O 114 19.62 -16.96 14.94
N SER O 115 18.94 -17.89 15.60
CA SER O 115 19.42 -19.26 15.75
C SER O 115 18.97 -20.11 14.56
N THR O 116 19.42 -21.37 14.57
CA THR O 116 19.02 -22.29 13.53
C THR O 116 17.58 -22.75 13.74
N ASP O 117 16.97 -23.24 12.67
CA ASP O 117 15.72 -23.96 12.79
C ASP O 117 15.99 -25.45 12.87
N LEU O 118 15.06 -26.18 13.47
CA LEU O 118 15.23 -27.61 13.74
C LEU O 118 14.29 -28.39 12.82
N LYS O 119 14.86 -29.26 11.99
CA LYS O 119 14.12 -30.09 11.05
C LYS O 119 14.56 -31.53 11.18
N GLY O 120 13.62 -32.46 11.03
CA GLY O 120 13.92 -33.86 11.28
C GLY O 120 14.36 -34.63 10.05
N ASP O 121 13.86 -34.24 8.88
CA ASP O 121 13.97 -35.13 7.72
C ASP O 121 15.28 -34.96 6.96
N GLY O 122 15.81 -33.75 6.92
CA GLY O 122 16.99 -33.50 6.10
C GLY O 122 18.29 -33.86 6.80
N ASN O 123 19.37 -33.72 6.03
CA ASN O 123 20.73 -33.75 6.56
C ASN O 123 21.30 -32.34 6.41
N GLU O 124 21.25 -31.57 7.50
CA GLU O 124 21.77 -30.19 7.39
C GLU O 124 22.48 -29.78 8.69
N VAL O 125 23.51 -28.95 8.55
CA VAL O 125 24.22 -28.40 9.69
C VAL O 125 23.51 -27.14 10.16
N ALA O 126 23.82 -26.72 11.39
CA ALA O 126 23.20 -25.57 12.02
C ALA O 126 23.99 -24.31 11.69
N ILE O 127 23.30 -23.28 11.21
CA ILE O 127 23.90 -22.00 10.88
C ILE O 127 23.26 -20.94 11.77
N GLU O 128 24.09 -20.07 12.35
CA GLU O 128 23.61 -18.91 13.11
C GLU O 128 23.96 -17.63 12.36
N SER O 129 23.16 -16.60 12.56
CA SER O 129 23.30 -15.36 11.82
C SER O 129 23.16 -14.16 12.76
N MET O 130 23.85 -13.07 12.42
CA MET O 130 23.89 -11.85 13.21
C MET O 130 23.83 -10.64 12.28
N GLU O 131 23.12 -9.60 12.71
CA GLU O 131 22.99 -8.36 11.97
C GLU O 131 23.57 -7.22 12.80
N LEU O 132 24.39 -6.37 12.18
CA LEU O 132 25.13 -5.32 12.87
C LEU O 132 24.77 -3.94 12.35
N ALA O 133 24.64 -2.99 13.28
CA ALA O 133 24.53 -1.57 12.97
C ALA O 133 25.88 -0.91 13.21
N HIS O 134 26.19 0.12 12.41
CA HIS O 134 27.49 0.78 12.49
C HIS O 134 27.37 2.22 11.99
N GLU O 135 28.48 2.95 12.07
CA GLU O 135 28.50 4.39 11.82
C GLU O 135 29.58 4.80 10.81
N GLY O 136 29.99 3.91 9.94
CA GLY O 136 30.92 4.32 8.89
C GLY O 136 31.80 3.20 8.36
N LEU O 137 32.26 3.38 7.12
CA LEU O 137 32.98 2.35 6.39
C LEU O 137 33.98 2.98 5.43
N VAL O 138 35.22 2.49 5.43
CA VAL O 138 36.31 2.98 4.57
C VAL O 138 36.94 1.77 3.87
N ILE O 139 37.11 1.86 2.55
CA ILE O 139 37.66 0.78 1.75
C ILE O 139 39.11 1.08 1.40
N GLN O 140 40.00 0.11 1.65
CA GLN O 140 41.43 0.25 1.38
C GLN O 140 41.88 -0.87 0.45
N ASN O 141 42.38 -0.50 -0.74
CA ASN O 141 42.90 -1.45 -1.74
C ASN O 141 44.14 -0.82 -2.38
N GLU O 142 45.30 -1.11 -1.82
CA GLU O 142 46.56 -0.58 -2.32
C GLU O 142 47.69 -1.59 -2.14
N SER P 2 36.87 -28.00 15.04
CA SER P 2 36.27 -29.13 15.74
C SER P 2 35.33 -29.88 14.80
N TYR P 3 34.12 -30.14 15.26
CA TYR P 3 33.11 -30.77 14.36
C TYR P 3 31.80 -29.99 14.50
N PRO P 4 31.20 -29.54 13.38
CA PRO P 4 29.94 -28.80 13.42
C PRO P 4 28.78 -29.69 13.87
N LEU P 5 27.74 -29.03 14.38
CA LEU P 5 26.56 -29.72 14.87
C LEU P 5 25.51 -29.84 13.77
N SER P 6 24.72 -30.91 13.84
CA SER P 6 23.60 -31.11 12.95
C SER P 6 22.30 -30.78 13.67
N LYS P 7 21.22 -30.65 12.91
CA LYS P 7 19.98 -30.09 13.42
C LYS P 7 18.77 -31.03 13.28
N PHE P 8 18.98 -32.34 13.22
CA PHE P 8 17.85 -33.26 13.10
C PHE P 8 17.55 -34.05 14.37
N HIS P 9 18.34 -33.91 15.44
CA HIS P 9 18.11 -34.63 16.69
C HIS P 9 17.83 -33.57 17.79
N PHE P 10 16.64 -33.57 18.36
CA PHE P 10 16.23 -32.52 19.30
C PHE P 10 15.01 -33.00 20.09
N SER P 11 14.70 -32.28 21.17
CA SER P 11 13.57 -32.59 22.02
C SER P 11 12.96 -31.31 22.57
N VAL P 12 11.68 -31.40 22.96
CA VAL P 12 10.92 -30.25 23.44
C VAL P 12 10.17 -30.67 24.69
N GLU P 13 10.37 -29.94 25.79
CA GLU P 13 9.60 -30.14 27.02
C GLU P 13 8.57 -29.02 27.14
N TRP P 14 7.29 -29.38 26.99
CA TRP P 14 6.21 -28.41 26.89
C TRP P 14 5.05 -28.69 27.84
N GLY P 15 5.17 -29.68 28.71
CA GLY P 15 4.08 -30.03 29.60
C GLY P 15 3.11 -31.06 29.07
N GLY P 16 3.39 -31.66 27.90
CA GLY P 16 2.58 -32.74 27.37
C GLY P 16 3.22 -34.09 27.61
N THR P 17 2.64 -35.10 26.97
CA THR P 17 3.13 -36.46 27.13
C THR P 17 4.30 -36.77 26.20
N LYS P 18 4.22 -36.36 24.94
CA LYS P 18 5.22 -36.71 23.94
C LYS P 18 6.15 -35.53 23.67
N ILE P 19 7.44 -35.82 23.46
CA ILE P 19 8.45 -34.80 23.25
C ILE P 19 9.01 -34.80 21.84
N GLY P 20 8.51 -35.67 20.95
CA GLY P 20 9.02 -35.75 19.59
C GLY P 20 8.22 -34.92 18.60
N PHE P 21 8.91 -34.03 17.90
CA PHE P 21 8.28 -33.10 16.96
C PHE P 21 8.96 -33.21 15.60
N THR P 22 8.44 -32.47 14.62
CA THR P 22 9.06 -32.47 13.29
C THR P 22 9.84 -31.20 12.98
N GLU P 23 9.35 -30.04 13.35
CA GLU P 23 10.12 -28.84 13.14
C GLU P 23 9.85 -27.74 14.15
N VAL P 24 10.86 -26.91 14.42
CA VAL P 24 10.75 -25.76 15.31
C VAL P 24 11.31 -24.55 14.56
N SER P 25 10.64 -23.41 14.67
CA SER P 25 11.16 -22.17 14.09
C SER P 25 10.78 -20.98 14.96
N GLY P 26 11.51 -19.88 14.75
CA GLY P 26 11.17 -18.61 15.38
C GLY P 26 11.91 -18.25 16.64
N LEU P 27 13.13 -18.75 16.83
CA LEU P 27 13.92 -18.48 18.04
C LEU P 27 14.87 -17.31 17.77
N ASP P 28 14.34 -16.09 17.93
CA ASP P 28 15.08 -14.89 17.55
C ASP P 28 15.07 -13.84 18.66
N LEU P 29 16.05 -12.94 18.58
CA LEU P 29 16.16 -11.77 19.46
C LEU P 29 16.37 -10.54 18.60
N GLU P 30 15.72 -9.43 18.96
CA GLU P 30 15.77 -8.22 18.15
C GLU P 30 15.59 -6.98 19.01
N THR P 31 16.38 -5.94 18.73
CA THR P 31 16.30 -4.66 19.40
C THR P 31 16.05 -3.56 18.39
N GLU P 32 15.12 -2.66 18.72
CA GLU P 32 14.87 -1.47 17.90
C GLU P 32 16.00 -0.45 18.06
N ILE P 33 16.03 0.52 17.16
CA ILE P 33 17.15 1.46 17.07
C ILE P 33 16.64 2.89 17.24
N ILE P 34 17.47 3.73 17.88
CA ILE P 34 17.19 5.15 18.08
C ILE P 34 18.32 5.94 17.42
N GLU P 35 17.97 6.95 16.62
CA GLU P 35 18.93 7.71 15.83
C GLU P 35 18.86 9.21 16.14
N TYR P 36 19.98 9.90 15.95
CA TYR P 36 20.11 11.29 16.36
C TYR P 36 21.18 12.01 15.53
N ARG P 37 20.92 13.27 15.19
CA ARG P 37 21.93 14.17 14.66
C ARG P 37 21.57 15.62 14.98
N HIS P 38 22.53 16.38 15.45
CA HIS P 38 22.39 17.83 15.58
C HIS P 38 23.10 18.51 14.42
N GLY P 39 22.74 19.78 14.19
CA GLY P 39 23.06 20.43 12.93
C GLY P 39 24.51 20.85 12.78
N ALA P 40 25.27 20.86 13.87
CA ALA P 40 26.64 21.35 13.84
C ALA P 40 27.67 20.25 13.63
N SER P 41 27.25 19.02 13.38
CA SER P 41 28.19 17.91 13.29
C SER P 41 28.89 17.92 11.93
N PRO P 42 30.21 17.69 11.89
CA PRO P 42 30.91 17.64 10.60
C PRO P 42 30.65 16.39 9.78
N GLU P 43 30.18 15.30 10.39
CA GLU P 43 29.67 14.15 9.66
C GLU P 43 28.21 14.38 9.30
N TYR P 44 27.82 13.95 8.10
CA TYR P 44 26.46 14.13 7.62
C TYR P 44 25.66 12.83 7.67
N SER P 45 25.87 12.04 8.71
CA SER P 45 25.11 10.83 8.97
C SER P 45 24.72 10.82 10.44
N LYS P 46 23.99 9.79 10.86
CA LYS P 46 23.43 9.73 12.20
C LYS P 46 24.21 8.78 13.11
N ILE P 47 24.05 8.98 14.42
CA ILE P 47 24.57 8.09 15.46
C ILE P 47 23.44 7.22 15.97
N LYS P 48 23.78 6.02 16.48
CA LYS P 48 22.79 4.98 16.74
C LYS P 48 22.93 4.41 18.15
N MET P 49 21.79 4.13 18.78
CA MET P 49 21.63 3.60 20.13
C MET P 49 20.64 2.44 20.15
N PRO P 50 20.78 1.50 21.08
CA PRO P 50 19.70 0.53 21.32
C PRO P 50 18.55 1.11 22.13
N GLY P 51 17.34 0.63 21.84
CA GLY P 51 16.15 1.00 22.57
C GLY P 51 15.36 -0.18 23.14
N MET P 52 14.11 -0.33 22.73
CA MET P 52 13.22 -1.35 23.26
C MET P 52 13.39 -2.67 22.52
N GLN P 53 13.04 -3.77 23.19
CA GLN P 53 13.31 -5.11 22.70
C GLN P 53 12.03 -5.84 22.32
N LYS P 54 12.19 -6.85 21.48
CA LYS P 54 11.06 -7.57 20.88
C LYS P 54 11.37 -9.06 20.85
N PHE P 55 10.30 -9.86 20.90
CA PHE P 55 10.39 -11.31 20.74
C PHE P 55 9.36 -11.76 19.72
N SER P 56 9.69 -12.80 18.97
CA SER P 56 8.82 -13.31 17.93
C SER P 56 8.18 -14.62 18.35
N ASN P 57 7.12 -14.99 17.63
CA ASN P 57 6.35 -16.17 17.98
C ASN P 57 7.06 -17.44 17.53
N ILE P 58 6.82 -18.52 18.26
CA ILE P 58 7.45 -19.82 18.04
C ILE P 58 6.41 -20.77 17.46
N THR P 59 6.78 -21.49 16.40
CA THR P 59 5.92 -22.47 15.75
C THR P 59 6.45 -23.88 15.97
N LEU P 60 5.55 -24.80 16.33
CA LEU P 60 5.86 -26.20 16.56
C LEU P 60 4.96 -27.08 15.69
N LYS P 61 5.54 -28.14 15.11
CA LYS P 61 4.81 -29.04 14.24
C LYS P 61 5.10 -30.49 14.60
N ARG P 62 4.09 -31.35 14.48
CA ARG P 62 4.20 -32.77 14.76
C ARG P 62 3.11 -33.50 14.01
N GLY P 63 3.10 -34.84 14.13
CA GLY P 63 2.09 -35.64 13.48
C GLY P 63 0.86 -35.88 14.33
N THR P 64 -0.22 -36.29 13.67
CA THR P 64 -1.51 -36.53 14.32
C THR P 64 -1.63 -38.01 14.68
N PHE P 65 -1.99 -38.28 15.93
CA PHE P 65 -2.09 -39.65 16.44
C PHE P 65 -3.44 -39.85 17.11
N LYS P 66 -3.85 -41.10 17.22
CA LYS P 66 -5.10 -41.44 17.87
C LYS P 66 -5.00 -41.22 19.37
N SER P 67 -6.08 -40.67 19.96
CA SER P 67 -6.24 -40.38 21.38
C SER P 67 -5.22 -39.40 21.94
N ASP P 68 -4.80 -38.41 21.16
CA ASP P 68 -3.91 -37.34 21.62
C ASP P 68 -4.51 -36.01 21.17
N ASN P 69 -5.19 -35.33 22.08
CA ASN P 69 -5.82 -34.04 21.82
C ASN P 69 -5.18 -32.93 22.65
N GLU P 70 -3.88 -33.01 22.86
CA GLU P 70 -3.11 -32.08 23.70
C GLU P 70 -3.10 -30.66 23.23
N TYR P 71 -3.05 -30.46 21.92
CA TYR P 71 -3.05 -29.10 21.38
C TYR P 71 -4.34 -28.38 21.73
N PHE P 72 -5.48 -29.06 21.59
CA PHE P 72 -6.77 -28.45 21.84
C PHE P 72 -7.04 -28.31 23.33
N GLN P 73 -6.42 -29.16 24.16
CA GLN P 73 -6.65 -29.07 25.60
C GLN P 73 -5.96 -27.86 26.20
N TRP P 74 -4.78 -27.50 25.68
CA TRP P 74 -4.11 -26.28 26.12
C TRP P 74 -4.84 -25.04 25.64
N TYR P 75 -5.33 -25.06 24.39
CA TYR P 75 -6.05 -23.91 23.84
C TYR P 75 -7.39 -23.70 24.52
N ASN P 76 -7.98 -24.75 25.10
CA ASN P 76 -9.28 -24.64 25.75
C ASN P 76 -9.21 -24.07 27.17
N THR P 77 -8.02 -23.72 27.68
CA THR P 77 -7.92 -23.09 28.99
C THR P 77 -8.03 -21.57 28.94
N ILE P 78 -8.33 -20.98 27.79
CA ILE P 78 -8.52 -19.54 27.68
C ILE P 78 -9.89 -19.17 28.22
N ASN P 79 -9.92 -18.36 29.28
CA ASN P 79 -11.23 -17.91 29.81
C ASN P 79 -11.14 -16.39 29.94
N LEU P 80 -11.69 -15.65 28.98
CA LEU P 80 -11.57 -14.16 28.96
C LEU P 80 -10.06 -13.80 28.95
N ASN P 81 -9.54 -13.13 29.97
CA ASN P 81 -8.10 -12.76 29.96
C ASN P 81 -7.19 -13.80 30.63
N LYS P 82 -7.70 -14.97 31.05
CA LYS P 82 -6.90 -15.99 31.77
C LYS P 82 -6.42 -17.14 30.86
N VAL P 83 -5.23 -17.71 31.12
CA VAL P 83 -4.70 -18.85 30.39
C VAL P 83 -3.70 -19.53 31.31
N GLU P 84 -3.38 -20.77 31.01
CA GLU P 84 -2.34 -21.51 31.71
C GLU P 84 -1.01 -21.26 31.00
N ARG P 85 -0.11 -20.54 31.67
CA ARG P 85 1.20 -20.22 31.12
C ARG P 85 2.22 -21.26 31.56
N ARG P 86 3.08 -21.67 30.63
CA ARG P 86 4.02 -22.76 30.88
C ARG P 86 5.45 -22.33 30.55
N ASP P 87 6.41 -23.05 31.12
CA ASP P 87 7.81 -22.94 30.74
C ASP P 87 8.12 -23.94 29.65
N LEU P 88 9.01 -23.55 28.74
CA LEU P 88 9.31 -24.32 27.54
C LEU P 88 10.82 -24.49 27.44
N THR P 89 11.28 -25.72 27.28
CA THR P 89 12.70 -26.03 27.20
C THR P 89 12.99 -26.87 25.96
N ILE P 90 13.81 -26.34 25.06
CA ILE P 90 14.12 -26.94 23.77
C ILE P 90 15.62 -27.20 23.72
N SER P 91 16.01 -28.44 23.45
CA SER P 91 17.41 -28.85 23.51
C SER P 91 17.85 -29.48 22.20
N LEU P 92 19.11 -29.24 21.82
CA LEU P 92 19.76 -29.94 20.73
C LEU P 92 20.67 -31.02 21.31
N LEU P 93 20.56 -32.24 20.80
CA LEU P 93 21.18 -33.41 21.44
C LEU P 93 22.37 -33.93 20.64
N ASN P 94 23.30 -34.57 21.34
CA ASN P 94 24.42 -35.25 20.71
C ASN P 94 24.09 -36.71 20.44
N GLU P 95 25.11 -37.52 20.17
CA GLU P 95 24.88 -38.91 19.78
C GLU P 95 24.49 -39.79 20.96
N GLU P 96 24.90 -39.44 22.17
CA GLU P 96 24.44 -40.14 23.36
C GLU P 96 23.24 -39.44 24.03
N HIS P 97 22.49 -38.65 23.27
CA HIS P 97 21.19 -38.07 23.63
C HIS P 97 21.24 -37.14 24.83
N GLU P 98 22.30 -36.34 24.97
CA GLU P 98 22.44 -35.37 26.05
C GLU P 98 22.41 -33.94 25.49
N PRO P 99 21.93 -32.96 26.27
CA PRO P 99 21.79 -31.60 25.73
C PRO P 99 23.12 -30.90 25.48
N VAL P 100 23.14 -30.08 24.42
CA VAL P 100 24.30 -29.29 24.04
C VAL P 100 23.96 -27.81 23.98
N VAL P 101 22.89 -27.44 23.26
CA VAL P 101 22.39 -26.08 23.18
C VAL P 101 20.94 -26.09 23.63
N THR P 102 20.61 -25.23 24.60
CA THR P 102 19.28 -25.18 25.18
C THR P 102 18.70 -23.78 25.05
N TRP P 103 17.43 -23.72 24.64
CA TRP P 103 16.65 -22.48 24.57
C TRP P 103 15.61 -22.52 25.67
N LYS P 104 15.61 -21.51 26.54
CA LYS P 104 14.76 -21.48 27.71
C LYS P 104 13.74 -20.35 27.58
N VAL P 105 12.45 -20.69 27.61
CA VAL P 105 11.36 -19.79 27.30
C VAL P 105 10.46 -19.67 28.52
N LYS P 106 10.06 -18.45 28.86
CA LYS P 106 9.17 -18.20 29.99
C LYS P 106 7.83 -17.62 29.55
N ASN P 107 6.78 -18.03 30.27
CA ASN P 107 5.40 -17.52 30.13
C ASN P 107 4.81 -17.75 28.74
N ALA P 108 4.75 -18.99 28.30
CA ALA P 108 4.21 -19.30 26.99
C ALA P 108 2.74 -19.70 27.05
N TRP P 109 1.98 -19.31 26.02
CA TRP P 109 0.60 -19.72 25.86
C TRP P 109 0.28 -19.74 24.36
N PRO P 110 -0.64 -20.62 23.91
CA PRO P 110 -0.91 -20.74 22.48
C PRO P 110 -1.93 -19.72 21.98
N LEU P 111 -1.71 -19.22 20.77
CA LEU P 111 -2.67 -18.29 20.17
C LEU P 111 -3.29 -18.77 18.86
N LYS P 112 -2.63 -19.71 18.17
CA LYS P 112 -3.19 -20.28 16.92
C LYS P 112 -3.00 -21.80 16.89
N VAL P 113 -4.07 -22.55 16.64
CA VAL P 113 -4.00 -24.01 16.46
C VAL P 113 -4.55 -24.33 15.08
N GLN P 114 -3.76 -25.01 14.26
CA GLN P 114 -4.13 -25.32 12.89
C GLN P 114 -4.11 -26.83 12.67
N SER P 115 -5.22 -27.35 12.14
CA SER P 115 -5.35 -28.77 11.85
C SER P 115 -4.84 -29.07 10.44
N THR P 116 -4.85 -30.34 10.10
CA THR P 116 -4.44 -30.76 8.77
C THR P 116 -5.53 -30.43 7.75
N ASP P 117 -5.12 -30.35 6.49
CA ASP P 117 -6.09 -30.32 5.40
C ASP P 117 -6.31 -31.73 4.87
N LEU P 118 -7.47 -31.95 4.28
CA LEU P 118 -7.88 -33.27 3.81
C LEU P 118 -7.84 -33.30 2.29
N LYS P 119 -7.04 -34.19 1.73
CA LYS P 119 -6.88 -34.35 0.28
C LYS P 119 -7.05 -35.82 -0.08
N GLY P 120 -7.65 -36.08 -1.24
CA GLY P 120 -7.96 -37.45 -1.60
C GLY P 120 -6.90 -38.13 -2.44
N ASP P 121 -6.18 -37.36 -3.25
CA ASP P 121 -5.38 -37.98 -4.31
C ASP P 121 -3.99 -38.39 -3.84
N GLY P 122 -3.40 -37.65 -2.92
CA GLY P 122 -2.04 -37.93 -2.54
C GLY P 122 -1.90 -39.02 -1.47
N ASN P 123 -0.65 -39.34 -1.17
CA ASN P 123 -0.29 -40.16 -0.02
C ASN P 123 0.43 -39.24 0.96
N GLU P 124 -0.29 -38.75 1.95
CA GLU P 124 0.38 -37.85 2.93
C GLU P 124 -0.17 -38.08 4.33
N VAL P 125 0.71 -37.90 5.32
CA VAL P 125 0.32 -37.98 6.72
C VAL P 125 -0.21 -36.63 7.19
N ALA P 126 -0.90 -36.64 8.32
CA ALA P 126 -1.53 -35.45 8.87
C ALA P 126 -0.55 -34.75 9.82
N ILE P 127 -0.36 -33.46 9.62
CA ILE P 127 0.51 -32.62 10.44
C ILE P 127 -0.34 -31.56 11.10
N GLU P 128 -0.14 -31.35 12.40
CA GLU P 128 -0.78 -30.25 13.13
C GLU P 128 0.28 -29.24 13.56
N SER P 129 -0.12 -27.98 13.68
CA SER P 129 0.80 -26.90 13.98
C SER P 129 0.23 -25.97 15.03
N MET P 130 1.12 -25.36 15.82
CA MET P 130 0.77 -24.49 16.92
C MET P 130 1.70 -23.30 16.94
N GLU P 131 1.18 -22.12 17.28
CA GLU P 131 1.95 -20.89 17.39
C GLU P 131 1.86 -20.36 18.81
N LEU P 132 3.00 -19.99 19.39
CA LEU P 132 3.08 -19.61 20.80
C LEU P 132 3.57 -18.16 20.96
N ALA P 133 2.96 -17.46 21.90
CA ALA P 133 3.44 -16.16 22.36
C ALA P 133 4.17 -16.34 23.69
N HIS P 134 5.18 -15.51 23.94
CA HIS P 134 5.99 -15.65 25.14
C HIS P 134 6.63 -14.31 25.49
N GLU P 135 7.36 -14.29 26.61
CA GLU P 135 7.86 -13.05 27.20
C GLU P 135 9.35 -13.10 27.50
N GLY P 136 10.11 -13.92 26.80
CA GLY P 136 11.56 -13.91 26.97
C GLY P 136 12.25 -15.22 26.65
N LEU P 137 13.54 -15.11 26.30
CA LEU P 137 14.32 -16.24 25.81
C LEU P 137 15.78 -16.07 26.21
N VAL P 138 16.39 -17.13 26.74
CA VAL P 138 17.79 -17.15 27.16
C VAL P 138 18.46 -18.38 26.55
N ILE P 139 19.61 -18.19 25.92
CA ILE P 139 20.35 -19.26 25.25
C ILE P 139 21.51 -19.71 26.12
N GLN P 140 21.63 -21.01 26.34
CA GLN P 140 22.69 -21.60 27.15
C GLN P 140 23.45 -22.64 26.33
N ASN P 141 24.77 -22.40 26.13
CA ASN P 141 25.66 -23.30 25.40
C ASN P 141 27.01 -23.31 26.12
N GLU P 142 27.16 -24.26 27.04
CA GLU P 142 28.40 -24.39 27.81
C GLU P 142 28.69 -25.86 28.11
N SER Q 2 3.42 -45.06 18.07
CA SER Q 2 2.30 -45.81 17.52
C SER Q 2 2.35 -45.80 15.99
N TYR Q 3 1.22 -45.46 15.37
CA TYR Q 3 1.24 -45.32 13.89
C TYR Q 3 0.54 -44.00 13.54
N PRO Q 4 1.17 -43.14 12.73
CA PRO Q 4 0.57 -41.86 12.32
C PRO Q 4 -0.64 -42.07 11.40
N LEU Q 5 -1.50 -41.08 11.38
CA LEU Q 5 -2.71 -41.11 10.57
C LEU Q 5 -2.46 -40.48 9.20
N SER Q 6 -3.19 -40.99 8.21
CA SER Q 6 -3.17 -40.42 6.86
C SER Q 6 -4.42 -39.59 6.64
N LYS Q 7 -4.41 -38.79 5.57
CA LYS Q 7 -5.41 -37.76 5.37
C LYS Q 7 -6.18 -37.90 4.05
N PHE Q 8 -6.29 -39.10 3.48
CA PHE Q 8 -7.03 -39.26 2.24
C PHE Q 8 -8.37 -39.96 2.41
N HIS Q 9 -8.73 -40.43 3.60
CA HIS Q 9 -10.00 -41.10 3.82
C HIS Q 9 -10.82 -40.26 4.84
N PHE Q 10 -11.96 -39.72 4.41
CA PHE Q 10 -12.72 -38.77 5.23
C PHE Q 10 -14.14 -38.67 4.69
N SER Q 11 -15.02 -38.08 5.49
CA SER Q 11 -16.42 -37.88 5.11
C SER Q 11 -16.93 -36.58 5.69
N VAL Q 12 -17.99 -36.04 5.08
CA VAL Q 12 -18.58 -34.75 5.45
C VAL Q 12 -20.09 -34.91 5.50
N GLU Q 13 -20.69 -34.58 6.65
CA GLU Q 13 -22.15 -34.54 6.78
C GLU Q 13 -22.60 -33.09 6.76
N TRP Q 14 -23.30 -32.70 5.69
CA TRP Q 14 -23.63 -31.30 5.43
C TRP Q 14 -25.10 -31.08 5.11
N GLY Q 15 -25.94 -32.11 5.21
CA GLY Q 15 -27.33 -31.98 4.86
C GLY Q 15 -27.68 -32.26 3.41
N GLY Q 16 -26.72 -32.72 2.61
CA GLY Q 16 -26.98 -33.12 1.25
C GLY Q 16 -27.09 -34.63 1.11
N THR Q 17 -27.13 -35.07 -0.15
CA THR Q 17 -27.25 -36.49 -0.43
C THR Q 17 -25.90 -37.21 -0.39
N LYS Q 18 -24.86 -36.62 -0.98
CA LYS Q 18 -23.57 -37.28 -1.11
C LYS Q 18 -22.58 -36.73 -0.09
N ILE Q 19 -21.75 -37.62 0.45
CA ILE Q 19 -20.78 -37.25 1.49
C ILE Q 19 -19.33 -37.32 1.01
N GLY Q 20 -19.09 -37.64 -0.26
CA GLY Q 20 -17.74 -37.77 -0.77
C GLY Q 20 -17.25 -36.51 -1.45
N PHE Q 21 -16.11 -36.00 -0.98
CA PHE Q 21 -15.54 -34.75 -1.46
C PHE Q 21 -14.10 -34.98 -1.89
N THR Q 22 -13.47 -33.94 -2.42
CA THR Q 22 -12.06 -34.05 -2.81
C THR Q 22 -11.10 -33.34 -1.86
N GLU Q 23 -11.43 -32.16 -1.37
CA GLU Q 23 -10.57 -31.53 -0.40
C GLU Q 23 -11.31 -30.62 0.58
N VAL Q 24 -10.77 -30.50 1.79
CA VAL Q 24 -11.30 -29.62 2.83
C VAL Q 24 -10.13 -28.77 3.34
N SER Q 25 -10.36 -27.48 3.56
CA SER Q 25 -9.35 -26.63 4.18
C SER Q 25 -10.01 -25.57 5.05
N GLY Q 26 -9.22 -24.99 5.95
CA GLY Q 26 -9.64 -23.85 6.73
C GLY Q 26 -10.15 -24.14 8.12
N LEU Q 27 -9.68 -25.22 8.76
CA LEU Q 27 -10.14 -25.59 10.10
C LEU Q 27 -9.14 -25.07 11.14
N ASP Q 28 -9.31 -23.79 11.51
CA ASP Q 28 -8.34 -23.11 12.36
C ASP Q 28 -9.01 -22.40 13.54
N LEU Q 29 -8.20 -22.14 14.57
CA LEU Q 29 -8.59 -21.36 15.74
C LEU Q 29 -7.54 -20.29 15.98
N GLU Q 30 -7.97 -19.09 16.35
CA GLU Q 30 -7.05 -17.97 16.51
C GLU Q 30 -7.57 -16.97 17.52
N THR Q 31 -6.69 -16.47 18.39
CA THR Q 31 -7.00 -15.46 19.38
C THR Q 31 -6.12 -14.24 19.17
N GLU Q 32 -6.72 -13.06 19.24
CA GLU Q 32 -5.98 -11.80 19.20
C GLU Q 32 -5.25 -11.56 20.52
N ILE Q 33 -4.31 -10.62 20.50
CA ILE Q 33 -3.40 -10.40 21.62
C ILE Q 33 -3.54 -8.96 22.12
N ILE Q 34 -3.40 -8.79 23.44
CA ILE Q 34 -3.41 -7.49 24.11
C ILE Q 34 -2.08 -7.31 24.83
N GLU Q 35 -1.44 -6.15 24.65
CA GLU Q 35 -0.11 -5.88 25.17
C GLU Q 35 -0.08 -4.65 26.07
N TYR Q 36 0.86 -4.62 27.01
CA TYR Q 36 0.90 -3.58 28.03
C TYR Q 36 2.31 -3.41 28.58
N ARG Q 37 2.69 -2.15 28.85
CA ARG Q 37 3.88 -1.84 29.64
C ARG Q 37 3.71 -0.49 30.31
N HIS Q 38 4.05 -0.44 31.60
CA HIS Q 38 4.16 0.83 32.31
C HIS Q 38 5.63 1.22 32.42
N GLY Q 39 5.86 2.51 32.69
CA GLY Q 39 7.18 3.09 32.48
C GLY Q 39 8.22 2.70 33.52
N ALA Q 40 7.79 2.15 34.65
CA ALA Q 40 8.70 1.85 35.75
C ALA Q 40 9.23 0.42 35.72
N SER Q 41 8.94 -0.34 34.69
CA SER Q 41 9.32 -1.75 34.67
C SER Q 41 10.80 -1.90 34.32
N PRO Q 42 11.55 -2.77 35.01
CA PRO Q 42 12.97 -2.97 34.67
C PRO Q 42 13.20 -3.77 33.40
N GLU Q 43 12.22 -4.52 32.91
CA GLU Q 43 12.27 -5.11 31.57
C GLU Q 43 11.76 -4.10 30.56
N TYR Q 44 12.39 -4.07 29.39
CA TYR Q 44 12.04 -3.13 28.33
C TYR Q 44 11.27 -3.81 27.20
N SER Q 45 10.41 -4.75 27.55
CA SER Q 45 9.51 -5.41 26.61
C SER Q 45 8.12 -5.44 27.23
N LYS Q 46 7.16 -6.00 26.49
CA LYS Q 46 5.76 -5.97 26.89
C LYS Q 46 5.29 -7.31 27.44
N ILE Q 47 4.20 -7.27 28.22
CA ILE Q 47 3.50 -8.45 28.72
C ILE Q 47 2.27 -8.67 27.85
N LYS Q 48 1.81 -9.92 27.77
CA LYS Q 48 0.82 -10.33 26.78
C LYS Q 48 -0.34 -11.11 27.40
N MET Q 49 -1.55 -10.84 26.90
CA MET Q 49 -2.82 -11.42 27.33
C MET Q 49 -3.64 -11.88 26.13
N PRO Q 50 -4.49 -12.89 26.30
CA PRO Q 50 -5.50 -13.18 25.27
C PRO Q 50 -6.68 -12.22 25.32
N GLY Q 51 -7.25 -11.95 24.14
CA GLY Q 51 -8.44 -11.13 23.99
C GLY Q 51 -9.57 -11.80 23.24
N MET Q 52 -10.01 -11.21 22.13
CA MET Q 52 -11.14 -11.69 21.37
C MET Q 52 -10.73 -12.76 20.37
N GLN Q 53 -11.69 -13.61 19.99
CA GLN Q 53 -11.43 -14.80 19.20
C GLN Q 53 -12.01 -14.68 17.80
N LYS Q 54 -11.46 -15.48 16.88
CA LYS Q 54 -11.79 -15.40 15.47
C LYS Q 54 -11.89 -16.81 14.89
N PHE Q 55 -12.71 -16.94 13.84
CA PHE Q 55 -12.82 -18.16 13.07
C PHE Q 55 -12.70 -17.85 11.59
N SER Q 56 -12.13 -18.77 10.84
CA SER Q 56 -11.90 -18.58 9.42
C SER Q 56 -12.88 -19.42 8.60
N ASN Q 57 -13.00 -19.05 7.33
CA ASN Q 57 -13.96 -19.71 6.45
C ASN Q 57 -13.45 -21.07 6.00
N ILE Q 58 -14.40 -21.96 5.73
CA ILE Q 58 -14.13 -23.35 5.34
C ILE Q 58 -14.46 -23.52 3.87
N THR Q 59 -13.55 -24.15 3.12
CA THR Q 59 -13.74 -24.40 1.69
C THR Q 59 -13.91 -25.90 1.45
N LEU Q 60 -14.89 -26.26 0.63
CA LEU Q 60 -15.18 -27.64 0.25
C LEU Q 60 -15.20 -27.77 -1.27
N LYS Q 61 -14.62 -28.86 -1.78
CA LYS Q 61 -14.53 -29.11 -3.22
C LYS Q 61 -14.95 -30.53 -3.55
N ARG Q 62 -15.62 -30.70 -4.69
CA ARG Q 62 -16.06 -32.00 -5.17
C ARG Q 62 -16.25 -31.93 -6.67
N GLY Q 63 -16.63 -33.06 -7.28
CA GLY Q 63 -16.85 -33.10 -8.71
C GLY Q 63 -18.29 -32.79 -9.10
N THR Q 64 -18.47 -32.47 -10.38
CA THR Q 64 -19.77 -32.10 -10.94
C THR Q 64 -20.43 -33.34 -11.55
N PHE Q 65 -21.68 -33.58 -11.18
CA PHE Q 65 -22.42 -34.75 -11.63
C PHE Q 65 -23.77 -34.32 -12.19
N LYS Q 66 -24.35 -35.18 -13.02
CA LYS Q 66 -25.66 -34.91 -13.59
C LYS Q 66 -26.75 -35.01 -12.53
N SER Q 67 -27.71 -34.08 -12.58
CA SER Q 67 -28.88 -33.98 -11.71
C SER Q 67 -28.52 -33.78 -10.24
N ASP Q 68 -27.47 -33.04 -9.94
CA ASP Q 68 -27.10 -32.68 -8.57
C ASP Q 68 -26.81 -31.19 -8.54
N ASN Q 69 -27.79 -30.40 -8.09
CA ASN Q 69 -27.67 -28.95 -7.99
C ASN Q 69 -27.72 -28.49 -6.54
N GLU Q 70 -27.17 -29.28 -5.63
CA GLU Q 70 -27.20 -29.02 -4.19
C GLU Q 70 -26.52 -27.76 -3.74
N TYR Q 71 -25.42 -27.41 -4.39
CA TYR Q 71 -24.71 -26.19 -4.02
C TYR Q 71 -25.58 -24.96 -4.26
N PHE Q 72 -26.25 -24.92 -5.41
CA PHE Q 72 -27.08 -23.77 -5.77
C PHE Q 72 -28.39 -23.75 -4.99
N GLN Q 73 -28.86 -24.91 -4.54
CA GLN Q 73 -30.12 -24.95 -3.79
C GLN Q 73 -29.95 -24.39 -2.39
N TRP Q 74 -28.78 -24.62 -1.77
CA TRP Q 74 -28.50 -24.02 -0.47
C TRP Q 74 -28.27 -22.52 -0.60
N TYR Q 75 -27.57 -22.08 -1.65
CA TYR Q 75 -27.31 -20.66 -1.84
C TYR Q 75 -28.58 -19.88 -2.19
N ASN Q 76 -29.58 -20.56 -2.75
CA ASN Q 76 -30.82 -19.90 -3.13
C ASN Q 76 -31.79 -19.67 -1.97
N THR Q 77 -31.44 -20.07 -0.74
CA THR Q 77 -32.29 -19.81 0.41
C THR Q 77 -32.01 -18.47 1.09
N ILE Q 78 -31.15 -17.64 0.51
CA ILE Q 78 -30.87 -16.32 1.05
C ILE Q 78 -32.01 -15.37 0.70
N ASN Q 79 -32.69 -14.84 1.70
CA ASN Q 79 -33.78 -13.88 1.41
C ASN Q 79 -33.51 -12.67 2.31
N LEU Q 80 -32.91 -11.61 1.77
CA LEU Q 80 -32.52 -10.41 2.58
C LEU Q 80 -31.58 -10.90 3.71
N ASN Q 81 -31.94 -10.77 4.99
CA ASN Q 81 -31.03 -11.21 6.08
C ASN Q 81 -31.26 -12.66 6.52
N LYS Q 82 -32.13 -13.44 5.86
CA LYS Q 82 -32.45 -14.83 6.27
C LYS Q 82 -31.69 -15.90 5.46
N VAL Q 83 -31.33 -17.03 6.08
CA VAL Q 83 -30.68 -18.15 5.41
C VAL Q 83 -30.98 -19.39 6.23
N GLU Q 84 -30.82 -20.55 5.63
CA GLU Q 84 -30.93 -21.82 6.34
C GLU Q 84 -29.55 -22.20 6.89
N ARG Q 85 -29.41 -22.17 8.21
CA ARG Q 85 -28.16 -22.50 8.89
C ARG Q 85 -28.15 -23.97 9.26
N ARG Q 86 -27.00 -24.62 9.05
CA ARG Q 86 -26.88 -26.06 9.25
C ARG Q 86 -25.71 -26.38 10.17
N ASP Q 87 -25.76 -27.58 10.75
CA ASP Q 87 -24.64 -28.16 11.47
C ASP Q 87 -23.80 -29.00 10.52
N LEU Q 88 -22.49 -28.99 10.74
CA LEU Q 88 -21.52 -29.59 9.84
C LEU Q 88 -20.62 -30.50 10.65
N THR Q 89 -20.48 -31.76 10.21
CA THR Q 89 -19.66 -32.75 10.92
C THR Q 89 -18.69 -33.39 9.94
N ILE Q 90 -17.40 -33.24 10.22
CA ILE Q 90 -16.32 -33.70 9.34
C ILE Q 90 -15.47 -34.69 10.13
N SER Q 91 -15.29 -35.89 9.59
CA SER Q 91 -14.63 -36.97 10.30
C SER Q 91 -13.46 -37.53 9.49
N LEU Q 92 -12.40 -37.92 10.19
CA LEU Q 92 -11.30 -38.68 9.62
C LEU Q 92 -11.45 -40.15 9.98
N LEU Q 93 -11.37 -41.03 9.00
CA LEU Q 93 -11.76 -42.43 9.17
C LEU Q 93 -10.55 -43.36 9.19
N ASN Q 94 -10.72 -44.50 9.87
CA ASN Q 94 -9.70 -45.55 9.88
C ASN Q 94 -9.99 -46.57 8.77
N GLU Q 95 -9.34 -47.73 8.84
CA GLU Q 95 -9.46 -48.72 7.76
C GLU Q 95 -10.81 -49.43 7.76
N GLU Q 96 -11.45 -49.55 8.93
CA GLU Q 96 -12.81 -50.08 8.97
C GLU Q 96 -13.88 -48.99 8.96
N HIS Q 97 -13.54 -47.80 8.44
CA HIS Q 97 -14.45 -46.70 8.12
C HIS Q 97 -15.19 -46.14 9.34
N GLU Q 98 -14.53 -46.04 10.48
CA GLU Q 98 -15.10 -45.46 11.69
C GLU Q 98 -14.38 -44.16 12.06
N PRO Q 99 -15.07 -43.22 12.72
CA PRO Q 99 -14.44 -41.91 13.00
C PRO Q 99 -13.34 -41.98 14.05
N VAL Q 100 -12.32 -41.14 13.85
CA VAL Q 100 -11.18 -41.01 14.75
C VAL Q 100 -11.03 -39.58 15.25
N VAL Q 101 -11.00 -38.62 14.33
CA VAL Q 101 -10.94 -37.20 14.66
C VAL Q 101 -12.13 -36.51 14.01
N THR Q 102 -12.90 -35.78 14.79
CA THR Q 102 -14.13 -35.14 14.32
C THR Q 102 -14.06 -33.64 14.58
N TRP Q 103 -14.44 -32.85 13.56
CA TRP Q 103 -14.57 -31.41 13.66
C TRP Q 103 -16.06 -31.07 13.63
N LYS Q 104 -16.54 -30.37 14.66
CA LYS Q 104 -17.96 -30.07 14.82
C LYS Q 104 -18.20 -28.57 14.66
N VAL Q 105 -19.03 -28.21 13.69
CA VAL Q 105 -19.22 -26.82 13.27
C VAL Q 105 -20.68 -26.45 13.48
N LYS Q 106 -20.92 -25.26 14.04
CA LYS Q 106 -22.28 -24.78 14.28
C LYS Q 106 -22.57 -23.52 13.46
N ASN Q 107 -23.84 -23.42 13.01
CA ASN Q 107 -24.42 -22.26 12.32
C ASN Q 107 -23.70 -21.92 11.01
N ALA Q 108 -23.64 -22.87 10.08
CA ALA Q 108 -22.97 -22.64 8.81
C ALA Q 108 -23.94 -22.21 7.73
N TRP Q 109 -23.48 -21.33 6.84
CA TRP Q 109 -24.23 -20.93 5.65
C TRP Q 109 -23.23 -20.54 4.56
N PRO Q 110 -23.59 -20.74 3.28
CA PRO Q 110 -22.62 -20.46 2.19
C PRO Q 110 -22.61 -19.00 1.77
N LEU Q 111 -21.42 -18.49 1.45
CA LEU Q 111 -21.29 -17.13 0.96
C LEU Q 111 -20.73 -16.99 -0.45
N LYS Q 112 -19.99 -18.01 -0.90
CA LYS Q 112 -19.43 -18.01 -2.28
C LYS Q 112 -19.61 -19.38 -2.94
N VAL Q 113 -20.18 -19.42 -4.15
CA VAL Q 113 -20.30 -20.64 -4.93
C VAL Q 113 -19.59 -20.41 -6.27
N GLN Q 114 -18.62 -21.25 -6.59
CA GLN Q 114 -17.81 -21.11 -7.79
C GLN Q 114 -17.94 -22.34 -8.67
N SER Q 115 -18.26 -22.14 -9.94
CA SER Q 115 -18.40 -23.21 -10.90
C SER Q 115 -17.06 -23.50 -11.56
N THR Q 116 -17.05 -24.51 -12.41
CA THR Q 116 -15.85 -24.85 -13.15
C THR Q 116 -15.60 -23.85 -14.26
N ASP Q 117 -14.34 -23.79 -14.71
CA ASP Q 117 -14.04 -23.10 -15.95
C ASP Q 117 -14.03 -24.08 -17.11
N LEU Q 118 -14.27 -23.57 -18.31
CA LEU Q 118 -14.41 -24.39 -19.51
C LEU Q 118 -13.19 -24.19 -20.39
N LYS Q 119 -12.46 -25.27 -20.66
CA LYS Q 119 -11.26 -25.26 -21.50
C LYS Q 119 -11.37 -26.35 -22.55
N GLY Q 120 -10.86 -26.07 -23.75
CA GLY Q 120 -11.04 -27.00 -24.85
C GLY Q 120 -9.89 -27.99 -25.01
N ASP Q 121 -8.67 -27.60 -24.65
CA ASP Q 121 -7.51 -28.36 -25.08
C ASP Q 121 -7.17 -29.51 -24.13
N GLY Q 122 -7.42 -29.33 -22.84
CA GLY Q 122 -6.99 -30.34 -21.89
C GLY Q 122 -7.98 -31.49 -21.74
N ASN Q 123 -7.57 -32.46 -20.92
CA ASN Q 123 -8.45 -33.51 -20.43
C ASN Q 123 -8.62 -33.29 -18.93
N GLU Q 124 -9.72 -32.64 -18.56
CA GLU Q 124 -9.92 -32.39 -17.11
C GLU Q 124 -11.39 -32.52 -16.74
N VAL Q 125 -11.64 -32.98 -15.51
CA VAL Q 125 -12.99 -33.08 -14.98
C VAL Q 125 -13.38 -31.74 -14.36
N ALA Q 126 -14.68 -31.57 -14.14
CA ALA Q 126 -15.22 -30.33 -13.61
C ALA Q 126 -15.28 -30.40 -12.09
N ILE Q 127 -14.74 -29.38 -11.42
CA ILE Q 127 -14.73 -29.27 -9.97
C ILE Q 127 -15.52 -28.03 -9.58
N GLU Q 128 -16.39 -28.16 -8.58
CA GLU Q 128 -17.09 -27.03 -8.01
C GLU Q 128 -16.63 -26.81 -6.58
N SER Q 129 -16.70 -25.55 -6.13
CA SER Q 129 -16.18 -25.17 -4.83
C SER Q 129 -17.15 -24.26 -4.10
N MET Q 130 -17.14 -24.35 -2.77
CA MET Q 130 -18.03 -23.59 -1.90
C MET Q 130 -17.26 -23.09 -0.69
N GLU Q 131 -17.58 -21.89 -0.24
CA GLU Q 131 -16.98 -21.27 0.93
C GLU Q 131 -18.06 -21.02 1.98
N LEU Q 132 -17.78 -21.37 3.24
CA LEU Q 132 -18.77 -21.32 4.31
C LEU Q 132 -18.33 -20.40 5.44
N ALA Q 133 -19.27 -19.63 5.97
CA ALA Q 133 -19.10 -18.87 7.19
C ALA Q 133 -19.77 -19.61 8.34
N HIS Q 134 -19.22 -19.48 9.54
CA HIS Q 134 -19.72 -20.21 10.70
C HIS Q 134 -19.37 -19.48 11.98
N GLU Q 135 -19.83 -20.01 13.11
CA GLU Q 135 -19.76 -19.33 14.40
C GLU Q 135 -19.15 -20.19 15.49
N GLY Q 136 -18.33 -21.18 15.14
CA GLY Q 136 -17.64 -21.94 16.17
C GLY Q 136 -17.25 -23.35 15.75
N LEU Q 137 -16.22 -23.87 16.41
CA LEU Q 137 -15.62 -25.15 16.06
C LEU Q 137 -15.05 -25.83 17.30
N VAL Q 138 -15.35 -27.12 17.47
CA VAL Q 138 -14.89 -27.94 18.59
C VAL Q 138 -14.27 -29.22 18.03
N ILE Q 139 -13.07 -29.56 18.50
CA ILE Q 139 -12.33 -30.74 18.02
C ILE Q 139 -12.45 -31.85 19.05
N GLN Q 140 -12.82 -33.06 18.59
CA GLN Q 140 -12.99 -34.23 19.44
C GLN Q 140 -12.12 -35.36 18.92
N ASN Q 141 -11.15 -35.81 19.75
CA ASN Q 141 -10.25 -36.93 19.42
C ASN Q 141 -10.05 -37.74 20.71
N GLU Q 142 -10.88 -38.77 20.86
CA GLU Q 142 -10.82 -39.64 22.04
C GLU Q 142 -11.18 -41.07 21.66
N SER R 2 -21.69 -42.43 -9.90
CA SER R 2 -22.05 -42.39 -11.31
C SER R 2 -20.82 -42.16 -12.18
N TYR R 3 -20.89 -41.19 -13.08
CA TYR R 3 -19.68 -40.84 -13.87
C TYR R 3 -19.52 -39.33 -13.86
N PRO R 4 -18.35 -38.80 -13.49
CA PRO R 4 -18.10 -37.36 -13.48
C PRO R 4 -18.11 -36.76 -14.89
N LEU R 5 -18.37 -35.46 -14.94
CA LEU R 5 -18.43 -34.73 -16.19
C LEU R 5 -17.08 -34.13 -16.53
N SER R 6 -16.82 -34.01 -17.82
CA SER R 6 -15.61 -33.34 -18.33
C SER R 6 -15.98 -31.94 -18.83
N LYS R 7 -14.96 -31.13 -19.04
CA LYS R 7 -15.16 -29.70 -19.28
C LYS R 7 -14.59 -29.20 -20.61
N PHE R 8 -14.45 -30.07 -21.61
CA PHE R 8 -13.92 -29.62 -22.90
C PHE R 8 -14.97 -29.54 -24.01
N HIS R 9 -16.22 -29.92 -23.76
CA HIS R 9 -17.27 -29.86 -24.78
C HIS R 9 -18.35 -28.89 -24.27
N PHE R 10 -18.56 -27.77 -24.96
CA PHE R 10 -19.45 -26.72 -24.49
C PHE R 10 -19.81 -25.81 -25.67
N SER R 11 -20.83 -24.97 -25.44
CA SER R 11 -21.29 -24.03 -26.45
C SER R 11 -21.78 -22.75 -25.78
N VAL R 12 -21.78 -21.66 -26.54
CA VAL R 12 -22.16 -20.33 -26.04
C VAL R 12 -23.09 -19.68 -27.04
N GLU R 13 -24.27 -19.27 -26.59
CA GLU R 13 -25.21 -18.50 -27.41
C GLU R 13 -25.15 -17.04 -26.98
N TRP R 14 -24.63 -16.19 -27.85
CA TRP R 14 -24.32 -14.81 -27.51
C TRP R 14 -24.87 -13.79 -28.52
N GLY R 15 -25.62 -14.24 -29.52
CA GLY R 15 -26.13 -13.34 -30.53
C GLY R 15 -25.24 -13.17 -31.74
N GLY R 16 -24.14 -13.93 -31.84
CA GLY R 16 -23.30 -13.91 -33.01
C GLY R 16 -23.56 -15.10 -33.92
N THR R 17 -22.67 -15.25 -34.90
CA THR R 17 -22.82 -16.34 -35.88
C THR R 17 -22.22 -17.65 -35.36
N LYS R 18 -21.04 -17.61 -34.75
CA LYS R 18 -20.34 -18.81 -34.34
C LYS R 18 -20.46 -19.03 -32.83
N ILE R 19 -20.60 -20.30 -32.43
CA ILE R 19 -20.79 -20.65 -31.03
C ILE R 19 -19.59 -21.39 -30.44
N GLY R 20 -18.52 -21.58 -31.19
CA GLY R 20 -17.36 -22.31 -30.70
C GLY R 20 -16.28 -21.40 -30.14
N PHE R 21 -15.90 -21.65 -28.90
CA PHE R 21 -14.93 -20.81 -28.18
C PHE R 21 -13.82 -21.70 -27.64
N THR R 22 -12.81 -21.07 -27.02
CA THR R 22 -11.72 -21.82 -26.43
C THR R 22 -11.78 -21.90 -24.90
N GLU R 23 -12.11 -20.81 -24.23
CA GLU R 23 -12.27 -20.87 -22.79
C GLU R 23 -13.27 -19.88 -22.23
N VAL R 24 -13.90 -20.25 -21.12
CA VAL R 24 -14.83 -19.40 -20.39
C VAL R 24 -14.41 -19.39 -18.92
N SER R 25 -14.45 -18.21 -18.29
CA SER R 25 -14.17 -18.12 -16.86
C SER R 25 -15.03 -17.03 -16.24
N GLY R 26 -15.16 -17.10 -14.91
CA GLY R 26 -15.79 -16.04 -14.15
C GLY R 26 -17.25 -16.24 -13.80
N LEU R 27 -17.71 -17.49 -13.67
CA LEU R 27 -19.12 -17.77 -13.36
C LEU R 27 -19.26 -18.01 -11.85
N ASP R 28 -19.38 -16.92 -11.10
CA ASP R 28 -19.35 -16.99 -9.64
C ASP R 28 -20.54 -16.24 -9.02
N LEU R 29 -20.83 -16.59 -7.77
CA LEU R 29 -21.82 -15.92 -6.93
C LEU R 29 -21.20 -15.62 -5.58
N GLU R 30 -21.48 -14.43 -5.03
CA GLU R 30 -20.84 -14.01 -3.79
C GLU R 30 -21.75 -13.04 -3.02
N THR R 31 -21.82 -13.22 -1.71
CA THR R 31 -22.58 -12.38 -0.80
C THR R 31 -21.65 -11.78 0.25
N GLU R 32 -21.81 -10.48 0.49
CA GLU R 32 -21.09 -9.81 1.57
C GLU R 32 -21.68 -10.20 2.94
N ILE R 33 -20.92 -9.89 4.00
CA ILE R 33 -21.24 -10.36 5.34
C ILE R 33 -21.43 -9.17 6.27
N ILE R 34 -22.35 -9.31 7.22
CA ILE R 34 -22.62 -8.31 8.26
C ILE R 34 -22.40 -8.96 9.62
N GLU R 35 -21.64 -8.29 10.49
CA GLU R 35 -21.25 -8.85 11.78
C GLU R 35 -21.69 -7.96 12.94
N TYR R 36 -21.88 -8.58 14.10
CA TYR R 36 -22.46 -7.88 15.26
C TYR R 36 -22.05 -8.57 16.56
N ARG R 37 -21.79 -7.76 17.59
CA ARG R 37 -21.66 -8.24 18.96
C ARG R 37 -22.02 -7.13 19.94
N HIS R 38 -22.83 -7.46 20.94
CA HIS R 38 -23.07 -6.56 22.07
C HIS R 38 -22.23 -7.03 23.26
N GLY R 39 -22.05 -6.12 24.21
CA GLY R 39 -21.01 -6.28 25.21
C GLY R 39 -21.32 -7.30 26.29
N ALA R 40 -22.58 -7.72 26.40
CA ALA R 40 -22.99 -8.63 27.47
C ALA R 40 -22.96 -10.09 27.08
N SER R 41 -22.47 -10.43 25.90
CA SER R 41 -22.52 -11.79 25.41
C SER R 41 -21.43 -12.63 26.07
N PRO R 42 -21.73 -13.87 26.51
CA PRO R 42 -20.69 -14.72 27.11
C PRO R 42 -19.70 -15.31 26.10
N GLU R 43 -20.03 -15.35 24.81
CA GLU R 43 -19.07 -15.66 23.77
C GLU R 43 -18.34 -14.39 23.35
N TYR R 44 -17.05 -14.51 23.09
CA TYR R 44 -16.21 -13.37 22.72
C TYR R 44 -15.90 -13.37 21.23
N SER R 45 -16.87 -13.75 20.41
CA SER R 45 -16.78 -13.70 18.96
C SER R 45 -18.07 -13.10 18.42
N LYS R 46 -18.14 -12.94 17.11
CA LYS R 46 -19.26 -12.25 16.46
C LYS R 46 -20.24 -13.21 15.82
N ILE R 47 -21.48 -12.74 15.61
CA ILE R 47 -22.52 -13.44 14.86
C ILE R 47 -22.59 -12.86 13.46
N LYS R 48 -23.03 -13.65 12.48
CA LYS R 48 -22.90 -13.33 11.07
C LYS R 48 -24.22 -13.47 10.32
N MET R 49 -24.47 -12.53 9.40
CA MET R 49 -25.65 -12.42 8.55
C MET R 49 -25.27 -12.19 7.09
N PRO R 50 -26.10 -12.62 6.14
CA PRO R 50 -25.91 -12.18 4.75
C PRO R 50 -26.43 -10.76 4.51
N GLY R 51 -25.77 -10.06 3.59
CA GLY R 51 -26.16 -8.73 3.18
C GLY R 51 -26.36 -8.57 1.68
N MET R 52 -25.60 -7.68 1.05
CA MET R 52 -25.76 -7.37 -0.37
C MET R 52 -24.94 -8.33 -1.23
N GLN R 53 -25.37 -8.47 -2.48
CA GLN R 53 -24.84 -9.49 -3.39
C GLN R 53 -24.03 -8.86 -4.51
N LYS R 54 -23.16 -9.67 -5.10
CA LYS R 54 -22.20 -9.22 -6.11
C LYS R 54 -22.09 -10.25 -7.22
N PHE R 55 -21.75 -9.77 -8.41
CA PHE R 55 -21.47 -10.61 -9.57
C PHE R 55 -20.16 -10.17 -10.21
N SER R 56 -19.43 -11.13 -10.75
CA SER R 56 -18.13 -10.87 -11.34
C SER R 56 -18.22 -10.94 -12.86
N ASN R 57 -17.20 -10.37 -13.51
CA ASN R 57 -17.18 -10.27 -14.96
C ASN R 57 -16.82 -11.61 -15.60
N ILE R 58 -17.33 -11.82 -16.80
CA ILE R 58 -17.16 -13.06 -17.55
C ILE R 58 -16.21 -12.80 -18.71
N THR R 59 -15.23 -13.67 -18.90
CA THR R 59 -14.25 -13.58 -19.98
C THR R 59 -14.47 -14.71 -20.99
N LEU R 60 -14.46 -14.36 -22.27
CA LEU R 60 -14.61 -15.31 -23.37
C LEU R 60 -13.44 -15.18 -24.34
N LYS R 61 -12.92 -16.31 -24.83
CA LYS R 61 -11.79 -16.34 -25.74
C LYS R 61 -12.06 -17.26 -26.92
N ARG R 62 -11.58 -16.87 -28.09
CA ARG R 62 -11.72 -17.66 -29.32
C ARG R 62 -10.61 -17.26 -30.27
N GLY R 63 -10.59 -17.91 -31.44
CA GLY R 63 -9.59 -17.61 -32.45
C GLY R 63 -10.04 -16.54 -33.43
N THR R 64 -9.06 -15.97 -34.14
CA THR R 64 -9.29 -14.90 -35.11
C THR R 64 -9.43 -15.50 -36.50
N PHE R 65 -10.49 -15.11 -37.20
CA PHE R 65 -10.80 -15.64 -38.52
C PHE R 65 -11.04 -14.48 -39.49
N LYS R 66 -10.90 -14.77 -40.78
CA LYS R 66 -11.14 -13.77 -41.80
C LYS R 66 -12.62 -13.46 -41.92
N SER R 67 -12.94 -12.17 -42.10
CA SER R 67 -14.28 -11.61 -42.27
C SER R 67 -15.20 -11.85 -41.08
N ASP R 68 -14.67 -11.83 -39.86
CA ASP R 68 -15.49 -11.94 -38.64
C ASP R 68 -15.03 -10.84 -37.69
N ASN R 69 -15.78 -9.75 -37.64
CA ASN R 69 -15.50 -8.61 -36.79
C ASN R 69 -16.58 -8.41 -35.73
N GLU R 70 -17.15 -9.51 -35.24
CA GLU R 70 -18.26 -9.50 -34.28
C GLU R 70 -17.96 -8.87 -32.96
N TYR R 71 -16.75 -9.05 -32.46
CA TYR R 71 -16.39 -8.46 -31.18
C TYR R 71 -16.44 -6.93 -31.25
N PHE R 72 -15.89 -6.37 -32.34
CA PHE R 72 -15.84 -4.92 -32.49
C PHE R 72 -17.22 -4.34 -32.84
N GLN R 73 -18.08 -5.14 -33.47
CA GLN R 73 -19.40 -4.64 -33.85
C GLN R 73 -20.31 -4.48 -32.63
N TRP R 74 -20.17 -5.37 -31.64
CA TRP R 74 -20.91 -5.23 -30.40
C TRP R 74 -20.38 -4.07 -29.57
N TYR R 75 -19.05 -3.89 -29.53
CA TYR R 75 -18.46 -2.81 -28.76
C TYR R 75 -18.75 -1.44 -29.38
N ASN R 76 -19.01 -1.39 -30.68
CA ASN R 76 -19.28 -0.13 -31.36
C ASN R 76 -20.71 0.37 -31.17
N THR R 77 -21.57 -0.33 -30.43
CA THR R 77 -22.92 0.15 -30.16
C THR R 77 -23.01 1.02 -28.91
N ILE R 78 -21.89 1.36 -28.29
CA ILE R 78 -21.89 2.24 -27.12
C ILE R 78 -22.06 3.68 -27.57
N ASN R 79 -23.14 4.32 -27.15
CA ASN R 79 -23.33 5.74 -27.53
C ASN R 79 -23.64 6.47 -26.22
N LEU R 80 -22.65 7.14 -25.61
CA LEU R 80 -22.82 7.80 -24.29
C LEU R 80 -23.28 6.73 -23.27
N ASN R 81 -24.48 6.83 -22.70
CA ASN R 81 -24.91 5.81 -21.70
C ASN R 81 -25.69 4.64 -22.31
N LYS R 82 -25.82 4.55 -23.64
CA LYS R 82 -26.63 3.48 -24.31
C LYS R 82 -25.77 2.32 -24.84
N VAL R 83 -26.28 1.08 -24.82
CA VAL R 83 -25.62 -0.08 -25.36
C VAL R 83 -26.70 -1.10 -25.69
N GLU R 84 -26.37 -2.07 -26.53
CA GLU R 84 -27.26 -3.20 -26.82
C GLU R 84 -26.98 -4.30 -25.81
N ARG R 85 -27.94 -4.56 -24.93
CA ARG R 85 -27.82 -5.59 -23.91
C ARG R 85 -28.42 -6.89 -24.42
N ARG R 86 -27.74 -8.01 -24.16
CA ARG R 86 -28.12 -9.31 -24.69
C ARG R 86 -28.25 -10.33 -23.58
N ASP R 87 -28.98 -11.41 -23.87
CA ASP R 87 -29.04 -12.59 -23.02
C ASP R 87 -27.97 -13.57 -23.47
N LEU R 88 -27.39 -14.28 -22.50
CA LEU R 88 -26.24 -15.16 -22.72
C LEU R 88 -26.56 -16.53 -22.14
N THR R 89 -26.40 -17.58 -22.93
CA THR R 89 -26.69 -18.94 -22.51
C THR R 89 -25.50 -19.83 -22.79
N ILE R 90 -24.94 -20.42 -21.73
CA ILE R 90 -23.73 -21.23 -21.80
C ILE R 90 -24.07 -22.63 -21.29
N SER R 91 -23.79 -23.65 -22.11
CA SER R 91 -24.19 -25.01 -21.81
C SER R 91 -23.00 -25.96 -21.82
N LEU R 92 -23.03 -26.95 -20.94
CA LEU R 92 -22.09 -28.08 -20.96
C LEU R 92 -22.79 -29.28 -21.59
N LEU R 93 -22.13 -29.91 -22.56
CA LEU R 93 -22.79 -30.90 -23.41
C LEU R 93 -22.30 -32.32 -23.10
N ASN R 94 -23.17 -33.29 -23.38
CA ASN R 94 -22.82 -34.71 -23.27
C ASN R 94 -22.31 -35.24 -24.62
N GLU R 95 -22.23 -36.56 -24.75
CA GLU R 95 -21.65 -37.16 -25.95
C GLU R 95 -22.57 -37.06 -27.16
N GLU R 96 -23.89 -37.00 -26.95
CA GLU R 96 -24.81 -36.74 -28.05
C GLU R 96 -25.19 -35.27 -28.17
N HIS R 97 -24.34 -34.37 -27.67
CA HIS R 97 -24.39 -32.92 -27.88
C HIS R 97 -25.65 -32.25 -27.34
N GLU R 98 -26.16 -32.69 -26.21
CA GLU R 98 -27.33 -32.10 -25.56
C GLU R 98 -26.94 -31.45 -24.24
N PRO R 99 -27.66 -30.41 -23.81
CA PRO R 99 -27.26 -29.68 -22.59
C PRO R 99 -27.47 -30.47 -21.31
N VAL R 100 -26.54 -30.27 -20.37
CA VAL R 100 -26.59 -30.90 -19.04
C VAL R 100 -26.60 -29.86 -17.94
N VAL R 101 -25.65 -28.92 -17.97
CA VAL R 101 -25.58 -27.81 -17.02
C VAL R 101 -25.61 -26.51 -17.82
N THR R 102 -26.52 -25.62 -17.48
CA THR R 102 -26.72 -24.37 -18.20
C THR R 102 -26.57 -23.18 -17.25
N TRP R 103 -25.83 -22.17 -17.70
CA TRP R 103 -25.68 -20.90 -17.00
C TRP R 103 -26.43 -19.84 -17.79
N LYS R 104 -27.38 -19.16 -17.13
CA LYS R 104 -28.25 -18.20 -17.79
C LYS R 104 -27.96 -16.79 -17.27
N VAL R 105 -27.60 -15.90 -18.19
CA VAL R 105 -27.07 -14.57 -17.86
C VAL R 105 -28.00 -13.53 -18.47
N LYS R 106 -28.35 -12.50 -17.69
CA LYS R 106 -29.21 -11.42 -18.17
C LYS R 106 -28.47 -10.09 -18.21
N ASN R 107 -28.81 -9.28 -19.23
CA ASN R 107 -28.36 -7.89 -19.41
C ASN R 107 -26.84 -7.77 -19.56
N ALA R 108 -26.26 -8.46 -20.54
CA ALA R 108 -24.82 -8.41 -20.74
C ALA R 108 -24.43 -7.37 -21.79
N TRP R 109 -23.28 -6.73 -21.57
CA TRP R 109 -22.69 -5.82 -22.54
C TRP R 109 -21.18 -5.83 -22.36
N PRO R 110 -20.39 -5.62 -23.43
CA PRO R 110 -18.93 -5.72 -23.32
C PRO R 110 -18.28 -4.44 -22.82
N LEU R 111 -17.24 -4.58 -22.01
CA LEU R 111 -16.50 -3.42 -21.52
C LEU R 111 -15.03 -3.39 -21.93
N LYS R 112 -14.46 -4.55 -22.24
CA LYS R 112 -13.05 -4.62 -22.70
C LYS R 112 -12.90 -5.58 -23.89
N VAL R 113 -12.28 -5.12 -24.98
CA VAL R 113 -11.98 -5.96 -26.14
C VAL R 113 -10.48 -5.92 -26.35
N GLN R 114 -9.83 -7.08 -26.36
CA GLN R 114 -8.39 -7.20 -26.48
C GLN R 114 -8.03 -8.03 -27.70
N SER R 115 -7.16 -7.49 -28.54
CA SER R 115 -6.69 -8.16 -29.74
C SER R 115 -5.46 -9.00 -29.42
N THR R 116 -4.99 -9.72 -30.43
CA THR R 116 -3.79 -10.52 -30.27
C THR R 116 -2.55 -9.63 -30.26
N ASP R 117 -1.46 -10.16 -29.71
CA ASP R 117 -0.17 -9.55 -29.89
C ASP R 117 0.55 -10.19 -31.06
N LEU R 118 1.47 -9.45 -31.66
CA LEU R 118 2.17 -9.88 -32.87
C LEU R 118 3.62 -10.20 -32.52
N LYS R 119 4.02 -11.44 -32.77
CA LYS R 119 5.37 -11.93 -32.49
C LYS R 119 5.92 -12.62 -33.72
N GLY R 120 7.22 -12.46 -33.97
CA GLY R 120 7.81 -12.98 -35.19
C GLY R 120 8.39 -14.38 -35.06
N ASP R 121 8.88 -14.74 -33.88
CA ASP R 121 9.73 -15.93 -33.78
C ASP R 121 8.92 -17.21 -33.59
N GLY R 122 7.80 -17.14 -32.89
CA GLY R 122 7.09 -18.35 -32.57
C GLY R 122 6.16 -18.83 -33.69
N ASN R 123 5.55 -19.99 -33.44
CA ASN R 123 4.43 -20.49 -34.23
C ASN R 123 3.19 -20.44 -33.35
N GLU R 124 2.39 -19.39 -33.51
CA GLU R 124 1.19 -19.30 -32.64
C GLU R 124 0.02 -18.70 -33.43
N VAL R 125 -1.18 -19.15 -33.10
CA VAL R 125 -2.40 -18.62 -33.68
C VAL R 125 -2.84 -17.39 -32.89
N ALA R 126 -3.72 -16.60 -33.50
CA ALA R 126 -4.21 -15.36 -32.90
C ALA R 126 -5.46 -15.63 -32.07
N ILE R 127 -5.45 -15.16 -30.84
CA ILE R 127 -6.58 -15.31 -29.92
C ILE R 127 -7.08 -13.92 -29.56
N GLU R 128 -8.41 -13.73 -29.60
CA GLU R 128 -9.02 -12.50 -29.14
C GLU R 128 -9.86 -12.78 -27.88
N SER R 129 -9.99 -11.77 -27.03
CA SER R 129 -10.64 -11.93 -25.74
C SER R 129 -11.60 -10.77 -25.48
N MET R 130 -12.65 -11.06 -24.73
CA MET R 130 -13.70 -10.09 -24.40
C MET R 130 -14.12 -10.27 -22.95
N GLU R 131 -14.41 -9.15 -22.29
CA GLU R 131 -14.87 -9.15 -20.90
C GLU R 131 -16.26 -8.53 -20.83
N LEU R 132 -17.17 -9.17 -20.10
CA LEU R 132 -18.58 -8.78 -20.08
C LEU R 132 -19.03 -8.43 -18.67
N ALA R 133 -19.83 -7.37 -18.56
CA ALA R 133 -20.54 -7.00 -17.35
C ALA R 133 -21.99 -7.46 -17.47
N HIS R 134 -22.60 -7.84 -16.35
CA HIS R 134 -23.96 -8.37 -16.36
C HIS R 134 -24.63 -8.13 -15.01
N GLU R 135 -25.90 -8.51 -14.91
CA GLU R 135 -26.74 -8.18 -13.76
C GLU R 135 -27.42 -9.41 -13.17
N GLY R 136 -26.89 -10.59 -13.35
CA GLY R 136 -27.47 -11.76 -12.69
C GLY R 136 -27.21 -13.07 -13.40
N LEU R 137 -27.25 -14.16 -12.62
CA LEU R 137 -26.89 -15.49 -13.09
C LEU R 137 -27.68 -16.55 -12.35
N VAL R 138 -28.25 -17.51 -13.09
CA VAL R 138 -29.05 -18.60 -12.55
C VAL R 138 -28.52 -19.92 -13.13
N ILE R 139 -28.27 -20.91 -12.27
CA ILE R 139 -27.71 -22.19 -12.68
C ILE R 139 -28.83 -23.24 -12.72
N GLN R 140 -28.93 -23.97 -13.82
CA GLN R 140 -29.94 -25.01 -14.01
C GLN R 140 -29.26 -26.33 -14.34
N ASN R 141 -29.46 -27.34 -13.46
CA ASN R 141 -28.91 -28.69 -13.65
C ASN R 141 -29.98 -29.69 -13.19
N GLU R 142 -30.80 -30.14 -14.13
CA GLU R 142 -31.87 -31.08 -13.84
C GLU R 142 -32.08 -32.03 -15.01
N THR S 3 -43.83 33.59 -48.73
CA THR S 3 -42.58 33.30 -48.05
C THR S 3 -41.89 34.57 -47.61
N TYR S 4 -40.61 34.47 -47.30
CA TYR S 4 -39.85 35.61 -46.84
C TYR S 4 -38.60 35.71 -47.71
N LYS S 5 -38.16 36.93 -48.01
CA LYS S 5 -36.98 37.09 -48.84
C LYS S 5 -35.81 37.77 -48.15
N THR S 6 -36.08 38.85 -47.43
CA THR S 6 -35.02 39.58 -46.75
C THR S 6 -34.68 38.83 -45.45
N PRO S 7 -33.39 38.56 -45.13
CA PRO S 7 -32.97 37.96 -43.88
C PRO S 7 -33.41 38.86 -42.74
N GLY S 8 -33.81 38.29 -41.60
CA GLY S 8 -34.21 39.16 -40.51
C GLY S 8 -35.35 38.59 -39.68
N VAL S 9 -35.91 39.43 -38.83
CA VAL S 9 -36.98 39.08 -37.92
C VAL S 9 -38.30 39.67 -38.37
N TYR S 10 -39.30 38.81 -38.50
CA TYR S 10 -40.62 39.21 -38.93
C TYR S 10 -41.59 39.15 -37.75
N ILE S 11 -42.58 40.05 -37.75
CA ILE S 11 -43.60 40.08 -36.70
C ILE S 11 -45.00 39.92 -37.23
N GLU S 12 -45.74 38.98 -36.66
CA GLU S 12 -47.11 38.70 -37.06
C GLU S 12 -48.00 38.62 -35.82
N GLU S 13 -49.28 38.95 -35.96
CA GLU S 13 -50.21 38.89 -34.83
C GLU S 13 -51.37 37.94 -35.08
N ILE S 14 -51.44 36.89 -34.26
CA ILE S 14 -52.42 35.83 -34.40
C ILE S 14 -53.12 35.48 -33.09
N THR S 15 -54.22 34.73 -33.17
CA THR S 15 -54.91 34.19 -31.98
C THR S 15 -55.04 32.68 -32.09
N LYS S 16 -54.60 31.94 -31.06
CA LYS S 16 -54.72 30.48 -31.04
C LYS S 16 -54.42 29.91 -29.67
N PHE S 17 -54.69 28.61 -29.47
CA PHE S 17 -54.28 27.95 -28.24
C PHE S 17 -52.80 27.60 -28.36
N PRO S 18 -52.02 27.67 -27.26
CA PRO S 18 -50.64 27.24 -27.21
C PRO S 18 -50.55 25.74 -27.53
N PRO S 19 -49.47 25.27 -28.17
CA PRO S 19 -49.22 23.88 -28.48
C PRO S 19 -48.84 23.08 -27.24
N SER S 20 -49.07 21.78 -27.27
CA SER S 20 -48.66 20.86 -26.22
C SER S 20 -47.20 20.42 -26.36
N VAL S 21 -46.69 19.80 -25.30
CA VAL S 21 -45.35 19.23 -25.27
C VAL S 21 -45.38 17.81 -25.84
N ALA S 22 -44.47 17.51 -26.76
CA ALA S 22 -44.41 16.18 -27.38
C ALA S 22 -44.17 15.10 -26.35
N GLN S 23 -44.84 13.97 -26.53
CA GLN S 23 -44.71 12.84 -25.62
C GLN S 23 -43.97 11.66 -26.23
N VAL S 24 -43.49 10.81 -25.34
CA VAL S 24 -42.78 9.55 -25.59
C VAL S 24 -43.74 8.40 -25.90
N GLU S 25 -43.36 7.54 -26.85
CA GLU S 25 -44.18 6.40 -27.20
C GLU S 25 -44.64 5.56 -26.02
N THR S 26 -45.91 5.23 -26.08
CA THR S 26 -46.66 4.44 -25.13
C THR S 26 -47.73 3.73 -25.90
N ALA S 27 -48.80 3.29 -25.25
CA ALA S 27 -49.83 2.60 -26.01
C ALA S 27 -50.22 3.44 -27.22
N ILE S 28 -50.31 2.81 -28.39
CA ILE S 28 -50.65 3.51 -29.61
C ILE S 28 -52.09 3.30 -30.09
N PRO S 29 -52.92 4.33 -30.13
CA PRO S 29 -54.26 4.27 -30.65
C PRO S 29 -54.29 4.38 -32.15
N ALA S 30 -55.33 3.82 -32.75
CA ALA S 30 -55.62 4.13 -34.14
C ALA S 30 -56.96 4.87 -34.20
N PHE S 31 -57.02 5.87 -35.08
CA PHE S 31 -58.24 6.65 -35.29
C PHE S 31 -58.78 6.49 -36.69
N ILE S 32 -59.98 5.94 -36.81
CA ILE S 32 -60.57 5.70 -38.14
C ILE S 32 -61.71 6.67 -38.47
N GLY S 33 -61.56 7.48 -39.53
CA GLY S 33 -62.60 8.47 -39.89
C GLY S 33 -62.30 9.36 -41.12
N TYR S 34 -63.08 10.45 -41.28
CA TYR S 34 -62.99 11.36 -42.44
C TYR S 34 -62.07 12.59 -42.23
N THR S 35 -61.36 12.97 -43.29
CA THR S 35 -60.43 14.10 -43.33
C THR S 35 -60.70 15.06 -44.50
N GLN S 36 -59.83 16.07 -44.67
CA GLN S 36 -60.00 17.06 -45.72
C GLN S 36 -59.10 16.95 -46.96
N PHE S 37 -57.92 16.36 -46.79
CA PHE S 37 -56.98 16.20 -47.92
C PHE S 37 -56.56 14.78 -48.23
N ALA S 38 -56.09 14.09 -47.21
CA ALA S 38 -55.51 12.76 -47.33
C ALA S 38 -54.37 12.68 -48.36
N ARG S 39 -53.34 13.51 -48.24
CA ARG S 39 -52.27 13.45 -49.25
C ARG S 39 -50.88 13.28 -48.70
N THR S 40 -49.98 12.69 -49.51
CA THR S 40 -48.61 12.39 -49.15
C THR S 40 -47.62 13.51 -49.37
N LYS S 41 -47.97 14.42 -50.26
CA LYS S 41 -47.12 15.53 -50.58
C LYS S 41 -48.00 16.78 -50.50
N PRO S 42 -47.83 17.62 -49.47
CA PRO S 42 -48.63 18.81 -49.22
C PRO S 42 -48.79 19.76 -50.41
N SER S 43 -47.77 19.86 -51.28
CA SER S 43 -47.81 20.76 -52.43
C SER S 43 -48.58 20.29 -53.67
N VAL S 44 -49.22 19.12 -53.62
CA VAL S 44 -49.99 18.66 -54.76
C VAL S 44 -51.40 18.37 -54.29
N ASP S 45 -52.34 18.13 -55.20
CA ASP S 45 -53.71 17.86 -54.80
C ASP S 45 -54.21 16.40 -54.83
N SER S 46 -53.31 15.42 -54.90
CA SER S 46 -53.71 14.01 -54.95
C SER S 46 -54.01 13.41 -53.58
N ASP S 47 -55.19 12.81 -53.41
CA ASP S 47 -55.58 12.20 -52.13
C ASP S 47 -55.09 10.74 -52.03
N ASP S 48 -53.77 10.61 -52.00
CA ASP S 48 -53.09 9.31 -52.04
C ASP S 48 -53.06 8.55 -50.72
N LEU S 49 -53.52 9.15 -49.63
CA LEU S 49 -53.54 8.46 -48.35
C LEU S 49 -54.88 7.79 -48.03
N ILE S 50 -55.84 7.79 -48.96
CA ILE S 50 -57.07 7.14 -48.57
C ILE S 50 -56.83 5.65 -48.36
N LEU S 51 -57.22 5.19 -47.16
CA LEU S 51 -57.05 3.84 -46.64
C LEU S 51 -55.60 3.34 -46.59
N LYS S 52 -54.66 4.26 -46.33
CA LYS S 52 -53.26 3.96 -46.15
C LYS S 52 -52.84 4.45 -44.75
N PRO S 53 -52.83 3.62 -43.71
CA PRO S 53 -52.55 4.04 -42.35
C PRO S 53 -51.22 4.77 -42.29
N LYS S 54 -51.19 5.88 -41.57
CA LYS S 54 -49.98 6.65 -41.42
C LYS S 54 -49.75 7.02 -39.97
N ARG S 55 -48.49 7.05 -39.56
CA ARG S 55 -48.12 7.46 -38.22
C ARG S 55 -47.81 8.95 -38.11
N ILE S 56 -48.50 9.58 -37.15
CA ILE S 56 -48.44 11.00 -36.82
C ILE S 56 -47.90 11.26 -35.41
N SER S 57 -46.92 12.16 -35.29
CA SER S 57 -46.30 12.49 -33.99
C SER S 57 -46.97 13.62 -33.20
N SER S 58 -47.69 14.50 -33.87
CA SER S 58 -48.28 15.66 -33.23
C SER S 58 -49.44 16.23 -34.04
N LEU S 59 -50.26 17.09 -33.43
CA LEU S 59 -51.37 17.70 -34.17
C LEU S 59 -50.87 18.50 -35.36
N LEU S 60 -49.72 19.14 -35.20
CA LEU S 60 -49.10 19.92 -36.25
C LEU S 60 -48.76 19.07 -37.47
N ASP S 61 -48.48 17.77 -37.29
CA ASP S 61 -48.15 16.94 -38.43
C ASP S 61 -49.45 16.49 -39.06
N PHE S 62 -50.48 16.26 -38.25
CA PHE S 62 -51.77 15.84 -38.78
C PHE S 62 -52.23 16.84 -39.80
N THR S 63 -52.18 18.11 -39.44
CA THR S 63 -52.69 19.17 -40.28
C THR S 63 -51.91 19.43 -41.57
N THR S 64 -50.78 18.77 -41.81
CA THR S 64 -50.08 19.01 -43.07
C THR S 64 -50.37 17.90 -44.07
N TYR S 65 -51.08 16.86 -43.64
CA TYR S 65 -51.41 15.73 -44.52
C TYR S 65 -52.90 15.57 -44.64
N TYR S 66 -53.63 15.90 -43.57
CA TYR S 66 -55.04 15.66 -43.52
C TYR S 66 -55.95 16.89 -43.50
N GLY S 67 -55.40 18.07 -43.20
CA GLY S 67 -56.19 19.31 -43.09
C GLY S 67 -56.81 19.53 -41.70
N GLY S 68 -57.79 20.43 -41.62
CA GLY S 68 -58.43 20.83 -40.36
C GLY S 68 -59.91 20.45 -40.27
N ALA S 69 -60.71 21.29 -39.63
CA ALA S 69 -62.15 21.04 -39.46
C ALA S 69 -62.92 21.68 -40.62
N GLN S 70 -64.18 21.25 -40.80
CA GLN S 70 -65.07 21.84 -41.81
C GLN S 70 -65.76 23.07 -41.21
N ASN S 71 -65.89 24.15 -41.98
CA ASN S 71 -66.63 25.33 -41.50
C ASN S 71 -68.10 24.99 -41.27
N GLU S 72 -68.65 25.40 -40.13
CA GLU S 72 -70.06 25.16 -39.85
C GLU S 72 -70.93 26.01 -40.76
N GLN S 73 -72.01 25.42 -41.28
CA GLN S 73 -72.94 26.14 -42.16
C GLN S 73 -74.25 26.50 -41.47
N GLY S 74 -74.37 26.13 -40.20
CA GLY S 74 -75.60 26.29 -39.42
C GLY S 74 -75.72 27.55 -38.56
N ILE S 75 -74.78 28.50 -38.68
CA ILE S 75 -74.86 29.68 -37.84
C ILE S 75 -75.82 30.70 -38.42
N THR S 76 -76.81 31.06 -37.62
CA THR S 76 -77.86 32.00 -37.96
C THR S 76 -77.73 33.25 -37.12
N VAL S 77 -77.91 34.40 -37.74
CA VAL S 77 -77.91 35.66 -37.02
C VAL S 77 -79.14 36.45 -37.41
N LYS S 78 -79.94 36.84 -36.42
CA LYS S 78 -81.14 37.60 -36.73
C LYS S 78 -81.21 38.93 -35.98
N LEU S 79 -81.47 39.99 -36.74
CA LEU S 79 -81.58 41.33 -36.20
C LEU S 79 -83.00 41.87 -36.32
N THR S 80 -83.58 42.32 -35.21
CA THR S 80 -84.93 42.88 -35.27
C THR S 80 -84.99 44.33 -34.80
N ASP S 81 -85.43 45.21 -35.70
CA ASP S 81 -85.56 46.65 -35.40
C ASP S 81 -87.00 47.13 -35.22
N THR S 82 -87.32 47.56 -34.01
CA THR S 82 -88.66 48.05 -33.71
C THR S 82 -88.65 49.36 -32.97
N LEU S 83 -89.85 49.85 -32.64
CA LEU S 83 -89.97 51.09 -31.88
C LEU S 83 -90.72 50.95 -30.57
N ILE S 84 -90.20 51.61 -29.54
CA ILE S 84 -90.85 51.65 -28.24
C ILE S 84 -91.12 53.09 -27.87
N GLU S 85 -92.39 53.47 -27.90
CA GLU S 85 -92.79 54.85 -27.62
C GLU S 85 -91.98 55.84 -28.48
N GLY S 86 -91.75 55.47 -29.73
CA GLY S 86 -91.02 56.28 -30.69
C GLY S 86 -89.49 56.08 -30.67
N ALA S 87 -88.96 55.36 -29.68
CA ALA S 87 -87.52 55.16 -29.57
C ALA S 87 -87.08 53.95 -30.36
N GLU S 88 -85.88 53.98 -30.90
CA GLU S 88 -85.35 52.80 -31.59
C GLU S 88 -84.98 51.72 -30.59
N ASN S 89 -85.26 50.47 -30.95
CA ASN S 89 -84.89 49.32 -30.13
C ASN S 89 -84.42 48.13 -30.97
N ARG S 90 -83.14 47.77 -30.85
CA ARG S 90 -82.61 46.64 -31.63
C ARG S 90 -82.30 45.41 -30.81
N THR S 91 -82.77 44.28 -31.29
CA THR S 91 -82.47 42.99 -30.67
C THR S 91 -81.56 42.15 -31.55
N ILE S 92 -80.47 41.64 -30.96
CA ILE S 92 -79.52 40.78 -31.67
C ILE S 92 -79.62 39.36 -31.14
N ASN S 93 -80.01 38.42 -32.00
CA ASN S 93 -80.21 37.04 -31.59
C ASN S 93 -79.35 36.01 -32.35
N VAL S 94 -78.43 35.36 -31.64
CA VAL S 94 -77.57 34.35 -32.26
C VAL S 94 -77.68 33.02 -31.47
N PRO S 95 -78.58 32.09 -31.87
CA PRO S 95 -78.88 30.84 -31.20
C PRO S 95 -77.81 29.79 -31.43
N GLU S 96 -77.77 28.78 -30.58
CA GLU S 96 -76.91 27.63 -30.81
C GLU S 96 -77.36 26.93 -32.08
N PRO S 97 -76.46 26.56 -33.02
CA PRO S 97 -76.82 25.89 -34.26
C PRO S 97 -77.47 24.54 -34.01
N THR S 98 -78.50 24.24 -34.80
CA THR S 98 -79.17 22.96 -34.70
C THR S 98 -78.64 21.99 -35.73
N PHE S 99 -78.06 22.53 -36.79
CA PHE S 99 -77.49 21.70 -37.84
C PHE S 99 -75.99 21.87 -37.80
N LYS S 100 -75.31 20.83 -37.37
CA LYS S 100 -73.86 20.86 -37.20
C LYS S 100 -73.20 19.92 -38.19
N SER S 101 -71.96 20.18 -38.54
CA SER S 101 -71.22 19.29 -39.43
C SER S 101 -70.73 18.03 -38.71
N PRO S 102 -71.04 16.80 -39.18
CA PRO S 102 -70.70 15.54 -38.52
C PRO S 102 -69.28 15.08 -38.79
N TYR S 103 -68.30 15.92 -38.55
CA TYR S 103 -66.92 15.53 -38.83
C TYR S 103 -65.97 15.89 -37.69
N LEU S 104 -65.93 15.04 -36.67
CA LEU S 104 -65.23 15.30 -35.42
C LEU S 104 -63.76 14.87 -35.32
N MET S 105 -63.17 14.32 -36.38
CA MET S 105 -61.77 13.85 -36.29
C MET S 105 -60.81 14.92 -35.76
N PHE S 106 -60.89 16.13 -36.29
CA PHE S 106 -59.99 17.19 -35.88
C PHE S 106 -60.13 17.53 -34.39
N TYR S 107 -61.37 17.74 -33.95
CA TYR S 107 -61.64 18.10 -32.56
C TYR S 107 -61.21 17.00 -31.61
N SER S 108 -61.45 15.75 -31.98
CA SER S 108 -61.08 14.63 -31.14
C SER S 108 -59.58 14.57 -30.94
N LEU S 109 -58.79 14.80 -32.01
CA LEU S 109 -57.34 14.82 -31.87
C LEU S 109 -56.85 15.95 -31.00
N GLN S 110 -57.47 17.13 -31.07
CA GLN S 110 -57.04 18.19 -30.18
C GLN S 110 -57.18 17.76 -28.71
N MET S 111 -58.29 17.09 -28.37
CA MET S 111 -58.48 16.64 -26.99
C MET S 111 -57.47 15.58 -26.59
N TYR S 112 -57.18 14.66 -27.51
CA TYR S 112 -56.21 13.60 -27.28
C TYR S 112 -54.84 14.15 -26.93
N PHE S 113 -54.34 15.10 -27.71
CA PHE S 113 -53.04 15.65 -27.43
C PHE S 113 -53.08 16.51 -26.15
N ALA S 114 -54.18 17.23 -25.89
CA ALA S 114 -54.32 18.06 -24.68
C ALA S 114 -54.21 17.24 -23.41
N ASN S 115 -54.66 15.99 -23.47
CA ASN S 115 -54.63 15.07 -22.34
C ASN S 115 -53.40 14.18 -22.25
N GLY S 116 -52.35 14.48 -23.03
CA GLY S 116 -51.11 13.72 -22.88
C GLY S 116 -50.84 12.60 -23.87
N GLY S 117 -51.61 12.48 -24.93
CA GLY S 117 -51.35 11.42 -25.88
C GLY S 117 -50.03 11.59 -26.64
N GLY S 118 -49.46 10.47 -27.08
CA GLY S 118 -48.24 10.45 -27.88
C GLY S 118 -48.57 10.14 -29.33
N PRO S 119 -47.61 9.59 -30.10
CA PRO S 119 -47.74 9.23 -31.51
C PRO S 119 -48.89 8.25 -31.73
N CYS S 120 -49.56 8.39 -32.87
CA CYS S 120 -50.73 7.56 -33.20
C CYS S 120 -50.92 7.28 -34.69
N TYR S 121 -51.82 6.34 -35.02
CA TYR S 121 -52.12 6.07 -36.43
C TYR S 121 -53.43 6.66 -36.89
N ILE S 122 -53.37 7.25 -38.08
CA ILE S 122 -54.54 7.82 -38.72
C ILE S 122 -54.93 7.05 -39.95
N VAL S 123 -56.20 6.68 -40.02
CA VAL S 123 -56.71 6.03 -41.22
C VAL S 123 -57.79 6.93 -41.78
N SER S 124 -57.57 7.43 -43.00
CA SER S 124 -58.56 8.29 -43.63
C SER S 124 -59.41 7.45 -44.56
N THR S 125 -60.70 7.43 -44.29
CA THR S 125 -61.64 6.60 -45.03
C THR S 125 -62.32 7.32 -46.18
N GLY S 126 -62.06 8.60 -46.29
CA GLY S 126 -62.68 9.44 -47.31
C GLY S 126 -62.53 10.88 -46.91
N VAL S 127 -63.10 11.78 -47.71
CA VAL S 127 -62.99 13.19 -47.40
C VAL S 127 -64.36 13.81 -47.24
N TYR S 128 -64.39 14.98 -46.65
CA TYR S 128 -65.63 15.72 -46.37
C TYR S 128 -66.41 16.12 -47.61
N ASP S 129 -67.72 15.97 -47.52
CA ASP S 129 -68.66 16.41 -48.55
C ASP S 129 -69.21 17.78 -48.24
N ASP S 130 -69.65 18.45 -49.29
CA ASP S 130 -70.34 19.72 -49.20
C ASP S 130 -71.74 19.55 -48.65
N TRP S 131 -72.29 20.61 -48.09
CA TRP S 131 -73.67 20.61 -47.62
C TRP S 131 -74.57 20.76 -48.83
N SER S 132 -75.79 20.20 -48.74
CA SER S 132 -76.72 20.35 -49.86
C SER S 132 -77.48 21.65 -49.74
N ASP S 133 -77.71 22.06 -48.49
CA ASP S 133 -78.42 23.30 -48.17
C ASP S 133 -78.01 23.74 -46.79
N SER S 134 -78.50 24.88 -46.33
CA SER S 134 -78.14 25.39 -44.99
C SER S 134 -78.67 24.53 -43.86
N GLU S 135 -79.70 23.73 -44.16
CA GLU S 135 -80.31 22.84 -43.20
C GLU S 135 -80.17 21.39 -43.64
N THR S 136 -79.30 21.14 -44.63
CA THR S 136 -79.11 19.76 -45.07
C THR S 136 -77.62 19.41 -45.06
N PRO S 137 -77.12 18.82 -43.95
CA PRO S 137 -75.74 18.47 -43.70
C PRO S 137 -75.33 17.18 -44.44
N PRO S 138 -74.02 16.93 -44.60
CA PRO S 138 -73.36 15.72 -45.05
C PRO S 138 -73.67 14.55 -44.15
N THR S 139 -73.38 13.35 -44.64
CA THR S 139 -73.59 12.12 -43.90
C THR S 139 -72.30 11.31 -43.69
N ILE S 140 -72.47 10.27 -42.87
CA ILE S 140 -71.45 9.27 -42.54
C ILE S 140 -71.88 7.96 -43.16
N ASN S 141 -71.01 7.36 -43.97
CA ASN S 141 -71.35 6.12 -44.64
C ASN S 141 -70.79 4.93 -43.92
N PHE S 142 -71.64 4.11 -43.36
CA PHE S 142 -71.25 2.95 -42.59
C PHE S 142 -70.17 2.11 -43.27
N SER S 143 -70.31 1.89 -44.57
CA SER S 143 -69.38 1.03 -45.31
C SER S 143 -67.94 1.53 -45.30
N ASP S 144 -67.75 2.84 -45.09
CA ASP S 144 -66.43 3.43 -45.09
C ASP S 144 -65.73 3.11 -43.79
N LEU S 145 -66.50 3.00 -42.70
CA LEU S 145 -65.88 2.76 -41.42
C LEU S 145 -65.49 1.30 -41.38
N GLU S 146 -66.33 0.43 -41.96
CA GLU S 146 -65.97 -0.99 -41.99
C GLU S 146 -64.71 -1.22 -42.80
N SER S 147 -64.56 -0.48 -43.91
CA SER S 147 -63.37 -0.63 -44.72
C SER S 147 -62.14 -0.24 -43.92
N GLY S 148 -62.19 0.89 -43.21
CA GLY S 148 -61.06 1.30 -42.40
C GLY S 148 -60.69 0.28 -41.32
N LEU S 149 -61.71 -0.33 -40.69
CA LEU S 149 -61.46 -1.34 -39.67
C LEU S 149 -60.76 -2.54 -40.28
N ALA S 150 -61.20 -2.99 -41.46
CA ALA S 150 -60.53 -4.09 -42.11
C ALA S 150 -59.07 -3.75 -42.41
N VAL S 151 -58.79 -2.53 -42.85
CA VAL S 151 -57.44 -2.11 -43.18
C VAL S 151 -56.49 -2.14 -41.99
N ILE S 152 -56.92 -1.62 -40.84
CA ILE S 152 -56.07 -1.55 -39.66
C ILE S 152 -55.68 -2.96 -39.16
N ARG S 153 -56.39 -4.00 -39.59
CA ARG S 153 -56.07 -5.35 -39.18
C ARG S 153 -54.67 -5.76 -39.55
N LYS S 154 -54.13 -5.19 -40.64
CA LYS S 154 -52.80 -5.55 -41.08
C LYS S 154 -51.67 -4.78 -40.42
N GLU S 155 -51.97 -3.85 -39.51
CA GLU S 155 -50.90 -3.10 -38.86
C GLU S 155 -50.49 -3.78 -37.58
N ASP S 156 -49.21 -3.72 -37.26
CA ASP S 156 -48.65 -4.31 -36.06
C ASP S 156 -48.69 -3.46 -34.80
N GLU S 157 -48.22 -2.22 -34.91
CA GLU S 157 -48.07 -1.33 -33.76
C GLU S 157 -49.30 -0.90 -32.91
N PRO S 158 -50.50 -0.63 -33.47
CA PRO S 158 -51.68 -0.17 -32.72
C PRO S 158 -52.16 -1.15 -31.65
N THR S 159 -52.64 -0.61 -30.52
CA THR S 159 -53.20 -1.39 -29.43
C THR S 159 -54.63 -0.95 -29.05
N LEU S 160 -54.99 0.32 -29.34
CA LEU S 160 -56.34 0.80 -29.00
C LEU S 160 -57.14 1.15 -30.26
N LEU S 161 -58.42 0.81 -30.26
CA LEU S 161 -59.29 1.18 -31.40
C LEU S 161 -60.35 2.23 -31.08
N LEU S 162 -60.34 3.34 -31.85
CA LEU S 162 -61.31 4.42 -31.69
C LEU S 162 -61.97 4.85 -33.03
N PHE S 163 -63.26 5.21 -32.95
CA PHE S 163 -64.02 5.76 -34.09
C PHE S 163 -64.64 7.13 -33.77
N PRO S 164 -63.95 8.25 -34.08
CA PRO S 164 -64.35 9.62 -33.79
C PRO S 164 -65.77 10.03 -34.22
N ASP S 165 -66.34 9.44 -35.29
CA ASP S 165 -67.69 9.84 -35.68
C ASP S 165 -68.69 8.68 -35.70
N ALA S 166 -68.54 7.72 -34.81
CA ALA S 166 -69.51 6.64 -34.76
C ALA S 166 -70.90 7.16 -34.38
N THR S 167 -70.96 8.18 -33.54
CA THR S 167 -72.23 8.69 -33.07
C THR S 167 -72.97 9.56 -34.09
N ASN S 168 -72.31 9.86 -35.22
CA ASN S 168 -72.94 10.67 -36.25
C ASN S 168 -73.52 9.78 -37.34
N LEU S 169 -73.41 8.48 -37.12
CA LEU S 169 -73.88 7.45 -38.01
C LEU S 169 -75.42 7.43 -37.90
N PRO S 170 -76.19 7.32 -39.02
CA PRO S 170 -77.66 7.36 -39.11
C PRO S 170 -78.52 6.53 -38.17
N THR S 171 -78.09 5.34 -37.76
CA THR S 171 -78.94 4.55 -36.88
C THR S 171 -78.14 3.98 -35.72
N ASP S 172 -78.83 3.56 -34.69
CA ASP S 172 -78.19 2.94 -33.56
C ASP S 172 -77.80 1.53 -33.95
N ASP S 173 -78.59 0.93 -34.82
CA ASP S 173 -78.26 -0.42 -35.26
C ASP S 173 -76.91 -0.46 -35.96
N GLU S 174 -76.61 0.54 -36.82
CA GLU S 174 -75.30 0.58 -37.47
C GLU S 174 -74.19 0.82 -36.45
N PHE S 175 -74.46 1.68 -35.47
CA PHE S 175 -73.50 1.99 -34.41
C PHE S 175 -73.11 0.71 -33.65
N TYR S 176 -74.10 -0.05 -33.21
CA TYR S 176 -73.83 -1.25 -32.45
C TYR S 176 -73.12 -2.30 -33.30
N SER S 177 -73.51 -2.41 -34.58
CA SER S 177 -72.89 -3.37 -35.48
C SER S 177 -71.38 -3.08 -35.62
N LEU S 178 -71.02 -1.81 -35.77
CA LEU S 178 -69.62 -1.43 -35.92
C LEU S 178 -68.81 -1.85 -34.68
N TYR S 179 -69.37 -1.62 -33.48
CA TYR S 179 -68.64 -2.01 -32.28
C TYR S 179 -68.56 -3.52 -32.08
N ASN S 180 -69.57 -4.27 -32.50
CA ASN S 180 -69.47 -5.71 -32.36
C ASN S 180 -68.32 -6.21 -33.22
N SER S 181 -68.13 -5.64 -34.42
CA SER S 181 -67.03 -6.02 -35.28
C SER S 181 -65.68 -5.72 -34.65
N ALA S 182 -65.54 -4.56 -34.01
CA ALA S 182 -64.28 -4.23 -33.35
C ALA S 182 -63.94 -5.22 -32.22
N LEU S 183 -64.94 -5.62 -31.44
CA LEU S 183 -64.69 -6.58 -30.36
C LEU S 183 -64.28 -7.94 -30.94
N MET S 184 -64.90 -8.33 -32.06
CA MET S 184 -64.53 -9.58 -32.70
C MET S 184 -63.09 -9.53 -33.23
N GLN S 185 -62.67 -8.38 -33.79
CA GLN S 185 -61.30 -8.26 -34.27
C GLN S 185 -60.33 -8.43 -33.13
N CYS S 186 -60.64 -7.85 -31.97
CA CYS S 186 -59.78 -7.94 -30.80
C CYS S 186 -59.64 -9.39 -30.35
N ASN S 187 -60.72 -10.16 -30.37
CA ASN S 187 -60.59 -11.55 -29.97
C ASN S 187 -59.79 -12.34 -31.03
N ASP S 188 -59.98 -12.08 -32.31
CA ASP S 188 -59.19 -12.82 -33.29
C ASP S 188 -57.68 -12.59 -33.14
N LEU S 189 -57.28 -11.36 -32.81
CA LEU S 189 -55.86 -11.04 -32.68
C LEU S 189 -55.24 -11.29 -31.29
N GLN S 190 -56.04 -11.15 -30.22
CA GLN S 190 -55.63 -11.30 -28.81
C GLN S 190 -54.62 -10.29 -28.26
N ASP S 191 -54.54 -9.09 -28.83
CA ASP S 191 -53.65 -8.05 -28.33
C ASP S 191 -54.17 -6.60 -28.39
N ARG S 192 -55.48 -6.41 -28.60
CA ARG S 192 -56.06 -5.07 -28.71
C ARG S 192 -57.21 -4.85 -27.74
N PHE S 193 -57.52 -3.60 -27.49
CA PHE S 193 -58.61 -3.22 -26.59
C PHE S 193 -59.47 -2.10 -27.22
N THR S 194 -60.80 -2.22 -27.07
CA THR S 194 -61.75 -1.26 -27.65
C THR S 194 -62.35 -0.30 -26.63
N ILE S 195 -62.40 0.99 -26.99
CA ILE S 195 -63.04 1.99 -26.12
C ILE S 195 -64.41 2.36 -26.70
N LEU S 196 -65.47 2.21 -25.90
CA LEU S 196 -66.83 2.43 -26.39
C LEU S 196 -67.57 3.61 -25.74
N ASP S 197 -68.40 4.24 -26.55
CA ASP S 197 -69.28 5.34 -26.18
C ASP S 197 -70.74 4.92 -26.24
N THR S 198 -71.63 5.65 -25.58
CA THR S 198 -73.05 5.43 -25.79
C THR S 198 -73.39 6.16 -27.09
N TYR S 199 -74.57 5.90 -27.65
CA TYR S 199 -75.00 6.57 -28.87
C TYR S 199 -75.27 8.06 -28.63
N SER S 200 -75.89 8.36 -27.50
CA SER S 200 -76.28 9.70 -27.08
C SER S 200 -76.42 9.75 -25.57
N ASP S 201 -76.26 10.93 -24.96
CA ASP S 201 -76.53 11.02 -23.52
C ASP S 201 -77.96 11.39 -23.16
N GLN S 202 -78.78 11.60 -24.16
CA GLN S 202 -80.17 11.98 -23.98
C GLN S 202 -81.06 10.90 -24.51
N THR S 203 -82.30 10.86 -24.05
CA THR S 203 -83.23 9.89 -24.54
C THR S 203 -83.28 10.20 -26.01
N TYR S 204 -83.15 9.16 -26.82
CA TYR S 204 -83.13 9.33 -28.27
C TYR S 204 -84.25 8.50 -28.89
N ASN S 205 -84.84 8.99 -29.98
CA ASN S 205 -85.93 8.27 -30.58
C ASN S 205 -85.45 7.47 -31.76
N ASP S 206 -85.74 6.18 -31.74
CA ASP S 206 -85.33 5.29 -32.83
C ASP S 206 -86.36 5.24 -33.98
N GLY S 207 -87.37 6.11 -33.91
CA GLY S 207 -88.43 6.18 -34.90
C GLY S 207 -89.67 5.39 -34.49
N VAL S 208 -89.52 4.57 -33.45
CA VAL S 208 -90.60 3.74 -32.93
C VAL S 208 -90.83 4.03 -31.45
N GLU S 209 -89.75 4.00 -30.67
CA GLU S 209 -89.77 4.12 -29.21
C GLU S 209 -88.67 5.05 -28.66
N ASP S 210 -88.90 5.57 -27.46
CA ASP S 210 -87.95 6.42 -26.72
C ASP S 210 -87.03 5.57 -25.84
N LEU S 211 -85.74 5.57 -26.15
CA LEU S 211 -84.81 4.71 -25.44
C LEU S 211 -83.81 5.39 -24.51
N ASP S 212 -83.61 4.77 -23.35
CA ASP S 212 -82.58 5.20 -22.40
C ASP S 212 -81.23 4.69 -22.89
N PRO S 213 -80.24 5.59 -22.99
CA PRO S 213 -78.92 5.28 -23.54
C PRO S 213 -78.12 4.19 -22.86
N ILE S 214 -78.07 4.10 -21.53
CA ILE S 214 -77.32 2.98 -20.93
C ILE S 214 -77.94 1.60 -21.17
N PRO S 215 -79.27 1.47 -21.02
CA PRO S 215 -80.02 0.23 -21.27
C PRO S 215 -79.95 -0.19 -22.74
N ALA S 216 -79.97 0.78 -23.64
CA ALA S 216 -79.85 0.50 -25.06
C ALA S 216 -78.51 -0.11 -25.48
N LEU S 217 -77.40 0.34 -24.89
CA LEU S 217 -76.07 -0.15 -25.20
C LEU S 217 -75.98 -1.57 -24.72
N ARG S 218 -76.54 -1.84 -23.53
CA ARG S 218 -76.48 -3.18 -23.01
C ARG S 218 -77.17 -4.19 -23.94
N ASN S 219 -78.31 -3.80 -24.52
CA ASN S 219 -79.00 -4.67 -25.47
C ASN S 219 -78.30 -4.74 -26.82
N GLY S 220 -77.71 -3.62 -27.25
CA GLY S 220 -76.99 -3.52 -28.50
C GLY S 220 -75.79 -4.46 -28.59
N ILE S 221 -74.91 -4.43 -27.59
CA ILE S 221 -73.74 -5.29 -27.66
C ILE S 221 -74.06 -6.66 -27.11
N ASN S 222 -74.43 -7.57 -28.01
CA ASN S 222 -74.93 -8.90 -27.71
C ASN S 222 -73.94 -10.06 -27.87
N LEU S 223 -72.69 -9.82 -27.57
CA LEU S 223 -71.65 -10.85 -27.64
C LEU S 223 -71.42 -11.50 -26.29
N THR S 224 -70.76 -12.65 -26.30
CA THR S 224 -70.41 -13.41 -25.10
C THR S 224 -69.14 -12.86 -24.42
N LYS S 225 -68.84 -13.38 -23.22
CA LYS S 225 -67.69 -12.94 -22.43
C LYS S 225 -66.35 -12.98 -23.16
N ASP S 226 -66.18 -13.90 -24.10
CA ASP S 226 -64.95 -14.03 -24.86
C ASP S 226 -64.61 -12.76 -25.64
N TYR S 227 -65.62 -11.95 -25.90
CA TYR S 227 -65.45 -10.71 -26.63
C TYR S 227 -65.55 -9.54 -25.70
N LEU S 228 -66.46 -9.61 -24.73
CA LEU S 228 -66.72 -8.49 -23.83
C LEU S 228 -65.49 -8.12 -23.01
N LYS S 229 -64.68 -9.11 -22.69
CA LYS S 229 -63.45 -8.89 -21.94
C LYS S 229 -62.45 -7.96 -22.68
N TYR S 230 -62.64 -7.69 -23.97
CA TYR S 230 -61.75 -6.85 -24.75
C TYR S 230 -62.17 -5.39 -24.89
N GLY S 231 -63.10 -4.93 -24.08
CA GLY S 231 -63.42 -3.51 -24.16
C GLY S 231 -64.13 -2.99 -22.93
N ALA S 232 -64.28 -1.67 -22.91
CA ALA S 232 -64.92 -0.95 -21.81
C ALA S 232 -65.66 0.26 -22.34
N ALA S 233 -66.68 0.72 -21.60
CA ALA S 233 -67.46 1.87 -22.00
C ALA S 233 -67.48 2.96 -20.94
N TYR S 234 -67.59 4.21 -21.41
CA TYR S 234 -67.65 5.38 -20.53
C TYR S 234 -68.88 6.24 -20.78
N TYR S 235 -69.39 6.85 -19.71
CA TYR S 235 -70.55 7.74 -19.74
C TYR S 235 -70.47 8.83 -18.69
N PRO S 236 -70.95 10.04 -18.94
CA PRO S 236 -71.47 10.73 -20.13
C PRO S 236 -70.42 11.43 -21.00
N PHE S 237 -70.91 12.14 -22.02
CA PHE S 237 -70.18 13.01 -22.93
C PHE S 237 -69.70 14.21 -22.14
N VAL S 238 -68.70 14.92 -22.66
CA VAL S 238 -68.19 16.07 -21.93
C VAL S 238 -68.23 17.37 -22.72
N GLN S 239 -68.34 18.47 -21.99
CA GLN S 239 -68.35 19.80 -22.57
C GLN S 239 -66.93 20.33 -22.49
N THR S 240 -66.39 20.72 -23.63
CA THR S 240 -65.03 21.23 -23.73
C THR S 240 -64.97 22.74 -23.89
N ILE S 241 -63.77 23.23 -24.16
CA ILE S 241 -63.52 24.67 -24.22
C ILE S 241 -63.14 25.13 -25.61
N LEU S 242 -63.32 24.25 -26.58
CA LEU S 242 -62.99 24.50 -27.96
C LEU S 242 -64.14 25.22 -28.66
N ASN S 243 -63.82 26.06 -29.64
CA ASN S 243 -64.84 26.78 -30.40
C ASN S 243 -65.22 26.04 -31.67
N TYR S 244 -66.17 26.59 -32.40
CA TYR S 244 -66.57 26.04 -33.68
C TYR S 244 -65.77 26.75 -34.75
N GLN S 245 -65.49 26.06 -35.84
CA GLN S 245 -64.81 26.71 -36.94
C GLN S 245 -65.84 27.27 -37.91
N TYR S 246 -65.64 28.51 -38.32
CA TYR S 246 -66.55 29.18 -39.24
C TYR S 246 -65.82 30.28 -39.98
N SER S 247 -66.50 30.88 -40.94
CA SER S 247 -65.98 32.02 -41.66
C SER S 247 -67.03 33.11 -41.77
N ALA S 248 -66.61 34.35 -41.52
CA ALA S 248 -67.48 35.51 -41.59
C ALA S 248 -68.05 35.71 -42.99
N ASP S 249 -67.37 35.15 -43.99
CA ASP S 249 -67.76 35.30 -45.37
C ASP S 249 -68.85 34.32 -45.76
N GLU S 250 -69.24 33.46 -44.83
CA GLU S 250 -70.27 32.48 -45.08
C GLU S 250 -71.50 32.73 -44.21
N ILE S 251 -71.48 33.78 -43.39
CA ILE S 251 -72.61 34.02 -42.50
C ILE S 251 -73.45 35.17 -42.98
N VAL S 252 -74.71 34.85 -43.30
CA VAL S 252 -75.68 35.80 -43.85
C VAL S 252 -76.63 36.29 -42.77
N ILE S 253 -76.80 37.59 -42.72
CA ILE S 253 -77.64 38.28 -41.76
C ILE S 253 -79.11 38.43 -42.17
N GLN S 254 -80.02 38.04 -41.26
CA GLN S 254 -81.44 38.28 -41.51
C GLN S 254 -81.79 39.58 -40.80
N HIS S 255 -82.36 40.55 -41.50
CA HIS S 255 -82.67 41.83 -40.87
C HIS S 255 -84.09 42.30 -41.12
N LEU S 256 -84.88 42.33 -40.06
CA LEU S 256 -86.27 42.74 -40.18
C LEU S 256 -86.44 44.10 -39.56
N SER S 257 -87.33 44.91 -40.13
CA SER S 257 -87.53 46.25 -39.61
C SER S 257 -88.90 46.84 -39.78
N TYR S 258 -89.29 47.65 -38.78
CA TYR S 258 -90.53 48.44 -38.81
C TYR S 258 -90.56 49.40 -40.00
N ASN S 259 -89.38 49.76 -40.51
CA ASN S 259 -89.23 50.67 -41.63
C ASN S 259 -88.34 50.00 -42.68
N PRO S 260 -88.91 49.26 -43.65
CA PRO S 260 -88.21 48.49 -44.66
C PRO S 260 -87.34 49.38 -45.51
N ASN S 261 -86.16 48.89 -45.88
CA ASN S 261 -85.32 49.65 -46.79
C ASN S 261 -84.22 48.82 -47.42
N ALA S 262 -84.46 47.52 -47.61
CA ALA S 262 -83.47 46.69 -48.28
C ALA S 262 -83.36 46.99 -49.76
N ILE S 263 -84.50 47.17 -50.42
CA ILE S 263 -84.50 47.37 -51.86
C ILE S 263 -84.09 48.78 -52.12
N ALA S 264 -84.67 49.71 -51.39
CA ALA S 264 -84.33 51.10 -51.64
C ALA S 264 -82.84 51.33 -51.54
N THR S 265 -82.18 50.71 -50.57
CA THR S 265 -80.75 50.92 -50.45
C THR S 265 -80.02 50.33 -51.65
N ALA S 266 -80.35 49.07 -52.02
CA ALA S 266 -79.67 48.43 -53.13
C ALA S 266 -79.87 49.20 -54.43
N LEU S 267 -81.07 49.70 -54.62
CA LEU S 267 -81.41 50.40 -55.83
C LEU S 267 -80.65 51.72 -55.91
N ASP S 268 -80.57 52.46 -54.81
CA ASP S 268 -79.81 53.71 -54.82
C ASP S 268 -78.33 53.45 -55.12
N ASN S 269 -77.77 52.37 -54.56
CA ASN S 269 -76.38 52.08 -54.82
C ASN S 269 -76.19 51.73 -56.29
N LEU S 270 -77.12 50.97 -56.87
CA LEU S 270 -77.02 50.63 -58.27
C LEU S 270 -77.17 51.86 -59.17
N ASN S 271 -78.02 52.80 -58.79
CA ASN S 271 -78.13 53.96 -59.65
C ASN S 271 -76.78 54.68 -59.70
N ALA S 272 -76.04 54.72 -58.58
CA ALA S 272 -74.69 55.30 -58.56
C ALA S 272 -73.74 54.50 -59.48
N VAL S 273 -73.91 53.16 -59.48
CA VAL S 273 -73.15 52.22 -60.31
C VAL S 273 -73.32 52.44 -61.81
N ASN S 274 -74.55 52.62 -62.25
CA ASN S 274 -74.77 52.76 -63.66
C ASN S 274 -74.51 54.17 -64.17
N GLY S 275 -73.23 54.52 -64.24
CA GLY S 275 -72.84 55.86 -64.65
C GLY S 275 -71.33 56.06 -64.91
N PRO S 276 -70.96 57.27 -65.40
CA PRO S 276 -69.61 57.66 -65.76
C PRO S 276 -68.58 57.68 -64.67
N THR S 277 -69.01 57.83 -63.42
CA THR S 277 -68.08 57.88 -62.33
C THR S 277 -67.80 56.50 -61.78
N PHE S 278 -68.48 55.50 -62.34
CA PHE S 278 -68.28 54.16 -61.88
C PHE S 278 -67.60 53.36 -62.98
N ILE S 279 -68.22 53.28 -64.19
CA ILE S 279 -67.61 52.53 -65.29
C ILE S 279 -67.40 53.19 -66.64
N ASP S 280 -67.97 54.37 -66.94
CA ASP S 280 -67.71 54.80 -68.33
C ASP S 280 -66.28 55.25 -68.40
N ALA S 281 -65.81 55.97 -67.39
CA ALA S 281 -64.44 56.43 -67.45
C ALA S 281 -63.46 55.25 -67.61
N ILE S 282 -63.75 54.13 -66.94
CA ILE S 282 -62.88 52.97 -67.03
C ILE S 282 -62.88 52.42 -68.42
N LEU S 283 -64.06 52.20 -68.97
CA LEU S 283 -64.20 51.62 -70.28
C LEU S 283 -63.63 52.50 -71.37
N ASP S 284 -63.80 53.81 -71.27
CA ASP S 284 -63.26 54.70 -72.29
C ASP S 284 -61.74 54.67 -72.29
N ASP S 285 -61.13 54.64 -71.11
CA ASP S 285 -59.68 54.58 -71.03
C ASP S 285 -59.13 53.21 -71.37
N LEU S 286 -59.84 52.15 -71.00
CA LEU S 286 -59.40 50.79 -71.26
C LEU S 286 -59.41 50.47 -72.74
N ARG S 287 -60.46 50.89 -73.45
CA ARG S 287 -60.59 50.62 -74.87
C ARG S 287 -59.71 51.56 -75.69
N ASN S 321 -31.57 47.89 -74.51
CA ASN S 321 -33.01 47.73 -74.57
C ASN S 321 -33.63 47.91 -73.19
N SER S 322 -32.80 48.19 -72.19
CA SER S 322 -33.31 48.30 -70.82
C SER S 322 -34.34 49.43 -70.66
N VAL S 323 -34.17 50.48 -71.46
CA VAL S 323 -35.10 51.59 -71.43
C VAL S 323 -36.41 51.19 -72.06
N LYS S 324 -36.35 50.35 -73.09
CA LYS S 324 -37.52 49.91 -73.79
C LYS S 324 -38.37 49.08 -72.85
N VAL S 325 -37.71 48.24 -72.05
CA VAL S 325 -38.43 47.42 -71.10
C VAL S 325 -39.10 48.30 -70.07
N ALA S 326 -38.38 49.30 -69.56
CA ALA S 326 -38.97 50.20 -68.56
C ALA S 326 -40.19 50.93 -69.10
N ASN S 327 -40.14 51.37 -70.37
CA ASN S 327 -41.26 52.08 -70.94
C ASN S 327 -42.44 51.15 -71.12
N PHE S 328 -42.16 49.94 -71.63
CA PHE S 328 -43.17 48.94 -71.84
C PHE S 328 -43.84 48.58 -70.55
N ALA S 329 -43.04 48.29 -69.52
CA ALA S 329 -43.56 47.87 -68.25
C ALA S 329 -44.52 48.91 -67.68
N SER S 330 -44.21 50.20 -67.83
CA SER S 330 -45.10 51.26 -67.36
C SER S 330 -46.45 51.19 -68.07
N LEU S 331 -46.41 51.02 -69.39
CA LEU S 331 -47.65 50.94 -70.16
C LEU S 331 -48.51 49.73 -69.75
N VAL S 332 -47.86 48.60 -69.47
CA VAL S 332 -48.59 47.41 -69.05
C VAL S 332 -49.26 47.67 -67.72
N GLU S 333 -48.53 48.25 -66.76
CA GLU S 333 -49.07 48.53 -65.45
C GLU S 333 -50.31 49.41 -65.53
N SER S 334 -50.29 50.41 -66.41
CA SER S 334 -51.44 51.29 -66.57
C SER S 334 -52.69 50.50 -66.96
N VAL S 335 -52.55 49.60 -67.95
CA VAL S 335 -53.68 48.78 -68.37
C VAL S 335 -54.15 47.87 -67.24
N LEU S 336 -53.20 47.23 -66.57
CA LEU S 336 -53.49 46.31 -65.50
C LEU S 336 -54.26 46.98 -64.37
N SER S 337 -53.85 48.19 -63.99
CA SER S 337 -54.53 48.94 -62.94
C SER S 337 -55.98 49.21 -63.35
N THR S 338 -56.19 49.62 -64.60
CA THR S 338 -57.53 49.90 -65.11
C THR S 338 -58.40 48.63 -65.07
N LEU S 339 -57.84 47.47 -65.47
CA LEU S 339 -58.59 46.24 -65.42
C LEU S 339 -58.98 45.90 -64.00
N ASN S 340 -58.08 46.10 -63.05
CA ASN S 340 -58.39 45.77 -61.67
C ASN S 340 -59.57 46.59 -61.14
N GLU S 341 -59.67 47.87 -61.53
CA GLU S 341 -60.82 48.67 -61.10
C GLU S 341 -62.14 48.11 -61.65
N LEU S 342 -62.12 47.65 -62.91
CA LEU S 342 -63.33 47.11 -63.52
C LEU S 342 -63.76 45.83 -62.78
N ILE S 343 -62.78 45.03 -62.39
CA ILE S 343 -63.04 43.80 -61.67
C ILE S 343 -63.67 44.10 -60.30
N ASP S 344 -63.12 45.07 -59.57
CA ASP S 344 -63.70 45.44 -58.27
C ASP S 344 -65.13 45.91 -58.42
N ALA S 345 -65.41 46.62 -59.52
CA ALA S 345 -66.75 47.12 -59.78
C ALA S 345 -67.75 45.95 -59.83
N LYS S 346 -67.37 44.86 -60.49
CA LYS S 346 -68.23 43.69 -60.58
C LYS S 346 -68.60 43.17 -59.21
N GLU S 347 -67.60 43.06 -58.33
CA GLU S 347 -67.86 42.54 -57.00
C GLU S 347 -68.84 43.40 -56.21
N GLU S 348 -68.73 44.72 -56.32
CA GLU S 348 -69.65 45.60 -55.59
C GLU S 348 -71.09 45.40 -56.06
N ILE S 349 -71.26 45.20 -57.38
CA ILE S 349 -72.57 45.00 -57.96
C ILE S 349 -73.21 43.74 -57.42
N ASN S 350 -72.46 42.64 -57.40
CA ASN S 350 -73.04 41.42 -56.88
C ASN S 350 -73.46 41.55 -55.42
N LYS S 351 -72.67 42.26 -54.62
CA LYS S 351 -73.02 42.41 -53.22
C LYS S 351 -74.35 43.12 -52.98
N ASP S 352 -74.67 44.16 -53.76
CA ASP S 352 -75.95 44.83 -53.55
C ASP S 352 -77.12 44.11 -54.21
N VAL S 353 -76.92 43.55 -55.40
CA VAL S 353 -78.01 42.90 -56.10
C VAL S 353 -78.51 41.73 -55.27
N ASN S 354 -77.59 40.99 -54.68
CA ASN S 354 -77.96 39.85 -53.87
C ASN S 354 -78.85 40.23 -52.68
N SER S 355 -78.81 41.49 -52.19
CA SER S 355 -79.66 41.83 -51.06
C SER S 355 -81.06 42.08 -51.59
N ALA S 356 -81.14 42.52 -52.85
CA ALA S 356 -82.44 42.74 -53.48
C ALA S 356 -83.13 41.40 -53.67
N ILE S 357 -82.34 40.42 -54.07
CA ILE S 357 -82.87 39.10 -54.33
C ILE S 357 -83.35 38.49 -53.03
N ALA S 358 -82.50 38.53 -52.01
CA ALA S 358 -82.81 37.98 -50.69
C ALA S 358 -84.01 38.64 -50.04
N SER S 359 -84.18 39.94 -50.25
CA SER S 359 -85.25 40.69 -49.63
C SER S 359 -86.59 40.56 -50.35
N SER S 360 -86.58 40.25 -51.64
CA SER S 360 -87.80 40.13 -52.43
C SER S 360 -88.47 38.79 -52.16
N GLU S 361 -88.95 38.60 -50.94
CA GLU S 361 -89.55 37.33 -50.51
C GLU S 361 -90.80 36.96 -51.30
N GLU S 362 -91.59 37.98 -51.63
CA GLU S 362 -92.84 37.82 -52.34
C GLU S 362 -92.59 37.97 -53.83
N ASP S 363 -93.50 37.42 -54.64
CA ASP S 363 -93.40 37.57 -56.10
C ASP S 363 -92.08 37.03 -56.64
N ASN S 364 -91.91 35.71 -56.54
CA ASN S 364 -90.68 35.03 -56.95
C ASN S 364 -90.30 35.26 -58.41
N ALA S 365 -91.27 35.70 -59.21
CA ALA S 365 -91.05 36.04 -60.60
C ALA S 365 -90.00 37.15 -60.71
N ILE S 366 -90.01 38.07 -59.74
CA ILE S 366 -89.09 39.18 -59.73
C ILE S 366 -87.78 38.65 -59.23
N LYS S 367 -87.79 37.82 -58.19
CA LYS S 367 -86.50 37.29 -57.75
C LYS S 367 -85.77 36.68 -58.94
N THR S 368 -86.51 35.95 -59.77
CA THR S 368 -85.92 35.35 -60.95
C THR S 368 -85.42 36.44 -61.90
N ALA S 369 -86.23 37.46 -62.18
CA ALA S 369 -85.78 38.48 -63.12
C ALA S 369 -84.49 39.15 -62.66
N ILE S 370 -84.36 39.40 -61.36
CA ILE S 370 -83.17 40.04 -60.83
C ILE S 370 -81.98 39.12 -60.96
N SER S 371 -82.16 37.87 -60.55
CA SER S 371 -81.11 36.87 -60.59
C SER S 371 -80.60 36.65 -62.01
N ASP S 372 -81.51 36.53 -62.99
CA ASP S 372 -81.08 36.33 -64.36
C ASP S 372 -80.26 37.49 -64.88
N ALA S 373 -80.68 38.73 -64.57
CA ALA S 373 -79.93 39.88 -65.04
C ALA S 373 -78.51 39.88 -64.48
N LEU S 374 -78.36 39.51 -63.22
CA LEU S 374 -77.05 39.47 -62.59
C LEU S 374 -76.19 38.37 -63.19
N ASP S 375 -76.80 37.19 -63.38
CA ASP S 375 -76.07 36.04 -63.88
C ASP S 375 -75.48 36.34 -65.24
N VAL S 376 -76.23 37.03 -66.11
CA VAL S 376 -75.70 37.39 -67.41
C VAL S 376 -74.56 38.40 -67.29
N PHE S 377 -74.72 39.43 -66.47
CA PHE S 377 -73.68 40.44 -66.31
C PHE S 377 -72.33 39.80 -66.00
N ASN S 378 -72.34 38.87 -65.06
CA ASN S 378 -71.12 38.21 -64.62
C ASN S 378 -70.34 37.45 -65.70
N GLU S 379 -70.97 37.07 -66.82
CA GLU S 379 -70.31 36.28 -67.85
C GLU S 379 -69.09 36.96 -68.47
N ASP S 380 -68.98 38.28 -68.37
CA ASP S 380 -67.85 38.95 -68.97
C ASP S 380 -66.61 38.85 -68.08
N PHE S 381 -66.80 38.49 -66.82
CA PHE S 381 -65.71 38.45 -65.87
C PHE S 381 -65.30 37.03 -65.49
N GLU S 382 -66.28 36.13 -65.51
CA GLU S 382 -66.14 34.72 -65.16
C GLU S 382 -65.57 33.93 -66.32
N GLY S 383 -65.39 32.62 -66.10
CA GLY S 383 -64.76 31.69 -67.06
C GLY S 383 -65.32 31.74 -68.49
N ALA S 384 -66.57 32.18 -68.65
CA ALA S 384 -67.16 32.26 -69.98
C ALA S 384 -66.32 33.15 -70.93
N ASP S 385 -65.74 34.22 -70.40
CA ASP S 385 -64.88 35.15 -71.13
C ASP S 385 -64.10 35.89 -70.05
N LYS S 386 -63.02 35.32 -69.59
CA LYS S 386 -62.57 35.76 -68.29
C LYS S 386 -61.64 36.97 -68.21
N ILE S 387 -62.25 38.17 -68.03
CA ILE S 387 -61.47 39.41 -67.85
C ILE S 387 -60.53 39.22 -66.68
N GLU S 388 -61.00 38.53 -65.63
CA GLU S 388 -60.17 38.35 -64.46
C GLU S 388 -58.85 37.62 -64.71
N SER S 389 -58.79 36.66 -65.68
CA SER S 389 -57.54 35.95 -65.88
C SER S 389 -56.63 36.75 -66.75
N VAL S 390 -57.19 37.65 -67.54
CA VAL S 390 -56.31 38.47 -68.34
C VAL S 390 -55.52 39.35 -67.40
N ALA S 391 -56.21 39.97 -66.43
CA ALA S 391 -55.52 40.82 -65.49
C ALA S 391 -54.46 40.04 -64.71
N LYS S 392 -54.80 38.81 -64.28
CA LYS S 392 -53.85 37.99 -63.55
C LYS S 392 -52.61 37.71 -64.38
N ASN S 393 -52.82 37.27 -65.62
CA ASN S 393 -51.72 36.89 -66.47
C ASN S 393 -50.82 38.06 -66.81
N LEU S 394 -51.40 39.25 -67.02
CA LEU S 394 -50.55 40.40 -67.33
C LEU S 394 -49.63 40.70 -66.16
N SER S 395 -50.13 40.55 -64.92
CA SER S 395 -49.28 40.78 -63.75
C SER S 395 -48.07 39.84 -63.73
N ASP S 396 -48.31 38.53 -63.95
CA ASP S 396 -47.20 37.58 -63.93
C ASP S 396 -46.18 37.87 -65.04
N LEU S 397 -46.67 38.20 -66.22
CA LEU S 397 -45.83 38.50 -67.37
C LEU S 397 -45.00 39.75 -67.12
N LEU S 398 -45.59 40.74 -66.45
CA LEU S 398 -44.92 41.98 -66.16
C LEU S 398 -43.73 41.77 -65.25
N ILE S 399 -43.88 40.92 -64.23
CA ILE S 399 -42.75 40.65 -63.38
C ILE S 399 -41.64 39.99 -64.19
N LYS S 400 -41.99 38.99 -65.00
CA LYS S 400 -40.98 38.30 -65.81
C LYS S 400 -40.24 39.22 -66.76
N ILE S 401 -40.93 40.16 -67.41
CA ILE S 401 -40.16 41.00 -68.33
C ILE S 401 -39.22 41.92 -67.58
N LYS S 402 -39.65 42.47 -66.43
CA LYS S 402 -38.74 43.32 -65.68
C LYS S 402 -37.51 42.54 -65.21
N GLN S 403 -37.69 41.27 -64.83
CA GLN S 403 -36.57 40.46 -64.39
C GLN S 403 -35.75 39.85 -65.55
N ALA S 404 -36.28 39.86 -66.77
CA ALA S 404 -35.62 39.29 -67.96
C ALA S 404 -34.22 39.89 -68.18
N ASP S 405 -34.09 41.18 -67.85
CA ASP S 405 -32.84 41.94 -67.95
C ASP S 405 -31.71 41.34 -67.12
N THR S 406 -32.04 40.45 -66.19
CA THR S 406 -31.06 39.80 -65.34
C THR S 406 -30.03 39.11 -66.19
N ASN S 407 -30.43 38.44 -67.27
CA ASN S 407 -29.42 37.75 -68.02
C ASN S 407 -29.50 37.68 -69.56
N THR S 408 -30.57 38.15 -70.24
CA THR S 408 -30.50 38.09 -71.72
C THR S 408 -31.57 38.82 -72.52
N LYS S 409 -31.12 39.32 -73.68
CA LYS S 409 -31.94 39.98 -74.69
C LYS S 409 -32.99 39.06 -75.25
N VAL S 410 -32.74 37.76 -75.12
CA VAL S 410 -33.63 36.74 -75.58
C VAL S 410 -34.91 36.73 -74.74
N GLU S 411 -34.74 36.86 -73.44
CA GLU S 411 -35.87 36.81 -72.53
C GLU S 411 -36.82 37.95 -72.86
N ASN S 412 -36.23 39.09 -73.21
CA ASN S 412 -37.02 40.29 -73.55
C ASN S 412 -37.78 40.17 -74.88
N VAL S 413 -37.61 39.05 -75.58
CA VAL S 413 -38.32 38.76 -76.80
C VAL S 413 -39.31 37.64 -76.52
N LEU S 414 -38.81 36.59 -75.87
CA LEU S 414 -39.64 35.44 -75.60
C LEU S 414 -40.85 35.82 -74.77
N SER S 415 -40.69 36.74 -73.80
CA SER S 415 -41.81 37.12 -72.91
C SER S 415 -43.03 37.67 -73.66
N ILE S 416 -42.84 38.14 -74.89
CA ILE S 416 -43.91 38.70 -75.68
C ILE S 416 -44.42 37.77 -76.77
N ASN S 417 -43.49 37.09 -77.49
CA ASN S 417 -43.91 36.27 -78.62
C ASN S 417 -43.83 34.74 -78.46
N ALA S 418 -43.17 34.22 -77.42
CA ALA S 418 -43.06 32.78 -77.19
C ALA S 418 -44.00 32.49 -76.05
N LEU S 419 -44.04 33.50 -75.18
CA LEU S 419 -44.85 33.59 -73.98
C LEU S 419 -46.03 34.47 -74.36
N ASN S 420 -46.86 34.83 -73.40
CA ASN S 420 -48.11 35.45 -73.73
C ASN S 420 -48.36 36.98 -73.73
N PHE S 421 -47.38 37.90 -73.66
CA PHE S 421 -47.94 39.28 -73.69
C PHE S 421 -48.78 39.59 -74.92
N SER S 422 -48.36 39.15 -76.11
CA SER S 422 -49.17 39.44 -77.28
C SER S 422 -50.55 38.79 -77.14
N ALA S 423 -50.54 37.52 -76.74
CA ALA S 423 -51.73 36.70 -76.60
C ALA S 423 -52.73 37.22 -75.58
N GLU S 424 -52.25 37.82 -74.49
CA GLU S 424 -53.17 38.32 -73.47
C GLU S 424 -53.78 39.65 -73.87
N PHE S 425 -53.02 40.54 -74.50
CA PHE S 425 -53.65 41.81 -74.85
C PHE S 425 -54.72 41.59 -75.93
N GLU S 426 -54.53 40.55 -76.71
CA GLU S 426 -55.46 40.21 -77.76
C GLU S 426 -56.84 39.89 -77.20
N LYS S 427 -56.86 39.37 -75.97
CA LYS S 427 -58.13 38.94 -75.39
C LYS S 427 -58.99 40.12 -74.99
N LEU S 428 -58.41 41.32 -75.00
CA LEU S 428 -59.18 42.49 -74.64
C LEU S 428 -59.70 43.09 -75.94
N LEU S 429 -58.79 43.21 -76.91
CA LEU S 429 -59.12 43.69 -78.26
C LEU S 429 -58.42 42.78 -79.27
N THR S 430 -59.20 42.08 -80.10
CA THR S 430 -58.66 41.06 -81.03
C THR S 430 -57.58 41.53 -82.00
N TYR S 431 -57.69 42.74 -82.53
CA TYR S 431 -56.71 43.21 -83.50
C TYR S 431 -56.62 44.71 -83.50
N ASP S 432 -56.49 45.31 -82.32
CA ASP S 432 -56.47 46.77 -82.22
C ASP S 432 -55.39 47.39 -83.10
N VAL S 433 -54.26 46.67 -83.20
CA VAL S 433 -53.04 47.01 -83.93
C VAL S 433 -53.28 47.27 -85.43
N ASN S 434 -54.43 46.87 -85.93
CA ASN S 434 -54.83 47.06 -87.32
C ASN S 434 -54.80 48.53 -87.74
N THR S 435 -55.02 49.46 -86.81
CA THR S 435 -55.03 50.87 -87.15
C THR S 435 -54.58 51.73 -85.98
N GLY S 436 -54.20 52.99 -86.26
CA GLY S 436 -53.80 53.90 -85.18
C GLY S 436 -54.92 54.04 -84.15
N LEU S 437 -56.15 54.08 -84.62
CA LEU S 437 -57.28 54.09 -83.72
C LEU S 437 -57.60 52.63 -83.56
N THR S 438 -57.88 52.16 -82.35
CA THR S 438 -58.13 50.72 -82.27
C THR S 438 -59.18 50.34 -83.30
N ALA S 439 -58.88 49.30 -84.06
CA ALA S 439 -59.76 48.82 -85.11
C ALA S 439 -59.78 47.31 -85.18
N SER S 440 -60.60 46.79 -86.08
CA SER S 440 -60.70 45.35 -86.31
C SER S 440 -60.99 44.59 -85.04
N VAL S 441 -61.86 45.13 -84.21
CA VAL S 441 -62.19 44.46 -82.97
C VAL S 441 -63.20 43.36 -83.25
N THR S 442 -62.70 42.27 -83.86
CA THR S 442 -63.46 41.09 -84.26
C THR S 442 -64.13 40.48 -83.03
N LEU S 443 -63.51 40.74 -81.91
CA LEU S 443 -63.92 40.34 -80.59
C LEU S 443 -63.35 41.37 -79.64
N ASP S 444 -64.07 41.60 -78.55
CA ASP S 444 -63.59 42.48 -77.50
C ASP S 444 -64.25 42.12 -76.19
N LEU S 445 -63.50 42.27 -75.12
CA LEU S 445 -63.99 42.00 -73.76
C LEU S 445 -64.65 43.20 -73.09
N PHE S 446 -64.66 44.32 -73.77
CA PHE S 446 -65.12 45.55 -73.14
C PHE S 446 -66.50 46.07 -73.53
N ALA S 447 -67.05 46.79 -72.57
CA ALA S 447 -68.25 47.62 -72.59
C ALA S 447 -69.60 46.98 -72.86
N ASN S 448 -69.72 45.66 -72.70
CA ASN S 448 -71.03 45.00 -72.83
C ASN S 448 -71.81 45.22 -71.52
N ILE S 449 -71.06 45.80 -70.59
CA ILE S 449 -71.39 46.18 -69.26
C ILE S 449 -72.51 47.20 -69.27
N GLY S 450 -72.48 48.16 -70.20
CA GLY S 450 -73.50 49.20 -70.18
C GLY S 450 -74.92 48.63 -70.21
N THR S 451 -75.22 47.84 -71.24
CA THR S 451 -76.53 47.25 -71.39
C THR S 451 -76.86 46.34 -70.23
N ARG S 452 -75.91 45.52 -69.81
CA ARG S 452 -76.20 44.60 -68.75
C ARG S 452 -76.51 45.32 -67.42
N LEU S 453 -75.83 46.44 -67.12
CA LEU S 453 -76.19 47.16 -65.89
C LEU S 453 -77.61 47.70 -65.96
N ASP S 454 -78.02 48.19 -67.15
CA ASP S 454 -79.38 48.68 -67.28
C ASP S 454 -80.38 47.56 -66.97
N ASP S 455 -80.10 46.34 -67.47
CA ASP S 455 -80.99 45.20 -67.21
C ASP S 455 -81.11 44.87 -65.72
N ILE S 456 -79.99 44.95 -65.01
CA ILE S 456 -80.00 44.68 -63.57
C ILE S 456 -80.83 45.70 -62.85
N ILE S 457 -80.61 46.97 -63.12
CA ILE S 457 -81.35 47.98 -62.41
C ILE S 457 -82.82 47.88 -62.67
N ALA S 458 -83.20 47.70 -63.93
CA ALA S 458 -84.60 47.61 -64.20
C ALA S 458 -85.23 46.45 -63.43
N ALA S 459 -84.56 45.28 -63.38
CA ALA S 459 -85.12 44.17 -62.64
C ALA S 459 -85.23 44.48 -61.16
N VAL S 460 -84.21 45.11 -60.58
CA VAL S 460 -84.22 45.42 -59.15
C VAL S 460 -85.33 46.37 -58.80
N SER S 461 -85.53 47.39 -59.63
CA SER S 461 -86.53 48.41 -59.35
C SER S 461 -87.93 47.82 -59.25
N ALA S 462 -88.16 46.65 -59.86
CA ALA S 462 -89.45 46.01 -59.84
C ALA S 462 -89.84 45.58 -58.44
N ALA S 463 -88.84 45.41 -57.57
CA ALA S 463 -89.04 44.97 -56.20
C ALA S 463 -89.40 46.09 -55.25
N GLU S 464 -89.30 47.35 -55.68
CA GLU S 464 -89.55 48.41 -54.72
C GLU S 464 -90.94 48.33 -54.07
N PRO S 465 -92.05 48.05 -54.79
CA PRO S 465 -93.38 47.92 -54.21
C PRO S 465 -93.68 46.51 -53.70
N ILE S 466 -92.69 45.62 -53.68
CA ILE S 466 -92.89 44.24 -53.29
C ILE S 466 -92.40 43.99 -51.87
N ASP S 467 -91.24 44.56 -51.53
CA ASP S 467 -90.68 44.40 -50.18
C ASP S 467 -91.68 44.80 -49.11
N VAL S 468 -91.64 44.07 -48.00
CA VAL S 468 -92.57 44.25 -46.90
C VAL S 468 -91.90 44.59 -45.59
N ASN S 469 -90.92 43.79 -45.20
CA ASN S 469 -90.28 43.95 -43.91
C ASN S 469 -88.76 43.83 -43.86
N ASN S 470 -88.07 43.77 -45.01
CA ASN S 470 -86.62 43.63 -44.95
C ASN S 470 -85.85 44.94 -44.83
N GLY S 471 -84.98 44.98 -43.83
CA GLY S 471 -84.16 46.15 -43.57
C GLY S 471 -82.88 46.19 -44.40
N LYS S 472 -82.14 47.28 -44.27
CA LYS S 472 -80.87 47.55 -44.95
C LYS S 472 -79.81 46.43 -44.96
N LEU S 473 -79.65 45.68 -43.86
CA LEU S 473 -78.59 44.69 -43.80
C LEU S 473 -79.02 43.30 -44.24
N ASN S 474 -80.28 43.14 -44.62
CA ASN S 474 -80.81 41.84 -44.96
C ASN S 474 -80.06 41.22 -46.13
N GLY S 475 -79.61 39.99 -45.95
CA GLY S 475 -78.92 39.27 -47.00
C GLY S 475 -77.42 39.54 -47.09
N ARG S 476 -76.89 40.41 -46.24
CA ARG S 476 -75.47 40.72 -46.30
C ARG S 476 -74.66 39.75 -45.45
N LEU S 477 -73.36 39.65 -45.76
CA LEU S 477 -72.42 38.83 -45.01
C LEU S 477 -71.79 39.55 -43.83
N LEU S 478 -71.44 38.83 -42.76
CA LEU S 478 -70.77 39.53 -41.66
C LEU S 478 -69.53 40.25 -42.06
N SER S 479 -68.74 39.62 -42.90
CA SER S 479 -67.48 40.21 -43.33
C SER S 479 -67.65 41.53 -44.08
N ASP S 480 -68.85 41.79 -44.61
CA ASP S 480 -69.12 43.00 -45.37
C ASP S 480 -69.94 44.04 -44.61
N ILE S 481 -70.26 43.83 -43.33
CA ILE S 481 -71.07 44.84 -42.66
C ILE S 481 -70.27 45.66 -41.68
N GLU S 482 -69.03 45.28 -41.41
CA GLU S 482 -68.27 46.05 -40.44
C GLU S 482 -68.21 47.55 -40.80
N PRO S 483 -67.95 47.98 -42.05
CA PRO S 483 -67.96 49.37 -42.44
C PRO S 483 -69.32 50.07 -42.32
N LEU S 484 -70.41 49.29 -42.31
CA LEU S 484 -71.76 49.85 -42.23
C LEU S 484 -72.13 50.17 -40.79
N ASP S 485 -71.84 49.21 -39.91
CA ASP S 485 -72.15 49.29 -38.48
C ASP S 485 -71.25 48.38 -37.67
N ASN S 486 -70.19 48.92 -37.07
CA ASN S 486 -69.28 48.02 -36.41
C ASN S 486 -69.68 47.76 -34.96
N ALA S 487 -70.81 48.31 -34.52
CA ALA S 487 -71.22 48.04 -33.16
C ALA S 487 -71.99 46.75 -33.20
N THR S 488 -72.86 46.65 -34.21
CA THR S 488 -73.64 45.45 -34.40
C THR S 488 -72.69 44.31 -34.74
N TYR S 489 -71.74 44.56 -35.66
CA TYR S 489 -70.76 43.55 -36.05
C TYR S 489 -69.97 43.00 -34.87
N ASN S 490 -69.39 43.87 -34.04
CA ASN S 490 -68.61 43.36 -32.93
C ASN S 490 -69.47 42.59 -31.93
N THR S 491 -70.71 43.05 -31.72
CA THR S 491 -71.60 42.38 -30.80
C THR S 491 -71.88 40.96 -31.27
N ILE S 492 -72.16 40.81 -32.56
CA ILE S 492 -72.47 39.50 -33.13
C ILE S 492 -71.30 38.56 -32.96
N LEU S 493 -70.08 39.03 -33.25
CA LEU S 493 -68.94 38.13 -33.12
C LEU S 493 -68.77 37.62 -31.70
N LEU S 494 -68.99 38.49 -30.71
CA LEU S 494 -68.88 38.02 -29.34
C LEU S 494 -69.91 36.96 -29.03
N GLU S 495 -71.14 37.12 -29.55
CA GLU S 495 -72.16 36.11 -29.30
C GLU S 495 -71.82 34.78 -29.96
N ILE S 496 -71.30 34.81 -31.19
CA ILE S 496 -70.98 33.57 -31.90
C ILE S 496 -69.95 32.77 -31.16
N ASN S 497 -68.92 33.43 -30.68
CA ASN S 497 -67.84 32.74 -30.00
C ASN S 497 -68.19 32.25 -28.60
N SER S 498 -69.40 32.51 -28.11
CA SER S 498 -69.78 32.03 -26.80
C SER S 498 -70.21 30.56 -26.85
N HIS S 499 -70.42 30.03 -28.05
CA HIS S 499 -70.89 28.65 -28.21
C HIS S 499 -69.74 27.65 -28.25
N LYS S 500 -69.79 26.64 -27.39
CA LYS S 500 -68.71 25.65 -27.31
C LYS S 500 -69.08 24.27 -27.87
N VAL S 501 -68.04 23.52 -28.20
CA VAL S 501 -68.08 22.15 -28.73
C VAL S 501 -68.29 21.09 -27.63
N THR S 502 -69.13 20.08 -27.92
CA THR S 502 -69.39 18.95 -27.00
C THR S 502 -68.98 17.64 -27.67
N LEU S 503 -68.22 16.80 -26.96
CA LEU S 503 -67.69 15.55 -27.53
C LEU S 503 -67.92 14.30 -26.68
N PRO S 504 -68.02 13.09 -27.29
CA PRO S 504 -67.99 11.80 -26.64
C PRO S 504 -66.64 11.75 -25.91
N PRO S 505 -66.50 11.06 -24.79
CA PRO S 505 -65.31 11.01 -23.95
C PRO S 505 -64.14 10.11 -24.42
N SER S 506 -64.30 9.39 -25.51
CA SER S 506 -63.32 8.39 -25.89
C SER S 506 -61.92 8.86 -26.32
N SER S 507 -61.76 10.03 -26.94
CA SER S 507 -60.39 10.39 -27.31
C SER S 507 -59.63 10.94 -26.11
N SER S 508 -60.39 11.52 -25.18
CA SER S 508 -59.83 12.05 -23.94
C SER S 508 -59.34 10.87 -23.12
N MET S 509 -60.10 9.77 -23.10
CA MET S 509 -59.67 8.60 -22.36
C MET S 509 -58.41 7.98 -22.94
N ALA S 510 -58.26 7.94 -24.27
CA ALA S 510 -57.03 7.38 -24.81
C ALA S 510 -55.83 8.20 -24.30
N GLY S 511 -56.02 9.53 -24.21
CA GLY S 511 -55.01 10.43 -23.66
C GLY S 511 -54.72 10.08 -22.20
N ALA S 512 -55.77 9.93 -21.39
CA ALA S 512 -55.63 9.60 -19.98
C ALA S 512 -54.88 8.26 -19.79
N TYR S 513 -55.15 7.27 -20.66
CA TYR S 513 -54.45 5.99 -20.56
C TYR S 513 -52.97 6.22 -20.75
N ALA S 514 -52.59 7.05 -21.73
CA ALA S 514 -51.18 7.33 -21.99
C ALA S 514 -50.47 7.92 -20.78
N ARG S 515 -51.13 8.86 -20.08
CA ARG S 515 -50.51 9.42 -18.89
C ARG S 515 -50.24 8.38 -17.82
N VAL S 516 -51.20 7.51 -17.57
CA VAL S 516 -50.98 6.51 -16.52
C VAL S 516 -49.88 5.53 -16.91
N ASP S 517 -49.90 5.06 -18.16
CA ASP S 517 -48.91 4.08 -18.59
C ASP S 517 -47.49 4.60 -18.40
N ASN S 518 -47.26 5.88 -18.67
CA ASN S 518 -45.92 6.44 -18.48
C ASN S 518 -45.57 6.79 -17.02
N ASP S 519 -46.51 7.32 -16.24
CA ASP S 519 -46.20 7.69 -14.87
C ASP S 519 -46.16 6.54 -13.86
N ARG S 520 -47.06 5.57 -13.99
CA ARG S 520 -47.13 4.48 -13.02
C ARG S 520 -46.92 3.09 -13.60
N GLY S 521 -47.32 2.87 -14.85
CA GLY S 521 -47.19 1.56 -15.49
C GLY S 521 -48.55 0.99 -15.87
N VAL S 522 -48.55 0.11 -16.88
CA VAL S 522 -49.76 -0.51 -17.43
C VAL S 522 -50.57 -1.33 -16.41
N TRP S 523 -49.94 -1.72 -15.32
CA TRP S 523 -50.63 -2.50 -14.29
C TRP S 523 -51.42 -1.65 -13.29
N LYS S 524 -51.37 -0.33 -13.45
CA LYS S 524 -52.11 0.62 -12.61
C LYS S 524 -53.47 0.92 -13.21
N SER S 525 -54.54 0.87 -12.40
CA SER S 525 -55.87 1.16 -12.91
C SER S 525 -55.98 2.57 -13.49
N PRO S 526 -56.55 2.76 -14.69
CA PRO S 526 -56.77 4.03 -15.34
C PRO S 526 -57.99 4.76 -14.78
N ALA S 527 -57.90 5.21 -13.54
CA ALA S 527 -58.99 5.88 -12.85
C ALA S 527 -58.45 6.84 -11.81
N ASN S 528 -59.29 7.76 -11.33
CA ASN S 528 -58.92 8.83 -10.40
C ASN S 528 -57.88 9.72 -11.06
N ILE S 529 -58.18 10.02 -12.33
CA ILE S 529 -57.40 10.84 -13.25
C ILE S 529 -58.20 12.06 -13.63
N GLY S 530 -57.63 13.25 -13.54
CA GLY S 530 -58.36 14.43 -13.99
C GLY S 530 -58.21 14.61 -15.49
N LEU S 531 -59.22 15.20 -16.14
CA LEU S 531 -59.17 15.46 -17.59
C LEU S 531 -58.89 16.93 -17.92
N ASN S 532 -58.12 17.17 -19.00
CA ASN S 532 -57.80 18.52 -19.43
C ASN S 532 -58.79 19.02 -20.46
N TYR S 533 -58.96 20.34 -20.52
CA TYR S 533 -59.87 21.00 -21.47
C TYR S 533 -61.31 20.57 -21.30
N VAL S 534 -61.71 20.29 -20.08
CA VAL S 534 -63.09 19.91 -19.82
C VAL S 534 -63.69 20.88 -18.84
N SER S 535 -64.83 21.44 -19.21
CA SER S 535 -65.54 22.38 -18.38
C SER S 535 -66.33 21.57 -17.36
N LYS S 536 -67.11 20.62 -17.89
CA LYS S 536 -67.94 19.77 -17.07
C LYS S 536 -68.49 18.59 -17.88
N PRO S 537 -68.99 17.51 -17.24
CA PRO S 537 -69.79 16.44 -17.82
C PRO S 537 -71.09 17.00 -18.39
N SER S 538 -71.62 16.39 -19.45
CA SER S 538 -72.89 16.85 -20.05
C SER S 538 -74.08 16.72 -19.10
N VAL S 539 -74.08 15.66 -18.30
CA VAL S 539 -75.14 15.41 -17.32
C VAL S 539 -74.51 15.09 -15.97
N THR S 540 -75.29 15.20 -14.92
CA THR S 540 -74.81 14.85 -13.58
C THR S 540 -75.22 13.47 -13.18
N VAL S 541 -74.25 12.70 -12.68
CA VAL S 541 -74.48 11.36 -12.17
C VAL S 541 -74.17 11.36 -10.69
N SER S 542 -75.15 11.02 -9.86
CA SER S 542 -74.92 10.99 -8.41
C SER S 542 -74.40 9.64 -7.99
N HIS S 543 -73.97 9.52 -6.75
CA HIS S 543 -73.47 8.26 -6.25
C HIS S 543 -74.52 7.18 -6.12
N GLU S 544 -75.80 7.56 -6.07
CA GLU S 544 -76.88 6.58 -5.97
C GLU S 544 -77.32 6.09 -7.35
N GLU S 545 -76.75 6.67 -8.40
CA GLU S 545 -77.09 6.31 -9.75
C GLU S 545 -75.99 5.43 -10.28
N GLN S 546 -74.75 5.77 -9.92
CA GLN S 546 -73.58 5.03 -10.35
C GLN S 546 -73.63 3.58 -9.90
N GLU S 547 -74.35 3.27 -8.82
CA GLU S 547 -74.38 1.91 -8.35
C GLU S 547 -74.81 0.90 -9.41
N SER S 548 -75.77 1.27 -10.30
CA SER S 548 -76.25 0.35 -11.32
C SER S 548 -75.39 0.38 -12.59
N MET S 549 -74.40 1.26 -12.61
CA MET S 549 -73.50 1.38 -13.72
C MET S 549 -72.32 0.47 -13.42
N ASN S 550 -71.93 0.43 -12.16
CA ASN S 550 -70.77 -0.34 -11.74
C ASN S 550 -71.12 -1.82 -11.57
N VAL S 551 -72.20 -2.13 -10.87
CA VAL S 551 -72.57 -3.51 -10.63
C VAL S 551 -73.92 -3.82 -11.23
N HIS S 552 -73.97 -4.86 -12.04
CA HIS S 552 -75.19 -5.20 -12.74
C HIS S 552 -75.25 -6.69 -13.05
N GLY S 553 -76.45 -7.24 -13.05
CA GLY S 553 -76.65 -8.67 -13.32
C GLY S 553 -76.03 -9.19 -14.62
N THR S 554 -75.92 -8.35 -15.64
CA THR S 554 -75.33 -8.80 -16.90
C THR S 554 -73.81 -8.73 -16.98
N GLY S 555 -73.18 -8.03 -16.03
CA GLY S 555 -71.73 -7.82 -16.03
C GLY S 555 -71.31 -6.67 -16.93
N LYS S 556 -72.25 -6.06 -17.63
CA LYS S 556 -71.95 -4.98 -18.54
C LYS S 556 -71.84 -3.65 -17.83
N SER S 557 -70.74 -3.51 -17.11
CA SER S 557 -70.40 -2.33 -16.34
C SER S 557 -70.13 -1.15 -17.26
N VAL S 558 -70.43 0.05 -16.77
CA VAL S 558 -70.15 1.31 -17.45
C VAL S 558 -69.37 2.20 -16.47
N ASN S 559 -68.25 2.78 -16.91
CA ASN S 559 -67.46 3.63 -16.03
C ASN S 559 -68.03 5.04 -16.05
N ALA S 560 -67.86 5.83 -14.99
CA ALA S 560 -68.48 7.15 -15.00
C ALA S 560 -67.51 8.31 -14.98
N ILE S 561 -67.91 9.39 -15.63
CA ILE S 561 -67.15 10.62 -15.54
C ILE S 561 -67.90 11.52 -14.56
N ARG S 562 -67.23 11.93 -13.48
CA ARG S 562 -67.86 12.70 -12.41
C ARG S 562 -67.08 13.92 -11.94
N SER S 563 -67.80 14.93 -11.47
CA SER S 563 -67.22 16.15 -10.93
C SER S 563 -67.09 16.11 -9.41
N PHE S 564 -65.90 16.42 -8.92
CA PHE S 564 -65.64 16.43 -7.49
C PHE S 564 -65.24 17.83 -7.01
N VAL S 565 -65.68 18.19 -5.82
CA VAL S 565 -65.38 19.53 -5.32
C VAL S 565 -63.93 19.70 -5.00
N GLY S 566 -63.35 20.74 -5.59
CA GLY S 566 -61.95 21.08 -5.41
C GLY S 566 -61.02 20.25 -6.29
N LYS S 567 -61.57 19.34 -7.11
CA LYS S 567 -60.72 18.50 -7.95
C LYS S 567 -61.00 18.64 -9.43
N GLY S 568 -62.26 18.88 -9.80
CA GLY S 568 -62.63 18.95 -11.21
C GLY S 568 -63.15 17.62 -11.70
N THR S 569 -63.08 17.41 -13.01
CA THR S 569 -63.69 16.23 -13.60
C THR S 569 -62.73 15.06 -13.57
N LEU S 570 -63.14 13.96 -12.93
CA LEU S 570 -62.34 12.75 -12.78
C LEU S 570 -62.98 11.53 -13.41
N VAL S 571 -62.13 10.60 -13.82
CA VAL S 571 -62.58 9.30 -14.29
C VAL S 571 -62.83 8.40 -13.07
N TRP S 572 -64.06 7.94 -12.87
CA TRP S 572 -64.37 7.17 -11.68
C TRP S 572 -64.80 5.73 -12.02
N GLY S 573 -63.92 4.76 -11.75
CA GLY S 573 -64.16 3.36 -12.09
C GLY S 573 -63.30 2.86 -13.24
N ALA S 574 -62.91 1.59 -13.19
CA ALA S 574 -62.06 1.01 -14.23
C ALA S 574 -62.35 -0.46 -14.51
N ARG S 575 -63.61 -0.78 -14.81
CA ARG S 575 -63.96 -2.16 -15.11
C ARG S 575 -64.22 -2.36 -16.60
N THR S 576 -64.20 -3.62 -17.02
CA THR S 576 -64.46 -4.03 -18.40
C THR S 576 -65.91 -4.45 -18.57
N LEU S 577 -66.29 -4.81 -19.79
CA LEU S 577 -67.66 -5.25 -20.08
C LEU S 577 -67.97 -6.69 -19.61
N ALA S 578 -67.04 -7.32 -18.88
CA ALA S 578 -67.21 -8.64 -18.30
C ALA S 578 -66.96 -8.52 -16.79
N GLY S 579 -67.68 -7.58 -16.16
CA GLY S 579 -67.54 -7.12 -14.79
C GLY S 579 -67.77 -8.13 -13.68
N ASN S 580 -68.41 -9.25 -13.99
CA ASN S 580 -68.64 -10.26 -12.96
C ASN S 580 -67.62 -11.38 -13.07
N ASP S 581 -66.62 -11.18 -13.92
CA ASP S 581 -65.60 -12.18 -14.11
C ASP S 581 -64.49 -12.08 -13.08
N ASN S 582 -64.38 -13.10 -12.25
CA ASN S 582 -63.38 -13.07 -11.21
C ASN S 582 -61.97 -12.90 -11.80
N GLU S 583 -61.73 -13.42 -13.01
CA GLU S 583 -60.40 -13.27 -13.58
C GLU S 583 -60.20 -11.97 -14.38
N TRP S 584 -61.09 -11.67 -15.34
CA TRP S 584 -60.90 -10.50 -16.22
C TRP S 584 -61.69 -9.21 -15.98
N ARG S 585 -62.41 -9.03 -14.86
CA ARG S 585 -63.18 -7.78 -14.68
C ARG S 585 -62.42 -6.44 -14.68
N TYR S 586 -61.10 -6.43 -14.41
CA TYR S 586 -60.38 -5.15 -14.39
C TYR S 586 -59.65 -4.84 -15.66
N ILE S 587 -59.67 -3.54 -16.03
CA ILE S 587 -58.99 -3.10 -17.23
C ILE S 587 -57.49 -3.32 -17.16
N SER S 588 -56.88 -2.96 -16.03
CA SER S 588 -55.43 -3.11 -15.86
C SER S 588 -54.92 -4.53 -15.94
N VAL S 589 -55.74 -5.50 -15.58
CA VAL S 589 -55.31 -6.87 -15.67
C VAL S 589 -55.31 -7.28 -17.12
N ARG S 590 -56.39 -7.00 -17.84
CA ARG S 590 -56.43 -7.35 -19.26
C ARG S 590 -55.30 -6.69 -20.03
N ARG S 591 -55.07 -5.39 -19.82
CA ARG S 591 -54.03 -4.69 -20.55
C ARG S 591 -52.62 -5.19 -20.21
N PHE S 592 -52.35 -5.52 -18.95
CA PHE S 592 -51.06 -6.07 -18.55
C PHE S 592 -50.79 -7.36 -19.32
N PHE S 593 -51.77 -8.25 -19.35
CA PHE S 593 -51.61 -9.50 -20.07
C PHE S 593 -51.39 -9.29 -21.57
N ASN S 594 -52.09 -8.33 -22.19
CA ASN S 594 -51.88 -8.10 -23.62
C ASN S 594 -50.43 -7.68 -23.89
N MET S 595 -49.90 -6.82 -23.02
CA MET S 595 -48.52 -6.36 -23.11
C MET S 595 -47.53 -7.51 -22.99
N ALA S 596 -47.73 -8.36 -21.98
CA ALA S 596 -46.83 -9.47 -21.78
C ALA S 596 -46.84 -10.41 -22.97
N GLU S 597 -48.02 -10.64 -23.56
CA GLU S 597 -48.11 -11.53 -24.71
C GLU S 597 -47.36 -10.98 -25.89
N GLU S 598 -47.44 -9.68 -26.17
CA GLU S 598 -46.70 -9.19 -27.31
C GLU S 598 -45.21 -9.52 -27.20
N SER S 599 -44.62 -9.29 -26.03
CA SER S 599 -43.19 -9.56 -25.86
C SER S 599 -42.84 -11.04 -25.95
N ILE S 600 -43.65 -11.88 -25.32
CA ILE S 600 -43.38 -13.30 -25.34
C ILE S 600 -43.52 -13.85 -26.75
N LYS S 601 -44.57 -13.46 -27.45
CA LYS S 601 -44.73 -13.90 -28.82
C LYS S 601 -43.47 -13.62 -29.64
N LYS S 602 -42.96 -12.39 -29.58
CA LYS S 602 -41.75 -12.08 -30.35
C LYS S 602 -40.59 -13.01 -30.00
N ALA S 603 -40.46 -13.35 -28.71
CA ALA S 603 -39.43 -14.27 -28.26
C ALA S 603 -39.56 -15.67 -28.86
N THR S 604 -40.78 -16.17 -29.11
CA THR S 604 -40.88 -17.54 -29.62
C THR S 604 -40.90 -17.62 -31.15
N GLU S 605 -41.28 -16.53 -31.82
CA GLU S 605 -41.32 -16.49 -33.29
C GLU S 605 -39.95 -16.64 -33.93
N GLN S 606 -38.91 -16.38 -33.17
CA GLN S 606 -37.55 -16.50 -33.66
C GLN S 606 -37.18 -17.95 -34.00
N PHE S 607 -37.98 -18.91 -33.54
CA PHE S 607 -37.70 -20.31 -33.75
C PHE S 607 -38.62 -21.02 -34.75
N VAL S 608 -39.28 -20.28 -35.66
CA VAL S 608 -40.23 -20.93 -36.58
C VAL S 608 -39.72 -22.13 -37.38
N PHE S 609 -38.55 -22.05 -37.97
CA PHE S 609 -38.07 -23.22 -38.66
C PHE S 609 -36.81 -23.81 -38.01
N GLU S 610 -36.64 -23.67 -36.69
CA GLU S 610 -35.49 -24.19 -35.99
C GLU S 610 -35.75 -25.64 -35.56
N PRO S 611 -34.72 -26.46 -35.29
CA PRO S 611 -34.84 -27.81 -34.79
C PRO S 611 -35.64 -27.87 -33.50
N ASN S 612 -36.44 -28.90 -33.33
CA ASN S 612 -37.24 -29.03 -32.12
C ASN S 612 -36.50 -30.02 -31.22
N ASP S 613 -35.67 -29.49 -30.34
CA ASP S 613 -34.79 -30.28 -29.49
C ASP S 613 -34.39 -29.48 -28.25
N GLY S 614 -33.61 -30.10 -27.37
CA GLY S 614 -33.18 -29.53 -26.11
C GLY S 614 -32.48 -28.19 -26.20
N ASN S 615 -31.71 -27.96 -27.25
CA ASN S 615 -31.02 -26.68 -27.35
C ASN S 615 -31.99 -25.52 -27.52
N THR S 616 -33.10 -25.76 -28.22
CA THR S 616 -34.10 -24.75 -28.48
C THR S 616 -34.88 -24.53 -27.23
N TRP S 617 -35.30 -25.61 -26.59
CA TRP S 617 -36.14 -25.48 -25.42
C TRP S 617 -35.44 -24.66 -24.35
N VAL S 618 -34.13 -24.87 -24.16
CA VAL S 618 -33.40 -24.10 -23.18
C VAL S 618 -33.34 -22.61 -23.55
N ARG S 619 -33.04 -22.28 -24.80
CA ARG S 619 -33.01 -20.88 -25.19
C ARG S 619 -34.35 -20.18 -25.05
N VAL S 620 -35.44 -20.87 -25.41
CA VAL S 620 -36.77 -20.28 -25.32
C VAL S 620 -37.10 -19.96 -23.88
N ARG S 621 -36.87 -20.90 -22.99
CA ARG S 621 -37.15 -20.67 -21.61
C ARG S 621 -36.35 -19.51 -21.04
N ALA S 622 -35.04 -19.45 -21.33
CA ALA S 622 -34.22 -18.38 -20.78
C ALA S 622 -34.68 -16.99 -21.23
N MET S 623 -35.09 -16.86 -22.50
CA MET S 623 -35.55 -15.57 -23.00
C MET S 623 -36.81 -15.10 -22.26
N ILE S 624 -37.76 -16.00 -22.07
CA ILE S 624 -39.00 -15.65 -21.40
C ILE S 624 -38.76 -15.29 -19.94
N GLU S 625 -37.98 -16.10 -19.22
CA GLU S 625 -37.74 -15.79 -17.82
C GLU S 625 -37.05 -14.44 -17.66
N ASN S 626 -36.07 -14.10 -18.52
CA ASN S 626 -35.42 -12.82 -18.30
C ASN S 626 -36.42 -11.67 -18.41
N PHE S 627 -37.34 -11.75 -19.36
CA PHE S 627 -38.38 -10.73 -19.49
C PHE S 627 -39.21 -10.61 -18.21
N LEU S 628 -39.69 -11.74 -17.72
CA LEU S 628 -40.53 -11.73 -16.54
C LEU S 628 -39.80 -11.25 -15.28
N ILE S 629 -38.50 -11.55 -15.16
CA ILE S 629 -37.75 -11.09 -14.00
C ILE S 629 -37.72 -9.57 -13.99
N LEU S 630 -37.45 -8.96 -15.14
CA LEU S 630 -37.44 -7.50 -15.20
C LEU S 630 -38.79 -6.89 -14.84
N GLN S 631 -39.90 -7.52 -15.28
CA GLN S 631 -41.22 -6.98 -14.93
C GLN S 631 -41.44 -7.08 -13.42
N TRP S 632 -40.97 -8.17 -12.82
CA TRP S 632 -41.03 -8.34 -11.37
C TRP S 632 -40.21 -7.27 -10.65
N ARG S 633 -38.99 -7.03 -11.12
CA ARG S 633 -38.11 -6.06 -10.49
C ARG S 633 -38.75 -4.66 -10.47
N ALA S 634 -39.50 -4.33 -11.52
CA ALA S 634 -40.17 -3.04 -11.66
C ALA S 634 -41.47 -2.93 -10.85
N GLY S 635 -41.89 -4.01 -10.19
CA GLY S 635 -43.10 -4.02 -9.39
C GLY S 635 -44.39 -4.48 -10.07
N ALA S 636 -44.33 -4.99 -11.31
CA ALA S 636 -45.55 -5.43 -11.98
C ALA S 636 -46.19 -6.65 -11.35
N LEU S 637 -45.35 -7.57 -10.86
CA LEU S 637 -45.79 -8.85 -10.30
C LEU S 637 -45.61 -8.93 -8.80
N ALA S 638 -46.46 -9.72 -8.19
CA ALA S 638 -46.43 -10.00 -6.76
C ALA S 638 -45.38 -11.08 -6.44
N GLY S 639 -44.95 -11.16 -5.18
CA GLY S 639 -44.02 -12.21 -4.75
C GLY S 639 -42.67 -11.70 -4.22
N ALA S 640 -42.19 -12.31 -3.12
CA ALA S 640 -40.93 -11.95 -2.48
C ALA S 640 -39.68 -12.14 -3.36
N LYS S 641 -39.71 -13.16 -4.19
CA LYS S 641 -38.64 -13.54 -5.09
C LYS S 641 -39.31 -13.98 -6.39
N PRO S 642 -38.65 -13.96 -7.57
CA PRO S 642 -39.21 -14.38 -8.84
C PRO S 642 -39.90 -15.75 -8.77
N GLU S 643 -39.37 -16.66 -7.94
CA GLU S 643 -39.92 -17.99 -7.72
C GLU S 643 -41.39 -18.02 -7.28
N HIS S 644 -41.87 -16.90 -6.74
CA HIS S 644 -43.22 -16.76 -6.23
C HIS S 644 -44.09 -15.90 -7.15
N ALA S 645 -43.48 -15.35 -8.19
CA ALA S 645 -44.15 -14.42 -9.09
C ALA S 645 -44.60 -15.11 -10.37
N PHE S 646 -43.79 -16.02 -10.87
CA PHE S 646 -44.10 -16.66 -12.14
C PHE S 646 -43.43 -17.99 -12.34
N TYR S 647 -43.90 -18.72 -13.37
CA TYR S 647 -43.19 -19.92 -13.80
C TYR S 647 -43.30 -20.07 -15.31
N VAL S 648 -42.32 -20.77 -15.89
CA VAL S 648 -42.28 -21.10 -17.31
C VAL S 648 -41.91 -22.57 -17.51
N LYS S 649 -42.65 -23.31 -18.34
CA LYS S 649 -42.32 -24.71 -18.63
C LYS S 649 -42.30 -25.01 -20.13
N VAL S 650 -41.19 -25.55 -20.63
CA VAL S 650 -41.09 -25.93 -22.04
C VAL S 650 -40.33 -27.25 -22.17
N GLY S 651 -40.85 -28.23 -22.91
CA GLY S 651 -40.00 -29.41 -23.14
C GLY S 651 -40.65 -30.78 -23.07
N LEU S 652 -39.98 -31.74 -23.67
CA LEU S 652 -40.45 -33.11 -23.68
C LEU S 652 -40.54 -33.58 -22.24
N GLY S 653 -41.68 -34.13 -21.88
CA GLY S 653 -41.89 -34.63 -20.53
C GLY S 653 -42.51 -33.59 -19.61
N GLN S 654 -42.57 -32.33 -20.04
CA GLN S 654 -43.14 -31.26 -19.22
C GLN S 654 -44.38 -30.72 -19.91
N THR S 655 -44.22 -30.34 -21.17
CA THR S 655 -45.31 -29.80 -21.97
C THR S 655 -45.53 -30.57 -23.26
N MET S 656 -44.57 -31.41 -23.65
CA MET S 656 -44.64 -32.16 -24.90
C MET S 656 -44.48 -33.66 -24.77
N THR S 657 -45.03 -34.37 -25.75
CA THR S 657 -44.87 -35.81 -25.87
C THR S 657 -44.30 -36.22 -27.23
N ALA S 658 -44.18 -37.53 -27.45
CA ALA S 658 -43.61 -38.06 -28.69
C ALA S 658 -44.39 -37.62 -29.93
N GLN S 659 -45.70 -37.51 -29.76
CA GLN S 659 -46.61 -37.09 -30.78
C GLN S 659 -46.35 -35.65 -31.22
N ASP S 660 -45.84 -34.79 -30.32
CA ASP S 660 -45.63 -33.41 -30.65
C ASP S 660 -44.33 -33.31 -31.39
N ILE S 661 -43.39 -34.17 -31.04
CA ILE S 661 -42.11 -34.14 -31.72
C ILE S 661 -42.36 -34.54 -33.18
N LEU S 662 -43.20 -35.56 -33.36
CA LEU S 662 -43.57 -36.04 -34.69
C LEU S 662 -44.32 -34.99 -35.52
N GLU S 663 -45.34 -34.34 -34.93
CA GLU S 663 -46.10 -33.32 -35.64
C GLU S 663 -45.32 -32.04 -35.91
N GLY S 664 -44.40 -31.67 -35.01
CA GLY S 664 -43.63 -30.45 -35.14
C GLY S 664 -44.16 -29.33 -34.26
N ASN S 665 -44.74 -29.68 -33.13
CA ASN S 665 -45.30 -28.69 -32.22
C ASN S 665 -44.32 -28.29 -31.12
N MET S 666 -44.48 -27.07 -30.59
CA MET S 666 -43.74 -26.66 -29.40
C MET S 666 -44.75 -26.05 -28.44
N ASN S 667 -44.81 -26.59 -27.23
CA ASN S 667 -45.78 -26.16 -26.24
C ASN S 667 -45.16 -25.37 -25.08
N VAL S 668 -45.63 -24.14 -24.86
CA VAL S 668 -45.07 -23.32 -23.78
C VAL S 668 -46.14 -22.97 -22.74
N GLU S 669 -45.88 -23.30 -21.47
CA GLU S 669 -46.82 -23.01 -20.37
C GLU S 669 -46.29 -21.91 -19.43
N ILE S 670 -47.10 -20.86 -19.21
CA ILE S 670 -46.69 -19.73 -18.34
C ILE S 670 -47.74 -19.32 -17.30
N GLY S 671 -47.30 -19.05 -16.07
CA GLY S 671 -48.20 -18.55 -15.02
C GLY S 671 -47.68 -17.22 -14.46
N LEU S 672 -48.60 -16.34 -13.97
CA LEU S 672 -48.22 -15.02 -13.42
C LEU S 672 -49.05 -14.56 -12.20
N ALA S 673 -48.38 -14.03 -11.16
CA ALA S 673 -49.04 -13.46 -9.98
C ALA S 673 -49.31 -11.97 -10.15
N VAL S 674 -50.57 -11.61 -10.44
CA VAL S 674 -50.94 -10.23 -10.76
C VAL S 674 -51.75 -9.54 -9.64
N VAL S 675 -51.28 -8.36 -9.28
CA VAL S 675 -51.81 -7.45 -8.25
C VAL S 675 -53.22 -6.88 -8.50
N ARG S 676 -54.09 -6.90 -7.48
CA ARG S 676 -55.46 -6.39 -7.61
C ARG S 676 -55.67 -5.13 -6.75
N PRO S 677 -56.47 -4.13 -7.22
CA PRO S 677 -56.81 -2.86 -6.57
C PRO S 677 -57.83 -2.90 -5.45
N ALA S 678 -57.78 -1.91 -4.57
CA ALA S 678 -58.86 -1.71 -3.61
C ALA S 678 -59.93 -0.82 -4.22
N GLU S 679 -61.20 -1.12 -3.98
CA GLU S 679 -62.29 -0.27 -4.46
C GLU S 679 -63.10 0.41 -3.38
N PHE S 680 -63.18 -0.18 -2.19
CA PHE S 680 -64.07 0.37 -1.20
C PHE S 680 -63.38 0.58 0.13
N ILE S 681 -63.43 1.80 0.60
CA ILE S 681 -62.83 2.13 1.88
C ILE S 681 -63.91 2.51 2.85
N ILE S 682 -63.97 1.78 3.95
CA ILE S 682 -65.02 2.00 4.94
C ILE S 682 -64.46 2.57 6.23
N LEU S 683 -64.99 3.71 6.63
CA LEU S 683 -64.54 4.37 7.84
C LEU S 683 -65.56 4.24 8.95
N LYS S 684 -65.15 3.64 10.05
CA LYS S 684 -66.05 3.42 11.18
C LYS S 684 -65.70 4.37 12.30
N PHE S 685 -66.69 5.07 12.81
CA PHE S 685 -66.49 6.05 13.87
C PHE S 685 -67.20 5.67 15.15
N SER S 686 -66.62 6.07 16.28
CA SER S 686 -67.21 5.83 17.58
C SER S 686 -66.65 6.82 18.59
N HIS S 687 -67.29 6.89 19.76
CA HIS S 687 -66.79 7.72 20.85
C HIS S 687 -65.70 6.98 21.57
N LYS S 688 -64.69 7.69 22.03
CA LYS S 688 -63.64 7.05 22.79
C LYS S 688 -64.09 6.86 24.21
N MET S 689 -63.90 5.67 24.74
CA MET S 689 -64.29 5.40 26.11
C MET S 689 -63.12 5.68 27.03
N GLN S 690 -63.41 6.30 28.17
CA GLN S 690 -62.40 6.66 29.16
C GLN S 690 -63.04 7.35 30.36
N THR T 3 20.47 58.71 -39.47
CA THR T 3 20.59 57.71 -38.42
C THR T 3 20.90 58.35 -37.08
N TYR T 4 21.36 57.55 -36.14
CA TYR T 4 21.67 58.04 -34.81
C TYR T 4 23.10 57.61 -34.49
N LYS T 5 23.84 58.46 -33.78
CA LYS T 5 25.21 58.10 -33.43
C LYS T 5 25.46 57.95 -31.94
N THR T 6 24.97 58.88 -31.14
CA THR T 6 25.18 58.83 -29.71
C THR T 6 24.19 57.82 -29.11
N PRO T 7 24.62 56.88 -28.25
CA PRO T 7 23.75 55.96 -27.54
C PRO T 7 22.77 56.76 -26.69
N GLY T 8 21.53 56.31 -26.56
CA GLY T 8 20.61 57.07 -25.74
C GLY T 8 19.18 57.06 -26.26
N VAL T 9 18.37 57.93 -25.68
CA VAL T 9 16.96 58.05 -26.00
C VAL T 9 16.68 59.29 -26.82
N TYR T 10 16.03 59.12 -27.96
CA TYR T 10 15.69 60.22 -28.84
C TYR T 10 14.19 60.49 -28.80
N ILE T 11 13.81 61.74 -28.96
CA ILE T 11 12.40 62.15 -28.97
C ILE T 11 11.99 62.82 -30.26
N GLU T 12 10.92 62.33 -30.86
CA GLU T 12 10.39 62.86 -32.11
C GLU T 12 8.88 63.07 -31.99
N GLU T 13 8.33 64.03 -32.70
CA GLU T 13 6.88 64.30 -32.66
C GLU T 13 6.22 64.14 -34.01
N ILE T 14 5.33 63.16 -34.11
CA ILE T 14 4.65 62.81 -35.35
C ILE T 14 3.13 62.67 -35.19
N THR T 15 2.40 62.63 -36.32
CA THR T 15 0.97 62.35 -36.32
C THR T 15 0.66 61.16 -37.24
N LYS T 16 -0.06 60.16 -36.73
CA LYS T 16 -0.44 58.99 -37.53
C LYS T 16 -1.48 58.13 -36.81
N PHE T 17 -2.06 57.16 -37.52
CA PHE T 17 -2.93 56.19 -36.87
C PHE T 17 -2.06 55.15 -36.17
N PRO T 18 -2.47 54.62 -35.00
CA PRO T 18 -1.81 53.53 -34.31
C PRO T 18 -1.81 52.29 -35.20
N PRO T 19 -0.79 51.43 -35.14
CA PRO T 19 -0.69 50.18 -35.86
C PRO T 19 -1.62 49.11 -35.29
N SER T 20 -1.99 48.15 -36.11
CA SER T 20 -2.77 46.99 -35.69
C SER T 20 -1.93 45.89 -35.08
N VAL T 21 -2.60 44.93 -34.44
CA VAL T 21 -1.98 43.75 -33.87
C VAL T 21 -1.84 42.67 -34.93
N ALA T 22 -0.64 42.08 -35.05
CA ALA T 22 -0.39 41.04 -36.04
C ALA T 22 -1.29 39.85 -35.83
N GLN T 23 -1.77 39.28 -36.93
CA GLN T 23 -2.64 38.11 -36.88
C GLN T 23 -1.99 36.83 -37.36
N VAL T 24 -2.59 35.73 -36.96
CA VAL T 24 -2.24 34.35 -37.30
C VAL T 24 -2.79 33.93 -38.66
N GLU T 25 -2.00 33.16 -39.42
CA GLU T 25 -2.43 32.69 -40.74
C GLU T 25 -3.79 32.04 -40.74
N THR T 26 -4.54 32.43 -41.74
CA THR T 26 -5.89 32.01 -42.06
C THR T 26 -6.03 32.10 -43.55
N ALA T 27 -7.25 32.18 -44.06
CA ALA T 27 -7.39 32.26 -45.51
C ALA T 27 -6.48 33.36 -46.04
N ILE T 28 -5.73 33.06 -47.10
CA ILE T 28 -4.80 34.01 -47.69
C ILE T 28 -5.30 34.67 -48.98
N PRO T 29 -5.52 35.98 -49.02
CA PRO T 29 -5.90 36.70 -50.20
C PRO T 29 -4.71 37.04 -51.05
N ALA T 30 -4.93 37.22 -52.34
CA ALA T 30 -3.94 37.84 -53.19
C ALA T 30 -4.50 39.17 -53.71
N PHE T 31 -3.64 40.18 -53.75
CA PHE T 31 -4.01 41.49 -54.24
C PHE T 31 -3.23 41.86 -55.49
N ILE T 32 -3.94 42.05 -56.60
CA ILE T 32 -3.28 42.37 -57.88
C ILE T 32 -3.47 43.84 -58.31
N GLY T 33 -2.37 44.60 -58.42
CA GLY T 33 -2.48 46.03 -58.80
C GLY T 33 -1.14 46.81 -58.89
N TYR T 34 -1.25 48.15 -58.92
CA TYR T 34 -0.08 49.06 -59.08
C TYR T 34 0.53 49.57 -57.76
N THR T 35 1.86 49.69 -57.75
CA THR T 35 2.66 50.16 -56.61
C THR T 35 3.63 51.29 -56.98
N GLN T 36 4.45 51.70 -56.03
CA GLN T 36 5.40 52.81 -56.26
C GLN T 36 6.88 52.44 -56.47
N PHE T 37 7.31 51.30 -55.92
CA PHE T 37 8.70 50.86 -56.07
C PHE T 37 8.89 49.49 -56.71
N ALA T 38 8.21 48.50 -56.15
CA ALA T 38 8.37 47.10 -56.52
C ALA T 38 9.81 46.62 -56.45
N ARG T 39 10.49 46.76 -55.30
CA ARG T 39 11.89 46.31 -55.27
C ARG T 39 12.22 45.34 -54.14
N THR T 40 13.25 44.52 -54.35
CA THR T 40 13.69 43.48 -53.41
C THR T 40 14.67 43.95 -52.35
N LYS T 41 15.36 45.02 -52.64
CA LYS T 41 16.32 45.58 -51.74
C LYS T 41 16.02 47.07 -51.61
N PRO T 42 15.47 47.53 -50.47
CA PRO T 42 15.07 48.90 -50.23
C PRO T 42 16.11 49.97 -50.55
N SER T 43 17.40 49.65 -50.38
CA SER T 43 18.48 50.60 -50.62
C SER T 43 18.92 50.81 -52.07
N VAL T 44 18.27 50.16 -53.03
CA VAL T 44 18.64 50.35 -54.44
C VAL T 44 17.40 50.77 -55.20
N ASP T 45 17.53 51.20 -56.44
CA ASP T 45 16.37 51.63 -57.21
C ASP T 45 15.81 50.66 -58.28
N SER T 46 16.19 49.39 -58.25
CA SER T 46 15.71 48.42 -59.25
C SER T 46 14.33 47.85 -58.93
N ASP T 47 13.38 47.96 -59.87
CA ASP T 47 12.02 47.43 -59.67
C ASP T 47 11.92 45.93 -60.02
N ASP T 48 12.63 45.13 -59.26
CA ASP T 48 12.78 43.70 -59.50
C ASP T 48 11.60 42.83 -59.08
N LEU T 49 10.59 43.40 -58.44
CA LEU T 49 9.41 42.63 -58.04
C LEU T 49 8.26 42.72 -59.04
N ILE T 50 8.45 43.36 -60.19
CA ILE T 50 7.30 43.40 -61.08
C ILE T 50 6.96 42.00 -61.55
N LEU T 51 5.70 41.62 -61.32
CA LEU T 51 5.11 40.32 -61.59
C LEU T 51 5.79 39.14 -60.89
N LYS T 52 6.30 39.37 -59.68
CA LYS T 52 6.91 38.36 -58.84
C LYS T 52 6.14 38.34 -57.51
N PRO T 53 5.15 37.47 -57.30
CA PRO T 53 4.32 37.46 -56.12
C PRO T 53 5.18 37.38 -54.87
N LYS T 54 4.85 38.18 -53.87
CA LYS T 54 5.58 38.17 -52.62
C LYS T 54 4.65 38.13 -51.43
N ARG T 55 5.05 37.43 -50.39
CA ARG T 55 4.28 37.37 -49.17
C ARG T 55 4.68 38.45 -48.15
N ILE T 56 3.66 39.18 -47.70
CA ILE T 56 3.71 40.28 -46.76
C ILE T 56 2.97 40.00 -45.46
N SER T 57 3.61 40.22 -44.31
CA SER T 57 3.01 39.97 -42.99
C SER T 57 2.23 41.14 -42.37
N SER T 58 2.53 42.37 -42.79
CA SER T 58 1.92 43.56 -42.20
C SER T 58 2.02 44.75 -43.12
N LEU T 59 1.26 45.81 -42.84
CA LEU T 59 1.32 47.01 -43.68
C LEU T 59 2.72 47.61 -43.66
N LEU T 60 3.38 47.53 -42.51
CA LEU T 60 4.74 48.02 -42.35
C LEU T 60 5.72 47.33 -43.28
N ASP T 61 5.47 46.06 -43.65
CA ASP T 61 6.39 45.37 -44.53
C ASP T 61 6.06 45.77 -45.95
N PHE T 62 4.78 45.98 -46.23
CA PHE T 62 4.37 46.39 -47.58
C PHE T 62 5.13 47.64 -47.97
N THR T 63 5.12 48.62 -47.08
CA THR T 63 5.72 49.91 -47.36
C THR T 63 7.24 49.92 -47.51
N THR T 64 7.94 48.82 -47.25
CA THR T 64 9.39 48.84 -47.44
C THR T 64 9.79 48.23 -48.77
N TYR T 65 8.82 47.66 -49.49
CA TYR T 65 9.11 47.03 -50.78
C TYR T 65 8.31 47.69 -51.88
N TYR T 66 7.12 48.17 -51.54
CA TYR T 66 6.21 48.69 -52.53
C TYR T 66 5.93 50.20 -52.47
N GLY T 67 6.26 50.86 -51.35
CA GLY T 67 5.97 52.28 -51.17
C GLY T 67 4.56 52.57 -50.63
N GLY T 68 4.12 53.83 -50.75
CA GLY T 68 2.83 54.30 -50.20
C GLY T 68 1.84 54.73 -51.28
N ALA T 69 1.04 55.75 -50.99
CA ALA T 69 0.04 56.27 -51.92
C ALA T 69 0.65 57.39 -52.78
N GLN T 70 -0.01 57.71 -53.89
CA GLN T 70 0.38 58.83 -54.75
C GLN T 70 -0.23 60.13 -54.23
N ASN T 71 0.53 61.23 -54.21
CA ASN T 71 -0.03 62.52 -53.80
C ASN T 71 -1.12 62.97 -54.77
N GLU T 72 -2.26 63.42 -54.24
CA GLU T 72 -3.34 63.91 -55.08
C GLU T 72 -2.93 65.21 -55.75
N GLN T 73 -3.27 65.37 -57.04
CA GLN T 73 -2.95 66.59 -57.78
C GLN T 73 -4.18 67.47 -58.02
N GLY T 74 -5.33 67.02 -57.54
CA GLY T 74 -6.62 67.67 -57.78
C GLY T 74 -7.10 68.65 -56.70
N ILE T 75 -6.29 68.98 -55.71
CA ILE T 75 -6.75 69.88 -54.66
C ILE T 75 -6.63 71.32 -55.11
N THR T 76 -7.76 72.02 -55.07
CA THR T 76 -7.89 73.41 -55.46
C THR T 76 -8.24 74.25 -54.26
N VAL T 77 -7.60 75.42 -54.15
CA VAL T 77 -7.91 76.35 -53.10
C VAL T 77 -8.15 77.72 -53.71
N LYS T 78 -9.31 78.31 -53.44
CA LYS T 78 -9.60 79.62 -54.00
C LYS T 78 -9.96 80.66 -52.93
N LEU T 79 -9.28 81.80 -53.00
CA LEU T 79 -9.50 82.90 -52.09
C LEU T 79 -10.09 84.10 -52.78
N THR T 80 -11.22 84.61 -52.27
CA THR T 80 -11.83 85.79 -52.87
C THR T 80 -11.93 86.97 -51.91
N ASP T 81 -11.30 88.09 -52.28
CA ASP T 81 -11.31 89.30 -51.46
C ASP T 81 -12.18 90.42 -52.01
N THR T 82 -13.24 90.76 -51.29
CA THR T 82 -14.14 91.82 -51.73
C THR T 82 -14.45 92.81 -50.62
N LEU T 83 -15.30 93.79 -50.93
CA LEU T 83 -15.71 94.78 -49.94
C LEU T 83 -17.22 94.83 -49.71
N ILE T 84 -17.59 94.95 -48.45
CA ILE T 84 -18.99 95.11 -48.07
C ILE T 84 -19.14 96.41 -47.31
N GLU T 85 -19.77 97.40 -47.93
CA GLU T 85 -19.93 98.73 -47.32
C GLU T 85 -18.59 99.27 -46.82
N GLY T 86 -17.54 99.03 -47.59
CA GLY T 86 -16.18 99.48 -47.29
C GLY T 86 -15.36 98.52 -46.40
N ALA T 87 -16.00 97.48 -45.85
CA ALA T 87 -15.30 96.54 -44.98
C ALA T 87 -14.68 95.42 -45.78
N GLU T 88 -13.55 94.91 -45.32
CA GLU T 88 -12.95 93.75 -45.99
C GLU T 88 -13.75 92.50 -45.71
N ASN T 89 -13.88 91.66 -46.72
CA ASN T 89 -14.55 90.37 -46.59
C ASN T 89 -13.86 89.26 -47.39
N ARG T 90 -13.31 88.27 -46.68
CA ARG T 90 -12.62 87.18 -47.37
C ARG T 90 -13.34 85.84 -47.30
N THR T 91 -13.47 85.22 -48.47
CA THR T 91 -14.06 83.88 -48.56
C THR T 91 -13.00 82.83 -48.93
N ILE T 92 -12.95 81.75 -48.15
CA ILE T 92 -12.02 80.65 -48.40
C ILE T 92 -12.79 79.42 -48.86
N ASN T 93 -12.52 78.97 -50.08
CA ASN T 93 -13.25 77.86 -50.67
C ASN T 93 -12.37 76.67 -51.10
N VAL T 94 -12.53 75.53 -50.41
CA VAL T 94 -11.76 74.33 -50.74
C VAL T 94 -12.73 73.15 -51.03
N PRO T 95 -13.12 72.90 -52.28
CA PRO T 95 -14.07 71.89 -52.73
C PRO T 95 -13.49 70.49 -52.71
N GLU T 96 -14.36 69.49 -52.70
CA GLU T 96 -13.93 68.11 -52.86
C GLU T 96 -13.31 67.97 -54.25
N PRO T 97 -12.13 67.34 -54.42
CA PRO T 97 -11.51 67.16 -55.71
C PRO T 97 -12.34 66.32 -56.65
N THR T 98 -12.37 66.73 -57.92
CA THR T 98 -13.10 65.99 -58.94
C THR T 98 -12.17 65.07 -59.69
N PHE T 99 -10.89 65.38 -59.68
CA PHE T 99 -9.90 64.56 -60.34
C PHE T 99 -9.04 63.91 -59.29
N LYS T 100 -9.20 62.62 -59.13
CA LYS T 100 -8.51 61.86 -58.10
C LYS T 100 -7.54 60.87 -58.74
N SER T 101 -6.49 60.51 -58.02
CA SER T 101 -5.54 59.52 -58.54
C SER T 101 -6.09 58.09 -58.44
N PRO T 102 -6.16 57.30 -59.53
CA PRO T 102 -6.75 55.96 -59.56
C PRO T 102 -5.82 54.88 -59.05
N TYR T 103 -5.27 55.04 -57.86
CA TYR T 103 -4.34 54.03 -57.35
C TYR T 103 -4.62 53.66 -55.90
N LEU T 104 -5.58 52.76 -55.70
CA LEU T 104 -6.12 52.43 -54.39
C LEU T 104 -5.45 51.28 -53.63
N MET T 105 -4.38 50.68 -54.14
CA MET T 105 -3.75 49.54 -53.44
C MET T 105 -3.40 49.85 -51.99
N PHE T 106 -2.78 51.00 -51.74
CA PHE T 106 -2.37 51.34 -50.38
C PHE T 106 -3.56 51.47 -49.44
N TYR T 107 -4.58 52.23 -49.86
CA TYR T 107 -5.75 52.45 -49.03
C TYR T 107 -6.49 51.14 -48.74
N SER T 108 -6.59 50.29 -49.75
CA SER T 108 -7.28 49.02 -49.59
C SER T 108 -6.59 48.15 -48.54
N LEU T 109 -5.25 48.12 -48.56
CA LEU T 109 -4.52 47.35 -47.56
C LEU T 109 -4.70 47.90 -46.16
N GLN T 110 -4.75 49.23 -46.00
CA GLN T 110 -5.00 49.75 -44.67
C GLN T 110 -6.32 49.24 -44.11
N MET T 111 -7.36 49.19 -44.95
CA MET T 111 -8.66 48.70 -44.49
C MET T 111 -8.62 47.22 -44.15
N TYR T 112 -7.91 46.44 -44.96
CA TYR T 112 -7.76 45.01 -44.75
C TYR T 112 -7.14 44.70 -43.40
N PHE T 113 -6.04 45.36 -43.08
CA PHE T 113 -5.41 45.10 -41.80
C PHE T 113 -6.26 45.64 -40.64
N ALA T 114 -6.95 46.78 -40.82
CA ALA T 114 -7.81 47.36 -39.79
C ALA T 114 -8.93 46.41 -39.37
N ASN T 115 -9.41 45.60 -40.33
CA ASN T 115 -10.46 44.64 -40.11
C ASN T 115 -10.02 43.24 -39.73
N GLY T 116 -8.75 43.07 -39.37
CA GLY T 116 -8.30 41.76 -38.88
C GLY T 116 -7.59 40.84 -39.85
N GLY T 117 -7.22 41.30 -41.02
CA GLY T 117 -6.53 40.43 -41.95
C GLY T 117 -5.15 40.00 -41.48
N GLY T 118 -4.70 38.84 -41.95
CA GLY T 118 -3.38 38.30 -41.65
C GLY T 118 -2.47 38.45 -42.87
N PRO T 119 -1.43 37.61 -43.00
CA PRO T 119 -0.46 37.60 -44.09
C PRO T 119 -1.14 37.41 -45.44
N CYS T 120 -0.59 38.05 -46.46
CA CYS T 120 -1.17 38.01 -47.81
C CYS T 120 -0.16 38.11 -48.94
N TYR T 121 -0.61 37.85 -50.18
CA TYR T 121 0.27 38.00 -51.34
C TYR T 121 0.03 39.26 -52.14
N ILE T 122 1.12 39.90 -52.50
CA ILE T 122 1.07 41.10 -53.33
C ILE T 122 1.67 40.85 -54.69
N VAL T 123 0.92 41.21 -55.73
CA VAL T 123 1.45 41.13 -57.08
C VAL T 123 1.45 42.53 -57.65
N SER T 124 2.65 43.02 -57.96
CA SER T 124 2.77 44.36 -58.53
C SER T 124 2.84 44.24 -60.03
N THR T 125 1.89 44.86 -60.71
CA THR T 125 1.76 44.77 -62.16
C THR T 125 2.43 45.91 -62.89
N GLY T 126 2.94 46.87 -62.16
CA GLY T 126 3.56 48.05 -62.72
C GLY T 126 3.63 49.13 -61.67
N VAL T 127 4.12 50.29 -62.04
CA VAL T 127 4.23 51.37 -61.08
C VAL T 127 3.45 52.59 -61.55
N TYR T 128 3.20 53.49 -60.63
CA TYR T 128 2.42 54.70 -60.87
C TYR T 128 3.04 55.64 -61.89
N ASP T 129 2.19 56.19 -62.75
CA ASP T 129 2.56 57.20 -63.72
C ASP T 129 2.29 58.60 -63.20
N ASP T 130 2.99 59.56 -63.76
CA ASP T 130 2.80 60.97 -63.50
C ASP T 130 1.52 61.47 -64.15
N TRP T 131 0.98 62.55 -63.63
CA TRP T 131 -0.18 63.18 -64.24
C TRP T 131 0.29 63.98 -65.44
N SER T 132 -0.59 64.14 -66.44
CA SER T 132 -0.21 64.93 -67.61
C SER T 132 -0.48 66.39 -67.36
N ASP T 133 -1.51 66.65 -66.57
CA ASP T 133 -1.91 68.01 -66.21
C ASP T 133 -2.68 67.96 -64.92
N SER T 134 -3.10 69.09 -64.37
CA SER T 134 -3.85 69.12 -63.11
C SER T 134 -5.23 68.50 -63.22
N GLU T 135 -5.74 68.41 -64.44
CA GLU T 135 -7.03 67.83 -64.72
C GLU T 135 -6.90 66.61 -65.61
N THR T 136 -5.68 66.10 -65.77
CA THR T 136 -5.50 64.92 -66.60
C THR T 136 -4.74 63.84 -65.83
N PRO T 137 -5.44 62.91 -65.15
CA PRO T 137 -4.92 61.85 -64.32
C PRO T 137 -4.37 60.68 -65.15
N PRO T 138 -3.55 59.82 -64.53
CA PRO T 138 -3.06 58.53 -65.00
C PRO T 138 -4.19 57.56 -65.24
N THR T 139 -3.89 56.49 -65.96
CA THR T 139 -4.84 55.45 -66.26
C THR T 139 -4.44 54.06 -65.74
N ILE T 140 -5.40 53.14 -65.88
CA ILE T 140 -5.29 51.72 -65.56
C ILE T 140 -5.30 50.94 -66.85
N ASN T 141 -4.29 50.13 -67.08
CA ASN T 141 -4.21 49.36 -68.31
C ASN T 141 -4.70 47.95 -68.13
N PHE T 142 -5.81 47.63 -68.75
CA PHE T 142 -6.44 46.32 -68.64
C PHE T 142 -5.45 45.17 -68.78
N SER T 143 -4.54 45.25 -69.75
CA SER T 143 -3.60 44.18 -70.02
C SER T 143 -2.68 43.84 -68.84
N ASP T 144 -2.47 44.81 -67.95
CA ASP T 144 -1.60 44.62 -66.82
C ASP T 144 -2.29 43.78 -65.77
N LEU T 145 -3.61 43.91 -65.68
CA LEU T 145 -4.32 43.19 -64.65
C LEU T 145 -4.43 41.76 -65.11
N GLU T 146 -4.64 41.55 -66.42
CA GLU T 146 -4.70 40.18 -66.92
C GLU T 146 -3.38 39.46 -66.72
N SER T 147 -2.26 40.17 -66.91
CA SER T 147 -0.96 39.57 -66.71
C SER T 147 -0.81 39.11 -65.27
N GLY T 148 -1.18 39.98 -64.31
CA GLY T 148 -1.09 39.61 -62.91
C GLY T 148 -1.94 38.39 -62.55
N LEU T 149 -3.15 38.30 -63.14
CA LEU T 149 -4.02 37.17 -62.89
C LEU T 149 -3.39 35.89 -63.42
N ALA T 150 -2.80 35.94 -64.61
CA ALA T 150 -2.13 34.76 -65.12
C ALA T 150 -0.98 34.33 -64.19
N VAL T 151 -0.23 35.29 -63.67
CA VAL T 151 0.90 34.97 -62.80
C VAL T 151 0.49 34.27 -61.51
N ILE T 152 -0.55 34.76 -60.84
CA ILE T 152 -0.99 34.19 -59.57
C ILE T 152 -1.45 32.72 -59.74
N ARG T 153 -1.73 32.29 -60.97
CA ARG T 153 -2.17 30.92 -61.21
C ARG T 153 -1.13 29.90 -60.75
N LYS T 154 0.15 30.27 -60.75
CA LYS T 154 1.18 29.35 -60.35
C LYS T 154 1.47 29.30 -58.86
N GLU T 155 0.76 30.09 -58.05
CA GLU T 155 1.02 30.07 -56.62
C GLU T 155 0.10 29.08 -55.95
N ASP T 156 0.58 28.41 -54.92
CA ASP T 156 -0.16 27.44 -54.16
C ASP T 156 -1.00 27.97 -53.01
N GLU T 157 -0.39 28.78 -52.15
CA GLU T 157 -1.05 29.27 -50.94
C GLU T 157 -2.33 30.14 -51.00
N PRO T 158 -2.52 31.08 -51.95
CA PRO T 158 -3.69 31.95 -52.02
C PRO T 158 -5.02 31.21 -52.18
N THR T 159 -6.08 31.74 -51.55
CA THR T 159 -7.43 31.21 -51.66
C THR T 159 -8.45 32.27 -52.12
N LEU T 160 -8.17 33.56 -51.88
CA LEU T 160 -9.12 34.60 -52.30
C LEU T 160 -8.51 35.52 -53.36
N LEU T 161 -9.31 35.91 -54.35
CA LEU T 161 -8.82 36.84 -55.37
C LEU T 161 -9.47 38.24 -55.34
N LEU T 162 -8.62 39.27 -55.22
CA LEU T 162 -9.07 40.66 -55.20
C LEU T 162 -8.31 41.57 -56.18
N PHE T 163 -9.04 42.55 -56.77
CA PHE T 163 -8.45 43.57 -57.65
C PHE T 163 -8.77 44.99 -57.16
N PRO T 164 -7.92 45.63 -56.34
CA PRO T 164 -8.08 46.95 -55.74
C PRO T 164 -8.47 48.08 -56.68
N ASP T 165 -8.07 48.06 -57.97
CA ASP T 165 -8.45 49.16 -58.86
C ASP T 165 -9.24 48.72 -60.08
N ALA T 166 -10.07 47.69 -59.94
CA ALA T 166 -10.89 47.28 -61.07
C ALA T 166 -11.87 48.38 -61.48
N THR T 167 -12.37 49.14 -60.50
CA THR T 167 -13.37 50.16 -60.77
C THR T 167 -12.79 51.42 -61.39
N ASN T 168 -11.46 51.51 -61.48
CA ASN T 168 -10.83 52.69 -62.09
C ASN T 168 -10.48 52.40 -63.54
N LEU T 169 -10.88 51.23 -64.01
CA LEU T 169 -10.64 50.74 -65.34
C LEU T 169 -11.62 51.53 -66.27
N PRO T 170 -11.20 52.01 -67.47
CA PRO T 170 -11.95 52.82 -68.42
C PRO T 170 -13.37 52.43 -68.83
N THR T 171 -13.69 51.14 -68.93
CA THR T 171 -15.04 50.78 -69.34
C THR T 171 -15.61 49.69 -68.44
N ASP T 172 -16.92 49.54 -68.48
CA ASP T 172 -17.56 48.51 -67.73
C ASP T 172 -17.34 47.18 -68.42
N ASP T 173 -17.22 47.22 -69.73
CA ASP T 173 -16.97 46.00 -70.47
C ASP T 173 -15.63 45.37 -70.04
N GLU T 174 -14.58 46.18 -69.85
CA GLU T 174 -13.31 45.64 -69.38
C GLU T 174 -13.43 45.10 -67.96
N PHE T 175 -14.18 45.81 -67.12
CA PHE T 175 -14.42 45.40 -65.74
C PHE T 175 -15.04 44.02 -65.68
N TYR T 176 -16.12 43.81 -66.44
CA TYR T 176 -16.82 42.55 -66.42
C TYR T 176 -15.95 41.44 -67.00
N SER T 177 -15.18 41.74 -68.05
CA SER T 177 -14.31 40.76 -68.67
C SER T 177 -13.28 40.23 -67.67
N LEU T 178 -12.68 41.14 -66.88
CA LEU T 178 -11.70 40.74 -65.89
C LEU T 178 -12.30 39.78 -64.86
N TYR T 179 -13.52 40.07 -64.40
CA TYR T 179 -14.14 39.17 -63.42
C TYR T 179 -14.56 37.84 -64.02
N ASN T 180 -14.96 37.80 -65.27
CA ASN T 180 -15.31 36.52 -65.86
C ASN T 180 -14.07 35.63 -65.89
N SER T 181 -12.89 36.22 -66.19
CA SER T 181 -11.66 35.44 -66.19
C SER T 181 -11.33 34.89 -64.81
N ALA T 182 -11.52 35.70 -63.76
CA ALA T 182 -11.25 35.22 -62.40
C ALA T 182 -12.15 34.04 -62.03
N LEU T 183 -13.43 34.09 -62.41
CA LEU T 183 -14.34 32.98 -62.10
C LEU T 183 -13.93 31.72 -62.87
N MET T 184 -13.48 31.89 -64.11
CA MET T 184 -13.02 30.74 -64.88
C MET T 184 -11.77 30.13 -64.26
N GLN T 185 -10.84 30.96 -63.75
CA GLN T 185 -9.64 30.43 -63.10
C GLN T 185 -10.03 29.60 -61.89
N CYS T 186 -11.01 30.07 -61.12
CA CYS T 186 -11.46 29.36 -59.94
C CYS T 186 -12.04 28.00 -60.30
N ASN T 187 -12.80 27.92 -61.39
CA ASN T 187 -13.32 26.62 -61.77
C ASN T 187 -12.20 25.71 -62.29
N ASP T 188 -11.23 26.23 -63.03
CA ASP T 188 -10.15 25.35 -63.49
C ASP T 188 -9.36 24.73 -62.32
N LEU T 189 -9.15 25.50 -61.25
CA LEU T 189 -8.37 25.02 -60.12
C LEU T 189 -9.17 24.26 -59.03
N GLN T 190 -10.44 24.62 -58.83
CA GLN T 190 -11.36 24.05 -57.83
C GLN T 190 -11.01 24.30 -56.36
N ASP T 191 -10.26 25.36 -56.03
CA ASP T 191 -9.93 25.68 -54.65
C ASP T 191 -9.89 27.18 -54.29
N ARG T 192 -10.42 28.06 -55.15
CA ARG T 192 -10.40 29.50 -54.91
C ARG T 192 -11.78 30.12 -54.96
N PHE T 193 -11.90 31.30 -54.36
CA PHE T 193 -13.15 32.04 -54.34
C PHE T 193 -12.93 33.53 -54.68
N THR T 194 -13.82 34.09 -55.50
CA THR T 194 -13.71 35.48 -55.96
C THR T 194 -14.67 36.45 -55.26
N ILE T 195 -14.14 37.60 -54.84
CA ILE T 195 -14.99 38.63 -54.24
C ILE T 195 -15.23 39.76 -55.26
N LEU T 196 -16.51 40.05 -55.54
CA LEU T 196 -16.86 41.02 -56.58
C LEU T 196 -17.56 42.30 -56.06
N ASP T 197 -17.26 43.40 -56.75
CA ASP T 197 -17.83 44.72 -56.54
C ASP T 197 -18.70 45.14 -57.71
N THR T 198 -19.58 46.11 -57.51
CA THR T 198 -20.27 46.68 -58.65
C THR T 198 -19.29 47.68 -59.26
N TYR T 199 -19.58 48.16 -60.46
CA TYR T 199 -18.71 49.14 -61.12
C TYR T 199 -18.75 50.50 -60.40
N SER T 200 -19.95 50.89 -59.98
CA SER T 200 -20.23 52.16 -59.30
C SER T 200 -21.49 52.04 -58.48
N ASP T 201 -21.64 52.85 -57.42
CA ASP T 201 -22.92 52.84 -56.70
C ASP T 201 -23.96 53.83 -57.22
N GLN T 202 -23.57 54.60 -58.21
CA GLN T 202 -24.44 55.61 -58.79
C GLN T 202 -24.76 55.24 -60.22
N THR T 203 -25.85 55.79 -60.74
CA THR T 203 -26.19 55.54 -62.11
C THR T 203 -24.99 56.06 -62.84
N TYR T 204 -24.48 55.25 -63.76
CA TYR T 204 -23.28 55.62 -64.53
C TYR T 204 -23.59 55.58 -66.01
N ASN T 205 -22.97 56.49 -66.78
CA ASN T 205 -23.27 56.54 -68.19
C ASN T 205 -22.22 55.80 -68.98
N ASP T 206 -22.68 54.87 -69.80
CA ASP T 206 -21.75 54.08 -70.64
C ASP T 206 -21.45 54.75 -71.98
N GLY T 207 -21.90 56.00 -72.15
CA GLY T 207 -21.71 56.78 -73.37
C GLY T 207 -22.90 56.69 -74.30
N VAL T 208 -23.81 55.76 -74.02
CA VAL T 208 -25.01 55.54 -74.80
C VAL T 208 -26.27 55.68 -73.93
N GLU T 209 -26.27 54.96 -72.80
CA GLU T 209 -27.41 54.85 -71.89
C GLU T 209 -27.03 54.96 -70.41
N ASP T 210 -28.00 55.34 -69.59
CA ASP T 210 -27.86 55.44 -68.13
C ASP T 210 -28.21 54.11 -67.44
N LEU T 211 -27.23 53.47 -66.82
CA LEU T 211 -27.45 52.15 -66.24
C LEU T 211 -27.46 52.06 -64.72
N ASP T 212 -28.39 51.26 -64.22
CA ASP T 212 -28.48 50.93 -62.79
C ASP T 212 -27.42 49.88 -62.49
N PRO T 213 -26.59 50.13 -61.46
CA PRO T 213 -25.45 49.27 -61.11
C PRO T 213 -25.77 47.83 -60.76
N ILE T 214 -26.80 47.51 -59.99
CA ILE T 214 -27.08 46.10 -59.72
C ILE T 214 -27.53 45.30 -60.95
N PRO T 215 -28.45 45.86 -61.78
CA PRO T 215 -28.93 45.25 -63.02
C PRO T 215 -27.81 45.09 -64.05
N ALA T 216 -26.91 46.06 -64.10
CA ALA T 216 -25.77 45.99 -65.01
C ALA T 216 -24.79 44.84 -64.70
N LEU T 217 -24.53 44.55 -63.43
CA LEU T 217 -23.63 43.50 -63.03
C LEU T 217 -24.25 42.17 -63.39
N ARG T 218 -25.57 42.06 -63.18
CA ARG T 218 -26.23 40.82 -63.51
C ARG T 218 -26.08 40.48 -65.01
N ASN T 219 -26.20 41.49 -65.88
CA ASN T 219 -26.03 41.27 -67.31
C ASN T 219 -24.56 41.06 -67.70
N GLY T 220 -23.66 41.76 -67.02
CA GLY T 220 -22.22 41.66 -67.25
C GLY T 220 -21.67 40.26 -67.01
N ILE T 221 -21.96 39.68 -65.85
CA ILE T 221 -21.39 38.36 -65.58
C ILE T 221 -22.31 37.28 -66.16
N ASN T 222 -21.99 36.87 -67.37
CA ASN T 222 -22.79 35.96 -68.19
C ASN T 222 -22.34 34.49 -68.24
N LEU T 223 -21.81 33.99 -67.14
CA LEU T 223 -21.36 32.61 -67.05
C LEU T 223 -22.44 31.72 -66.44
N THR T 224 -22.30 30.42 -66.60
CA THR T 224 -23.21 29.41 -66.06
C THR T 224 -22.91 29.10 -64.58
N LYS T 225 -23.79 28.31 -63.95
CA LYS T 225 -23.67 27.96 -62.53
C LYS T 225 -22.33 27.36 -62.13
N ASP T 226 -21.68 26.63 -63.05
CA ASP T 226 -20.39 26.00 -62.78
C ASP T 226 -19.33 27.02 -62.38
N TYR T 227 -19.52 28.27 -62.77
CA TYR T 227 -18.59 29.32 -62.47
C TYR T 227 -19.14 30.22 -61.38
N LEU T 228 -20.45 30.48 -61.43
CA LEU T 228 -21.08 31.41 -60.51
C LEU T 228 -20.95 30.94 -59.06
N LYS T 229 -20.94 29.64 -58.85
CA LYS T 229 -20.78 29.07 -57.52
C LYS T 229 -19.44 29.45 -56.85
N TYR T 230 -18.47 29.98 -57.60
CA TYR T 230 -17.17 30.34 -57.06
C TYR T 230 -16.99 31.80 -56.69
N GLY T 231 -18.07 32.55 -56.56
CA GLY T 231 -17.91 33.92 -56.10
C GLY T 231 -19.17 34.53 -55.56
N ALA T 232 -19.00 35.72 -54.98
CA ALA T 232 -20.09 36.49 -54.38
C ALA T 232 -19.85 37.97 -54.54
N ALA T 233 -20.92 38.75 -54.53
CA ALA T 233 -20.82 40.20 -54.68
C ALA T 233 -21.44 40.95 -53.52
N TYR T 234 -20.87 42.12 -53.23
CA TYR T 234 -21.37 43.00 -52.16
C TYR T 234 -21.70 44.41 -52.66
N TYR T 235 -22.71 45.02 -52.04
CA TYR T 235 -23.16 46.37 -52.35
C TYR T 235 -23.74 47.07 -51.13
N PRO T 236 -23.55 48.39 -50.98
CA PRO T 236 -22.77 49.42 -51.65
C PRO T 236 -21.33 49.60 -51.15
N PHE T 237 -20.66 50.61 -51.70
CA PHE T 237 -19.33 51.11 -51.33
C PHE T 237 -19.43 51.74 -49.96
N VAL T 238 -18.31 51.89 -49.27
CA VAL T 238 -18.35 52.48 -47.94
C VAL T 238 -17.48 53.70 -47.78
N GLN T 239 -17.90 54.58 -46.87
CA GLN T 239 -17.17 55.78 -46.55
C GLN T 239 -16.32 55.48 -45.33
N THR T 240 -15.02 55.71 -45.47
CA THR T 240 -14.05 55.44 -44.41
C THR T 240 -13.58 56.69 -43.70
N ILE T 241 -12.57 56.54 -42.84
CA ILE T 241 -12.09 57.62 -42.00
C ILE T 241 -10.68 58.03 -42.35
N LEU T 242 -10.19 57.54 -43.48
CA LEU T 242 -8.85 57.80 -43.96
C LEU T 242 -8.81 59.11 -44.73
N ASN T 243 -7.68 59.80 -44.67
CA ASN T 243 -7.51 61.06 -45.41
C ASN T 243 -6.88 60.83 -46.77
N TYR T 244 -6.72 61.91 -47.52
CA TYR T 244 -6.06 61.85 -48.81
C TYR T 244 -4.60 62.20 -48.57
N GLN T 245 -3.71 61.65 -49.38
CA GLN T 245 -2.31 62.01 -49.27
C GLN T 245 -2.02 63.17 -50.21
N TYR T 246 -1.32 64.18 -49.71
CA TYR T 246 -0.97 65.35 -50.48
C TYR T 246 0.24 66.02 -49.89
N SER T 247 0.74 67.03 -50.60
CA SER T 247 1.85 67.83 -50.11
C SER T 247 1.56 69.30 -50.29
N ALA T 248 1.86 70.08 -49.26
CA ALA T 248 1.65 71.53 -49.27
C ALA T 248 2.49 72.20 -50.35
N ASP T 249 3.55 71.54 -50.79
CA ASP T 249 4.46 72.08 -51.78
C ASP T 249 3.93 71.90 -53.18
N GLU T 250 2.80 71.22 -53.31
CA GLU T 250 2.20 70.98 -54.61
C GLU T 250 0.86 71.70 -54.76
N ILE T 251 0.43 72.44 -53.73
CA ILE T 251 -0.87 73.08 -53.79
C ILE T 251 -0.73 74.56 -54.03
N VAL T 252 -1.26 75.00 -55.17
CA VAL T 252 -1.18 76.39 -55.63
C VAL T 252 -2.48 77.13 -55.36
N ILE T 253 -2.35 78.30 -54.78
CA ILE T 253 -3.47 79.16 -54.40
C ILE T 253 -3.95 80.11 -55.50
N GLN T 254 -5.26 80.13 -55.73
CA GLN T 254 -5.83 81.10 -56.65
C GLN T 254 -6.34 82.26 -55.80
N HIS T 255 -5.90 83.49 -56.09
CA HIS T 255 -6.32 84.62 -55.26
C HIS T 255 -6.84 85.79 -56.08
N LEU T 256 -8.12 86.06 -55.94
CA LEU T 256 -8.74 87.14 -56.69
C LEU T 256 -9.04 88.28 -55.74
N SER T 257 -8.94 89.51 -56.23
CA SER T 257 -9.19 90.66 -55.37
C SER T 257 -9.71 91.90 -56.05
N TYR T 258 -10.56 92.62 -55.30
CA TYR T 258 -11.09 93.93 -55.70
C TYR T 258 -9.96 94.95 -55.94
N ASN T 259 -8.80 94.72 -55.31
CA ASN T 259 -7.64 95.58 -55.42
C ASN T 259 -6.44 94.72 -55.81
N PRO T 260 -6.14 94.55 -57.11
CA PRO T 260 -5.11 93.69 -57.65
C PRO T 260 -3.75 94.11 -57.15
N ASN T 261 -2.87 93.16 -56.87
CA ASN T 261 -1.52 93.49 -56.49
C ASN T 261 -0.56 92.33 -56.58
N ALA T 262 -0.81 91.39 -57.50
CA ALA T 262 0.11 90.28 -57.68
C ALA T 262 1.41 90.71 -58.33
N ILE T 263 1.32 91.56 -59.35
CA ILE T 263 2.50 91.96 -60.10
C ILE T 263 3.24 92.97 -59.29
N ALA T 264 2.52 93.93 -58.75
CA ALA T 264 3.19 94.96 -57.99
C ALA T 264 4.01 94.37 -56.86
N THR T 265 3.49 93.33 -56.19
CA THR T 265 4.26 92.75 -55.11
C THR T 265 5.51 92.07 -55.65
N ALA T 266 5.35 91.25 -56.70
CA ALA T 266 6.49 90.53 -57.25
C ALA T 266 7.56 91.49 -57.76
N LEU T 267 7.14 92.57 -58.39
CA LEU T 267 8.05 93.52 -58.95
C LEU T 267 8.83 94.23 -57.86
N ASP T 268 8.15 94.64 -56.77
CA ASP T 268 8.85 95.31 -55.68
C ASP T 268 9.87 94.36 -55.05
N ASN T 269 9.52 93.08 -54.91
CA ASN T 269 10.47 92.14 -54.34
C ASN T 269 11.67 91.98 -55.25
N LEU T 270 11.45 91.92 -56.56
CA LEU T 270 12.56 91.81 -57.49
C LEU T 270 13.42 93.05 -57.50
N ASN T 271 12.83 94.23 -57.35
CA ASN T 271 13.69 95.40 -57.32
C ASN T 271 14.66 95.31 -56.14
N ALA T 272 14.19 94.78 -55.00
CA ALA T 272 15.07 94.55 -53.85
C ALA T 272 16.18 93.53 -54.18
N VAL T 273 15.81 92.51 -54.96
CA VAL T 273 16.71 91.45 -55.45
C VAL T 273 17.84 91.95 -56.33
N ASN T 274 17.53 92.81 -57.27
CA ASN T 274 18.55 93.27 -58.18
C ASN T 274 19.38 94.40 -57.59
N GLY T 275 20.26 94.04 -56.65
CA GLY T 275 21.07 95.03 -55.96
C GLY T 275 22.19 94.46 -55.07
N PRO T 276 23.04 95.34 -54.51
CA PRO T 276 24.18 95.03 -53.67
C PRO T 276 23.91 94.34 -52.36
N THR T 277 22.71 94.48 -51.84
CA THR T 277 22.39 93.87 -50.57
C THR T 277 21.82 92.49 -50.78
N PHE T 278 21.65 92.09 -52.03
CA PHE T 278 21.13 90.78 -52.32
C PHE T 278 22.25 89.93 -52.93
N ILE T 279 22.82 90.38 -54.07
CA ILE T 279 23.89 89.61 -54.71
C ILE T 279 25.22 90.26 -55.05
N ASP T 280 25.37 91.59 -54.99
CA ASP T 280 26.72 92.04 -55.42
C ASP T 280 27.69 91.69 -54.34
N ALA T 281 27.30 91.88 -53.07
CA ALA T 281 28.23 91.56 -52.00
C ALA T 281 28.67 90.09 -52.08
N ILE T 282 27.75 89.20 -52.43
CA ILE T 282 28.07 87.79 -52.52
C ILE T 282 29.07 87.55 -53.61
N LEU T 283 28.78 88.06 -54.81
CA LEU T 283 29.62 87.86 -55.95
C LEU T 283 30.99 88.47 -55.79
N ASP T 284 31.08 89.64 -55.16
CA ASP T 284 32.37 90.27 -54.98
C ASP T 284 33.25 89.45 -54.04
N ASP T 285 32.66 88.92 -52.98
CA ASP T 285 33.41 88.10 -52.03
C ASP T 285 33.72 86.72 -52.58
N LEU T 286 32.80 86.15 -53.35
CA LEU T 286 32.97 84.82 -53.90
C LEU T 286 34.08 84.79 -54.95
N ARG T 287 34.12 85.79 -55.81
CA ARG T 287 35.12 85.86 -56.87
C ARG T 287 36.46 86.32 -56.31
N ASN T 321 50.90 68.39 -39.66
CA ASN T 321 50.08 69.03 -40.69
C ASN T 321 48.67 69.27 -40.19
N SER T 322 48.41 68.92 -38.93
CA SER T 322 47.05 69.06 -38.39
C SER T 322 46.57 70.52 -38.38
N VAL T 323 47.52 71.45 -38.21
CA VAL T 323 47.19 72.86 -38.22
C VAL T 323 46.86 73.30 -39.64
N LYS T 324 47.55 72.74 -40.61
CA LYS T 324 47.33 73.08 -41.99
C LYS T 324 45.93 72.68 -42.40
N VAL T 325 45.50 71.50 -41.93
CA VAL T 325 44.16 71.03 -42.24
C VAL T 325 43.15 71.96 -41.62
N ALA T 326 43.35 72.34 -40.35
CA ALA T 326 42.41 73.25 -39.69
C ALA T 326 42.29 74.58 -40.42
N ASN T 327 43.42 75.12 -40.89
CA ASN T 327 43.39 76.39 -41.59
C ASN T 327 42.65 76.25 -42.91
N PHE T 328 42.97 75.19 -43.63
CA PHE T 328 42.35 74.90 -44.91
C PHE T 328 40.86 74.74 -44.76
N ALA T 329 40.45 73.92 -43.79
CA ALA T 329 39.06 73.64 -43.58
C ALA T 329 38.27 74.92 -43.33
N SER T 330 38.84 75.86 -42.56
CA SER T 330 38.17 77.14 -42.32
C SER T 330 37.94 77.90 -43.63
N LEU T 331 38.98 77.94 -44.47
CA LEU T 331 38.86 78.65 -45.74
C LEU T 331 37.80 78.02 -46.65
N VAL T 332 37.71 76.68 -46.64
CA VAL T 332 36.72 76.00 -47.47
C VAL T 332 35.33 76.35 -46.98
N GLU T 333 35.11 76.31 -45.67
CA GLU T 333 33.82 76.61 -45.09
C GLU T 333 33.36 78.01 -45.48
N SER T 334 34.27 78.99 -45.48
CA SER T 334 33.91 80.35 -45.85
C SER T 334 33.35 80.39 -47.28
N VAL T 335 34.03 79.72 -48.22
CA VAL T 335 33.54 79.69 -49.60
C VAL T 335 32.19 78.99 -49.69
N LEU T 336 32.07 77.86 -49.01
CA LEU T 336 30.86 77.06 -49.04
C LEU T 336 29.67 77.85 -48.51
N SER T 337 29.85 78.59 -47.42
CA SER T 337 28.80 79.42 -46.86
C SER T 337 28.33 80.46 -47.89
N THR T 338 29.29 81.12 -48.54
CA THR T 338 28.98 82.12 -49.55
C THR T 338 28.19 81.50 -50.72
N LEU T 339 28.60 80.31 -51.18
CA LEU T 339 27.87 79.66 -52.26
C LEU T 339 26.44 79.34 -51.84
N ASN T 340 26.24 78.89 -50.60
CA ASN T 340 24.90 78.56 -50.15
C ASN T 340 23.98 79.78 -50.18
N GLU T 341 24.50 80.97 -49.83
CA GLU T 341 23.66 82.17 -49.90
C GLU T 341 23.23 82.48 -51.34
N LEU T 342 24.14 82.28 -52.30
CA LEU T 342 23.83 82.55 -53.70
C LEU T 342 22.73 81.59 -54.18
N ILE T 343 22.82 80.34 -53.73
CA ILE T 343 21.84 79.32 -54.09
C ILE T 343 20.46 79.70 -53.53
N ASP T 344 20.39 80.11 -52.26
CA ASP T 344 19.11 80.51 -51.68
C ASP T 344 18.50 81.68 -52.43
N ALA T 345 19.36 82.60 -52.91
CA ALA T 345 18.89 83.75 -53.66
C ALA T 345 18.12 83.30 -54.89
N LYS T 346 18.65 82.29 -55.60
CA LYS T 346 17.99 81.77 -56.79
C LYS T 346 16.57 81.31 -56.48
N GLU T 347 16.43 80.56 -55.38
CA GLU T 347 15.12 80.05 -55.02
C GLU T 347 14.10 81.15 -54.74
N GLU T 348 14.52 82.23 -54.07
CA GLU T 348 13.60 83.32 -53.79
C GLU T 348 13.11 83.98 -55.08
N ILE T 349 14.02 84.11 -56.06
CA ILE T 349 13.69 84.72 -57.33
C ILE T 349 12.63 83.90 -58.05
N ASN T 350 12.81 82.60 -58.12
CA ASN T 350 11.82 81.78 -58.81
C ASN T 350 10.45 81.88 -58.14
N LYS T 351 10.40 81.94 -56.81
CA LYS T 351 9.12 82.02 -56.13
C LYS T 351 8.32 83.28 -56.48
N ASP T 352 8.98 84.44 -56.62
CA ASP T 352 8.21 85.63 -56.97
C ASP T 352 7.92 85.75 -58.46
N VAL T 353 8.86 85.36 -59.31
CA VAL T 353 8.66 85.50 -60.74
C VAL T 353 7.48 84.64 -61.16
N ASN T 354 7.38 83.45 -60.61
CA ASN T 354 6.28 82.56 -60.93
C ASN T 354 4.92 83.16 -60.61
N SER T 355 4.80 84.12 -59.66
CA SER T 355 3.49 84.66 -59.36
C SER T 355 3.16 85.68 -60.44
N ALA T 356 4.21 86.30 -61.00
CA ALA T 356 4.00 87.26 -62.07
C ALA T 356 3.49 86.53 -63.30
N ILE T 357 4.06 85.35 -63.54
CA ILE T 357 3.68 84.56 -64.69
C ILE T 357 2.25 84.09 -64.53
N ALA T 358 1.94 83.52 -63.38
CA ALA T 358 0.61 83.01 -63.08
C ALA T 358 -0.47 84.09 -63.12
N SER T 359 -0.13 85.31 -62.69
CA SER T 359 -1.09 86.39 -62.64
C SER T 359 -1.31 87.10 -63.97
N SER T 360 -0.34 87.03 -64.87
CA SER T 360 -0.45 87.69 -66.17
C SER T 360 -1.31 86.87 -67.11
N GLU T 361 -2.60 86.78 -66.79
CA GLU T 361 -3.53 85.96 -67.56
C GLU T 361 -3.70 86.42 -69.00
N GLU T 362 -3.69 87.73 -69.18
CA GLU T 362 -3.86 88.37 -70.47
C GLU T 362 -2.52 88.59 -71.12
N ASP T 363 -2.50 88.73 -72.44
CA ASP T 363 -1.26 89.04 -73.16
C ASP T 363 -0.18 87.99 -72.92
N ASN T 364 -0.44 86.77 -73.41
CA ASN T 364 0.44 85.63 -73.22
C ASN T 364 1.87 85.85 -73.73
N ALA T 365 2.05 86.86 -74.58
CA ALA T 365 3.34 87.24 -75.09
C ALA T 365 4.26 87.65 -73.94
N ILE T 366 3.67 88.26 -72.91
CA ILE T 366 4.42 88.72 -71.76
C ILE T 366 4.67 87.52 -70.90
N LYS T 367 3.66 86.66 -70.72
CA LYS T 367 3.94 85.47 -69.90
C LYS T 367 5.18 84.78 -70.44
N THR T 368 5.26 84.67 -71.77
CA THR T 368 6.42 84.05 -72.39
C THR T 368 7.67 84.84 -72.10
N ALA T 369 7.65 86.17 -72.26
CA ALA T 369 8.86 86.94 -72.01
C ALA T 369 9.39 86.76 -70.58
N ILE T 370 8.47 86.69 -69.61
CA ILE T 370 8.86 86.53 -68.22
C ILE T 370 9.45 85.16 -68.01
N SER T 371 8.77 84.13 -68.51
CA SER T 371 9.21 82.76 -68.38
C SER T 371 10.58 82.54 -69.00
N ASP T 372 10.80 83.06 -70.21
CA ASP T 372 12.09 82.88 -70.85
C ASP T 372 13.21 83.52 -70.04
N ALA T 373 12.99 84.73 -69.51
CA ALA T 373 14.03 85.38 -68.73
C ALA T 373 14.41 84.55 -67.51
N LEU T 374 13.40 83.96 -66.85
CA LEU T 374 13.65 83.14 -65.68
C LEU T 374 14.38 81.86 -66.04
N ASP T 375 13.95 81.23 -67.13
CA ASP T 375 14.52 79.97 -67.55
C ASP T 375 16.01 80.12 -67.82
N VAL T 376 16.40 81.23 -68.46
CA VAL T 376 17.82 81.46 -68.71
C VAL T 376 18.58 81.69 -67.40
N PHE T 377 18.05 82.52 -66.50
CA PHE T 377 18.72 82.79 -65.23
C PHE T 377 19.12 81.50 -64.53
N ASN T 378 18.19 80.57 -64.45
CA ASN T 378 18.39 79.32 -63.76
C ASN T 378 19.54 78.44 -64.27
N GLU T 379 19.98 78.64 -65.52
CA GLU T 379 21.02 77.79 -66.10
C GLU T 379 22.35 77.82 -65.36
N ASP T 380 22.60 78.86 -64.57
CA ASP T 380 23.88 78.93 -63.86
C ASP T 380 23.86 78.06 -62.60
N PHE T 381 22.67 77.65 -62.18
CA PHE T 381 22.53 76.90 -60.94
C PHE T 381 22.17 75.44 -61.17
N GLU T 382 21.45 75.20 -62.26
CA GLU T 382 20.96 73.88 -62.68
C GLU T 382 22.04 73.10 -63.40
N GLY T 383 21.69 71.88 -63.81
CA GLY T 383 22.62 70.93 -64.44
C GLY T 383 23.45 71.48 -65.61
N ALA T 384 22.96 72.53 -66.28
CA ALA T 384 23.69 73.12 -67.40
C ALA T 384 25.11 73.56 -66.98
N ASP T 385 25.24 74.07 -65.75
CA ASP T 385 26.51 74.53 -65.17
C ASP T 385 26.24 74.57 -63.67
N LYS T 386 26.38 73.44 -63.00
CA LYS T 386 25.71 73.39 -61.74
C LYS T 386 26.43 73.92 -60.48
N ILE T 387 26.18 75.19 -60.16
CA ILE T 387 26.73 75.81 -58.94
C ILE T 387 26.31 74.97 -57.75
N GLU T 388 25.06 74.48 -57.78
CA GLU T 388 24.57 73.70 -56.66
C GLU T 388 25.39 72.44 -56.34
N SER T 389 25.97 71.76 -57.34
CA SER T 389 26.70 70.54 -57.04
C SER T 389 28.08 70.88 -56.57
N VAL T 390 28.58 72.05 -56.95
CA VAL T 390 29.90 72.41 -56.44
C VAL T 390 29.77 72.58 -54.94
N ALA T 391 28.74 73.31 -54.51
CA ALA T 391 28.56 73.52 -53.08
C ALA T 391 28.38 72.19 -52.34
N LYS T 392 27.60 71.27 -52.92
CA LYS T 392 27.40 69.97 -52.30
C LYS T 392 28.71 69.20 -52.16
N ASN T 393 29.48 69.15 -53.23
CA ASN T 393 30.71 68.39 -53.24
C ASN T 393 31.73 68.96 -52.28
N LEU T 394 31.82 70.30 -52.16
CA LEU T 394 32.78 70.86 -51.23
C LEU T 394 32.44 70.45 -49.80
N SER T 395 31.15 70.39 -49.47
CA SER T 395 30.74 69.97 -48.13
C SER T 395 31.23 68.54 -47.82
N ASP T 396 31.00 67.60 -48.77
CA ASP T 396 31.42 66.22 -48.52
C ASP T 396 32.94 66.10 -48.38
N LEU T 397 33.67 66.83 -49.24
CA LEU T 397 35.12 66.82 -49.22
C LEU T 397 35.66 67.39 -47.92
N LEU T 398 35.00 68.43 -47.41
CA LEU T 398 35.40 69.08 -46.18
C LEU T 398 35.31 68.13 -45.00
N ILE T 399 34.24 67.34 -44.93
CA ILE T 399 34.17 66.39 -43.83
C ILE T 399 35.32 65.39 -43.95
N LYS T 400 35.55 64.86 -45.15
CA LYS T 400 36.62 63.89 -45.33
C LYS T 400 37.99 64.41 -44.96
N ILE T 401 38.31 65.67 -45.30
CA ILE T 401 39.64 66.12 -44.94
C ILE T 401 39.78 66.28 -43.44
N LYS T 402 38.74 66.78 -42.76
CA LYS T 402 38.84 66.90 -41.32
C LYS T 402 39.01 65.54 -40.65
N GLN T 403 38.35 64.50 -41.18
CA GLN T 403 38.47 63.17 -40.62
C GLN T 403 39.74 62.42 -41.09
N ALA T 404 40.41 62.89 -42.14
CA ALA T 404 41.61 62.25 -42.71
C ALA T 404 42.70 62.07 -41.65
N ASP T 405 42.79 63.03 -40.73
CA ASP T 405 43.74 63.03 -39.60
C ASP T 405 43.61 61.81 -38.71
N THR T 406 42.50 61.09 -38.81
CA THR T 406 42.24 59.90 -38.03
C THR T 406 43.37 58.91 -38.21
N ASN T 407 43.85 58.74 -39.45
CA ASN T 407 44.90 57.75 -39.60
C ASN T 407 46.05 57.97 -40.59
N THR T 408 46.07 59.03 -41.43
CA THR T 408 47.27 59.17 -42.28
C THR T 408 47.45 60.47 -43.07
N LYS T 409 48.72 60.84 -43.21
CA LYS T 409 49.19 61.98 -43.99
C LYS T 409 48.85 61.84 -45.45
N VAL T 410 48.62 60.61 -45.87
CA VAL T 410 48.26 60.28 -47.22
C VAL T 410 46.87 60.80 -47.53
N GLU T 411 45.95 60.63 -46.59
CA GLU T 411 44.58 61.03 -46.80
C GLU T 411 44.53 62.53 -47.01
N ASN T 412 45.39 63.24 -46.29
CA ASN T 412 45.44 64.70 -46.38
C ASN T 412 46.04 65.22 -47.70
N VAL T 413 46.45 64.30 -48.57
CA VAL T 413 46.97 64.61 -49.89
C VAL T 413 45.94 64.15 -50.91
N LEU T 414 45.49 62.91 -50.74
CA LEU T 414 44.57 62.33 -51.69
C LEU T 414 43.30 63.15 -51.77
N SER T 415 42.80 63.69 -50.64
CA SER T 415 41.54 64.44 -50.63
C SER T 415 41.54 65.66 -51.57
N ILE T 416 42.73 66.14 -51.93
CA ILE T 416 42.86 67.30 -52.79
C ILE T 416 43.24 66.96 -54.22
N ASN T 417 44.20 66.03 -54.40
CA ASN T 417 44.69 65.72 -55.74
C ASN T 417 44.28 64.37 -56.38
N ALA T 418 43.74 63.43 -55.59
CA ALA T 418 43.32 62.14 -56.13
C ALA T 418 41.82 62.20 -56.19
N LEU T 419 41.32 62.92 -55.21
CA LEU T 419 39.93 63.24 -54.96
C LEU T 419 39.73 64.65 -55.49
N ASN T 420 38.56 65.23 -55.25
CA ASN T 420 38.24 66.46 -55.94
C ASN T 420 38.41 67.86 -55.32
N PHE T 421 39.10 68.12 -54.20
CA PHE T 421 39.09 69.57 -53.88
C PHE T 421 39.65 70.46 -54.98
N SER T 422 40.74 70.06 -55.63
CA SER T 422 41.26 70.92 -56.69
C SER T 422 40.22 71.07 -57.81
N ALA T 423 39.66 69.93 -58.21
CA ALA T 423 38.70 69.83 -59.29
C ALA T 423 37.42 70.64 -59.06
N GLU T 424 36.95 70.72 -57.81
CA GLU T 424 35.72 71.46 -57.55
C GLU T 424 35.97 72.95 -57.50
N PHE T 425 37.08 73.40 -56.93
CA PHE T 425 37.26 74.85 -56.89
C PHE T 425 37.46 75.39 -58.31
N GLU T 426 37.97 74.55 -59.19
CA GLU T 426 38.21 74.92 -60.57
C GLU T 426 36.90 75.26 -61.27
N LYS T 427 35.80 74.66 -60.82
CA LYS T 427 34.54 74.86 -61.50
C LYS T 427 33.98 76.24 -61.21
N LEU T 428 34.55 76.95 -60.25
CA LEU T 428 34.06 78.27 -59.94
C LEU T 428 34.92 79.25 -60.73
N LEU T 429 36.24 79.03 -60.67
CA LEU T 429 37.22 79.82 -61.43
C LEU T 429 38.23 78.85 -62.03
N THR T 430 38.30 78.79 -63.36
CA THR T 430 39.13 77.80 -64.07
C THR T 430 40.62 77.79 -63.74
N TYR T 431 41.22 78.94 -63.50
CA TYR T 431 42.66 78.98 -63.22
C TYR T 431 43.02 80.20 -62.40
N ASP T 432 42.28 80.45 -61.33
CA ASP T 432 42.52 81.65 -60.53
C ASP T 432 43.96 81.74 -60.04
N VAL T 433 44.54 80.56 -59.75
CA VAL T 433 45.89 80.33 -59.24
C VAL T 433 46.99 80.91 -60.12
N ASN T 434 46.65 81.26 -61.36
CA ASN T 434 47.56 81.83 -62.33
C ASN T 434 48.22 83.12 -61.83
N THR T 435 47.53 83.86 -60.95
CA THR T 435 48.09 85.12 -60.44
C THR T 435 47.60 85.43 -59.03
N GLY T 436 48.30 86.32 -58.33
CA GLY T 436 47.86 86.70 -56.98
C GLY T 436 46.44 87.24 -57.01
N LEU T 437 46.11 88.00 -58.05
CA LEU T 437 44.76 88.45 -58.23
C LEU T 437 44.14 87.36 -59.07
N THR T 438 42.93 86.92 -58.78
CA THR T 438 42.42 85.84 -59.62
C THR T 438 42.56 86.22 -61.08
N ALA T 439 43.12 85.31 -61.85
CA ALA T 439 43.35 85.53 -63.26
C ALA T 439 43.07 84.29 -64.09
N SER T 440 43.22 84.43 -65.40
CA SER T 440 43.04 83.31 -66.32
C SER T 440 41.71 82.62 -66.13
N VAL T 441 40.67 83.39 -65.92
CA VAL T 441 39.36 82.80 -65.75
C VAL T 441 38.78 82.45 -67.10
N THR T 442 39.32 81.38 -67.69
CA THR T 442 38.95 80.84 -69.00
C THR T 442 37.48 80.49 -69.01
N LEU T 443 36.99 80.21 -67.83
CA LEU T 443 35.63 79.88 -67.51
C LEU T 443 35.40 80.29 -66.07
N ASP T 444 34.19 80.69 -65.77
CA ASP T 444 33.81 81.01 -64.41
C ASP T 444 32.32 80.85 -64.24
N LEU T 445 31.93 80.42 -63.05
CA LEU T 445 30.52 80.22 -62.71
C LEU T 445 29.86 81.47 -62.13
N PHE T 446 30.61 82.53 -61.96
CA PHE T 446 30.11 83.70 -61.27
C PHE T 446 29.73 84.91 -62.12
N ALA T 447 28.80 85.65 -61.53
CA ALA T 447 28.30 86.98 -61.88
C ALA T 447 27.61 87.19 -63.22
N ASN T 448 27.15 86.11 -63.86
CA ASN T 448 26.36 86.27 -65.11
C ASN T 448 24.92 86.64 -64.72
N ILE T 449 24.73 86.60 -63.41
CA ILE T 449 23.57 86.88 -62.63
C ILE T 449 23.15 88.31 -62.84
N GLY T 450 24.10 89.25 -62.89
CA GLY T 450 23.71 90.65 -62.99
C GLY T 450 22.80 90.92 -64.20
N THR T 451 23.28 90.57 -65.38
CA THR T 451 22.53 90.79 -66.61
C THR T 451 21.22 90.02 -66.59
N ARG T 452 21.28 88.77 -66.16
CA ARG T 452 20.08 87.97 -66.17
C ARG T 452 19.00 88.53 -65.23
N LEU T 453 19.37 89.07 -64.05
CA LEU T 453 18.35 89.67 -63.20
C LEU T 453 17.71 90.87 -63.87
N ASP T 454 18.50 91.68 -64.58
CA ASP T 454 17.92 92.82 -65.27
C ASP T 454 16.87 92.36 -66.28
N ASP T 455 17.18 91.26 -67.01
CA ASP T 455 16.23 90.73 -68.00
C ASP T 455 14.92 90.29 -67.37
N ILE T 456 15.01 89.65 -66.19
CA ILE T 456 13.82 89.20 -65.49
C ILE T 456 12.97 90.38 -65.08
N ILE T 457 13.57 91.38 -64.46
CA ILE T 457 12.79 92.50 -64.00
C ILE T 457 12.14 93.22 -65.13
N ALA T 458 12.88 93.45 -66.21
CA ALA T 458 12.28 94.16 -67.30
C ALA T 458 11.07 93.39 -67.83
N ALA T 459 11.18 92.06 -67.97
CA ALA T 459 10.03 91.30 -68.45
C ALA T 459 8.86 91.38 -67.49
N VAL T 460 9.12 91.28 -66.18
CA VAL T 460 8.03 91.32 -65.20
C VAL T 460 7.32 92.65 -65.21
N SER T 461 8.08 93.74 -65.31
CA SER T 461 7.49 95.07 -65.28
C SER T 461 6.49 95.29 -66.39
N ALA T 462 6.60 94.52 -67.49
CA ALA T 462 5.72 94.65 -68.62
C ALA T 462 4.29 94.28 -68.25
N ALA T 463 4.14 93.47 -67.19
CA ALA T 463 2.84 92.99 -66.74
C ALA T 463 2.12 93.97 -65.84
N GLU T 464 2.79 95.05 -65.40
CA GLU T 464 2.10 95.91 -64.45
C GLU T 464 0.76 96.47 -64.99
N PRO T 465 0.64 96.92 -66.26
CA PRO T 465 -0.61 97.41 -66.83
C PRO T 465 -1.48 96.31 -67.44
N ILE T 466 -1.11 95.04 -67.24
CA ILE T 466 -1.82 93.92 -67.83
C ILE T 466 -2.71 93.24 -66.81
N ASP T 467 -2.21 93.07 -65.58
CA ASP T 467 -2.99 92.42 -64.52
C ASP T 467 -4.33 93.11 -64.32
N VAL T 468 -5.33 92.30 -64.02
CA VAL T 468 -6.70 92.76 -63.87
C VAL T 468 -7.28 92.50 -62.50
N ASN T 469 -7.20 91.25 -62.05
CA ASN T 469 -7.82 90.84 -60.80
C ASN T 469 -7.01 89.94 -59.87
N ASN T 470 -5.72 89.72 -60.14
CA ASN T 470 -4.97 88.83 -59.26
C ASN T 470 -4.36 89.51 -58.04
N GLY T 471 -4.63 88.94 -56.88
CA GLY T 471 -4.13 89.45 -55.62
C GLY T 471 -2.73 88.94 -55.29
N LYS T 472 -2.18 89.45 -54.19
CA LYS T 472 -0.87 89.12 -53.65
C LYS T 472 -0.48 87.64 -53.55
N LEU T 473 -1.42 86.76 -53.17
CA LEU T 473 -1.06 85.36 -52.97
C LEU T 473 -1.25 84.49 -54.20
N ASN T 474 -1.70 85.07 -55.30
CA ASN T 474 -2.01 84.30 -56.48
C ASN T 474 -0.78 83.59 -57.02
N GLY T 475 -0.91 82.29 -57.25
CA GLY T 475 0.17 81.48 -57.79
C GLY T 475 1.15 80.94 -56.77
N ARG T 476 0.97 81.26 -55.49
CA ARG T 476 1.89 80.79 -54.46
C ARG T 476 1.49 79.42 -53.94
N LEU T 477 2.45 78.71 -53.36
CA LEU T 477 2.23 77.42 -52.73
C LEU T 477 1.80 77.51 -51.28
N LEU T 478 1.00 76.55 -50.79
CA LEU T 478 0.65 76.62 -49.36
C LEU T 478 1.84 76.64 -48.45
N SER T 479 2.82 75.83 -48.76
CA SER T 479 4.00 75.74 -47.92
C SER T 479 4.77 77.05 -47.81
N ASP T 480 4.57 77.98 -48.75
CA ASP T 480 5.25 79.26 -48.75
C ASP T 480 4.41 80.43 -48.31
N ILE T 481 3.15 80.22 -47.86
CA ILE T 481 2.37 81.39 -47.47
C ILE T 481 2.22 81.50 -45.97
N GLU T 482 2.65 80.49 -45.21
CA GLU T 482 2.46 80.60 -43.78
C GLU T 482 3.09 81.87 -43.20
N PRO T 483 4.33 82.30 -43.56
CA PRO T 483 4.92 83.53 -43.08
C PRO T 483 4.19 84.80 -43.53
N LEU T 484 3.39 84.72 -44.60
CA LEU T 484 2.67 85.87 -45.12
C LEU T 484 1.38 86.11 -44.36
N ASP T 485 0.65 85.02 -44.14
CA ASP T 485 -0.64 85.02 -43.46
C ASP T 485 -0.96 83.66 -42.86
N ASN T 486 -0.71 83.46 -41.57
CA ASN T 486 -0.91 82.14 -41.06
C ASN T 486 -2.33 81.89 -40.58
N ALA T 487 -3.22 82.88 -40.76
CA ALA T 487 -4.59 82.66 -40.35
C ALA T 487 -5.26 81.97 -41.52
N THR T 488 -4.98 82.50 -42.72
CA THR T 488 -5.52 81.93 -43.94
C THR T 488 -4.94 80.53 -44.10
N TYR T 489 -3.62 80.39 -43.91
CA TYR T 489 -2.96 79.10 -44.02
C TYR T 489 -3.55 78.04 -43.12
N ASN T 490 -3.70 78.33 -41.82
CA ASN T 490 -4.24 77.32 -40.94
C ASN T 490 -5.69 76.98 -41.27
N THR T 491 -6.47 77.97 -41.70
CA THR T 491 -7.85 77.72 -42.07
C THR T 491 -7.93 76.75 -43.24
N ILE T 492 -7.09 76.98 -44.26
CA ILE T 492 -7.09 76.13 -45.43
C ILE T 492 -6.75 74.71 -45.06
N LEU T 493 -5.72 74.50 -44.23
CA LEU T 493 -5.36 73.14 -43.90
C LEU T 493 -6.49 72.41 -43.20
N LEU T 494 -7.22 73.09 -42.32
CA LEU T 494 -8.34 72.42 -41.68
C LEU T 494 -9.40 72.02 -42.69
N GLU T 495 -9.66 72.87 -43.68
CA GLU T 495 -10.66 72.52 -44.69
C GLU T 495 -10.21 71.33 -45.54
N ILE T 496 -8.93 71.28 -45.92
CA ILE T 496 -8.44 70.18 -46.76
C ILE T 496 -8.61 68.86 -46.08
N ASN T 497 -8.26 68.80 -44.81
CA ASN T 497 -8.32 67.56 -44.07
C ASN T 497 -9.73 67.10 -43.71
N SER T 498 -10.75 67.88 -44.06
CA SER T 498 -12.11 67.46 -43.76
C SER T 498 -12.62 66.46 -44.82
N HIS T 499 -11.90 66.32 -45.93
CA HIS T 499 -12.33 65.43 -47.01
C HIS T 499 -11.85 64.00 -46.81
N LYS T 500 -12.77 63.04 -46.85
CA LYS T 500 -12.41 61.63 -46.61
C LYS T 500 -12.46 60.77 -47.87
N VAL T 501 -11.77 59.64 -47.79
CA VAL T 501 -11.64 58.60 -48.82
C VAL T 501 -12.86 57.64 -48.84
N THR T 502 -13.31 57.27 -50.04
CA THR T 502 -14.44 56.32 -50.23
C THR T 502 -13.93 55.12 -51.03
N LEU T 503 -14.23 53.90 -50.56
CA LEU T 503 -13.74 52.67 -51.17
C LEU T 503 -14.81 51.59 -51.47
N PRO T 504 -14.62 50.74 -52.49
CA PRO T 504 -15.39 49.54 -52.73
C PRO T 504 -15.20 48.68 -51.49
N PRO T 505 -16.16 47.84 -51.09
CA PRO T 505 -16.14 47.06 -49.86
C PRO T 505 -15.30 45.77 -49.85
N SER T 506 -14.67 45.41 -50.95
CA SER T 506 -14.01 44.12 -51.05
C SER T 506 -12.77 43.85 -50.19
N SER T 507 -11.95 44.84 -49.86
CA SER T 507 -10.78 44.50 -49.03
C SER T 507 -11.20 44.38 -47.58
N SER T 508 -12.25 45.12 -47.21
CA SER T 508 -12.80 45.06 -45.88
C SER T 508 -13.41 43.70 -45.66
N MET T 509 -14.10 43.17 -46.69
CA MET T 509 -14.67 41.85 -46.56
C MET T 509 -13.63 40.76 -46.43
N ALA T 510 -12.50 40.85 -47.13
CA ALA T 510 -11.47 39.83 -46.95
C ALA T 510 -11.03 39.82 -45.48
N GLY T 511 -10.93 41.00 -44.88
CA GLY T 511 -10.60 41.16 -43.47
C GLY T 511 -11.67 40.48 -42.60
N ALA T 512 -12.94 40.77 -42.86
CA ALA T 512 -14.05 40.19 -42.11
C ALA T 512 -14.05 38.66 -42.19
N TYR T 513 -13.71 38.10 -43.37
CA TYR T 513 -13.66 36.65 -43.52
C TYR T 513 -12.61 36.09 -42.58
N ALA T 514 -11.44 36.76 -42.50
CA ALA T 514 -10.37 36.29 -41.62
C ALA T 514 -10.80 36.23 -40.16
N ARG T 515 -11.54 37.25 -39.70
CA ARG T 515 -12.02 37.21 -38.32
C ARG T 515 -12.92 36.03 -38.04
N VAL T 516 -13.86 35.76 -38.94
CA VAL T 516 -14.75 34.64 -38.70
C VAL T 516 -14.02 33.31 -38.71
N ASP T 517 -13.13 33.11 -39.71
CA ASP T 517 -12.44 31.85 -39.82
C ASP T 517 -11.66 31.52 -38.55
N ASN T 518 -11.05 32.52 -37.91
CA ASN T 518 -10.33 32.26 -36.67
C ASN T 518 -11.21 32.13 -35.42
N ASP T 519 -12.26 32.94 -35.29
CA ASP T 519 -13.09 32.88 -34.10
C ASP T 519 -14.11 31.74 -34.06
N ARG T 520 -14.71 31.40 -35.20
CA ARG T 520 -15.76 30.38 -35.21
C ARG T 520 -15.45 29.19 -36.13
N GLY T 521 -14.74 29.41 -37.22
CA GLY T 521 -14.43 28.35 -38.18
C GLY T 521 -15.02 28.63 -39.55
N VAL T 522 -14.40 28.06 -40.58
CA VAL T 522 -14.79 28.26 -41.98
C VAL T 522 -16.23 27.82 -42.31
N TRP T 523 -16.83 27.00 -41.47
CA TRP T 523 -18.18 26.54 -41.70
C TRP T 523 -19.26 27.51 -41.18
N LYS T 524 -18.84 28.62 -40.57
CA LYS T 524 -19.73 29.67 -40.07
C LYS T 524 -19.97 30.73 -41.13
N SER T 525 -21.23 31.11 -41.36
CA SER T 525 -21.53 32.13 -42.35
C SER T 525 -20.84 33.46 -42.05
N PRO T 526 -20.18 34.11 -43.03
CA PRO T 526 -19.54 35.39 -42.91
C PRO T 526 -20.53 36.55 -42.98
N ALA T 527 -21.36 36.67 -41.97
CA ALA T 527 -22.40 37.71 -41.93
C ALA T 527 -22.71 38.05 -40.48
N ASN T 528 -23.39 39.20 -40.27
CA ASN T 528 -23.69 39.74 -38.95
C ASN T 528 -22.38 40.06 -38.23
N ILE T 529 -21.49 40.66 -39.00
CA ILE T 529 -20.14 41.09 -38.65
C ILE T 529 -20.05 42.60 -38.76
N GLY T 530 -19.55 43.29 -37.75
CA GLY T 530 -19.37 44.73 -37.88
C GLY T 530 -18.04 45.04 -38.58
N LEU T 531 -17.99 46.16 -39.30
CA LEU T 531 -16.76 46.59 -39.99
C LEU T 531 -16.03 47.71 -39.27
N ASN T 532 -14.70 47.69 -39.29
CA ASN T 532 -13.88 48.72 -38.67
C ASN T 532 -13.54 49.82 -39.65
N TYR T 533 -13.30 51.03 -39.13
CA TYR T 533 -12.93 52.20 -39.92
C TYR T 533 -13.99 52.57 -40.95
N VAL T 534 -15.25 52.35 -40.62
CA VAL T 534 -16.31 52.71 -41.54
C VAL T 534 -17.24 53.68 -40.85
N SER T 535 -17.48 54.80 -41.52
CA SER T 535 -18.36 55.83 -41.00
C SER T 535 -19.78 55.40 -41.32
N LYS T 536 -20.00 55.10 -42.59
CA LYS T 536 -21.31 54.68 -43.06
C LYS T 536 -21.23 54.11 -44.49
N PRO T 537 -22.24 53.37 -44.96
CA PRO T 537 -22.46 52.98 -46.35
C PRO T 537 -22.64 54.21 -47.23
N SER T 538 -22.23 54.15 -48.50
CA SER T 538 -22.38 55.28 -49.41
C SER T 538 -23.84 55.65 -49.68
N VAL T 539 -24.71 54.63 -49.74
CA VAL T 539 -26.13 54.82 -49.96
C VAL T 539 -26.90 54.01 -48.94
N THR T 540 -28.17 54.34 -48.74
CA THR T 540 -29.02 53.59 -47.83
C THR T 540 -29.87 52.57 -48.55
N VAL T 541 -29.86 51.35 -48.04
CA VAL T 541 -30.67 50.26 -48.56
C VAL T 541 -31.67 49.86 -47.49
N SER T 542 -32.97 49.96 -47.78
CA SER T 542 -33.99 49.59 -46.81
C SER T 542 -34.31 48.11 -46.92
N HIS T 543 -35.06 47.59 -45.97
CA HIS T 543 -35.43 46.19 -45.99
C HIS T 543 -36.37 45.81 -47.13
N GLU T 544 -37.05 46.80 -47.72
CA GLU T 544 -37.95 46.53 -48.83
C GLU T 544 -37.21 46.56 -50.16
N GLU T 545 -35.94 46.93 -50.13
CA GLU T 545 -35.13 47.00 -51.33
C GLU T 545 -34.26 45.77 -51.39
N GLN T 546 -33.78 45.36 -50.22
CA GLN T 546 -32.92 44.19 -50.10
C GLN T 546 -33.60 42.93 -50.60
N GLU T 547 -34.92 42.88 -50.58
CA GLU T 547 -35.61 41.67 -51.01
C GLU T 547 -35.21 41.23 -52.41
N SER T 548 -34.98 42.17 -53.35
CA SER T 548 -34.64 41.81 -54.73
C SER T 548 -33.13 41.59 -54.91
N MET T 549 -32.38 41.82 -53.85
CA MET T 549 -30.94 41.61 -53.87
C MET T 549 -30.70 40.20 -53.41
N ASN T 550 -31.49 39.77 -52.44
CA ASN T 550 -31.31 38.45 -51.86
C ASN T 550 -31.95 37.35 -52.72
N VAL T 551 -33.19 37.55 -53.14
CA VAL T 551 -33.88 36.54 -53.93
C VAL T 551 -34.23 37.09 -55.29
N HIS T 552 -33.83 36.37 -56.33
CA HIS T 552 -34.04 36.83 -57.69
C HIS T 552 -34.14 35.66 -58.65
N GLY T 553 -34.95 35.82 -59.69
CA GLY T 553 -35.14 34.77 -60.70
C GLY T 553 -33.87 34.21 -61.34
N THR T 554 -32.82 35.02 -61.44
CA THR T 554 -31.57 34.54 -62.04
C THR T 554 -30.63 33.83 -61.08
N GLY T 555 -30.87 33.92 -59.78
CA GLY T 555 -30.00 33.34 -58.75
C GLY T 555 -28.79 34.24 -58.43
N LYS T 556 -28.67 35.35 -59.13
CA LYS T 556 -27.55 36.25 -58.93
C LYS T 556 -27.77 37.19 -57.77
N SER T 557 -27.69 36.63 -56.58
CA SER T 557 -27.86 37.32 -55.32
C SER T 557 -26.74 38.31 -55.09
N VAL T 558 -27.04 39.40 -54.40
CA VAL T 558 -26.08 40.41 -53.98
C VAL T 558 -26.23 40.61 -52.46
N ASN T 559 -25.13 40.56 -51.72
CA ASN T 559 -25.19 40.72 -50.27
C ASN T 559 -25.20 42.21 -49.95
N ALA T 560 -25.79 42.62 -48.81
CA ALA T 560 -25.87 44.05 -48.54
C ALA T 560 -25.07 44.52 -47.35
N ILE T 561 -24.57 45.73 -47.43
CA ILE T 561 -23.95 46.35 -46.27
C ILE T 561 -24.97 47.34 -45.71
N ARG T 562 -25.37 47.16 -44.45
CA ARG T 562 -26.42 47.99 -43.84
C ARG T 562 -26.09 48.51 -42.44
N SER T 563 -26.67 49.67 -42.13
CA SER T 563 -26.52 50.30 -40.82
C SER T 563 -27.65 49.96 -39.86
N PHE T 564 -27.29 49.52 -38.66
CA PHE T 564 -28.28 49.18 -37.65
C PHE T 564 -28.13 50.05 -36.41
N VAL T 565 -29.26 50.40 -35.81
CA VAL T 565 -29.22 51.29 -34.66
C VAL T 565 -28.59 50.63 -33.46
N GLY T 566 -27.58 51.30 -32.92
CA GLY T 566 -26.85 50.82 -31.77
C GLY T 566 -25.79 49.78 -32.11
N LYS T 567 -25.64 49.43 -33.38
CA LYS T 567 -24.67 48.42 -33.77
C LYS T 567 -23.62 48.91 -34.76
N GLY T 568 -24.01 49.83 -35.65
CA GLY T 568 -23.09 50.30 -36.66
C GLY T 568 -23.27 49.54 -37.95
N THR T 569 -22.24 49.53 -38.79
CA THR T 569 -22.36 48.95 -40.11
C THR T 569 -22.07 47.45 -40.08
N LEU T 570 -23.05 46.66 -40.51
CA LEU T 570 -22.95 45.20 -40.53
C LEU T 570 -23.07 44.60 -41.92
N VAL T 571 -22.45 43.44 -42.09
CA VAL T 571 -22.61 42.67 -43.31
C VAL T 571 -23.89 41.85 -43.21
N TRP T 572 -24.86 42.07 -44.09
CA TRP T 572 -26.13 41.40 -43.97
C TRP T 572 -26.41 40.46 -45.18
N GLY T 573 -26.32 39.16 -44.95
CA GLY T 573 -26.48 38.16 -46.01
C GLY T 573 -25.17 37.47 -46.39
N ALA T 574 -25.25 36.19 -46.75
CA ALA T 574 -24.06 35.43 -47.12
C ALA T 574 -24.30 34.40 -48.21
N ARG T 575 -24.86 34.84 -49.34
CA ARG T 575 -25.10 33.90 -50.43
C ARG T 575 -24.12 34.11 -51.57
N THR T 576 -24.03 33.10 -52.44
CA THR T 576 -23.17 33.11 -53.63
C THR T 576 -23.96 33.54 -54.86
N LEU T 577 -23.27 33.63 -56.01
CA LEU T 577 -23.93 34.03 -57.26
C LEU T 577 -24.77 32.90 -57.89
N ALA T 578 -24.94 31.79 -57.20
CA ALA T 578 -25.79 30.67 -57.63
C ALA T 578 -26.82 30.39 -56.53
N GLY T 579 -27.52 31.46 -56.14
CA GLY T 579 -28.44 31.56 -55.00
C GLY T 579 -29.66 30.66 -55.01
N ASN T 580 -30.02 30.10 -56.15
CA ASN T 580 -31.16 29.21 -56.21
C ASN T 580 -30.73 27.76 -56.19
N ASP T 581 -29.44 27.53 -55.97
CA ASP T 581 -28.91 26.19 -55.93
C ASP T 581 -29.07 25.53 -54.57
N ASN T 582 -29.88 24.49 -54.53
CA ASN T 582 -30.12 23.83 -53.27
C ASN T 582 -28.82 23.34 -52.65
N GLU T 583 -27.83 22.96 -53.46
CA GLU T 583 -26.57 22.48 -52.88
C GLU T 583 -25.56 23.60 -52.57
N TRP T 584 -25.24 24.47 -53.55
CA TRP T 584 -24.20 25.48 -53.36
C TRP T 584 -24.58 26.95 -53.06
N ARG T 585 -25.83 27.29 -52.78
CA ARG T 585 -26.17 28.71 -52.52
C ARG T 585 -25.45 29.43 -51.36
N TYR T 586 -24.91 28.72 -50.36
CA TYR T 586 -24.24 29.41 -49.25
C TYR T 586 -22.75 29.50 -49.37
N ILE T 587 -22.20 30.65 -48.96
CA ILE T 587 -20.77 30.86 -49.02
C ILE T 587 -20.02 29.88 -48.14
N SER T 588 -20.49 29.68 -46.90
CA SER T 588 -19.82 28.79 -45.95
C SER T 588 -19.76 27.34 -46.39
N VAL T 589 -20.71 26.90 -47.20
CA VAL T 589 -20.69 25.54 -47.66
C VAL T 589 -19.61 25.41 -48.72
N ARG T 590 -19.60 26.33 -49.70
CA ARG T 590 -18.58 26.28 -50.72
C ARG T 590 -17.17 26.38 -50.13
N ARG T 591 -16.95 27.32 -49.21
CA ARG T 591 -15.62 27.47 -48.63
C ARG T 591 -15.19 26.26 -47.79
N PHE T 592 -16.11 25.64 -47.04
CA PHE T 592 -15.79 24.44 -46.27
C PHE T 592 -15.30 23.35 -47.20
N PHE T 593 -16.02 23.11 -48.29
CA PHE T 593 -15.61 22.09 -49.24
C PHE T 593 -14.25 22.40 -49.87
N ASN T 594 -13.96 23.65 -50.21
CA ASN T 594 -12.66 23.97 -50.80
C ASN T 594 -11.53 23.61 -49.82
N MET T 595 -11.74 23.91 -48.54
CA MET T 595 -10.78 23.60 -47.50
C MET T 595 -10.56 22.10 -47.38
N ALA T 596 -11.64 21.33 -47.33
CA ALA T 596 -11.52 19.90 -47.20
C ALA T 596 -10.77 19.31 -48.38
N GLU T 597 -11.03 19.82 -49.60
CA GLU T 597 -10.35 19.30 -50.77
C GLU T 597 -8.86 19.56 -50.72
N GLU T 598 -8.43 20.74 -50.27
CA GLU T 598 -6.99 20.94 -50.23
C GLU T 598 -6.30 19.87 -49.40
N SER T 599 -6.84 19.58 -48.22
CA SER T 599 -6.21 18.58 -47.35
C SER T 599 -6.25 17.16 -47.92
N ILE T 600 -7.38 16.77 -48.50
CA ILE T 600 -7.50 15.44 -49.04
C ILE T 600 -6.58 15.29 -50.24
N LYS T 601 -6.55 16.27 -51.12
CA LYS T 601 -5.64 16.20 -52.24
C LYS T 601 -4.22 15.91 -51.79
N LYS T 602 -3.71 16.66 -50.81
CA LYS T 602 -2.34 16.42 -50.34
C LYS T 602 -2.15 14.97 -49.88
N ALA T 603 -3.16 14.43 -49.21
CA ALA T 603 -3.13 13.04 -48.75
C ALA T 603 -3.01 12.03 -49.89
N THR T 604 -3.61 12.29 -51.06
CA THR T 604 -3.55 11.27 -52.11
C THR T 604 -2.37 11.46 -53.06
N GLU T 605 -1.83 12.67 -53.15
CA GLU T 605 -0.69 12.96 -54.03
C GLU T 605 0.58 12.22 -53.61
N GLN T 606 0.63 11.78 -52.37
CA GLN T 606 1.78 11.04 -51.86
C GLN T 606 1.96 9.69 -52.55
N PHE T 607 0.94 9.23 -53.27
CA PHE T 607 0.97 7.94 -53.92
C PHE T 607 1.09 7.99 -55.45
N VAL T 608 1.58 9.09 -56.03
CA VAL T 608 1.65 9.20 -57.50
C VAL T 608 2.33 8.04 -58.25
N PHE T 609 3.47 7.59 -57.82
CA PHE T 609 4.06 6.47 -58.51
C PHE T 609 4.14 5.22 -57.64
N GLU T 610 3.23 5.04 -56.68
CA GLU T 610 3.22 3.89 -55.80
C GLU T 610 2.43 2.75 -56.45
N PRO T 611 2.64 1.48 -56.05
CA PRO T 611 1.89 0.33 -56.50
C PRO T 611 0.39 0.49 -56.28
N ASN T 612 -0.41 0.01 -57.21
CA ASN T 612 -1.85 0.12 -57.07
C ASN T 612 -2.35 -1.23 -56.57
N ASP T 613 -2.46 -1.36 -55.26
CA ASP T 613 -2.79 -2.61 -54.60
C ASP T 613 -3.39 -2.34 -53.21
N GLY T 614 -3.75 -3.41 -52.52
CA GLY T 614 -4.40 -3.34 -51.21
C GLY T 614 -3.65 -2.58 -50.15
N ASN T 615 -2.33 -2.61 -50.17
CA ASN T 615 -1.59 -1.89 -49.15
C ASN T 615 -1.77 -0.38 -49.27
N THR T 616 -1.90 0.10 -50.51
CA THR T 616 -2.06 1.51 -50.79
C THR T 616 -3.45 1.90 -50.43
N TRP T 617 -4.42 1.12 -50.86
CA TRP T 617 -5.81 1.47 -50.65
C TRP T 617 -6.09 1.63 -49.15
N VAL T 618 -5.53 0.74 -48.32
CA VAL T 618 -5.72 0.85 -46.89
C VAL T 618 -5.10 2.13 -46.32
N ARG T 619 -3.85 2.46 -46.70
CA ARG T 619 -3.24 3.68 -46.21
C ARG T 619 -3.98 4.93 -46.63
N VAL T 620 -4.46 4.98 -47.87
CA VAL T 620 -5.17 6.15 -48.36
C VAL T 620 -6.43 6.38 -47.57
N ARG T 621 -7.20 5.31 -47.37
CA ARG T 621 -8.42 5.44 -46.61
C ARG T 621 -8.17 5.90 -45.19
N ALA T 622 -7.19 5.31 -44.50
CA ALA T 622 -6.92 5.71 -43.13
C ALA T 622 -6.54 7.17 -42.99
N MET T 623 -5.74 7.70 -43.92
CA MET T 623 -5.35 9.10 -43.86
C MET T 623 -6.55 10.04 -43.98
N ILE T 624 -7.44 9.74 -44.91
CA ILE T 624 -8.60 10.57 -45.14
C ILE T 624 -9.55 10.52 -43.96
N GLU T 625 -9.85 9.32 -43.44
CA GLU T 625 -10.75 9.24 -42.30
C GLU T 625 -10.20 9.97 -41.10
N ASN T 626 -8.90 9.90 -40.81
CA ASN T 626 -8.43 10.60 -39.63
C ASN T 626 -8.68 12.10 -39.74
N PHE T 627 -8.47 12.67 -40.93
CA PHE T 627 -8.75 14.07 -41.15
C PHE T 627 -10.20 14.41 -40.86
N LEU T 628 -11.11 13.64 -41.44
CA LEU T 628 -12.53 13.89 -41.27
C LEU T 628 -13.01 13.71 -39.84
N ILE T 629 -12.43 12.78 -39.09
CA ILE T 629 -12.81 12.59 -37.69
C ILE T 629 -12.49 13.83 -36.91
N LEU T 630 -11.31 14.40 -37.11
CA LEU T 630 -10.95 15.61 -36.40
C LEU T 630 -11.88 16.78 -36.74
N GLN T 631 -12.30 16.90 -38.01
CA GLN T 631 -13.22 17.97 -38.38
C GLN T 631 -14.56 17.78 -37.67
N TRP T 632 -15.00 16.52 -37.58
CA TRP T 632 -16.21 16.19 -36.84
C TRP T 632 -16.09 16.54 -35.36
N ARG T 633 -14.98 16.17 -34.74
CA ARG T 633 -14.76 16.44 -33.33
C ARG T 633 -14.86 17.94 -33.02
N ALA T 634 -14.38 18.78 -33.94
CA ALA T 634 -14.40 20.22 -33.81
C ALA T 634 -15.76 20.87 -34.08
N GLY T 635 -16.75 20.08 -34.51
CA GLY T 635 -18.09 20.58 -34.81
C GLY T 635 -18.37 20.97 -36.26
N ALA T 636 -17.46 20.70 -37.20
CA ALA T 636 -17.72 21.07 -38.59
C ALA T 636 -18.84 20.28 -39.23
N LEU T 637 -18.94 19.00 -38.89
CA LEU T 637 -19.89 18.07 -39.48
C LEU T 637 -20.99 17.66 -38.53
N ALA T 638 -22.13 17.35 -39.11
CA ALA T 638 -23.30 16.87 -38.38
C ALA T 638 -23.18 15.38 -38.07
N GLY T 639 -23.95 14.88 -37.11
CA GLY T 639 -23.98 13.45 -36.79
C GLY T 639 -23.52 13.09 -35.37
N ALA T 640 -24.25 12.16 -34.73
CA ALA T 640 -23.94 11.69 -33.37
C ALA T 640 -22.58 11.04 -33.20
N LYS T 641 -22.15 10.31 -34.22
CA LYS T 641 -20.89 9.59 -34.25
C LYS T 641 -20.34 9.77 -35.66
N PRO T 642 -19.03 9.63 -35.93
CA PRO T 642 -18.42 9.76 -37.25
C PRO T 642 -19.17 8.97 -38.32
N GLU T 643 -19.70 7.81 -37.96
CA GLU T 643 -20.46 6.94 -38.86
C GLU T 643 -21.67 7.61 -39.54
N HIS T 644 -22.13 8.71 -38.96
CA HIS T 644 -23.28 9.44 -39.45
C HIS T 644 -22.88 10.76 -40.10
N ALA T 645 -21.59 11.08 -40.05
CA ALA T 645 -21.07 12.35 -40.54
C ALA T 645 -20.46 12.21 -41.92
N PHE T 646 -19.78 11.09 -42.16
CA PHE T 646 -19.09 10.93 -43.43
C PHE T 646 -18.80 9.49 -43.80
N TYR T 647 -18.42 9.29 -45.06
CA TYR T 647 -17.92 7.98 -45.46
C TYR T 647 -16.82 8.14 -46.50
N VAL T 648 -15.93 7.15 -46.57
CA VAL T 648 -14.85 7.08 -47.56
C VAL T 648 -14.79 5.68 -48.17
N LYS T 649 -14.71 5.58 -49.51
CA LYS T 649 -14.58 4.27 -50.18
C LYS T 649 -13.44 4.24 -51.19
N VAL T 650 -12.51 3.29 -51.05
CA VAL T 650 -11.42 3.15 -52.00
C VAL T 650 -11.15 1.66 -52.28
N GLY T 651 -11.07 1.22 -53.53
CA GLY T 651 -10.65 -0.17 -53.72
C GLY T 651 -11.35 -0.98 -54.79
N LEU T 652 -10.69 -2.05 -55.20
CA LEU T 652 -11.23 -2.95 -56.18
C LEU T 652 -12.52 -3.53 -55.64
N GLY T 653 -13.58 -3.45 -56.42
CA GLY T 653 -14.87 -3.96 -56.02
C GLY T 653 -15.75 -2.92 -55.34
N GLN T 654 -15.17 -1.76 -54.99
CA GLN T 654 -15.92 -0.70 -54.34
C GLN T 654 -15.98 0.50 -55.26
N THR T 655 -14.80 0.94 -55.71
CA THR T 655 -14.69 2.08 -56.59
C THR T 655 -13.95 1.75 -57.89
N MET T 656 -13.26 0.61 -57.93
CA MET T 656 -12.47 0.21 -59.09
C MET T 656 -12.79 -1.15 -59.66
N THR T 657 -12.48 -1.29 -60.94
CA THR T 657 -12.59 -2.58 -61.63
C THR T 657 -11.27 -3.00 -62.28
N ALA T 658 -11.29 -4.13 -62.98
CA ALA T 658 -10.09 -4.67 -63.63
C ALA T 658 -9.46 -3.70 -64.62
N GLN T 659 -10.32 -2.96 -65.30
CA GLN T 659 -9.94 -1.96 -66.27
C GLN T 659 -9.15 -0.81 -65.63
N ASP T 660 -9.41 -0.51 -64.36
CA ASP T 660 -8.73 0.59 -63.71
C ASP T 660 -7.38 0.11 -63.28
N ILE T 661 -7.30 -1.15 -62.91
CA ILE T 661 -6.02 -1.68 -62.49
C ILE T 661 -5.10 -1.65 -63.71
N LEU T 662 -5.63 -2.05 -64.86
CA LEU T 662 -4.89 -2.04 -66.11
C LEU T 662 -4.44 -0.64 -66.54
N GLU T 663 -5.36 0.33 -66.52
CA GLU T 663 -5.03 1.71 -66.90
C GLU T 663 -4.10 2.42 -65.92
N GLY T 664 -4.21 2.10 -64.62
CA GLY T 664 -3.41 2.74 -63.60
C GLY T 664 -4.18 3.82 -62.86
N ASN T 665 -5.49 3.65 -62.74
CA ASN T 665 -6.32 4.62 -62.05
C ASN T 665 -6.56 4.29 -60.59
N MET T 666 -6.81 5.30 -59.76
CA MET T 666 -7.25 5.08 -58.39
C MET T 666 -8.45 5.97 -58.15
N ASN T 667 -9.56 5.35 -57.76
CA ASN T 667 -10.83 6.06 -57.57
C ASN T 667 -11.22 6.22 -56.09
N VAL T 668 -11.41 7.45 -55.64
CA VAL T 668 -11.77 7.68 -54.24
C VAL T 668 -13.15 8.37 -54.12
N GLU T 669 -14.08 7.76 -53.39
CA GLU T 669 -15.42 8.32 -53.19
C GLU T 669 -15.64 8.82 -51.74
N ILE T 670 -16.06 10.07 -51.59
CA ILE T 670 -16.28 10.68 -50.26
C ILE T 670 -17.61 11.40 -50.11
N GLY T 671 -18.29 11.21 -48.97
CA GLY T 671 -19.54 11.93 -48.67
C GLY T 671 -19.41 12.69 -47.34
N LEU T 672 -20.14 13.83 -47.19
CA LEU T 672 -20.08 14.66 -45.96
C LEU T 672 -21.44 15.28 -45.54
N ALA T 673 -21.76 15.20 -44.24
CA ALA T 673 -22.96 15.84 -43.67
C ALA T 673 -22.68 17.27 -43.19
N VAL T 674 -23.09 18.26 -43.98
CA VAL T 674 -22.77 19.66 -43.71
C VAL T 674 -23.97 20.48 -43.22
N VAL T 675 -23.75 21.19 -42.11
CA VAL T 675 -24.68 22.04 -41.37
C VAL T 675 -25.17 23.30 -42.13
N ARG T 676 -26.48 23.58 -42.08
CA ARG T 676 -27.06 24.73 -42.78
C ARG T 676 -27.61 25.78 -41.77
N PRO T 677 -27.48 27.10 -42.06
CA PRO T 677 -27.93 28.24 -41.25
C PRO T 677 -29.41 28.56 -41.25
N ALA T 678 -29.87 29.23 -40.20
CA ALA T 678 -31.22 29.81 -40.22
C ALA T 678 -31.16 31.21 -40.81
N GLU T 679 -32.15 31.58 -41.63
CA GLU T 679 -32.20 32.93 -42.17
C GLU T 679 -33.39 33.77 -41.70
N PHE T 680 -34.50 33.12 -41.35
CA PHE T 680 -35.69 33.88 -41.05
C PHE T 680 -36.29 33.50 -39.73
N ILE T 681 -36.45 34.46 -38.86
CA ILE T 681 -37.04 34.23 -37.57
C ILE T 681 -38.36 34.95 -37.49
N ILE T 682 -39.42 34.20 -37.25
CA ILE T 682 -40.76 34.77 -37.22
C ILE T 682 -41.35 34.76 -35.83
N LEU T 683 -41.73 35.93 -35.35
CA LEU T 683 -42.30 36.05 -34.02
C LEU T 683 -43.79 36.30 -34.08
N LYS T 684 -44.55 35.41 -33.48
CA LYS T 684 -46.00 35.52 -33.49
C LYS T 684 -46.50 35.96 -32.13
N PHE T 685 -47.33 36.99 -32.10
CA PHE T 685 -47.85 37.53 -30.86
C PHE T 685 -49.35 37.38 -30.75
N SER T 686 -49.83 37.24 -29.52
CA SER T 686 -51.25 37.13 -29.24
C SER T 686 -51.54 37.51 -27.80
N HIS T 687 -52.80 37.72 -27.48
CA HIS T 687 -53.20 37.99 -26.11
C HIS T 687 -53.32 36.68 -25.37
N LYS T 688 -52.95 36.67 -24.10
CA LYS T 688 -53.08 35.47 -23.31
C LYS T 688 -54.52 35.34 -22.85
N MET T 689 -55.07 34.15 -23.02
CA MET T 689 -56.43 33.90 -22.59
C MET T 689 -56.43 33.39 -21.18
N GLN T 690 -57.38 33.88 -20.38
CA GLN T 690 -57.52 33.51 -18.98
C GLN T 690 -58.69 34.22 -18.32
N THR U 3 55.18 44.80 19.31
CA THR U 3 54.20 43.73 19.50
C THR U 3 53.45 43.90 20.80
N TYR U 4 52.81 42.83 21.24
CA TYR U 4 52.04 42.87 22.46
C TYR U 4 52.50 41.72 23.34
N LYS U 5 52.54 41.93 24.65
CA LYS U 5 52.98 40.86 25.54
C LYS U 5 51.92 40.37 26.51
N THR U 6 51.19 41.28 27.13
CA THR U 6 50.17 40.91 28.09
C THR U 6 48.91 40.48 27.32
N PRO U 7 48.27 39.33 27.61
CA PRO U 7 47.02 38.90 27.00
C PRO U 7 45.96 39.94 27.29
N GLY U 8 45.05 40.19 26.35
CA GLY U 8 44.03 41.19 26.64
C GLY U 8 43.63 42.00 25.43
N VAL U 9 42.88 43.07 25.69
CA VAL U 9 42.35 43.94 24.67
C VAL U 9 43.09 45.27 24.65
N TYR U 10 43.58 45.64 23.48
CA TYR U 10 44.32 46.88 23.29
C TYR U 10 43.48 47.87 22.51
N ILE U 11 43.65 49.16 22.80
CA ILE U 11 42.94 50.23 22.11
C ILE U 11 43.87 51.21 21.43
N GLU U 12 43.62 51.45 20.15
CA GLU U 12 44.42 52.37 19.36
C GLU U 12 43.50 53.31 18.57
N GLU U 13 43.95 54.52 18.28
CA GLU U 13 43.14 55.50 17.53
C GLU U 13 43.81 55.92 16.23
N ILE U 14 43.16 55.58 15.12
CA ILE U 14 43.69 55.84 13.78
C ILE U 14 42.67 56.49 12.85
N THR U 15 43.14 57.00 11.71
CA THR U 15 42.26 57.51 10.65
C THR U 15 42.55 56.83 9.31
N LYS U 16 41.53 56.28 8.66
CA LYS U 16 41.71 55.62 7.36
C LYS U 16 40.37 55.33 6.69
N PHE U 17 40.40 54.92 5.42
CA PHE U 17 39.18 54.47 4.76
C PHE U 17 38.91 53.04 5.20
N PRO U 18 37.64 52.62 5.37
CA PRO U 18 37.24 51.25 5.63
C PRO U 18 37.70 50.35 4.49
N PRO U 19 38.06 49.08 4.74
CA PRO U 19 38.42 48.10 3.74
C PRO U 19 37.22 47.60 2.96
N SER U 20 37.46 47.11 1.75
CA SER U 20 36.44 46.49 0.92
C SER U 20 36.21 45.02 1.26
N VAL U 21 35.12 44.47 0.73
CA VAL U 21 34.78 43.07 0.87
C VAL U 21 35.49 42.26 -0.21
N ALA U 22 36.14 41.16 0.17
CA ALA U 22 36.86 40.31 -0.77
C ALA U 22 35.92 39.74 -1.82
N GLN U 23 36.40 39.69 -3.06
CA GLN U 23 35.62 39.16 -4.17
C GLN U 23 36.11 37.82 -4.68
N VAL U 24 35.22 37.14 -5.39
CA VAL U 24 35.41 35.86 -6.06
C VAL U 24 36.09 36.01 -7.41
N GLU U 25 36.99 35.07 -7.75
CA GLU U 25 37.68 35.10 -9.03
C GLU U 25 36.76 35.27 -10.22
N THR U 26 37.21 36.15 -11.10
CA THR U 26 36.60 36.55 -12.35
C THR U 26 37.72 36.94 -13.27
N ALA U 27 37.45 37.73 -14.29
CA ALA U 27 38.53 38.09 -15.20
C ALA U 27 39.70 38.61 -14.38
N ILE U 28 40.91 38.15 -14.68
CA ILE U 28 42.10 38.55 -13.96
C ILE U 28 42.99 39.56 -14.71
N PRO U 29 43.15 40.78 -14.21
CA PRO U 29 44.02 41.78 -14.77
C PRO U 29 45.46 41.57 -14.35
N ALA U 30 46.38 42.04 -15.16
CA ALA U 30 47.75 42.18 -14.72
C ALA U 30 48.11 43.67 -14.71
N PHE U 31 48.85 44.07 -13.69
CA PHE U 31 49.30 45.45 -13.54
C PHE U 31 50.82 45.55 -13.61
N ILE U 32 51.33 46.25 -14.61
CA ILE U 32 52.79 46.37 -14.79
C ILE U 32 53.33 47.77 -14.41
N GLY U 33 54.21 47.86 -13.41
CA GLY U 33 54.73 49.17 -12.97
C GLY U 33 55.73 49.15 -11.79
N TYR U 34 55.97 50.33 -11.19
CA TYR U 34 56.96 50.51 -10.10
C TYR U 34 56.36 50.42 -8.67
N THR U 35 57.14 49.82 -7.77
CA THR U 35 56.80 49.62 -6.35
C THR U 35 57.88 50.12 -5.39
N GLN U 36 57.68 49.88 -4.10
CA GLN U 36 58.64 50.35 -3.07
C GLN U 36 59.57 49.29 -2.46
N PHE U 37 59.15 48.04 -2.43
CA PHE U 37 59.97 46.97 -1.86
C PHE U 37 60.30 45.82 -2.80
N ALA U 38 59.27 45.26 -3.41
CA ALA U 38 59.37 44.06 -4.23
C ALA U 38 60.03 42.89 -3.52
N ARG U 39 59.55 42.48 -2.34
CA ARG U 39 60.22 41.36 -1.67
C ARG U 39 59.31 40.20 -1.28
N THR U 40 59.90 39.01 -1.17
CA THR U 40 59.20 37.76 -0.86
C THR U 40 59.02 37.48 0.61
N LYS U 41 59.87 38.07 1.43
CA LYS U 41 59.81 37.88 2.85
C LYS U 41 59.84 39.27 3.48
N PRO U 42 58.72 39.76 4.03
CA PRO U 42 58.58 41.08 4.61
C PRO U 42 59.66 41.48 5.61
N SER U 43 60.19 40.52 6.39
CA SER U 43 61.20 40.80 7.40
C SER U 43 62.65 40.97 6.93
N VAL U 44 62.90 40.91 5.63
CA VAL U 44 64.27 41.10 5.13
C VAL U 44 64.25 42.22 4.11
N ASP U 45 65.40 42.71 3.68
CA ASP U 45 65.43 43.80 2.70
C ASP U 45 65.76 43.45 1.24
N SER U 46 65.69 42.18 0.85
CA SER U 46 66.00 41.78 -0.53
C SER U 46 64.85 41.97 -1.51
N ASP U 47 65.06 42.69 -2.61
CA ASP U 47 64.03 42.93 -3.61
C ASP U 47 63.94 41.79 -4.64
N ASP U 48 63.56 40.62 -4.14
CA ASP U 48 63.55 39.38 -4.91
C ASP U 48 62.36 39.20 -5.85
N LEU U 49 61.39 40.10 -5.82
CA LEU U 49 60.25 40.01 -6.72
C LEU U 49 60.40 40.84 -8.00
N ILE U 50 61.55 41.46 -8.22
CA ILE U 50 61.60 42.24 -9.45
C ILE U 50 61.50 41.31 -10.65
N LEU U 51 60.51 41.61 -11.51
CA LEU U 51 60.11 40.87 -12.70
C LEU U 51 59.71 39.42 -12.45
N LYS U 52 59.09 39.16 -11.29
CA LYS U 52 58.56 37.86 -10.92
C LYS U 52 57.06 38.02 -10.63
N PRO U 53 56.15 37.79 -11.59
CA PRO U 53 54.73 38.02 -11.41
C PRO U 53 54.22 37.31 -10.18
N LYS U 54 53.40 37.99 -9.40
CA LYS U 54 52.83 37.39 -8.20
C LYS U 54 51.35 37.67 -8.11
N ARG U 55 50.60 36.71 -7.60
CA ARG U 55 49.18 36.87 -7.39
C ARG U 55 48.83 37.40 -6.00
N ILE U 56 48.03 38.47 -6.01
CA ILE U 56 47.54 39.23 -4.87
C ILE U 56 46.02 39.18 -4.72
N SER U 57 45.53 38.84 -3.52
CA SER U 57 44.10 38.74 -3.25
C SER U 57 43.39 40.02 -2.79
N SER U 58 44.15 40.96 -2.23
CA SER U 58 43.57 42.18 -1.66
C SER U 58 44.62 43.28 -1.54
N LEU U 59 44.17 44.52 -1.34
CA LEU U 59 45.12 45.63 -1.18
C LEU U 59 46.03 45.41 0.02
N LEU U 60 45.49 44.80 1.07
CA LEU U 60 46.23 44.49 2.26
C LEU U 60 47.39 43.54 2.00
N ASP U 61 47.28 42.67 0.99
CA ASP U 61 48.36 41.75 0.70
C ASP U 61 49.38 42.48 -0.14
N PHE U 62 48.92 43.37 -1.01
CA PHE U 62 49.83 44.13 -1.85
C PHE U 62 50.84 44.85 -0.98
N THR U 63 50.33 45.53 0.03
CA THR U 63 51.16 46.35 0.90
C THR U 63 52.15 45.60 1.79
N THR U 64 52.12 44.26 1.82
CA THR U 64 53.11 43.56 2.63
C THR U 64 54.27 43.04 1.80
N TYR U 65 54.16 43.18 0.48
CA TYR U 65 55.21 42.71 -0.42
C TYR U 65 55.77 43.85 -1.23
N TYR U 66 54.91 44.82 -1.55
CA TYR U 66 55.29 45.89 -2.45
C TYR U 66 55.40 47.29 -1.83
N GLY U 67 54.83 47.50 -0.64
CA GLY U 67 54.82 48.81 0.01
C GLY U 67 53.64 49.70 -0.42
N GLY U 68 53.74 51.01 -0.13
CA GLY U 68 52.67 51.98 -0.39
C GLY U 68 53.05 53.03 -1.43
N ALA U 69 52.57 54.26 -1.26
CA ALA U 69 52.84 55.37 -2.18
C ALA U 69 54.10 56.12 -1.74
N GLN U 70 54.67 56.91 -2.65
CA GLN U 70 55.81 57.78 -2.33
C GLN U 70 55.31 59.10 -1.76
N ASN U 71 55.96 59.63 -0.72
CA ASN U 71 55.58 60.94 -0.18
C ASN U 71 55.81 62.04 -1.21
N GLU U 72 54.83 62.92 -1.39
CA GLU U 72 54.99 64.03 -2.33
C GLU U 72 56.02 65.02 -1.80
N GLN U 73 56.88 65.52 -2.69
CA GLN U 73 57.90 66.50 -2.31
C GLN U 73 57.57 67.92 -2.79
N GLY U 74 56.43 68.06 -3.46
CA GLY U 74 56.02 69.32 -4.09
C GLY U 74 55.09 70.23 -3.27
N ILE U 75 54.85 69.92 -2.00
CA ILE U 75 53.94 70.75 -1.23
C ILE U 75 54.65 71.97 -0.67
N THR U 76 54.12 73.13 -1.03
CA THR U 76 54.65 74.43 -0.64
C THR U 76 53.67 75.13 0.28
N VAL U 77 54.19 75.75 1.33
CA VAL U 77 53.37 76.54 2.22
C VAL U 77 54.00 77.91 2.40
N LYS U 78 53.24 78.96 2.13
CA LYS U 78 53.79 80.31 2.28
C LYS U 78 52.95 81.19 3.19
N LEU U 79 53.63 81.80 4.15
CA LEU U 79 53.00 82.70 5.12
C LEU U 79 53.46 84.13 4.94
N THR U 80 52.52 85.05 4.77
CA THR U 80 52.90 86.46 4.63
C THR U 80 52.31 87.35 5.72
N ASP U 81 53.20 88.02 6.48
CA ASP U 81 52.79 88.90 7.56
C ASP U 81 52.97 90.40 7.26
N THR U 82 51.86 91.11 7.18
CA THR U 82 51.90 92.55 6.88
C THR U 82 51.05 93.35 7.84
N LEU U 83 51.02 94.67 7.61
CA LEU U 83 50.20 95.56 8.42
C LEU U 83 49.17 96.36 7.64
N ILE U 84 47.98 96.45 8.21
CA ILE U 84 46.91 97.26 7.63
C ILE U 84 46.49 98.30 8.63
N GLU U 85 46.82 99.55 8.37
CA GLU U 85 46.53 100.66 9.29
C GLU U 85 47.00 100.34 10.71
N GLY U 86 48.17 99.70 10.79
CA GLY U 86 48.80 99.33 12.05
C GLY U 86 48.36 97.97 12.61
N ALA U 87 47.35 97.34 12.02
CA ALA U 87 46.87 96.04 12.50
C ALA U 87 47.63 94.90 11.86
N GLU U 88 47.80 93.81 12.58
CA GLU U 88 48.43 92.64 11.99
C GLU U 88 47.49 91.95 11.01
N ASN U 89 48.05 91.48 9.90
CA ASN U 89 47.30 90.72 8.91
C ASN U 89 48.09 89.56 8.32
N ARG U 90 47.65 88.33 8.58
CA ARG U 90 48.37 87.17 8.07
C ARG U 90 47.62 86.42 6.98
N THR U 91 48.34 86.14 5.89
CA THR U 91 47.81 85.33 4.79
C THR U 91 48.48 83.97 4.72
N ILE U 92 47.66 82.91 4.67
CA ILE U 92 48.17 81.55 4.55
C ILE U 92 47.85 80.98 3.17
N ASN U 93 48.87 80.66 2.39
CA ASN U 93 48.69 80.19 1.03
C ASN U 93 49.28 78.81 0.74
N VAL U 94 48.42 77.84 0.47
CA VAL U 94 48.87 76.48 0.15
C VAL U 94 48.30 76.04 -1.22
N PRO U 95 49.02 76.23 -2.33
CA PRO U 95 48.62 75.95 -3.70
C PRO U 95 48.65 74.47 -4.03
N GLU U 96 47.93 74.08 -5.08
CA GLU U 96 48.02 72.72 -5.60
C GLU U 96 49.45 72.50 -6.09
N PRO U 97 50.13 71.38 -5.77
CA PRO U 97 51.48 71.11 -6.22
C PRO U 97 51.57 71.00 -7.73
N THR U 98 52.65 71.55 -8.29
CA THR U 98 52.88 71.47 -9.71
C THR U 98 53.82 70.34 -10.05
N PHE U 99 54.61 69.93 -9.06
CA PHE U 99 55.53 68.83 -9.25
C PHE U 99 55.05 67.67 -8.40
N LYS U 100 54.57 66.65 -9.07
CA LYS U 100 54.00 65.48 -8.40
C LYS U 100 54.85 64.26 -8.66
N SER U 101 54.81 63.28 -7.76
CA SER U 101 55.56 62.04 -7.96
C SER U 101 54.86 61.12 -8.97
N PRO U 102 55.53 60.66 -10.05
CA PRO U 102 54.95 59.85 -11.11
C PRO U 102 54.84 58.37 -10.77
N TYR U 103 54.26 58.04 -9.65
CA TYR U 103 54.16 56.63 -9.26
C TYR U 103 52.78 56.23 -8.78
N LEU U 104 51.89 55.96 -9.72
CA LEU U 104 50.47 55.74 -9.46
C LEU U 104 50.01 54.31 -9.17
N MET U 105 50.91 53.32 -9.10
CA MET U 105 50.47 51.93 -8.85
C MET U 105 49.59 51.78 -7.62
N PHE U 106 49.99 52.38 -6.51
CA PHE U 106 49.23 52.25 -5.27
C PHE U 106 47.81 52.82 -5.41
N TYR U 107 47.72 54.05 -5.92
CA TYR U 107 46.44 54.72 -6.06
C TYR U 107 45.51 53.97 -7.01
N SER U 108 46.08 53.46 -8.11
CA SER U 108 45.30 52.73 -9.08
C SER U 108 44.69 51.48 -8.47
N LEU U 109 45.45 50.75 -7.65
CA LEU U 109 44.93 49.57 -6.98
C LEU U 109 43.83 49.90 -6.00
N GLN U 110 43.95 51.02 -5.27
CA GLN U 110 42.86 51.37 -4.38
C GLN U 110 41.55 51.54 -5.15
N MET U 111 41.60 52.18 -6.32
CA MET U 111 40.40 52.37 -7.12
C MET U 111 39.84 51.06 -7.65
N TYR U 112 40.73 50.17 -8.06
CA TYR U 112 40.36 48.85 -8.56
C TYR U 112 39.57 48.06 -7.54
N PHE U 113 40.08 47.99 -6.32
CA PHE U 113 39.38 47.24 -5.29
C PHE U 113 38.08 47.95 -4.88
N ALA U 114 38.07 49.29 -4.85
CA ALA U 114 36.87 50.07 -4.49
C ALA U 114 35.72 49.79 -5.44
N ASN U 115 36.02 49.51 -6.70
CA ASN U 115 35.05 49.22 -7.73
C ASN U 115 34.71 47.75 -7.92
N GLY U 116 35.12 46.88 -7.00
CA GLY U 116 34.72 45.48 -7.09
C GLY U 116 35.70 44.49 -7.67
N GLY U 117 36.94 44.87 -7.90
CA GLY U 117 37.88 43.93 -8.44
C GLY U 117 38.22 42.77 -7.50
N GLY U 118 38.61 41.63 -8.08
CA GLY U 118 39.02 40.45 -7.34
C GLY U 118 40.54 40.29 -7.42
N PRO U 119 41.07 39.07 -7.25
CA PRO U 119 42.48 38.73 -7.29
C PRO U 119 43.12 39.14 -8.61
N CYS U 120 44.38 39.55 -8.54
CA CYS U 120 45.11 40.04 -9.71
C CYS U 120 46.61 39.77 -9.69
N TYR U 121 47.27 39.98 -10.83
CA TYR U 121 48.74 39.83 -10.89
C TYR U 121 49.49 41.14 -10.88
N ILE U 122 50.54 41.17 -10.08
CA ILE U 122 51.41 42.33 -9.99
C ILE U 122 52.79 42.02 -10.54
N VAL U 123 53.25 42.88 -11.45
CA VAL U 123 54.60 42.74 -11.95
C VAL U 123 55.35 44.00 -11.57
N SER U 124 56.39 43.85 -10.76
CA SER U 124 57.18 45.00 -10.34
C SER U 124 58.40 45.10 -11.23
N THR U 125 58.51 46.22 -11.92
CA THR U 125 59.57 46.44 -12.90
C THR U 125 60.77 47.17 -12.34
N GLY U 126 60.68 47.59 -11.10
CA GLY U 126 61.72 48.34 -10.44
C GLY U 126 61.15 49.04 -9.24
N VAL U 127 61.97 49.82 -8.56
CA VAL U 127 61.49 50.52 -7.39
C VAL U 127 61.67 52.02 -7.54
N TYR U 128 60.98 52.76 -6.69
CA TYR U 128 60.98 54.23 -6.72
C TYR U 128 62.33 54.85 -6.46
N ASP U 129 62.64 55.88 -7.23
CA ASP U 129 63.84 56.70 -7.05
C ASP U 129 63.55 57.93 -6.22
N ASP U 130 64.61 58.45 -5.62
CA ASP U 130 64.57 59.70 -4.88
C ASP U 130 64.47 60.88 -5.82
N TRP U 131 63.97 61.99 -5.31
CA TRP U 131 63.91 63.23 -6.07
C TRP U 131 65.29 63.84 -6.09
N SER U 132 65.62 64.58 -7.15
CA SER U 132 66.93 65.23 -7.20
C SER U 132 66.88 66.56 -6.48
N ASP U 133 65.72 67.20 -6.54
CA ASP U 133 65.48 68.49 -5.90
C ASP U 133 63.99 68.64 -5.65
N SER U 134 63.57 69.73 -5.03
CA SER U 134 62.14 69.93 -4.75
C SER U 134 61.30 70.16 -6.00
N GLU U 135 61.96 70.54 -7.07
CA GLU U 135 61.32 70.77 -8.35
C GLU U 135 61.86 69.83 -9.41
N THR U 136 62.58 68.78 -8.99
CA THR U 136 63.10 67.83 -9.96
C THR U 136 62.71 66.40 -9.57
N PRO U 137 61.56 65.89 -10.08
CA PRO U 137 60.99 64.60 -9.79
C PRO U 137 61.71 63.45 -10.52
N PRO U 138 61.52 62.20 -10.07
CA PRO U 138 61.89 60.94 -10.68
C PRO U 138 61.25 60.75 -12.04
N THR U 139 61.77 59.81 -12.80
CA THR U 139 61.24 59.48 -14.12
C THR U 139 60.78 58.03 -14.25
N ILE U 140 60.15 57.78 -15.40
CA ILE U 140 59.66 56.49 -15.86
C ILE U 140 60.52 56.05 -17.02
N ASN U 141 61.11 54.86 -16.93
CA ASN U 141 61.98 54.37 -17.98
C ASN U 141 61.25 53.42 -18.90
N PHE U 142 61.05 53.82 -20.13
CA PHE U 142 60.33 53.04 -21.12
C PHE U 142 60.76 51.58 -21.16
N SER U 143 62.08 51.33 -21.10
CA SER U 143 62.61 49.98 -21.23
C SER U 143 62.14 49.03 -20.11
N ASP U 144 61.75 49.59 -18.97
CA ASP U 144 61.31 48.79 -17.84
C ASP U 144 59.91 48.29 -18.08
N LEU U 145 59.10 49.08 -18.80
CA LEU U 145 57.73 48.68 -19.02
C LEU U 145 57.73 47.61 -20.08
N GLU U 146 58.61 47.75 -21.08
CA GLU U 146 58.69 46.71 -22.10
C GLU U 146 59.15 45.38 -21.51
N SER U 147 60.08 45.43 -20.56
CA SER U 147 60.54 44.21 -19.92
C SER U 147 59.38 43.53 -19.21
N GLY U 148 58.60 44.29 -18.45
CA GLY U 148 57.46 43.71 -17.75
C GLY U 148 56.44 43.08 -18.69
N LEU U 149 56.19 43.73 -19.84
CA LEU U 149 55.26 43.19 -20.82
C LEU U 149 55.77 41.88 -21.38
N ALA U 150 57.07 41.79 -21.67
CA ALA U 150 57.62 40.54 -22.14
C ALA U 150 57.45 39.43 -21.09
N VAL U 151 57.67 39.76 -19.82
CA VAL U 151 57.56 38.78 -18.75
C VAL U 151 56.16 38.20 -18.62
N ILE U 152 55.13 39.04 -18.63
CA ILE U 152 53.75 38.59 -18.46
C ILE U 152 53.32 37.63 -19.58
N ARG U 153 54.04 37.59 -20.70
CA ARG U 153 53.70 36.71 -21.81
C ARG U 153 53.72 35.26 -21.39
N LYS U 154 54.53 34.91 -20.40
CA LYS U 154 54.62 33.52 -19.98
C LYS U 154 53.59 33.10 -18.94
N GLU U 155 52.71 34.01 -18.50
CA GLU U 155 51.71 33.61 -17.52
C GLU U 155 50.44 33.16 -18.21
N ASP U 156 49.77 32.19 -17.63
CA ASP U 156 48.54 31.64 -18.15
C ASP U 156 47.25 32.35 -17.72
N GLU U 157 47.09 32.57 -16.44
CA GLU U 157 45.85 33.13 -15.89
C GLU U 157 45.35 34.54 -16.30
N PRO U 158 46.18 35.57 -16.50
CA PRO U 158 45.75 36.93 -16.85
C PRO U 158 44.97 37.03 -18.15
N THR U 159 43.98 37.92 -18.19
CA THR U 159 43.17 38.19 -19.37
C THR U 159 43.17 39.69 -19.75
N LEU U 160 43.40 40.59 -18.78
CA LEU U 160 43.41 42.03 -19.10
C LEU U 160 44.79 42.64 -18.88
N LEU U 161 45.20 43.54 -19.77
CA LEU U 161 46.49 44.24 -19.59
C LEU U 161 46.36 45.73 -19.29
N LEU U 162 46.98 46.14 -18.15
CA LEU U 162 46.99 47.54 -17.73
C LEU U 162 48.39 48.07 -17.37
N PHE U 163 48.64 49.35 -17.69
CA PHE U 163 49.89 50.04 -17.31
C PHE U 163 49.61 51.33 -16.51
N PRO U 164 49.59 51.28 -15.17
CA PRO U 164 49.29 52.37 -14.25
C PRO U 164 50.04 53.69 -14.48
N ASP U 165 51.29 53.66 -15.01
CA ASP U 165 52.00 54.92 -15.20
C ASP U 165 52.42 55.16 -16.65
N ALA U 166 51.63 54.70 -17.61
CA ALA U 166 51.97 54.96 -19.00
C ALA U 166 51.96 56.47 -19.30
N THR U 167 51.07 57.20 -18.66
CA THR U 167 50.91 58.62 -18.94
C THR U 167 51.99 59.48 -18.30
N ASN U 168 52.85 58.88 -17.48
CA ASN U 168 53.92 59.64 -16.84
C ASN U 168 55.23 59.45 -17.61
N LEU U 169 55.13 58.73 -18.73
CA LEU U 169 56.22 58.42 -19.61
C LEU U 169 56.56 59.72 -20.38
N PRO U 170 57.84 60.10 -20.58
CA PRO U 170 58.34 61.33 -21.20
C PRO U 170 57.78 61.81 -22.54
N THR U 171 57.39 60.90 -23.44
CA THR U 171 56.87 61.37 -24.73
C THR U 171 55.61 60.62 -25.11
N ASP U 172 54.86 61.18 -26.04
CA ASP U 172 53.68 60.53 -26.52
C ASP U 172 54.08 59.40 -27.45
N ASP U 173 55.19 59.58 -28.13
CA ASP U 173 55.68 58.55 -29.01
C ASP U 173 55.97 57.25 -28.24
N GLU U 174 56.59 57.36 -27.05
CA GLU U 174 56.84 56.17 -26.25
C GLU U 174 55.53 55.55 -25.75
N PHE U 175 54.57 56.40 -25.38
CA PHE U 175 53.27 55.96 -24.92
C PHE U 175 52.57 55.12 -25.99
N TYR U 176 52.52 55.64 -27.21
CA TYR U 176 51.84 54.93 -28.29
C TYR U 176 52.57 53.64 -28.63
N SER U 177 53.91 53.66 -28.62
CA SER U 177 54.69 52.48 -28.92
C SER U 177 54.37 51.35 -27.95
N LEU U 178 54.29 51.66 -26.65
CA LEU U 178 53.98 50.67 -25.64
C LEU U 178 52.61 50.01 -25.91
N TYR U 179 51.61 50.82 -26.25
CA TYR U 179 50.30 50.24 -26.52
C TYR U 179 50.26 49.43 -27.80
N ASN U 180 51.01 49.81 -28.83
CA ASN U 180 51.01 49.00 -30.03
C ASN U 180 51.56 47.62 -29.71
N SER U 181 52.58 47.54 -28.85
CA SER U 181 53.14 46.25 -28.46
C SER U 181 52.13 45.40 -27.71
N ALA U 182 51.35 46.00 -26.81
CA ALA U 182 50.34 45.25 -26.09
C ALA U 182 49.27 44.66 -27.03
N LEU U 183 48.84 45.44 -28.04
CA LEU U 183 47.86 44.93 -28.98
C LEU U 183 48.44 43.79 -29.81
N MET U 184 49.72 43.89 -30.18
CA MET U 184 50.36 42.81 -30.91
C MET U 184 50.46 41.54 -30.07
N GLN U 185 50.76 41.68 -28.76
CA GLN U 185 50.81 40.51 -27.89
C GLN U 185 49.46 39.81 -27.85
N CYS U 186 48.38 40.60 -27.77
CA CYS U 186 47.04 40.06 -27.72
C CYS U 186 46.72 39.28 -28.99
N ASN U 187 47.13 39.77 -30.15
CA ASN U 187 46.87 39.02 -31.36
C ASN U 187 47.73 37.76 -31.42
N ASP U 188 48.98 37.79 -30.97
CA ASP U 188 49.77 36.57 -31.00
C ASP U 188 49.18 35.45 -30.13
N LEU U 189 48.61 35.81 -28.98
CA LEU U 189 48.06 34.82 -28.06
C LEU U 189 46.59 34.43 -28.30
N GLN U 190 45.77 35.37 -28.81
CA GLN U 190 44.33 35.22 -29.09
C GLN U 190 43.41 35.01 -27.88
N ASP U 191 43.81 35.45 -26.68
CA ASP U 191 42.97 35.33 -25.50
C ASP U 191 43.02 36.51 -24.51
N ARG U 192 43.56 37.66 -24.91
CA ARG U 192 43.69 38.82 -24.01
C ARG U 192 43.07 40.07 -24.61
N PHE U 193 42.77 41.04 -23.74
CA PHE U 193 42.19 42.30 -24.15
C PHE U 193 42.90 43.48 -23.46
N THR U 194 43.15 44.55 -24.22
CA THR U 194 43.87 45.74 -23.72
C THR U 194 42.96 46.93 -23.42
N ILE U 195 43.17 47.57 -22.27
CA ILE U 195 42.41 48.78 -21.93
C ILE U 195 43.32 50.00 -22.12
N LEU U 196 42.88 50.97 -22.95
CA LEU U 196 43.69 52.13 -23.28
C LEU U 196 43.15 53.47 -22.78
N ASP U 197 44.09 54.34 -22.44
CA ASP U 197 43.87 55.72 -22.01
C ASP U 197 44.39 56.70 -23.05
N THR U 198 43.93 57.95 -23.00
CA THR U 198 44.55 58.98 -23.81
C THR U 198 45.80 59.40 -23.04
N TYR U 199 46.69 60.14 -23.69
CA TYR U 199 47.92 60.62 -23.04
C TYR U 199 47.61 61.66 -21.96
N SER U 200 46.66 62.54 -22.26
CA SER U 200 46.23 63.65 -21.41
C SER U 200 44.83 64.08 -21.78
N ASP U 201 44.07 64.67 -20.84
CA ASP U 201 42.76 65.22 -21.24
C ASP U 201 42.78 66.66 -21.69
N GLN U 202 43.94 67.27 -21.66
CA GLN U 202 44.12 68.66 -22.03
C GLN U 202 44.99 68.74 -23.25
N THR U 203 44.90 69.85 -23.96
CA THR U 203 45.74 70.03 -25.12
C THR U 203 47.11 69.95 -24.54
N TYR U 204 47.97 69.16 -25.16
CA TYR U 204 49.34 68.96 -24.67
C TYR U 204 50.33 69.34 -25.76
N ASN U 205 51.47 69.89 -25.35
CA ASN U 205 52.43 70.31 -26.35
C ASN U 205 53.51 69.27 -26.53
N ASP U 206 53.71 68.85 -27.77
CA ASP U 206 54.73 67.85 -28.07
C ASP U 206 56.12 68.46 -28.32
N GLY U 207 56.25 69.77 -28.08
CA GLY U 207 57.49 70.51 -28.29
C GLY U 207 57.53 71.21 -29.65
N VAL U 208 56.58 70.86 -30.51
CA VAL U 208 56.47 71.43 -31.85
C VAL U 208 55.10 72.05 -32.06
N GLU U 209 54.05 71.28 -31.76
CA GLU U 209 52.66 71.63 -32.01
C GLU U 209 51.72 71.29 -30.83
N ASP U 210 50.58 71.99 -30.78
CA ASP U 210 49.53 71.77 -29.78
C ASP U 210 48.52 70.73 -30.27
N LEU U 211 48.45 69.59 -29.60
CA LEU U 211 47.59 68.50 -30.06
C LEU U 211 46.36 68.19 -29.22
N ASP U 212 45.26 67.92 -29.92
CA ASP U 212 44.02 67.46 -29.30
C ASP U 212 44.17 65.98 -28.98
N PRO U 213 43.87 65.60 -27.72
CA PRO U 213 44.08 64.23 -27.23
C PRO U 213 43.31 63.13 -27.95
N ILE U 214 42.04 63.28 -28.31
CA ILE U 214 41.38 62.20 -29.04
C ILE U 214 41.93 61.96 -30.46
N PRO U 215 42.18 63.04 -31.23
CA PRO U 215 42.76 62.97 -32.58
C PRO U 215 44.19 62.42 -32.55
N ALA U 216 44.95 62.77 -31.53
CA ALA U 216 46.30 62.26 -31.38
C ALA U 216 46.39 60.74 -31.16
N LEU U 217 45.46 60.16 -30.39
CA LEU U 217 45.44 58.73 -30.12
C LEU U 217 45.10 58.01 -31.38
N ARG U 218 44.17 58.57 -32.16
CA ARG U 218 43.79 57.93 -33.39
C ARG U 218 44.98 57.81 -34.36
N ASN U 219 45.82 58.85 -34.43
CA ASN U 219 47.01 58.80 -35.27
C ASN U 219 48.11 57.92 -34.68
N GLY U 220 48.23 57.92 -33.35
CA GLY U 220 49.21 57.14 -32.63
C GLY U 220 49.06 55.64 -32.85
N ILE U 221 47.85 55.11 -32.65
CA ILE U 221 47.68 53.67 -32.79
C ILE U 221 47.39 53.33 -34.25
N ASN U 222 48.46 53.02 -34.98
CA ASN U 222 48.45 52.80 -36.43
C ASN U 222 48.45 51.34 -36.91
N LEU U 223 47.79 50.47 -36.18
CA LEU U 223 47.68 49.06 -36.53
C LEU U 223 46.40 48.79 -37.30
N THR U 224 46.35 47.64 -37.97
CA THR U 224 45.18 47.18 -38.73
C THR U 224 44.12 46.53 -37.83
N LYS U 225 42.94 46.23 -38.41
CA LYS U 225 41.81 45.65 -37.67
C LYS U 225 42.15 44.37 -36.89
N ASP U 226 43.09 43.58 -37.38
CA ASP U 226 43.50 42.34 -36.73
C ASP U 226 43.99 42.57 -35.32
N TYR U 227 44.44 43.78 -35.04
CA TYR U 227 44.96 44.14 -33.74
C TYR U 227 43.97 45.02 -32.99
N LEU U 228 43.30 45.91 -33.71
CA LEU U 228 42.40 46.87 -33.10
C LEU U 228 41.23 46.19 -32.40
N LYS U 229 40.80 45.06 -32.93
CA LYS U 229 39.72 44.29 -32.33
C LYS U 229 40.03 43.80 -30.91
N TYR U 230 41.30 43.86 -30.46
CA TYR U 230 41.70 43.39 -29.14
C TYR U 230 41.79 44.47 -28.07
N GLY U 231 41.23 45.64 -28.30
CA GLY U 231 41.25 46.63 -27.24
C GLY U 231 40.22 47.72 -27.42
N ALA U 232 40.11 48.54 -26.38
CA ALA U 232 39.16 49.64 -26.32
C ALA U 232 39.74 50.79 -25.52
N ALA U 233 39.27 52.01 -25.79
CA ALA U 233 39.75 53.18 -25.08
C ALA U 233 38.63 53.97 -24.41
N TYR U 234 38.97 54.61 -23.30
CA TYR U 234 38.02 55.43 -22.54
C TYR U 234 38.52 56.87 -22.33
N TYR U 235 37.58 57.80 -22.30
CA TYR U 235 37.83 59.23 -22.10
C TYR U 235 36.69 59.92 -21.38
N PRO U 236 36.94 60.89 -20.51
CA PRO U 236 38.14 61.46 -19.89
C PRO U 236 38.60 60.79 -18.60
N PHE U 237 39.63 61.37 -17.98
CA PHE U 237 40.21 61.05 -16.67
C PHE U 237 39.19 61.41 -15.62
N VAL U 238 39.32 60.84 -14.43
CA VAL U 238 38.36 61.14 -13.38
C VAL U 238 38.98 61.69 -12.11
N GLN U 239 38.20 62.50 -11.40
CA GLN U 239 38.62 63.09 -10.14
C GLN U 239 38.07 62.19 -9.04
N THR U 240 38.98 61.73 -8.18
CA THR U 240 38.64 60.83 -7.08
C THR U 240 38.60 61.52 -5.73
N ILE U 241 38.46 60.72 -4.68
CA ILE U 241 38.29 61.25 -3.34
C ILE U 241 39.47 60.91 -2.43
N LEU U 242 40.54 60.43 -3.04
CA LEU U 242 41.74 60.02 -2.34
C LEU U 242 42.65 61.22 -2.11
N ASN U 243 43.40 61.20 -1.01
CA ASN U 243 44.34 62.29 -0.71
C ASN U 243 45.73 61.98 -1.22
N TYR U 244 46.64 62.92 -1.02
CA TYR U 244 48.03 62.73 -1.38
C TYR U 244 48.74 62.22 -0.15
N GLN U 245 49.79 61.43 -0.34
CA GLN U 245 50.57 60.99 0.79
C GLN U 245 51.72 61.96 1.00
N TYR U 246 51.93 62.35 2.25
CA TYR U 246 52.99 63.28 2.61
C TYR U 246 53.36 63.11 4.06
N SER U 247 54.41 63.81 4.47
CA SER U 247 54.84 63.83 5.86
C SER U 247 55.11 65.24 6.32
N ALA U 248 54.63 65.58 7.51
CA ALA U 248 54.81 66.91 8.09
C ALA U 248 56.29 67.20 8.32
N ASP U 249 57.11 66.16 8.40
CA ASP U 249 58.53 66.31 8.67
C ASP U 249 59.30 66.65 7.42
N GLU U 250 58.62 66.69 6.28
CA GLU U 250 59.25 67.00 5.02
C GLU U 250 58.74 68.33 4.45
N ILE U 251 57.83 69.00 5.16
CA ILE U 251 57.28 70.24 4.61
C ILE U 251 57.86 71.44 5.31
N VAL U 252 58.54 72.26 4.53
CA VAL U 252 59.23 73.46 5.01
C VAL U 252 58.43 74.72 4.71
N ILE U 253 58.29 75.55 5.73
CA ILE U 253 57.52 76.79 5.69
C ILE U 253 58.31 78.00 5.22
N GLN U 254 57.76 78.74 4.25
CA GLN U 254 58.36 80.00 3.84
C GLN U 254 57.64 81.10 4.60
N HIS U 255 58.37 81.95 5.33
CA HIS U 255 57.71 82.98 6.12
C HIS U 255 58.30 84.36 5.91
N LEU U 256 57.51 85.24 5.30
CA LEU U 256 57.97 86.59 5.03
C LEU U 256 57.28 87.54 5.96
N SER U 257 57.98 88.60 6.36
CA SER U 257 57.40 89.56 7.29
C SER U 257 57.88 90.99 7.18
N TYR U 258 56.96 91.91 7.44
CA TYR U 258 57.25 93.35 7.53
C TYR U 258 58.28 93.66 8.63
N ASN U 259 58.41 92.76 9.60
CA ASN U 259 59.34 92.89 10.72
C ASN U 259 60.16 91.60 10.81
N PRO U 260 61.32 91.51 10.14
CA PRO U 260 62.16 90.34 10.06
C PRO U 260 62.65 89.91 11.42
N ASN U 261 62.71 88.61 11.65
CA ASN U 261 63.26 88.12 12.90
C ASN U 261 63.65 86.66 12.87
N ALA U 262 64.04 86.15 11.70
CA ALA U 262 64.48 84.77 11.62
C ALA U 262 65.83 84.55 12.27
N ILE U 263 66.75 85.47 12.04
CA ILE U 263 68.11 85.31 12.55
C ILE U 263 68.09 85.64 14.00
N ALA U 264 67.46 86.74 14.35
CA ALA U 264 67.46 87.14 15.74
C ALA U 264 66.90 86.03 16.62
N THR U 265 65.86 85.33 16.17
CA THR U 265 65.32 84.27 17.00
C THR U 265 66.33 83.13 17.13
N ALA U 266 66.91 82.70 15.99
CA ALA U 266 67.85 81.59 16.03
C ALA U 266 69.06 81.90 16.89
N LEU U 267 69.52 83.14 16.80
CA LEU U 267 70.70 83.55 17.52
C LEU U 267 70.43 83.57 19.01
N ASP U 268 69.26 84.10 19.43
CA ASP U 268 68.93 84.10 20.84
C ASP U 268 68.84 82.68 21.39
N ASN U 269 68.25 81.77 20.61
CA ASN U 269 68.14 80.40 21.08
C ASN U 269 69.52 79.78 21.22
N LEU U 270 70.42 80.06 20.27
CA LEU U 270 71.77 79.53 20.37
C LEU U 270 72.55 80.13 21.54
N ASN U 271 72.32 81.39 21.85
CA ASN U 271 73.03 81.93 22.99
C ASN U 271 72.64 81.16 24.26
N ALA U 272 71.35 80.77 24.36
CA ALA U 272 70.89 79.94 25.49
C ALA U 272 71.59 78.57 25.48
N VAL U 273 71.77 78.02 24.27
CA VAL U 273 72.46 76.75 24.02
C VAL U 273 73.91 76.71 24.47
N ASN U 274 74.65 77.75 24.14
CA ASN U 274 76.05 77.74 24.50
C ASN U 274 76.30 78.16 25.94
N GLY U 275 75.98 77.26 26.86
CA GLY U 275 76.11 77.55 28.28
C GLY U 275 75.92 76.34 29.22
N PRO U 276 76.14 76.56 30.53
CA PRO U 276 76.08 75.57 31.59
C PRO U 276 74.74 74.92 31.84
N THR U 277 73.66 75.59 31.46
CA THR U 277 72.34 75.05 31.69
C THR U 277 71.89 74.21 30.52
N PHE U 278 72.72 74.16 29.48
CA PHE U 278 72.38 73.38 28.32
C PHE U 278 73.32 72.19 28.24
N ILE U 279 74.65 72.44 28.15
CA ILE U 279 75.61 71.33 28.06
C ILE U 279 76.77 71.25 29.04
N ASP U 280 77.09 72.27 29.84
CA ASP U 280 78.30 72.02 30.66
C ASP U 280 77.92 71.05 31.74
N ALA U 281 76.73 71.21 32.33
CA ALA U 281 76.36 70.28 33.39
C ALA U 281 76.36 68.84 32.88
N ILE U 282 75.94 68.63 31.64
CA ILE U 282 75.90 67.29 31.08
C ILE U 282 77.29 66.74 30.95
N LEU U 283 78.16 67.51 30.33
CA LEU U 283 79.52 67.07 30.08
C LEU U 283 80.30 66.85 31.35
N ASP U 284 80.10 67.69 32.37
CA ASP U 284 80.82 67.52 33.61
C ASP U 284 80.41 66.23 34.31
N ASP U 285 79.11 65.92 34.28
CA ASP U 285 78.63 64.68 34.90
C ASP U 285 78.96 63.45 34.08
N LEU U 286 78.92 63.58 32.76
CA LEU U 286 79.18 62.45 31.87
C LEU U 286 80.65 62.02 31.94
N ARG U 287 81.56 62.98 31.97
CA ARG U 287 82.98 62.69 32.01
C ARG U 287 83.41 62.28 33.42
N ASN U 321 74.77 37.09 43.31
CA ASN U 321 75.24 38.21 42.51
C ASN U 321 74.08 39.07 42.04
N SER U 322 72.87 38.71 42.44
CA SER U 322 71.69 39.46 41.97
C SER U 322 71.71 40.93 42.41
N VAL U 323 72.32 41.19 43.57
CA VAL U 323 72.42 42.54 44.07
C VAL U 323 73.44 43.31 43.25
N LYS U 324 74.49 42.63 42.82
CA LYS U 324 75.54 43.25 42.05
C LYS U 324 74.97 43.71 40.72
N VAL U 325 74.12 42.87 40.13
CA VAL U 325 73.49 43.22 38.86
C VAL U 325 72.62 44.43 39.06
N ALA U 326 71.81 44.44 40.13
CA ALA U 326 70.93 45.58 40.39
C ALA U 326 71.71 46.89 40.55
N ASN U 327 72.85 46.82 41.24
CA ASN U 327 73.64 48.03 41.46
C ASN U 327 74.25 48.50 40.14
N PHE U 328 74.77 47.55 39.38
CA PHE U 328 75.38 47.83 38.09
C PHE U 328 74.37 48.46 37.17
N ALA U 329 73.19 47.83 37.06
CA ALA U 329 72.17 48.28 36.15
C ALA U 329 71.79 49.72 36.45
N SER U 330 71.70 50.10 37.74
CA SER U 330 71.39 51.48 38.10
C SER U 330 72.46 52.44 37.57
N LEU U 331 73.73 52.09 37.75
CA LEU U 331 74.81 52.93 37.29
C LEU U 331 74.79 53.09 35.77
N VAL U 332 74.46 52.01 35.04
CA VAL U 332 74.41 52.10 33.59
C VAL U 332 73.29 53.05 33.17
N GLU U 333 72.12 52.91 33.78
CA GLU U 333 70.99 53.75 33.45
C GLU U 333 71.31 55.22 33.64
N SER U 334 72.05 55.56 34.71
CA SER U 334 72.41 56.95 34.95
C SER U 334 73.24 57.51 33.78
N VAL U 335 74.22 56.73 33.31
CA VAL U 335 75.03 57.18 32.18
C VAL U 335 74.19 57.32 30.92
N LEU U 336 73.35 56.33 30.67
CA LEU U 336 72.51 56.28 29.50
C LEU U 336 71.58 57.49 29.44
N SER U 337 70.97 57.84 30.57
CA SER U 337 70.09 58.99 30.65
C SER U 337 70.85 60.28 30.28
N THR U 338 72.06 60.43 30.83
CA THR U 338 72.90 61.59 30.55
C THR U 338 73.23 61.67 29.05
N LEU U 339 73.59 60.53 28.44
CA LEU U 339 73.89 60.53 27.00
C LEU U 339 72.67 60.95 26.19
N ASN U 340 71.48 60.48 26.58
CA ASN U 340 70.29 60.83 25.83
C ASN U 340 70.04 62.33 25.85
N GLU U 341 70.30 63.01 26.97
CA GLU U 341 70.12 64.45 27.00
C GLU U 341 71.08 65.17 26.04
N LEU U 342 72.32 64.68 25.96
CA LEU U 342 73.31 65.29 25.06
C LEU U 342 72.86 65.14 23.60
N ILE U 343 72.30 63.97 23.30
CA ILE U 343 71.81 63.69 21.95
C ILE U 343 70.65 64.63 21.59
N ASP U 344 69.69 64.81 22.51
CA ASP U 344 68.59 65.72 22.24
C ASP U 344 69.08 67.13 22.00
N ALA U 345 70.13 67.53 22.73
CA ALA U 345 70.70 68.86 22.58
C ALA U 345 71.15 69.08 21.13
N LYS U 346 71.79 68.08 20.54
CA LYS U 346 72.25 68.17 19.16
C LYS U 346 71.10 68.47 18.22
N GLU U 347 70.00 67.75 18.39
CA GLU U 347 68.85 67.95 17.51
C GLU U 347 68.28 69.36 17.59
N GLU U 348 68.21 69.92 18.80
CA GLU U 348 67.69 71.29 18.93
C GLU U 348 68.57 72.30 18.20
N ILE U 349 69.88 72.09 18.26
CA ILE U 349 70.83 72.97 17.60
C ILE U 349 70.63 72.95 16.10
N ASN U 350 70.51 71.77 15.52
CA ASN U 350 70.32 71.71 14.08
C ASN U 350 69.03 72.40 13.65
N LYS U 351 67.97 72.27 14.44
CA LYS U 351 66.71 72.90 14.07
C LYS U 351 66.78 74.42 13.99
N ASP U 352 67.51 75.08 14.90
CA ASP U 352 67.59 76.53 14.82
C ASP U 352 68.63 77.02 13.81
N VAL U 353 69.77 76.33 13.72
CA VAL U 353 70.81 76.78 12.81
C VAL U 353 70.30 76.75 11.39
N ASN U 354 69.55 75.71 11.05
CA ASN U 354 68.99 75.59 9.73
C ASN U 354 68.08 76.75 9.34
N SER U 355 67.46 77.46 10.32
CA SER U 355 66.59 78.56 9.94
C SER U 355 67.45 79.75 9.61
N ALA U 356 68.63 79.81 10.24
CA ALA U 356 69.56 80.89 9.97
C ALA U 356 70.09 80.74 8.56
N ILE U 357 70.36 79.49 8.18
CA ILE U 357 70.90 79.21 6.87
C ILE U 357 69.85 79.54 5.82
N ALA U 358 68.64 79.04 6.02
CA ALA U 358 67.54 79.26 5.09
C ALA U 358 67.18 80.73 4.93
N SER U 359 67.29 81.51 6.01
CA SER U 359 66.92 82.90 5.98
C SER U 359 67.99 83.83 5.43
N SER U 360 69.26 83.41 5.46
CA SER U 360 70.36 84.22 4.97
C SER U 360 70.44 84.13 3.45
N GLU U 361 69.43 84.67 2.77
CA GLU U 361 69.33 84.60 1.32
C GLU U 361 70.47 85.30 0.60
N GLU U 362 70.89 86.43 1.16
CA GLU U 362 71.95 87.25 0.61
C GLU U 362 73.28 86.84 1.19
N ASP U 363 74.37 87.16 0.50
CA ASP U 363 75.71 86.88 1.02
C ASP U 363 75.92 85.40 1.31
N ASN U 364 75.92 84.59 0.24
CA ASN U 364 76.03 83.14 0.33
C ASN U 364 77.30 82.67 1.06
N ALA U 365 78.28 83.56 1.17
CA ALA U 365 79.50 83.28 1.89
C ALA U 365 79.20 82.96 3.36
N ILE U 366 78.18 83.62 3.89
CA ILE U 366 77.79 83.43 5.27
C ILE U 366 77.00 82.16 5.32
N LYS U 367 76.10 81.93 4.36
CA LYS U 367 75.37 80.66 4.42
C LYS U 367 76.36 79.52 4.54
N THR U 368 77.44 79.60 3.75
CA THR U 368 78.47 78.57 3.81
C THR U 368 79.12 78.54 5.19
N ALA U 369 79.52 79.69 5.74
CA ALA U 369 80.16 79.68 7.05
C ALA U 369 79.30 79.01 8.12
N ILE U 370 77.99 79.28 8.08
CA ILE U 370 77.08 78.72 9.06
C ILE U 370 76.96 77.22 8.86
N SER U 371 76.76 76.81 7.62
CA SER U 371 76.61 75.41 7.28
C SER U 371 77.85 74.61 7.67
N ASP U 372 79.04 75.12 7.37
CA ASP U 372 80.26 74.40 7.72
C ASP U 372 80.39 74.22 9.22
N ALA U 373 80.09 75.27 10.00
CA ALA U 373 80.20 75.15 11.45
C ALA U 373 79.28 74.06 11.99
N LEU U 374 78.06 73.98 11.44
CA LEU U 374 77.11 72.98 11.88
C LEU U 374 77.54 71.59 11.49
N ASP U 375 78.02 71.45 10.25
CA ASP U 375 78.42 70.16 9.73
C ASP U 375 79.53 69.55 10.59
N VAL U 376 80.49 70.38 11.02
CA VAL U 376 81.55 69.88 11.88
C VAL U 376 81.00 69.47 13.25
N PHE U 377 80.14 70.30 13.86
CA PHE U 377 79.59 69.98 15.17
C PHE U 377 78.99 68.57 15.19
N ASN U 378 78.19 68.27 14.18
CA ASN U 378 77.51 67.00 14.08
C ASN U 378 78.40 65.75 14.06
N GLU U 379 79.68 65.88 13.71
CA GLU U 379 80.56 64.72 13.59
C GLU U 379 80.74 63.94 14.88
N ASP U 380 80.47 64.54 16.03
CA ASP U 380 80.65 63.83 17.29
C ASP U 380 79.46 62.92 17.58
N PHE U 381 78.36 63.12 16.87
CA PHE U 381 77.14 62.37 17.14
C PHE U 381 76.82 61.37 16.05
N GLU U 382 77.22 61.71 14.81
CA GLU U 382 76.99 60.93 13.60
C GLU U 382 78.02 59.83 13.47
N GLY U 383 77.91 59.05 12.39
CA GLY U 383 78.74 57.87 12.13
C GLY U 383 80.25 58.09 12.24
N ALA U 384 80.72 59.32 12.06
CA ALA U 384 82.15 59.62 12.16
C ALA U 384 82.72 59.18 13.53
N ASP U 385 81.93 59.35 14.60
CA ASP U 385 82.29 58.98 15.97
C ASP U 385 80.96 58.91 16.70
N LYS U 386 80.27 57.79 16.62
CA LYS U 386 78.86 57.89 16.91
C LYS U 386 78.39 57.76 18.36
N ILE U 387 78.26 58.92 19.05
CA ILE U 387 77.74 58.95 20.42
C ILE U 387 76.37 58.28 20.43
N GLU U 388 75.59 58.52 19.38
CA GLU U 388 74.26 57.96 19.33
C GLU U 388 74.20 56.41 19.40
N SER U 389 75.21 55.71 18.85
CA SER U 389 75.13 54.25 18.86
C SER U 389 75.61 53.74 20.19
N VAL U 390 76.44 54.52 20.88
CA VAL U 390 76.87 54.06 22.18
C VAL U 390 75.64 54.03 23.08
N ALA U 391 74.86 55.11 23.04
CA ALA U 391 73.67 55.16 23.88
C ALA U 391 72.70 54.01 23.52
N LYS U 392 72.53 53.74 22.22
CA LYS U 392 71.65 52.66 21.81
C LYS U 392 72.12 51.31 22.34
N ASN U 393 73.41 51.03 22.16
CA ASN U 393 73.96 49.76 22.55
C ASN U 393 73.91 49.55 24.05
N LEU U 394 74.13 50.60 24.85
CA LEU U 394 74.07 50.43 26.29
C LEU U 394 72.66 50.04 26.70
N SER U 395 71.63 50.61 26.06
CA SER U 395 70.26 50.25 26.39
C SER U 395 70.01 48.76 26.14
N ASP U 396 70.42 48.24 24.97
CA ASP U 396 70.19 46.81 24.68
C ASP U 396 70.93 45.90 25.67
N LEU U 397 72.16 46.28 26.00
CA LEU U 397 72.98 45.51 26.92
C LEU U 397 72.37 45.50 28.31
N LEU U 398 71.81 46.64 28.72
CA LEU U 398 71.20 46.78 30.03
C LEU U 398 70.01 45.84 30.19
N ILE U 399 69.19 45.72 29.16
CA ILE U 399 68.08 44.78 29.27
C ILE U 399 68.62 43.37 29.43
N LYS U 400 69.60 42.99 28.60
CA LYS U 400 70.15 41.65 28.67
C LYS U 400 70.75 41.32 30.03
N ILE U 401 71.46 42.26 30.66
CA ILE U 401 72.04 41.88 31.94
C ILE U 401 70.96 41.72 32.99
N LYS U 402 69.93 42.56 32.99
CA LYS U 402 68.86 42.40 33.96
C LYS U 402 68.14 41.05 33.78
N GLN U 403 67.98 40.62 32.52
CA GLN U 403 67.32 39.33 32.26
C GLN U 403 68.26 38.13 32.41
N ALA U 404 69.58 38.34 32.44
CA ALA U 404 70.59 37.27 32.56
C ALA U 404 70.34 36.38 33.77
N ASP U 405 69.85 36.98 34.86
CA ASP U 405 69.51 36.32 36.12
C ASP U 405 68.48 35.22 35.95
N THR U 406 67.77 35.21 34.82
CA THR U 406 66.76 34.21 34.52
C THR U 406 67.35 32.83 34.62
N ASN U 407 68.56 32.63 34.12
CA ASN U 407 69.08 31.28 34.18
C ASN U 407 70.57 31.03 34.45
N THR U 408 71.46 32.03 34.50
CA THR U 408 72.86 31.66 34.82
C THR U 408 73.86 32.78 35.14
N LYS U 409 74.77 32.45 36.05
CA LYS U 409 75.90 33.28 36.46
C LYS U 409 76.84 33.58 35.31
N VAL U 410 76.77 32.73 34.29
CA VAL U 410 77.58 32.86 33.11
C VAL U 410 77.14 34.07 32.31
N GLU U 411 75.82 34.25 32.20
CA GLU U 411 75.28 35.35 31.41
C GLU U 411 75.74 36.65 32.00
N ASN U 412 75.79 36.69 33.33
CA ASN U 412 76.21 37.90 34.05
C ASN U 412 77.70 38.23 33.91
N VAL U 413 78.44 37.38 33.21
CA VAL U 413 79.84 37.58 32.90
C VAL U 413 79.97 37.89 31.42
N LEU U 414 79.32 37.06 30.61
CA LEU U 414 79.42 37.20 29.18
C LEU U 414 78.93 38.57 28.73
N SER U 415 77.86 39.10 29.36
CA SER U 415 77.28 40.38 28.95
C SER U 415 78.28 41.56 29.02
N ILE U 416 79.35 41.41 29.80
CA ILE U 416 80.35 42.43 29.96
C ILE U 416 81.63 42.18 29.17
N ASN U 417 82.13 40.93 29.21
CA ASN U 417 83.41 40.62 28.58
C ASN U 417 83.41 39.80 27.27
N ALA U 418 82.28 39.17 26.91
CA ALA U 418 82.19 38.39 25.67
C ALA U 418 81.39 39.24 24.73
N LEU U 419 80.47 39.96 25.35
CA LEU U 419 79.55 40.90 24.78
C LEU U 419 80.14 42.27 25.05
N ASN U 420 79.41 43.33 24.75
CA ASN U 420 80.02 44.64 24.75
C ASN U 420 79.92 45.63 25.93
N PHE U 421 79.48 45.31 27.16
CA PHE U 421 79.52 46.48 28.07
C PHE U 421 80.90 47.11 28.22
N SER U 422 81.95 46.31 28.33
CA SER U 422 83.27 46.92 28.46
C SER U 422 83.59 47.76 27.23
N ALA U 423 83.35 47.16 26.07
CA ALA U 423 83.64 47.76 24.77
C ALA U 423 82.89 49.07 24.51
N GLU U 424 81.65 49.17 24.98
CA GLU U 424 80.89 50.39 24.74
C GLU U 424 81.29 51.51 25.67
N PHE U 425 81.58 51.23 26.94
CA PHE U 425 81.95 52.34 27.81
C PHE U 425 83.30 52.91 27.36
N GLU U 426 84.12 52.07 26.75
CA GLU U 426 85.42 52.48 26.28
C GLU U 426 85.30 53.57 25.21
N LYS U 427 84.20 53.55 24.47
CA LYS U 427 84.05 54.49 23.38
C LYS U 427 83.78 55.90 23.88
N LEU U 428 83.48 56.04 25.17
CA LEU U 428 83.24 57.36 25.71
C LEU U 428 84.55 57.85 26.28
N LEU U 429 85.22 56.97 27.05
CA LEU U 429 86.55 57.24 27.61
C LEU U 429 87.41 55.99 27.41
N THR U 430 88.50 56.12 26.65
CA THR U 430 89.33 54.98 26.25
C THR U 430 89.91 54.13 27.38
N TYR U 431 90.32 54.75 28.48
CA TYR U 431 90.91 53.99 29.58
C TYR U 431 90.73 54.69 30.90
N ASP U 432 89.49 55.11 31.19
CA ASP U 432 89.25 55.88 32.42
C ASP U 432 89.72 55.13 33.65
N VAL U 433 89.56 53.79 33.60
CA VAL U 433 89.89 52.80 34.64
C VAL U 433 91.35 52.85 35.11
N ASN U 434 92.19 53.53 34.34
CA ASN U 434 93.61 53.68 34.63
C ASN U 434 93.84 54.35 36.00
N THR U 435 92.92 55.19 36.46
CA THR U 435 93.09 55.87 37.74
C THR U 435 91.76 56.16 38.41
N GLY U 436 91.78 56.43 39.73
CA GLY U 436 90.54 56.77 40.43
C GLY U 436 89.87 57.97 39.78
N LEU U 437 90.66 58.93 39.35
CA LEU U 437 90.12 60.06 38.61
C LEU U 437 90.20 59.60 37.18
N THR U 438 89.18 59.81 36.35
CA THR U 438 89.35 59.29 35.00
C THR U 438 90.65 59.78 34.42
N ALA U 439 91.40 58.84 33.86
CA ALA U 439 92.71 59.13 33.29
C ALA U 439 92.93 58.37 32.00
N SER U 440 94.10 58.61 31.38
CA SER U 440 94.49 57.90 30.17
C SER U 440 93.43 57.99 29.09
N VAL U 441 92.83 59.15 28.95
CA VAL U 441 91.82 59.32 27.92
C VAL U 441 92.49 59.53 26.58
N THR U 442 93.04 58.45 26.04
CA THR U 442 93.76 58.40 24.76
C THR U 442 92.85 58.88 23.65
N LEU U 443 91.57 58.71 23.89
CA LEU U 443 90.48 59.09 23.06
C LEU U 443 89.29 59.31 23.97
N ASP U 444 88.43 60.24 23.58
CA ASP U 444 87.21 60.48 24.30
C ASP U 444 86.19 61.10 23.37
N LEU U 445 84.93 60.76 23.61
CA LEU U 445 83.81 61.28 22.82
C LEU U 445 83.23 62.57 23.38
N PHE U 446 83.76 63.05 24.49
CA PHE U 446 83.15 64.18 25.16
C PHE U 446 83.86 65.52 25.04
N ALA U 447 83.01 66.54 25.16
CA ALA U 447 83.28 67.97 25.31
C ALA U 447 83.99 68.71 24.19
N ASN U 448 84.01 68.15 22.98
CA ASN U 448 84.57 68.89 21.83
C ASN U 448 83.53 69.90 21.34
N ILE U 449 82.37 69.75 21.97
CA ILE U 449 81.14 70.46 21.83
C ILE U 449 81.36 71.92 22.16
N GLY U 450 82.14 72.22 23.21
CA GLY U 450 82.29 73.62 23.61
C GLY U 450 82.78 74.50 22.46
N THR U 451 83.92 74.15 21.89
CA THR U 451 84.50 74.91 20.80
C THR U 451 83.58 74.95 19.61
N ARG U 452 83.02 73.80 19.26
CA ARG U 452 82.18 73.76 18.08
C ARG U 452 80.92 74.64 18.24
N LEU U 453 80.32 74.72 19.45
CA LEU U 453 79.18 75.62 19.60
C LEU U 453 79.59 77.06 19.40
N ASP U 454 80.79 77.44 19.89
CA ASP U 454 81.23 78.81 19.70
C ASP U 454 81.34 79.13 18.20
N ASP U 455 81.86 78.17 17.41
CA ASP U 455 81.99 78.38 15.97
C ASP U 455 80.65 78.58 15.29
N ILE U 456 79.64 77.81 15.71
CA ILE U 456 78.30 77.95 15.14
C ILE U 456 77.73 79.32 15.44
N ILE U 457 77.79 79.73 16.70
CA ILE U 457 77.22 81.01 17.04
C ILE U 457 77.88 82.13 16.32
N ALA U 458 79.22 82.12 16.27
CA ALA U 458 79.88 83.19 15.60
C ALA U 458 79.45 83.27 14.15
N ALA U 459 79.34 82.11 13.46
CA ALA U 459 78.92 82.15 12.07
C ALA U 459 77.50 82.67 11.93
N VAL U 460 76.59 82.25 12.81
CA VAL U 460 75.20 82.70 12.73
C VAL U 460 75.07 84.18 12.95
N SER U 461 75.81 84.72 13.90
CA SER U 461 75.72 86.13 14.24
C SER U 461 76.08 87.01 13.05
N ALA U 462 76.84 86.48 12.09
CA ALA U 462 77.26 87.23 10.93
C ALA U 462 76.09 87.60 10.06
N ALA U 463 74.98 86.84 10.17
CA ALA U 463 73.79 87.04 9.38
C ALA U 463 72.86 88.11 9.95
N GLU U 464 73.11 88.58 11.17
CA GLU U 464 72.15 89.52 11.72
C GLU U 464 71.93 90.76 10.85
N PRO U 465 72.95 91.41 10.25
CA PRO U 465 72.79 92.57 9.38
C PRO U 465 72.54 92.20 7.91
N ILE U 466 72.34 90.90 7.62
CA ILE U 466 72.17 90.42 6.26
C ILE U 466 70.71 90.17 5.96
N ASP U 467 70.00 89.56 6.91
CA ASP U 467 68.57 89.25 6.71
C ASP U 467 67.79 90.51 6.33
N VAL U 468 66.81 90.29 5.47
CA VAL U 468 65.99 91.37 4.92
C VAL U 468 64.52 91.24 5.22
N ASN U 469 63.95 90.08 4.91
CA ASN U 469 62.53 89.86 5.04
C ASN U 469 62.07 88.54 5.65
N ASN U 470 62.97 87.72 6.19
CA ASN U 470 62.51 86.45 6.74
C ASN U 470 62.05 86.51 8.20
N GLY U 471 60.85 85.98 8.41
CA GLY U 471 60.24 85.95 9.72
C GLY U 471 60.67 84.74 10.56
N LYS U 472 60.22 84.71 11.80
CA LYS U 472 60.49 83.67 12.78
C LYS U 472 60.31 82.21 12.34
N LEU U 473 59.30 81.90 11.53
CA LEU U 473 59.06 80.50 11.17
C LEU U 473 59.74 80.06 9.88
N ASN U 474 60.47 80.96 9.25
CA ASN U 474 61.08 80.67 7.96
C ASN U 474 62.05 79.51 8.07
N GLY U 475 61.89 78.52 7.20
CA GLY U 475 62.78 77.37 7.16
C GLY U 475 62.42 76.24 8.11
N ARG U 476 61.37 76.41 8.90
CA ARG U 476 60.98 75.37 9.85
C ARG U 476 60.06 74.35 9.22
N LEU U 477 59.99 73.16 9.82
CA LEU U 477 59.10 72.09 9.38
C LEU U 477 57.72 72.16 10.02
N LEU U 478 56.68 71.69 9.32
CA LEU U 478 55.36 71.70 9.97
C LEU U 478 55.33 70.97 11.26
N SER U 479 55.96 69.82 11.30
CA SER U 479 55.96 68.99 12.49
C SER U 479 56.58 69.68 13.71
N ASP U 480 57.40 70.71 13.49
CA ASP U 480 58.06 71.42 14.57
C ASP U 480 57.47 72.79 14.88
N ILE U 481 56.35 73.19 14.25
CA ILE U 481 55.84 74.52 14.58
C ILE U 481 54.58 74.45 15.41
N GLU U 482 54.03 73.26 15.62
CA GLU U 482 52.81 73.22 16.41
C GLU U 482 52.96 73.87 17.78
N PRO U 483 54.05 73.64 18.57
CA PRO U 483 54.26 74.29 19.85
C PRO U 483 54.46 75.81 19.76
N LEU U 484 54.83 76.33 18.59
CA LEU U 484 55.08 77.75 18.41
C LEU U 484 53.78 78.50 18.16
N ASP U 485 52.96 77.93 17.28
CA ASP U 485 51.68 78.49 16.86
C ASP U 485 50.75 77.43 16.32
N ASN U 486 49.82 76.93 17.14
CA ASN U 486 49.02 75.84 16.65
C ASN U 486 47.78 76.31 15.91
N ALA U 487 47.62 77.62 15.74
CA ALA U 487 46.47 78.08 15.00
C ALA U 487 46.87 78.04 13.54
N THR U 488 48.08 78.52 13.28
CA THR U 488 48.62 78.52 11.94
C THR U 488 48.79 77.07 11.50
N TYR U 489 49.37 76.24 12.37
CA TYR U 489 49.58 74.83 12.08
C TYR U 489 48.30 74.10 11.70
N ASN U 490 47.25 74.22 12.52
CA ASN U 490 46.02 73.52 12.19
C ASN U 490 45.39 74.04 10.91
N THR U 491 45.49 75.34 10.65
CA THR U 491 44.93 75.91 9.44
C THR U 491 45.63 75.33 8.21
N ILE U 492 46.95 75.24 8.26
CA ILE U 492 47.72 74.72 7.14
C ILE U 492 47.32 73.28 6.85
N LEU U 493 47.21 72.45 7.89
CA LEU U 493 46.87 71.06 7.63
C LEU U 493 45.51 70.93 6.94
N LEU U 494 44.54 71.73 7.35
CA LEU U 494 43.25 71.66 6.69
C LEU U 494 43.36 72.03 5.22
N GLU U 495 44.18 73.04 4.90
CA GLU U 495 44.34 73.43 3.50
C GLU U 495 45.02 72.33 2.68
N ILE U 496 46.04 71.67 3.25
CA ILE U 496 46.76 70.64 2.51
C ILE U 496 45.85 69.51 2.13
N ASN U 497 45.02 69.08 3.07
CA ASN U 497 44.16 67.95 2.85
C ASN U 497 42.97 68.24 1.94
N SER U 498 42.81 69.48 1.47
CA SER U 498 41.72 69.80 0.57
C SER U 498 42.06 69.38 -0.86
N HIS U 499 43.32 69.07 -1.14
CA HIS U 499 43.74 68.72 -2.49
C HIS U 499 43.57 67.24 -2.80
N LYS U 500 42.88 66.92 -3.88
CA LYS U 500 42.60 65.51 -4.22
C LYS U 500 43.38 65.01 -5.44
N VAL U 501 43.50 63.69 -5.51
CA VAL U 501 44.16 62.91 -6.57
C VAL U 501 43.29 62.75 -7.83
N THR U 502 43.90 62.87 -9.02
CA THR U 502 43.21 62.69 -10.31
C THR U 502 43.89 61.53 -11.07
N LEU U 503 43.09 60.60 -11.59
CA LEU U 503 43.61 59.40 -12.27
C LEU U 503 43.00 59.11 -13.64
N PRO U 504 43.74 58.45 -14.57
CA PRO U 504 43.25 57.89 -15.81
C PRO U 504 42.18 56.87 -15.38
N PRO U 505 41.15 56.61 -16.17
CA PRO U 505 40.02 55.74 -15.85
C PRO U 505 40.23 54.21 -15.95
N SER U 506 41.40 53.77 -16.38
CA SER U 506 41.59 52.36 -16.68
C SER U 506 41.55 51.35 -15.52
N SER U 507 41.97 51.71 -14.29
CA SER U 507 41.91 50.68 -13.25
C SER U 507 40.49 50.57 -12.71
N SER U 508 39.75 51.68 -12.79
CA SER U 508 38.36 51.71 -12.39
C SER U 508 37.56 50.84 -13.33
N MET U 509 37.88 50.91 -14.64
CA MET U 509 37.17 50.09 -15.60
C MET U 509 37.44 48.61 -15.40
N ALA U 510 38.67 48.21 -15.06
CA ALA U 510 38.90 46.79 -14.81
C ALA U 510 37.99 46.31 -13.67
N GLY U 511 37.82 47.17 -12.65
CA GLY U 511 36.91 46.90 -11.54
C GLY U 511 35.47 46.75 -12.05
N ALA U 512 35.01 47.70 -12.86
CA ALA U 512 33.67 47.67 -13.41
C ALA U 512 33.42 46.40 -14.24
N TYR U 513 34.42 45.94 -15.00
CA TYR U 513 34.27 44.73 -15.78
C TYR U 513 34.01 43.56 -14.84
N ALA U 514 34.75 43.49 -13.73
CA ALA U 514 34.57 42.41 -12.77
C ALA U 514 33.15 42.35 -12.21
N ARG U 515 32.58 43.51 -11.89
CA ARG U 515 31.20 43.51 -11.40
C ARG U 515 30.22 42.95 -12.41
N VAL U 516 30.34 43.35 -13.67
CA VAL U 516 29.40 42.85 -14.64
C VAL U 516 29.56 41.35 -14.86
N ASP U 517 30.81 40.88 -14.98
CA ASP U 517 31.04 39.47 -15.25
C ASP U 517 30.41 38.59 -14.19
N ASN U 518 30.46 39.01 -12.91
CA ASN U 518 29.84 38.22 -11.86
C ASN U 518 28.32 38.37 -11.74
N ASP U 519 27.78 39.57 -11.92
CA ASP U 519 26.34 39.77 -11.77
C ASP U 519 25.49 39.33 -12.97
N ARG U 520 25.98 39.56 -14.20
CA ARG U 520 25.18 39.24 -15.38
C ARG U 520 25.82 38.23 -16.32
N GLY U 521 27.15 38.22 -16.39
CA GLY U 521 27.87 37.32 -17.30
C GLY U 521 28.68 38.08 -18.34
N VAL U 522 29.73 37.44 -18.85
CA VAL U 522 30.66 38.02 -19.82
C VAL U 522 30.01 38.47 -21.14
N TRP U 523 28.83 37.95 -21.44
CA TRP U 523 28.14 38.31 -22.67
C TRP U 523 27.32 39.61 -22.54
N LYS U 524 27.31 40.22 -21.36
CA LYS U 524 26.61 41.48 -21.11
C LYS U 524 27.54 42.66 -21.35
N SER U 525 27.07 43.68 -22.08
CA SER U 525 27.89 44.84 -22.35
C SER U 525 28.32 45.56 -21.06
N PRO U 526 29.61 45.92 -20.90
CA PRO U 526 30.15 46.63 -19.77
C PRO U 526 29.89 48.13 -19.86
N ALA U 527 28.64 48.51 -19.73
CA ALA U 527 28.21 49.91 -19.84
C ALA U 527 26.95 50.14 -19.01
N ASN U 528 26.65 51.41 -18.73
CA ASN U 528 25.53 51.83 -17.88
C ASN U 528 25.79 51.30 -16.46
N ILE U 529 27.04 51.46 -16.05
CA ILE U 529 27.61 51.06 -14.77
C ILE U 529 28.07 52.29 -14.02
N GLY U 530 27.69 52.44 -12.76
CA GLY U 530 28.20 53.58 -12.00
C GLY U 530 29.57 53.26 -11.42
N LEU U 531 30.41 54.29 -11.25
CA LEU U 531 31.75 54.11 -10.66
C LEU U 531 31.82 54.57 -9.20
N ASN U 532 32.61 53.85 -8.39
CA ASN U 532 32.79 54.20 -6.98
C ASN U 532 34.00 55.09 -6.79
N TYR U 533 33.96 55.90 -5.73
CA TYR U 533 35.04 56.82 -5.37
C TYR U 533 35.33 57.83 -6.46
N VAL U 534 34.31 58.26 -7.18
CA VAL U 534 34.50 59.26 -8.20
C VAL U 534 33.62 60.45 -7.90
N SER U 535 34.24 61.62 -7.87
CA SER U 535 33.54 62.85 -7.61
C SER U 535 32.90 63.29 -8.91
N LYS U 536 33.72 63.35 -9.95
CA LYS U 536 33.26 63.76 -11.27
C LYS U 536 34.31 63.46 -12.34
N PRO U 537 33.96 63.44 -13.64
CA PRO U 537 34.85 63.44 -14.79
C PRO U 537 35.69 64.72 -14.79
N SER U 538 36.92 64.65 -15.32
CA SER U 538 37.79 65.83 -15.38
C SER U 538 37.25 66.93 -16.28
N VAL U 539 36.59 66.54 -17.36
CA VAL U 539 35.98 67.48 -18.31
C VAL U 539 34.56 67.04 -18.59
N THR U 540 33.76 67.94 -19.12
CA THR U 540 32.39 67.62 -19.49
C THR U 540 32.26 67.32 -20.97
N VAL U 541 31.60 66.21 -21.29
CA VAL U 541 31.33 65.80 -22.65
C VAL U 541 29.83 65.82 -22.85
N SER U 542 29.34 66.61 -23.80
CA SER U 542 27.91 66.69 -24.06
C SER U 542 27.50 65.63 -25.06
N HIS U 543 26.21 65.44 -25.25
CA HIS U 543 25.73 64.46 -26.19
C HIS U 543 26.01 64.81 -27.65
N GLU U 544 26.29 66.08 -27.94
CA GLU U 544 26.60 66.50 -29.30
C GLU U 544 28.08 66.35 -29.60
N GLU U 545 28.87 65.98 -28.59
CA GLU U 545 30.30 65.83 -28.74
C GLU U 545 30.58 64.35 -28.85
N GLN U 546 29.85 63.57 -28.05
CA GLN U 546 30.01 62.12 -28.03
C GLN U 546 29.76 61.50 -29.40
N GLU U 547 28.97 62.14 -30.24
CA GLU U 547 28.67 61.55 -31.53
C GLU U 547 29.92 61.19 -32.33
N SER U 548 30.99 62.02 -32.26
CA SER U 548 32.20 61.75 -33.04
C SER U 548 33.16 60.81 -32.30
N MET U 549 32.81 60.44 -31.08
CA MET U 549 33.60 59.53 -30.30
C MET U 549 33.08 58.14 -30.59
N ASN U 550 31.77 58.03 -30.73
CA ASN U 550 31.13 56.74 -30.94
C ASN U 550 31.23 56.30 -32.40
N VAL U 551 30.89 57.18 -33.34
CA VAL U 551 30.91 56.81 -34.75
C VAL U 551 31.91 57.67 -35.50
N HIS U 552 32.81 57.02 -36.22
CA HIS U 552 33.86 57.73 -36.92
C HIS U 552 34.33 56.96 -38.14
N GLY U 553 34.72 57.67 -39.18
CA GLY U 553 35.19 57.06 -40.43
C GLY U 553 36.31 56.02 -40.27
N THR U 554 37.17 56.17 -39.26
CA THR U 554 38.25 55.22 -39.06
C THR U 554 37.89 53.96 -38.27
N GLY U 555 36.73 53.97 -37.60
CA GLY U 555 36.30 52.87 -36.74
C GLY U 555 36.92 52.94 -35.35
N LYS U 556 37.78 53.92 -35.11
CA LYS U 556 38.45 54.06 -33.83
C LYS U 556 37.60 54.79 -32.82
N SER U 557 36.59 54.07 -32.35
CA SER U 557 35.63 54.54 -31.37
C SER U 557 36.30 54.75 -30.02
N VAL U 558 35.79 55.72 -29.26
CA VAL U 558 36.22 55.99 -27.89
C VAL U 558 34.98 55.99 -27.00
N ASN U 559 35.01 55.28 -25.89
CA ASN U 559 33.86 55.21 -24.99
C ASN U 559 33.90 56.42 -24.06
N ALA U 560 32.75 56.89 -23.56
CA ALA U 560 32.78 58.08 -22.72
C ALA U 560 32.39 57.87 -21.28
N ILE U 561 32.99 58.65 -20.41
CA ILE U 561 32.56 58.66 -19.03
C ILE U 561 31.73 59.93 -18.84
N ARG U 562 30.47 59.78 -18.44
CA ARG U 562 29.56 60.92 -18.32
C ARG U 562 28.74 60.98 -17.04
N SER U 563 28.40 62.21 -16.63
CA SER U 563 27.59 62.44 -15.44
C SER U 563 26.11 62.60 -15.77
N PHE U 564 25.26 61.85 -15.06
CA PHE U 564 23.83 61.91 -15.26
C PHE U 564 23.11 62.39 -14.00
N VAL U 565 22.06 63.17 -14.19
CA VAL U 565 21.36 63.71 -13.04
C VAL U 565 20.62 62.65 -12.27
N GLY U 566 20.92 62.58 -10.97
CA GLY U 566 20.31 61.62 -10.07
C GLY U 566 20.99 60.25 -10.12
N LYS U 567 22.01 60.08 -10.95
CA LYS U 567 22.66 58.79 -11.08
C LYS U 567 24.15 58.82 -10.75
N GLY U 568 24.82 59.92 -11.05
CA GLY U 568 26.25 59.99 -10.83
C GLY U 568 27.02 59.66 -12.09
N THR U 569 28.27 59.24 -11.92
CA THR U 569 29.13 59.03 -13.09
C THR U 569 28.96 57.63 -13.63
N LEU U 570 28.57 57.53 -14.91
CA LEU U 570 28.34 56.27 -15.59
C LEU U 570 29.26 56.05 -16.79
N VAL U 571 29.50 54.77 -17.07
CA VAL U 571 30.22 54.39 -18.28
C VAL U 571 29.23 54.37 -19.45
N TRP U 572 29.43 55.19 -20.47
CA TRP U 572 28.47 55.28 -21.54
C TRP U 572 29.07 54.83 -22.90
N GLY U 573 28.67 53.65 -23.36
CA GLY U 573 29.21 53.07 -24.60
C GLY U 573 30.12 51.87 -24.33
N ALA U 574 30.10 50.89 -25.25
CA ALA U 574 30.91 49.69 -25.09
C ALA U 574 31.43 49.13 -26.41
N ARG U 575 32.09 49.95 -27.21
CA ARG U 575 32.63 49.47 -28.47
C ARG U 575 34.14 49.31 -28.42
N THR U 576 34.67 48.56 -29.38
CA THR U 576 36.11 48.31 -29.53
C THR U 576 36.72 49.27 -30.53
N LEU U 577 38.03 49.17 -30.73
CA LEU U 577 38.74 50.04 -31.68
C LEU U 577 38.53 49.64 -33.15
N ALA U 578 37.65 48.68 -33.42
CA ALA U 578 37.28 48.26 -34.76
C ALA U 578 35.76 48.38 -34.90
N GLY U 579 35.26 49.59 -34.59
CA GLY U 579 33.86 49.96 -34.45
C GLY U 579 32.97 49.85 -35.68
N ASN U 580 33.56 49.75 -36.85
CA ASN U 580 32.76 49.61 -38.06
C ASN U 580 32.70 48.16 -38.51
N ASP U 581 33.21 47.27 -37.69
CA ASP U 581 33.21 45.86 -38.00
C ASP U 581 31.91 45.18 -37.64
N ASN U 582 31.19 44.71 -38.63
CA ASN U 582 29.92 44.09 -38.39
C ASN U 582 30.07 42.89 -37.44
N GLU U 583 31.22 42.19 -37.48
CA GLU U 583 31.37 41.06 -36.60
C GLU U 583 31.93 41.41 -35.20
N TRP U 584 33.07 42.12 -35.14
CA TRP U 584 33.73 42.41 -33.86
C TRP U 584 33.58 43.79 -33.18
N ARG U 585 32.70 44.68 -33.63
CA ARG U 585 32.60 46.01 -32.99
C ARG U 585 32.24 46.06 -31.48
N TYR U 586 31.61 45.02 -30.91
CA TYR U 586 31.25 45.08 -29.49
C TYR U 586 32.23 44.39 -28.57
N ILE U 587 32.44 45.01 -27.41
CA ILE U 587 33.36 44.44 -26.43
C ILE U 587 32.88 43.10 -25.93
N SER U 588 31.60 42.97 -25.60
CA SER U 588 31.05 41.72 -25.08
C SER U 588 31.13 40.55 -26.03
N VAL U 589 31.13 40.80 -27.32
CA VAL U 589 31.23 39.71 -28.26
C VAL U 589 32.67 39.23 -28.26
N ARG U 590 33.62 40.14 -28.37
CA ARG U 590 35.02 39.74 -28.35
C ARG U 590 35.38 38.98 -27.07
N ARG U 591 34.97 39.51 -25.91
CA ARG U 591 35.30 38.85 -24.66
C ARG U 591 34.63 37.48 -24.50
N PHE U 592 33.38 37.32 -24.95
CA PHE U 592 32.71 36.03 -24.89
C PHE U 592 33.50 34.99 -25.68
N PHE U 593 33.89 35.35 -26.91
CA PHE U 593 34.68 34.44 -27.72
C PHE U 593 36.01 34.08 -27.07
N ASN U 594 36.71 35.04 -26.45
CA ASN U 594 37.99 34.72 -25.82
C ASN U 594 37.79 33.67 -24.71
N MET U 595 36.71 33.83 -23.94
CA MET U 595 36.37 32.91 -22.86
C MET U 595 36.11 31.51 -23.41
N ALA U 596 35.28 31.43 -24.46
CA ALA U 596 34.95 30.14 -25.03
C ALA U 596 36.20 29.43 -25.55
N GLU U 597 37.12 30.19 -26.17
CA GLU U 597 38.33 29.59 -26.70
C GLU U 597 39.20 29.02 -25.59
N GLU U 598 39.33 29.72 -24.47
CA GLU U 598 40.17 29.14 -23.42
C GLU U 598 39.68 27.74 -23.03
N SER U 599 38.38 27.59 -22.83
CA SER U 599 37.84 26.28 -22.43
C SER U 599 37.98 25.21 -23.50
N ILE U 600 37.71 25.57 -24.75
CA ILE U 600 37.79 24.60 -25.82
C ILE U 600 39.24 24.17 -26.02
N LYS U 601 40.16 25.12 -26.01
CA LYS U 601 41.55 24.76 -26.14
C LYS U 601 41.95 23.71 -25.12
N LYS U 602 41.62 23.92 -23.84
CA LYS U 602 41.99 22.93 -22.82
C LYS U 602 41.42 21.55 -23.16
N ALA U 603 40.21 21.51 -23.68
CA ALA U 603 39.57 20.25 -24.09
C ALA U 603 40.34 19.52 -25.20
N THR U 604 40.98 20.24 -26.13
CA THR U 604 41.62 19.52 -27.23
C THR U 604 43.10 19.21 -26.95
N GLU U 605 43.73 19.97 -26.04
CA GLU U 605 45.14 19.75 -25.69
C GLU U 605 45.38 18.40 -25.01
N GLN U 606 44.34 17.81 -24.48
CA GLN U 606 44.43 16.52 -23.82
C GLN U 606 44.82 15.40 -24.80
N PHE U 607 44.70 15.66 -26.10
CA PHE U 607 44.98 14.66 -27.11
C PHE U 607 46.26 14.89 -27.91
N VAL U 608 47.23 15.64 -27.38
CA VAL U 608 48.46 15.93 -28.16
C VAL U 608 49.20 14.72 -28.75
N PHE U 609 49.42 13.68 -28.00
CA PHE U 609 50.08 12.54 -28.60
C PHE U 609 49.17 11.31 -28.66
N GLU U 610 47.84 11.49 -28.77
CA GLU U 610 46.91 10.39 -28.83
C GLU U 610 46.73 9.94 -30.29
N PRO U 611 46.27 8.70 -30.57
CA PRO U 611 45.97 8.20 -31.89
C PRO U 611 44.97 9.09 -32.62
N ASN U 612 45.15 9.25 -33.92
CA ASN U 612 44.23 10.08 -34.69
C ASN U 612 43.28 9.12 -35.40
N ASP U 613 42.14 8.86 -34.75
CA ASP U 613 41.16 7.88 -35.20
C ASP U 613 39.79 8.19 -34.63
N GLY U 614 38.80 7.39 -35.00
CA GLY U 614 37.41 7.56 -34.60
C GLY U 614 37.16 7.65 -33.12
N ASN U 615 37.91 6.93 -32.31
CA ASN U 615 37.69 6.99 -30.88
C ASN U 615 37.99 8.37 -30.30
N THR U 616 38.99 9.04 -30.87
CA THR U 616 39.41 10.34 -30.42
C THR U 616 38.42 11.36 -30.89
N TRP U 617 38.04 11.26 -32.15
CA TRP U 617 37.14 12.25 -32.73
C TRP U 617 35.84 12.29 -31.94
N VAL U 618 35.31 11.12 -31.56
CA VAL U 618 34.08 11.10 -30.77
C VAL U 618 34.27 11.75 -29.40
N ARG U 619 35.34 11.43 -28.68
CA ARG U 619 35.56 12.06 -27.39
C ARG U 619 35.72 13.56 -27.47
N VAL U 620 36.44 14.05 -28.48
CA VAL U 620 36.67 15.48 -28.63
C VAL U 620 35.36 16.20 -28.84
N ARG U 621 34.54 15.68 -29.75
CA ARG U 621 33.28 16.30 -30.01
C ARG U 621 32.38 16.34 -28.78
N ALA U 622 32.29 15.22 -28.05
CA ALA U 622 31.42 15.19 -26.88
C ALA U 622 31.83 16.21 -25.82
N MET U 623 33.14 16.38 -25.60
CA MET U 623 33.61 17.34 -24.60
C MET U 623 33.20 18.77 -24.96
N ILE U 624 33.38 19.13 -26.22
CA ILE U 624 33.06 20.47 -26.67
C ILE U 624 31.57 20.74 -26.59
N GLU U 625 30.74 19.80 -27.09
CA GLU U 625 29.31 20.03 -27.04
C GLU U 625 28.81 20.16 -25.60
N ASN U 626 29.31 19.38 -24.64
CA ASN U 626 28.80 19.53 -23.30
C ASN U 626 29.05 20.93 -22.77
N PHE U 627 30.23 21.49 -23.06
CA PHE U 627 30.53 22.85 -22.65
C PHE U 627 29.53 23.85 -23.24
N LEU U 628 29.32 23.76 -24.54
CA LEU U 628 28.43 24.70 -25.21
C LEU U 628 26.98 24.57 -24.75
N ILE U 629 26.53 23.35 -24.42
CA ILE U 629 25.16 23.17 -23.93
C ILE U 629 24.97 23.93 -22.64
N LEU U 630 25.94 23.82 -21.73
CA LEU U 630 25.83 24.54 -20.47
C LEU U 630 25.81 26.06 -20.67
N GLN U 631 26.60 26.58 -21.63
CA GLN U 631 26.58 28.02 -21.88
C GLN U 631 25.21 28.44 -22.42
N TRP U 632 24.62 27.60 -23.26
CA TRP U 632 23.29 27.84 -23.78
C TRP U 632 22.26 27.84 -22.64
N ARG U 633 22.31 26.84 -21.77
CA ARG U 633 21.38 26.74 -20.66
C ARG U 633 21.39 27.99 -19.79
N ALA U 634 22.56 28.59 -19.61
CA ALA U 634 22.75 29.80 -18.81
C ALA U 634 22.33 31.09 -19.51
N GLY U 635 21.93 31.01 -20.78
CA GLY U 635 21.51 32.17 -21.56
C GLY U 635 22.57 32.88 -22.39
N ALA U 636 23.78 32.33 -22.51
CA ALA U 636 24.82 32.99 -23.29
C ALA U 636 24.52 33.02 -24.78
N LEU U 637 23.93 31.94 -25.29
CA LEU U 637 23.66 31.75 -26.70
C LEU U 637 22.18 31.83 -27.05
N ALA U 638 21.92 32.25 -28.26
CA ALA U 638 20.58 32.35 -28.82
C ALA U 638 20.10 30.98 -29.32
N GLY U 639 18.78 30.82 -29.48
CA GLY U 639 18.22 29.57 -30.04
C GLY U 639 17.29 28.81 -29.09
N ALA U 640 16.17 28.31 -29.64
CA ALA U 640 15.16 27.55 -28.88
C ALA U 640 15.68 26.25 -28.25
N LYS U 641 16.58 25.59 -28.94
CA LYS U 641 17.19 24.33 -28.54
C LYS U 641 18.66 24.42 -28.93
N PRO U 642 19.58 23.66 -28.32
CA PRO U 642 21.01 23.66 -28.64
C PRO U 642 21.27 23.55 -30.15
N GLU U 643 20.44 22.80 -30.87
CA GLU U 643 20.54 22.61 -32.31
C GLU U 643 20.52 23.90 -33.13
N HIS U 644 20.02 24.98 -32.54
CA HIS U 644 19.91 26.28 -33.18
C HIS U 644 20.92 27.28 -32.63
N ALA U 645 21.69 26.85 -31.64
CA ALA U 645 22.64 27.72 -30.96
C ALA U 645 24.05 27.51 -31.45
N PHE U 646 24.40 26.26 -31.73
CA PHE U 646 25.77 25.96 -32.12
C PHE U 646 25.93 24.67 -32.88
N TYR U 647 27.11 24.49 -33.48
CA TYR U 647 27.45 23.19 -34.06
C TYR U 647 28.93 22.93 -33.89
N VAL U 648 29.29 21.64 -33.88
CA VAL U 648 30.68 21.18 -33.82
C VAL U 648 30.91 20.06 -34.84
N LYS U 649 31.99 20.15 -35.62
CA LYS U 649 32.33 19.09 -36.58
C LYS U 649 33.78 18.64 -36.48
N VAL U 650 34.01 17.33 -36.29
CA VAL U 650 35.36 16.79 -36.23
C VAL U 650 35.42 15.45 -36.98
N GLY U 651 36.37 15.24 -37.87
CA GLY U 651 36.48 13.88 -38.42
C GLY U 651 36.74 13.74 -39.90
N LEU U 652 37.24 12.56 -40.26
CA LEU U 652 37.51 12.25 -41.65
C LEU U 652 36.23 12.34 -42.42
N GLY U 653 36.26 13.08 -43.52
CA GLY U 653 35.09 13.26 -44.37
C GLY U 653 34.27 14.48 -43.99
N GLN U 654 34.56 15.10 -42.84
CA GLN U 654 33.84 16.29 -42.40
C GLN U 654 34.77 17.47 -42.36
N THR U 655 35.90 17.29 -41.67
CA THR U 655 36.89 18.34 -41.54
C THR U 655 38.28 17.88 -42.00
N MET U 656 38.47 16.57 -42.16
CA MET U 656 39.76 16.00 -42.53
C MET U 656 39.75 15.11 -43.77
N THR U 657 40.91 15.04 -44.40
CA THR U 657 41.14 14.13 -45.52
C THR U 657 42.33 13.18 -45.28
N ALA U 658 42.64 12.36 -46.27
CA ALA U 658 43.72 11.38 -46.17
C ALA U 658 45.07 12.02 -45.87
N GLN U 659 45.27 13.20 -46.43
CA GLN U 659 46.47 14.00 -46.27
C GLN U 659 46.65 14.44 -44.82
N ASP U 660 45.55 14.63 -44.07
CA ASP U 660 45.66 15.10 -42.70
C ASP U 660 45.99 13.92 -41.84
N ILE U 661 45.48 12.76 -42.21
CA ILE U 661 45.77 11.58 -41.42
C ILE U 661 47.26 11.32 -41.53
N LEU U 662 47.79 11.45 -42.75
CA LEU U 662 49.21 11.26 -43.03
C LEU U 662 50.10 12.27 -42.29
N GLU U 663 49.76 13.57 -42.36
CA GLU U 663 50.53 14.61 -41.68
C GLU U 663 50.44 14.57 -40.16
N GLY U 664 49.28 14.15 -39.63
CA GLY U 664 49.07 14.11 -38.19
C GLY U 664 48.25 15.30 -37.69
N ASN U 665 47.37 15.83 -38.54
CA ASN U 665 46.55 16.97 -38.18
C ASN U 665 45.18 16.57 -37.63
N MET U 666 44.60 17.43 -36.80
CA MET U 666 43.22 17.25 -36.38
C MET U 666 42.51 18.59 -36.55
N ASN U 667 41.44 18.59 -37.33
CA ASN U 667 40.71 19.81 -37.66
C ASN U 667 39.35 19.92 -36.96
N VAL U 668 39.14 20.98 -36.20
CA VAL U 668 37.86 21.14 -35.49
C VAL U 668 37.13 22.42 -35.94
N GLU U 669 35.89 22.26 -36.41
CA GLU U 669 35.07 23.41 -36.85
C GLU U 669 33.91 23.71 -35.90
N ILE U 670 33.81 24.96 -35.43
CA ILE U 670 32.75 25.37 -34.48
C ILE U 670 32.01 26.65 -34.88
N GLY U 671 30.68 26.65 -34.73
CA GLY U 671 29.88 27.87 -34.98
C GLY U 671 29.05 28.22 -33.75
N LEU U 672 28.75 29.54 -33.54
CA LEU U 672 27.98 30.01 -32.36
C LEU U 672 26.99 31.16 -32.66
N ALA U 673 25.76 31.07 -32.13
CA ALA U 673 24.75 32.14 -32.24
C ALA U 673 24.83 33.11 -31.06
N VAL U 674 25.43 34.28 -31.27
CA VAL U 674 25.69 35.25 -30.20
C VAL U 674 24.77 36.49 -30.27
N VAL U 675 24.18 36.79 -29.13
CA VAL U 675 23.23 37.88 -28.85
C VAL U 675 23.82 39.30 -28.96
N ARG U 676 23.08 40.21 -29.62
CA ARG U 676 23.54 41.60 -29.82
C ARG U 676 22.64 42.60 -29.05
N PRO U 677 23.21 43.68 -28.47
CA PRO U 677 22.55 44.75 -27.70
C PRO U 677 21.77 45.79 -28.48
N ALA U 678 20.81 46.43 -27.83
CA ALA U 678 20.18 47.62 -28.39
C ALA U 678 20.97 48.85 -27.99
N GLU U 679 21.13 49.80 -28.91
CA GLU U 679 21.81 51.06 -28.59
C GLU U 679 20.92 52.29 -28.64
N PHE U 680 19.88 52.28 -29.46
CA PHE U 680 19.12 53.49 -29.66
C PHE U 680 17.65 53.27 -29.46
N ILE U 681 17.07 54.03 -28.56
CA ILE U 681 15.64 53.94 -28.28
C ILE U 681 14.98 55.22 -28.71
N ILE U 682 14.03 55.11 -29.62
CA ILE U 682 13.36 56.27 -30.16
C ILE U 682 11.92 56.35 -29.72
N LEU U 683 11.55 57.45 -29.09
CA LEU U 683 10.20 57.65 -28.61
C LEU U 683 9.45 58.64 -29.45
N LYS U 684 8.35 58.20 -30.03
CA LYS U 684 7.55 59.05 -30.90
C LYS U 684 6.27 59.46 -30.20
N PHE U 685 5.99 60.75 -30.20
CA PHE U 685 4.82 61.28 -29.52
C PHE U 685 3.85 61.92 -30.47
N SER U 686 2.57 61.86 -30.13
CA SER U 686 1.50 62.45 -30.91
C SER U 686 0.28 62.70 -30.05
N HIS U 687 -0.66 63.49 -30.57
CA HIS U 687 -1.92 63.70 -29.87
C HIS U 687 -2.84 62.55 -30.16
N LYS U 688 -3.64 62.16 -29.19
CA LYS U 688 -4.60 61.09 -29.42
C LYS U 688 -5.81 61.63 -30.12
N MET U 689 -6.24 60.97 -31.18
CA MET U 689 -7.40 61.41 -31.91
C MET U 689 -8.63 60.75 -31.33
N GLN U 690 -9.70 61.53 -31.21
CA GLN U 690 -10.98 61.06 -30.67
C GLN U 690 -12.02 62.17 -30.66
N THR V 3 25.54 5.80 68.82
CA THR V 3 24.62 5.38 67.77
C THR V 3 23.19 5.70 68.15
N TYR V 4 22.25 5.07 67.45
CA TYR V 4 20.84 5.31 67.70
C TYR V 4 20.18 3.98 67.94
N LYS V 5 19.20 3.92 68.84
CA LYS V 5 18.52 2.65 69.10
C LYS V 5 17.04 2.64 68.75
N THR V 6 16.33 3.69 69.11
CA THR V 6 14.90 3.76 68.84
C THR V 6 14.70 4.18 67.38
N PRO V 7 13.88 3.50 66.57
CA PRO V 7 13.55 3.88 65.21
C PRO V 7 12.93 5.26 65.22
N GLY V 8 13.20 6.09 64.23
CA GLY V 8 12.60 7.42 64.25
C GLY V 8 13.49 8.51 63.69
N VAL V 9 13.07 9.74 63.90
CA VAL V 9 13.77 10.91 63.42
C VAL V 9 14.48 11.64 64.54
N TYR V 10 15.77 11.88 64.35
CA TYR V 10 16.59 12.57 65.33
C TYR V 10 16.95 13.96 64.83
N ILE V 11 17.07 14.90 65.77
CA ILE V 11 17.44 16.28 65.45
C ILE V 11 18.71 16.73 66.13
N GLU V 12 19.63 17.26 65.35
CA GLU V 12 20.91 17.75 65.85
C GLU V 12 21.20 19.13 65.28
N GLU V 13 21.94 19.96 66.01
CA GLU V 13 22.27 21.31 65.53
C GLU V 13 23.78 21.52 65.41
N ILE V 14 24.21 21.76 64.18
CA ILE V 14 25.64 21.91 63.85
C ILE V 14 25.93 23.13 62.98
N THR V 15 27.20 23.49 62.87
CA THR V 15 27.64 24.56 61.96
C THR V 15 28.73 24.04 61.01
N LYS V 16 28.55 24.21 59.70
CA LYS V 16 29.55 23.78 58.72
C LYS V 16 29.25 24.34 57.33
N PHE V 17 30.19 24.18 56.41
CA PHE V 17 29.93 24.53 55.01
C PHE V 17 29.12 23.39 54.37
N PRO V 18 28.18 23.68 53.46
CA PRO V 18 27.46 22.71 52.68
C PRO V 18 28.45 21.90 51.83
N PRO V 19 28.19 20.61 51.57
CA PRO V 19 28.98 19.74 50.72
C PRO V 19 28.81 20.08 49.25
N SER V 20 29.80 19.74 48.44
CA SER V 20 29.75 19.87 47.00
C SER V 20 29.05 18.71 46.31
N VAL V 21 28.74 18.90 45.04
CA VAL V 21 28.14 17.87 44.19
C VAL V 21 29.23 16.99 43.59
N ALA V 22 29.07 15.68 43.69
CA ALA V 22 30.05 14.74 43.15
C ALA V 22 30.24 14.92 41.65
N GLN V 23 31.49 14.81 41.20
CA GLN V 23 31.81 14.95 39.80
C GLN V 23 32.23 13.65 39.13
N VAL V 24 32.12 13.67 37.82
CA VAL V 24 32.51 12.61 36.89
C VAL V 24 34.00 12.58 36.60
N GLU V 25 34.58 11.39 36.49
CA GLU V 25 36.01 11.25 36.20
C GLU V 25 36.47 12.05 35.01
N THR V 26 37.60 12.70 35.21
CA THR V 26 38.32 13.55 34.30
C THR V 26 39.77 13.44 34.65
N ALA V 27 40.59 14.40 34.28
CA ALA V 27 42.00 14.27 34.62
C ALA V 27 42.14 13.98 36.10
N ILE V 28 42.97 13.01 36.45
CA ILE V 28 43.17 12.61 37.84
C ILE V 28 44.47 13.11 38.47
N PRO V 29 44.43 13.97 39.47
CA PRO V 29 45.58 14.44 40.20
C PRO V 29 46.01 13.46 41.25
N ALA V 30 47.29 13.49 41.59
CA ALA V 30 47.75 12.83 42.80
C ALA V 30 48.26 13.88 43.77
N PHE V 31 47.96 13.68 45.05
CA PHE V 31 48.38 14.58 46.11
C PHE V 31 49.32 13.88 47.08
N ILE V 32 50.55 14.37 47.17
CA ILE V 32 51.54 13.73 48.05
C ILE V 32 51.85 14.57 49.31
N GLY V 33 51.57 14.02 50.51
CA GLY V 33 51.80 14.78 51.76
C GLY V 33 51.43 14.06 53.08
N TYR V 34 51.35 14.82 54.17
CA TYR V 34 51.07 14.29 55.53
C TYR V 34 49.59 14.30 55.94
N THR V 35 49.20 13.24 56.67
CA THR V 35 47.83 13.04 57.18
C THR V 35 47.79 12.74 58.69
N GLN V 36 46.60 12.44 59.21
CA GLN V 36 46.43 12.16 60.64
C GLN V 36 46.26 10.70 61.06
N PHE V 37 45.74 9.87 60.17
CA PHE V 37 45.53 8.46 60.50
C PHE V 37 46.23 7.47 59.58
N ALA V 38 46.00 7.63 58.28
CA ALA V 38 46.46 6.70 57.26
C ALA V 38 46.04 5.25 57.50
N ARG V 39 44.75 4.98 57.67
CA ARG V 39 44.36 3.59 57.94
C ARG V 39 43.30 3.03 57.01
N THR V 40 43.30 1.69 56.84
CA THR V 40 42.40 0.97 55.96
C THR V 40 41.06 0.60 56.57
N LYS V 41 41.02 0.52 57.88
CA LYS V 41 39.83 0.17 58.59
C LYS V 41 39.63 1.22 59.67
N PRO V 42 38.65 2.12 59.55
CA PRO V 42 38.39 3.22 60.46
C PRO V 42 38.29 2.83 61.93
N SER V 43 37.79 1.63 62.24
CA SER V 43 37.61 1.18 63.61
C SER V 43 38.86 0.64 64.34
N VAL V 44 40.01 0.66 63.71
CA VAL V 44 41.24 0.19 64.37
C VAL V 44 42.26 1.29 64.33
N ASP V 45 43.37 1.18 65.05
CA ASP V 45 44.38 2.22 65.04
C ASP V 45 45.66 1.99 64.21
N SER V 46 45.66 1.03 63.29
CA SER V 46 46.85 0.74 62.48
C SER V 46 47.00 1.66 61.27
N ASP V 47 48.15 2.33 61.13
CA ASP V 47 48.41 3.23 60.01
C ASP V 47 48.94 2.47 58.76
N ASP V 48 48.08 1.61 58.23
CA ASP V 48 48.43 0.70 57.14
C ASP V 48 48.46 1.32 55.75
N LEU V 49 48.06 2.58 55.61
CA LEU V 49 48.10 3.23 54.31
C LEU V 49 49.37 4.05 54.08
N ILE V 50 50.34 4.01 54.99
CA ILE V 50 51.51 4.83 54.68
C ILE V 50 52.21 4.29 53.43
N LEU V 51 52.38 5.20 52.46
CA LEU V 51 52.95 4.96 51.14
C LEU V 51 52.22 3.92 50.30
N LYS V 52 50.90 3.85 50.47
CA LYS V 52 50.03 2.98 49.68
C LYS V 52 48.98 3.84 48.99
N PRO V 53 49.17 4.27 47.73
CA PRO V 53 48.26 5.17 47.06
C PRO V 53 46.84 4.66 47.09
N LYS V 54 45.89 5.53 47.39
CA LYS V 54 44.49 5.14 47.43
C LYS V 54 43.63 6.13 46.68
N ARG V 55 42.60 5.63 46.03
CA ARG V 55 41.66 6.47 45.32
C ARG V 55 40.46 6.88 46.19
N ILE V 56 40.25 8.20 46.22
CA ILE V 56 39.20 8.90 46.96
C ILE V 56 38.21 9.63 46.06
N SER V 57 36.91 9.41 46.29
CA SER V 57 35.85 10.04 45.47
C SER V 57 35.35 11.41 45.96
N SER V 58 35.52 11.71 47.24
CA SER V 58 35.00 12.94 47.82
C SER V 58 35.74 13.31 49.10
N LEU V 59 35.56 14.56 49.57
CA LEU V 59 36.21 14.96 50.82
C LEU V 59 35.74 14.11 51.99
N LEU V 60 34.47 13.72 51.96
CA LEU V 60 33.88 12.88 52.98
C LEU V 60 34.56 11.52 53.08
N ASP V 61 35.12 11.01 51.97
CA ASP V 61 35.78 9.72 52.03
C ASP V 61 37.18 9.94 52.54
N PHE V 62 37.79 11.06 52.18
CA PHE V 62 39.14 11.36 52.65
C PHE V 62 39.16 11.29 54.16
N THR V 63 38.21 11.97 54.79
CA THR V 63 38.18 12.08 56.23
C THR V 63 37.88 10.80 56.99
N THR V 64 37.56 9.68 56.32
CA THR V 64 37.33 8.46 57.08
C THR V 64 38.55 7.56 57.05
N TYR V 65 39.57 7.93 56.28
CA TYR V 65 40.80 7.13 56.18
C TYR V 65 41.99 7.93 56.63
N TYR V 66 41.95 9.23 56.40
CA TYR V 66 43.10 10.07 56.64
C TYR V 66 42.96 11.10 57.78
N GLY V 67 41.73 11.38 58.22
CA GLY V 67 41.48 12.39 59.26
C GLY V 67 41.34 13.82 58.72
N GLY V 68 41.43 14.81 59.60
CA GLY V 68 41.22 16.23 59.27
C GLY V 68 42.49 17.08 59.42
N ALA V 69 42.32 18.33 59.84
CA ALA V 69 43.43 19.26 60.03
C ALA V 69 43.96 19.17 61.46
N GLN V 70 45.17 19.68 61.69
CA GLN V 70 45.76 19.77 63.03
C GLN V 70 45.29 21.05 63.72
N ASN V 71 44.95 20.98 65.01
CA ASN V 71 44.57 22.19 65.75
C ASN V 71 45.75 23.16 65.83
N GLU V 72 45.51 24.44 65.56
CA GLU V 72 46.57 25.44 65.67
C GLU V 72 46.95 25.63 67.12
N GLN V 73 48.26 25.76 67.40
CA GLN V 73 48.74 25.99 68.76
C GLN V 73 49.23 27.42 68.99
N GLY V 74 49.14 28.24 67.94
CA GLY V 74 49.66 29.61 67.95
C GLY V 74 48.67 30.73 68.30
N ILE V 75 47.45 30.40 68.73
CA ILE V 75 46.48 31.44 69.03
C ILE V 75 46.72 32.01 70.42
N THR V 76 46.92 33.32 70.46
CA THR V 76 47.19 34.07 71.68
C THR V 76 46.05 35.02 71.95
N VAL V 77 45.64 35.11 73.21
CA VAL V 77 44.62 36.05 73.62
C VAL V 77 45.13 36.84 74.81
N LYS V 78 45.14 38.16 74.69
CA LYS V 78 45.59 38.98 75.80
C LYS V 78 44.58 40.02 76.26
N LEU V 79 44.33 40.03 77.56
CA LEU V 79 43.39 40.95 78.19
C LEU V 79 44.10 41.94 79.09
N THR V 80 43.87 43.24 78.86
CA THR V 80 44.50 44.24 79.73
C THR V 80 43.47 45.12 80.45
N ASP V 81 43.52 45.10 81.79
CA ASP V 81 42.61 45.89 82.62
C ASP V 81 43.27 47.09 83.30
N THR V 82 42.84 48.29 82.91
CA THR V 82 43.39 49.51 83.49
C THR V 82 42.32 50.48 83.91
N LEU V 83 42.76 51.64 84.43
CA LEU V 83 41.82 52.68 84.84
C LEU V 83 42.02 54.01 84.13
N ILE V 84 40.91 54.62 83.74
CA ILE V 84 40.92 55.94 83.14
C ILE V 84 40.09 56.89 83.98
N GLU V 85 40.76 57.80 84.68
CA GLU V 85 40.08 58.73 85.59
C GLU V 85 39.16 57.99 86.56
N GLY V 86 39.63 56.84 87.03
CA GLY V 86 38.91 56.00 87.98
C GLY V 86 37.95 54.99 87.35
N ALA V 87 37.71 55.08 86.04
CA ALA V 87 36.78 54.18 85.36
C ALA V 87 37.49 52.93 84.89
N GLU V 88 36.79 51.81 84.88
CA GLU V 88 37.38 50.60 84.34
C GLU V 88 37.48 50.66 82.83
N ASN V 89 38.57 50.14 82.29
CA ASN V 89 38.78 50.06 80.85
C ASN V 89 39.46 48.77 80.42
N ARG V 90 38.74 47.92 79.68
CA ARG V 90 39.32 46.65 79.24
C ARG V 90 39.60 46.58 77.74
N THR V 91 40.81 46.15 77.42
CA THR V 91 41.21 45.92 76.03
C THR V 91 41.37 44.44 75.73
N ILE V 92 40.73 43.98 74.65
CA ILE V 92 40.84 42.59 74.21
C ILE V 92 41.63 42.51 72.92
N ASN V 93 42.77 41.83 72.95
CA ASN V 93 43.64 41.75 71.79
C ASN V 93 43.93 40.32 71.30
N VAL V 94 43.45 40.00 70.10
CA VAL V 94 43.68 38.67 69.51
C VAL V 94 44.34 38.81 68.13
N PRO V 95 45.69 38.77 68.03
CA PRO V 95 46.48 38.97 66.82
C PRO V 95 46.46 37.76 65.90
N GLU V 96 46.79 37.97 64.64
CA GLU V 96 46.98 36.87 63.72
C GLU V 96 48.15 36.02 64.21
N PRO V 97 48.05 34.67 64.27
CA PRO V 97 49.11 33.81 64.72
C PRO V 97 50.34 33.90 63.83
N THR V 98 51.51 33.90 64.46
CA THR V 98 52.77 33.94 63.73
C THR V 98 53.33 32.55 63.56
N PHE V 99 52.93 31.64 64.43
CA PHE V 99 53.37 30.26 64.36
C PHE V 99 52.19 29.40 63.97
N LYS V 100 52.22 28.91 62.75
CA LYS V 100 51.13 28.13 62.20
C LYS V 100 51.58 26.69 61.97
N SER V 101 50.63 25.76 61.98
CA SER V 101 50.95 24.36 61.71
C SER V 101 51.18 24.10 60.21
N PRO V 102 52.32 23.55 59.77
CA PRO V 102 52.66 23.33 58.37
C PRO V 102 52.02 22.10 57.76
N TYR V 103 50.74 21.94 57.87
CA TYR V 103 50.08 20.74 57.34
C TYR V 103 48.82 21.06 56.55
N LEU V 104 49.01 21.44 55.29
CA LEU V 104 47.94 21.96 54.43
C LEU V 104 47.15 20.94 53.59
N MET V 105 47.40 19.64 53.71
CA MET V 105 46.68 18.66 52.87
C MET V 105 45.15 18.81 52.96
N PHE V 106 44.62 18.93 54.18
CA PHE V 106 43.18 19.02 54.35
C PHE V 106 42.59 20.26 53.68
N TYR V 107 43.20 21.41 53.92
CA TYR V 107 42.73 22.66 53.36
C TYR V 107 42.79 22.67 51.85
N SER V 108 43.88 22.12 51.30
CA SER V 108 44.05 22.07 49.86
C SER V 108 42.96 21.24 49.21
N LEU V 109 42.60 20.10 49.81
CA LEU V 109 41.52 19.27 49.27
C LEU V 109 40.18 19.98 49.33
N GLN V 110 39.90 20.73 50.39
CA GLN V 110 38.64 21.46 50.40
C GLN V 110 38.54 22.41 49.21
N MET V 111 39.64 23.10 48.87
CA MET V 111 39.62 24.01 47.74
C MET V 111 39.44 23.28 46.41
N TYR V 112 40.10 22.13 46.28
CA TYR V 112 40.01 21.30 45.09
C TYR V 112 38.58 20.88 44.80
N PHE V 113 37.89 20.38 45.81
CA PHE V 113 36.52 19.94 45.58
C PHE V 113 35.60 21.16 45.36
N ALA V 114 35.85 22.28 46.05
CA ALA V 114 35.04 23.50 45.90
C ALA V 114 35.07 24.02 44.46
N ASN V 115 36.19 23.82 43.77
CA ASN V 115 36.38 24.25 42.40
C ASN V 115 36.04 23.22 41.34
N GLY V 116 35.36 22.14 41.70
CA GLY V 116 34.91 21.18 40.69
C GLY V 116 35.74 19.93 40.46
N GLY V 117 36.70 19.64 41.31
CA GLY V 117 37.48 18.45 41.12
C GLY V 117 36.69 17.15 41.30
N GLY V 118 37.14 16.09 40.62
CA GLY V 118 36.54 14.77 40.73
C GLY V 118 37.43 13.85 41.57
N PRO V 119 37.36 12.53 41.38
CA PRO V 119 38.12 11.50 42.08
C PRO V 119 39.61 11.73 41.92
N CYS V 120 40.38 11.40 42.97
CA CYS V 120 41.82 11.62 42.98
C CYS V 120 42.61 10.61 43.81
N TYR V 121 43.94 10.62 43.67
CA TYR V 121 44.78 9.74 44.49
C TYR V 121 45.49 10.44 45.62
N ILE V 122 45.46 9.80 46.78
CA ILE V 122 46.13 10.30 47.96
C ILE V 122 47.29 9.41 48.35
N VAL V 123 48.44 10.03 48.54
CA VAL V 123 49.59 9.29 49.04
C VAL V 123 49.99 9.90 50.37
N SER V 124 49.89 9.11 51.43
CA SER V 124 50.25 9.59 52.75
C SER V 124 51.68 9.17 53.04
N THR V 125 52.53 10.16 53.28
CA THR V 125 53.96 9.96 53.48
C THR V 125 54.35 9.85 54.95
N GLY V 126 53.39 10.06 55.82
CA GLY V 126 53.63 10.04 57.26
C GLY V 126 52.50 10.73 57.94
N VAL V 127 52.59 10.86 59.26
CA VAL V 127 51.52 11.50 60.00
C VAL V 127 52.05 12.70 60.78
N TYR V 128 51.14 13.55 61.21
CA TYR V 128 51.46 14.77 61.94
C TYR V 128 52.16 14.55 63.26
N ASP V 129 53.16 15.38 63.52
CA ASP V 129 53.87 15.42 64.80
C ASP V 129 53.30 16.47 65.72
N ASP V 130 53.54 16.26 67.00
CA ASP V 130 53.19 17.21 68.05
C ASP V 130 54.12 18.40 68.03
N TRP V 131 53.65 19.51 68.57
CA TRP V 131 54.48 20.70 68.70
C TRP V 131 55.43 20.49 69.88
N SER V 132 56.60 21.12 69.83
CA SER V 132 57.53 20.99 70.96
C SER V 132 57.21 22.01 72.02
N ASP V 133 56.72 23.15 71.57
CA ASP V 133 56.33 24.26 72.45
C ASP V 133 55.33 25.13 71.73
N SER V 134 54.81 26.17 72.38
CA SER V 134 53.81 27.04 71.74
C SER V 134 54.37 27.85 70.59
N GLU V 135 55.68 28.00 70.56
CA GLU V 135 56.38 28.73 69.53
C GLU V 135 57.33 27.82 68.77
N THR V 136 57.19 26.51 68.95
CA THR V 136 58.06 25.60 68.22
C THR V 136 57.23 24.54 67.48
N PRO V 137 56.87 24.78 66.20
CA PRO V 137 56.05 23.95 65.36
C PRO V 137 56.80 22.73 64.81
N PRO V 138 56.08 21.71 64.32
CA PRO V 138 56.53 20.56 63.57
C PRO V 138 57.18 20.95 62.27
N THR V 139 57.90 20.01 61.67
CA THR V 139 58.57 20.22 60.40
C THR V 139 58.11 19.26 59.30
N ILE V 140 58.61 19.56 58.09
CA ILE V 140 58.42 18.80 56.86
C ILE V 140 59.75 18.16 56.50
N ASN V 141 59.77 16.86 56.34
CA ASN V 141 61.00 16.16 56.02
C ASN V 141 61.12 15.88 54.53
N PHE V 142 62.07 16.52 53.89
CA PHE V 142 62.27 16.39 52.47
C PHE V 142 62.25 14.95 51.97
N SER V 143 62.91 14.04 52.71
CA SER V 143 63.03 12.65 52.29
C SER V 143 61.68 11.93 52.18
N ASP V 144 60.66 12.42 52.88
CA ASP V 144 59.36 11.81 52.87
C ASP V 144 58.64 12.15 51.58
N LEU V 145 58.91 13.34 51.04
CA LEU V 145 58.21 13.75 49.86
C LEU V 145 58.84 13.03 48.69
N GLU V 146 60.17 12.84 48.73
CA GLU V 146 60.81 12.09 47.66
C GLU V 146 60.32 10.65 47.63
N SER V 147 60.12 10.05 48.79
CA SER V 147 59.62 8.69 48.84
C SER V 147 58.26 8.60 48.19
N GLY V 148 57.36 9.53 48.53
CA GLY V 148 56.02 9.53 47.94
C GLY V 148 56.07 9.69 46.41
N LEU V 149 56.97 10.54 45.90
CA LEU V 149 57.09 10.73 44.47
C LEU V 149 57.57 9.44 43.81
N ALA V 150 58.52 8.75 44.40
CA ALA V 150 58.95 7.48 43.84
C ALA V 150 57.79 6.47 43.80
N VAL V 151 56.98 6.44 44.85
CA VAL V 151 55.86 5.50 44.91
C VAL V 151 54.82 5.71 43.81
N ILE V 152 54.43 6.97 43.58
CA ILE V 152 53.41 7.27 42.58
C ILE V 152 53.86 6.87 41.16
N ARG V 153 55.16 6.65 40.94
CA ARG V 153 55.65 6.27 39.64
C ARG V 153 55.03 4.96 39.15
N LYS V 154 54.63 4.09 40.07
CA LYS V 154 54.07 2.82 39.68
C LYS V 154 52.57 2.84 39.43
N GLU V 155 51.90 3.99 39.58
CA GLU V 155 50.47 4.02 39.33
C GLU V 155 50.20 4.41 37.90
N ASP V 156 49.15 3.85 37.32
CA ASP V 156 48.74 4.11 35.96
C ASP V 156 47.81 5.32 35.76
N GLU V 157 46.74 5.39 36.53
CA GLU V 157 45.71 6.41 36.35
C GLU V 157 46.05 7.92 36.49
N PRO V 158 46.90 8.39 37.43
CA PRO V 158 47.21 9.80 37.63
C PRO V 158 47.82 10.50 36.42
N THR V 159 47.46 11.77 36.22
CA THR V 159 48.00 12.61 35.15
C THR V 159 48.61 13.92 35.67
N LEU V 160 48.16 14.39 36.85
CA LEU V 160 48.71 15.65 37.39
C LEU V 160 49.46 15.41 38.71
N LEU V 161 50.58 16.09 38.89
CA LEU V 161 51.32 15.98 40.16
C LEU V 161 51.32 17.24 41.02
N LEU V 162 50.85 17.09 42.27
CA LEU V 162 50.81 18.20 43.24
C LEU V 162 51.44 17.85 44.61
N PHE V 163 52.10 18.84 45.22
CA PHE V 163 52.65 18.72 46.58
C PHE V 163 52.13 19.82 47.51
N PRO V 164 51.03 19.58 48.28
CA PRO V 164 50.37 20.51 49.17
C PRO V 164 51.25 21.25 50.17
N ASP V 165 52.38 20.66 50.65
CA ASP V 165 53.20 21.38 51.61
C ASP V 165 54.63 21.58 51.15
N ALA V 166 54.85 21.77 49.86
CA ALA V 166 56.21 22.02 49.39
C ALA V 166 56.74 23.34 49.95
N THR V 167 55.88 24.33 50.13
CA THR V 167 56.30 25.64 50.59
C THR V 167 56.60 25.69 52.08
N ASN V 168 56.31 24.61 52.81
CA ASN V 168 56.58 24.58 54.25
C ASN V 168 57.90 23.86 54.52
N LEU V 169 58.57 23.50 53.44
CA LEU V 169 59.83 22.80 53.46
C LEU V 169 60.90 23.85 53.87
N PRO V 170 61.88 23.53 54.76
CA PRO V 170 62.92 24.40 55.33
C PRO V 170 63.75 25.30 54.42
N THR V 171 64.06 24.88 53.19
CA THR V 171 64.87 25.75 52.34
C THR V 171 64.30 25.83 50.94
N ASP V 172 64.73 26.84 50.20
CA ASP V 172 64.30 26.99 48.84
C ASP V 172 65.04 25.98 47.99
N ASP V 173 66.25 25.66 48.39
CA ASP V 173 67.01 24.68 47.65
C ASP V 173 66.30 23.32 47.64
N GLU V 174 65.73 22.90 48.78
CA GLU V 174 64.99 21.64 48.81
C GLU V 174 63.72 21.73 47.96
N PHE V 175 63.05 22.88 48.01
CA PHE V 175 61.85 23.13 47.23
C PHE V 175 62.13 22.95 45.74
N TYR V 176 63.17 23.60 45.23
CA TYR V 176 63.49 23.54 43.83
C TYR V 176 63.92 22.13 43.43
N SER V 177 64.67 21.44 44.29
CA SER V 177 65.12 20.09 44.02
C SER V 177 63.93 19.15 43.82
N LEU V 178 62.91 19.27 44.70
CA LEU V 178 61.74 18.42 44.59
C LEU V 178 61.03 18.62 43.25
N TYR V 179 60.89 19.87 42.81
CA TYR V 179 60.24 20.12 41.53
C TYR V 179 61.06 19.66 40.34
N ASN V 180 62.38 19.75 40.41
CA ASN V 180 63.17 19.26 39.29
C ASN V 180 62.95 17.76 39.12
N SER V 181 62.85 17.03 40.25
CA SER V 181 62.58 15.60 40.18
C SER V 181 61.24 15.30 39.54
N ALA V 182 60.20 16.06 39.89
CA ALA V 182 58.88 15.84 39.28
C ALA V 182 58.90 16.06 37.77
N LEU V 183 59.62 17.09 37.29
CA LEU V 183 59.70 17.33 35.86
C LEU V 183 60.45 16.20 35.16
N MET V 184 61.49 15.67 35.80
CA MET V 184 62.22 14.55 35.23
C MET V 184 61.35 13.30 35.16
N GLN V 185 60.51 13.06 36.18
CA GLN V 185 59.61 11.90 36.14
C GLN V 185 58.66 12.02 34.96
N CYS V 186 58.14 13.24 34.73
CA CYS V 186 57.22 13.47 33.62
C CYS V 186 57.88 13.18 32.28
N ASN V 187 59.14 13.56 32.12
CA ASN V 187 59.79 13.26 30.85
C ASN V 187 60.07 11.75 30.73
N ASP V 188 60.45 11.07 31.81
CA ASP V 188 60.67 9.64 31.67
C ASP V 188 59.41 8.87 31.24
N LEU V 189 58.24 9.29 31.75
CA LEU V 189 56.99 8.60 31.44
C LEU V 189 56.27 9.08 30.16
N GLN V 190 56.39 10.37 29.83
CA GLN V 190 55.76 11.03 28.67
C GLN V 190 54.23 11.15 28.70
N ASP V 191 53.59 11.13 29.87
CA ASP V 191 52.15 11.28 29.97
C ASP V 191 51.63 12.08 31.19
N ARG V 192 52.50 12.83 31.88
CA ARG V 192 52.11 13.59 33.06
C ARG V 192 52.48 15.06 32.96
N PHE V 193 51.82 15.88 33.76
CA PHE V 193 52.07 17.31 33.79
C PHE V 193 52.18 17.82 35.24
N THR V 194 53.14 18.71 35.49
CA THR V 194 53.40 19.25 36.83
C THR V 194 52.90 20.68 37.04
N ILE V 195 52.23 20.92 38.17
CA ILE V 195 51.78 22.28 38.50
C ILE V 195 52.70 22.87 39.58
N LEU V 196 53.30 24.04 39.29
CA LEU V 196 54.28 24.63 40.20
C LEU V 196 53.85 25.96 40.83
N ASP V 197 54.30 26.15 42.06
CA ASP V 197 54.10 27.36 42.87
C ASP V 197 55.44 28.07 43.09
N THR V 198 55.39 29.35 43.44
CA THR V 198 56.60 30.02 43.88
C THR V 198 56.80 29.60 45.34
N TYR V 199 57.97 29.86 45.89
CA TYR V 199 58.25 29.52 47.29
C TYR V 199 57.44 30.39 48.25
N SER V 200 57.32 31.67 47.92
CA SER V 200 56.62 32.68 48.70
C SER V 200 56.20 33.84 47.82
N ASP V 201 55.15 34.57 48.18
CA ASP V 201 54.82 35.78 47.41
C ASP V 201 55.50 37.05 47.88
N GLN V 202 56.26 36.95 48.94
CA GLN V 202 56.94 38.08 49.53
C GLN V 202 58.43 37.88 49.41
N THR V 203 59.17 38.98 49.49
CA THR V 203 60.60 38.88 49.43
C THR V 203 60.91 38.00 50.61
N TYR V 204 61.74 36.99 50.39
CA TYR V 204 62.09 36.03 51.43
C TYR V 204 63.59 36.00 51.61
N ASN V 205 64.04 35.81 52.85
CA ASN V 205 65.47 35.81 53.08
C ASN V 205 66.02 34.41 53.14
N ASP V 206 67.02 34.15 52.33
CA ASP V 206 67.64 32.82 52.29
C ASP V 206 68.76 32.66 53.33
N GLY V 207 68.92 33.64 54.21
CA GLY V 207 69.95 33.65 55.25
C GLY V 207 71.19 34.44 54.81
N VAL V 208 71.27 34.77 53.54
CA VAL V 208 72.38 35.52 52.97
C VAL V 208 71.89 36.79 52.28
N GLU V 209 70.89 36.64 51.41
CA GLU V 209 70.36 37.71 50.56
C GLU V 209 68.81 37.71 50.49
N ASP V 210 68.28 38.89 50.16
CA ASP V 210 66.83 39.09 49.97
C ASP V 210 66.42 38.82 48.51
N LEU V 211 65.61 37.80 48.28
CA LEU V 211 65.27 37.41 46.93
C LEU V 211 63.83 37.66 46.48
N ASP V 212 63.70 38.11 45.24
CA ASP V 212 62.41 38.28 44.59
C ASP V 212 61.93 36.90 44.13
N PRO V 213 60.69 36.54 44.49
CA PRO V 213 60.13 35.21 44.22
C PRO V 213 60.03 34.80 42.75
N ILE V 214 59.63 35.65 41.82
CA ILE V 214 59.60 35.20 40.41
C ILE V 214 60.99 34.93 39.81
N PRO V 215 61.97 35.83 40.06
CA PRO V 215 63.36 35.69 39.61
C PRO V 215 64.05 34.47 40.24
N ALA V 216 63.74 34.21 41.50
CA ALA V 216 64.29 33.05 42.19
C ALA V 216 63.85 31.70 41.61
N LEU V 217 62.59 31.57 41.19
CA LEU V 217 62.06 30.34 40.61
C LEU V 217 62.74 30.12 39.29
N ARG V 218 62.92 31.19 38.52
CA ARG V 218 63.55 31.04 37.23
C ARG V 218 64.97 30.48 37.36
N ASN V 219 65.73 30.93 38.38
CA ASN V 219 67.07 30.40 38.61
C ASN V 219 67.04 28.99 39.21
N GLY V 220 66.06 28.73 40.06
CA GLY V 220 65.89 27.44 40.72
C GLY V 220 65.66 26.29 39.73
N ILE V 221 64.71 26.44 38.83
CA ILE V 221 64.43 25.35 37.91
C ILE V 221 65.34 25.45 36.69
N ASN V 222 66.47 24.74 36.78
CA ASN V 222 67.57 24.79 35.83
C ASN V 222 67.65 23.64 34.80
N LEU V 223 66.51 23.14 34.37
CA LEU V 223 66.44 22.07 33.39
C LEU V 223 66.25 22.64 31.98
N THR V 224 66.52 21.80 30.98
CA THR V 224 66.36 22.15 29.57
C THR V 224 64.90 22.01 29.10
N LYS V 225 64.63 22.47 27.87
CA LYS V 225 63.28 22.45 27.28
C LYS V 225 62.59 21.09 27.31
N ASP V 226 63.36 20.01 27.22
CA ASP V 226 62.81 18.66 27.23
C ASP V 226 62.02 18.36 28.50
N TYR V 227 62.30 19.09 29.56
CA TYR V 227 61.65 18.93 30.83
C TYR V 227 60.67 20.05 31.07
N LEU V 228 61.05 21.27 30.68
CA LEU V 228 60.24 22.45 30.96
C LEU V 228 58.88 22.38 30.29
N LYS V 229 58.82 21.72 29.14
CA LYS V 229 57.57 21.55 28.41
C LYS V 229 56.51 20.75 29.21
N TYR V 230 56.90 20.07 30.30
CA TYR V 230 55.98 19.27 31.09
C TYR V 230 55.41 19.96 32.33
N GLY V 231 55.52 21.27 32.42
CA GLY V 231 54.88 21.92 33.55
C GLY V 231 54.66 23.40 33.35
N ALA V 232 53.94 23.98 34.31
CA ALA V 232 53.58 25.39 34.30
C ALA V 232 53.51 25.93 35.72
N ALA V 233 53.71 27.24 35.87
CA ALA V 233 53.66 27.86 37.18
C ALA V 233 52.66 29.00 37.26
N TYR V 234 52.09 29.18 38.45
CA TYR V 234 51.12 30.24 38.71
C TYR V 234 51.53 31.16 39.86
N TYR V 235 51.16 32.43 39.76
CA TYR V 235 51.44 33.46 40.76
C TYR V 235 50.37 34.53 40.81
N PRO V 236 50.02 35.07 41.97
CA PRO V 236 50.34 34.83 43.38
C PRO V 236 49.43 33.81 44.09
N PHE V 237 49.66 33.68 45.40
CA PHE V 237 48.88 32.89 46.36
C PHE V 237 47.53 33.56 46.52
N VAL V 238 46.55 32.82 47.02
CA VAL V 238 45.22 33.41 47.19
C VAL V 238 44.68 33.35 48.60
N GLN V 239 43.85 34.33 48.93
CA GLN V 239 43.21 34.40 50.23
C GLN V 239 41.83 33.76 50.08
N THR V 240 41.58 32.77 50.92
CA THR V 240 40.33 32.02 50.89
C THR V 240 39.38 32.40 52.02
N ILE V 241 38.30 31.64 52.16
CA ILE V 241 37.25 31.95 53.10
C ILE V 241 37.13 30.92 54.21
N LEU V 242 38.13 30.06 54.28
CA LEU V 242 38.18 28.97 55.25
C LEU V 242 38.76 29.48 56.56
N ASN V 243 38.31 28.90 57.67
CA ASN V 243 38.84 29.26 58.99
C ASN V 243 39.97 28.36 59.43
N TYR V 244 40.53 28.65 60.59
CA TYR V 244 41.58 27.82 61.16
C TYR V 244 40.91 26.83 62.08
N GLN V 245 41.49 25.65 62.23
CA GLN V 245 40.95 24.69 63.17
C GLN V 245 41.63 24.87 64.51
N TYR V 246 40.85 24.90 65.58
CA TYR V 246 41.36 25.07 66.93
C TYR V 246 40.39 24.50 67.92
N SER V 247 40.81 24.48 69.18
CA SER V 247 39.95 24.06 70.27
C SER V 247 40.04 25.02 71.44
N ALA V 248 38.88 25.37 71.99
CA ALA V 248 38.81 26.29 73.12
C ALA V 248 39.53 25.74 74.35
N ASP V 249 39.72 24.42 74.39
CA ASP V 249 40.34 23.76 75.52
C ASP V 249 41.85 23.84 75.43
N GLU V 250 42.37 24.42 74.35
CA GLU V 250 43.79 24.54 74.18
C GLU V 250 44.24 26.02 74.19
N ILE V 251 43.30 26.94 74.37
CA ILE V 251 43.66 28.35 74.32
C ILE V 251 43.69 28.95 75.70
N VAL V 252 44.87 29.41 76.09
CA VAL V 252 45.14 29.97 77.41
C VAL V 252 45.17 31.49 77.37
N ILE V 253 44.45 32.11 78.30
CA ILE V 253 44.31 33.55 78.41
C ILE V 253 45.38 34.23 79.24
N GLN V 254 45.98 35.29 78.69
CA GLN V 254 46.91 36.10 79.47
C GLN V 254 46.12 37.28 80.01
N HIS V 255 46.14 37.49 81.33
CA HIS V 255 45.35 38.58 81.90
C HIS V 255 46.14 39.46 82.84
N LEU V 256 46.34 40.70 82.43
CA LEU V 256 47.10 41.64 83.23
C LEU V 256 46.18 42.66 83.83
N SER V 257 46.47 43.11 85.04
CA SER V 257 45.60 44.07 85.70
C SER V 257 46.26 45.03 86.66
N TYR V 258 45.71 46.25 86.70
CA TYR V 258 46.10 47.29 87.65
C TYR V 258 45.89 46.84 89.12
N ASN V 259 45.00 45.86 89.31
CA ASN V 259 44.69 45.32 90.62
C ASN V 259 44.81 43.80 90.55
N PRO V 260 45.99 43.23 90.85
CA PRO V 260 46.29 41.81 90.74
C PRO V 260 45.39 40.99 91.62
N ASN V 261 44.99 39.81 91.16
CA ASN V 261 44.21 38.93 91.99
C ASN V 261 44.15 37.50 91.47
N ALA V 262 45.20 37.05 90.78
CA ALA V 262 45.23 35.68 90.31
C ALA V 262 45.44 34.69 91.44
N ILE V 263 46.35 35.02 92.36
CA ILE V 263 46.68 34.10 93.44
C ILE V 263 45.59 34.15 94.44
N ALA V 264 45.18 35.36 94.80
CA ALA V 264 44.15 35.47 95.81
C ALA V 264 42.91 34.69 95.42
N THR V 265 42.52 34.72 94.16
CA THR V 265 41.34 33.97 93.76
C THR V 265 41.58 32.48 93.90
N ALA V 266 42.72 31.99 93.38
CA ALA V 266 43.00 30.56 93.44
C ALA V 266 43.08 30.07 94.87
N LEU V 267 43.67 30.87 95.73
CA LEU V 267 43.86 30.48 97.10
C LEU V 267 42.52 30.42 97.82
N ASP V 268 41.63 31.39 97.60
CA ASP V 268 40.32 31.35 98.23
C ASP V 268 39.53 30.13 97.77
N ASN V 269 39.64 29.78 96.47
CA ASN V 269 38.92 28.62 95.99
C ASN V 269 39.47 27.36 96.64
N LEU V 270 40.80 27.27 96.79
CA LEU V 270 41.38 26.11 97.44
C LEU V 270 41.01 26.03 98.91
N ASN V 271 40.90 27.16 99.60
CA ASN V 271 40.52 27.05 100.98
C ASN V 271 39.13 26.41 101.08
N ALA V 272 38.22 26.74 100.14
CA ALA V 272 36.90 26.11 100.10
C ALA V 272 37.03 24.60 99.83
N VAL V 273 37.98 24.23 98.97
CA VAL V 273 38.31 22.84 98.61
C VAL V 273 38.77 21.99 99.78
N ASN V 274 39.66 22.52 100.58
CA ASN V 274 40.19 21.73 101.67
C ASN V 274 39.27 21.72 102.88
N GLY V 275 38.17 20.99 102.77
CA GLY V 275 37.18 20.93 103.83
C GLY V 275 36.07 19.88 103.66
N PRO V 276 35.20 19.74 104.68
CA PRO V 276 34.12 18.78 104.75
C PRO V 276 33.02 18.89 103.73
N THR V 277 32.84 20.07 103.17
CA THR V 277 31.79 20.27 102.20
C THR V 277 32.30 19.99 100.80
N PHE V 278 33.58 19.67 100.68
CA PHE V 278 34.14 19.39 99.39
C PHE V 278 34.51 17.90 99.35
N ILE V 279 35.39 17.44 100.26
CA ILE V 279 35.78 16.02 100.26
C ILE V 279 35.65 15.19 101.52
N ASP V 280 35.41 15.76 102.72
CA ASP V 280 35.40 14.79 103.83
C ASP V 280 34.12 14.00 103.73
N ALA V 281 33.01 14.66 103.41
CA ALA V 281 31.77 13.92 103.33
C ALA V 281 31.87 12.78 102.31
N ILE V 282 32.56 13.03 101.21
CA ILE V 282 32.71 12.00 100.18
C ILE V 282 33.50 10.84 100.70
N LEU V 283 34.65 11.13 101.28
CA LEU V 283 35.53 10.10 101.77
C LEU V 283 34.93 9.29 102.91
N ASP V 284 34.18 9.95 103.80
CA ASP V 284 33.57 9.23 104.90
C ASP V 284 32.52 8.26 104.39
N ASP V 285 31.73 8.67 103.41
CA ASP V 285 30.71 7.79 102.85
C ASP V 285 31.29 6.72 101.94
N LEU V 286 32.35 7.06 101.21
CA LEU V 286 32.97 6.12 100.29
C LEU V 286 33.66 4.98 101.03
N ARG V 287 34.37 5.30 102.11
CA ARG V 287 35.08 4.31 102.89
C ARG V 287 34.13 3.52 103.78
N ASN V 321 16.12 -14.67 91.44
CA ASN V 321 17.25 -13.85 91.84
C ASN V 321 17.15 -12.45 91.27
N SER V 322 16.06 -12.18 90.55
CA SER V 322 15.92 -10.86 89.90
C SER V 322 15.88 -9.71 90.91
N VAL V 323 15.36 -9.99 92.10
CA VAL V 323 15.30 -8.99 93.15
C VAL V 323 16.70 -8.74 93.69
N LYS V 324 17.50 -9.80 93.77
CA LYS V 324 18.84 -9.70 94.29
C LYS V 324 19.66 -8.82 93.39
N VAL V 325 19.47 -8.98 92.07
CA VAL V 325 20.19 -8.15 91.11
C VAL V 325 19.78 -6.71 91.27
N ALA V 326 18.47 -6.45 91.40
CA ALA V 326 18.00 -5.08 91.57
C ALA V 326 18.58 -4.42 92.82
N ASN V 327 18.67 -5.17 93.92
CA ASN V 327 19.21 -4.61 95.15
C ASN V 327 20.69 -4.33 95.00
N PHE V 328 21.41 -5.27 94.41
CA PHE V 328 22.83 -5.15 94.17
C PHE V 328 23.11 -3.96 93.30
N ALA V 329 22.40 -3.86 92.18
CA ALA V 329 22.62 -2.80 91.23
C ALA V 329 22.46 -1.43 91.89
N SER V 330 21.47 -1.28 92.78
CA SER V 330 21.29 -0.01 93.50
C SER V 330 22.51 0.32 94.34
N LEU V 331 23.03 -0.67 95.07
CA LEU V 331 24.20 -0.46 95.91
C LEU V 331 25.43 -0.06 95.08
N VAL V 332 25.59 -0.68 93.91
CA VAL V 332 26.73 -0.35 93.06
C VAL V 332 26.63 1.08 92.58
N GLU V 333 25.43 1.48 92.13
CA GLU V 333 25.23 2.84 91.65
C GLU V 333 25.56 3.87 92.70
N SER V 334 25.20 3.60 93.96
CA SER V 334 25.51 4.53 95.04
C SER V 334 27.03 4.77 95.15
N VAL V 335 27.80 3.67 95.12
CA VAL V 335 29.26 3.81 95.18
C VAL V 335 29.80 4.56 93.99
N LEU V 336 29.31 4.20 92.80
CA LEU V 336 29.75 4.79 91.56
C LEU V 336 29.52 6.29 91.54
N SER V 337 28.34 6.73 92.01
CA SER V 337 28.02 8.15 92.07
C SER V 337 29.01 8.87 92.98
N THR V 338 29.30 8.29 94.14
CA THR V 338 30.24 8.87 95.10
C THR V 338 31.64 9.01 94.46
N LEU V 339 32.09 7.96 93.76
CA LEU V 339 33.39 8.02 93.10
C LEU V 339 33.43 9.14 92.07
N ASN V 340 32.35 9.30 91.30
CA ASN V 340 32.34 10.33 90.29
C ASN V 340 32.49 11.73 90.90
N GLU V 341 31.88 11.97 92.07
CA GLU V 341 32.06 13.28 92.70
C GLU V 341 33.51 13.53 93.09
N LEU V 342 34.20 12.49 93.59
CA LEU V 342 35.59 12.63 94.00
C LEU V 342 36.46 12.96 92.77
N ILE V 343 36.14 12.32 91.65
CA ILE V 343 36.88 12.56 90.41
C ILE V 343 36.69 14.00 89.94
N ASP V 344 35.45 14.51 89.96
CA ASP V 344 35.21 15.90 89.56
C ASP V 344 35.98 16.86 90.45
N ALA V 345 36.09 16.53 91.74
CA ALA V 345 36.81 17.38 92.68
C ALA V 345 38.26 17.56 92.23
N LYS V 346 38.89 16.46 91.78
CA LYS V 346 40.27 16.53 91.31
C LYS V 346 40.41 17.52 90.18
N GLU V 347 39.50 17.47 89.22
CA GLU V 347 39.58 18.37 88.07
C GLU V 347 39.48 19.83 88.47
N GLU V 348 38.60 20.15 89.42
CA GLU V 348 38.48 21.55 89.84
C GLU V 348 39.78 22.05 90.48
N ILE V 349 40.43 21.19 91.25
CA ILE V 349 41.68 21.54 91.91
C ILE V 349 42.75 21.86 90.90
N ASN V 350 42.91 21.02 89.88
CA ASN V 350 43.92 21.31 88.88
C ASN V 350 43.67 22.63 88.16
N LYS V 351 42.41 22.94 87.88
CA LYS V 351 42.11 24.19 87.19
C LYS V 351 42.53 25.44 87.95
N ASP V 352 42.35 25.45 89.28
CA ASP V 352 42.77 26.66 90.02
C ASP V 352 44.27 26.68 90.33
N VAL V 353 44.85 25.52 90.64
CA VAL V 353 46.25 25.50 91.00
C VAL V 353 47.08 25.95 89.82
N ASN V 354 46.71 25.53 88.63
CA ASN V 354 47.42 25.93 87.43
C ASN V 354 47.43 27.44 87.21
N SER V 355 46.46 28.20 87.75
CA SER V 355 46.48 29.65 87.53
C SER V 355 47.49 30.24 88.48
N ALA V 356 47.67 29.57 89.64
CA ALA V 356 48.64 30.04 90.61
C ALA V 356 50.05 29.86 90.04
N ILE V 357 50.24 28.73 89.36
CA ILE V 357 51.52 28.42 88.78
C ILE V 357 51.83 29.41 87.68
N ALA V 358 50.87 29.59 86.76
CA ALA V 358 51.01 30.50 85.65
C ALA V 358 51.25 31.94 86.06
N SER V 359 50.61 32.36 87.15
CA SER V 359 50.71 33.74 87.61
C SER V 359 51.96 34.04 88.43
N SER V 360 52.56 33.02 89.03
CA SER V 360 53.76 33.20 89.85
C SER V 360 54.99 33.33 88.96
N GLU V 361 55.06 34.42 88.20
CA GLU V 361 56.15 34.63 87.24
C GLU V 361 57.51 34.74 87.90
N GLU V 362 57.54 35.38 89.06
CA GLU V 362 58.76 35.61 89.82
C GLU V 362 58.96 34.48 90.81
N ASP V 363 60.20 34.28 91.24
CA ASP V 363 60.51 33.27 92.26
C ASP V 363 60.09 31.87 91.82
N ASN V 364 60.76 31.36 90.78
CA ASN V 364 60.46 30.07 90.17
C ASN V 364 60.51 28.91 91.16
N ALA V 365 61.17 29.12 92.30
CA ALA V 365 61.25 28.13 93.36
C ALA V 365 59.84 27.80 93.87
N ILE V 366 58.97 28.80 93.87
CA ILE V 366 57.61 28.62 94.33
C ILE V 366 56.86 27.96 93.23
N LYS V 367 57.05 28.40 91.98
CA LYS V 367 56.32 27.70 90.91
C LYS V 367 56.57 26.20 91.02
N THR V 368 57.83 25.83 91.29
CA THR V 368 58.15 24.43 91.47
C THR V 368 57.42 23.85 92.66
N ALA V 369 57.46 24.51 93.81
CA ALA V 369 56.78 23.95 94.98
C ALA V 369 55.29 23.69 94.74
N ILE V 370 54.64 24.60 94.02
CA ILE V 370 53.22 24.46 93.74
C ILE V 370 53.00 23.28 92.80
N SER V 371 53.79 23.23 91.72
CA SER V 371 53.69 22.18 90.74
C SER V 371 53.91 20.81 91.34
N ASP V 372 54.95 20.66 92.17
CA ASP V 372 55.21 19.37 92.78
C ASP V 372 54.06 18.92 93.67
N ALA V 373 53.49 19.84 94.46
CA ALA V 373 52.38 19.44 95.32
C ALA V 373 51.19 18.93 94.51
N LEU V 374 50.92 19.59 93.37
CA LEU V 374 49.82 19.18 92.53
C LEU V 374 50.09 17.84 91.87
N ASP V 375 51.32 17.67 91.38
CA ASP V 375 51.70 16.46 90.68
C ASP V 375 51.52 15.24 91.58
N VAL V 376 51.89 15.36 92.85
CA VAL V 376 51.71 14.26 93.77
C VAL V 376 50.23 13.99 94.03
N PHE V 377 49.43 15.02 94.25
CA PHE V 377 48.00 14.84 94.51
C PHE V 377 47.35 13.98 93.44
N ASN V 378 47.64 14.30 92.19
CA ASN V 378 47.06 13.61 91.06
C ASN V 378 47.33 12.10 90.98
N GLU V 379 48.37 11.59 91.64
CA GLU V 379 48.73 10.17 91.55
C GLU V 379 47.64 9.22 92.03
N ASP V 380 46.70 9.69 92.84
CA ASP V 380 45.67 8.80 93.34
C ASP V 380 44.57 8.60 92.30
N PHE V 381 44.53 9.47 91.28
CA PHE V 381 43.48 9.42 90.29
C PHE V 381 43.94 8.92 88.94
N GLU V 382 45.22 9.20 88.65
CA GLU V 382 45.89 8.86 87.40
C GLU V 382 46.36 7.42 87.42
N GLY V 383 46.99 6.99 86.31
CA GLY V 383 47.43 5.61 86.09
C GLY V 383 48.25 4.98 87.22
N ALA V 384 48.91 5.81 88.04
CA ALA V 384 49.72 5.28 89.15
C ALA V 384 48.86 4.42 90.09
N ASP V 385 47.60 4.80 90.31
CA ASP V 385 46.65 4.09 91.16
C ASP V 385 45.28 4.60 90.71
N LYS V 386 44.74 4.04 89.67
CA LYS V 386 43.72 4.82 88.99
C LYS V 386 42.26 4.72 89.48
N ILE V 387 41.89 5.65 90.39
CA ILE V 387 40.50 5.73 90.87
C ILE V 387 39.58 5.88 89.68
N GLU V 388 40.01 6.66 88.68
CA GLU V 388 39.17 6.89 87.53
C GLU V 388 38.77 5.61 86.77
N SER V 389 39.63 4.58 86.70
CA SER V 389 39.27 3.39 85.95
C SER V 389 38.40 2.51 86.78
N VAL V 390 38.47 2.62 88.10
CA VAL V 390 37.59 1.81 88.89
C VAL V 390 36.17 2.28 88.63
N ALA V 391 35.97 3.60 88.66
CA ALA V 391 34.65 4.12 88.42
C ALA V 391 34.14 3.72 87.03
N LYS V 392 35.01 3.79 86.02
CA LYS V 392 34.61 3.41 84.67
C LYS V 392 34.18 1.95 84.61
N ASN V 393 35.00 1.07 85.17
CA ASN V 393 34.74 -0.34 85.11
C ASN V 393 33.48 -0.72 85.85
N LEU V 394 33.20 -0.09 86.99
CA LEU V 394 31.98 -0.43 87.71
C LEU V 394 30.77 -0.08 86.87
N SER V 395 30.81 1.03 86.13
CA SER V 395 29.69 1.39 85.27
C SER V 395 29.43 0.31 84.21
N ASP V 396 30.49 -0.16 83.52
CA ASP V 396 30.28 -1.18 82.49
C ASP V 396 29.73 -2.49 83.08
N LEU V 397 30.26 -2.88 84.24
CA LEU V 397 29.84 -4.09 84.91
C LEU V 397 28.39 -4.00 85.34
N LEU V 398 27.98 -2.82 85.80
CA LEU V 398 26.62 -2.59 86.25
C LEU V 398 25.62 -2.78 85.12
N ILE V 399 25.94 -2.28 83.93
CA ILE V 399 25.03 -2.50 82.82
C ILE V 399 24.92 -4.00 82.55
N LYS V 400 26.06 -4.70 82.49
CA LYS V 400 26.03 -6.12 82.21
C LYS V 400 25.23 -6.93 83.22
N ILE V 401 25.33 -6.61 84.52
CA ILE V 401 24.57 -7.43 85.45
C ILE V 401 23.09 -7.17 85.30
N LYS V 402 22.67 -5.92 85.07
CA LYS V 402 21.25 -5.67 84.88
C LYS V 402 20.71 -6.39 83.64
N GLN V 403 21.52 -6.47 82.57
CA GLN V 403 21.09 -7.16 81.37
C GLN V 403 21.26 -8.69 81.43
N ALA V 404 22.03 -9.21 82.40
CA ALA V 404 22.30 -10.65 82.57
C ALA V 404 21.01 -11.46 82.67
N ASP V 405 20.00 -10.86 83.31
CA ASP V 405 18.66 -11.44 83.50
C ASP V 405 17.97 -11.79 82.18
N THR V 406 18.46 -11.25 81.07
CA THR V 406 17.92 -11.51 79.76
C THR V 406 17.88 -13.00 79.49
N ASN V 407 18.95 -13.73 79.87
CA ASN V 407 18.91 -15.13 79.55
C ASN V 407 19.49 -16.17 80.52
N THR V 408 20.17 -15.79 81.62
CA THR V 408 20.64 -16.89 82.52
C THR V 408 21.20 -16.51 83.89
N LYS V 409 20.93 -17.41 84.84
CA LYS V 409 21.42 -17.37 86.22
C LYS V 409 22.92 -17.43 86.28
N VAL V 410 23.52 -17.95 85.22
CA VAL V 410 24.95 -18.07 85.09
C VAL V 410 25.58 -16.70 84.95
N GLU V 411 24.96 -15.84 84.15
CA GLU V 411 25.50 -14.52 83.89
C GLU V 411 25.56 -13.76 85.19
N ASN V 412 24.55 -13.97 86.02
CA ASN V 412 24.46 -13.27 87.32
C ASN V 412 25.50 -13.75 88.35
N VAL V 413 26.30 -14.74 87.97
CA VAL V 413 27.38 -15.25 88.78
C VAL V 413 28.69 -14.83 88.14
N LEU V 414 28.80 -15.06 86.84
CA LEU V 414 30.02 -14.77 86.15
C LEU V 414 30.38 -13.30 86.25
N SER V 415 29.38 -12.40 86.21
CA SER V 415 29.63 -10.95 86.26
C SER V 415 30.40 -10.49 87.52
N ILE V 416 30.36 -11.31 88.57
CA ILE V 416 31.01 -10.99 89.82
C ILE V 416 32.31 -11.74 90.03
N ASN V 417 32.32 -13.05 89.75
CA ASN V 417 33.49 -13.88 90.03
C ASN V 417 34.35 -14.36 88.85
N ALA V 418 33.86 -14.25 87.60
CA ALA V 418 34.63 -14.66 86.43
C ALA V 418 35.11 -13.39 85.79
N LEU V 419 34.23 -12.40 85.94
CA LEU V 419 34.35 -11.03 85.49
C LEU V 419 34.76 -10.24 86.72
N ASN V 420 34.80 -8.93 86.61
CA ASN V 420 35.41 -8.14 87.65
C ASN V 420 34.62 -7.45 88.79
N PHE V 421 33.33 -7.68 89.07
CA PHE V 421 32.87 -6.86 90.23
C PHE V 421 33.67 -7.08 91.51
N SER V 422 34.02 -8.31 91.84
CA SER V 422 34.80 -8.51 93.05
C SER V 422 36.14 -7.78 92.96
N ALA V 423 36.80 -7.97 91.81
CA ALA V 423 38.11 -7.42 91.53
C ALA V 423 38.16 -5.90 91.56
N GLU V 424 37.10 -5.22 91.11
CA GLU V 424 37.11 -3.77 91.10
C GLU V 424 36.84 -3.19 92.47
N PHE V 425 35.92 -3.78 93.25
CA PHE V 425 35.69 -3.18 94.55
C PHE V 425 36.94 -3.33 95.44
N GLU V 426 37.71 -4.36 95.16
CA GLU V 426 38.92 -4.62 95.92
C GLU V 426 39.92 -3.48 95.76
N LYS V 427 39.86 -2.80 94.63
CA LYS V 427 40.85 -1.76 94.36
C LYS V 427 40.58 -0.52 95.20
N LEU V 428 39.42 -0.46 95.85
CA LEU V 428 39.12 0.70 96.67
C LEU V 428 39.53 0.32 98.08
N LEU V 429 39.13 -0.87 98.51
CA LEU V 429 39.49 -1.43 99.82
C LEU V 429 39.88 -2.90 99.62
N THR V 430 41.13 -3.22 99.92
CA THR V 430 41.69 -4.56 99.64
C THR V 430 40.95 -5.75 100.25
N TYR V 431 40.44 -5.62 101.46
CA TYR V 431 39.75 -6.74 102.10
C TYR V 431 38.74 -6.26 103.11
N ASP V 432 37.90 -5.32 102.72
CA ASP V 432 36.94 -4.74 103.67
C ASP V 432 36.07 -5.81 104.31
N VAL V 433 35.75 -6.84 103.51
CA VAL V 433 34.90 -8.00 103.84
C VAL V 433 35.38 -8.78 105.06
N ASN V 434 36.61 -8.55 105.48
CA ASN V 434 37.23 -9.20 106.62
C ASN V 434 36.42 -8.98 107.92
N THR V 435 35.69 -7.87 108.02
CA THR V 435 34.91 -7.59 109.23
C THR V 435 33.68 -6.76 108.92
N GLY V 436 32.71 -6.74 109.85
CA GLY V 436 31.51 -5.93 109.65
C GLY V 436 31.88 -4.47 109.44
N LEU V 437 32.88 -4.00 110.17
CA LEU V 437 33.38 -2.66 109.96
C LEU V 437 34.47 -2.87 108.94
N THR V 438 34.59 -2.02 107.92
CA THR V 438 35.65 -2.33 106.97
C THR V 438 36.95 -2.51 107.70
N ALA V 439 37.64 -3.60 107.38
CA ALA V 439 38.90 -3.95 108.00
C ALA V 439 39.89 -4.51 107.01
N SER V 440 41.09 -4.80 107.50
CA SER V 440 42.14 -5.42 106.68
C SER V 440 42.41 -4.63 105.43
N VAL V 441 42.42 -3.31 105.54
CA VAL V 441 42.69 -2.49 104.39
C VAL V 441 44.18 -2.44 104.13
N THR V 442 44.70 -3.55 103.62
CA THR V 442 46.12 -3.76 103.29
C THR V 442 46.58 -2.71 102.30
N LEU V 443 45.62 -2.23 101.55
CA LEU V 443 45.73 -1.21 100.56
C LEU V 443 44.39 -0.55 100.46
N ASP V 444 44.39 0.74 100.15
CA ASP V 444 43.17 1.47 99.92
C ASP V 444 43.43 2.67 99.04
N LEU V 445 42.47 3.00 98.21
CA LEU V 445 42.56 4.14 97.30
C LEU V 445 42.05 5.44 97.91
N PHE V 446 41.56 5.39 99.14
CA PHE V 446 40.92 6.55 99.72
C PHE V 446 41.70 7.33 100.78
N ALA V 447 41.33 8.60 100.82
CA ALA V 447 41.65 9.64 101.80
C ALA V 447 43.11 10.06 101.96
N ASN V 448 43.97 9.78 100.98
CA ASN V 448 45.35 10.28 101.05
C ASN V 448 45.35 11.75 100.59
N ILE V 449 44.15 12.13 100.15
CA ILE V 449 43.71 13.39 99.66
C ILE V 449 43.88 14.45 100.72
N GLY V 450 43.55 14.13 101.99
CA GLY V 450 43.61 15.16 103.02
C GLY V 450 44.98 15.83 103.10
N THR V 451 46.02 15.02 103.32
CA THR V 451 47.37 15.53 103.42
C THR V 451 47.81 16.24 102.16
N ARG V 452 47.52 15.62 101.01
CA ARG V 452 47.95 16.21 99.78
C ARG V 452 47.29 17.58 99.52
N LEU V 453 46.01 17.76 99.88
CA LEU V 453 45.42 19.09 99.70
C LEU V 453 46.11 20.12 100.57
N ASP V 454 46.48 19.74 101.80
CA ASP V 454 47.18 20.68 102.67
C ASP V 454 48.49 21.12 102.02
N ASP V 455 49.22 20.17 101.40
CA ASP V 455 50.49 20.50 100.74
C ASP V 455 50.29 21.48 99.59
N ILE V 456 49.22 21.31 98.82
CA ILE V 456 48.94 22.21 97.70
C ILE V 456 48.65 23.59 98.20
N ILE V 457 47.79 23.72 99.19
CA ILE V 457 47.45 25.04 99.67
C ILE V 457 48.64 25.74 100.24
N ALA V 458 49.42 25.05 101.05
CA ALA V 458 50.56 25.70 101.61
C ALA V 458 51.48 26.23 100.51
N ALA V 459 51.73 25.42 99.47
CA ALA V 459 52.59 25.89 98.40
C ALA V 459 52.00 27.10 97.68
N VAL V 460 50.69 27.08 97.42
CA VAL V 460 50.05 28.19 96.71
C VAL V 460 50.12 29.46 97.51
N SER V 461 49.89 29.37 98.80
CA SER V 461 49.87 30.55 99.64
C SER V 461 51.20 31.30 99.63
N ALA V 462 52.29 30.61 99.28
CA ALA V 462 53.60 31.20 99.24
C ALA V 462 53.70 32.25 98.17
N ALA V 463 52.82 32.18 97.16
CA ALA V 463 52.81 33.09 96.04
C ALA V 463 52.05 34.38 96.32
N GLU V 464 51.31 34.46 97.43
CA GLU V 464 50.52 35.66 97.62
C GLU V 464 51.35 36.95 97.59
N PRO V 465 52.54 37.06 98.22
CA PRO V 465 53.38 38.25 98.19
C PRO V 465 54.32 38.29 96.98
N ILE V 466 54.17 37.37 96.04
CA ILE V 466 55.05 37.27 94.88
C ILE V 466 54.41 37.86 93.65
N ASP V 467 53.12 37.57 93.45
CA ASP V 467 52.39 38.08 92.27
C ASP V 467 52.50 39.60 92.18
N VAL V 468 52.58 40.07 90.95
CA VAL V 468 52.78 41.48 90.66
C VAL V 468 51.66 42.10 89.84
N ASN V 469 51.35 41.48 88.71
CA ASN V 469 50.38 42.01 87.78
C ASN V 469 49.36 41.04 87.17
N ASN V 470 49.27 39.80 87.65
CA ASN V 470 48.32 38.88 87.04
C ASN V 470 46.91 38.95 87.64
N GLY V 471 45.95 39.10 86.74
CA GLY V 471 44.55 39.18 87.12
C GLY V 471 43.89 37.81 87.26
N LYS V 472 42.63 37.83 87.70
CA LYS V 472 41.79 36.66 87.91
C LYS V 472 41.74 35.59 86.81
N LEU V 473 41.74 35.99 85.53
CA LEU V 473 41.60 35.00 84.46
C LEU V 473 42.92 34.48 83.92
N ASN V 474 44.04 34.95 84.47
CA ASN V 474 45.34 34.59 83.95
C ASN V 474 45.57 33.09 84.05
N GLY V 475 45.96 32.48 82.94
CA GLY V 475 46.27 31.07 82.89
C GLY V 475 45.07 30.16 82.66
N ARG V 476 43.88 30.72 82.54
CA ARG V 476 42.69 29.90 82.33
C ARG V 476 42.44 29.63 80.86
N LEU V 477 41.70 28.58 80.57
CA LEU V 477 41.30 28.20 79.21
C LEU V 477 40.03 28.88 78.74
N LEU V 478 39.89 29.14 77.44
CA LEU V 478 38.62 29.74 76.99
C LEU V 478 37.42 28.93 77.36
N SER V 479 37.52 27.64 77.21
CA SER V 479 36.40 26.75 77.49
C SER V 479 35.93 26.81 78.95
N ASP V 480 36.78 27.28 79.85
CA ASP V 480 36.46 27.37 81.26
C ASP V 480 36.14 28.78 81.76
N ILE V 481 36.09 29.79 80.88
CA ILE V 481 35.82 31.12 81.43
C ILE V 481 34.42 31.58 81.09
N GLU V 482 33.69 30.85 80.25
CA GLU V 482 32.36 31.32 79.93
C GLU V 482 31.49 31.57 81.16
N PRO V 483 31.44 30.69 82.19
CA PRO V 483 30.69 30.92 83.41
C PRO V 483 31.18 32.11 84.24
N LEU V 484 32.43 32.53 84.05
CA LEU V 484 33.01 33.63 84.82
C LEU V 484 32.62 34.97 84.23
N ASP V 485 32.73 35.05 82.90
CA ASP V 485 32.44 36.26 82.13
C ASP V 485 32.11 35.94 80.69
N ASN V 486 30.83 35.88 80.33
CA ASN V 486 30.55 35.46 78.99
C ASN V 486 30.52 36.60 78.00
N ALA V 487 30.83 37.82 78.46
CA ALA V 487 30.85 38.93 77.53
C ALA V 487 32.24 38.92 76.91
N THR V 488 33.23 38.72 77.77
CA THR V 488 34.61 38.66 77.32
C THR V 488 34.75 37.42 76.44
N TYR V 489 34.22 36.29 76.90
CA TYR V 489 34.29 35.04 76.15
C TYR V 489 33.70 35.16 74.75
N ASN V 490 32.47 35.67 74.62
CA ASN V 490 31.89 35.77 73.29
C ASN V 490 32.65 36.73 72.41
N THR V 491 33.17 37.82 72.98
CA THR V 491 33.94 38.79 72.20
C THR V 491 35.19 38.13 71.62
N ILE V 492 35.90 37.36 72.44
CA ILE V 492 37.11 36.70 72.01
C ILE V 492 36.82 35.74 70.87
N LEU V 493 35.76 34.94 70.99
CA LEU V 493 35.48 34.00 69.92
C LEU V 493 35.22 34.70 68.60
N LEU V 494 34.51 35.81 68.61
CA LEU V 494 34.27 36.53 67.37
C LEU V 494 35.58 37.01 66.77
N GLU V 495 36.53 37.48 67.61
CA GLU V 495 37.79 37.95 67.07
C GLU V 495 38.61 36.80 66.48
N ILE V 496 38.61 35.63 67.13
CA ILE V 496 39.39 34.50 66.63
C ILE V 496 38.94 34.08 65.26
N ASN V 497 37.64 34.01 65.08
CA ASN V 497 37.08 33.54 63.82
C ASN V 497 37.18 34.55 62.69
N SER V 498 37.72 35.74 62.94
CA SER V 498 37.87 36.72 61.88
C SER V 498 39.11 36.44 61.03
N HIS V 499 40.00 35.55 61.50
CA HIS V 499 41.24 35.25 60.81
C HIS V 499 41.07 34.14 59.77
N LYS V 500 41.46 34.41 58.53
CA LYS V 500 41.29 33.42 57.45
C LYS V 500 42.60 32.79 56.98
N VAL V 501 42.46 31.64 56.35
CA VAL V 501 43.50 30.81 55.75
C VAL V 501 43.98 31.33 54.38
N THR V 502 45.29 31.29 54.13
CA THR V 502 45.89 31.70 52.85
C THR V 502 46.64 30.50 52.25
N LEU V 503 46.40 30.22 50.95
CA LEU V 503 46.99 29.05 50.29
C LEU V 503 47.68 29.34 48.93
N PRO V 504 48.70 28.55 48.55
CA PRO V 504 49.28 28.52 47.22
C PRO V 504 48.12 28.15 46.28
N PRO V 505 48.10 28.60 45.03
CA PRO V 505 47.02 28.41 44.07
C PRO V 505 46.91 27.03 43.37
N SER V 506 47.83 26.12 43.63
CA SER V 506 47.88 24.89 42.87
C SER V 506 46.73 23.87 43.02
N SER V 507 46.08 23.76 44.19
CA SER V 507 45.00 22.78 44.24
C SER V 507 43.74 23.33 43.60
N SER V 508 43.61 24.66 43.64
CA SER V 508 42.49 25.34 43.02
C SER V 508 42.61 25.19 41.52
N MET V 509 43.84 25.28 40.99
CA MET V 509 44.02 25.11 39.56
C MET V 509 43.71 23.71 39.11
N ALA V 510 44.06 22.67 39.89
CA ALA V 510 43.71 21.32 39.46
C ALA V 510 42.18 21.22 39.31
N GLY V 511 41.45 21.86 40.23
CA GLY V 511 40.00 21.94 40.17
C GLY V 511 39.54 22.64 38.88
N ALA V 512 40.12 23.81 38.61
CA ALA V 512 39.78 24.57 37.41
C ALA V 512 40.03 23.76 36.12
N TYR V 513 41.12 22.98 36.09
CA TYR V 513 41.40 22.16 34.92
C TYR V 513 40.26 21.17 34.71
N ALA V 514 39.79 20.54 35.81
CA ALA V 514 38.71 19.58 35.71
C ALA V 514 37.44 20.19 35.11
N ARG V 515 37.09 21.41 35.52
CA ARG V 515 35.92 22.04 34.94
C ARG V 515 36.04 22.25 33.44
N VAL V 516 37.18 22.72 32.98
CA VAL V 516 37.33 22.94 31.55
C VAL V 516 37.28 21.63 30.77
N ASP V 517 38.00 20.60 31.26
CA ASP V 517 38.04 19.35 30.53
C ASP V 517 36.66 18.77 30.32
N ASN V 518 35.77 18.89 31.32
CA ASN V 518 34.41 18.39 31.14
C ASN V 518 33.47 19.29 30.33
N ASP V 519 33.56 20.61 30.49
CA ASP V 519 32.66 21.50 29.76
C ASP V 519 33.04 21.77 28.30
N ARG V 520 34.33 21.89 28.00
CA ARG V 520 34.75 22.23 26.64
C ARG V 520 35.65 21.19 25.98
N GLY V 521 36.48 20.50 26.77
CA GLY V 521 37.42 19.52 26.24
C GLY V 521 38.86 19.90 26.52
N VAL V 522 39.73 18.89 26.57
CA VAL V 522 41.16 19.06 26.88
C VAL V 522 41.93 19.97 25.91
N TRP V 523 41.37 20.20 24.74
CA TRP V 523 42.03 21.05 23.75
C TRP V 523 41.73 22.55 23.96
N LYS V 524 40.91 22.89 24.96
CA LYS V 524 40.57 24.26 25.30
C LYS V 524 41.54 24.82 26.34
N SER V 525 42.07 26.03 26.12
CA SER V 525 42.99 26.62 27.08
C SER V 525 42.36 26.79 28.46
N PRO V 526 43.04 26.39 29.55
CA PRO V 526 42.60 26.53 30.92
C PRO V 526 42.83 27.94 31.46
N ALA V 527 42.08 28.89 30.94
CA ALA V 527 42.22 30.30 31.31
C ALA V 527 40.89 31.01 31.11
N ASN V 528 40.76 32.21 31.72
CA ASN V 528 39.53 33.00 31.74
C ASN V 528 38.44 32.19 32.44
N ILE V 529 38.87 31.62 33.56
CA ILE V 529 38.10 30.78 34.48
C ILE V 529 38.02 31.46 35.84
N GLY V 530 36.83 31.58 36.41
CA GLY V 530 36.76 32.15 37.75
C GLY V 530 37.02 31.08 38.81
N LEU V 531 37.57 31.48 39.95
CA LEU V 531 37.83 30.54 41.06
C LEU V 531 36.81 30.65 42.20
N ASN V 532 36.46 29.51 42.80
CA ASN V 532 35.53 29.49 43.92
C ASN V 532 36.25 29.57 45.25
N TYR V 533 35.55 30.10 46.26
CA TYR V 533 36.08 30.25 47.62
C TYR V 533 37.32 31.13 47.67
N VAL V 534 37.39 32.14 46.82
CA VAL V 534 38.52 33.04 46.83
C VAL V 534 38.03 34.44 47.06
N SER V 535 38.60 35.10 48.05
CA SER V 535 38.25 36.45 48.39
C SER V 535 39.00 37.36 47.43
N LYS V 536 40.30 37.15 47.37
CA LYS V 536 41.17 37.95 46.52
C LYS V 536 42.57 37.31 46.40
N PRO V 537 43.39 37.68 45.40
CA PRO V 537 44.81 37.40 45.30
C PRO V 537 45.56 38.03 46.47
N SER V 538 46.67 37.41 46.90
CA SER V 538 47.46 37.96 48.01
C SER V 538 48.08 39.32 47.70
N VAL V 539 48.50 39.50 46.44
CA VAL V 539 49.09 40.75 45.98
C VAL V 539 48.41 41.16 44.69
N THR V 540 48.55 42.42 44.33
CA THR V 540 48.00 42.92 43.07
C THR V 540 49.04 42.96 41.97
N VAL V 541 48.68 42.44 40.81
CA VAL V 541 49.52 42.45 39.63
C VAL V 541 48.83 43.29 38.57
N SER V 542 49.46 44.35 38.11
CA SER V 542 48.86 45.20 37.08
C SER V 542 49.21 44.68 35.71
N HIS V 543 48.57 45.23 34.68
CA HIS V 543 48.85 44.80 33.33
C HIS V 543 50.24 45.17 32.83
N GLU V 544 50.89 46.14 33.47
CA GLU V 544 52.24 46.55 33.09
C GLU V 544 53.29 45.70 33.78
N GLU V 545 52.87 44.83 34.68
CA GLU V 545 53.77 43.97 35.40
C GLU V 545 53.72 42.59 34.78
N GLN V 546 52.50 42.19 34.39
CA GLN V 546 52.28 40.90 33.79
C GLN V 546 53.09 40.72 32.50
N GLU V 547 53.44 41.80 31.83
CA GLU V 547 54.17 41.68 30.59
C GLU V 547 55.45 40.85 30.73
N SER V 548 56.17 40.98 31.86
CA SER V 548 57.43 40.24 32.03
C SER V 548 57.20 38.83 32.60
N MET V 549 55.95 38.52 32.90
CA MET V 549 55.60 37.21 33.41
C MET V 549 55.24 36.36 32.22
N ASN V 550 54.58 36.98 31.24
CA ASN V 550 54.12 36.27 30.07
C ASN V 550 55.24 36.06 29.05
N VAL V 551 55.98 37.12 28.73
CA VAL V 551 57.03 37.03 27.72
C VAL V 551 58.37 37.34 28.35
N HIS V 552 59.32 36.44 28.17
CA HIS V 552 60.62 36.60 28.78
C HIS V 552 61.70 35.90 27.97
N GLY V 553 62.90 36.46 27.96
CA GLY V 553 64.03 35.89 27.22
C GLY V 553 64.33 34.43 27.50
N THR V 554 64.05 33.94 28.71
CA THR V 554 64.32 32.55 29.04
C THR V 554 63.22 31.56 28.64
N GLY V 555 62.03 32.06 28.30
CA GLY V 555 60.89 31.23 27.98
C GLY V 555 60.14 30.75 29.23
N LYS V 556 60.65 31.09 30.40
CA LYS V 556 60.05 30.65 31.64
C LYS V 556 58.90 31.54 32.07
N SER V 557 57.81 31.40 31.35
CA SER V 557 56.57 32.14 31.56
C SER V 557 55.94 31.76 32.88
N VAL V 558 55.24 32.70 33.49
CA VAL V 558 54.46 32.50 34.71
C VAL V 558 53.04 33.01 34.45
N ASN V 559 52.03 32.21 34.76
CA ASN V 559 50.65 32.62 34.52
C ASN V 559 50.17 33.46 35.70
N ALA V 560 49.21 34.38 35.50
CA ALA V 560 48.82 35.23 36.62
C ALA V 560 47.40 35.03 37.10
N ILE V 561 47.22 35.22 38.39
CA ILE V 561 45.88 35.25 38.95
C ILE V 561 45.52 36.72 39.18
N ARG V 562 44.44 37.19 38.54
CA ARG V 562 44.07 38.60 38.59
C ARG V 562 42.59 38.87 38.87
N SER V 563 42.32 40.01 39.51
CA SER V 563 40.96 40.45 39.81
C SER V 563 40.41 41.40 38.76
N PHE V 564 39.21 41.10 38.27
CA PHE V 564 38.56 41.94 37.27
C PHE V 564 37.25 42.50 37.79
N VAL V 565 36.95 43.74 37.41
CA VAL V 565 35.75 44.38 37.92
C VAL V 565 34.50 43.74 37.37
N GLY V 566 33.62 43.34 38.28
CA GLY V 566 32.37 42.71 37.95
C GLY V 566 32.51 41.21 37.66
N LYS V 567 33.72 40.67 37.73
CA LYS V 567 33.93 39.27 37.41
C LYS V 567 34.53 38.46 38.56
N GLY V 568 35.38 39.08 39.37
CA GLY V 568 36.04 38.36 40.44
C GLY V 568 37.40 37.88 40.01
N THR V 569 37.90 36.86 40.70
CA THR V 569 39.27 36.41 40.45
C THR V 569 39.32 35.41 39.32
N LEU V 570 40.10 35.73 38.28
CA LEU V 570 40.24 34.90 37.09
C LEU V 570 41.66 34.42 36.85
N VAL V 571 41.78 33.28 36.20
CA VAL V 571 43.07 32.77 35.75
C VAL V 571 43.42 33.45 34.42
N TRP V 572 44.52 34.20 34.37
CA TRP V 572 44.83 34.94 33.16
C TRP V 572 46.16 34.46 32.52
N GLY V 573 46.05 33.75 31.40
CA GLY V 573 47.22 33.18 30.73
C GLY V 573 47.28 31.66 30.86
N ALA V 574 47.80 31.00 29.82
CA ALA V 574 47.88 29.53 29.82
C ALA V 574 49.11 29.00 29.09
N ARG V 575 50.29 29.48 29.45
CA ARG V 575 51.51 29.00 28.80
C ARG V 575 52.30 28.06 29.72
N THR V 576 53.21 27.31 29.11
CA THR V 576 54.11 26.37 29.80
C THR V 576 55.44 27.02 30.09
N LEU V 577 56.33 26.28 30.76
CA LEU V 577 57.68 26.79 31.07
C LEU V 577 58.64 26.80 29.87
N ALA V 578 58.15 26.49 28.68
CA ALA V 578 58.92 26.54 27.44
C ALA V 578 58.17 27.46 26.46
N GLY V 579 57.89 28.67 26.94
CA GLY V 579 57.07 29.71 26.32
C GLY V 579 57.51 30.26 24.98
N ASN V 580 58.76 30.06 24.60
CA ASN V 580 59.23 30.54 23.32
C ASN V 580 59.24 29.44 22.29
N ASP V 581 58.70 28.29 22.65
CA ASP V 581 58.66 27.15 21.76
C ASP V 581 57.49 27.21 20.80
N ASN V 582 57.78 27.35 19.52
CA ASN V 582 56.72 27.45 18.56
C ASN V 582 55.80 26.22 18.60
N GLU V 583 56.34 25.05 18.95
CA GLU V 583 55.50 23.88 18.99
C GLU V 583 54.79 23.65 20.34
N TRP V 584 55.54 23.65 21.47
CA TRP V 584 54.96 23.34 22.77
C TRP V 584 54.62 24.47 23.77
N ARG V 585 54.65 25.75 23.41
CA ARG V 585 54.36 26.81 24.38
C ARG V 585 52.98 26.80 25.07
N TYR V 586 51.94 26.17 24.48
CA TYR V 586 50.62 26.19 25.12
C TYR V 586 50.32 24.95 25.94
N ILE V 587 49.64 25.17 27.06
CA ILE V 587 49.28 24.07 27.94
C ILE V 587 48.32 23.10 27.25
N SER V 588 47.30 23.62 26.56
CA SER V 588 46.30 22.78 25.90
C SER V 588 46.86 21.90 24.80
N VAL V 589 47.95 22.32 24.17
CA VAL V 589 48.53 21.51 23.13
C VAL V 589 49.25 20.34 23.78
N ARG V 590 50.08 20.64 24.80
CA ARG V 590 50.78 19.56 25.48
C ARG V 590 49.80 18.54 26.09
N ARG V 591 48.77 19.01 26.77
CA ARG V 591 47.82 18.09 27.39
C ARG V 591 47.03 17.26 26.38
N PHE V 592 46.63 17.85 25.24
CA PHE V 592 45.94 17.11 24.18
C PHE V 592 46.80 15.96 23.70
N PHE V 593 48.08 16.24 23.41
CA PHE V 593 48.98 15.19 22.98
C PHE V 593 49.16 14.09 24.02
N ASN V 594 49.26 14.44 25.31
CA ASN V 594 49.43 13.40 26.33
C ASN V 594 48.22 12.45 26.33
N MET V 595 47.02 13.03 26.18
CA MET V 595 45.79 12.26 26.13
C MET V 595 45.78 11.32 24.93
N ALA V 596 46.11 11.85 23.76
CA ALA V 596 46.12 11.02 22.56
C ALA V 596 47.09 9.87 22.69
N GLU V 597 48.27 10.12 23.29
CA GLU V 597 49.25 9.06 23.44
C GLU V 597 48.76 7.97 24.35
N GLU V 598 48.08 8.29 25.46
CA GLU V 598 47.62 7.21 26.31
C GLU V 598 46.75 6.23 25.52
N SER V 599 45.80 6.75 24.73
CA SER V 599 44.90 5.87 23.98
C SER V 599 45.62 5.07 22.89
N ILE V 600 46.52 5.71 22.17
CA ILE V 600 47.23 5.02 21.10
C ILE V 600 48.12 3.94 21.68
N LYS V 601 48.84 4.26 22.75
CA LYS V 601 49.67 3.26 23.37
C LYS V 601 48.86 2.00 23.70
N LYS V 602 47.71 2.15 24.35
CA LYS V 602 46.91 0.97 24.68
C LYS V 602 46.56 0.15 23.43
N ALA V 603 46.27 0.84 22.32
CA ALA V 603 45.97 0.18 21.06
C ALA V 603 47.14 -0.66 20.53
N THR V 604 48.40 -0.24 20.74
CA THR V 604 49.48 -1.02 20.14
C THR V 604 50.05 -2.08 21.08
N GLU V 605 49.85 -1.92 22.40
CA GLU V 605 50.33 -2.90 23.39
C GLU V 605 49.64 -4.26 23.26
N GLN V 606 48.50 -4.30 22.61
CA GLN V 606 47.77 -5.53 22.41
C GLN V 606 48.54 -6.52 21.52
N PHE V 607 49.55 -6.04 20.81
CA PHE V 607 50.30 -6.86 19.88
C PHE V 607 51.72 -7.21 20.34
N VAL V 608 52.01 -7.17 21.65
CA VAL V 608 53.39 -7.45 22.11
C VAL V 608 54.03 -8.75 21.63
N PHE V 609 53.36 -9.86 21.69
CA PHE V 609 53.97 -11.06 21.18
C PHE V 609 53.24 -11.60 19.94
N GLU V 610 52.60 -10.75 19.14
CA GLU V 610 51.90 -11.17 17.94
C GLU V 610 52.86 -11.23 16.75
N PRO V 611 52.56 -11.98 15.68
CA PRO V 611 53.33 -12.03 14.46
C PRO V 611 53.52 -10.66 13.83
N ASN V 612 54.69 -10.41 13.27
CA ASN V 612 54.95 -9.12 12.65
C ASN V 612 54.76 -9.31 11.15
N ASP V 613 53.55 -9.04 10.68
CA ASP V 613 53.14 -9.29 9.30
C ASP V 613 51.97 -8.39 8.93
N GLY V 614 51.53 -8.50 7.68
CA GLY V 614 50.45 -7.68 7.12
C GLY V 614 49.14 -7.72 7.88
N ASN V 615 48.79 -8.84 8.47
CA ASN V 615 47.54 -8.90 9.19
C ASN V 615 47.54 -7.99 10.43
N THR V 616 48.70 -7.86 11.06
CA THR V 616 48.86 -7.06 12.25
C THR V 616 48.87 -5.62 11.85
N TRP V 617 49.64 -5.30 10.82
CA TRP V 617 49.78 -3.92 10.41
C TRP V 617 48.42 -3.32 10.07
N VAL V 618 47.57 -4.09 9.38
CA VAL V 618 46.24 -3.60 9.05
C VAL V 618 45.40 -3.35 10.29
N ARG V 619 45.38 -4.30 11.24
CA ARG V 619 44.59 -4.08 12.45
C ARG V 619 45.07 -2.89 13.27
N VAL V 620 46.38 -2.70 13.37
CA VAL V 620 46.92 -1.60 14.16
C VAL V 620 46.49 -0.28 13.56
N ARG V 621 46.63 -0.15 12.25
CA ARG V 621 46.25 1.08 11.60
C ARG V 621 44.77 1.37 11.78
N ALA V 622 43.91 0.38 11.59
CA ALA V 622 42.47 0.60 11.72
C ALA V 622 42.08 1.08 13.11
N MET V 623 42.68 0.52 14.15
CA MET V 623 42.36 0.92 15.51
C MET V 623 42.70 2.39 15.77
N ILE V 624 43.89 2.79 15.31
CA ILE V 624 44.34 4.15 15.53
C ILE V 624 43.48 5.14 14.76
N GLU V 625 43.20 4.87 13.48
CA GLU V 625 42.39 5.80 12.72
C GLU V 625 41.00 5.95 13.31
N ASN V 626 40.36 4.87 13.79
CA ASN V 626 39.02 5.07 14.33
C ASN V 626 39.05 6.03 15.52
N PHE V 627 40.06 5.92 16.38
CA PHE V 627 40.20 6.84 17.49
C PHE V 627 40.29 8.28 17.02
N LEU V 628 41.18 8.53 16.07
CA LEU V 628 41.40 9.88 15.59
C LEU V 628 40.18 10.46 14.87
N ILE V 629 39.40 9.63 14.17
CA ILE V 629 38.21 10.11 13.49
C ILE V 629 37.23 10.64 14.52
N LEU V 630 37.03 9.90 15.62
CA LEU V 630 36.12 10.36 16.65
C LEU V 630 36.58 11.68 17.28
N GLN V 631 37.90 11.86 17.48
CA GLN V 631 38.38 13.10 18.05
C GLN V 631 38.11 14.26 17.08
N TRP V 632 38.28 13.99 15.78
CA TRP V 632 37.96 14.98 14.75
C TRP V 632 36.48 15.33 14.77
N ARG V 633 35.62 14.33 14.82
CA ARG V 633 34.18 14.56 14.83
C ARG V 633 33.75 15.46 15.97
N ALA V 634 34.41 15.33 17.13
CA ALA V 634 34.12 16.11 18.32
C ALA V 634 34.71 17.53 18.29
N GLY V 635 35.47 17.87 17.26
CA GLY V 635 36.08 19.19 17.11
C GLY V 635 37.50 19.36 17.66
N ALA V 636 38.17 18.29 18.08
CA ALA V 636 39.53 18.42 18.60
C ALA V 636 40.54 18.84 17.56
N LEU V 637 40.38 18.33 16.34
CA LEU V 637 41.30 18.52 15.23
C LEU V 637 40.76 19.41 14.15
N ALA V 638 41.66 20.09 13.47
CA ALA V 638 41.35 20.96 12.34
C ALA V 638 41.19 20.15 11.07
N GLY V 639 40.53 20.72 10.05
CA GLY V 639 40.39 20.06 8.74
C GLY V 639 38.95 19.75 8.33
N ALA V 640 38.64 19.99 7.05
CA ALA V 640 37.31 19.77 6.46
C ALA V 640 36.83 18.32 6.51
N LYS V 641 37.77 17.40 6.34
CA LYS V 641 37.53 15.96 6.33
C LYS V 641 38.69 15.33 7.07
N PRO V 642 38.59 14.11 7.64
CA PRO V 642 39.66 13.42 8.35
C PRO V 642 40.99 13.43 7.57
N GLU V 643 40.92 13.34 6.24
CA GLU V 643 42.08 13.37 5.36
C GLU V 643 43.00 14.59 5.52
N HIS V 644 42.46 15.66 6.10
CA HIS V 644 43.17 16.91 6.31
C HIS V 644 43.52 17.13 7.77
N ALA V 645 43.09 16.23 8.63
CA ALA V 645 43.26 16.36 10.06
C ALA V 645 44.42 15.51 10.57
N PHE V 646 44.58 14.32 9.99
CA PHE V 646 45.62 13.42 10.48
C PHE V 646 46.05 12.37 9.48
N TYR V 647 47.16 11.71 9.78
CA TYR V 647 47.55 10.54 9.01
C TYR V 647 48.21 9.51 9.92
N VAL V 648 48.14 8.23 9.49
CA VAL V 648 48.78 7.11 10.18
C VAL V 648 49.50 6.22 9.17
N LYS V 649 50.76 5.86 9.43
CA LYS V 649 51.50 4.94 8.54
C LYS V 649 52.15 3.79 9.30
N VAL V 650 51.86 2.55 8.88
CA VAL V 650 52.48 1.38 9.51
C VAL V 650 52.83 0.34 8.43
N GLY V 651 54.04 -0.20 8.40
CA GLY V 651 54.25 -1.30 7.47
C GLY V 651 55.55 -1.33 6.69
N LEU V 652 55.89 -2.51 6.20
CA LEU V 652 57.07 -2.70 5.41
C LEU V 652 56.97 -1.83 4.18
N GLY V 653 58.01 -1.05 3.93
CA GLY V 653 58.04 -0.16 2.78
C GLY V 653 57.53 1.24 3.10
N GLN V 654 56.92 1.41 4.27
CA GLN V 654 56.39 2.72 4.66
C GLN V 654 57.15 3.22 5.87
N THR V 655 57.20 2.38 6.91
CA THR V 655 57.89 2.70 8.14
C THR V 655 58.95 1.67 8.52
N MET V 656 58.92 0.50 7.88
CA MET V 656 59.84 -0.59 8.19
C MET V 656 60.63 -1.13 7.01
N THR V 657 61.77 -1.70 7.34
CA THR V 657 62.60 -2.41 6.37
C THR V 657 62.90 -3.85 6.79
N ALA V 658 63.71 -4.55 5.99
CA ALA V 658 64.02 -5.95 6.24
C ALA V 658 64.70 -6.16 7.59
N GLN V 659 65.50 -5.18 7.98
CA GLN V 659 66.22 -5.17 9.24
C GLN V 659 65.26 -5.12 10.42
N ASP V 660 64.09 -4.51 10.26
CA ASP V 660 63.16 -4.39 11.37
C ASP V 660 62.42 -5.68 11.50
N ILE V 661 62.19 -6.33 10.37
CA ILE V 661 61.48 -7.59 10.42
C ILE V 661 62.37 -8.58 11.17
N LEU V 662 63.66 -8.56 10.86
CA LEU V 662 64.66 -9.40 11.50
C LEU V 662 64.79 -9.13 13.01
N GLU V 663 64.92 -7.86 13.40
CA GLU V 663 65.04 -7.50 14.81
C GLU V 663 63.76 -7.73 15.62
N GLY V 664 62.60 -7.55 14.99
CA GLY V 664 61.33 -7.70 15.68
C GLY V 664 60.71 -6.36 16.06
N ASN V 665 60.99 -5.32 15.27
CA ASN V 665 60.46 -4.00 15.55
C ASN V 665 59.17 -3.70 14.80
N MET V 666 58.35 -2.81 15.35
CA MET V 666 57.18 -2.30 14.63
C MET V 666 57.20 -0.79 14.75
N ASN V 667 57.20 -0.10 13.62
CA ASN V 667 57.30 1.34 13.58
C ASN V 667 55.99 2.04 13.18
N VAL V 668 55.48 2.92 14.03
CA VAL V 668 54.23 3.61 13.72
C VAL V 668 54.43 5.12 13.63
N GLU V 669 54.05 5.73 12.49
CA GLU V 669 54.17 7.17 12.29
C GLU V 669 52.81 7.88 12.28
N ILE V 670 52.64 8.92 13.11
CA ILE V 670 51.37 9.66 13.20
C ILE V 670 51.52 11.18 13.15
N GLY V 671 50.65 11.86 12.40
CA GLY V 671 50.64 13.34 12.35
C GLY V 671 49.25 13.87 12.74
N LEU V 672 49.19 15.09 13.33
CA LEU V 672 47.92 15.71 13.77
C LEU V 672 47.82 17.24 13.55
N ALA V 673 46.68 17.71 13.04
CA ALA V 673 46.41 19.15 12.87
C ALA V 673 45.72 19.74 14.12
N VAL V 674 46.47 20.44 14.95
CA VAL V 674 45.97 20.96 16.22
C VAL V 674 45.76 22.48 16.24
N VAL V 675 44.57 22.86 16.69
CA VAL V 675 44.03 24.23 16.80
C VAL V 675 44.75 25.13 17.81
N ARG V 676 45.05 26.38 17.42
CA ARG V 676 45.75 27.33 18.29
C ARG V 676 44.83 28.52 18.69
N PRO V 677 44.92 29.04 19.93
CA PRO V 677 44.16 30.15 20.50
C PRO V 677 44.54 31.56 20.07
N ALA V 678 43.60 32.49 20.17
CA ALA V 678 43.93 33.91 20.03
C ALA V 678 44.33 34.47 21.40
N GLU V 679 45.34 35.33 21.43
CA GLU V 679 45.74 35.98 22.69
C GLU V 679 45.52 37.49 22.72
N PHE V 680 45.58 38.14 21.57
CA PHE V 680 45.55 39.59 21.58
C PHE V 680 44.51 40.15 20.66
N ILE V 681 43.61 40.94 21.20
CA ILE V 681 42.56 41.56 20.41
C ILE V 681 42.79 43.04 20.39
N ILE V 682 42.94 43.59 19.21
CA ILE V 682 43.22 45.00 19.04
C ILE V 682 42.06 45.75 18.43
N LEU V 683 41.59 46.77 19.12
CA LEU V 683 40.47 47.56 18.65
C LEU V 683 40.92 48.92 18.18
N LYS V 684 40.65 49.21 16.92
CA LYS V 684 41.05 50.48 16.32
C LYS V 684 39.85 51.37 16.14
N PHE V 685 39.95 52.60 16.61
CA PHE V 685 38.85 53.55 16.53
C PHE V 685 39.19 54.75 15.68
N SER V 686 38.17 55.31 15.04
CA SER V 686 38.31 56.49 14.21
C SER V 686 36.98 57.20 14.06
N HIS V 687 37.01 58.42 13.56
CA HIS V 687 35.79 59.15 13.28
C HIS V 687 35.25 58.71 11.94
N LYS V 688 33.93 58.65 11.81
CA LYS V 688 33.35 58.29 10.54
C LYS V 688 33.32 59.49 9.64
N MET V 689 33.78 59.31 8.40
CA MET V 689 33.78 60.40 7.45
C MET V 689 32.48 60.41 6.69
N GLN V 690 31.94 61.60 6.46
CA GLN V 690 30.68 61.78 5.76
C GLN V 690 30.30 63.26 5.66
N THR W 3 -38.74 -19.31 59.56
CA THR W 3 -38.53 -19.02 58.15
C THR W 3 -39.58 -18.06 57.63
N TYR W 4 -39.71 -17.99 56.31
CA TYR W 4 -40.65 -17.10 55.69
C TYR W 4 -41.50 -17.91 54.73
N LYS W 5 -42.78 -17.59 54.62
CA LYS W 5 -43.65 -18.34 53.70
C LYS W 5 -44.22 -17.52 52.56
N THR W 6 -44.71 -16.33 52.84
CA THR W 6 -45.29 -15.49 51.82
C THR W 6 -44.14 -14.80 51.04
N PRO W 7 -44.12 -14.81 49.69
CA PRO W 7 -43.15 -14.10 48.88
C PRO W 7 -43.24 -12.62 49.20
N GLY W 8 -42.12 -11.91 49.21
CA GLY W 8 -42.20 -10.48 49.50
C GLY W 8 -41.03 -9.96 50.29
N VAL W 9 -41.18 -8.74 50.77
CA VAL W 9 -40.15 -8.03 51.51
C VAL W 9 -40.48 -7.97 52.99
N TYR W 10 -39.54 -8.41 53.81
CA TYR W 10 -39.71 -8.42 55.25
C TYR W 10 -38.83 -7.36 55.89
N ILE W 11 -39.30 -6.78 56.99
CA ILE W 11 -38.55 -5.76 57.73
C ILE W 11 -38.28 -6.16 59.16
N GLU W 12 -37.01 -6.07 59.55
CA GLU W 12 -36.58 -6.41 60.90
C GLU W 12 -35.67 -5.31 61.44
N GLU W 13 -35.66 -5.11 62.77
CA GLU W 13 -34.82 -4.08 63.38
C GLU W 13 -33.81 -4.66 64.36
N ILE W 14 -32.53 -4.51 64.04
CA ILE W 14 -31.43 -5.06 64.81
C ILE W 14 -30.32 -4.05 65.09
N THR W 15 -29.43 -4.39 66.03
CA THR W 15 -28.23 -3.59 66.29
C THR W 15 -26.96 -4.44 66.17
N LYS W 16 -25.99 -3.99 65.37
CA LYS W 16 -24.72 -4.73 65.21
C LYS W 16 -23.69 -3.89 64.48
N PHE W 17 -22.44 -4.35 64.46
CA PHE W 17 -21.41 -3.71 63.65
C PHE W 17 -21.60 -4.13 62.19
N PRO W 18 -21.36 -3.26 61.20
CA PRO W 18 -21.36 -3.58 59.79
C PRO W 18 -20.29 -4.64 59.52
N PRO W 19 -20.49 -5.54 58.54
CA PRO W 19 -19.54 -6.55 58.11
C PRO W 19 -18.41 -5.94 57.31
N SER W 20 -17.26 -6.62 57.29
CA SER W 20 -16.12 -6.25 56.47
C SER W 20 -16.22 -6.76 55.04
N VAL W 21 -15.35 -6.23 54.18
CA VAL W 21 -15.23 -6.65 52.79
C VAL W 21 -14.32 -7.85 52.69
N ALA W 22 -14.75 -8.89 51.98
CA ALA W 22 -13.96 -10.10 51.82
C ALA W 22 -12.63 -9.82 51.15
N GLN W 23 -11.58 -10.49 51.62
CA GLN W 23 -10.25 -10.31 51.06
C GLN W 23 -9.75 -11.51 50.27
N VAL W 24 -8.76 -11.24 49.45
CA VAL W 24 -8.03 -12.18 48.60
C VAL W 24 -6.95 -12.93 49.37
N GLU W 25 -6.78 -14.23 49.08
CA GLU W 25 -5.76 -15.04 49.74
C GLU W 25 -4.38 -14.41 49.73
N THR W 26 -3.77 -14.49 50.88
CA THR W 26 -2.45 -14.01 51.24
C THR W 26 -1.92 -14.92 52.30
N ALA W 27 -0.96 -14.48 53.08
CA ALA W 27 -0.44 -15.38 54.12
C ALA W 27 -1.60 -15.92 54.93
N ILE W 28 -1.60 -17.23 55.17
CA ILE W 28 -2.67 -17.88 55.91
C ILE W 28 -2.31 -18.24 57.36
N PRO W 29 -2.97 -17.66 58.36
CA PRO W 29 -2.78 -17.97 59.74
C PRO W 29 -3.57 -19.20 60.14
N ALA W 30 -3.11 -19.89 61.17
CA ALA W 30 -3.92 -20.86 61.84
C ALA W 30 -4.20 -20.40 63.26
N PHE W 31 -5.43 -20.62 63.72
CA PHE W 31 -5.83 -20.25 65.07
C PHE W 31 -6.21 -21.48 65.88
N ILE W 32 -5.47 -21.74 66.96
CA ILE W 32 -5.74 -22.92 67.79
C ILE W 32 -6.38 -22.58 69.14
N GLY W 33 -7.61 -23.08 69.39
CA GLY W 33 -8.31 -22.77 70.65
C GLY W 33 -9.72 -23.38 70.82
N TYR W 34 -10.48 -22.87 71.81
CA TYR W 34 -11.82 -23.40 72.17
C TYR W 34 -13.00 -22.67 71.48
N THR W 35 -14.02 -23.47 71.12
CA THR W 35 -15.24 -23.01 70.45
C THR W 35 -16.53 -23.48 71.16
N GLN W 36 -17.68 -23.19 70.56
CA GLN W 36 -18.97 -23.55 71.17
C GLN W 36 -19.71 -24.76 70.58
N PHE W 37 -19.48 -25.06 69.30
CA PHE W 37 -20.14 -26.18 68.64
C PHE W 37 -19.22 -27.23 68.05
N ALA W 38 -18.28 -26.78 67.23
CA ALA W 38 -17.40 -27.62 66.45
C ALA W 38 -18.14 -28.66 65.59
N ARG W 39 -19.07 -28.24 64.73
CA ARG W 39 -19.79 -29.25 63.95
C ARG W 39 -19.78 -29.02 62.44
N THR W 40 -19.93 -30.11 61.68
CA THR W 40 -19.89 -30.11 60.23
C THR W 40 -21.21 -29.83 59.55
N LYS W 41 -22.29 -30.08 60.26
CA LYS W 41 -23.61 -29.86 59.74
C LYS W 41 -24.37 -29.04 60.79
N PRO W 42 -24.64 -27.76 60.54
CA PRO W 42 -25.29 -26.85 61.47
C PRO W 42 -26.59 -27.35 62.08
N SER W 43 -27.37 -28.14 61.33
CA SER W 43 -28.65 -28.66 61.80
C SER W 43 -28.63 -29.86 62.75
N VAL W 44 -27.46 -30.35 63.12
CA VAL W 44 -27.39 -31.49 64.05
C VAL W 44 -26.53 -31.09 65.23
N ASP W 45 -26.49 -31.88 66.29
CA ASP W 45 -25.69 -31.53 67.45
C ASP W 45 -24.35 -32.26 67.65
N SER W 46 -23.82 -32.92 66.63
CA SER W 46 -22.54 -33.66 66.77
C SER W 46 -21.32 -32.77 66.62
N ASP W 47 -20.41 -32.79 67.59
CA ASP W 47 -19.18 -31.99 67.54
C ASP W 47 -18.05 -32.70 66.77
N ASP W 48 -18.30 -32.89 65.48
CA ASP W 48 -17.43 -33.67 64.61
C ASP W 48 -16.16 -32.95 64.11
N LEU W 49 -16.03 -31.66 64.41
CA LEU W 49 -14.84 -30.93 64.00
C LEU W 49 -13.75 -30.87 65.08
N ILE W 50 -13.93 -31.54 66.20
CA ILE W 50 -12.85 -31.42 67.18
C ILE W 50 -11.57 -32.04 66.62
N LEU W 51 -10.51 -31.22 66.62
CA LEU W 51 -9.19 -31.50 66.08
C LEU W 51 -9.15 -31.86 64.59
N LYS W 52 -10.06 -31.25 63.82
CA LYS W 52 -10.12 -31.41 62.37
C LYS W 52 -9.99 -30.02 61.73
N PRO W 53 -8.81 -29.57 61.33
CA PRO W 53 -8.60 -28.23 60.82
C PRO W 53 -9.55 -27.93 59.68
N LYS W 54 -10.15 -26.75 59.69
CA LYS W 54 -11.06 -26.35 58.63
C LYS W 54 -10.76 -24.95 58.15
N ARG W 55 -10.93 -24.74 56.86
CA ARG W 55 -10.73 -23.42 56.27
C ARG W 55 -12.02 -22.60 56.23
N ILE W 56 -11.91 -21.38 56.77
CA ILE W 56 -12.95 -20.37 56.91
C ILE W 56 -12.65 -19.09 56.10
N SER W 57 -13.62 -18.64 55.31
CA SER W 57 -13.45 -17.43 54.48
C SER W 57 -13.84 -16.10 55.13
N SER W 58 -14.69 -16.14 56.16
CA SER W 58 -15.20 -14.92 56.79
C SER W 58 -15.72 -15.20 58.19
N LEU W 59 -15.93 -14.15 58.98
CA LEU W 59 -16.47 -14.35 60.34
C LEU W 59 -17.85 -14.99 60.30
N LEU W 60 -18.63 -14.66 59.28
CA LEU W 60 -19.95 -15.20 59.09
C LEU W 60 -19.92 -16.72 58.89
N ASP W 61 -18.82 -17.26 58.34
CA ASP W 61 -18.76 -18.71 58.13
C ASP W 61 -18.33 -19.33 59.43
N PHE W 62 -17.45 -18.65 60.17
CA PHE W 62 -16.99 -19.18 61.44
C PHE W 62 -18.18 -19.48 62.32
N THR W 63 -19.07 -18.51 62.43
CA THR W 63 -20.22 -18.63 63.31
C THR W 63 -21.27 -19.67 62.93
N THR W 64 -21.15 -20.34 61.77
CA THR W 64 -22.13 -21.36 61.45
C THR W 64 -21.60 -22.75 61.75
N TYR W 65 -20.33 -22.85 62.13
CA TYR W 65 -19.71 -24.14 62.44
C TYR W 65 -19.21 -24.17 63.87
N TYR W 66 -18.78 -23.02 64.36
CA TYR W 66 -18.15 -22.95 65.66
C TYR W 66 -18.92 -22.20 66.75
N GLY W 67 -19.92 -21.39 66.38
CA GLY W 67 -20.67 -20.58 67.34
C GLY W 67 -20.02 -19.22 67.64
N GLY W 68 -20.47 -18.57 68.73
CA GLY W 68 -20.03 -17.22 69.11
C GLY W 68 -19.25 -17.20 70.43
N ALA W 69 -19.42 -16.11 71.20
CA ALA W 69 -18.73 -15.95 72.48
C ALA W 69 -19.60 -16.53 73.62
N GLN W 70 -18.97 -16.77 74.78
CA GLN W 70 -19.68 -17.22 75.98
C GLN W 70 -20.24 -16.01 76.73
N ASN W 71 -21.47 -16.09 77.24
CA ASN W 71 -22.02 -14.99 78.05
C ASN W 71 -21.21 -14.81 79.34
N GLU W 72 -20.87 -13.57 79.66
CA GLU W 72 -20.13 -13.31 80.90
C GLU W 72 -21.03 -13.56 82.10
N GLN W 73 -20.48 -14.18 83.15
CA GLN W 73 -21.24 -14.46 84.37
C GLN W 73 -20.84 -13.54 85.53
N GLY W 74 -19.89 -12.64 85.27
CA GLY W 74 -19.31 -11.76 86.29
C GLY W 74 -19.93 -10.36 86.44
N ILE W 75 -21.04 -10.08 85.76
CA ILE W 75 -21.61 -8.75 85.84
C ILE W 75 -22.47 -8.61 87.10
N THR W 76 -22.11 -7.63 87.91
CA THR W 76 -22.77 -7.33 89.17
C THR W 76 -23.44 -5.98 89.09
N VAL W 77 -24.65 -5.89 89.62
CA VAL W 77 -25.37 -4.64 89.70
C VAL W 77 -25.86 -4.42 91.11
N LYS W 78 -25.50 -3.30 91.72
CA LYS W 78 -25.94 -3.03 93.07
C LYS W 78 -26.68 -1.70 93.22
N LEU W 79 -27.85 -1.77 93.83
CA LEU W 79 -28.68 -0.61 94.07
C LEU W 79 -28.79 -0.28 95.55
N THR W 80 -28.47 0.95 95.92
CA THR W 80 -28.60 1.33 97.33
C THR W 80 -29.57 2.49 97.55
N ASP W 81 -30.61 2.24 98.36
CA ASP W 81 -31.63 3.24 98.66
C ASP W 81 -31.54 3.80 100.09
N THR W 82 -31.23 5.08 100.20
CA THR W 82 -31.12 5.73 101.50
C THR W 82 -31.87 7.04 101.56
N LEU W 83 -31.79 7.70 102.71
CA LEU W 83 -32.44 9.00 102.89
C LEU W 83 -31.49 10.12 103.27
N ILE W 84 -31.69 11.28 102.65
CA ILE W 84 -30.94 12.48 102.97
C ILE W 84 -31.88 13.56 103.42
N GLU W 85 -31.85 13.87 104.71
CA GLU W 85 -32.77 14.87 105.29
C GLU W 85 -34.23 14.57 104.90
N GLY W 86 -34.57 13.28 104.90
CA GLY W 86 -35.91 12.80 104.58
C GLY W 86 -36.17 12.56 103.09
N ALA W 87 -35.25 12.97 102.21
CA ALA W 87 -35.44 12.80 100.77
C ALA W 87 -34.92 11.45 100.32
N GLU W 88 -35.53 10.88 99.30
CA GLU W 88 -35.02 9.64 98.75
C GLU W 88 -33.75 9.88 97.95
N ASN W 89 -32.80 8.96 98.06
CA ASN W 89 -31.56 9.03 97.30
C ASN W 89 -31.10 7.64 96.83
N ARG W 90 -31.10 7.42 95.52
CA ARG W 90 -30.68 6.13 94.98
C ARG W 90 -29.35 6.16 94.25
N THR W 91 -28.48 5.21 94.61
CA THR W 91 -27.20 5.03 93.93
C THR W 91 -27.17 3.76 93.10
N ILE W 92 -26.78 3.88 91.84
CA ILE W 92 -26.66 2.73 90.94
C ILE W 92 -25.19 2.45 90.64
N ASN W 93 -24.71 1.28 91.03
CA ASN W 93 -23.31 0.94 90.87
C ASN W 93 -23.05 -0.33 90.05
N VAL W 94 -22.43 -0.16 88.87
CA VAL W 94 -22.12 -1.29 88.00
C VAL W 94 -20.61 -1.30 87.68
N PRO W 95 -19.77 -2.02 88.45
CA PRO W 95 -18.31 -2.08 88.35
C PRO W 95 -17.85 -2.94 87.18
N GLU W 96 -16.61 -2.74 86.75
CA GLU W 96 -15.99 -3.61 85.76
C GLU W 96 -15.90 -5.01 86.36
N PRO W 97 -16.28 -6.10 85.66
CA PRO W 97 -16.20 -7.45 86.17
C PRO W 97 -14.77 -7.87 86.47
N THR W 98 -14.60 -8.58 87.58
CA THR W 98 -13.30 -9.08 87.96
C THR W 98 -13.12 -10.53 87.52
N PHE W 99 -14.24 -11.21 87.31
CA PHE W 99 -14.21 -12.59 86.85
C PHE W 99 -14.76 -12.62 85.46
N LYS W 100 -13.88 -12.87 84.50
CA LYS W 100 -14.22 -12.86 83.10
C LYS W 100 -14.08 -14.26 82.52
N SER W 101 -14.82 -14.56 81.46
CA SER W 101 -14.70 -15.86 80.80
C SER W 101 -13.45 -15.95 79.93
N PRO W 102 -12.56 -16.94 80.11
CA PRO W 102 -11.30 -17.09 79.39
C PRO W 102 -11.43 -17.69 78.01
N TYR W 103 -12.30 -17.16 77.18
CA TYR W 103 -12.49 -17.74 75.86
C TYR W 103 -12.52 -16.70 74.74
N LEU W 104 -11.34 -16.27 74.31
CA LEU W 104 -11.17 -15.16 73.40
C LEU W 104 -11.17 -15.45 71.89
N MET W 105 -11.38 -16.70 71.47
CA MET W 105 -11.34 -17.01 70.02
C MET W 105 -12.25 -16.12 69.19
N PHE W 106 -13.49 -15.92 69.62
CA PHE W 106 -14.43 -15.13 68.86
C PHE W 106 -13.97 -13.68 68.71
N TYR W 107 -13.59 -13.06 69.83
CA TYR W 107 -13.16 -11.67 69.83
C TYR W 107 -11.92 -11.47 68.99
N SER W 108 -10.97 -12.41 69.07
CA SER W 108 -9.76 -12.30 68.31
C SER W 108 -10.02 -12.33 66.82
N LEU W 109 -10.94 -13.20 66.37
CA LEU W 109 -11.30 -13.24 64.96
C LEU W 109 -11.98 -11.97 64.49
N GLN W 110 -12.82 -11.35 65.33
CA GLN W 110 -13.41 -10.08 64.90
C GLN W 110 -12.32 -9.06 64.62
N MET W 111 -11.28 -8.99 65.46
CA MET W 111 -10.20 -8.04 65.24
C MET W 111 -9.40 -8.34 63.97
N TYR W 112 -9.15 -9.63 63.74
CA TYR W 112 -8.43 -10.09 62.56
C TYR W 112 -9.10 -9.65 61.28
N PHE W 113 -10.41 -9.87 61.17
CA PHE W 113 -11.11 -9.49 59.96
C PHE W 113 -11.20 -7.96 59.86
N ALA W 114 -11.38 -7.25 60.98
CA ALA W 114 -11.47 -5.78 61.00
C ALA W 114 -10.21 -5.14 60.43
N ASN W 115 -9.06 -5.78 60.64
CA ASN W 115 -7.77 -5.31 60.17
C ASN W 115 -7.33 -5.82 58.81
N GLY W 116 -8.23 -6.43 58.05
CA GLY W 116 -7.89 -6.84 56.69
C GLY W 116 -7.49 -8.29 56.45
N GLY W 117 -7.68 -9.17 57.41
CA GLY W 117 -7.32 -10.54 57.18
C GLY W 117 -8.19 -11.25 56.14
N GLY W 118 -7.62 -12.26 55.49
CA GLY W 118 -8.32 -13.08 54.52
C GLY W 118 -8.65 -14.44 55.11
N PRO W 119 -8.83 -15.49 54.28
CA PRO W 119 -9.15 -16.85 54.65
C PRO W 119 -8.13 -17.42 55.63
N CYS W 120 -8.59 -18.25 56.56
CA CYS W 120 -7.72 -18.83 57.59
C CYS W 120 -8.13 -20.22 58.06
N TYR W 121 -7.27 -20.87 58.83
CA TYR W 121 -7.60 -22.18 59.40
C TYR W 121 -7.96 -22.14 60.87
N ILE W 122 -9.02 -22.85 61.19
CA ILE W 122 -9.48 -22.96 62.57
C ILE W 122 -9.30 -24.37 63.09
N VAL W 123 -8.68 -24.49 64.25
CA VAL W 123 -8.56 -25.79 64.90
C VAL W 123 -9.27 -25.69 66.23
N SER W 124 -10.32 -26.47 66.39
CA SER W 124 -11.06 -26.47 67.65
C SER W 124 -10.56 -27.60 68.51
N THR W 125 -10.06 -27.25 69.68
CA THR W 125 -9.44 -28.21 70.60
C THR W 125 -10.40 -28.73 71.66
N GLY W 126 -11.60 -28.19 71.68
CA GLY W 126 -12.60 -28.56 72.66
C GLY W 126 -13.66 -27.49 72.69
N VAL W 127 -14.62 -27.64 73.59
CA VAL W 127 -15.69 -26.66 73.68
C VAL W 127 -15.75 -26.07 75.07
N TYR W 128 -16.45 -24.94 75.18
CA TYR W 128 -16.57 -24.19 76.43
C TYR W 128 -17.28 -24.96 77.53
N ASP W 129 -16.74 -24.82 78.75
CA ASP W 129 -17.32 -25.37 79.96
C ASP W 129 -18.18 -24.34 80.67
N ASP W 130 -19.10 -24.84 81.47
CA ASP W 130 -19.94 -24.02 82.34
C ASP W 130 -19.14 -23.50 83.51
N TRP W 131 -19.59 -22.42 84.11
CA TRP W 131 -18.99 -21.87 85.31
C TRP W 131 -19.43 -22.71 86.48
N SER W 132 -18.59 -22.81 87.52
CA SER W 132 -18.97 -23.57 88.70
C SER W 132 -19.79 -22.72 89.64
N ASP W 133 -19.48 -21.42 89.64
CA ASP W 133 -20.17 -20.44 90.48
C ASP W 133 -20.00 -19.07 89.85
N SER W 134 -20.59 -18.04 90.42
CA SER W 134 -20.48 -16.69 89.85
C SER W 134 -19.07 -16.10 89.94
N GLU W 135 -18.27 -16.66 90.84
CA GLU W 135 -16.90 -16.25 91.04
C GLU W 135 -15.94 -17.38 90.73
N THR W 136 -16.44 -18.45 90.08
CA THR W 136 -15.55 -19.55 89.74
C THR W 136 -15.66 -19.89 88.25
N PRO W 137 -14.79 -19.29 87.40
CA PRO W 137 -14.77 -19.43 85.97
C PRO W 137 -14.15 -20.75 85.51
N PRO W 138 -14.39 -21.16 84.25
CA PRO W 138 -13.77 -22.24 83.50
C PRO W 138 -12.28 -22.05 83.35
N THR W 139 -11.59 -23.12 82.98
CA THR W 139 -10.17 -23.10 82.76
C THR W 139 -9.75 -23.48 81.34
N ILE W 140 -8.45 -23.30 81.10
CA ILE W 140 -7.74 -23.65 79.88
C ILE W 140 -6.81 -24.81 80.18
N ASN W 141 -6.94 -25.90 79.44
CA ASN W 141 -6.13 -27.08 79.67
C ASN W 141 -4.95 -27.13 78.73
N PHE W 142 -3.76 -26.99 79.28
CA PHE W 142 -2.53 -26.97 78.51
C PHE W 142 -2.46 -28.10 77.48
N SER W 143 -2.85 -29.31 77.87
CA SER W 143 -2.75 -30.48 77.00
C SER W 143 -3.57 -30.37 75.72
N ASP W 144 -4.62 -29.54 75.73
CA ASP W 144 -5.47 -29.37 74.59
C ASP W 144 -4.79 -28.51 73.55
N LEU W 145 -3.97 -27.56 74.01
CA LEU W 145 -3.34 -26.67 73.07
C LEU W 145 -2.21 -27.41 72.42
N GLU W 146 -1.52 -28.27 73.19
CA GLU W 146 -0.46 -29.06 72.58
C GLU W 146 -1.01 -30.02 71.53
N SER W 147 -2.17 -30.60 71.79
CA SER W 147 -2.78 -31.49 70.83
C SER W 147 -3.06 -30.74 69.53
N GLY W 148 -3.65 -29.54 69.63
CA GLY W 148 -3.94 -28.75 68.43
C GLY W 148 -2.68 -28.41 67.63
N LEU W 149 -1.59 -28.09 68.34
CA LEU W 149 -0.33 -27.77 67.68
C LEU W 149 0.19 -28.98 66.93
N ALA W 150 0.13 -30.17 67.55
CA ALA W 150 0.55 -31.36 66.84
C ALA W 150 -0.28 -31.59 65.58
N VAL W 151 -1.59 -31.36 65.66
CA VAL W 151 -2.47 -31.58 64.52
C VAL W 151 -2.15 -30.69 63.33
N ILE W 152 -1.93 -29.39 63.57
CA ILE W 152 -1.66 -28.44 62.49
C ILE W 152 -0.37 -28.79 61.73
N ARG W 153 0.50 -29.62 62.32
CA ARG W 153 1.74 -29.99 61.66
C ARG W 153 1.51 -30.68 60.34
N LYS W 154 0.36 -31.35 60.19
CA LYS W 154 0.09 -32.07 58.96
C LYS W 154 -0.57 -31.22 57.87
N GLU W 155 -0.83 -29.94 58.12
CA GLU W 155 -1.44 -29.13 57.09
C GLU W 155 -0.38 -28.43 56.26
N ASP W 156 -0.64 -28.27 54.98
CA ASP W 156 0.26 -27.61 54.05
C ASP W 156 0.14 -26.09 53.96
N GLU W 157 -1.08 -25.60 53.77
CA GLU W 157 -1.30 -24.17 53.52
C GLU W 157 -0.92 -23.11 54.57
N PRO W 158 -1.08 -23.30 55.90
CA PRO W 158 -0.77 -22.31 56.93
C PRO W 158 0.69 -21.85 56.95
N THR W 159 0.91 -20.57 57.26
CA THR W 159 2.22 -19.97 57.38
C THR W 159 2.43 -19.28 58.74
N LEU W 160 1.35 -18.83 59.39
CA LEU W 160 1.49 -18.15 60.69
C LEU W 160 0.82 -18.95 61.81
N LEU W 161 1.47 -18.99 62.98
CA LEU W 161 0.86 -19.66 64.13
C LEU W 161 0.44 -18.74 65.26
N LEU W 162 -0.86 -18.83 65.64
CA LEU W 162 -1.42 -18.03 66.74
C LEU W 162 -2.21 -18.86 67.76
N PHE W 163 -2.11 -18.47 69.04
CA PHE W 163 -2.90 -19.08 70.14
C PHE W 163 -3.73 -18.04 70.91
N PRO W 164 -5.00 -17.79 70.53
CA PRO W 164 -5.90 -16.81 71.11
C PRO W 164 -6.03 -16.80 72.64
N ASP W 165 -5.89 -17.95 73.33
CA ASP W 165 -6.03 -17.94 74.78
C ASP W 165 -4.80 -18.43 75.51
N ALA W 166 -3.61 -18.19 74.98
CA ALA W 166 -2.41 -18.60 75.70
C ALA W 166 -2.28 -17.87 77.03
N THR W 167 -2.71 -16.63 77.09
CA THR W 167 -2.56 -15.82 78.28
C THR W 167 -3.57 -16.16 79.37
N ASN W 168 -4.54 -17.03 79.08
CA ASN W 168 -5.52 -17.42 80.08
C ASN W 168 -5.13 -18.75 80.71
N LEU W 169 -3.96 -19.24 80.32
CA LEU W 169 -3.39 -20.48 80.78
C LEU W 169 -2.90 -20.23 82.22
N PRO W 170 -3.11 -21.16 83.20
CA PRO W 170 -2.78 -21.05 84.63
C PRO W 170 -1.40 -20.60 85.08
N THR W 171 -0.34 -20.91 84.34
CA THR W 171 0.98 -20.47 84.79
C THR W 171 1.78 -19.87 83.65
N ASP W 172 2.82 -19.14 84.00
CA ASP W 172 3.68 -18.57 83.00
C ASP W 172 4.58 -19.66 82.45
N ASP W 173 4.88 -20.63 83.29
CA ASP W 173 5.70 -21.74 82.84
C ASP W 173 5.03 -22.50 81.70
N GLU W 174 3.71 -22.74 81.80
CA GLU W 174 3.00 -23.41 80.71
C GLU W 174 2.97 -22.54 79.47
N PHE W 175 2.79 -21.24 79.65
CA PHE W 175 2.76 -20.28 78.55
C PHE W 175 4.07 -20.34 77.76
N TYR W 176 5.20 -20.25 78.46
CA TYR W 176 6.49 -20.26 77.79
C TYR W 176 6.76 -21.60 77.12
N SER W 177 6.35 -22.70 77.76
CA SER W 177 6.55 -24.02 77.20
C SER W 177 5.83 -24.16 75.86
N LEU W 178 4.59 -23.68 75.78
CA LEU W 178 3.82 -23.75 74.55
C LEU W 178 4.53 -23.00 73.42
N TYR W 179 5.05 -21.80 73.70
CA TYR W 179 5.74 -21.06 72.66
C TYR W 179 7.07 -21.68 72.24
N ASN W 180 7.78 -22.32 73.17
CA ASN W 180 9.02 -22.95 72.77
C ASN W 180 8.71 -24.07 71.78
N SER W 181 7.61 -24.81 72.00
CA SER W 181 7.22 -25.86 71.07
C SER W 181 6.89 -25.31 69.69
N ALA W 182 6.19 -24.18 69.63
CA ALA W 182 5.86 -23.59 68.33
C ALA W 182 7.12 -23.17 67.56
N LEU W 183 8.12 -22.61 68.26
CA LEU W 183 9.35 -22.22 67.58
C LEU W 183 10.10 -23.45 67.08
N MET W 184 10.08 -24.54 67.85
CA MET W 184 10.72 -25.77 67.41
C MET W 184 10.01 -26.35 66.18
N GLN W 185 8.68 -26.28 66.13
CA GLN W 185 7.95 -26.77 64.96
C GLN W 185 8.36 -26.00 63.72
N CYS W 186 8.51 -24.67 63.87
CA CYS W 186 8.90 -23.82 62.75
C CYS W 186 10.28 -24.19 62.23
N ASN W 187 11.22 -24.50 63.13
CA ASN W 187 12.53 -24.90 62.65
C ASN W 187 12.47 -26.28 61.99
N ASP W 188 11.70 -27.22 62.51
CA ASP W 188 11.63 -28.52 61.86
C ASP W 188 11.09 -28.44 60.42
N LEU W 189 10.11 -27.56 60.19
CA LEU W 189 9.50 -27.44 58.87
C LEU W 189 10.19 -26.45 57.90
N GLN W 190 10.80 -25.39 58.43
CA GLN W 190 11.49 -24.31 57.69
C GLN W 190 10.61 -23.43 56.79
N ASP W 191 9.32 -23.30 57.07
CA ASP W 191 8.44 -22.44 56.29
C ASP W 191 7.34 -21.69 57.09
N ARG W 192 7.45 -21.63 58.42
CA ARG W 192 6.44 -20.96 59.26
C ARG W 192 7.05 -19.91 60.16
N PHE W 193 6.20 -19.00 60.63
CA PHE W 193 6.62 -17.94 61.53
C PHE W 193 5.63 -17.79 62.71
N THR W 194 6.17 -17.59 63.91
CA THR W 194 5.37 -17.48 65.14
C THR W 194 5.21 -16.06 65.66
N ILE W 195 3.98 -15.68 66.02
CA ILE W 195 3.74 -14.36 66.62
C ILE W 195 3.53 -14.53 68.13
N LEU W 196 4.34 -13.81 68.93
CA LEU W 196 4.31 -13.95 70.38
C LEU W 196 3.84 -12.72 71.15
N ASP W 197 3.16 -12.99 72.26
CA ASP W 197 2.66 -12.01 73.23
C ASP W 197 3.39 -12.13 74.55
N THR W 198 3.35 -11.09 75.38
CA THR W 198 3.83 -11.23 76.73
C THR W 198 2.70 -11.92 77.51
N TYR W 199 2.99 -12.41 78.71
CA TYR W 199 1.97 -13.05 79.53
C TYR W 199 0.92 -12.05 80.02
N SER W 200 1.38 -10.86 80.39
CA SER W 200 0.57 -9.78 80.93
C SER W 200 1.27 -8.45 80.71
N ASP W 201 0.53 -7.34 80.64
CA ASP W 201 1.21 -6.04 80.58
C ASP W 201 1.48 -5.39 81.93
N GLN W 202 1.05 -6.04 82.98
CA GLN W 202 1.21 -5.54 84.33
C GLN W 202 2.12 -6.46 85.10
N THR W 203 2.71 -5.95 86.17
CA THR W 203 3.57 -6.77 87.00
C THR W 203 2.61 -7.85 87.44
N TYR W 204 3.05 -9.10 87.31
CA TYR W 204 2.24 -10.25 87.68
C TYR W 204 2.95 -11.08 88.72
N ASN W 205 2.19 -11.68 89.63
CA ASN W 205 2.81 -12.45 90.68
C ASN W 205 2.79 -13.92 90.35
N ASP W 206 3.96 -14.54 90.37
CA ASP W 206 4.07 -15.96 90.07
C ASP W 206 3.86 -16.85 91.31
N GLY W 207 3.46 -16.24 92.43
CA GLY W 207 3.23 -16.94 93.69
C GLY W 207 4.43 -16.86 94.62
N VAL W 208 5.56 -16.42 94.08
CA VAL W 208 6.80 -16.27 94.83
C VAL W 208 7.32 -14.84 94.76
N GLU W 209 7.42 -14.32 93.54
CA GLU W 209 8.01 -13.02 93.24
C GLU W 209 7.18 -12.20 92.23
N ASP W 210 7.38 -10.88 92.28
CA ASP W 210 6.74 -9.91 91.36
C ASP W 210 7.61 -9.70 90.11
N LEU W 211 7.12 -10.10 88.95
CA LEU W 211 7.91 -10.04 87.74
C LEU W 211 7.49 -9.00 86.69
N ASP W 212 8.50 -8.36 86.10
CA ASP W 212 8.30 -7.44 84.99
C ASP W 212 8.11 -8.27 83.72
N PRO W 213 7.04 -8.00 82.96
CA PRO W 213 6.66 -8.77 81.78
C PRO W 213 7.69 -8.84 80.66
N ILE W 214 8.36 -7.77 80.27
CA ILE W 214 9.37 -7.91 79.20
C ILE W 214 10.58 -8.76 79.59
N PRO W 215 11.14 -8.55 80.80
CA PRO W 215 12.26 -9.33 81.35
C PRO W 215 11.91 -10.81 81.54
N ALA W 216 10.68 -11.06 81.96
CA ALA W 216 10.21 -12.43 82.13
C ALA W 216 10.13 -13.24 80.83
N LEU W 217 9.73 -12.63 79.71
CA LEU W 217 9.62 -13.29 78.43
C LEU W 217 11.01 -13.62 77.96
N ARG W 218 11.94 -12.70 78.17
CA ARG W 218 13.30 -12.95 77.73
C ARG W 218 13.89 -14.18 78.42
N ASN W 219 13.62 -14.35 79.72
CA ASN W 219 14.09 -15.54 80.44
C ASN W 219 13.31 -16.80 80.07
N GLY W 220 12.01 -16.65 79.83
CA GLY W 220 11.13 -17.74 79.45
C GLY W 220 11.54 -18.43 78.15
N ILE W 221 11.75 -17.65 77.08
CA ILE W 221 12.09 -18.28 75.82
C ILE W 221 13.60 -18.49 75.74
N ASN W 222 14.02 -19.69 76.14
CA ASN W 222 15.42 -20.06 76.30
C ASN W 222 16.04 -20.91 75.17
N LEU W 223 15.63 -20.66 73.94
CA LEU W 223 16.15 -21.37 72.78
C LEU W 223 17.28 -20.57 72.12
N THR W 224 18.05 -21.25 71.27
CA THR W 224 19.14 -20.66 70.52
C THR W 224 18.66 -19.93 69.25
N LYS W 225 19.58 -19.22 68.58
CA LYS W 225 19.26 -18.44 67.38
C LYS W 225 18.56 -19.23 66.27
N ASP W 226 18.85 -20.52 66.16
CA ASP W 226 18.24 -21.37 65.14
C ASP W 226 16.73 -21.40 65.23
N TYR W 227 16.20 -21.10 66.41
CA TYR W 227 14.78 -21.10 66.65
C TYR W 227 14.26 -19.69 66.75
N LEU W 228 15.04 -18.81 67.38
CA LEU W 228 14.60 -17.44 67.62
C LEU W 228 14.34 -16.68 66.33
N LYS W 229 15.08 -17.01 65.28
CA LYS W 229 14.91 -16.39 63.99
C LYS W 229 13.50 -16.65 63.38
N TYR W 230 12.73 -17.59 63.92
CA TYR W 230 11.41 -17.90 63.40
C TYR W 230 10.24 -17.23 64.12
N GLY W 231 10.49 -16.19 64.89
CA GLY W 231 9.36 -15.50 65.48
C GLY W 231 9.71 -14.11 65.98
N ALA W 232 8.65 -13.40 66.37
CA ALA W 232 8.75 -12.03 66.85
C ALA W 232 7.69 -11.76 67.91
N ALA W 233 7.95 -10.79 68.79
CA ALA W 233 7.02 -10.46 69.85
C ALA W 233 6.61 -8.99 69.83
N TYR W 234 5.38 -8.73 70.26
CA TYR W 234 4.84 -7.37 70.34
C TYR W 234 4.34 -7.00 71.74
N TYR W 235 4.48 -5.73 72.08
CA TYR W 235 4.06 -5.17 73.37
C TYR W 235 3.63 -3.72 73.25
N PRO W 236 2.62 -3.27 74.00
CA PRO W 236 1.63 -3.86 74.90
C PRO W 236 0.34 -4.35 74.23
N PHE W 237 -0.60 -4.79 75.08
CA PHE W 237 -1.97 -5.19 74.76
C PHE W 237 -2.73 -3.96 74.34
N VAL W 238 -3.84 -4.14 73.63
CA VAL W 238 -4.61 -2.98 73.19
C VAL W 238 -6.05 -2.97 73.65
N GLN W 239 -6.59 -1.77 73.81
CA GLN W 239 -7.98 -1.59 74.21
C GLN W 239 -8.78 -1.38 72.93
N THR W 240 -9.80 -2.21 72.76
CA THR W 240 -10.65 -2.19 71.58
C THR W 240 -12.00 -1.55 71.83
N ILE W 241 -12.88 -1.65 70.85
CA ILE W 241 -14.18 -0.99 70.89
C ILE W 241 -15.33 -1.97 70.94
N LEU W 242 -15.00 -3.23 71.19
CA LEU W 242 -15.96 -4.31 71.24
C LEU W 242 -16.56 -4.40 72.63
N ASN W 243 -17.81 -4.83 72.72
CA ASN W 243 -18.49 -5.00 74.01
C ASN W 243 -18.37 -6.42 74.53
N TYR W 244 -18.91 -6.66 75.71
CA TYR W 244 -18.93 -7.98 76.28
C TYR W 244 -20.25 -8.61 75.91
N GLN W 245 -20.28 -9.92 75.78
CA GLN W 245 -21.53 -10.60 75.49
C GLN W 245 -22.18 -11.01 76.81
N TYR W 246 -23.46 -10.76 76.96
CA TYR W 246 -24.19 -11.09 78.16
C TYR W 246 -25.66 -11.21 77.85
N SER W 247 -26.42 -11.66 78.84
CA SER W 247 -27.87 -11.74 78.72
C SER W 247 -28.54 -11.15 79.95
N ALA W 248 -29.57 -10.35 79.73
CA ALA W 248 -30.33 -9.71 80.80
C ALA W 248 -31.00 -10.75 81.70
N ASP W 249 -31.19 -11.96 81.18
CA ASP W 249 -31.86 -13.02 81.91
C ASP W 249 -30.92 -13.72 82.86
N GLU W 250 -29.65 -13.34 82.85
CA GLU W 250 -28.66 -13.95 83.70
C GLU W 250 -28.12 -12.95 84.73
N ILE W 251 -28.60 -11.71 84.71
CA ILE W 251 -28.06 -10.70 85.62
C ILE W 251 -29.03 -10.44 86.75
N VAL W 252 -28.56 -10.73 87.96
CA VAL W 252 -29.34 -10.60 89.19
C VAL W 252 -28.97 -9.34 89.94
N ILE W 253 -29.99 -8.59 90.35
CA ILE W 253 -29.86 -7.33 91.05
C ILE W 253 -29.76 -7.45 92.57
N GLN W 254 -28.77 -6.78 93.15
CA GLN W 254 -28.68 -6.71 94.60
C GLN W 254 -29.33 -5.40 95.02
N HIS W 255 -30.31 -5.44 95.91
CA HIS W 255 -30.99 -4.20 96.30
C HIS W 255 -31.10 -4.02 97.80
N LEU W 256 -30.41 -3.03 98.31
CA LEU W 256 -30.41 -2.76 99.74
C LEU W 256 -31.21 -1.52 100.01
N SER W 257 -31.90 -1.48 101.14
CA SER W 257 -32.73 -0.33 101.46
C SER W 257 -32.92 -0.01 102.93
N TYR W 258 -33.01 1.28 103.21
CA TYR W 258 -33.33 1.80 104.55
C TYR W 258 -34.70 1.30 105.05
N ASN W 259 -35.57 0.92 104.11
CA ASN W 259 -36.91 0.41 104.40
C ASN W 259 -37.09 -0.91 103.67
N PRO W 260 -36.77 -2.06 104.30
CA PRO W 260 -36.79 -3.38 103.72
C PRO W 260 -38.18 -3.74 103.26
N ASN W 261 -38.29 -4.44 102.14
CA ASN W 261 -39.58 -4.91 101.69
C ASN W 261 -39.51 -6.00 100.63
N ALA W 262 -38.44 -6.81 100.66
CA ALA W 262 -38.33 -7.90 99.71
C ALA W 262 -39.32 -9.02 100.01
N ILE W 263 -39.46 -9.36 101.29
CA ILE W 263 -40.31 -10.48 101.67
C ILE W 263 -41.72 -10.03 101.60
N ALA W 264 -41.99 -8.86 102.16
CA ALA W 264 -43.36 -8.39 102.16
C ALA W 264 -43.92 -8.33 100.75
N THR W 265 -43.14 -7.90 99.77
CA THR W 265 -43.65 -7.85 98.42
C THR W 265 -43.93 -9.25 97.91
N ALA W 266 -42.96 -10.17 98.07
CA ALA W 266 -43.15 -11.53 97.56
C ALA W 266 -44.34 -12.22 98.20
N LEU W 267 -44.52 -11.98 99.48
CA LEU W 267 -45.58 -12.62 100.23
C LEU W 267 -46.93 -12.10 99.76
N ASP W 268 -47.06 -10.78 99.57
CA ASP W 268 -48.32 -10.23 99.09
C ASP W 268 -48.66 -10.78 97.69
N ASN W 269 -47.65 -10.91 96.83
CA ASN W 269 -47.92 -11.44 95.50
C ASN W 269 -48.37 -12.89 95.59
N LEU W 270 -47.75 -13.67 96.48
CA LEU W 270 -48.17 -15.05 96.65
C LEU W 270 -49.57 -15.16 97.25
N ASN W 271 -49.93 -14.27 98.13
CA ASN W 271 -51.28 -14.37 98.67
C ASN W 271 -52.29 -14.20 97.53
N ALA W 272 -52.00 -13.30 96.56
CA ALA W 272 -52.84 -13.14 95.37
C ALA W 272 -52.88 -14.43 94.53
N VAL W 273 -51.72 -15.10 94.45
CA VAL W 273 -51.54 -16.38 93.75
C VAL W 273 -52.38 -17.52 94.30
N ASN W 274 -52.38 -17.67 95.59
CA ASN W 274 -53.11 -18.77 96.17
C ASN W 274 -54.61 -18.49 96.31
N GLY W 275 -55.30 -18.51 95.17
CA GLY W 275 -56.72 -18.21 95.14
C GLY W 275 -57.44 -18.50 93.81
N PRO W 276 -58.77 -18.33 93.80
CA PRO W 276 -59.66 -18.58 92.67
C PRO W 276 -59.45 -17.76 91.42
N THR W 277 -58.85 -16.58 91.58
CA THR W 277 -58.64 -15.70 90.44
C THR W 277 -57.31 -15.98 89.79
N PHE W 278 -56.54 -16.90 90.38
CA PHE W 278 -55.26 -17.24 89.83
C PHE W 278 -55.32 -18.66 89.28
N ILE W 279 -55.63 -19.65 90.15
CA ILE W 279 -55.69 -21.04 89.68
C ILE W 279 -56.95 -21.87 89.93
N ASP W 280 -57.91 -21.46 90.77
CA ASP W 280 -59.00 -22.44 90.92
C ASP W 280 -59.82 -22.42 89.66
N ALA W 281 -60.07 -21.23 89.10
CA ALA W 281 -60.88 -21.20 87.90
C ALA W 281 -60.24 -22.05 86.79
N ILE W 282 -58.91 -22.03 86.70
CA ILE W 282 -58.23 -22.80 85.67
C ILE W 282 -58.43 -24.27 85.90
N LEU W 283 -58.16 -24.71 87.11
CA LEU W 283 -58.27 -26.12 87.44
C LEU W 283 -59.68 -26.65 87.31
N ASP W 284 -60.67 -25.86 87.70
CA ASP W 284 -62.04 -26.32 87.59
C ASP W 284 -62.44 -26.51 86.14
N ASP W 285 -62.03 -25.59 85.26
CA ASP W 285 -62.35 -25.70 83.85
C ASP W 285 -61.54 -26.78 83.15
N LEU W 286 -60.27 -26.93 83.55
CA LEU W 286 -59.39 -27.89 82.93
C LEU W 286 -59.81 -29.32 83.24
N ARG W 287 -60.20 -29.59 84.48
CA ARG W 287 -60.61 -30.93 84.89
C ARG W 287 -62.02 -31.22 84.42
N ASN W 321 -66.32 -35.15 56.60
CA ASN W 321 -65.81 -35.11 57.97
C ASN W 321 -65.13 -33.79 58.26
N SER W 322 -65.12 -32.88 57.30
CA SER W 322 -64.42 -31.61 57.48
C SER W 322 -65.01 -30.78 58.62
N VAL W 323 -66.30 -30.94 58.86
CA VAL W 323 -66.96 -30.23 59.95
C VAL W 323 -66.55 -30.84 61.28
N LYS W 324 -66.37 -32.16 61.30
CA LYS W 324 -65.99 -32.86 62.50
C LYS W 324 -64.62 -32.39 62.93
N VAL W 325 -63.71 -32.22 61.95
CA VAL W 325 -62.38 -31.75 62.27
C VAL W 325 -62.45 -30.35 62.82
N ALA W 326 -63.23 -29.47 62.21
CA ALA W 326 -63.36 -28.10 62.70
C ALA W 326 -63.88 -28.05 64.13
N ASN W 327 -64.86 -28.91 64.46
CA ASN W 327 -65.41 -28.91 65.80
C ASN W 327 -64.37 -29.41 66.79
N PHE W 328 -63.70 -30.50 66.42
CA PHE W 328 -62.67 -31.09 67.25
C PHE W 328 -61.57 -30.11 67.51
N ALA W 329 -61.07 -29.47 66.45
CA ALA W 329 -59.97 -28.54 66.57
C ALA W 329 -60.30 -27.42 67.55
N SER W 330 -61.55 -26.92 67.52
CA SER W 330 -61.95 -25.87 68.47
C SER W 330 -61.85 -26.37 69.91
N LEU W 331 -62.34 -27.58 70.15
CA LEU W 331 -62.29 -28.14 71.50
C LEU W 331 -60.85 -28.33 71.99
N VAL W 332 -59.95 -28.74 71.09
CA VAL W 332 -58.55 -28.93 71.48
C VAL W 332 -57.95 -27.59 71.85
N GLU W 333 -58.19 -26.56 71.03
CA GLU W 333 -57.64 -25.24 71.29
C GLU W 333 -58.08 -24.72 72.66
N SER W 334 -59.33 -24.95 73.03
CA SER W 334 -59.82 -24.50 74.33
C SER W 334 -58.99 -25.12 75.47
N VAL W 335 -58.74 -26.43 75.39
CA VAL W 335 -57.94 -27.09 76.42
C VAL W 335 -56.51 -26.56 76.43
N LEU W 336 -55.93 -26.41 75.25
CA LEU W 336 -54.58 -25.96 75.09
C LEU W 336 -54.39 -24.56 75.70
N SER W 337 -55.34 -23.66 75.44
CA SER W 337 -55.28 -22.31 75.99
C SER W 337 -55.28 -22.36 77.52
N THR W 338 -56.17 -23.18 78.10
CA THR W 338 -56.26 -23.33 79.54
C THR W 338 -54.92 -23.86 80.12
N LEU W 339 -54.33 -24.86 79.46
CA LEU W 339 -53.05 -25.37 79.93
C LEU W 339 -51.97 -24.30 79.91
N ASN W 340 -51.96 -23.48 78.86
CA ASN W 340 -50.94 -22.44 78.77
C ASN W 340 -51.04 -21.45 79.93
N GLU W 341 -52.27 -21.11 80.36
CA GLU W 341 -52.41 -20.20 81.50
C GLU W 341 -51.83 -20.82 82.79
N LEU W 342 -52.05 -22.12 82.98
CA LEU W 342 -51.54 -22.79 84.17
C LEU W 342 -50.01 -22.78 84.16
N ILE W 343 -49.43 -22.97 82.99
CA ILE W 343 -47.98 -22.97 82.84
C ILE W 343 -47.42 -21.58 83.17
N ASP W 344 -48.04 -20.51 82.66
CA ASP W 344 -47.57 -19.17 82.97
C ASP W 344 -47.63 -18.89 84.46
N ALA W 345 -48.66 -19.43 85.12
CA ALA W 345 -48.82 -19.24 86.55
C ALA W 345 -47.59 -19.78 87.30
N LYS W 346 -47.11 -20.95 86.89
CA LYS W 346 -45.92 -21.55 87.51
C LYS W 346 -44.74 -20.61 87.44
N GLU W 347 -44.52 -20.02 86.27
CA GLU W 347 -43.37 -19.14 86.10
C GLU W 347 -43.44 -17.90 87.00
N GLU W 348 -44.63 -17.33 87.18
CA GLU W 348 -44.75 -16.17 88.05
C GLU W 348 -44.41 -16.52 89.50
N ILE W 349 -44.81 -17.71 89.92
CA ILE W 349 -44.56 -18.18 91.28
C ILE W 349 -43.07 -18.30 91.52
N ASN W 350 -42.35 -18.92 90.60
CA ASN W 350 -40.92 -19.06 90.79
C ASN W 350 -40.22 -17.71 90.88
N LYS W 351 -40.66 -16.73 90.07
CA LYS W 351 -40.02 -15.43 90.10
C LYS W 351 -40.13 -14.73 91.45
N ASP W 352 -41.28 -14.82 92.14
CA ASP W 352 -41.37 -14.15 93.44
C ASP W 352 -40.76 -14.96 94.57
N VAL W 353 -40.92 -16.28 94.54
CA VAL W 353 -40.40 -17.09 95.63
C VAL W 353 -38.89 -16.95 95.70
N ASN W 354 -38.25 -16.92 94.54
CA ASN W 354 -36.82 -16.77 94.49
C ASN W 354 -36.31 -15.48 95.13
N SER W 355 -37.15 -14.41 95.21
CA SER W 355 -36.66 -13.18 95.82
C SER W 355 -36.72 -13.36 97.32
N ALA W 356 -37.67 -14.19 97.78
CA ALA W 356 -37.78 -14.46 99.21
C ALA W 356 -36.56 -15.25 99.67
N ILE W 357 -36.15 -16.19 98.82
CA ILE W 357 -35.02 -17.03 99.14
C ILE W 357 -33.75 -16.18 99.18
N ALA W 358 -33.54 -15.39 98.13
CA ALA W 358 -32.38 -14.53 98.02
C ALA W 358 -32.29 -13.51 99.14
N SER W 359 -33.43 -12.99 99.59
CA SER W 359 -33.46 -11.96 100.60
C SER W 359 -33.31 -12.48 102.03
N SER W 360 -33.67 -13.75 102.27
CA SER W 360 -33.59 -14.35 103.59
C SER W 360 -32.15 -14.74 103.91
N GLU W 361 -31.29 -13.75 104.05
CA GLU W 361 -29.87 -13.99 104.28
C GLU W 361 -29.58 -14.71 105.60
N GLU W 362 -30.35 -14.37 106.61
CA GLU W 362 -30.21 -14.93 107.93
C GLU W 362 -31.10 -16.15 108.08
N ASP W 363 -30.77 -17.02 109.02
CA ASP W 363 -31.61 -18.19 109.31
C ASP W 363 -31.79 -19.07 108.07
N ASN W 364 -30.69 -19.69 107.63
CA ASN W 364 -30.65 -20.52 106.44
C ASN W 364 -31.65 -21.67 106.47
N ALA W 365 -32.13 -22.02 107.66
CA ALA W 365 -33.13 -23.06 107.83
C ALA W 365 -34.40 -22.69 107.08
N ILE W 366 -34.71 -21.39 107.03
CA ILE W 366 -35.89 -20.91 106.35
C ILE W 366 -35.58 -20.89 104.89
N LYS W 367 -34.38 -20.44 104.50
CA LYS W 367 -34.10 -20.47 103.06
C LYS W 367 -34.36 -21.87 102.53
N THR W 368 -33.93 -22.88 103.29
CA THR W 368 -34.16 -24.26 102.90
C THR W 368 -35.65 -24.56 102.85
N ALA W 369 -36.41 -24.19 103.88
CA ALA W 369 -37.83 -24.49 103.87
C ALA W 369 -38.55 -23.91 102.65
N ILE W 370 -38.17 -22.68 102.27
CA ILE W 370 -38.79 -22.02 101.13
C ILE W 370 -38.41 -22.75 99.85
N SER W 371 -37.13 -23.03 99.69
CA SER W 371 -36.61 -23.69 98.51
C SER W 371 -37.24 -25.06 98.32
N ASP W 372 -37.34 -25.85 99.39
CA ASP W 372 -37.94 -27.17 99.26
C ASP W 372 -39.39 -27.09 98.83
N ALA W 373 -40.17 -26.16 99.39
CA ALA W 373 -41.56 -26.04 99.00
C ALA W 373 -41.69 -25.72 97.51
N LEU W 374 -40.82 -24.85 97.00
CA LEU W 374 -40.87 -24.48 95.61
C LEU W 374 -40.47 -25.64 94.71
N ASP W 375 -39.41 -26.36 95.11
CA ASP W 375 -38.89 -27.45 94.33
C ASP W 375 -39.95 -28.51 94.14
N VAL W 376 -40.73 -28.81 95.19
CA VAL W 376 -41.79 -29.79 95.06
C VAL W 376 -42.89 -29.29 94.13
N PHE W 377 -43.32 -28.04 94.29
CA PHE W 377 -44.38 -27.49 93.43
C PHE W 377 -44.08 -27.71 91.96
N ASN W 378 -42.86 -27.40 91.57
CA ASN W 378 -42.44 -27.49 90.18
C ASN W 378 -42.53 -28.88 89.55
N GLU W 379 -42.57 -29.96 90.34
CA GLU W 379 -42.58 -31.32 89.81
C GLU W 379 -43.78 -31.62 88.92
N ASP W 380 -44.86 -30.87 89.05
CA ASP W 380 -46.04 -31.15 88.23
C ASP W 380 -45.89 -30.58 86.82
N PHE W 381 -44.93 -29.68 86.64
CA PHE W 381 -44.75 -29.01 85.37
C PHE W 381 -43.51 -29.46 84.61
N GLU W 382 -42.49 -29.85 85.39
CA GLU W 382 -41.18 -30.29 84.90
C GLU W 382 -41.23 -31.74 84.49
N GLY W 383 -40.08 -32.25 84.01
CA GLY W 383 -39.93 -33.61 83.48
C GLY W 383 -40.49 -34.74 84.34
N ALA W 384 -40.59 -34.52 85.66
CA ALA W 384 -41.12 -35.55 86.55
C ALA W 384 -42.54 -36.00 86.14
N ASP W 385 -43.35 -35.04 85.65
CA ASP W 385 -44.72 -35.27 85.19
C ASP W 385 -45.04 -34.06 84.33
N LYS W 386 -44.64 -34.08 83.08
CA LYS W 386 -44.53 -32.80 82.43
C LYS W 386 -45.77 -32.20 81.75
N ILE W 387 -46.51 -31.37 82.51
CA ILE W 387 -47.68 -30.65 81.96
C ILE W 387 -47.23 -29.86 80.75
N GLU W 388 -46.03 -29.27 80.83
CA GLU W 388 -45.56 -28.46 79.73
C GLU W 388 -45.44 -29.20 78.38
N SER W 389 -45.11 -30.51 78.38
CA SER W 389 -44.96 -31.19 77.11
C SER W 389 -46.29 -31.61 76.59
N VAL W 390 -47.28 -31.77 77.48
CA VAL W 390 -48.59 -32.11 76.98
C VAL W 390 -49.09 -30.95 76.17
N ALA W 391 -48.96 -29.73 76.72
CA ALA W 391 -49.42 -28.56 76.00
C ALA W 391 -48.69 -28.41 74.67
N LYS W 392 -47.37 -28.65 74.66
CA LYS W 392 -46.61 -28.55 73.42
C LYS W 392 -47.11 -29.54 72.38
N ASN W 393 -47.27 -30.79 72.79
CA ASN W 393 -47.66 -31.84 71.87
C ASN W 393 -49.06 -31.62 71.31
N LEU W 394 -49.99 -31.11 72.13
CA LEU W 394 -51.32 -30.87 71.62
C LEU W 394 -51.29 -29.82 70.52
N SER W 395 -50.43 -28.80 70.67
CA SER W 395 -50.32 -27.77 69.65
C SER W 395 -49.86 -28.37 68.31
N ASP W 396 -48.81 -29.21 68.33
CA ASP W 396 -48.32 -29.80 67.09
C ASP W 396 -49.36 -30.70 66.43
N LEU W 397 -50.06 -31.48 67.25
CA LEU W 397 -51.09 -32.40 66.77
C LEU W 397 -52.24 -31.63 66.15
N LEU W 398 -52.59 -30.49 66.74
CA LEU W 398 -53.68 -29.67 66.28
C LEU W 398 -53.40 -29.13 64.88
N ILE W 399 -52.18 -28.69 64.64
CA ILE W 399 -51.87 -28.22 63.29
C ILE W 399 -52.02 -29.38 62.31
N LYS W 400 -51.47 -30.55 62.65
CA LYS W 400 -51.54 -31.69 61.74
C LYS W 400 -52.97 -32.11 61.43
N ILE W 401 -53.88 -32.09 62.41
CA ILE W 401 -55.21 -32.54 62.06
C ILE W 401 -55.91 -31.52 61.17
N LYS W 402 -55.69 -30.22 61.40
CA LYS W 402 -56.31 -29.24 60.52
C LYS W 402 -55.79 -29.36 59.08
N GLN W 403 -54.49 -29.68 58.93
CA GLN W 403 -53.92 -29.85 57.61
C GLN W 403 -54.20 -31.23 56.98
N ALA W 404 -54.63 -32.22 57.77
CA ALA W 404 -54.90 -33.59 57.31
C ALA W 404 -55.90 -33.62 56.16
N ASP W 405 -56.86 -32.69 56.19
CA ASP W 405 -57.89 -32.51 55.17
C ASP W 405 -57.32 -32.24 53.78
N THR W 406 -56.05 -31.87 53.71
CA THR W 406 -55.36 -31.59 52.46
C THR W 406 -55.48 -32.78 51.53
N ASN W 407 -55.32 -34.00 52.05
CA ASN W 407 -55.39 -35.11 51.13
C ASN W 407 -56.02 -36.44 51.56
N THR W 408 -56.44 -36.65 52.82
CA THR W 408 -57.10 -37.95 53.09
C THR W 408 -57.80 -38.15 54.44
N LYS W 409 -58.90 -38.91 54.37
CA LYS W 409 -59.69 -39.35 55.52
C LYS W 409 -58.88 -40.19 56.48
N VAL W 410 -57.81 -40.76 55.97
CA VAL W 410 -56.92 -41.59 56.74
C VAL W 410 -56.17 -40.75 57.75
N GLU W 411 -55.70 -39.59 57.30
CA GLU W 411 -54.92 -38.72 58.16
C GLU W 411 -55.76 -38.32 59.35
N ASN W 412 -57.04 -38.09 59.10
CA ASN W 412 -57.97 -37.67 60.15
C ASN W 412 -58.30 -38.77 61.17
N VAL W 413 -57.74 -39.97 60.97
CA VAL W 413 -57.87 -41.08 61.87
C VAL W 413 -56.53 -41.31 62.54
N LEU W 414 -55.48 -41.35 61.71
CA LEU W 414 -54.16 -41.63 62.22
C LEU W 414 -53.74 -40.60 63.25
N SER W 415 -54.10 -39.32 63.06
CA SER W 415 -53.69 -38.25 63.97
C SER W 415 -54.15 -38.46 65.42
N ILE W 416 -55.18 -39.29 65.62
CA ILE W 416 -55.73 -39.56 66.92
C ILE W 416 -55.31 -40.91 67.49
N ASN W 417 -55.35 -41.97 66.66
CA ASN W 417 -55.08 -43.32 67.16
C ASN W 417 -53.75 -43.98 66.76
N ALA W 418 -53.01 -43.43 65.79
CA ALA W 418 -51.73 -43.99 65.36
C ALA W 418 -50.68 -43.06 65.93
N LEU W 419 -51.10 -41.82 65.96
CA LEU W 419 -50.40 -40.65 66.46
C LEU W 419 -50.97 -40.39 67.84
N ASN W 420 -50.59 -39.30 68.47
CA ASN W 420 -50.91 -39.13 69.86
C ASN W 420 -52.11 -38.31 70.38
N PHE W 421 -53.12 -37.87 69.61
CA PHE W 421 -54.13 -37.14 70.41
C PHE W 421 -54.74 -37.93 71.57
N SER W 422 -55.05 -39.21 71.35
CA SER W 422 -55.62 -39.97 72.46
C SER W 422 -54.62 -40.04 73.62
N ALA W 423 -53.37 -40.36 73.28
CA ALA W 423 -52.28 -40.54 74.22
C ALA W 423 -51.96 -39.29 75.04
N GLU W 424 -52.08 -38.11 74.43
CA GLU W 424 -51.76 -36.89 75.17
C GLU W 424 -52.89 -36.47 76.09
N PHE W 425 -54.13 -36.62 75.68
CA PHE W 425 -55.19 -36.20 76.60
C PHE W 425 -55.21 -37.11 77.83
N GLU W 426 -54.77 -38.34 77.64
CA GLU W 426 -54.72 -39.31 78.72
C GLU W 426 -53.80 -38.84 79.84
N LYS W 427 -52.79 -38.07 79.48
CA LYS W 427 -51.79 -37.67 80.46
C LYS W 427 -52.35 -36.62 81.41
N LEU W 428 -53.51 -36.06 81.08
CA LEU W 428 -54.10 -35.08 81.97
C LEU W 428 -55.07 -35.82 82.87
N LEU W 429 -55.90 -36.68 82.26
CA LEU W 429 -56.83 -37.54 82.99
C LEU W 429 -56.75 -38.94 82.38
N THR W 430 -56.34 -39.93 83.18
CA THR W 430 -56.07 -41.29 82.69
C THR W 430 -57.23 -42.00 81.98
N TYR W 431 -58.45 -41.81 82.44
CA TYR W 431 -59.58 -42.50 81.82
C TYR W 431 -60.87 -41.73 82.02
N ASP W 432 -60.85 -40.43 81.73
CA ASP W 432 -62.03 -39.60 81.97
C ASP W 432 -63.26 -40.14 81.26
N VAL W 433 -63.02 -40.72 80.06
CA VAL W 433 -64.00 -41.29 79.13
C VAL W 433 -64.86 -42.40 79.76
N ASN W 434 -64.43 -42.91 80.90
CA ASN W 434 -65.12 -43.95 81.64
C ASN W 434 -66.57 -43.56 81.99
N THR W 435 -66.84 -42.26 82.16
CA THR W 435 -68.19 -41.81 82.52
C THR W 435 -68.47 -40.42 81.98
N GLY W 436 -69.76 -40.05 81.91
CA GLY W 436 -70.13 -38.71 81.45
C GLY W 436 -69.44 -37.65 82.30
N LEU W 437 -69.36 -37.89 83.60
CA LEU W 437 -68.62 -37.00 84.46
C LEU W 437 -67.24 -37.58 84.45
N THR W 438 -66.18 -36.77 84.35
CA THR W 438 -64.89 -37.42 84.30
C THR W 438 -64.75 -38.38 85.47
N ALA W 439 -64.33 -39.59 85.16
CA ALA W 439 -64.18 -40.64 86.15
C ALA W 439 -62.94 -41.47 85.92
N SER W 440 -62.70 -42.42 86.81
CA SER W 440 -61.59 -43.35 86.69
C SER W 440 -60.27 -42.63 86.52
N VAL W 441 -60.08 -41.55 87.25
CA VAL W 441 -58.84 -40.81 87.16
C VAL W 441 -57.77 -41.51 87.98
N THR W 442 -57.29 -42.64 87.44
CA THR W 442 -56.27 -43.51 88.04
C THR W 442 -55.00 -42.71 88.27
N LEU W 443 -54.85 -41.68 87.47
CA LEU W 443 -53.79 -40.73 87.48
C LEU W 443 -54.35 -39.45 86.90
N ASP W 444 -53.84 -38.33 87.37
CA ASP W 444 -54.21 -37.04 86.83
C ASP W 444 -53.10 -36.03 87.08
N LEU W 445 -52.93 -35.12 86.15
CA LEU W 445 -51.92 -34.06 86.25
C LEU W 445 -52.43 -32.80 86.94
N PHE W 446 -53.69 -32.80 87.32
CA PHE W 446 -54.28 -31.58 87.85
C PHE W 446 -54.51 -31.50 89.35
N ALA W 447 -54.51 -30.25 89.78
CA ALA W 447 -54.88 -29.71 91.09
C ALA W 447 -54.09 -30.13 92.32
N ASN W 448 -52.88 -30.66 92.15
CA ASN W 448 -52.02 -30.97 93.30
C ASN W 448 -51.36 -29.67 93.78
N ILE W 449 -51.62 -28.65 92.96
CA ILE W 449 -51.22 -27.29 93.03
C ILE W 449 -51.75 -26.66 94.29
N GLY W 450 -53.01 -26.94 94.66
CA GLY W 450 -53.57 -26.28 95.83
C GLY W 450 -52.72 -26.45 97.08
N THR W 451 -52.46 -27.69 97.45
CA THR W 451 -51.67 -27.99 98.64
C THR W 451 -50.27 -27.43 98.51
N ARG W 452 -49.66 -27.61 97.35
CA ARG W 452 -48.29 -27.15 97.19
C ARG W 452 -48.19 -25.62 97.32
N LEU W 453 -49.17 -24.85 96.81
CA LEU W 453 -49.10 -23.40 97.00
C LEU W 453 -49.18 -23.04 98.47
N ASP W 454 -50.02 -23.74 99.24
CA ASP W 454 -50.11 -23.45 100.65
C ASP W 454 -48.76 -23.66 101.33
N ASP W 455 -48.04 -24.74 100.95
CA ASP W 455 -46.73 -25.02 101.53
C ASP W 455 -45.72 -23.91 101.23
N ILE W 456 -45.76 -23.38 100.00
CA ILE W 456 -44.86 -22.31 99.63
C ILE W 456 -45.12 -21.07 100.43
N ILE W 457 -46.38 -20.67 100.53
CA ILE W 457 -46.68 -19.46 101.27
C ILE W 457 -46.31 -19.58 102.69
N ALA W 458 -46.64 -20.70 103.33
CA ALA W 458 -46.30 -20.83 104.71
C ALA W 458 -44.79 -20.71 104.91
N ALA W 459 -43.99 -21.34 104.05
CA ALA W 459 -42.56 -21.23 104.20
C ALA W 459 -42.07 -19.80 104.00
N VAL W 460 -42.61 -19.09 103.01
CA VAL W 460 -42.20 -17.71 102.75
C VAL W 460 -42.52 -16.80 103.90
N SER W 461 -43.70 -16.96 104.48
CA SER W 461 -44.14 -16.10 105.56
C SER W 461 -43.20 -16.17 106.76
N ALA W 462 -42.45 -17.26 106.89
CA ALA W 462 -41.54 -17.44 108.01
C ALA W 462 -40.42 -16.42 107.97
N ALA W 463 -40.15 -15.88 106.77
CA ALA W 463 -39.08 -14.93 106.57
C ALA W 463 -39.47 -13.49 106.90
N GLU W 464 -40.75 -13.23 107.13
CA GLU W 464 -41.10 -11.83 107.34
C GLU W 464 -40.33 -11.17 108.51
N PRO W 465 -40.12 -11.81 109.68
CA PRO W 465 -39.38 -11.24 110.79
C PRO W 465 -37.87 -11.50 110.70
N ILE W 466 -37.40 -12.05 109.58
CA ILE W 466 -36.00 -12.41 109.41
C ILE W 466 -35.27 -11.38 108.57
N ASP W 467 -35.91 -10.92 107.50
CA ASP W 467 -35.29 -9.93 106.61
C ASP W 467 -34.84 -8.70 107.39
N VAL W 468 -33.72 -8.15 106.95
CA VAL W 468 -33.08 -7.02 107.61
C VAL W 468 -32.95 -5.79 106.73
N ASN W 469 -32.36 -5.98 105.56
CA ASN W 469 -32.06 -4.87 104.66
C ASN W 469 -32.37 -5.06 103.18
N ASN W 470 -33.06 -6.14 102.78
CA ASN W 470 -33.32 -6.31 101.36
C ASN W 470 -34.57 -5.61 100.85
N GLY W 471 -34.38 -4.85 99.78
CA GLY W 471 -35.47 -4.10 99.16
C GLY W 471 -36.25 -4.93 98.14
N LYS W 472 -37.31 -4.34 97.61
CA LYS W 472 -38.21 -4.92 96.62
C LYS W 472 -37.58 -5.61 95.40
N LEU W 473 -36.48 -5.07 94.84
CA LEU W 473 -35.92 -5.66 93.63
C LEU W 473 -34.84 -6.70 93.89
N ASN W 474 -34.54 -6.96 95.15
CA ASN W 474 -33.45 -7.87 95.48
C ASN W 474 -33.70 -9.26 94.94
N GLY W 475 -32.73 -9.79 94.23
CA GLY W 475 -32.81 -11.14 93.68
C GLY W 475 -33.50 -11.24 92.32
N ARG W 476 -33.97 -10.13 91.78
CA ARG W 476 -34.66 -10.16 90.50
C ARG W 476 -33.68 -10.03 89.34
N LEU W 477 -34.10 -10.48 88.17
CA LEU W 477 -33.33 -10.38 86.93
C LEU W 477 -33.55 -9.07 86.19
N LEU W 478 -32.54 -8.57 85.47
CA LEU W 478 -32.79 -7.34 84.70
C LEU W 478 -33.94 -7.45 83.75
N SER W 479 -34.02 -8.56 83.07
CA SER W 479 -35.08 -8.76 82.09
C SER W 479 -36.48 -8.70 82.68
N ASP W 480 -36.62 -8.89 83.99
CA ASP W 480 -37.91 -8.88 84.66
C ASP W 480 -38.19 -7.61 85.46
N ILE W 481 -37.31 -6.59 85.42
CA ILE W 481 -37.62 -5.42 86.23
C ILE W 481 -38.06 -4.25 85.38
N GLU W 482 -37.98 -4.35 84.06
CA GLU W 482 -38.37 -3.21 83.27
C GLU W 482 -39.80 -2.74 83.57
N PRO W 483 -40.83 -3.62 83.70
CA PRO W 483 -42.18 -3.23 84.05
C PRO W 483 -42.31 -2.62 85.46
N LEU W 484 -41.35 -2.89 86.35
CA LEU W 484 -41.41 -2.38 87.72
C LEU W 484 -40.88 -0.96 87.80
N ASP W 485 -39.76 -0.74 87.13
CA ASP W 485 -39.06 0.54 87.11
C ASP W 485 -38.16 0.67 85.89
N ASN W 486 -38.64 1.34 84.83
CA ASN W 486 -37.82 1.35 83.65
C ASN W 486 -36.82 2.49 83.64
N ALA W 487 -36.75 3.27 84.71
CA ALA W 487 -35.76 4.33 84.74
C ALA W 487 -34.49 3.70 85.24
N THR W 488 -34.63 2.88 86.28
CA THR W 488 -33.50 2.18 86.85
C THR W 488 -32.98 1.21 85.80
N TYR W 489 -33.89 0.46 85.16
CA TYR W 489 -33.51 -0.50 84.14
C TYR W 489 -32.71 0.13 83.00
N ASN W 490 -33.21 1.23 82.41
CA ASN W 490 -32.47 1.81 81.31
C ASN W 490 -31.13 2.37 81.75
N THR W 491 -31.05 2.92 82.97
CA THR W 491 -29.80 3.44 83.48
C THR W 491 -28.76 2.34 83.59
N ILE W 492 -29.17 1.19 84.13
CA ILE W 492 -28.27 0.07 84.31
C ILE W 492 -27.72 -0.40 82.98
N LEU W 493 -28.59 -0.54 81.97
CA LEU W 493 -28.10 -1.02 80.70
C LEU W 493 -27.05 -0.08 80.10
N LEU W 494 -27.25 1.23 80.23
CA LEU W 494 -26.25 2.14 79.72
C LEU W 494 -24.93 1.96 80.43
N GLU W 495 -24.95 1.74 81.75
CA GLU W 495 -23.71 1.55 82.48
C GLU W 495 -23.00 0.26 82.07
N ILE W 496 -23.76 -0.83 81.86
CA ILE W 496 -23.15 -2.10 81.49
C ILE W 496 -22.41 -2.00 80.19
N ASN W 497 -23.03 -1.36 79.21
CA ASN W 497 -22.44 -1.26 77.89
C ASN W 497 -21.28 -0.29 77.80
N SER W 498 -20.91 0.40 78.89
CA SER W 498 -19.79 1.30 78.85
C SER W 498 -18.46 0.55 79.00
N HIS W 499 -18.53 -0.73 79.38
CA HIS W 499 -17.32 -1.52 79.62
C HIS W 499 -16.83 -2.20 78.34
N LYS W 500 -15.56 -1.98 77.99
CA LYS W 500 -15.00 -2.55 76.76
C LYS W 500 -14.01 -3.69 76.99
N VAL W 501 -13.83 -4.48 75.93
CA VAL W 501 -12.93 -5.63 75.84
C VAL W 501 -11.46 -5.22 75.59
N THR W 502 -10.51 -5.90 76.25
CA THR W 502 -9.07 -5.66 76.08
C THR W 502 -8.41 -6.96 75.60
N LEU W 503 -7.58 -6.87 74.54
CA LEU W 503 -6.96 -8.05 73.94
C LEU W 503 -5.43 -7.96 73.72
N PRO W 504 -4.70 -9.08 73.74
CA PRO W 504 -3.31 -9.21 73.31
C PRO W 504 -3.32 -8.76 71.85
N PRO W 505 -2.24 -8.18 71.32
CA PRO W 505 -2.14 -7.63 69.98
C PRO W 505 -1.94 -8.61 68.80
N SER W 506 -1.80 -9.89 69.07
CA SER W 506 -1.42 -10.84 68.03
C SER W 506 -2.41 -11.11 66.89
N SER W 507 -3.73 -11.04 67.10
CA SER W 507 -4.60 -11.32 65.96
C SER W 507 -4.70 -10.10 65.07
N SER W 508 -4.53 -8.92 65.67
CA SER W 508 -4.54 -7.67 64.94
C SER W 508 -3.31 -7.62 64.06
N MET W 509 -2.16 -8.10 64.58
CA MET W 509 -0.97 -8.12 63.77
C MET W 509 -1.06 -9.06 62.59
N ALA W 510 -1.70 -10.23 62.75
CA ALA W 510 -1.85 -11.11 61.59
C ALA W 510 -2.62 -10.37 60.49
N GLY W 511 -3.63 -9.60 60.90
CA GLY W 511 -4.41 -8.78 59.98
C GLY W 511 -3.50 -7.75 59.28
N ALA W 512 -2.71 -7.02 60.08
CA ALA W 512 -1.80 -6.02 59.54
C ALA W 512 -0.80 -6.62 58.54
N TYR W 513 -0.32 -7.85 58.80
CA TYR W 513 0.60 -8.49 57.88
C TYR W 513 -0.09 -8.70 56.54
N ALA W 514 -1.35 -9.15 56.58
CA ALA W 514 -2.11 -9.38 55.35
C ALA W 514 -2.23 -8.12 54.50
N ARG W 515 -2.49 -6.97 55.13
CA ARG W 515 -2.59 -5.74 54.37
C ARG W 515 -1.28 -5.39 53.67
N VAL W 516 -0.16 -5.52 54.36
CA VAL W 516 1.10 -5.18 53.72
C VAL W 516 1.42 -6.13 52.57
N ASP W 517 1.23 -7.44 52.80
CA ASP W 517 1.57 -8.41 51.77
C ASP W 517 0.83 -8.14 50.47
N ASN W 518 -0.44 -7.73 50.55
CA ASN W 518 -1.19 -7.42 49.34
C ASN W 518 -0.89 -6.04 48.73
N ASP W 519 -0.69 -5.00 49.54
CA ASP W 519 -0.45 -3.67 48.99
C ASP W 519 0.98 -3.42 48.50
N ARG W 520 1.98 -3.93 49.20
CA ARG W 520 3.37 -3.66 48.84
C ARG W 520 4.20 -4.89 48.51
N GLY W 521 3.90 -6.03 49.14
CA GLY W 521 4.65 -7.26 48.93
C GLY W 521 5.33 -7.74 50.21
N VAL W 522 5.59 -9.05 50.27
CA VAL W 522 6.19 -9.71 51.44
C VAL W 522 7.59 -9.18 51.82
N TRP W 523 8.26 -8.52 50.89
CA TRP W 523 9.59 -7.97 51.16
C TRP W 523 9.56 -6.60 51.84
N LYS W 524 8.37 -6.05 52.08
CA LYS W 524 8.19 -4.78 52.76
C LYS W 524 8.04 -4.98 54.26
N SER W 525 8.76 -4.20 55.08
CA SER W 525 8.65 -4.35 56.52
C SER W 525 7.22 -4.09 57.03
N PRO W 526 6.66 -4.95 57.90
CA PRO W 526 5.36 -4.82 58.50
C PRO W 526 5.36 -3.84 59.67
N ALA W 527 5.55 -2.57 59.37
CA ALA W 527 5.62 -1.53 60.38
C ALA W 527 5.16 -0.20 59.79
N ASN W 528 4.85 0.77 60.66
CA ASN W 528 4.30 2.08 60.28
C ASN W 528 2.94 1.86 59.62
N ILE W 529 2.18 0.98 60.25
CA ILE W 529 0.84 0.54 59.88
C ILE W 529 -0.14 0.92 60.97
N GLY W 530 -1.25 1.56 60.62
CA GLY W 530 -2.24 1.86 61.65
C GLY W 530 -3.15 0.66 61.90
N LEU W 531 -3.66 0.52 63.12
CA LEU W 531 -4.58 -0.57 63.46
C LEU W 531 -6.04 -0.13 63.55
N ASN W 532 -6.96 -1.00 63.11
CA ASN W 532 -8.40 -0.71 63.16
C ASN W 532 -9.01 -1.22 64.44
N TYR W 533 -10.10 -0.58 64.87
CA TYR W 533 -10.84 -0.94 66.07
C TYR W 533 -9.99 -0.86 67.33
N VAL W 534 -9.07 0.09 67.38
CA VAL W 534 -8.24 0.25 68.55
C VAL W 534 -8.43 1.65 69.09
N SER W 535 -8.75 1.74 70.36
CA SER W 535 -8.93 3.01 71.02
C SER W 535 -7.56 3.53 71.38
N LYS W 536 -6.80 2.68 72.07
CA LYS W 536 -5.46 3.04 72.52
C LYS W 536 -4.71 1.79 73.01
N PRO W 537 -3.37 1.83 73.13
CA PRO W 537 -2.52 0.87 73.83
C PRO W 537 -2.90 0.82 75.31
N SER W 538 -2.73 -0.34 75.96
CA SER W 538 -3.05 -0.47 77.38
C SER W 538 -2.16 0.39 78.27
N VAL W 539 -0.89 0.54 77.89
CA VAL W 539 0.08 1.35 78.62
C VAL W 539 0.80 2.25 77.64
N THR W 540 1.43 3.29 78.15
CA THR W 540 2.22 4.19 77.32
C THR W 540 3.68 3.87 77.35
N VAL W 541 4.29 3.79 76.17
CA VAL W 541 5.71 3.55 76.02
C VAL W 541 6.32 4.78 75.37
N SER W 542 7.27 5.41 76.04
CA SER W 542 7.92 6.60 75.49
C SER W 542 9.11 6.21 74.64
N HIS W 543 9.67 7.16 73.90
CA HIS W 543 10.81 6.87 73.07
C HIS W 543 12.09 6.55 73.85
N GLU W 544 12.14 6.90 75.12
CA GLU W 544 13.31 6.61 75.95
C GLU W 544 13.19 5.24 76.59
N GLU W 545 12.05 4.58 76.42
CA GLU W 545 11.81 3.28 76.99
C GLU W 545 11.99 2.26 75.89
N GLN W 546 11.53 2.61 74.69
CA GLN W 546 11.60 1.74 73.55
C GLN W 546 13.05 1.38 73.21
N GLU W 547 14.01 2.20 73.58
CA GLU W 547 15.39 1.91 73.25
C GLU W 547 15.84 0.53 73.72
N SER W 548 15.38 0.08 74.91
CA SER W 548 15.81 -1.23 75.44
C SER W 548 14.94 -2.37 74.92
N MET W 549 13.91 -2.04 74.14
CA MET W 549 13.04 -3.02 73.56
C MET W 549 13.61 -3.36 72.20
N ASN W 550 14.14 -2.35 71.53
CA ASN W 550 14.65 -2.52 70.19
C ASN W 550 16.07 -3.10 70.19
N VAL W 551 16.95 -2.55 71.00
CA VAL W 551 18.33 -3.02 71.03
C VAL W 551 18.67 -3.55 72.41
N HIS W 552 19.18 -4.77 72.45
CA HIS W 552 19.48 -5.42 73.71
C HIS W 552 20.59 -6.43 73.56
N GLY W 553 21.39 -6.60 74.60
CA GLY W 553 22.51 -7.54 74.59
C GLY W 553 22.17 -8.97 74.21
N THR W 554 20.95 -9.42 74.50
CA THR W 554 20.55 -10.79 74.16
C THR W 554 20.03 -10.98 72.73
N GLY W 555 19.72 -9.89 72.04
CA GLY W 555 19.14 -9.93 70.70
C GLY W 555 17.62 -10.15 70.72
N LYS W 556 17.06 -10.32 71.90
CA LYS W 556 15.64 -10.57 72.03
C LYS W 556 14.84 -9.29 72.00
N SER W 557 14.75 -8.72 70.81
CA SER W 557 14.03 -7.49 70.54
C SER W 557 12.54 -7.69 70.71
N VAL W 558 11.85 -6.63 71.12
CA VAL W 558 10.39 -6.58 71.23
C VAL W 558 9.89 -5.38 70.44
N ASN W 559 8.89 -5.57 69.57
CA ASN W 559 8.38 -4.46 68.77
C ASN W 559 7.34 -3.70 69.59
N ALA W 560 7.14 -2.41 69.33
CA ALA W 560 6.21 -1.67 70.17
C ALA W 560 4.96 -1.16 69.46
N ILE W 561 3.88 -1.11 70.20
CA ILE W 561 2.68 -0.48 69.68
C ILE W 561 2.60 0.90 70.33
N ARG W 562 2.59 1.96 69.51
CA ARG W 562 2.61 3.33 70.01
C ARG W 562 1.61 4.28 69.38
N SER W 563 1.19 5.28 70.16
CA SER W 563 0.25 6.31 69.70
C SER W 563 0.97 7.55 69.21
N PHE W 564 0.61 8.01 68.01
CA PHE W 564 1.20 9.20 67.44
C PHE W 564 0.14 10.29 67.20
N VAL W 565 0.53 11.53 67.41
CA VAL W 565 -0.42 12.61 67.27
C VAL W 565 -0.84 12.82 65.84
N GLY W 566 -2.14 12.79 65.62
CA GLY W 566 -2.73 12.97 64.31
C GLY W 566 -2.73 11.69 63.46
N LYS W 567 -2.20 10.59 64.01
CA LYS W 567 -2.12 9.35 63.25
C LYS W 567 -2.86 8.19 63.89
N GLY W 568 -2.88 8.14 65.22
CA GLY W 568 -3.51 7.02 65.90
C GLY W 568 -2.48 5.97 66.28
N THR W 569 -2.95 4.74 66.47
CA THR W 569 -2.06 3.70 66.97
C THR W 569 -1.35 3.01 65.82
N LEU W 570 -0.01 3.05 65.87
CA LEU W 570 0.85 2.46 64.85
C LEU W 570 1.75 1.35 65.37
N VAL W 571 2.10 0.44 64.48
CA VAL W 571 3.09 -0.59 64.78
C VAL W 571 4.48 0.01 64.56
N TRP W 572 5.32 0.07 65.60
CA TRP W 572 6.60 0.72 65.47
C TRP W 572 7.77 -0.27 65.68
N GLY W 573 8.45 -0.63 64.60
CA GLY W 573 9.54 -1.62 64.65
C GLY W 573 9.16 -2.95 64.00
N ALA W 574 10.14 -3.61 63.39
CA ALA W 574 9.89 -4.87 62.71
C ALA W 574 11.06 -5.85 62.78
N ARG W 575 11.55 -6.13 63.98
CA ARG W 575 12.66 -7.06 64.13
C ARG W 575 12.20 -8.40 64.70
N THR W 576 13.05 -9.41 64.53
CA THR W 576 12.81 -10.76 65.03
C THR W 576 13.48 -10.97 66.38
N LEU W 577 13.32 -12.16 66.96
CA LEU W 577 13.94 -12.48 68.25
C LEU W 577 15.45 -12.79 68.15
N ALA W 578 16.04 -12.59 66.98
CA ALA W 578 17.48 -12.77 66.77
C ALA W 578 18.02 -11.44 66.20
N GLY W 579 17.73 -10.35 66.90
CA GLY W 579 17.96 -8.96 66.54
C GLY W 579 19.39 -8.52 66.31
N ASN W 580 20.36 -9.28 66.77
CA ASN W 580 21.75 -8.91 66.57
C ASN W 580 22.35 -9.69 65.41
N ASP W 581 21.51 -10.42 64.69
CA ASP W 581 21.96 -11.21 63.58
C ASP W 581 22.06 -10.40 62.30
N ASN W 582 23.27 -10.24 61.80
CA ASN W 582 23.45 -9.44 60.61
C ASN W 582 22.64 -10.01 59.44
N GLU W 583 22.44 -11.33 59.39
CA GLU W 583 21.67 -11.88 58.29
C GLU W 583 20.15 -11.92 58.53
N TRP W 584 19.68 -12.48 59.66
CA TRP W 584 18.25 -12.64 59.91
C TRP W 584 17.49 -11.69 60.85
N ARG W 585 18.08 -10.56 61.31
CA ARG W 585 17.34 -9.67 62.23
C ARG W 585 16.00 -9.07 61.75
N TYR W 586 15.75 -8.97 60.43
CA TYR W 586 14.49 -8.37 59.98
C TYR W 586 13.42 -9.37 59.65
N ILE W 587 12.17 -9.01 59.99
CA ILE W 587 11.04 -9.88 59.72
C ILE W 587 10.84 -10.09 58.23
N SER W 588 10.91 -9.01 57.44
CA SER W 588 10.69 -9.10 55.99
C SER W 588 11.71 -9.96 55.26
N VAL W 589 12.91 -10.07 55.78
CA VAL W 589 13.90 -10.89 55.12
C VAL W 589 13.56 -12.34 55.39
N ARG W 590 13.28 -12.69 56.65
CA ARG W 590 12.93 -14.07 56.95
C ARG W 590 11.68 -14.51 56.18
N ARG W 591 10.63 -13.69 56.16
CA ARG W 591 9.41 -14.06 55.47
C ARG W 591 9.60 -14.18 53.95
N PHE W 592 10.39 -13.30 53.33
CA PHE W 592 10.67 -13.39 51.90
C PHE W 592 11.32 -14.74 51.59
N PHE W 593 12.33 -15.12 52.36
CA PHE W 593 12.97 -16.39 52.14
C PHE W 593 12.03 -17.57 52.32
N ASN W 594 11.13 -17.54 53.32
CA ASN W 594 10.21 -18.66 53.50
C ASN W 594 9.32 -18.83 52.26
N MET W 595 8.86 -17.70 51.71
CA MET W 595 8.04 -17.69 50.51
C MET W 595 8.79 -18.29 49.32
N ALA W 596 10.03 -17.84 49.10
CA ALA W 596 10.80 -18.34 47.98
C ALA W 596 11.03 -19.83 48.10
N GLU W 597 11.27 -20.34 49.32
CA GLU W 597 11.50 -21.75 49.50
C GLU W 597 10.26 -22.56 49.18
N GLU W 598 9.08 -22.11 49.57
CA GLU W 598 7.92 -22.91 49.22
C GLU W 598 7.83 -23.15 47.71
N SER W 599 8.02 -22.10 46.91
CA SER W 599 7.93 -22.25 45.46
C SER W 599 9.03 -23.12 44.87
N ILE W 600 10.25 -22.94 45.34
CA ILE W 600 11.36 -23.72 44.82
C ILE W 600 11.18 -25.18 45.17
N LYS W 601 10.82 -25.46 46.42
CA LYS W 601 10.60 -26.83 46.80
C LYS W 601 9.61 -27.52 45.85
N LYS W 602 8.46 -26.89 45.57
CA LYS W 602 7.50 -27.52 44.66
C LYS W 602 8.13 -27.82 43.30
N ALA W 603 8.97 -26.91 42.82
CA ALA W 603 9.67 -27.12 41.55
C ALA W 603 10.59 -28.35 41.55
N THR W 604 11.23 -28.69 42.68
CA THR W 604 12.17 -29.81 42.63
C THR W 604 11.52 -31.14 43.01
N GLU W 605 10.40 -31.11 43.73
CA GLU W 605 9.69 -32.34 44.13
C GLU W 605 9.12 -33.10 42.94
N GLN W 606 8.97 -32.44 41.81
CA GLN W 606 8.46 -33.06 40.61
C GLN W 606 9.40 -34.14 40.08
N PHE W 607 10.65 -34.16 40.54
CA PHE W 607 11.63 -35.08 40.06
C PHE W 607 12.01 -36.20 41.04
N VAL W 608 11.15 -36.53 42.02
CA VAL W 608 11.53 -37.54 43.02
C VAL W 608 12.01 -38.89 42.49
N PHE W 609 11.34 -39.48 41.53
CA PHE W 609 11.85 -40.73 41.02
C PHE W 609 12.29 -40.62 39.56
N GLU W 610 12.74 -39.44 39.11
CA GLU W 610 13.20 -39.24 37.74
C GLU W 610 14.68 -39.59 37.62
N PRO W 611 15.21 -39.90 36.42
CA PRO W 611 16.61 -40.15 36.17
C PRO W 611 17.49 -39.00 36.61
N ASN W 612 18.66 -39.31 37.15
CA ASN W 612 19.56 -38.26 37.60
C ASN W 612 20.61 -38.09 36.50
N ASP W 613 20.35 -37.15 35.60
CA ASP W 613 21.16 -36.93 34.41
C ASP W 613 20.96 -35.51 33.89
N GLY W 614 21.67 -35.17 32.82
CA GLY W 614 21.68 -33.84 32.22
C GLY W 614 20.32 -33.31 31.83
N ASN W 615 19.41 -34.17 31.39
CA ASN W 615 18.11 -33.67 30.99
C ASN W 615 17.33 -33.10 32.17
N THR W 616 17.50 -33.71 33.35
CA THR W 616 16.82 -33.30 34.55
C THR W 616 17.44 -32.03 35.05
N TRP W 617 18.76 -32.01 35.09
CA TRP W 617 19.46 -30.85 35.64
C TRP W 617 19.07 -29.59 34.87
N VAL W 618 18.98 -29.68 33.54
CA VAL W 618 18.57 -28.53 32.76
C VAL W 618 17.15 -28.08 33.08
N ARG W 619 16.20 -29.01 33.14
CA ARG W 619 14.84 -28.62 33.47
C ARG W 619 14.70 -28.00 34.85
N VAL W 620 15.41 -28.54 35.83
CA VAL W 620 15.33 -28.02 37.20
C VAL W 620 15.83 -26.59 37.23
N ARG W 621 16.97 -26.35 36.63
CA ARG W 621 17.52 -25.02 36.61
C ARG W 621 16.59 -24.02 35.93
N ALA W 622 16.04 -24.37 34.77
CA ALA W 622 15.16 -23.46 34.06
C ALA W 622 13.93 -23.07 34.87
N MET W 623 13.34 -24.03 35.58
CA MET W 623 12.16 -23.74 36.38
C MET W 623 12.46 -22.73 37.48
N ILE W 624 13.58 -22.93 38.18
CA ILE W 624 13.94 -22.05 39.27
C ILE W 624 14.26 -20.66 38.77
N GLU W 625 15.06 -20.54 37.70
CA GLU W 625 15.40 -19.22 37.21
C GLU W 625 14.16 -18.46 36.75
N ASN W 626 13.19 -19.11 36.10
CA ASN W 626 12.04 -18.34 35.66
C ASN W 626 11.30 -17.73 36.86
N PHE W 627 11.18 -18.48 37.95
CA PHE W 627 10.56 -17.95 39.16
C PHE W 627 11.29 -16.72 39.66
N LEU W 628 12.61 -16.83 39.80
CA LEU W 628 13.39 -15.73 40.33
C LEU W 628 13.38 -14.50 39.43
N ILE W 629 13.32 -14.69 38.10
CA ILE W 629 13.26 -13.55 37.19
C ILE W 629 12.00 -12.76 37.45
N LEU W 630 10.87 -13.45 37.59
CA LEU W 630 9.62 -12.74 37.85
C LEU W 630 9.67 -11.98 39.19
N GLN W 631 10.30 -12.56 40.22
CA GLN W 631 10.38 -11.84 41.50
C GLN W 631 11.24 -10.59 41.34
N TRP W 632 12.31 -10.68 40.54
CA TRP W 632 13.14 -9.54 40.23
C TRP W 632 12.35 -8.47 39.48
N ARG W 633 11.60 -8.87 38.46
CA ARG W 633 10.83 -7.93 37.67
C ARG W 633 9.85 -7.13 38.53
N ALA W 634 9.30 -7.76 39.55
CA ALA W 634 8.34 -7.14 40.47
C ALA W 634 8.99 -6.26 41.54
N GLY W 635 10.32 -6.21 41.58
CA GLY W 635 11.06 -5.40 42.55
C GLY W 635 11.47 -6.08 43.85
N ALA W 636 11.31 -7.40 43.99
CA ALA W 636 11.69 -8.07 45.22
C ALA W 636 13.20 -8.09 45.46
N LEU W 637 13.96 -8.24 44.37
CA LEU W 637 15.41 -8.38 44.41
C LEU W 637 16.14 -7.17 43.88
N ALA W 638 17.33 -6.97 44.39
CA ALA W 638 18.23 -5.90 43.98
C ALA W 638 18.98 -6.29 42.71
N GLY W 639 19.52 -5.31 41.98
CA GLY W 639 20.34 -5.59 40.80
C GLY W 639 19.79 -5.03 39.48
N ALA W 640 20.69 -4.46 38.66
CA ALA W 640 20.33 -3.86 37.36
C ALA W 640 19.73 -4.84 36.34
N LYS W 641 20.20 -6.07 36.38
CA LYS W 641 19.78 -7.15 35.49
C LYS W 641 19.72 -8.41 36.35
N PRO W 642 18.96 -9.46 36.01
CA PRO W 642 18.87 -10.71 36.75
C PRO W 642 20.25 -11.28 37.14
N GLU W 643 21.25 -11.10 36.27
CA GLU W 643 22.62 -11.55 36.50
C GLU W 643 23.26 -11.02 37.79
N HIS W 644 22.72 -9.93 38.33
CA HIS W 644 23.22 -9.29 39.52
C HIS W 644 22.31 -9.52 40.73
N ALA W 645 21.19 -10.20 40.50
CA ALA W 645 20.18 -10.41 41.52
C ALA W 645 20.27 -11.79 42.12
N PHE W 646 20.57 -12.78 41.29
CA PHE W 646 20.60 -14.16 41.77
C PHE W 646 21.42 -15.10 40.93
N TYR W 647 21.68 -16.29 41.47
CA TYR W 647 22.27 -17.35 40.67
C TYR W 647 21.72 -18.69 41.10
N VAL W 648 21.75 -19.66 40.18
CA VAL W 648 21.35 -21.04 40.42
C VAL W 648 22.38 -22.01 39.83
N LYS W 649 22.82 -23.01 40.59
CA LYS W 649 23.75 -24.02 40.09
C LYS W 649 23.29 -25.45 40.36
N VAL W 650 23.19 -26.28 39.31
CA VAL W 650 22.81 -27.68 39.48
C VAL W 650 23.64 -28.55 38.54
N GLY W 651 24.26 -29.63 39.02
CA GLY W 651 24.90 -30.53 38.05
C GLY W 651 26.25 -31.11 38.40
N LEU W 652 26.58 -32.18 37.71
CA LEU W 652 27.86 -32.84 37.91
C LEU W 652 28.95 -31.86 37.57
N GLY W 653 29.91 -31.72 38.46
CA GLY W 653 31.02 -30.81 38.27
C GLY W 653 30.76 -29.42 38.82
N GLN W 654 29.52 -29.13 39.22
CA GLN W 654 29.17 -27.83 39.78
C GLN W 654 28.74 -27.99 41.21
N THR W 655 27.79 -28.89 41.44
CA THR W 655 27.27 -29.16 42.76
C THR W 655 27.37 -30.64 43.14
N MET W 656 27.61 -31.51 42.15
CA MET W 656 27.67 -32.95 42.37
C MET W 656 28.94 -33.63 41.90
N THR W 657 29.22 -34.77 42.53
CA THR W 657 30.32 -35.63 42.12
C THR W 657 29.87 -37.06 41.83
N ALA W 658 30.82 -37.93 41.51
CA ALA W 658 30.51 -39.33 41.16
C ALA W 658 29.79 -40.06 42.28
N GLN W 659 30.14 -39.73 43.51
CA GLN W 659 29.55 -40.28 44.71
C GLN W 659 28.08 -39.93 44.83
N ASP W 660 27.65 -38.78 44.30
CA ASP W 660 26.27 -38.37 44.42
C ASP W 660 25.47 -39.09 43.38
N ILE W 661 26.10 -39.34 42.24
CA ILE W 661 25.40 -40.04 41.19
C ILE W 661 25.10 -41.45 41.70
N LEU W 662 26.10 -42.05 42.34
CA LEU W 662 25.98 -43.38 42.92
C LEU W 662 24.92 -43.47 44.03
N GLU W 663 24.95 -42.52 44.98
CA GLU W 663 23.97 -42.50 46.07
C GLU W 663 22.55 -42.15 45.63
N GLY W 664 22.42 -41.31 44.61
CA GLY W 664 21.11 -40.88 44.13
C GLY W 664 20.74 -39.49 44.64
N ASN W 665 21.73 -38.64 44.87
CA ASN W 665 21.50 -37.30 45.37
C ASN W 665 21.41 -36.26 44.25
N MET W 666 20.68 -35.17 44.51
CA MET W 666 20.69 -34.03 43.61
C MET W 666 20.91 -32.79 44.45
N ASN W 667 21.95 -32.04 44.14
CA ASN W 667 22.34 -30.86 44.90
C ASN W 667 22.05 -29.54 44.19
N VAL W 668 21.27 -28.66 44.81
CA VAL W 668 20.93 -27.38 44.18
C VAL W 668 21.44 -26.20 45.02
N GLU W 669 22.24 -25.33 44.41
CA GLU W 669 22.77 -24.13 45.10
C GLU W 669 22.15 -22.83 44.59
N ILE W 670 21.61 -22.01 45.50
CA ILE W 670 20.95 -20.74 45.12
C ILE W 670 21.40 -19.53 45.95
N GLY W 671 21.64 -18.39 45.30
CA GLY W 671 21.97 -17.14 46.00
C GLY W 671 20.98 -16.04 45.63
N LEU W 672 20.72 -15.07 46.55
CA LEU W 672 19.77 -13.96 46.32
C LEU W 672 20.21 -12.60 46.90
N ALA W 673 20.06 -11.51 46.12
CA ALA W 673 20.32 -10.14 46.57
C ALA W 673 19.08 -9.48 47.16
N VAL W 674 18.99 -9.41 48.48
CA VAL W 674 17.80 -8.92 49.18
C VAL W 674 17.98 -7.53 49.81
N VAL W 675 17.02 -6.67 49.51
CA VAL W 675 16.91 -5.26 49.93
C VAL W 675 16.70 -5.04 51.44
N ARG W 676 17.45 -4.08 52.03
CA ARG W 676 17.35 -3.79 53.46
C ARG W 676 16.76 -2.37 53.71
N PRO W 677 15.93 -2.18 54.77
CA PRO W 677 15.27 -0.94 55.17
C PRO W 677 16.12 0.11 55.88
N ALA W 678 15.69 1.36 55.81
CA ALA W 678 16.28 2.40 56.65
C ALA W 678 15.55 2.45 57.99
N GLU W 679 16.27 2.63 59.09
CA GLU W 679 15.65 2.78 60.40
C GLU W 679 15.81 4.14 61.04
N PHE W 680 16.89 4.85 60.72
CA PHE W 680 17.15 6.07 61.44
C PHE W 680 17.41 7.23 60.51
N ILE W 681 16.62 8.28 60.67
CA ILE W 681 16.78 9.46 59.86
C ILE W 681 17.23 10.61 60.74
N ILE W 682 18.37 11.17 60.41
CA ILE W 682 18.96 12.23 61.20
C ILE W 682 18.93 13.56 60.49
N LEU W 683 18.32 14.55 61.12
CA LEU W 683 18.21 15.88 60.52
C LEU W 683 19.13 16.86 61.21
N LYS W 684 20.04 17.44 60.45
CA LYS W 684 21.00 18.38 60.99
C LYS W 684 20.64 19.79 60.58
N PHE W 685 20.58 20.69 61.54
CA PHE W 685 20.20 22.08 61.27
C PHE W 685 21.32 23.04 61.58
N SER W 686 21.36 24.14 60.85
CA SER W 686 22.34 25.19 61.04
C SER W 686 21.84 26.49 60.47
N HIS W 687 22.52 27.59 60.81
CA HIS W 687 22.19 28.88 60.24
C HIS W 687 22.85 29.01 58.88
N LYS W 688 22.18 29.66 57.96
CA LYS W 688 22.78 29.86 56.65
C LYS W 688 23.73 31.02 56.71
N MET W 689 24.93 30.84 56.18
CA MET W 689 25.91 31.89 56.18
C MET W 689 25.77 32.70 54.90
N GLN W 690 25.88 34.02 55.03
CA GLN W 690 25.77 34.94 53.90
C GLN W 690 25.94 36.39 54.36
N THR X 3 -73.46 -5.43 0.81
CA THR X 3 -72.16 -5.06 0.26
C THR X 3 -72.15 -3.64 -0.24
N TYR X 4 -71.16 -3.30 -1.04
CA TYR X 4 -71.03 -1.96 -1.56
C TYR X 4 -70.91 -2.05 -3.08
N LYS X 5 -71.50 -1.10 -3.80
CA LYS X 5 -71.42 -1.13 -5.25
C LYS X 5 -70.67 0.03 -5.88
N THR X 6 -70.93 1.24 -5.41
CA THR X 6 -70.28 2.41 -5.96
C THR X 6 -68.87 2.51 -5.35
N PRO X 7 -67.78 2.71 -6.14
CA PRO X 7 -66.44 2.92 -5.64
C PRO X 7 -66.44 4.16 -4.77
N GLY X 8 -65.65 4.17 -3.69
CA GLY X 8 -65.64 5.37 -2.86
C GLY X 8 -65.48 5.07 -1.38
N VAL X 9 -65.70 6.10 -0.59
CA VAL X 9 -65.56 6.04 0.85
C VAL X 9 -66.91 6.03 1.55
N TYR X 10 -67.11 5.04 2.40
CA TYR X 10 -68.35 4.89 3.14
C TYR X 10 -68.13 5.23 4.61
N ILE X 11 -69.16 5.78 5.26
CA ILE X 11 -69.09 6.13 6.67
C ILE X 11 -70.16 5.43 7.49
N GLU X 12 -69.73 4.79 8.56
CA GLU X 12 -70.62 4.06 9.46
C GLU X 12 -70.30 4.43 10.91
N GLU X 13 -71.30 4.38 11.80
CA GLU X 13 -71.08 4.70 13.20
C GLU X 13 -71.41 3.54 14.12
N ILE X 14 -70.39 3.06 14.82
CA ILE X 14 -70.48 1.89 15.70
C ILE X 14 -69.86 2.12 17.08
N THR X 15 -70.16 1.22 18.01
CA THR X 15 -69.52 1.22 19.34
C THR X 15 -68.87 -0.14 19.63
N LYS X 16 -67.59 -0.13 20.00
CA LYS X 16 -66.88 -1.37 20.34
C LYS X 16 -65.55 -1.10 21.00
N PHE X 17 -64.91 -2.15 21.53
CA PHE X 17 -63.53 -2.00 22.03
C PHE X 17 -62.59 -2.04 20.84
N PRO X 18 -61.48 -1.28 20.85
CA PRO X 18 -60.42 -1.31 19.86
C PRO X 18 -59.81 -2.72 19.84
N PRO X 19 -59.34 -3.22 18.69
CA PRO X 19 -58.66 -4.49 18.52
C PRO X 19 -57.24 -4.44 19.07
N SER X 20 -56.73 -5.61 19.44
CA SER X 20 -55.35 -5.76 19.87
C SER X 20 -54.37 -5.90 18.72
N VAL X 21 -53.08 -5.78 19.02
CA VAL X 21 -52.00 -5.97 18.07
C VAL X 21 -51.64 -7.46 17.99
N ALA X 22 -51.54 -7.98 16.77
CA ALA X 22 -51.21 -9.39 16.57
C ALA X 22 -49.85 -9.73 17.16
N GLN X 23 -49.76 -10.91 17.76
CA GLN X 23 -48.53 -11.37 18.36
C GLN X 23 -47.87 -12.51 17.60
N VAL X 24 -46.58 -12.68 17.88
CA VAL X 24 -45.69 -13.72 17.37
C VAL X 24 -45.83 -15.03 18.14
N GLU X 25 -45.77 -16.16 17.42
CA GLU X 25 -45.87 -17.47 18.03
C GLU X 25 -44.94 -17.66 19.22
N THR X 26 -45.53 -18.23 20.25
CA THR X 26 -44.95 -18.57 21.53
C THR X 26 -45.69 -19.78 22.04
N ALA X 27 -45.67 -20.04 23.33
CA ALA X 27 -46.37 -21.22 23.81
C ALA X 27 -47.79 -21.19 23.28
N ILE X 28 -48.26 -22.34 22.77
CA ILE X 28 -49.59 -22.44 22.19
C ILE X 28 -50.61 -23.15 23.10
N PRO X 29 -51.65 -22.48 23.57
CA PRO X 29 -52.71 -23.07 24.34
C PRO X 29 -53.73 -23.74 23.46
N ALA X 30 -54.42 -24.72 24.02
CA ALA X 30 -55.64 -25.23 23.39
C ALA X 30 -56.81 -24.92 24.29
N PHE X 31 -57.93 -24.54 23.67
CA PHE X 31 -59.15 -24.22 24.39
C PHE X 31 -60.27 -25.19 24.01
N ILE X 32 -60.76 -25.95 24.99
CA ILE X 32 -61.81 -26.95 24.71
C ILE X 32 -63.19 -26.53 25.27
N GLY X 33 -64.19 -26.36 24.39
CA GLY X 33 -65.53 -25.93 24.85
C GLY X 33 -66.60 -25.74 23.75
N TYR X 34 -67.70 -25.07 24.10
CA TYR X 34 -68.86 -24.86 23.20
C TYR X 34 -68.85 -23.54 22.42
N THR X 35 -69.31 -23.62 21.16
CA THR X 35 -69.39 -22.49 20.21
C THR X 35 -70.78 -22.33 19.59
N GLN X 36 -70.92 -21.38 18.65
CA GLN X 36 -72.20 -21.12 18.01
C GLN X 36 -72.40 -21.65 16.58
N PHE X 37 -71.33 -21.81 15.83
CA PHE X 37 -71.41 -22.32 14.46
C PHE X 37 -70.63 -23.58 14.17
N ALA X 38 -69.35 -23.56 14.50
CA ALA X 38 -68.40 -24.60 14.18
C ALA X 38 -68.36 -24.95 12.69
N ARG X 39 -68.13 -23.98 11.80
CA ARG X 39 -68.13 -24.33 10.37
C ARG X 39 -66.88 -23.91 9.61
N THR X 40 -66.59 -24.63 8.52
CA THR X 40 -65.41 -24.41 7.69
C THR X 40 -65.57 -23.38 6.60
N LYS X 41 -66.80 -23.14 6.20
CA LYS X 41 -67.10 -22.19 5.18
C LYS X 41 -68.20 -21.27 5.71
N PRO X 42 -67.90 -20.02 6.06
CA PRO X 42 -68.81 -19.07 6.65
C PRO X 42 -70.15 -18.89 5.93
N SER X 43 -70.17 -19.04 4.59
CA SER X 43 -71.38 -18.88 3.80
C SER X 43 -72.37 -20.05 3.77
N VAL X 44 -72.09 -21.13 4.48
CA VAL X 44 -73.01 -22.26 4.49
C VAL X 44 -73.38 -22.56 5.94
N ASP X 45 -74.37 -23.42 6.19
CA ASP X 45 -74.76 -23.72 7.55
C ASP X 45 -74.30 -25.06 8.17
N SER X 46 -73.32 -25.73 7.56
CA SER X 46 -72.85 -27.03 8.07
C SER X 46 -71.84 -26.91 9.21
N ASP X 47 -72.10 -27.56 10.34
CA ASP X 47 -71.19 -27.51 11.50
C ASP X 47 -70.08 -28.58 11.40
N ASP X 48 -69.24 -28.40 10.38
CA ASP X 48 -68.20 -29.37 10.04
C ASP X 48 -66.95 -29.34 10.90
N LEU X 49 -66.83 -28.39 11.81
CA LEU X 49 -65.67 -28.33 12.70
C LEU X 49 -65.90 -29.00 14.04
N ILE X 50 -67.03 -29.66 14.26
CA ILE X 50 -67.16 -30.27 15.57
C ILE X 50 -66.11 -31.37 15.74
N LEU X 51 -65.33 -31.23 16.82
CA LEU X 51 -64.20 -32.07 17.20
C LEU X 51 -63.08 -32.16 16.17
N LYS X 52 -62.86 -31.06 15.44
CA LYS X 52 -61.78 -30.92 14.47
C LYS X 52 -60.91 -29.73 14.88
N PRO X 53 -59.81 -29.91 15.62
CA PRO X 53 -59.02 -28.81 16.12
C PRO X 53 -58.60 -27.89 15.00
N LYS X 54 -58.70 -26.58 15.23
CA LYS X 54 -58.31 -25.60 14.22
C LYS X 54 -57.46 -24.52 14.84
N ARG X 55 -56.49 -24.04 14.08
CA ARG X 55 -55.64 -22.95 14.51
C ARG X 55 -56.18 -21.57 14.10
N ILE X 56 -56.29 -20.71 15.10
CA ILE X 56 -56.79 -19.33 15.03
C ILE X 56 -55.72 -18.29 15.39
N SER X 57 -55.55 -17.28 14.53
CA SER X 57 -54.55 -16.22 14.76
C SER X 57 -55.01 -15.00 15.57
N SER X 58 -56.32 -14.76 15.61
CA SER X 58 -56.85 -13.57 16.28
C SER X 58 -58.33 -13.75 16.63
N LEU X 59 -58.86 -12.88 17.49
CA LEU X 59 -60.28 -12.98 17.85
C LEU X 59 -61.17 -12.81 16.63
N LEU X 60 -60.74 -11.95 15.71
CA LEU X 60 -61.46 -11.70 14.48
C LEU X 60 -61.60 -12.95 13.62
N ASP X 61 -60.64 -13.89 13.71
CA ASP X 61 -60.74 -15.09 12.92
C ASP X 61 -61.65 -16.06 13.64
N PHE X 62 -61.60 -16.06 14.97
CA PHE X 62 -62.45 -16.94 15.75
C PHE X 62 -63.89 -16.72 15.35
N THR X 63 -64.30 -15.45 15.33
CA THR X 63 -65.67 -15.09 15.07
C THR X 63 -66.18 -15.36 13.66
N THR X 64 -65.34 -15.80 12.71
CA THR X 64 -65.86 -16.10 11.39
C THR X 64 -66.08 -17.59 11.21
N TYR X 65 -65.67 -18.40 12.19
CA TYR X 65 -65.82 -19.85 12.11
C TYR X 65 -66.68 -20.35 13.25
N TYR X 66 -66.58 -19.69 14.39
CA TYR X 66 -67.24 -20.16 15.58
C TYR X 66 -68.39 -19.31 16.12
N GLY X 67 -68.51 -18.06 15.68
CA GLY X 67 -69.53 -17.12 16.18
C GLY X 67 -69.12 -16.37 17.45
N GLY X 68 -70.10 -15.77 18.13
CA GLY X 68 -69.87 -14.93 19.31
C GLY X 68 -70.47 -15.52 20.60
N ALA X 69 -70.96 -14.65 21.48
CA ALA X 69 -71.55 -15.06 22.76
C ALA X 69 -73.05 -15.29 22.59
N GLN X 70 -73.67 -15.99 23.56
CA GLN X 70 -75.12 -16.19 23.58
C GLN X 70 -75.78 -15.01 24.28
N ASN X 71 -76.91 -14.51 23.76
CA ASN X 71 -77.63 -13.43 24.44
C ASN X 71 -78.15 -13.90 25.80
N GLU X 72 -77.96 -13.10 26.84
CA GLU X 72 -78.46 -13.45 28.16
C GLU X 72 -79.99 -13.39 28.18
N GLN X 73 -80.63 -14.36 28.82
CA GLN X 73 -82.09 -14.38 28.93
C GLN X 73 -82.59 -14.01 30.32
N GLY X 74 -81.67 -13.70 31.22
CA GLY X 74 -81.96 -13.43 32.63
C GLY X 74 -82.14 -11.96 33.03
N ILE X 75 -82.17 -11.04 32.07
CA ILE X 75 -82.30 -9.63 32.43
C ILE X 75 -83.75 -9.27 32.69
N THR X 76 -83.99 -8.77 33.89
CA THR X 76 -85.30 -8.37 34.37
C THR X 76 -85.35 -6.88 34.58
N VAL X 77 -86.44 -6.26 34.16
CA VAL X 77 -86.64 -4.84 34.39
C VAL X 77 -88.01 -4.63 35.02
N LYS X 78 -88.05 -3.97 36.17
CA LYS X 78 -89.32 -3.73 36.82
C LYS X 78 -89.59 -2.25 37.12
N LEU X 79 -90.76 -1.81 36.71
CA LEU X 79 -91.18 -0.43 36.90
C LEU X 79 -92.36 -0.33 37.86
N THR X 80 -92.21 0.48 38.90
CA THR X 80 -93.33 0.65 39.85
C THR X 80 -93.81 2.09 39.94
N ASP X 81 -95.10 2.29 39.63
CA ASP X 81 -95.73 3.61 39.68
C ASP X 81 -96.69 3.81 40.85
N THR X 82 -96.33 4.72 41.76
CA THR X 82 -97.17 4.99 42.92
C THR X 82 -97.38 6.48 43.14
N LEU X 83 -98.12 6.81 44.20
CA LEU X 83 -98.35 8.20 44.56
C LEU X 83 -97.87 8.59 45.94
N ILE X 84 -97.26 9.76 46.02
CA ILE X 84 -96.83 10.32 47.30
C ILE X 84 -97.52 11.66 47.50
N GLU X 85 -98.46 11.70 48.44
CA GLU X 85 -99.23 12.91 48.70
C GLU X 85 -99.82 13.48 47.40
N GLY X 86 -100.29 12.59 46.54
CA GLY X 86 -100.90 12.92 45.25
C GLY X 86 -99.91 13.10 44.09
N ALA X 87 -98.60 13.11 44.36
CA ALA X 87 -97.60 13.28 43.32
C ALA X 87 -97.23 11.96 42.71
N GLU X 88 -96.89 11.95 41.42
CA GLU X 88 -96.41 10.73 40.80
C GLU X 88 -95.00 10.40 41.25
N ASN X 89 -94.74 9.12 41.46
CA ASN X 89 -93.42 8.64 41.83
C ASN X 89 -93.06 7.32 41.15
N ARG X 90 -92.06 7.34 40.26
CA ARG X 90 -91.66 6.12 39.56
C ARG X 90 -90.32 5.57 39.98
N THR X 91 -90.29 4.27 40.27
CA THR X 91 -89.06 3.56 40.59
C THR X 91 -88.65 2.60 39.48
N ILE X 92 -87.39 2.71 39.04
CA ILE X 92 -86.86 1.82 38.01
C ILE X 92 -85.83 0.87 38.62
N ASN X 93 -86.11 -0.43 38.57
CA ASN X 93 -85.24 -1.43 39.19
C ASN X 93 -84.71 -2.49 38.24
N VAL X 94 -83.39 -2.48 38.01
CA VAL X 94 -82.76 -3.46 37.13
C VAL X 94 -81.63 -4.20 37.90
N PRO X 95 -81.91 -5.37 38.52
CA PRO X 95 -81.01 -6.16 39.34
C PRO X 95 -80.00 -6.94 38.52
N GLU X 96 -78.90 -7.34 39.16
CA GLU X 96 -77.96 -8.24 38.52
C GLU X 96 -78.66 -9.57 38.23
N PRO X 97 -78.54 -10.16 37.03
CA PRO X 97 -79.19 -11.41 36.70
C PRO X 97 -78.69 -12.56 37.57
N THR X 98 -79.62 -13.42 37.97
CA THR X 98 -79.28 -14.58 38.76
C THR X 98 -79.13 -15.81 37.90
N PHE X 99 -79.74 -15.77 36.72
CA PHE X 99 -79.65 -16.87 35.78
C PHE X 99 -78.85 -16.40 34.58
N LYS X 100 -77.65 -16.92 34.46
CA LYS X 100 -76.73 -16.50 33.42
C LYS X 100 -76.49 -17.67 32.46
N SER X 101 -76.14 -17.36 31.22
CA SER X 101 -75.81 -18.41 30.25
C SER X 101 -74.41 -19.00 30.48
N PRO X 102 -74.26 -20.33 30.66
CA PRO X 102 -72.99 -20.98 30.97
C PRO X 102 -72.09 -21.20 29.76
N TYR X 103 -71.83 -20.18 28.99
CA TYR X 103 -71.01 -20.36 27.80
C TYR X 103 -69.93 -19.29 27.65
N LEU X 104 -68.82 -19.48 28.35
CA LEU X 104 -67.76 -18.48 28.49
C LEU X 104 -66.63 -18.50 27.45
N MET X 105 -66.67 -19.37 26.44
CA MET X 105 -65.57 -19.43 25.46
C MET X 105 -65.24 -18.06 24.84
N PHE X 106 -66.26 -17.33 24.41
CA PHE X 106 -66.03 -16.04 23.76
C PHE X 106 -65.36 -15.04 24.70
N TYR X 107 -65.89 -14.91 25.91
CA TYR X 107 -65.36 -13.97 26.88
C TYR X 107 -63.93 -14.31 27.28
N SER X 108 -63.65 -15.60 27.45
CA SER X 108 -62.33 -16.03 27.82
C SER X 108 -61.31 -15.68 26.76
N LEU X 109 -61.65 -15.85 25.47
CA LEU X 109 -60.75 -15.47 24.40
C LEU X 109 -60.50 -13.98 24.35
N GLN X 110 -61.52 -13.16 24.61
CA GLN X 110 -61.26 -11.73 24.62
C GLN X 110 -60.19 -11.38 25.66
N MET X 111 -60.25 -11.99 26.85
CA MET X 111 -59.27 -11.73 27.88
C MET X 111 -57.87 -12.21 27.49
N TYR X 112 -57.81 -13.38 26.85
CA TYR X 112 -56.56 -13.95 26.39
C TYR X 112 -55.83 -13.03 25.42
N PHE X 113 -56.54 -12.52 24.42
CA PHE X 113 -55.90 -11.64 23.47
C PHE X 113 -55.56 -10.29 24.11
N ALA X 114 -56.41 -9.78 25.03
CA ALA X 114 -56.17 -8.51 25.72
C ALA X 114 -54.86 -8.53 26.51
N ASN X 115 -54.50 -9.71 27.03
CA ASN X 115 -53.29 -9.90 27.81
C ASN X 115 -52.07 -10.35 27.02
N GLY X 116 -52.11 -10.27 25.70
CA GLY X 116 -50.92 -10.58 24.91
C GLY X 116 -50.80 -11.95 24.29
N GLY X 117 -51.85 -12.75 24.30
CA GLY X 117 -51.75 -14.06 23.70
C GLY X 117 -51.57 -14.03 22.19
N GLY X 118 -50.93 -15.08 21.65
CA GLY X 118 -50.72 -15.24 20.22
C GLY X 118 -51.67 -16.31 19.66
N PRO X 119 -51.33 -16.96 18.55
CA PRO X 119 -52.10 -18.01 17.88
C PRO X 119 -52.40 -19.17 18.81
N CYS X 120 -53.57 -19.77 18.65
CA CYS X 120 -54.01 -20.87 19.51
C CYS X 120 -54.91 -21.89 18.83
N TYR X 121 -55.16 -23.02 19.50
CA TYR X 121 -56.07 -24.03 18.97
C TYR X 121 -57.43 -24.03 19.63
N ILE X 122 -58.45 -24.13 18.79
CA ILE X 122 -59.83 -24.21 19.25
C ILE X 122 -60.43 -25.57 18.96
N VAL X 123 -61.01 -26.18 19.98
CA VAL X 123 -61.71 -27.42 19.78
C VAL X 123 -63.16 -27.19 20.17
N SER X 124 -64.07 -27.32 19.20
CA SER X 124 -65.47 -27.13 19.47
C SER X 124 -66.11 -28.48 19.73
N THR X 125 -66.68 -28.63 20.91
CA THR X 125 -67.25 -29.89 21.36
C THR X 125 -68.75 -30.00 21.12
N GLY X 126 -69.34 -28.93 20.63
CA GLY X 126 -70.77 -28.86 20.40
C GLY X 126 -71.18 -27.43 20.28
N VAL X 127 -72.48 -27.19 20.12
CA VAL X 127 -72.95 -25.84 20.00
C VAL X 127 -73.97 -25.52 21.08
N TYR X 128 -74.22 -24.23 21.27
CA TYR X 128 -75.14 -23.74 22.30
C TYR X 128 -76.57 -24.19 22.13
N ASP X 129 -77.19 -24.54 23.24
CA ASP X 129 -78.61 -24.88 23.31
C ASP X 129 -79.44 -23.70 23.72
N ASP X 130 -80.71 -23.75 23.35
CA ASP X 130 -81.72 -22.77 23.74
C ASP X 130 -82.08 -22.94 25.19
N TRP X 131 -82.58 -21.88 25.80
CA TRP X 131 -83.07 -21.93 27.17
C TRP X 131 -84.44 -22.60 27.16
N SER X 132 -84.79 -23.26 28.25
CA SER X 132 -86.11 -23.90 28.31
C SER X 132 -87.15 -22.90 28.79
N ASP X 133 -86.70 -21.98 29.63
CA ASP X 133 -87.55 -20.94 30.19
C ASP X 133 -86.67 -19.77 30.61
N SER X 134 -87.25 -18.68 31.09
CA SER X 134 -86.46 -17.51 31.52
C SER X 134 -85.61 -17.78 32.75
N GLU X 135 -85.97 -18.80 33.49
CA GLU X 135 -85.26 -19.20 34.68
C GLU X 135 -84.70 -20.61 34.55
N THR X 136 -84.69 -21.14 33.32
CA THR X 136 -84.15 -22.47 33.12
C THR X 136 -83.09 -22.47 32.00
N PRO X 137 -81.80 -22.28 32.35
CA PRO X 137 -80.67 -22.18 31.45
C PRO X 137 -80.23 -23.54 30.90
N PRO X 138 -79.46 -23.56 29.81
CA PRO X 138 -78.74 -24.67 29.22
C PRO X 138 -77.72 -25.27 30.16
N THR X 139 -77.25 -26.45 29.84
CA THR X 139 -76.26 -27.15 30.64
C THR X 139 -74.97 -27.46 29.87
N ILE X 140 -73.99 -27.96 30.64
CA ILE X 140 -72.69 -28.42 30.19
C ILE X 140 -72.64 -29.93 30.37
N ASN X 141 -72.35 -30.65 29.30
CA ASN X 141 -72.31 -32.10 29.36
C ASN X 141 -70.91 -32.62 29.53
N PHE X 142 -70.63 -33.19 30.68
CA PHE X 142 -69.31 -33.71 31.00
C PHE X 142 -68.68 -34.52 29.88
N SER X 143 -69.47 -35.40 29.25
CA SER X 143 -68.96 -36.30 28.22
C SER X 143 -68.40 -35.57 27.00
N ASP X 144 -68.83 -34.34 26.77
CA ASP X 144 -68.38 -33.57 25.63
C ASP X 144 -66.99 -33.02 25.89
N LEU X 145 -66.69 -32.74 27.15
CA LEU X 145 -65.40 -32.16 27.46
C LEU X 145 -64.39 -33.28 27.41
N GLU X 146 -64.77 -34.48 27.86
CA GLU X 146 -63.85 -35.61 27.78
C GLU X 146 -63.53 -35.96 26.34
N SER X 147 -64.52 -35.87 25.46
CA SER X 147 -64.29 -36.15 24.05
C SER X 147 -63.27 -35.18 23.49
N GLY X 148 -63.43 -33.88 23.77
CA GLY X 148 -62.50 -32.88 23.28
C GLY X 148 -61.07 -33.12 23.79
N LEU X 149 -60.93 -33.53 25.06
CA LEU X 149 -59.62 -33.81 25.63
C LEU X 149 -58.97 -34.99 24.91
N ALA X 150 -59.75 -36.03 24.63
CA ALA X 150 -59.19 -37.15 23.88
C ALA X 150 -58.73 -36.71 22.49
N VAL X 151 -59.49 -35.85 21.83
CA VAL X 151 -59.13 -35.39 20.49
C VAL X 151 -57.81 -34.62 20.45
N ILE X 152 -57.62 -33.69 21.38
CA ILE X 152 -56.41 -32.86 21.39
C ILE X 152 -55.14 -33.72 21.59
N ARG X 153 -55.27 -34.95 22.06
CA ARG X 153 -54.12 -35.81 22.28
C ARG X 153 -53.35 -36.05 20.99
N LYS X 154 -54.03 -36.00 19.85
CA LYS X 154 -53.36 -36.26 18.59
C LYS X 154 -52.69 -35.04 17.96
N GLU X 155 -52.78 -33.87 18.59
CA GLU X 155 -52.14 -32.69 18.00
C GLU X 155 -50.73 -32.54 18.54
N ASP X 156 -49.84 -32.06 17.70
CA ASP X 156 -48.45 -31.83 18.06
C ASP X 156 -48.12 -30.48 18.69
N GLU X 157 -48.57 -29.41 18.06
CA GLU X 157 -48.22 -28.05 18.48
C GLU X 157 -48.60 -27.52 19.89
N PRO X 158 -49.79 -27.82 20.47
CA PRO X 158 -50.22 -27.30 21.77
C PRO X 158 -49.31 -27.69 22.93
N THR X 159 -49.16 -26.76 23.90
CA THR X 159 -48.38 -26.98 25.11
C THR X 159 -49.20 -26.71 26.39
N LEU X 160 -50.24 -25.88 26.31
CA LEU X 160 -51.05 -25.59 27.50
C LEU X 160 -52.48 -26.07 27.34
N LEU X 161 -53.05 -26.64 28.41
CA LEU X 161 -54.46 -27.07 28.37
C LEU X 161 -55.41 -26.26 29.23
N LEU X 162 -56.46 -25.71 28.59
CA LEU X 162 -57.49 -24.93 29.28
C LEU X 162 -58.93 -25.37 28.96
N PHE X 163 -59.81 -25.30 29.97
CA PHE X 163 -61.25 -25.57 29.81
C PHE X 163 -62.11 -24.39 30.28
N PRO X 164 -62.51 -23.45 29.38
CA PRO X 164 -63.28 -22.25 29.65
C PRO X 164 -64.56 -22.42 30.45
N ASP X 165 -65.26 -23.57 30.37
CA ASP X 165 -66.49 -23.70 31.15
C ASP X 165 -66.47 -24.89 32.10
N ALA X 166 -65.32 -25.21 32.67
CA ALA X 166 -65.28 -26.30 33.65
C ALA X 166 -66.11 -25.97 34.88
N THR X 167 -66.15 -24.70 35.27
CA THR X 167 -66.84 -24.29 36.48
C THR X 167 -68.35 -24.23 36.31
N ASN X 168 -68.85 -24.41 35.08
CA ASN X 168 -70.29 -24.38 34.85
C ASN X 168 -70.84 -25.80 34.80
N LEU X 169 -69.97 -26.76 35.06
CA LEU X 169 -70.26 -28.17 35.07
C LEU X 169 -71.07 -28.44 36.36
N PRO X 170 -72.16 -29.26 36.34
CA PRO X 170 -73.08 -29.57 37.43
C PRO X 170 -72.55 -29.98 38.81
N THR X 171 -71.42 -30.68 38.88
CA THR X 171 -70.93 -31.07 40.21
C THR X 171 -69.45 -30.81 40.34
N ASP X 172 -68.97 -30.78 41.57
CA ASP X 172 -67.56 -30.60 41.81
C ASP X 172 -66.85 -31.90 41.50
N ASP X 173 -67.53 -33.00 41.71
CA ASP X 173 -66.94 -34.29 41.41
C ASP X 173 -66.58 -34.39 39.92
N GLU X 174 -67.47 -33.93 39.03
CA GLU X 174 -67.15 -33.95 37.60
C GLU X 174 -65.99 -33.00 37.27
N PHE X 175 -65.97 -31.85 37.93
CA PHE X 175 -64.93 -30.86 37.75
C PHE X 175 -63.56 -31.46 38.08
N TYR X 176 -63.45 -32.08 39.25
CA TYR X 176 -62.18 -32.65 39.67
C TYR X 176 -61.77 -33.81 38.77
N SER X 177 -62.73 -34.64 38.35
CA SER X 177 -62.45 -35.76 37.47
C SER X 177 -61.83 -35.29 36.16
N LEU X 178 -62.39 -34.21 35.57
CA LEU X 178 -61.86 -33.69 34.32
C LEU X 178 -60.41 -33.24 34.47
N TYR X 179 -60.08 -32.57 35.58
CA TYR X 179 -58.70 -32.13 35.78
C TYR X 179 -57.75 -33.28 36.05
N ASN X 180 -58.21 -34.33 36.73
CA ASN X 180 -57.30 -35.45 36.97
C ASN X 180 -56.93 -36.07 35.62
N SER X 181 -57.88 -36.14 34.69
CA SER X 181 -57.59 -36.68 33.36
C SER X 181 -56.57 -35.83 32.61
N ALA X 182 -56.70 -34.49 32.70
CA ALA X 182 -55.73 -33.62 32.04
C ALA X 182 -54.31 -33.81 32.58
N LEU X 183 -54.17 -33.97 33.91
CA LEU X 183 -52.85 -34.19 34.48
C LEU X 183 -52.27 -35.53 34.04
N MET X 184 -53.12 -36.56 33.94
CA MET X 184 -52.67 -37.85 33.46
C MET X 184 -52.21 -37.77 32.01
N GLN X 185 -52.92 -37.01 31.16
CA GLN X 185 -52.51 -36.86 29.77
C GLN X 185 -51.13 -36.22 29.69
N CYS X 186 -50.89 -35.21 30.53
CA CYS X 186 -49.60 -34.53 30.55
C CYS X 186 -48.49 -35.48 30.94
N ASN X 187 -48.72 -36.37 31.91
CA ASN X 187 -47.67 -37.30 32.25
C ASN X 187 -47.46 -38.33 31.13
N ASP X 188 -48.52 -38.80 30.47
CA ASP X 188 -48.30 -39.76 29.39
C ASP X 188 -47.46 -39.17 28.25
N LEU X 189 -47.66 -37.89 27.93
CA LEU X 189 -46.93 -37.26 26.82
C LEU X 189 -45.57 -36.64 27.19
N GLN X 190 -45.41 -36.15 28.43
CA GLN X 190 -44.21 -35.49 28.97
C GLN X 190 -43.82 -34.15 28.33
N ASP X 191 -44.76 -33.41 27.74
CA ASP X 191 -44.46 -32.10 27.16
C ASP X 191 -45.57 -31.03 27.31
N ARG X 192 -46.55 -31.24 28.19
CA ARG X 192 -47.65 -30.29 28.38
C ARG X 192 -47.81 -29.87 29.83
N PHE X 193 -48.48 -28.74 30.02
CA PHE X 193 -48.73 -28.20 31.35
C PHE X 193 -50.20 -27.76 31.49
N THR X 194 -50.80 -28.06 32.64
CA THR X 194 -52.22 -27.75 32.91
C THR X 194 -52.42 -26.55 33.84
N ILE X 195 -53.34 -25.66 33.46
CA ILE X 195 -53.68 -24.52 34.33
C ILE X 195 -55.03 -24.78 35.01
N LEU X 196 -55.05 -24.73 36.34
CA LEU X 196 -56.25 -25.07 37.11
C LEU X 196 -56.87 -23.90 37.89
N ASP X 197 -58.20 -23.95 37.97
CA ASP X 197 -59.05 -23.02 38.71
C ASP X 197 -59.71 -23.71 39.89
N THR X 198 -60.18 -22.95 40.88
CA THR X 198 -61.00 -23.54 41.91
C THR X 198 -62.39 -23.65 41.31
N TYR X 199 -63.29 -24.39 41.95
CA TYR X 199 -64.66 -24.54 41.47
C TYR X 199 -65.44 -23.23 41.59
N SER X 200 -65.24 -22.53 42.69
CA SER X 200 -65.90 -21.27 43.05
C SER X 200 -65.05 -20.49 44.04
N ASP X 201 -65.19 -19.17 44.08
CA ASP X 201 -64.48 -18.42 45.14
C ASP X 201 -65.26 -18.24 46.42
N GLN X 202 -66.48 -18.72 46.44
CA GLN X 202 -67.35 -18.60 47.60
C GLN X 202 -67.63 -19.96 48.16
N THR X 203 -68.03 -20.00 49.42
CA THR X 203 -68.37 -21.27 50.04
C THR X 203 -69.48 -21.75 49.15
N TYR X 204 -69.39 -23.01 48.73
CA TYR X 204 -70.39 -23.60 47.84
C TYR X 204 -70.98 -24.84 48.49
N ASN X 205 -72.26 -25.08 48.24
CA ASN X 205 -72.89 -26.22 48.86
C ASN X 205 -72.94 -27.40 47.91
N ASP X 206 -72.42 -28.53 48.36
CA ASP X 206 -72.42 -29.74 47.53
C ASP X 206 -73.71 -30.56 47.69
N GLY X 207 -74.70 -30.02 48.38
CA GLY X 207 -75.97 -30.68 48.64
C GLY X 207 -76.00 -31.39 49.99
N VAL X 208 -74.84 -31.52 50.61
CA VAL X 208 -74.69 -32.16 51.90
C VAL X 208 -74.04 -31.23 52.92
N GLU X 209 -72.91 -30.64 52.52
CA GLU X 209 -72.06 -29.81 53.37
C GLU X 209 -71.56 -28.53 52.67
N ASP X 210 -71.21 -27.53 53.48
CA ASP X 210 -70.65 -26.26 53.03
C ASP X 210 -69.12 -26.32 52.95
N LEU X 211 -68.57 -26.22 51.74
CA LEU X 211 -67.14 -26.39 51.57
C LEU X 211 -66.34 -25.14 51.21
N ASP X 212 -65.16 -25.03 51.83
CA ASP X 212 -64.20 -23.98 51.51
C ASP X 212 -63.48 -24.38 50.23
N PRO X 213 -63.43 -23.47 49.24
CA PRO X 213 -62.87 -23.74 47.91
C PRO X 213 -61.41 -24.14 47.86
N ILE X 214 -60.48 -23.55 48.61
CA ILE X 214 -59.10 -24.02 48.54
C ILE X 214 -58.88 -25.42 49.12
N PRO X 215 -59.48 -25.73 50.28
CA PRO X 215 -59.42 -27.05 50.92
C PRO X 215 -60.10 -28.14 50.07
N ALA X 216 -61.18 -27.78 49.41
CA ALA X 216 -61.87 -28.70 48.52
C ALA X 216 -61.05 -29.15 47.30
N LEU X 217 -60.28 -28.24 46.69
CA LEU X 217 -59.45 -28.54 45.55
C LEU X 217 -58.35 -29.47 45.97
N ARG X 218 -57.79 -29.21 47.15
CA ARG X 218 -56.72 -30.06 47.63
C ARG X 218 -57.19 -31.51 47.79
N ASN X 219 -58.41 -31.73 48.29
CA ASN X 219 -58.95 -33.08 48.42
C ASN X 219 -59.37 -33.67 47.07
N GLY X 220 -59.88 -32.83 46.18
CA GLY X 220 -60.31 -33.23 44.85
C GLY X 220 -59.19 -33.81 44.00
N ILE X 221 -58.07 -33.10 43.90
CA ILE X 221 -57.00 -33.60 43.05
C ILE X 221 -56.10 -34.55 43.85
N ASN X 222 -56.43 -35.84 43.76
CA ASN X 222 -55.83 -36.91 44.54
C ASN X 222 -54.76 -37.76 43.84
N LEU X 223 -53.97 -37.15 42.99
CA LEU X 223 -52.90 -37.83 42.28
C LEU X 223 -51.56 -37.65 43.00
N THR X 224 -50.60 -38.48 42.65
CA THR X 224 -49.24 -38.44 43.20
C THR X 224 -48.36 -37.37 42.51
N LYS X 225 -47.17 -37.15 43.06
CA LYS X 225 -46.22 -36.14 42.54
C LYS X 225 -45.92 -36.26 41.05
N ASP X 226 -45.93 -37.47 40.52
CA ASP X 226 -45.64 -37.72 39.10
C ASP X 226 -46.59 -36.97 38.19
N TYR X 227 -47.76 -36.63 38.70
CA TYR X 227 -48.77 -35.92 37.94
C TYR X 227 -48.86 -34.48 38.38
N LEU X 228 -48.72 -34.25 39.68
CA LEU X 228 -48.89 -32.91 40.24
C LEU X 228 -47.85 -31.93 39.69
N LYS X 229 -46.66 -32.44 39.39
CA LYS X 229 -45.61 -31.62 38.81
C LYS X 229 -45.98 -31.00 37.45
N TYR X 230 -47.06 -31.47 36.80
CA TYR X 230 -47.47 -30.96 35.50
C TYR X 230 -48.56 -29.91 35.51
N GLY X 231 -48.82 -29.29 36.66
CA GLY X 231 -49.80 -28.22 36.65
C GLY X 231 -49.70 -27.31 37.84
N ALA X 232 -50.47 -26.23 37.78
CA ALA X 232 -50.51 -25.19 38.81
C ALA X 232 -51.90 -24.59 38.89
N ALA X 233 -52.25 -24.05 40.06
CA ALA X 233 -53.55 -23.45 40.27
C ALA X 233 -53.46 -22.02 40.74
N TYR X 234 -54.47 -21.23 40.35
CA TYR X 234 -54.55 -19.81 40.73
C TYR X 234 -55.88 -19.46 41.43
N TYR X 235 -55.81 -18.52 42.36
CA TYR X 235 -56.95 -18.03 43.13
C TYR X 235 -56.80 -16.58 43.51
N PRO X 236 -57.87 -15.78 43.55
CA PRO X 236 -59.28 -15.91 43.15
C PRO X 236 -59.60 -15.55 41.70
N PHE X 237 -60.89 -15.56 41.38
CA PHE X 237 -61.51 -15.14 40.12
C PHE X 237 -61.36 -13.64 40.02
N VAL X 238 -61.47 -13.10 38.81
CA VAL X 238 -61.33 -11.65 38.65
C VAL X 238 -62.52 -10.98 38.01
N GLN X 239 -62.70 -9.71 38.36
CA GLN X 239 -63.77 -8.90 37.81
C GLN X 239 -63.18 -8.10 36.65
N THR X 240 -63.80 -8.25 35.49
CA THR X 240 -63.34 -7.59 34.27
C THR X 240 -64.19 -6.39 33.88
N ILE X 241 -63.94 -5.86 32.69
CA ILE X 241 -64.57 -4.63 32.24
C ILE X 241 -65.48 -4.87 31.05
N LEU X 242 -65.74 -6.13 30.77
CA LEU X 242 -66.56 -6.55 29.64
C LEU X 242 -68.03 -6.53 30.04
N ASN X 243 -68.90 -6.25 29.08
CA ASN X 243 -70.34 -6.25 29.32
C ASN X 243 -70.98 -7.58 29.00
N TYR X 244 -72.27 -7.69 29.23
CA TYR X 244 -73.02 -8.88 28.89
C TYR X 244 -73.61 -8.67 27.51
N GLN X 245 -73.79 -9.73 26.76
CA GLN X 245 -74.42 -9.60 25.46
C GLN X 245 -75.92 -9.82 25.62
N TYR X 246 -76.72 -8.96 25.02
CA TYR X 246 -78.17 -9.04 25.10
C TYR X 246 -78.79 -8.34 23.92
N SER X 247 -80.10 -8.46 23.80
CA SER X 247 -80.85 -7.76 22.77
C SER X 247 -82.09 -7.12 23.37
N ALA X 248 -82.33 -5.87 22.98
CA ALA X 248 -83.49 -5.11 23.46
C ALA X 248 -84.81 -5.77 23.06
N ASP X 249 -84.76 -6.60 22.01
CA ASP X 249 -85.94 -7.25 21.48
C ASP X 249 -86.29 -8.49 22.28
N GLU X 250 -85.47 -8.83 23.27
CA GLU X 250 -85.71 -9.98 24.09
C GLU X 250 -86.00 -9.60 25.54
N ILE X 251 -86.01 -8.30 25.85
CA ILE X 251 -86.21 -7.88 27.23
C ILE X 251 -87.61 -7.33 27.43
N VAL X 252 -88.36 -8.01 28.29
CA VAL X 252 -89.76 -7.70 28.58
C VAL X 252 -89.88 -6.95 29.89
N ILE X 253 -90.63 -5.85 29.86
CA ILE X 253 -90.86 -4.97 30.99
C ILE X 253 -92.03 -5.36 31.88
N GLN X 254 -91.78 -5.41 33.19
CA GLN X 254 -92.88 -5.62 34.14
C GLN X 254 -93.31 -4.25 34.63
N HIS X 255 -94.58 -3.92 34.52
CA HIS X 255 -95.02 -2.59 34.94
C HIS X 255 -96.24 -2.62 35.84
N LEU X 256 -96.04 -2.21 37.09
CA LEU X 256 -97.12 -2.22 38.05
C LEU X 256 -97.54 -0.80 38.34
N SER X 257 -98.82 -0.60 38.57
CA SER X 257 -99.31 0.76 38.83
C SER X 257 -100.53 0.88 39.72
N TYR X 258 -100.53 1.97 40.49
CA TYR X 258 -101.66 2.36 41.33
C TYR X 258 -102.94 2.58 40.51
N ASN X 259 -102.78 2.86 39.22
CA ASN X 259 -103.88 3.08 38.28
C ASN X 259 -103.68 2.18 37.07
N PRO X 260 -104.24 0.96 37.08
CA PRO X 260 -104.07 -0.05 36.05
C PRO X 260 -104.57 0.44 34.71
N ASN X 261 -103.88 0.09 33.64
CA ASN X 261 -104.36 0.45 32.32
C ASN X 261 -103.70 -0.35 31.20
N ALA X 262 -103.28 -1.58 31.48
CA ALA X 262 -102.70 -2.41 30.44
C ALA X 262 -103.73 -2.88 29.44
N ILE X 263 -104.90 -3.30 29.92
CA ILE X 263 -105.91 -3.85 29.05
C ILE X 263 -106.58 -2.72 28.34
N ALA X 264 -106.93 -1.69 29.08
CA ALA X 264 -107.62 -0.58 28.45
C ALA X 264 -106.83 -0.02 27.29
N THR X 265 -105.50 0.08 27.44
CA THR X 265 -104.72 0.60 26.34
C THR X 265 -104.76 -0.34 25.15
N ALA X 266 -104.52 -1.64 25.39
CA ALA X 266 -104.51 -2.61 24.30
C ALA X 266 -105.84 -2.66 23.58
N LEU X 267 -106.91 -2.58 24.34
CA LEU X 267 -108.24 -2.67 23.78
C LEU X 267 -108.53 -1.46 22.92
N ASP X 268 -108.18 -0.25 23.38
CA ASP X 268 -108.41 0.95 22.57
C ASP X 268 -107.61 0.88 21.27
N ASN X 269 -106.37 0.37 21.34
CA ASN X 269 -105.58 0.28 20.12
C ASN X 269 -106.22 -0.71 19.16
N LEU X 270 -106.72 -1.83 19.67
CA LEU X 270 -107.38 -2.79 18.82
C LEU X 270 -108.68 -2.25 18.22
N ASN X 271 -109.42 -1.46 18.97
CA ASN X 271 -110.63 -0.93 18.38
C ASN X 271 -110.27 -0.08 17.15
N ALA X 272 -109.15 0.67 17.23
CA ALA X 272 -108.67 1.44 16.07
C ALA X 272 -108.29 0.51 14.91
N VAL X 273 -107.69 -0.64 15.25
CA VAL X 273 -107.29 -1.70 14.31
C VAL X 273 -108.45 -2.30 13.53
N ASN X 274 -109.51 -2.63 14.21
CA ASN X 274 -110.62 -3.27 13.53
C ASN X 274 -111.52 -2.28 12.81
N GLY X 275 -111.02 -1.77 11.70
CA GLY X 275 -111.75 -0.76 10.94
C GLY X 275 -111.16 -0.42 9.55
N PRO X 276 -111.88 0.43 8.78
CA PRO X 276 -111.54 0.84 7.43
C PRO X 276 -110.27 1.62 7.25
N THR X 277 -109.81 2.28 8.31
CA THR X 277 -108.61 3.08 8.21
C THR X 277 -107.39 2.26 8.53
N PHE X 278 -107.61 1.00 8.90
CA PHE X 278 -106.50 0.13 9.22
C PHE X 278 -106.39 -0.95 8.15
N ILE X 279 -107.46 -1.74 7.95
CA ILE X 279 -107.42 -2.81 6.93
C ILE X 279 -108.50 -2.89 5.87
N ASP X 280 -109.63 -2.17 5.96
CA ASP X 280 -110.59 -2.45 4.87
C ASP X 280 -110.05 -1.82 3.62
N ALA X 281 -109.51 -0.60 3.73
CA ALA X 281 -109.00 0.04 2.53
C ALA X 281 -107.94 -0.83 1.85
N ILE X 282 -107.10 -1.49 2.65
CA ILE X 282 -106.06 -2.33 2.09
C ILE X 282 -106.65 -3.50 1.35
N LEU X 283 -107.55 -4.19 2.01
CA LEU X 283 -108.16 -5.37 1.44
C LEU X 283 -108.98 -5.06 0.20
N ASP X 284 -109.69 -3.94 0.19
CA ASP X 284 -110.49 -3.60 -0.96
C ASP X 284 -109.61 -3.32 -2.17
N ASP X 285 -108.49 -2.63 -1.96
CA ASP X 285 -107.58 -2.32 -3.05
C ASP X 285 -106.77 -3.54 -3.48
N LEU X 286 -106.40 -4.39 -2.53
CA LEU X 286 -105.59 -5.56 -2.81
C LEU X 286 -106.38 -6.59 -3.63
N ARG X 287 -107.63 -6.82 -3.28
CA ARG X 287 -108.48 -7.78 -3.97
C ARG X 287 -108.97 -7.22 -5.29
N ASN X 321 -90.19 -3.88 -26.35
CA ASN X 321 -90.97 -4.34 -25.21
C ASN X 321 -90.54 -3.64 -23.94
N SER X 322 -89.59 -2.71 -24.04
CA SER X 322 -89.07 -2.04 -22.85
C SER X 322 -90.15 -1.23 -22.13
N VAL X 323 -91.11 -0.72 -22.89
CA VAL X 323 -92.20 0.04 -22.32
C VAL X 323 -93.14 -0.88 -21.57
N LYS X 324 -93.32 -2.09 -22.11
CA LYS X 324 -94.21 -3.06 -21.52
C LYS X 324 -93.66 -3.45 -20.16
N VAL X 325 -92.34 -3.63 -20.08
CA VAL X 325 -91.72 -3.99 -18.82
C VAL X 325 -91.91 -2.86 -17.83
N ALA X 326 -91.70 -1.61 -18.24
CA ALA X 326 -91.87 -0.49 -17.35
C ALA X 326 -93.30 -0.39 -16.80
N ASN X 327 -94.29 -0.65 -17.66
CA ASN X 327 -95.67 -0.58 -17.22
C ASN X 327 -95.97 -1.69 -16.24
N PHE X 328 -95.51 -2.90 -16.58
CA PHE X 328 -95.71 -4.06 -15.74
C PHE X 328 -95.08 -3.85 -14.38
N ALA X 329 -93.82 -3.41 -14.38
CA ALA X 329 -93.09 -3.23 -13.15
C ALA X 329 -93.83 -2.26 -12.22
N SER X 330 -94.41 -1.19 -12.76
CA SER X 330 -95.18 -0.26 -11.94
C SER X 330 -96.36 -0.95 -11.27
N LEU X 331 -97.10 -1.75 -12.05
CA LEU X 331 -98.25 -2.45 -11.51
C LEU X 331 -97.84 -3.44 -10.40
N VAL X 332 -96.70 -4.12 -10.57
CA VAL X 332 -96.25 -5.06 -9.55
C VAL X 332 -95.93 -4.31 -8.28
N GLU X 333 -95.20 -3.19 -8.39
CA GLU X 333 -94.82 -2.41 -7.23
C GLU X 333 -96.04 -1.96 -6.43
N SER X 334 -97.11 -1.56 -7.13
CA SER X 334 -98.32 -1.14 -6.44
C SER X 334 -98.88 -2.27 -5.56
N VAL X 335 -98.94 -3.49 -6.11
CA VAL X 335 -99.44 -4.62 -5.33
C VAL X 335 -98.52 -4.91 -4.15
N LEU X 336 -97.22 -4.90 -4.42
CA LEU X 336 -96.22 -5.21 -3.41
C LEU X 336 -96.30 -4.23 -2.23
N SER X 337 -96.46 -2.94 -2.53
CA SER X 337 -96.59 -1.92 -1.50
C SER X 337 -97.80 -2.20 -0.62
N THR X 338 -98.94 -2.53 -1.26
CA THR X 338 -100.16 -2.84 -0.54
C THR X 338 -99.97 -4.06 0.38
N LEU X 339 -99.31 -5.11 -0.13
CA LEU X 339 -99.07 -6.28 0.70
C LEU X 339 -98.21 -5.94 1.90
N ASN X 340 -97.19 -5.09 1.70
CA ASN X 340 -96.33 -4.74 2.83
C ASN X 340 -97.10 -4.03 3.93
N GLU X 341 -98.08 -3.18 3.58
CA GLU X 341 -98.87 -2.52 4.62
C GLU X 341 -99.69 -3.54 5.43
N LEU X 342 -100.23 -4.55 4.75
CA LEU X 342 -101.03 -5.57 5.44
C LEU X 342 -100.14 -6.36 6.41
N ILE X 343 -98.92 -6.63 5.99
CA ILE X 343 -97.96 -7.36 6.82
C ILE X 343 -97.62 -6.55 8.08
N ASP X 344 -97.34 -5.24 7.92
CA ASP X 344 -97.04 -4.40 9.07
C ASP X 344 -98.22 -4.38 10.05
N ALA X 345 -99.44 -4.39 9.52
CA ALA X 345 -100.63 -4.38 10.36
C ALA X 345 -100.62 -5.59 11.30
N LYS X 346 -100.26 -6.77 10.78
CA LYS X 346 -100.20 -7.98 11.59
C LYS X 346 -99.27 -7.80 12.77
N GLU X 347 -98.09 -7.23 12.52
CA GLU X 347 -97.12 -7.05 13.59
C GLU X 347 -97.62 -6.13 14.69
N GLU X 348 -98.32 -5.06 14.33
CA GLU X 348 -98.84 -4.16 15.35
C GLU X 348 -99.87 -4.86 16.25
N ILE X 349 -100.68 -5.72 15.64
CA ILE X 349 -101.71 -6.46 16.37
C ILE X 349 -101.07 -7.36 17.40
N ASN X 350 -100.05 -8.12 16.99
CA ASN X 350 -99.42 -9.01 17.94
C ASN X 350 -98.81 -8.26 19.11
N LYS X 351 -98.22 -7.09 18.85
CA LYS X 351 -97.60 -6.33 19.93
C LYS X 351 -98.59 -5.89 21.00
N ASP X 352 -99.81 -5.48 20.64
CA ASP X 352 -100.76 -5.08 21.68
C ASP X 352 -101.48 -6.24 22.32
N VAL X 353 -101.82 -7.28 21.55
CA VAL X 353 -102.55 -8.39 22.11
C VAL X 353 -101.70 -9.07 23.17
N ASN X 354 -100.42 -9.21 22.91
CA ASN X 354 -99.52 -9.81 23.86
C ASN X 354 -99.48 -9.08 25.21
N SER X 355 -99.80 -7.78 25.27
CA SER X 355 -99.75 -7.09 26.55
C SER X 355 -101.01 -7.45 27.31
N ALA X 356 -102.09 -7.73 26.57
CA ALA X 356 -103.34 -8.12 27.19
C ALA X 356 -103.16 -9.48 27.83
N ILE X 357 -102.45 -10.36 27.12
CA ILE X 357 -102.23 -11.70 27.60
C ILE X 357 -101.37 -11.66 28.84
N ALA X 358 -100.25 -10.93 28.76
CA ALA X 358 -99.32 -10.79 29.88
C ALA X 358 -99.94 -10.17 31.11
N SER X 359 -100.84 -9.21 30.91
CA SER X 359 -101.46 -8.49 32.02
C SER X 359 -102.61 -9.23 32.67
N SER X 360 -103.26 -10.14 31.94
CA SER X 360 -104.39 -10.90 32.47
C SER X 360 -103.90 -12.03 33.37
N GLU X 361 -103.31 -11.67 34.51
CA GLU X 361 -102.73 -12.65 35.43
C GLU X 361 -103.75 -13.60 36.01
N GLU X 362 -104.93 -13.08 36.30
CA GLU X 362 -106.02 -13.83 36.88
C GLU X 362 -106.89 -14.40 35.79
N ASP X 363 -107.64 -15.47 36.11
CA ASP X 363 -108.58 -16.05 35.16
C ASP X 363 -107.89 -16.51 33.87
N ASN X 364 -107.04 -17.53 34.00
CA ASN X 364 -106.23 -18.05 32.90
C ASN X 364 -107.08 -18.51 31.71
N ALA X 365 -108.37 -18.74 31.93
CA ALA X 365 -109.29 -19.12 30.88
C ALA X 365 -109.34 -18.02 29.82
N ILE X 366 -109.21 -16.76 30.25
CA ILE X 366 -109.25 -15.64 29.34
C ILE X 366 -107.91 -15.56 28.69
N LYS X 367 -106.83 -15.74 29.45
CA LYS X 367 -105.53 -15.68 28.76
C LYS X 367 -105.55 -16.64 27.57
N THR X 368 -106.11 -17.83 27.79
CA THR X 368 -106.21 -18.81 26.72
C THR X 368 -107.10 -18.28 25.59
N ALA X 369 -108.27 -17.73 25.90
CA ALA X 369 -109.14 -17.24 24.84
C ALA X 369 -108.45 -16.19 23.97
N ILE X 370 -107.69 -15.29 24.60
CA ILE X 370 -107.00 -14.24 23.88
C ILE X 370 -105.92 -14.84 23.00
N SER X 371 -105.12 -15.72 23.58
CA SER X 371 -104.02 -16.37 22.88
C SER X 371 -104.52 -17.15 21.67
N ASP X 372 -105.59 -17.93 21.84
CA ASP X 372 -106.10 -18.71 20.72
C ASP X 372 -106.58 -17.82 19.59
N ALA X 373 -107.26 -16.72 19.90
CA ALA X 373 -107.74 -15.83 18.85
C ALA X 373 -106.57 -15.26 18.04
N LEU X 374 -105.49 -14.91 18.74
CA LEU X 374 -104.33 -14.35 18.07
C LEU X 374 -103.63 -15.38 17.22
N ASP X 375 -103.49 -16.60 17.76
CA ASP X 375 -102.79 -17.67 17.08
C ASP X 375 -103.47 -17.97 15.75
N VAL X 376 -104.80 -17.99 15.74
CA VAL X 376 -105.52 -18.24 14.50
C VAL X 376 -105.31 -17.10 13.50
N PHE X 377 -105.42 -15.85 13.95
CA PHE X 377 -105.24 -14.70 13.06
C PHE X 377 -103.95 -14.82 12.27
N ASN X 378 -102.87 -15.12 12.97
CA ASN X 378 -101.55 -15.20 12.37
C ASN X 378 -101.38 -16.22 11.24
N GLU X 379 -102.26 -17.23 11.15
CA GLU X 379 -102.12 -18.27 10.13
C GLU X 379 -102.16 -17.77 8.70
N ASP X 380 -102.73 -16.59 8.47
CA ASP X 380 -102.82 -16.09 7.10
C ASP X 380 -101.49 -15.47 6.66
N PHE X 381 -100.62 -15.18 7.61
CA PHE X 381 -99.36 -14.51 7.31
C PHE X 381 -98.16 -15.42 7.43
N GLU X 382 -98.26 -16.39 8.34
CA GLU X 382 -97.22 -17.37 8.66
C GLU X 382 -97.22 -18.49 7.65
N GLY X 383 -96.29 -19.45 7.83
CA GLY X 383 -96.06 -20.58 6.92
C GLY X 383 -97.30 -21.37 6.53
N ALA X 384 -98.35 -21.34 7.34
CA ALA X 384 -99.57 -22.07 7.02
C ALA X 384 -100.15 -21.64 5.65
N ASP X 385 -100.04 -20.34 5.32
CA ASP X 385 -100.50 -19.75 4.07
C ASP X 385 -99.75 -18.43 3.98
N LYS X 386 -98.54 -18.46 3.47
CA LYS X 386 -97.69 -17.34 3.81
C LYS X 386 -97.75 -16.08 2.93
N ILE X 387 -98.60 -15.12 3.33
CA ILE X 387 -98.68 -13.82 2.63
C ILE X 387 -97.31 -13.20 2.60
N GLU X 388 -96.56 -13.34 3.69
CA GLU X 388 -95.24 -12.74 3.76
C GLU X 388 -94.26 -13.21 2.67
N SER X 389 -94.35 -14.48 2.22
CA SER X 389 -93.39 -14.92 1.23
C SER X 389 -93.83 -14.50 -0.14
N VAL X 390 -95.13 -14.26 -0.31
CA VAL X 390 -95.56 -13.79 -1.61
C VAL X 390 -94.96 -12.42 -1.82
N ALA X 391 -95.08 -11.56 -0.79
CA ALA X 391 -94.53 -10.23 -0.92
C ALA X 391 -93.02 -10.27 -1.18
N LYS X 392 -92.30 -11.15 -0.47
CA LYS X 392 -90.87 -11.27 -0.66
C LYS X 392 -90.53 -11.67 -2.09
N ASN X 393 -91.21 -12.70 -2.59
CA ASN X 393 -90.92 -13.24 -3.90
C ASN X 393 -91.22 -12.24 -4.99
N LEU X 394 -92.31 -11.45 -4.85
CA LEU X 394 -92.62 -10.48 -5.88
C LEU X 394 -91.50 -9.44 -5.97
N SER X 395 -90.93 -9.05 -4.83
CA SER X 395 -89.83 -8.09 -4.84
C SER X 395 -88.63 -8.62 -5.64
N ASP X 396 -88.23 -9.87 -5.38
CA ASP X 396 -87.08 -10.43 -6.09
C ASP X 396 -87.34 -10.54 -7.60
N LEU X 397 -88.56 -10.96 -7.95
CA LEU X 397 -88.95 -11.11 -9.34
C LEU X 397 -88.97 -9.77 -10.06
N LEU X 398 -89.41 -8.73 -9.36
CA LEU X 398 -89.48 -7.39 -9.91
C LEU X 398 -88.12 -6.87 -10.28
N ILE X 399 -87.12 -7.11 -9.43
CA ILE X 399 -85.78 -6.66 -9.79
C ILE X 399 -85.32 -7.40 -11.04
N LYS X 400 -85.51 -8.72 -11.08
CA LYS X 400 -85.08 -9.49 -12.24
C LYS X 400 -85.74 -9.05 -13.54
N ILE X 401 -87.04 -8.72 -13.52
CA ILE X 401 -87.61 -8.34 -14.80
C ILE X 401 -87.09 -6.98 -15.25
N LYS X 402 -86.89 -6.04 -14.33
CA LYS X 402 -86.34 -4.76 -14.74
C LYS X 402 -84.93 -4.91 -15.32
N GLN X 403 -84.13 -5.82 -14.76
CA GLN X 403 -82.78 -6.06 -15.26
C GLN X 403 -82.73 -6.97 -16.50
N ALA X 404 -83.81 -7.70 -16.79
CA ALA X 404 -83.89 -8.64 -17.93
C ALA X 404 -83.55 -7.96 -19.25
N ASP X 405 -83.93 -6.68 -19.38
CA ASP X 405 -83.67 -5.83 -20.53
C ASP X 405 -82.19 -5.69 -20.86
N THR X 406 -81.33 -6.02 -19.91
CA THR X 406 -79.89 -5.95 -20.07
C THR X 406 -79.46 -6.74 -21.29
N ASN X 407 -80.03 -7.93 -21.49
CA ASN X 407 -79.58 -8.68 -22.63
C ASN X 407 -80.56 -9.54 -23.46
N THR X 408 -81.84 -9.70 -23.09
CA THR X 408 -82.70 -10.48 -24.00
C THR X 408 -84.21 -10.50 -23.74
N LYS X 409 -84.94 -10.56 -24.87
CA LYS X 409 -86.40 -10.68 -24.91
C LYS X 409 -86.87 -11.98 -24.26
N VAL X 410 -85.97 -12.93 -24.17
CA VAL X 410 -86.24 -14.21 -23.57
C VAL X 410 -86.44 -14.05 -22.07
N GLU X 411 -85.58 -13.25 -21.46
CA GLU X 411 -85.63 -13.06 -20.02
C GLU X 411 -86.98 -12.48 -19.65
N ASN X 412 -87.45 -11.58 -20.49
CA ASN X 412 -88.74 -10.91 -20.25
C ASN X 412 -89.96 -11.84 -20.41
N VAL X 413 -89.73 -13.08 -20.78
CA VAL X 413 -90.76 -14.09 -20.90
C VAL X 413 -90.55 -15.10 -19.77
N LEU X 414 -89.32 -15.54 -19.61
CA LEU X 414 -89.02 -16.54 -18.62
C LEU X 414 -89.38 -16.06 -17.22
N SER X 415 -89.17 -14.77 -16.93
CA SER X 415 -89.43 -14.23 -15.58
C SER X 415 -90.90 -14.39 -15.13
N ILE X 416 -91.81 -14.58 -16.09
CA ILE X 416 -93.21 -14.73 -15.80
C ILE X 416 -93.71 -16.17 -15.88
N ASN X 417 -93.29 -16.91 -16.93
CA ASN X 417 -93.81 -18.25 -17.14
C ASN X 417 -92.86 -19.45 -16.87
N ALA X 418 -91.55 -19.21 -16.70
CA ALA X 418 -90.61 -20.28 -16.42
C ALA X 418 -90.26 -20.14 -14.96
N LEU X 419 -90.27 -18.88 -14.58
CA LEU X 419 -90.02 -18.35 -13.24
C LEU X 419 -91.39 -18.06 -12.67
N ASN X 420 -91.44 -17.43 -11.51
CA ASN X 420 -92.70 -17.35 -10.80
C ASN X 420 -93.63 -16.12 -10.86
N PHE X 421 -93.51 -15.10 -11.72
CA PHE X 421 -94.57 -14.08 -11.52
C PHE X 421 -95.99 -14.62 -11.62
N SER X 422 -96.27 -15.49 -12.59
CA SER X 422 -97.63 -16.00 -12.67
C SER X 422 -98.00 -16.77 -11.39
N ALA X 423 -97.07 -17.63 -10.97
CA ALA X 423 -97.23 -18.50 -9.82
C ALA X 423 -97.43 -17.75 -8.51
N GLU X 424 -96.78 -16.61 -8.34
CA GLU X 424 -96.93 -15.86 -7.09
C GLU X 424 -98.22 -15.08 -7.05
N PHE X 425 -98.64 -14.47 -8.16
CA PHE X 425 -99.89 -13.71 -8.07
C PHE X 425 -101.06 -14.67 -7.82
N GLU X 426 -100.92 -15.90 -8.27
CA GLU X 426 -101.94 -16.90 -8.09
C GLU X 426 -102.20 -17.18 -6.62
N LYS X 427 -101.18 -16.99 -5.79
CA LYS X 427 -101.30 -17.33 -4.39
C LYS X 427 -102.16 -16.31 -3.65
N LEU X 428 -102.46 -15.19 -4.31
CA LEU X 428 -103.28 -14.19 -3.66
C LEU X 428 -104.70 -14.45 -4.11
N LEU X 429 -104.87 -14.65 -5.43
CA LEU X 429 -106.16 -15.00 -6.03
C LEU X 429 -105.92 -16.13 -7.04
N THR X 430 -106.53 -17.29 -6.80
CA THR X 430 -106.27 -18.50 -7.60
C THR X 430 -106.52 -18.37 -9.11
N TYR X 431 -107.54 -17.65 -9.53
CA TYR X 431 -107.84 -17.54 -10.95
C TYR X 431 -108.57 -16.25 -11.26
N ASP X 432 -108.06 -15.14 -10.76
CA ASP X 432 -108.76 -13.86 -10.95
C ASP X 432 -109.01 -13.57 -12.42
N VAL X 433 -108.05 -13.98 -13.26
CA VAL X 433 -108.00 -13.81 -14.72
C VAL X 433 -109.21 -14.38 -15.45
N ASN X 434 -109.99 -15.22 -14.77
CA ASN X 434 -111.18 -15.85 -15.30
C ASN X 434 -112.21 -14.82 -15.79
N THR X 435 -112.22 -13.61 -15.22
CA THR X 435 -113.18 -12.60 -15.63
C THR X 435 -112.64 -11.19 -15.43
N GLY X 436 -113.25 -10.20 -16.11
CA GLY X 436 -112.81 -8.81 -15.93
C GLY X 436 -112.87 -8.41 -14.46
N LEU X 437 -113.91 -8.87 -13.77
CA LEU X 437 -113.99 -8.64 -12.34
C LEU X 437 -113.30 -9.84 -11.76
N THR X 438 -112.45 -9.70 -10.75
CA THR X 438 -111.80 -10.92 -10.29
C THR X 438 -112.85 -11.97 -10.00
N ALA X 439 -112.61 -13.16 -10.52
CA ALA X 439 -113.53 -14.28 -10.37
C ALA X 439 -112.80 -15.58 -10.14
N SER X 440 -113.58 -16.65 -9.94
CA SER X 440 -113.03 -17.99 -9.78
C SER X 440 -111.98 -18.04 -8.68
N VAL X 441 -112.24 -17.35 -7.59
CA VAL X 441 -111.30 -17.36 -6.49
C VAL X 441 -111.48 -18.63 -5.69
N THR X 442 -111.02 -19.74 -6.26
CA THR X 442 -111.09 -21.09 -5.70
C THR X 442 -110.38 -21.12 -4.36
N LEU X 443 -109.45 -20.21 -4.22
CA LEU X 443 -108.65 -19.97 -3.07
C LEU X 443 -108.24 -18.52 -3.12
N ASP X 444 -108.09 -17.91 -1.95
CA ASP X 444 -107.61 -16.55 -1.85
C ASP X 444 -106.97 -16.32 -0.50
N LEU X 445 -105.94 -15.50 -0.48
CA LEU X 445 -105.22 -15.16 0.74
C LEU X 445 -105.80 -13.95 1.46
N PHE X 446 -106.83 -13.34 0.90
CA PHE X 446 -107.33 -12.09 1.45
C PHE X 446 -108.64 -12.15 2.23
N ALA X 447 -108.71 -11.17 3.12
CA ALA X 447 -109.85 -10.72 3.93
C ALA X 447 -110.46 -11.68 4.94
N ASN X 448 -109.74 -12.73 5.33
CA ASN X 448 -110.23 -13.62 6.40
C ASN X 448 -109.96 -12.95 7.75
N ILE X 449 -109.25 -11.83 7.62
CA ILE X 449 -108.79 -10.90 8.60
C ILE X 449 -109.97 -10.30 9.32
N GLY X 450 -111.05 -9.94 8.60
CA GLY X 450 -112.16 -9.28 9.25
C GLY X 450 -112.69 -10.06 10.45
N THR X 451 -113.09 -11.30 10.21
CA THR X 451 -113.64 -12.15 11.26
C THR X 451 -112.63 -12.38 12.35
N ARG X 452 -111.40 -12.67 11.96
CA ARG X 452 -110.39 -12.97 12.96
C ARG X 452 -110.12 -11.76 13.88
N LEU X 453 -110.12 -10.53 13.34
CA LEU X 453 -109.93 -9.38 14.23
C LEU X 453 -111.06 -9.26 15.23
N ASP X 454 -112.31 -9.53 14.79
CA ASP X 454 -113.42 -9.47 15.72
C ASP X 454 -113.21 -10.46 16.87
N ASP X 455 -112.73 -11.67 16.55
CA ASP X 455 -112.49 -12.69 17.59
C ASP X 455 -111.45 -12.23 18.60
N ILE X 456 -110.39 -11.57 18.12
CA ILE X 456 -109.34 -11.08 19.01
C ILE X 456 -109.88 -10.03 19.94
N ILE X 457 -110.60 -9.05 19.40
CA ILE X 457 -111.11 -8.00 20.25
C ILE X 457 -112.05 -8.52 21.27
N ALA X 458 -112.98 -9.39 20.87
CA ALA X 458 -113.90 -9.90 21.83
C ALA X 458 -113.18 -10.61 22.96
N ALA X 459 -112.16 -11.42 22.65
CA ALA X 459 -111.43 -12.10 23.70
C ALA X 459 -110.70 -11.12 24.62
N VAL X 460 -110.07 -10.09 24.04
CA VAL X 460 -109.35 -9.10 24.84
C VAL X 460 -110.27 -8.36 25.77
N SER X 461 -111.44 -7.97 25.29
CA SER X 461 -112.36 -7.19 26.09
C SER X 461 -112.79 -7.92 27.35
N ALA X 462 -112.69 -9.25 27.36
CA ALA X 462 -113.09 -10.05 28.49
C ALA X 462 -112.21 -9.78 29.69
N ALA X 463 -110.99 -9.28 29.43
CA ALA X 463 -110.01 -9.00 30.47
C ALA X 463 -110.21 -7.65 31.14
N GLU X 464 -111.07 -6.79 30.60
CA GLU X 464 -111.15 -5.47 31.20
C GLU X 464 -111.50 -5.50 32.70
N PRO X 465 -112.45 -6.32 33.21
CA PRO X 465 -112.78 -6.41 34.62
C PRO X 465 -111.90 -7.41 35.39
N ILE X 466 -110.85 -7.93 34.75
CA ILE X 466 -109.99 -8.93 35.35
C ILE X 466 -108.69 -8.32 35.84
N ASP X 467 -108.11 -7.44 35.03
CA ASP X 467 -106.85 -6.78 35.40
C ASP X 467 -106.95 -6.11 36.77
N VAL X 468 -105.85 -6.16 37.49
CA VAL X 468 -105.78 -5.66 38.85
C VAL X 468 -104.75 -4.55 39.04
N ASN X 469 -103.51 -4.83 38.63
CA ASN X 469 -102.41 -3.91 38.85
C ASN X 469 -101.45 -3.67 37.68
N ASN X 470 -101.75 -4.15 36.48
CA ASN X 470 -100.80 -3.95 35.39
C ASN X 470 -100.98 -2.62 34.64
N GLY X 471 -99.86 -1.91 34.52
CA GLY X 471 -99.84 -0.62 33.84
C GLY X 471 -99.65 -0.76 32.33
N LYS X 472 -99.72 0.38 31.65
CA LYS X 472 -99.56 0.53 30.21
C LYS X 472 -98.37 -0.20 29.54
N LEU X 473 -97.19 -0.23 30.17
CA LEU X 473 -96.04 -0.82 29.52
C LEU X 473 -95.83 -2.30 29.82
N ASN X 474 -96.72 -2.88 30.63
CA ASN X 474 -96.54 -4.25 31.05
C ASN X 474 -96.54 -5.20 29.87
N GLY X 475 -95.53 -6.05 29.81
CA GLY X 475 -95.41 -7.05 28.75
C GLY X 475 -94.76 -6.55 27.47
N ARG X 476 -94.37 -5.29 27.41
CA ARG X 476 -93.76 -4.76 26.20
C ARG X 476 -92.25 -4.98 26.20
N LEU X 477 -91.66 -4.95 25.02
CA LEU X 477 -90.21 -5.07 24.84
C LEU X 477 -89.47 -3.74 24.92
N LEU X 478 -88.23 -3.73 25.39
CA LEU X 478 -87.51 -2.46 25.39
C LEU X 478 -87.44 -1.80 24.05
N SER X 479 -87.18 -2.58 23.04
CA SER X 479 -87.04 -2.04 21.71
C SER X 479 -88.30 -1.35 21.18
N ASP X 480 -89.46 -1.65 21.78
CA ASP X 480 -90.72 -1.07 21.36
C ASP X 480 -91.25 0.01 22.29
N ILE X 481 -90.51 0.41 23.33
CA ILE X 481 -91.09 1.44 24.20
C ILE X 481 -90.43 2.77 24.01
N GLU X 482 -89.35 2.85 23.24
CA GLU X 482 -88.72 4.14 23.10
C GLU X 482 -89.68 5.23 22.61
N PRO X 483 -90.55 5.01 21.59
CA PRO X 483 -91.53 5.99 21.15
C PRO X 483 -92.59 6.36 22.19
N LEU X 484 -92.81 5.48 23.19
CA LEU X 484 -93.81 5.72 24.21
C LEU X 484 -93.29 6.62 25.31
N ASP X 485 -92.06 6.33 25.75
CA ASP X 485 -91.37 7.04 26.81
C ASP X 485 -89.87 6.88 26.72
N ASN X 486 -89.17 7.84 26.15
CA ASN X 486 -87.76 7.62 25.96
C ASN X 486 -86.94 8.05 27.17
N ALA X 487 -87.58 8.51 28.23
CA ALA X 487 -86.83 8.88 29.41
C ALA X 487 -86.62 7.61 30.20
N THR X 488 -87.70 6.83 30.30
CA THR X 488 -87.65 5.56 31.00
C THR X 488 -86.72 4.65 30.23
N TYR X 489 -86.88 4.58 28.90
CA TYR X 489 -86.05 3.75 28.05
C TYR X 489 -84.56 4.04 28.20
N ASN X 490 -84.16 5.31 28.10
CA ASN X 490 -82.75 5.60 28.21
C ASN X 490 -82.21 5.29 29.60
N THR X 491 -83.01 5.52 30.64
CA THR X 491 -82.60 5.23 31.99
C THR X 491 -82.32 3.75 32.16
N ILE X 492 -83.22 2.90 31.65
CA ILE X 492 -83.07 1.47 31.76
C ILE X 492 -81.80 1.01 31.08
N LEU X 493 -81.53 1.50 29.88
CA LEU X 493 -80.33 1.05 29.19
C LEU X 493 -79.07 1.37 29.96
N LEU X 494 -79.02 2.55 30.58
CA LEU X 494 -77.84 2.89 31.38
C LEU X 494 -77.69 1.93 32.54
N GLU X 495 -78.80 1.54 33.19
CA GLU X 495 -78.70 0.62 34.31
C GLU X 495 -78.23 -0.76 33.86
N ILE X 496 -78.74 -1.25 32.71
CA ILE X 496 -78.36 -2.58 32.24
C ILE X 496 -76.87 -2.67 31.99
N ASN X 497 -76.32 -1.66 31.35
CA ASN X 497 -74.92 -1.67 30.99
C ASN X 497 -73.97 -1.45 32.17
N SER X 498 -74.50 -1.23 33.38
CA SER X 498 -73.63 -1.05 34.52
C SER X 498 -73.14 -2.40 35.07
N HIS X 499 -73.74 -3.50 34.62
CA HIS X 499 -73.40 -4.82 35.12
C HIS X 499 -72.25 -5.46 34.33
N LYS X 500 -71.20 -5.88 35.05
CA LYS X 500 -70.02 -6.44 34.39
C LYS X 500 -69.87 -7.95 34.57
N VAL X 501 -69.09 -8.55 33.67
CA VAL X 501 -68.74 -9.96 33.60
C VAL X 501 -67.61 -10.34 34.59
N THR X 502 -67.73 -11.51 35.24
CA THR X 502 -66.72 -12.04 36.17
C THR X 502 -66.23 -13.39 35.65
N LEU X 503 -64.91 -13.59 35.60
CA LEU X 503 -64.31 -14.80 35.04
C LEU X 503 -63.24 -15.49 35.92
N PRO X 504 -63.07 -16.82 35.83
CA PRO X 504 -61.97 -17.57 36.40
C PRO X 504 -60.71 -16.96 35.76
N PRO X 505 -59.55 -16.96 36.43
CA PRO X 505 -58.32 -16.32 35.97
C PRO X 505 -57.47 -17.07 34.92
N SER X 506 -57.88 -18.27 34.51
CA SER X 506 -57.03 -19.08 33.67
C SER X 506 -56.75 -18.62 32.24
N SER X 507 -57.65 -17.92 31.56
CA SER X 507 -57.30 -17.52 30.19
C SER X 507 -56.40 -16.30 30.22
N SER X 508 -56.54 -15.50 31.27
CA SER X 508 -55.72 -14.33 31.47
C SER X 508 -54.30 -14.78 31.75
N MET X 509 -54.16 -15.86 32.54
CA MET X 509 -52.83 -16.37 32.82
C MET X 509 -52.14 -16.93 31.58
N ALA X 510 -52.88 -17.60 30.69
CA ALA X 510 -52.22 -18.09 29.47
C ALA X 510 -51.64 -16.89 28.70
N GLY X 511 -52.38 -15.78 28.69
CA GLY X 511 -51.94 -14.53 28.07
C GLY X 511 -50.66 -14.03 28.76
N ALA X 512 -50.68 -13.97 30.09
CA ALA X 512 -49.52 -13.51 30.86
C ALA X 512 -48.28 -14.37 30.59
N TYR X 513 -48.47 -15.70 30.44
CA TYR X 513 -47.34 -16.58 30.15
C TYR X 513 -46.72 -16.18 28.83
N ALA X 514 -47.56 -15.90 27.82
CA ALA X 514 -47.07 -15.51 26.51
C ALA X 514 -46.20 -14.25 26.56
N ARG X 515 -46.62 -13.25 27.35
CA ARG X 515 -45.81 -12.05 27.46
C ARG X 515 -44.44 -12.33 28.05
N VAL X 516 -44.37 -13.13 29.10
CA VAL X 516 -43.06 -13.40 29.69
C VAL X 516 -42.17 -14.18 28.74
N ASP X 517 -42.72 -15.22 28.09
CA ASP X 517 -41.92 -16.04 27.21
C ASP X 517 -41.26 -15.23 26.12
N ASN X 518 -41.96 -14.23 25.57
CA ASN X 518 -41.37 -13.39 24.54
C ASN X 518 -40.43 -12.29 25.06
N ASP X 519 -40.74 -11.65 26.18
CA ASP X 519 -39.89 -10.58 26.68
C ASP X 519 -38.64 -11.03 27.42
N ARG X 520 -38.72 -12.10 28.21
CA ARG X 520 -37.58 -12.53 29.02
C ARG X 520 -37.10 -13.95 28.72
N GLY X 521 -38.00 -14.85 28.34
CA GLY X 521 -37.66 -16.24 28.07
C GLY X 521 -38.37 -17.20 29.02
N VAL X 522 -38.56 -18.44 28.56
CA VAL X 522 -39.27 -19.49 29.30
C VAL X 522 -38.66 -19.84 30.66
N TRP X 523 -37.41 -19.48 30.88
CA TRP X 523 -36.75 -19.77 32.14
C TRP X 523 -37.02 -18.70 33.22
N LYS X 524 -37.78 -17.66 32.89
CA LYS X 524 -38.17 -16.60 33.81
C LYS X 524 -39.49 -16.93 34.50
N SER X 525 -39.55 -16.79 35.83
CA SER X 525 -40.79 -17.07 36.53
C SER X 525 -41.96 -16.20 36.05
N PRO X 526 -43.14 -16.77 35.79
CA PRO X 526 -44.34 -16.07 35.37
C PRO X 526 -45.07 -15.43 36.55
N ALA X 527 -44.46 -14.41 37.14
CA ALA X 527 -45.01 -13.73 38.31
C ALA X 527 -44.52 -12.30 38.33
N ASN X 528 -45.19 -11.45 39.14
CA ASN X 528 -44.95 -10.01 39.23
C ASN X 528 -45.23 -9.39 37.87
N ILE X 529 -46.36 -9.83 37.32
CA ILE X 529 -46.92 -9.45 36.03
C ILE X 529 -48.26 -8.77 36.25
N GLY X 530 -48.50 -7.61 35.65
CA GLY X 530 -49.81 -7.00 35.79
C GLY X 530 -50.77 -7.57 34.75
N LEU X 531 -52.07 -7.61 35.08
CA LEU X 531 -53.10 -8.11 34.15
C LEU X 531 -53.90 -7.00 33.49
N ASN X 532 -54.27 -7.18 32.22
CA ASN X 532 -55.07 -6.20 31.49
C ASN X 532 -56.55 -6.51 31.60
N TYR X 533 -57.37 -5.46 31.48
CA TYR X 533 -58.84 -5.57 31.55
C TYR X 533 -59.32 -6.15 32.85
N VAL X 534 -58.65 -5.84 33.94
CA VAL X 534 -59.07 -6.32 35.24
C VAL X 534 -59.29 -5.14 36.14
N SER X 535 -60.47 -5.09 36.74
CA SER X 535 -60.85 -4.03 37.65
C SER X 535 -60.24 -4.37 39.00
N LYS X 536 -60.53 -5.58 39.45
CA LYS X 536 -60.04 -6.06 40.74
C LYS X 536 -60.26 -7.57 40.88
N PRO X 537 -59.57 -8.25 41.82
CA PRO X 537 -59.83 -9.60 42.28
C PRO X 537 -61.23 -9.69 42.89
N SER X 538 -61.90 -10.84 42.78
CA SER X 538 -63.23 -11.02 43.36
C SER X 538 -63.25 -10.90 44.89
N VAL X 539 -62.19 -11.38 45.53
CA VAL X 539 -62.05 -11.32 46.98
C VAL X 539 -60.67 -10.78 47.32
N THR X 540 -60.50 -10.32 48.54
CA THR X 540 -59.20 -9.84 49.00
C THR X 540 -58.45 -10.89 49.78
N VAL X 541 -57.19 -11.07 49.43
CA VAL X 541 -56.30 -12.00 50.13
C VAL X 541 -55.18 -11.19 50.75
N SER X 542 -55.04 -11.25 52.07
CA SER X 542 -53.98 -10.50 52.75
C SER X 542 -52.71 -11.32 52.80
N HIS X 543 -51.61 -10.70 53.20
CA HIS X 543 -50.35 -11.39 53.29
C HIS X 543 -50.31 -12.45 54.38
N GLU X 544 -51.21 -12.39 55.35
CA GLU X 544 -51.26 -13.37 56.43
C GLU X 544 -52.12 -14.56 56.05
N GLU X 545 -52.77 -14.49 54.89
CA GLU X 545 -53.63 -15.56 54.42
C GLU X 545 -52.88 -16.33 53.37
N GLN X 546 -52.12 -15.60 52.54
CA GLN X 546 -51.34 -16.19 51.48
C GLN X 546 -50.32 -17.21 52.01
N GLU X 547 -49.89 -17.06 53.26
CA GLU X 547 -48.90 -17.97 53.78
C GLU X 547 -49.30 -19.44 53.66
N SER X 548 -50.59 -19.77 53.84
CA SER X 548 -51.04 -21.17 53.77
C SER X 548 -51.36 -21.60 52.33
N MET X 549 -51.27 -20.66 51.40
CA MET X 549 -51.51 -20.95 50.00
C MET X 549 -50.17 -21.30 49.39
N ASN X 550 -49.13 -20.62 49.84
CA ASN X 550 -47.81 -20.82 49.28
C ASN X 550 -47.12 -22.05 49.89
N VAL X 551 -47.13 -22.17 51.22
CA VAL X 551 -46.47 -23.29 51.86
C VAL X 551 -47.47 -24.14 52.62
N HIS X 552 -47.47 -25.43 52.35
CA HIS X 552 -48.43 -26.32 52.96
C HIS X 552 -47.88 -27.73 53.06
N GLY X 553 -48.28 -28.45 54.10
CA GLY X 553 -47.83 -29.82 54.34
C GLY X 553 -48.03 -30.78 53.16
N THR X 554 -49.04 -30.58 52.33
CA THR X 554 -49.28 -31.46 51.20
C THR X 554 -48.49 -31.12 49.93
N GLY X 555 -47.89 -29.94 49.88
CA GLY X 555 -47.16 -29.47 48.70
C GLY X 555 -48.09 -28.85 47.65
N LYS X 556 -49.40 -28.89 47.90
CA LYS X 556 -50.36 -28.38 46.95
C LYS X 556 -50.55 -26.89 47.07
N SER X 557 -49.53 -26.18 46.60
CA SER X 557 -49.47 -24.73 46.60
C SER X 557 -50.50 -24.14 45.66
N VAL X 558 -51.00 -22.96 45.99
CA VAL X 558 -51.92 -22.18 45.17
C VAL X 558 -51.32 -20.78 44.99
N ASN X 559 -51.25 -20.29 43.76
CA ASN X 559 -50.68 -18.97 43.50
C ASN X 559 -51.77 -17.92 43.72
N ALA X 560 -51.40 -16.68 44.09
CA ALA X 560 -52.45 -15.70 44.37
C ALA X 560 -52.50 -14.53 43.42
N ILE X 561 -53.69 -14.04 43.19
CA ILE X 561 -53.85 -12.80 42.44
C ILE X 561 -54.11 -11.71 43.47
N ARG X 562 -53.26 -10.67 43.51
CA ARG X 562 -53.36 -9.62 44.52
C ARG X 562 -53.24 -8.20 43.98
N SER X 563 -53.89 -7.27 44.67
CA SER X 563 -53.85 -5.85 44.34
C SER X 563 -52.79 -5.09 45.14
N PHE X 564 -51.96 -4.33 44.43
CA PHE X 564 -50.91 -3.55 45.07
C PHE X 564 -51.11 -2.06 44.80
N VAL X 565 -50.79 -1.24 45.80
CA VAL X 565 -51.01 0.18 45.66
C VAL X 565 -50.07 0.80 44.65
N GLY X 566 -50.66 1.49 43.68
CA GLY X 566 -49.91 2.15 42.62
C GLY X 566 -49.50 1.21 41.50
N LYS X 567 -49.86 -0.07 41.60
CA LYS X 567 -49.47 -1.03 40.57
C LYS X 567 -50.64 -1.73 39.90
N GLY X 568 -51.72 -1.97 40.64
CA GLY X 568 -52.85 -2.69 40.09
C GLY X 568 -52.77 -4.16 40.43
N THR X 569 -53.45 -4.98 39.63
CA THR X 569 -53.56 -6.40 39.96
C THR X 569 -52.38 -7.17 39.39
N LEU X 570 -51.64 -7.84 40.28
CA LEU X 570 -50.46 -8.62 39.92
C LEU X 570 -50.58 -10.10 40.24
N VAL X 571 -49.86 -10.91 39.47
CA VAL X 571 -49.74 -12.33 39.77
C VAL X 571 -48.65 -12.53 40.82
N TRP X 572 -48.98 -13.06 41.99
CA TRP X 572 -48.00 -13.17 43.04
C TRP X 572 -47.71 -14.65 43.42
N GLY X 573 -46.54 -15.13 43.03
CA GLY X 573 -46.17 -16.53 43.25
C GLY X 573 -46.14 -17.34 41.96
N ALA X 574 -45.22 -18.31 41.89
CA ALA X 574 -45.08 -19.14 40.69
C ALA X 574 -44.67 -20.58 40.98
N ARG X 575 -45.42 -21.25 41.86
CA ARG X 575 -45.09 -22.64 42.18
C ARG X 575 -46.07 -23.61 41.55
N THR X 576 -45.67 -24.87 41.48
CA THR X 576 -46.47 -25.98 40.94
C THR X 576 -47.20 -26.70 42.06
N LEU X 577 -48.00 -27.71 41.69
CA LEU X 577 -48.74 -28.50 42.69
C LEU X 577 -47.86 -29.53 43.43
N ALA X 578 -46.54 -29.49 43.22
CA ALA X 578 -45.59 -30.35 43.91
C ALA X 578 -44.55 -29.43 44.58
N GLY X 579 -45.05 -28.48 45.36
CA GLY X 579 -44.34 -27.37 46.00
C GLY X 579 -43.25 -27.71 46.98
N ASN X 580 -43.23 -28.93 47.49
CA ASN X 580 -42.18 -29.30 48.43
C ASN X 580 -41.09 -30.09 47.74
N ASP X 581 -41.15 -30.16 46.42
CA ASP X 581 -40.16 -30.88 45.66
C ASP X 581 -38.93 -30.05 45.37
N ASN X 582 -37.81 -30.46 45.92
CA ASN X 582 -36.60 -29.70 45.73
C ASN X 582 -36.25 -29.57 44.25
N GLU X 583 -36.61 -30.56 43.42
CA GLU X 583 -36.29 -30.45 42.02
C GLU X 583 -37.36 -29.73 41.18
N TRP X 584 -38.64 -30.13 41.27
CA TRP X 584 -39.68 -29.56 40.42
C TRP X 584 -40.67 -28.52 40.99
N ARG X 585 -40.47 -27.95 42.18
CA ARG X 585 -41.42 -26.98 42.71
C ARG X 585 -41.70 -25.70 41.89
N TYR X 586 -40.77 -25.27 41.00
CA TYR X 586 -41.02 -24.03 40.24
C TYR X 586 -41.58 -24.27 38.85
N ILE X 587 -42.49 -23.37 38.46
CA ILE X 587 -43.10 -23.48 37.14
C ILE X 587 -42.07 -23.31 36.04
N SER X 588 -41.18 -22.31 36.15
CA SER X 588 -40.18 -22.04 35.12
C SER X 588 -39.20 -23.17 34.89
N VAL X 589 -38.94 -23.97 35.91
CA VAL X 589 -38.02 -25.08 35.74
C VAL X 589 -38.73 -26.16 34.94
N ARG X 590 -39.95 -26.51 35.34
CA ARG X 590 -40.69 -27.52 34.59
C ARG X 590 -40.88 -27.12 33.14
N ARG X 591 -41.29 -25.88 32.87
CA ARG X 591 -41.53 -25.45 31.50
C ARG X 591 -40.24 -25.41 30.66
N PHE X 592 -39.10 -24.98 31.25
CA PHE X 592 -37.83 -24.99 30.54
C PHE X 592 -37.49 -26.40 30.08
N PHE X 593 -37.61 -27.37 30.99
CA PHE X 593 -37.33 -28.75 30.63
C PHE X 593 -38.26 -29.27 29.53
N ASN X 594 -39.54 -28.94 29.57
CA ASN X 594 -40.46 -29.42 28.53
C ASN X 594 -40.02 -28.89 27.15
N MET X 595 -39.60 -27.63 27.11
CA MET X 595 -39.12 -27.00 25.88
C MET X 595 -37.88 -27.70 25.37
N ALA X 596 -36.90 -27.94 26.25
CA ALA X 596 -35.68 -28.59 25.84
C ALA X 596 -35.95 -29.98 25.29
N GLU X 597 -36.88 -30.71 25.90
CA GLU X 597 -37.19 -32.05 25.44
C GLU X 597 -37.80 -32.03 24.06
N GLU X 598 -38.70 -31.10 23.77
CA GLU X 598 -39.25 -31.11 22.42
C GLU X 598 -38.16 -31.04 21.36
N SER X 599 -37.20 -30.12 21.55
CA SER X 599 -36.14 -29.97 20.55
C SER X 599 -35.22 -31.18 20.46
N ILE X 600 -34.84 -31.75 21.60
CA ILE X 600 -33.96 -32.89 21.60
C ILE X 600 -34.65 -34.08 20.98
N LYS X 601 -35.89 -34.33 21.33
CA LYS X 601 -36.61 -35.42 20.71
C LYS X 601 -36.57 -35.33 19.20
N LYS X 602 -36.87 -34.17 18.62
CA LYS X 602 -36.84 -34.04 17.17
C LYS X 602 -35.45 -34.41 16.61
N ALA X 603 -34.40 -34.01 17.31
CA ALA X 603 -33.04 -34.35 16.90
C ALA X 603 -32.76 -35.85 16.87
N THR X 604 -33.37 -36.65 17.77
CA THR X 604 -33.03 -38.07 17.77
C THR X 604 -33.97 -38.92 16.90
N GLU X 605 -35.17 -38.42 16.64
CA GLU X 605 -36.15 -39.14 15.80
C GLU X 605 -35.69 -39.30 14.36
N GLN X 606 -34.74 -38.48 13.94
CA GLN X 606 -34.22 -38.55 12.59
C GLN X 606 -33.47 -39.86 12.33
N PHE X 607 -33.14 -40.60 13.38
CA PHE X 607 -32.38 -41.82 13.26
C PHE X 607 -33.17 -43.11 13.51
N VAL X 608 -34.50 -43.09 13.38
CA VAL X 608 -35.30 -44.29 13.69
C VAL X 608 -34.87 -45.59 13.01
N PHE X 609 -34.63 -45.58 11.72
CA PHE X 609 -34.18 -46.82 11.12
C PHE X 609 -32.74 -46.72 10.60
N GLU X 610 -31.88 -45.90 11.21
CA GLU X 610 -30.50 -45.76 10.79
C GLU X 610 -29.63 -46.80 11.49
N PRO X 611 -28.45 -47.14 10.95
CA PRO X 611 -27.49 -48.04 11.56
C PRO X 611 -27.10 -47.61 12.97
N ASN X 612 -26.91 -48.56 13.86
CA ASN X 612 -26.54 -48.23 15.22
C ASN X 612 -25.03 -48.45 15.33
N ASP X 613 -24.27 -47.38 15.10
CA ASP X 613 -22.82 -47.43 15.02
C ASP X 613 -22.23 -46.06 15.31
N GLY X 614 -20.89 -45.98 15.30
CA GLY X 614 -20.15 -44.77 15.62
C GLY X 614 -20.50 -43.55 14.80
N ASN X 615 -20.85 -43.73 13.54
CA ASN X 615 -21.18 -42.56 12.73
C ASN X 615 -22.45 -41.87 13.22
N THR X 616 -23.41 -42.66 13.72
CA THR X 616 -24.67 -42.15 14.20
C THR X 616 -24.43 -41.49 15.52
N TRP X 617 -23.71 -42.16 16.40
CA TRP X 617 -23.51 -41.64 17.73
C TRP X 617 -22.87 -40.26 17.68
N VAL X 618 -21.89 -40.08 16.78
CA VAL X 618 -21.25 -38.78 16.65
C VAL X 618 -22.23 -37.71 16.16
N ARG X 619 -23.03 -38.00 15.13
CA ARG X 619 -23.98 -37.01 14.66
C ARG X 619 -25.02 -36.64 15.70
N VAL X 620 -25.51 -37.62 16.46
CA VAL X 620 -26.52 -37.36 17.47
C VAL X 620 -25.98 -36.43 18.52
N ARG X 621 -24.78 -36.73 19.02
CA ARG X 621 -24.19 -35.89 20.03
C ARG X 621 -23.97 -34.47 19.53
N ALA X 622 -23.44 -34.30 18.33
CA ALA X 622 -23.19 -32.95 17.82
C ALA X 622 -24.46 -32.12 17.70
N MET X 623 -25.56 -32.72 17.26
CA MET X 623 -26.82 -31.99 17.13
C MET X 623 -27.31 -31.47 18.48
N ILE X 624 -27.26 -32.33 19.50
CA ILE X 624 -27.73 -31.97 20.81
C ILE X 624 -26.87 -30.88 21.42
N GLU X 625 -25.53 -31.03 21.35
CA GLU X 625 -24.68 -30.01 21.94
C GLU X 625 -24.87 -28.67 21.27
N ASN X 626 -25.04 -28.60 19.95
CA ASN X 626 -25.20 -27.28 19.35
C ASN X 626 -26.44 -26.58 19.90
N PHE X 627 -27.53 -27.32 20.09
CA PHE X 627 -28.73 -26.75 20.67
C PHE X 627 -28.46 -26.18 22.05
N LEU X 628 -27.84 -26.97 22.91
CA LEU X 628 -27.59 -26.55 24.27
C LEU X 628 -26.62 -25.36 24.35
N ILE X 629 -25.64 -25.27 23.45
CA ILE X 629 -24.72 -24.14 23.45
C ILE X 629 -25.48 -22.87 23.19
N LEU X 630 -26.38 -22.88 22.22
CA LEU X 630 -27.16 -21.69 21.93
C LEU X 630 -28.03 -21.28 23.13
N GLN X 631 -28.61 -22.24 23.84
CA GLN X 631 -29.42 -21.90 25.01
C GLN X 631 -28.55 -21.26 26.09
N TRP X 632 -27.33 -21.77 26.25
CA TRP X 632 -26.37 -21.20 27.17
C TRP X 632 -26.00 -19.78 26.77
N ARG X 633 -25.71 -19.55 25.50
CA ARG X 633 -25.33 -18.24 25.01
C ARG X 633 -26.40 -17.19 25.32
N ALA X 634 -27.67 -17.59 25.24
CA ALA X 634 -28.81 -16.73 25.48
C ALA X 634 -29.10 -16.48 26.97
N GLY X 635 -28.37 -17.14 27.86
CA GLY X 635 -28.55 -17.00 29.30
C GLY X 635 -29.47 -18.00 29.99
N ALA X 636 -29.96 -19.04 29.30
CA ALA X 636 -30.85 -20.00 29.94
C ALA X 636 -30.18 -20.83 31.02
N LEU X 637 -28.92 -21.18 30.78
CA LEU X 637 -28.15 -22.06 31.65
C LEU X 637 -27.06 -21.35 32.40
N ALA X 638 -26.74 -21.88 33.57
CA ALA X 638 -25.67 -21.38 34.42
C ALA X 638 -24.32 -21.91 33.95
N GLY X 639 -23.23 -21.26 34.36
CA GLY X 639 -21.87 -21.73 34.05
C GLY X 639 -21.04 -20.76 33.20
N ALA X 640 -19.75 -20.62 33.58
CA ALA X 640 -18.80 -19.73 32.89
C ALA X 640 -18.54 -20.07 31.41
N LYS X 641 -18.55 -21.36 31.11
CA LYS X 641 -18.31 -21.90 29.79
C LYS X 641 -19.29 -23.06 29.62
N PRO X 642 -19.67 -23.50 28.40
CA PRO X 642 -20.57 -24.62 28.17
C PRO X 642 -20.20 -25.87 28.98
N GLU X 643 -18.91 -26.10 29.18
CA GLU X 643 -18.39 -27.23 29.96
C GLU X 643 -18.93 -27.32 31.39
N HIS X 644 -19.45 -26.22 31.90
CA HIS X 644 -19.97 -26.13 33.26
C HIS X 644 -21.50 -26.04 33.26
N ALA X 645 -22.10 -25.98 32.09
CA ALA X 645 -23.53 -25.79 31.95
C ALA X 645 -24.24 -27.10 31.66
N PHE X 646 -23.62 -27.96 30.87
CA PHE X 646 -24.27 -29.20 30.47
C PHE X 646 -23.32 -30.29 30.02
N TYR X 647 -23.86 -31.50 29.91
CA TYR X 647 -23.10 -32.58 29.28
C TYR X 647 -24.03 -33.48 28.50
N VAL X 648 -23.48 -34.16 27.50
CA VAL X 648 -24.20 -35.15 26.68
C VAL X 648 -23.34 -36.41 26.50
N LYS X 649 -23.90 -37.59 26.72
CA LYS X 649 -23.16 -38.86 26.51
C LYS X 649 -23.94 -39.85 25.65
N VAL X 650 -23.33 -40.32 24.56
CA VAL X 650 -23.98 -41.33 23.72
C VAL X 650 -22.95 -42.35 23.25
N GLY X 651 -23.19 -43.65 23.38
CA GLY X 651 -22.24 -44.58 22.76
C GLY X 651 -21.86 -45.83 23.53
N LEU X 652 -21.35 -46.80 22.80
CA LEU X 652 -20.91 -48.05 23.38
C LEU X 652 -19.81 -47.75 24.36
N GLY X 653 -19.94 -48.26 25.58
CA GLY X 653 -18.96 -48.04 26.61
C GLY X 653 -19.26 -46.83 27.49
N GLN X 654 -20.23 -46.00 27.08
CA GLN X 654 -20.60 -44.82 27.83
C GLN X 654 -22.01 -44.95 28.34
N THR X 655 -22.93 -45.24 27.41
CA THR X 655 -24.33 -45.42 27.71
C THR X 655 -24.87 -46.78 27.26
N MET X 656 -24.13 -47.47 26.39
CA MET X 656 -24.58 -48.74 25.83
C MET X 656 -23.61 -49.91 26.02
N THR X 657 -24.18 -51.09 26.00
CA THR X 657 -23.41 -52.33 26.02
C THR X 657 -23.73 -53.25 24.84
N ALA X 658 -23.13 -54.42 24.81
CA ALA X 658 -23.30 -55.38 23.71
C ALA X 658 -24.76 -55.79 23.54
N GLN X 659 -25.46 -55.89 24.65
CA GLN X 659 -26.86 -56.24 24.71
C GLN X 659 -27.73 -55.20 24.02
N ASP X 660 -27.31 -53.93 24.02
CA ASP X 660 -28.13 -52.88 23.43
C ASP X 660 -27.91 -52.91 21.95
N ILE X 661 -26.69 -53.26 21.55
CA ILE X 661 -26.42 -53.32 20.13
C ILE X 661 -27.27 -54.43 19.54
N LEU X 662 -27.33 -55.56 20.25
CA LEU X 662 -28.14 -56.70 19.84
C LEU X 662 -29.63 -56.39 19.78
N GLU X 663 -30.18 -55.77 20.83
CA GLU X 663 -31.60 -55.42 20.86
C GLU X 663 -31.99 -54.32 19.88
N GLY X 664 -31.09 -53.37 19.63
CA GLY X 664 -31.37 -52.25 18.73
C GLY X 664 -31.70 -50.98 19.50
N ASN X 665 -31.13 -50.82 20.69
CA ASN X 665 -31.39 -49.65 21.50
C ASN X 665 -30.35 -48.55 21.32
N MET X 666 -30.74 -47.30 21.56
CA MET X 666 -29.78 -46.20 21.61
C MET X 666 -30.07 -45.41 22.86
N ASN X 667 -29.06 -45.28 23.73
CA ASN X 667 -29.21 -44.61 25.00
C ASN X 667 -28.53 -43.24 25.07
N VAL X 668 -29.30 -42.19 25.38
CA VAL X 668 -28.72 -40.85 25.44
C VAL X 668 -28.86 -40.25 26.85
N GLU X 669 -27.73 -39.84 27.44
CA GLU X 669 -27.73 -39.23 28.78
C GLU X 669 -27.41 -37.73 28.74
N ILE X 670 -28.27 -36.89 29.35
CA ILE X 670 -28.09 -35.43 29.35
C ILE X 670 -28.23 -34.78 30.73
N GLY X 671 -27.34 -33.84 31.07
CA GLY X 671 -27.46 -33.08 32.33
C GLY X 671 -27.50 -31.58 32.03
N LEU X 672 -28.17 -30.78 32.91
CA LEU X 672 -28.31 -29.32 32.72
C LEU X 672 -28.24 -28.49 34.03
N ALA X 673 -27.48 -27.38 34.02
CA ALA X 673 -27.40 -26.44 35.15
C ALA X 673 -28.45 -25.34 35.03
N VAL X 674 -29.53 -25.45 35.79
CA VAL X 674 -30.67 -24.53 35.69
C VAL X 674 -30.78 -23.55 36.89
N VAL X 675 -30.91 -22.28 36.53
CA VAL X 675 -31.03 -21.10 37.41
C VAL X 675 -32.29 -21.05 38.29
N ARG X 676 -32.13 -20.73 39.58
CA ARG X 676 -33.25 -20.66 40.52
C ARG X 676 -33.50 -19.20 41.01
N PRO X 677 -34.77 -18.77 41.20
CA PRO X 677 -35.22 -17.45 41.63
C PRO X 677 -35.08 -17.13 43.12
N ALA X 678 -35.01 -15.83 43.44
CA ALA X 678 -35.12 -15.41 44.83
C ALA X 678 -36.59 -15.20 45.18
N GLU X 679 -37.01 -15.59 46.38
CA GLU X 679 -38.38 -15.35 46.83
C GLU X 679 -38.51 -14.39 47.99
N PHE X 680 -37.50 -14.31 48.84
CA PHE X 680 -37.66 -13.54 50.05
C PHE X 680 -36.54 -12.55 50.26
N ILE X 681 -36.90 -11.28 50.37
CA ILE X 681 -35.92 -10.25 50.60
C ILE X 681 -36.12 -9.66 51.97
N ILE X 682 -35.09 -9.73 52.78
CA ILE X 682 -35.16 -9.27 54.15
C ILE X 682 -34.33 -8.03 54.38
N LEU X 683 -34.98 -6.98 54.86
CA LEU X 683 -34.30 -5.72 55.11
C LEU X 683 -34.11 -5.49 56.59
N LYS X 684 -32.87 -5.35 57.02
CA LYS X 684 -32.56 -5.15 58.42
C LYS X 684 -32.14 -3.71 58.66
N PHE X 685 -32.75 -3.07 59.64
CA PHE X 685 -32.47 -1.67 59.94
C PHE X 685 -31.88 -1.49 61.32
N SER X 686 -31.04 -0.48 61.45
CA SER X 686 -30.43 -0.14 62.72
C SER X 686 -29.98 1.31 62.72
N HIS X 687 -29.64 1.83 63.90
CA HIS X 687 -29.11 3.17 64.01
C HIS X 687 -27.63 3.15 63.70
N LYS X 688 -27.14 4.18 63.05
CA LYS X 688 -25.72 4.24 62.77
C LYS X 688 -24.98 4.72 63.99
N MET X 689 -23.92 4.02 64.34
CA MET X 689 -23.12 4.39 65.50
C MET X 689 -22.03 5.34 65.07
N GLN X 690 -21.80 6.37 65.87
CA GLN X 690 -20.79 7.38 65.60
C GLN X 690 -20.75 8.44 66.70
N SER Y 2 -35.01 1.76 -16.45
CA SER Y 2 -34.58 3.15 -16.55
C SER Y 2 -33.27 3.39 -15.86
N TYR Y 3 -32.46 4.25 -16.45
CA TYR Y 3 -31.17 4.60 -15.91
C TYR Y 3 -31.08 6.10 -15.70
N PRO Y 4 -30.32 6.57 -14.71
CA PRO Y 4 -30.05 7.95 -14.41
C PRO Y 4 -29.11 8.58 -15.43
N LEU Y 5 -29.09 9.91 -15.48
CA LEU Y 5 -28.18 10.64 -16.35
C LEU Y 5 -26.81 10.78 -15.71
N SER Y 6 -25.76 10.79 -16.55
CA SER Y 6 -24.39 11.05 -16.12
C SER Y 6 -24.13 12.55 -16.09
N LYS Y 7 -22.99 12.98 -15.54
CA LYS Y 7 -22.71 14.41 -15.46
C LYS Y 7 -21.46 14.93 -16.18
N PHE Y 8 -21.04 14.33 -17.29
CA PHE Y 8 -19.84 14.83 -17.95
C PHE Y 8 -20.01 15.46 -19.34
N HIS Y 9 -21.22 15.41 -19.91
CA HIS Y 9 -21.43 15.98 -21.24
C HIS Y 9 -22.40 17.17 -21.14
N PHE Y 10 -21.87 18.38 -21.27
CA PHE Y 10 -22.65 19.59 -21.07
C PHE Y 10 -22.09 20.78 -21.83
N SER Y 11 -22.87 21.86 -21.94
CA SER Y 11 -22.40 23.10 -22.57
C SER Y 11 -22.91 24.37 -21.88
N VAL Y 12 -22.15 25.46 -22.02
CA VAL Y 12 -22.54 26.75 -21.41
C VAL Y 12 -22.56 27.94 -22.36
N GLU Y 13 -23.69 28.61 -22.45
CA GLU Y 13 -23.80 29.81 -23.27
C GLU Y 13 -23.75 31.06 -22.42
N TRP Y 14 -22.64 31.78 -22.54
CA TRP Y 14 -22.40 32.94 -21.69
C TRP Y 14 -22.05 34.22 -22.45
N GLY Y 15 -22.27 34.26 -23.77
CA GLY Y 15 -21.92 35.44 -24.54
C GLY Y 15 -20.45 35.56 -24.97
N GLY Y 16 -19.75 34.43 -24.93
CA GLY Y 16 -18.36 34.35 -25.31
C GLY Y 16 -18.21 33.51 -26.55
N THR Y 17 -16.99 33.43 -27.04
CA THR Y 17 -16.68 32.64 -28.23
C THR Y 17 -16.83 31.12 -28.05
N LYS Y 18 -16.51 30.63 -26.87
CA LYS Y 18 -16.43 29.18 -26.63
C LYS Y 18 -17.48 28.74 -25.64
N ILE Y 19 -17.94 27.49 -25.78
CA ILE Y 19 -18.94 26.94 -24.86
C ILE Y 19 -18.45 25.77 -23.99
N GLY Y 20 -17.17 25.41 -24.10
CA GLY Y 20 -16.63 24.31 -23.31
C GLY Y 20 -15.97 24.79 -22.02
N PHE Y 21 -16.27 24.07 -20.94
CA PHE Y 21 -15.76 24.30 -19.59
C PHE Y 21 -15.38 23.00 -18.95
N THR Y 22 -14.53 23.06 -17.94
CA THR Y 22 -14.14 21.83 -17.24
C THR Y 22 -14.93 21.65 -15.96
N GLU Y 23 -15.49 22.74 -15.43
CA GLU Y 23 -16.27 22.65 -14.21
C GLU Y 23 -17.32 23.74 -14.08
N VAL Y 24 -18.51 23.35 -13.61
CA VAL Y 24 -19.61 24.26 -13.30
C VAL Y 24 -20.19 23.94 -11.91
N SER Y 25 -20.31 24.93 -11.03
CA SER Y 25 -20.91 24.67 -9.70
C SER Y 25 -21.68 25.86 -9.10
N GLY Y 26 -22.58 25.55 -8.14
CA GLY Y 26 -23.35 26.59 -7.42
C GLY Y 26 -24.81 26.80 -7.87
N LEU Y 27 -25.38 25.86 -8.62
CA LEU Y 27 -26.75 26.00 -9.09
C LEU Y 27 -27.79 25.62 -8.01
N ASP Y 28 -27.83 26.43 -6.95
CA ASP Y 28 -28.68 26.23 -5.77
C ASP Y 28 -29.84 27.22 -5.61
N LEU Y 29 -30.88 26.80 -4.87
CA LEU Y 29 -32.05 27.63 -4.50
C LEU Y 29 -32.26 27.55 -3.00
N GLU Y 30 -32.56 28.67 -2.32
CA GLU Y 30 -32.78 28.62 -0.85
C GLU Y 30 -33.78 29.64 -0.30
N THR Y 31 -34.52 29.27 0.75
CA THR Y 31 -35.40 30.22 1.44
C THR Y 31 -35.19 30.24 2.94
N GLU Y 32 -35.60 31.35 3.54
CA GLU Y 32 -35.58 31.56 4.98
C GLU Y 32 -36.80 30.95 5.68
N ILE Y 33 -36.68 30.71 6.99
CA ILE Y 33 -37.80 30.21 7.80
C ILE Y 33 -38.22 31.18 8.90
N ILE Y 34 -39.51 31.44 9.00
CA ILE Y 34 -40.05 32.28 10.05
C ILE Y 34 -40.76 31.40 11.08
N GLU Y 35 -40.34 31.49 12.34
CA GLU Y 35 -40.88 30.65 13.41
C GLU Y 35 -41.82 31.38 14.38
N TYR Y 36 -42.82 30.68 14.93
CA TYR Y 36 -43.74 31.29 15.91
C TYR Y 36 -44.37 30.34 16.96
N ARG Y 37 -44.54 30.83 18.19
CA ARG Y 37 -45.29 30.11 19.22
C ARG Y 37 -45.97 31.08 20.18
N HIS Y 38 -47.21 30.79 20.58
CA HIS Y 38 -47.85 31.60 21.60
C HIS Y 38 -47.95 30.77 22.88
N GLY Y 39 -48.05 31.45 24.02
CA GLY Y 39 -48.04 30.81 25.34
C GLY Y 39 -49.05 29.74 25.65
N ALA Y 40 -50.24 29.81 25.11
CA ALA Y 40 -51.28 28.82 25.39
C ALA Y 40 -51.21 27.55 24.56
N SER Y 41 -50.29 27.45 23.61
CA SER Y 41 -50.28 26.24 22.79
C SER Y 41 -49.96 24.97 23.60
N PRO Y 42 -50.71 23.85 23.42
CA PRO Y 42 -50.46 22.53 23.99
C PRO Y 42 -49.14 21.91 23.55
N GLU Y 43 -48.55 22.39 22.46
CA GLU Y 43 -47.29 21.85 22.00
C GLU Y 43 -46.21 22.82 22.39
N TYR Y 44 -45.02 22.30 22.66
CA TYR Y 44 -43.94 23.16 23.09
C TYR Y 44 -42.91 23.41 22.01
N SER Y 45 -43.31 23.18 20.78
CA SER Y 45 -42.54 23.40 19.57
C SER Y 45 -43.11 24.59 18.81
N LYS Y 46 -42.35 25.10 17.85
CA LYS Y 46 -42.81 26.24 17.04
C LYS Y 46 -43.42 25.85 15.70
N ILE Y 47 -44.25 26.73 15.15
CA ILE Y 47 -44.83 26.55 13.82
C ILE Y 47 -43.97 27.30 12.82
N LYS Y 48 -43.77 26.72 11.63
CA LYS Y 48 -42.88 27.32 10.64
C LYS Y 48 -43.55 27.74 9.33
N MET Y 49 -43.13 28.88 8.77
CA MET Y 49 -43.61 29.31 7.46
C MET Y 49 -42.47 29.94 6.63
N PRO Y 50 -42.52 29.91 5.28
CA PRO Y 50 -41.56 30.53 4.37
C PRO Y 50 -41.35 32.04 4.48
N GLY Y 51 -40.08 32.41 4.39
CA GLY Y 51 -39.53 33.77 4.37
C GLY Y 51 -39.07 34.18 2.96
N MET Y 52 -38.08 35.07 2.93
CA MET Y 52 -37.48 35.60 1.71
C MET Y 52 -36.57 34.61 0.99
N GLN Y 53 -36.34 34.85 -0.32
CA GLN Y 53 -35.53 33.96 -1.18
C GLN Y 53 -34.06 34.37 -1.28
N LYS Y 54 -33.18 33.40 -1.51
CA LYS Y 54 -31.74 33.59 -1.76
C LYS Y 54 -31.22 32.76 -2.93
N PHE Y 55 -30.12 33.23 -3.52
CA PHE Y 55 -29.42 32.49 -4.56
C PHE Y 55 -27.92 32.44 -4.29
N SER Y 56 -27.27 31.37 -4.71
CA SER Y 56 -25.80 31.25 -4.59
C SER Y 56 -25.09 31.78 -5.83
N ASN Y 57 -23.80 32.13 -5.68
CA ASN Y 57 -23.01 32.54 -6.84
C ASN Y 57 -22.61 31.32 -7.65
N ILE Y 58 -22.39 31.52 -8.95
CA ILE Y 58 -22.02 30.44 -9.86
C ILE Y 58 -20.54 30.48 -10.27
N THR Y 59 -19.86 29.35 -10.14
CA THR Y 59 -18.45 29.27 -10.50
C THR Y 59 -18.21 28.50 -11.78
N LEU Y 60 -17.45 29.10 -12.70
CA LEU Y 60 -17.08 28.47 -13.97
C LEU Y 60 -15.55 28.34 -14.11
N LYS Y 61 -15.08 27.17 -14.55
CA LYS Y 61 -13.63 26.98 -14.76
C LYS Y 61 -13.32 26.40 -16.13
N ARG Y 62 -12.16 26.77 -16.66
CA ARG Y 62 -11.66 26.24 -17.94
C ARG Y 62 -10.16 26.44 -18.07
N GLY Y 63 -9.53 25.82 -19.08
CA GLY Y 63 -8.10 26.04 -19.31
C GLY Y 63 -7.83 27.33 -20.06
N THR Y 64 -6.57 27.78 -20.05
CA THR Y 64 -6.24 28.99 -20.77
C THR Y 64 -5.70 28.68 -22.15
N PHE Y 65 -5.95 29.59 -23.08
CA PHE Y 65 -5.50 29.46 -24.47
C PHE Y 65 -4.86 30.71 -25.00
N LYS Y 66 -3.97 30.51 -25.96
CA LYS Y 66 -3.36 31.62 -26.66
C LYS Y 66 -4.43 32.48 -27.30
N SER Y 67 -4.31 33.79 -27.08
CA SER Y 67 -5.18 34.85 -27.60
C SER Y 67 -6.63 34.87 -27.11
N ASP Y 68 -6.99 34.09 -26.10
CA ASP Y 68 -8.35 34.16 -25.56
C ASP Y 68 -8.39 34.92 -24.25
N ASN Y 69 -8.68 36.21 -24.31
CA ASN Y 69 -8.66 37.10 -23.13
C ASN Y 69 -10.04 37.52 -22.65
N GLU Y 70 -11.04 36.68 -22.92
CA GLU Y 70 -12.44 36.95 -22.61
C GLU Y 70 -12.84 37.15 -21.18
N TYR Y 71 -12.31 36.39 -20.25
CA TYR Y 71 -12.71 36.59 -18.85
C TYR Y 71 -12.37 38.01 -18.42
N PHE Y 72 -11.16 38.47 -18.76
CA PHE Y 72 -10.71 39.82 -18.45
C PHE Y 72 -11.50 40.92 -19.18
N GLN Y 73 -11.88 40.71 -20.42
CA GLN Y 73 -12.63 41.71 -21.13
C GLN Y 73 -14.03 41.92 -20.56
N TRP Y 74 -14.73 40.85 -20.15
CA TRP Y 74 -16.05 41.03 -19.55
C TRP Y 74 -15.92 41.77 -18.20
N TYR Y 75 -14.99 41.34 -17.35
CA TYR Y 75 -14.75 41.94 -16.05
C TYR Y 75 -14.48 43.44 -16.20
N ASN Y 76 -13.69 43.78 -17.20
CA ASN Y 76 -13.26 45.13 -17.46
C ASN Y 76 -14.38 46.04 -17.99
N THR Y 77 -15.63 45.54 -18.11
CA THR Y 77 -16.74 46.40 -18.52
C THR Y 77 -17.35 47.11 -17.31
N ILE Y 78 -16.84 46.81 -16.11
CA ILE Y 78 -17.35 47.45 -14.90
C ILE Y 78 -16.86 48.89 -14.82
N ASN Y 79 -17.80 49.81 -14.63
CA ASN Y 79 -17.51 51.23 -14.56
C ASN Y 79 -18.38 51.89 -13.49
N LEU Y 80 -17.82 52.02 -12.30
CA LEU Y 80 -18.49 52.50 -11.09
C LEU Y 80 -19.68 51.61 -10.73
N ASN Y 81 -20.91 51.95 -11.14
CA ASN Y 81 -22.06 51.12 -10.83
C ASN Y 81 -22.64 50.43 -12.05
N LYS Y 82 -21.97 50.54 -13.19
CA LYS Y 82 -22.46 49.91 -14.41
C LYS Y 82 -21.62 48.72 -14.78
N VAL Y 83 -22.26 47.75 -15.42
CA VAL Y 83 -21.62 46.54 -15.90
C VAL Y 83 -22.45 45.94 -17.00
N GLU Y 84 -21.83 45.23 -17.91
CA GLU Y 84 -22.61 44.52 -18.92
C GLU Y 84 -23.20 43.25 -18.31
N ARG Y 85 -24.53 43.15 -18.30
CA ARG Y 85 -25.20 41.99 -17.73
C ARG Y 85 -25.59 41.03 -18.82
N ARG Y 86 -25.50 39.72 -18.53
CA ARG Y 86 -25.83 38.72 -19.53
C ARG Y 86 -26.77 37.60 -19.07
N ASP Y 87 -27.45 37.01 -20.03
CA ASP Y 87 -28.26 35.83 -19.80
C ASP Y 87 -27.40 34.59 -19.94
N LEU Y 88 -27.35 33.78 -18.89
CA LEU Y 88 -26.52 32.60 -18.83
C LEU Y 88 -27.35 31.31 -18.97
N THR Y 89 -27.04 30.50 -19.98
CA THR Y 89 -27.81 29.26 -20.15
C THR Y 89 -26.91 28.03 -20.06
N ILE Y 90 -27.23 27.16 -19.11
CA ILE Y 90 -26.45 25.96 -18.86
C ILE Y 90 -27.24 24.71 -19.19
N SER Y 91 -26.67 23.83 -20.00
CA SER Y 91 -27.42 22.65 -20.44
C SER Y 91 -26.69 21.30 -20.42
N LEU Y 92 -27.38 20.31 -19.86
CA LEU Y 92 -26.93 18.91 -19.76
C LEU Y 92 -27.42 18.19 -21.03
N LEU Y 93 -26.50 17.56 -21.77
CA LEU Y 93 -26.78 16.98 -23.09
C LEU Y 93 -26.97 15.46 -23.22
N ASN Y 94 -27.75 15.06 -24.24
CA ASN Y 94 -27.95 13.65 -24.61
C ASN Y 94 -26.95 13.17 -25.68
N GLU Y 95 -27.12 11.96 -26.16
CA GLU Y 95 -26.23 11.35 -27.16
C GLU Y 95 -26.27 11.99 -28.55
N GLU Y 96 -27.25 12.85 -28.82
CA GLU Y 96 -27.41 13.56 -30.08
C GLU Y 96 -26.87 14.96 -29.94
N HIS Y 97 -26.31 15.24 -28.76
CA HIS Y 97 -25.77 16.50 -28.32
C HIS Y 97 -26.88 17.56 -28.21
N GLU Y 98 -28.09 17.13 -27.82
CA GLU Y 98 -29.22 18.00 -27.63
C GLU Y 98 -29.47 18.18 -26.12
N PRO Y 99 -30.02 19.30 -25.67
CA PRO Y 99 -30.41 19.53 -24.29
C PRO Y 99 -31.42 18.56 -23.72
N VAL Y 100 -31.24 18.23 -22.45
CA VAL Y 100 -32.15 17.40 -21.67
C VAL Y 100 -32.60 18.22 -20.47
N VAL Y 101 -31.62 18.74 -19.71
CA VAL Y 101 -31.93 19.54 -18.51
C VAL Y 101 -31.30 20.91 -18.65
N THR Y 102 -32.11 21.96 -18.51
CA THR Y 102 -31.60 23.32 -18.67
C THR Y 102 -31.77 24.20 -17.44
N TRP Y 103 -30.71 24.91 -17.10
CA TRP Y 103 -30.70 25.88 -16.01
C TRP Y 103 -30.62 27.29 -16.60
N LYS Y 104 -31.65 28.07 -16.37
CA LYS Y 104 -31.74 29.43 -16.92
C LYS Y 104 -31.42 30.49 -15.88
N VAL Y 105 -30.38 31.29 -16.12
CA VAL Y 105 -29.95 32.31 -15.17
C VAL Y 105 -30.05 33.75 -15.68
N LYS Y 106 -30.74 34.58 -14.91
CA LYS Y 106 -31.02 35.99 -15.19
C LYS Y 106 -29.98 37.00 -14.67
N ASN Y 107 -29.60 37.99 -15.51
CA ASN Y 107 -28.68 39.09 -15.15
C ASN Y 107 -27.29 38.77 -14.56
N ALA Y 108 -26.56 37.81 -15.06
CA ALA Y 108 -25.27 37.56 -14.47
C ALA Y 108 -24.19 38.64 -14.74
N TRP Y 109 -23.29 38.82 -13.78
CA TRP Y 109 -22.11 39.68 -13.91
C TRP Y 109 -20.99 39.15 -12.99
N PRO Y 110 -19.74 39.23 -13.43
CA PRO Y 110 -18.46 38.83 -12.83
C PRO Y 110 -18.06 39.56 -11.56
N LEU Y 111 -18.06 38.85 -10.45
CA LEU Y 111 -17.62 39.39 -9.17
C LEU Y 111 -16.12 39.32 -9.05
N LYS Y 112 -15.61 38.18 -9.49
CA LYS Y 112 -14.21 37.85 -9.32
C LYS Y 112 -13.62 37.03 -10.45
N VAL Y 113 -12.39 37.36 -10.82
CA VAL Y 113 -11.64 36.59 -11.81
C VAL Y 113 -10.32 36.17 -11.17
N GLN Y 114 -10.06 34.87 -11.18
CA GLN Y 114 -8.86 34.31 -10.57
C GLN Y 114 -7.94 33.63 -11.57
N SER Y 115 -6.72 34.12 -11.66
CA SER Y 115 -5.72 33.58 -12.56
C SER Y 115 -4.98 32.36 -12.01
N THR Y 116 -4.28 31.70 -12.92
CA THR Y 116 -3.45 30.51 -12.72
C THR Y 116 -2.22 30.71 -11.83
N ASP Y 117 -1.96 29.77 -10.92
CA ASP Y 117 -0.73 29.81 -10.12
C ASP Y 117 0.46 29.23 -10.92
N LEU Y 118 1.67 29.59 -10.57
CA LEU Y 118 2.84 29.09 -11.31
C LEU Y 118 3.84 28.29 -10.48
N LYS Y 119 4.21 27.11 -10.97
CA LYS Y 119 5.16 26.24 -10.29
C LYS Y 119 6.28 25.73 -11.18
N GLY Y 120 7.53 25.93 -10.74
CA GLY Y 120 8.72 25.52 -11.47
C GLY Y 120 8.79 24.03 -11.75
N ASP Y 121 8.27 23.24 -10.81
CA ASP Y 121 8.25 21.79 -10.91
C ASP Y 121 6.85 21.20 -11.15
N GLY Y 122 5.87 22.02 -11.50
CA GLY Y 122 4.52 21.51 -11.68
C GLY Y 122 4.10 21.17 -13.10
N ASN Y 123 3.73 19.91 -13.31
CA ASN Y 123 3.31 19.43 -14.61
C ASN Y 123 1.78 19.41 -14.66
N GLU Y 124 1.18 20.40 -15.32
CA GLU Y 124 -0.25 20.49 -15.39
C GLU Y 124 -0.72 21.60 -16.32
N VAL Y 125 -2.01 21.64 -16.55
CA VAL Y 125 -2.68 22.62 -17.37
C VAL Y 125 -2.97 23.90 -16.61
N ALA Y 126 -2.73 25.04 -17.25
CA ALA Y 126 -3.07 26.32 -16.66
C ALA Y 126 -4.58 26.49 -16.67
N ILE Y 127 -5.17 26.65 -15.48
CA ILE Y 127 -6.61 26.80 -15.29
C ILE Y 127 -6.95 28.17 -14.76
N GLU Y 128 -8.01 28.76 -15.31
CA GLU Y 128 -8.51 30.06 -14.88
C GLU Y 128 -9.96 29.92 -14.42
N SER Y 129 -10.41 30.81 -13.53
CA SER Y 129 -11.79 30.73 -13.08
C SER Y 129 -12.51 32.05 -12.83
N MET Y 130 -13.83 31.99 -12.92
CA MET Y 130 -14.70 33.13 -12.71
C MET Y 130 -15.90 32.85 -11.79
N GLU Y 131 -16.22 33.83 -10.95
CA GLU Y 131 -17.39 33.76 -10.07
C GLU Y 131 -18.43 34.81 -10.44
N LEU Y 132 -19.66 34.35 -10.70
CA LEU Y 132 -20.76 35.21 -11.12
C LEU Y 132 -21.92 35.42 -10.16
N ALA Y 133 -22.34 36.67 -10.06
CA ALA Y 133 -23.52 37.09 -9.32
C ALA Y 133 -24.70 37.01 -10.27
N HIS Y 134 -25.91 36.78 -9.76
CA HIS Y 134 -27.09 36.76 -10.65
C HIS Y 134 -28.34 37.06 -9.87
N GLU Y 135 -29.46 37.20 -10.56
CA GLU Y 135 -30.73 37.53 -9.93
C GLU Y 135 -31.85 36.48 -10.06
N GLY Y 136 -31.53 35.23 -10.31
CA GLY Y 136 -32.60 34.24 -10.39
C GLY Y 136 -32.30 33.06 -11.28
N LEU Y 137 -32.84 31.91 -10.86
CA LEU Y 137 -32.68 30.62 -11.52
C LEU Y 137 -33.98 29.84 -11.71
N VAL Y 138 -34.19 29.40 -12.94
CA VAL Y 138 -35.33 28.56 -13.34
C VAL Y 138 -34.83 27.24 -13.91
N ILE Y 139 -35.40 26.12 -13.45
CA ILE Y 139 -34.95 24.82 -13.94
C ILE Y 139 -35.98 24.13 -14.82
N GLN Y 140 -35.57 23.76 -16.03
CA GLN Y 140 -36.44 23.12 -17.00
C GLN Y 140 -36.03 21.68 -17.35
N ASN Y 141 -36.95 20.76 -17.19
CA ASN Y 141 -36.73 19.35 -17.51
C ASN Y 141 -38.05 18.75 -17.95
N GLU Y 142 -38.28 18.72 -19.24
CA GLU Y 142 -39.57 18.32 -19.78
C GLU Y 142 -39.49 17.02 -20.56
N SER Z 2 -6.65 22.33 -30.94
CA SER Z 2 -6.05 23.29 -30.03
C SER Z 2 -5.79 22.70 -28.68
N TYR Z 3 -4.69 23.10 -28.07
CA TYR Z 3 -4.29 22.62 -26.77
C TYR Z 3 -4.10 23.81 -25.83
N PRO Z 4 -4.35 23.64 -24.53
CA PRO Z 4 -4.15 24.63 -23.48
C PRO Z 4 -2.68 24.82 -23.17
N LEU Z 5 -2.35 25.92 -22.54
CA LEU Z 5 -0.99 26.20 -22.10
C LEU Z 5 -0.68 25.50 -20.78
N SER Z 6 0.58 25.11 -20.60
CA SER Z 6 1.08 24.53 -19.35
C SER Z 6 1.51 25.66 -18.41
N LYS Z 7 1.83 25.33 -17.15
CA LYS Z 7 2.22 26.38 -16.20
C LYS Z 7 3.62 26.28 -15.58
N PHE Z 8 4.61 25.74 -16.27
CA PHE Z 8 5.93 25.62 -15.65
C PHE Z 8 7.06 26.47 -16.26
N HIS Z 9 6.81 27.13 -17.38
CA HIS Z 9 7.86 27.94 -18.02
C HIS Z 9 7.47 29.42 -17.97
N PHE Z 10 8.13 30.19 -17.10
CA PHE Z 10 7.77 31.58 -16.85
C PHE Z 10 8.95 32.40 -16.36
N SER Z 11 8.80 33.73 -16.36
CA SER Z 11 9.83 34.62 -15.82
C SER Z 11 9.25 35.85 -15.10
N VAL Z 12 10.02 36.39 -14.14
CA VAL Z 12 9.58 37.57 -13.39
C VAL Z 12 10.57 38.73 -13.36
N GLU Z 13 10.13 39.91 -13.79
CA GLU Z 13 10.97 41.10 -13.74
C GLU Z 13 10.59 41.99 -12.56
N TRP Z 14 11.46 42.03 -11.57
CA TRP Z 14 11.18 42.74 -10.34
C TRP Z 14 12.24 43.76 -9.92
N GLY Z 15 13.16 44.11 -10.82
CA GLY Z 15 14.22 45.05 -10.46
C GLY Z 15 15.42 44.45 -9.73
N GLY Z 16 15.57 43.13 -9.83
CA GLY Z 16 16.64 42.40 -9.21
C GLY Z 16 17.54 41.81 -10.27
N THR Z 17 18.62 41.18 -9.83
CA THR Z 17 19.56 40.55 -10.73
C THR Z 17 19.02 39.33 -11.49
N LYS Z 18 18.17 38.55 -10.83
CA LYS Z 18 17.74 37.26 -11.37
C LYS Z 18 16.25 37.28 -11.69
N ILE Z 19 15.84 36.49 -12.68
CA ILE Z 19 14.42 36.40 -13.05
C ILE Z 19 13.77 35.04 -12.81
N GLY Z 20 14.52 34.08 -12.25
CA GLY Z 20 13.98 32.76 -11.99
C GLY Z 20 13.43 32.61 -10.58
N PHE Z 21 12.26 32.00 -10.49
CA PHE Z 21 11.53 31.71 -9.26
C PHE Z 21 10.97 30.30 -9.30
N THR Z 22 10.66 29.75 -8.13
CA THR Z 22 10.08 28.42 -8.10
C THR Z 22 8.57 28.48 -7.95
N GLU Z 23 8.06 29.59 -7.43
CA GLU Z 23 6.62 29.73 -7.25
C GLU Z 23 6.14 31.18 -7.28
N VAL Z 24 5.01 31.39 -7.95
CA VAL Z 24 4.32 32.68 -8.01
C VAL Z 24 2.83 32.49 -7.72
N SER Z 25 2.26 33.25 -6.78
CA SER Z 25 0.81 33.13 -6.51
C SER Z 25 0.14 34.43 -6.05
N GLY Z 26 -1.20 34.50 -6.21
CA GLY Z 26 -2.00 35.65 -5.75
C GLY Z 26 -2.45 36.66 -6.83
N LEU Z 27 -2.36 36.29 -8.10
CA LEU Z 27 -2.76 37.19 -9.19
C LEU Z 27 -4.29 37.26 -9.39
N ASP Z 28 -4.98 37.79 -8.39
CA ASP Z 28 -6.45 37.87 -8.33
C ASP Z 28 -7.02 39.28 -8.47
N LEU Z 29 -8.30 39.35 -8.91
CA LEU Z 29 -9.08 40.60 -9.01
C LEU Z 29 -10.43 40.40 -8.30
N GLU Z 30 -10.90 41.38 -7.52
CA GLU Z 30 -12.20 41.23 -6.83
C GLU Z 30 -12.99 42.52 -6.61
N THR Z 31 -14.34 42.42 -6.65
CA THR Z 31 -15.18 43.58 -6.34
C THR Z 31 -16.25 43.26 -5.29
N GLU Z 32 -16.74 44.30 -4.65
CA GLU Z 32 -17.82 44.24 -3.68
C GLU Z 32 -19.20 44.24 -4.35
N ILE Z 33 -20.22 43.79 -3.62
CA ILE Z 33 -21.61 43.82 -4.10
C ILE Z 33 -22.52 44.66 -3.23
N ILE Z 34 -23.28 45.55 -3.86
CA ILE Z 34 -24.25 46.38 -3.16
C ILE Z 34 -25.66 45.84 -3.45
N GLU Z 35 -26.40 45.50 -2.39
CA GLU Z 35 -27.73 44.90 -2.53
C GLU Z 35 -28.88 45.87 -2.19
N TYR Z 36 -30.05 45.70 -2.85
CA TYR Z 36 -31.22 46.53 -2.54
C TYR Z 36 -32.61 45.91 -2.80
N ARG Z 37 -33.59 46.21 -1.93
CA ARG Z 37 -34.98 45.83 -2.17
C ARG Z 37 -35.94 46.84 -1.55
N HIS Z 38 -37.01 47.18 -2.25
CA HIS Z 38 -38.03 48.04 -1.64
C HIS Z 38 -39.27 47.19 -1.37
N GLY Z 39 -40.10 47.64 -0.42
CA GLY Z 39 -41.26 46.89 0.04
C GLY Z 39 -42.31 46.46 -0.96
N ALA Z 40 -42.54 47.23 -1.99
CA ALA Z 40 -43.57 46.90 -2.97
C ALA Z 40 -43.13 45.92 -4.06
N SER Z 41 -41.88 45.50 -4.10
CA SER Z 41 -41.48 44.63 -5.18
C SER Z 41 -42.20 43.27 -5.15
N PRO Z 42 -42.70 42.74 -6.28
CA PRO Z 42 -43.28 41.41 -6.46
C PRO Z 42 -42.32 40.27 -6.19
N GLU Z 43 -41.02 40.54 -6.22
CA GLU Z 43 -40.04 39.51 -5.96
C GLU Z 43 -39.52 39.69 -4.56
N TYR Z 44 -39.16 38.60 -3.91
CA TYR Z 44 -38.71 38.68 -2.54
C TYR Z 44 -37.21 38.53 -2.40
N SER Z 45 -36.51 38.73 -3.50
CA SER Z 45 -35.06 38.71 -3.60
C SER Z 45 -34.54 40.13 -3.82
N LYS Z 46 -33.25 40.32 -3.65
CA LYS Z 46 -32.63 41.64 -3.83
C LYS Z 46 -31.99 41.84 -5.21
N ILE Z 47 -31.86 43.10 -5.61
CA ILE Z 47 -31.16 43.45 -6.85
C ILE Z 47 -29.71 43.80 -6.53
N LYS Z 48 -28.79 43.39 -7.38
CA LYS Z 48 -27.37 43.60 -7.10
C LYS Z 48 -26.63 44.50 -8.08
N MET Z 49 -25.72 45.32 -7.57
CA MET Z 49 -24.85 46.14 -8.43
C MET Z 49 -23.41 46.20 -7.88
N PRO Z 50 -22.38 46.42 -8.73
CA PRO Z 50 -20.98 46.58 -8.35
C PRO Z 50 -20.63 47.72 -7.38
N GLY Z 51 -19.75 47.39 -6.45
CA GLY Z 51 -19.15 48.24 -5.43
C GLY Z 51 -17.68 48.56 -5.76
N MET Z 52 -16.91 48.81 -4.70
CA MET Z 52 -15.48 49.14 -4.78
C MET Z 52 -14.59 47.94 -5.12
N GLN Z 53 -13.38 48.22 -5.62
CA GLN Z 53 -12.41 47.20 -6.06
C GLN Z 53 -11.41 46.79 -4.99
N LYS Z 54 -10.92 45.55 -5.06
CA LYS Z 54 -9.86 45.01 -4.20
C LYS Z 54 -8.81 44.22 -4.97
N PHE Z 55 -7.60 44.14 -4.39
CA PHE Z 55 -6.54 43.31 -4.93
C PHE Z 55 -5.90 42.46 -3.84
N SER Z 56 -5.42 41.28 -4.21
CA SER Z 56 -4.70 40.39 -3.29
C SER Z 56 -3.19 40.66 -3.30
N ASN Z 57 -2.50 40.26 -2.22
CA ASN Z 57 -1.04 40.37 -2.19
C ASN Z 57 -0.42 39.27 -3.03
N ILE Z 58 0.78 39.53 -3.56
CA ILE Z 58 1.50 38.57 -4.40
C ILE Z 58 2.66 37.91 -3.69
N THR Z 59 2.72 36.58 -3.75
CA THR Z 59 3.81 35.85 -3.11
C THR Z 59 4.80 35.26 -4.10
N LEU Z 60 6.08 35.51 -3.86
CA LEU Z 60 7.17 35.00 -4.69
C LEU Z 60 8.13 34.11 -3.87
N LYS Z 61 8.50 32.95 -4.41
CA LYS Z 61 9.46 32.07 -3.73
C LYS Z 61 10.61 31.65 -4.62
N ARG Z 62 11.78 31.44 -4.02
CA ARG Z 62 12.96 30.95 -4.73
C ARG Z 62 13.98 30.34 -3.75
N GLY Z 63 15.01 29.67 -4.26
CA GLY Z 63 16.05 29.13 -3.37
C GLY Z 63 17.06 30.18 -2.99
N THR Z 64 17.87 29.91 -1.97
CA THR Z 64 18.89 30.86 -1.57
C THR Z 64 20.22 30.54 -2.20
N PHE Z 65 21.01 31.58 -2.46
CA PHE Z 65 22.33 31.46 -3.04
C PHE Z 65 23.38 32.25 -2.33
N LYS Z 66 24.61 31.78 -2.43
CA LYS Z 66 25.75 32.49 -1.89
C LYS Z 66 25.82 33.89 -2.51
N SER Z 67 25.98 34.89 -1.65
CA SER Z 67 26.12 36.31 -1.98
C SER Z 67 24.89 37.01 -2.59
N ASP Z 68 23.73 36.38 -2.62
CA ASP Z 68 22.54 37.06 -3.12
C ASP Z 68 21.64 37.51 -2.00
N ASN Z 69 21.78 38.75 -1.56
CA ASN Z 69 21.05 39.30 -0.40
C ASN Z 69 19.96 40.30 -0.79
N GLU Z 70 19.42 40.16 -2.00
CA GLU Z 70 18.43 41.06 -2.57
C GLU Z 70 17.11 41.22 -1.88
N TYR Z 71 16.52 40.16 -1.38
CA TYR Z 71 15.22 40.30 -0.71
C TYR Z 71 15.37 41.25 0.48
N PHE Z 72 16.42 41.07 1.28
CA PHE Z 72 16.73 41.91 2.42
C PHE Z 72 17.07 43.36 2.04
N GLN Z 73 17.79 43.57 0.96
CA GLN Z 73 18.13 44.93 0.57
C GLN Z 73 16.92 45.73 0.13
N TRP Z 74 15.97 45.14 -0.60
CA TRP Z 74 14.78 45.87 -1.00
C TRP Z 74 13.94 46.22 0.26
N TYR Z 75 13.72 45.24 1.12
CA TYR Z 75 12.94 45.42 2.34
C TYR Z 75 13.52 46.55 3.19
N ASN Z 76 14.84 46.58 3.26
CA ASN Z 76 15.56 47.54 4.07
C ASN Z 76 15.54 48.98 3.50
N THR Z 77 14.80 49.22 2.40
CA THR Z 77 14.67 50.58 1.88
C THR Z 77 13.51 51.30 2.56
N ILE Z 78 12.78 50.61 3.44
CA ILE Z 78 11.68 51.21 4.16
C ILE Z 78 12.19 52.15 5.23
N ASN Z 79 11.69 53.38 5.22
CA ASN Z 79 12.10 54.41 6.15
C ASN Z 79 10.89 55.25 6.56
N LEU Z 80 10.28 54.88 7.68
CA LEU Z 80 9.04 55.45 8.22
C LEU Z 80 7.89 55.25 7.22
N ASN Z 81 7.59 56.25 6.39
CA ASN Z 81 6.50 56.10 5.42
C ASN Z 81 7.00 56.03 3.99
N LYS Z 82 8.31 55.94 3.80
CA LYS Z 82 8.86 55.86 2.46
C LYS Z 82 9.39 54.47 2.15
N VAL Z 83 9.33 54.11 0.89
CA VAL Z 83 9.84 52.84 0.41
C VAL Z 83 10.10 52.94 -1.07
N GLU Z 84 11.04 52.15 -1.58
CA GLU Z 84 11.24 52.13 -3.01
C GLU Z 84 10.16 51.28 -3.67
N ARG Z 85 9.37 51.88 -4.55
CA ARG Z 85 8.29 51.17 -5.22
C ARG Z 85 8.72 50.73 -6.60
N ARG Z 86 8.28 49.55 -7.03
CA ARG Z 86 8.68 49.04 -8.34
C ARG Z 86 7.55 48.52 -9.22
N ASP Z 87 7.80 48.52 -10.52
CA ASP Z 87 6.90 47.92 -11.49
C ASP Z 87 7.26 46.45 -11.65
N LEU Z 88 6.28 45.59 -11.40
CA LEU Z 88 6.47 44.15 -11.44
C LEU Z 88 5.84 43.53 -12.69
N THR Z 89 6.65 42.84 -13.51
CA THR Z 89 6.09 42.22 -14.71
C THR Z 89 6.27 40.72 -14.71
N ILE Z 90 5.15 40.01 -14.79
CA ILE Z 90 5.15 38.54 -14.76
C ILE Z 90 4.71 37.97 -16.09
N SER Z 91 5.49 37.05 -16.64
CA SER Z 91 5.17 36.53 -17.96
C SER Z 91 5.31 35.02 -18.18
N LEU Z 92 4.25 34.45 -18.78
CA LEU Z 92 4.15 33.03 -19.15
C LEU Z 92 4.71 32.88 -20.56
N LEU Z 93 5.70 31.99 -20.73
CA LEU Z 93 6.46 31.86 -21.98
C LEU Z 93 6.16 30.70 -22.94
N ASN Z 94 6.42 30.93 -24.23
CA ASN Z 94 6.31 29.92 -25.29
C ASN Z 94 7.64 29.17 -25.52
N GLU Z 95 7.68 28.30 -26.53
CA GLU Z 95 8.84 27.50 -26.86
C GLU Z 95 10.06 28.28 -27.38
N GLU Z 96 9.88 29.55 -27.73
CA GLU Z 96 10.94 30.41 -28.22
C GLU Z 96 11.43 31.29 -27.08
N HIS Z 97 10.87 31.04 -25.90
CA HIS Z 97 11.09 31.77 -24.66
C HIS Z 97 10.59 33.20 -24.76
N GLU Z 98 9.51 33.41 -25.51
CA GLU Z 98 8.88 34.70 -25.67
C GLU Z 98 7.59 34.74 -24.87
N PRO Z 99 7.14 35.90 -24.38
CA PRO Z 99 5.86 36.08 -23.69
C PRO Z 99 4.63 35.69 -24.49
N VAL Z 100 3.65 35.13 -23.79
CA VAL Z 100 2.35 34.79 -24.33
C VAL Z 100 1.31 35.52 -23.49
N VAL Z 101 1.37 35.32 -22.17
CA VAL Z 101 0.41 35.97 -21.26
C VAL Z 101 1.16 36.81 -20.25
N THR Z 102 0.81 38.09 -20.15
CA THR Z 102 1.52 38.98 -19.23
C THR Z 102 0.62 39.63 -18.17
N TRP Z 103 1.11 39.61 -16.94
CA TRP Z 103 0.44 40.24 -15.81
C TRP Z 103 1.25 41.48 -15.41
N LYS Z 104 0.64 42.65 -15.52
CA LYS Z 104 1.30 43.91 -15.22
C LYS Z 104 0.88 44.48 -13.87
N VAL Z 105 1.84 44.65 -12.94
CA VAL Z 105 1.54 45.12 -11.60
C VAL Z 105 2.19 46.46 -11.24
N LYS Z 106 1.34 47.39 -10.81
CA LYS Z 106 1.70 48.77 -10.44
C LYS Z 106 2.10 48.98 -8.96
N ASN Z 107 3.18 49.74 -8.72
CA ASN Z 107 3.65 50.15 -7.37
C ASN Z 107 3.91 49.05 -6.32
N ALA Z 108 4.54 47.95 -6.63
CA ALA Z 108 4.75 46.97 -5.58
C ALA Z 108 5.80 47.35 -4.52
N TRP Z 109 5.60 46.88 -3.30
CA TRP Z 109 6.56 47.01 -2.19
C TRP Z 109 6.36 45.85 -1.22
N PRO Z 110 7.44 45.32 -0.64
CA PRO Z 110 7.61 44.23 0.33
C PRO Z 110 6.99 44.44 1.70
N LEU Z 111 5.96 43.67 1.99
CA LEU Z 111 5.31 43.68 3.29
C LEU Z 111 6.07 42.82 4.27
N LYS Z 112 6.47 41.68 3.77
CA LYS Z 112 7.07 40.64 4.58
C LYS Z 112 8.13 39.82 3.87
N VAL Z 113 9.20 39.52 4.60
CA VAL Z 113 10.24 38.63 4.12
C VAL Z 113 10.42 37.49 5.11
N GLN Z 114 10.31 36.27 4.62
CA GLN Z 114 10.39 35.08 5.46
C GLN Z 114 11.57 34.19 5.09
N SER Z 115 12.44 33.98 6.07
CA SER Z 115 13.62 33.15 5.89
C SER Z 115 13.36 31.65 6.07
N THR Z 116 14.33 30.87 5.64
CA THR Z 116 14.41 29.42 5.70
C THR Z 116 14.45 28.80 7.10
N ASP Z 117 13.68 27.74 7.32
CA ASP Z 117 13.76 27.00 8.59
C ASP Z 117 14.96 26.02 8.58
N LEU Z 118 15.45 25.63 9.73
CA LEU Z 118 16.60 24.72 9.78
C LEU Z 118 16.35 23.40 10.50
N LYS Z 119 16.72 22.30 9.86
CA LYS Z 119 16.54 20.96 10.43
C LYS Z 119 17.79 20.09 10.35
N GLY Z 120 18.18 19.54 11.49
CA GLY Z 120 19.37 18.69 11.62
C GLY Z 120 19.32 17.45 10.75
N ASP Z 121 18.12 16.91 10.57
CA ASP Z 121 17.89 15.72 9.76
C ASP Z 121 17.15 15.99 8.44
N GLY Z 122 17.03 17.24 8.03
CA GLY Z 122 16.30 17.54 6.81
C GLY Z 122 17.11 17.71 5.54
N ASN Z 123 16.81 16.87 4.55
CA ASN Z 123 17.50 16.90 3.27
C ASN Z 123 16.66 17.68 2.27
N GLU Z 124 17.05 18.93 2.00
CA GLU Z 124 16.30 19.78 1.10
C GLU Z 124 17.00 21.09 0.82
N VAL Z 125 16.44 21.84 -0.11
CA VAL Z 125 16.91 23.14 -0.52
C VAL Z 125 16.41 24.24 0.38
N ALA Z 126 17.29 25.16 0.74
CA ALA Z 126 16.88 26.32 1.51
C ALA Z 126 16.06 27.25 0.63
N ILE Z 127 14.83 27.52 1.03
CA ILE Z 127 13.87 28.35 0.31
C ILE Z 127 13.54 29.59 1.10
N GLU Z 128 13.49 30.73 0.41
CA GLU Z 128 13.14 32.01 1.00
C GLU Z 128 11.91 32.58 0.28
N SER Z 129 11.13 33.42 0.97
CA SER Z 129 9.97 34.00 0.31
C SER Z 129 9.63 35.44 0.68
N MET Z 130 8.93 36.10 -0.25
CA MET Z 130 8.50 37.47 -0.10
C MET Z 130 7.04 37.71 -0.45
N GLU Z 131 6.37 38.58 0.33
CA GLU Z 131 4.98 38.98 0.08
C GLU Z 131 4.90 40.47 -0.27
N LEU Z 132 4.31 40.76 -1.44
CA LEU Z 132 4.19 42.12 -1.95
C LEU Z 132 2.80 42.75 -2.01
N ALA Z 133 2.75 44.01 -1.59
CA ALA Z 133 1.57 44.86 -1.68
C ALA Z 133 1.63 45.55 -3.03
N HIS Z 134 0.49 45.91 -3.62
CA HIS Z 134 0.52 46.65 -4.88
C HIS Z 134 -0.77 47.43 -5.07
N GLU Z 135 -0.83 48.24 -6.11
CA GLU Z 135 -2.00 49.08 -6.39
C GLU Z 135 -2.74 48.80 -7.69
N GLY Z 136 -2.62 47.61 -8.27
CA GLY Z 136 -3.36 47.36 -9.49
C GLY Z 136 -2.74 46.35 -10.42
N LEU Z 137 -3.62 45.61 -11.09
CA LEU Z 137 -3.27 44.55 -12.02
C LEU Z 137 -4.02 44.60 -13.36
N VAL Z 138 -3.26 44.54 -14.44
CA VAL Z 138 -3.77 44.49 -15.81
C VAL Z 138 -3.30 43.21 -16.51
N ILE Z 139 -4.23 42.49 -17.16
CA ILE Z 139 -3.86 41.24 -17.81
C ILE Z 139 -3.89 41.35 -19.33
N GLN Z 140 -2.77 41.01 -19.96
CA GLN Z 140 -2.64 41.08 -21.41
C GLN Z 140 -2.41 39.72 -22.08
N ASN Z 141 -3.26 39.40 -23.04
CA ASN Z 141 -3.17 38.14 -23.79
C ASN Z 141 -3.71 38.41 -25.18
N GLU Z 142 -2.81 38.69 -26.12
CA GLU Z 142 -3.21 39.12 -27.44
C GLU Z 142 -2.81 38.11 -28.51
N SER AA 2 25.35 27.06 -11.16
CA SER AA 2 25.16 27.42 -9.76
C SER AA 2 24.12 26.57 -9.09
N TYR AA 3 24.36 26.23 -7.83
CA TYR AA 3 23.45 25.42 -7.07
C TYR AA 3 23.06 26.17 -5.79
N PRO AA 4 21.84 25.97 -5.27
CA PRO AA 4 21.33 26.51 -4.03
C PRO AA 4 21.97 25.86 -2.82
N LEU AA 5 21.88 26.52 -1.68
CA LEU AA 5 22.38 25.98 -0.42
C LEU AA 5 21.36 25.01 0.21
N SER AA 6 21.86 23.99 0.90
CA SER AA 6 21.04 23.06 1.66
C SER AA 6 20.77 23.63 3.05
N LYS AA 7 19.89 23.00 3.84
CA LYS AA 7 19.57 23.52 5.17
C LYS AA 7 19.85 22.61 6.37
N PHE AA 8 20.85 21.74 6.32
CA PHE AA 8 21.10 20.87 7.45
C PHE AA 8 22.41 21.08 8.23
N HIS AA 9 23.30 21.94 7.77
CA HIS AA 9 24.56 22.18 8.46
C HIS AA 9 24.60 23.61 8.99
N PHE AA 10 24.45 23.78 10.30
CA PHE AA 10 24.35 25.09 10.91
C PHE AA 10 24.80 25.09 12.37
N SER AA 11 24.99 26.28 12.94
CA SER AA 11 25.34 26.41 14.36
C SER AA 11 24.68 27.62 15.04
N VAL AA 12 24.48 27.52 16.36
CA VAL AA 12 23.87 28.63 17.12
C VAL AA 12 24.65 29.08 18.34
N GLU AA 13 24.99 30.36 18.40
CA GLU AA 13 25.67 30.92 19.56
C GLU AA 13 24.71 31.68 20.46
N TRP AA 14 24.43 31.09 21.62
CA TRP AA 14 23.43 31.65 22.52
C TRP AA 14 23.93 31.89 23.95
N GLY AA 15 25.24 31.84 24.19
CA GLY AA 15 25.75 32.02 25.54
C GLY AA 15 25.73 30.77 26.42
N GLY AA 16 25.62 29.61 25.80
CA GLY AA 16 25.59 28.33 26.48
C GLY AA 16 26.83 27.54 26.12
N THR AA 17 26.97 26.39 26.75
CA THR AA 17 28.09 25.50 26.49
C THR AA 17 28.13 24.88 25.09
N LYS AA 18 26.95 24.56 24.54
CA LYS AA 18 26.87 23.80 23.31
C LYS AA 18 26.27 24.63 22.20
N ILE AA 19 26.67 24.35 20.95
CA ILE AA 19 26.13 25.06 19.80
C ILE AA 19 25.28 24.22 18.84
N GLY AA 20 25.07 22.94 19.16
CA GLY AA 20 24.29 22.07 18.29
C GLY AA 20 22.82 22.02 18.71
N PHE AA 21 21.95 22.10 17.71
CA PHE AA 21 20.50 22.05 17.82
C PHE AA 21 19.92 21.16 16.75
N THR AA 22 18.70 20.67 16.96
CA THR AA 22 18.06 19.85 15.94
C THR AA 22 17.09 20.67 15.10
N GLU AA 23 16.62 21.79 15.63
CA GLU AA 23 15.68 22.63 14.90
C GLU AA 23 15.74 24.09 15.32
N VAL AA 24 15.66 24.98 14.31
CA VAL AA 24 15.58 26.43 14.49
C VAL AA 24 14.45 26.99 13.62
N SER AA 25 13.54 27.78 14.19
CA SER AA 25 12.47 28.39 13.38
C SER AA 25 11.99 29.76 13.88
N GLY AA 26 11.36 30.54 12.97
CA GLY AA 26 10.77 31.85 13.32
C GLY AA 26 11.59 33.10 12.90
N LEU AA 27 12.57 32.95 12.02
CA LEU AA 27 13.39 34.08 11.60
C LEU AA 27 12.69 34.95 10.53
N ASP AA 28 11.61 35.60 10.96
CA ASP AA 28 10.74 36.44 10.10
C ASP AA 28 10.81 37.95 10.36
N LEU AA 29 10.45 38.73 9.35
CA LEU AA 29 10.33 40.21 9.40
C LEU AA 29 8.96 40.63 8.88
N GLU AA 30 8.27 41.58 9.52
CA GLU AA 30 6.95 42.02 9.04
C GLU AA 30 6.59 43.47 9.30
N THR AA 31 5.84 44.10 8.39
CA THR AA 31 5.33 45.46 8.62
C THR AA 31 3.84 45.58 8.40
N GLU AA 32 3.26 46.61 8.99
CA GLU AA 32 1.85 46.98 8.85
C GLU AA 32 1.60 47.81 7.58
N ILE AA 33 0.34 47.84 7.13
CA ILE AA 33 -0.06 48.65 5.99
C ILE AA 33 -1.10 49.71 6.35
N ILE AA 34 -0.85 50.95 5.95
CA ILE AA 34 -1.80 52.03 6.15
C ILE AA 34 -2.49 52.36 4.82
N GLU AA 35 -3.81 52.29 4.80
CA GLU AA 35 -4.60 52.52 3.58
C GLU AA 35 -5.33 53.88 3.54
N TYR AA 36 -5.51 54.43 2.33
CA TYR AA 36 -6.25 55.70 2.20
C TYR AA 36 -6.96 55.94 0.84
N ARG AA 37 -8.14 56.56 0.89
CA ARG AA 37 -8.83 57.01 -0.33
C ARG AA 37 -9.66 58.26 -0.06
N HIS AA 38 -9.66 59.22 -0.98
CA HIS AA 38 -10.54 60.37 -0.84
C HIS AA 38 -11.65 60.27 -1.88
N GLY AA 39 -12.77 60.92 -1.62
CA GLY AA 39 -13.97 60.82 -2.46
C GLY AA 39 -13.87 61.16 -3.94
N ALA AA 40 -13.02 62.11 -4.30
CA ALA AA 40 -12.90 62.51 -5.69
C ALA AA 40 -11.99 61.64 -6.54
N SER AA 41 -11.33 60.64 -5.98
CA SER AA 41 -10.42 59.86 -6.81
C SER AA 41 -11.14 59.08 -7.93
N PRO AA 42 -10.64 59.10 -9.19
CA PRO AA 42 -11.11 58.31 -10.33
C PRO AA 42 -11.01 56.80 -10.13
N GLU AA 43 -10.17 56.36 -9.19
CA GLU AA 43 -10.04 54.94 -8.95
C GLU AA 43 -10.81 54.61 -7.70
N TYR AA 44 -11.35 53.40 -7.64
CA TYR AA 44 -12.16 53.03 -6.51
C TYR AA 44 -11.44 52.08 -5.55
N SER AA 45 -10.12 52.07 -5.66
CA SER AA 45 -9.22 51.31 -4.81
C SER AA 45 -8.46 52.26 -3.89
N LYS AA 46 -7.81 51.72 -2.87
CA LYS AA 46 -7.03 52.53 -1.93
C LYS AA 46 -5.54 52.59 -2.23
N ILE AA 47 -4.88 53.64 -1.75
CA ILE AA 47 -3.42 53.77 -1.86
C ILE AA 47 -2.79 53.25 -0.58
N LYS AA 48 -1.66 52.55 -0.70
CA LYS AA 48 -1.03 51.95 0.46
C LYS AA 48 0.36 52.48 0.80
N MET AA 49 0.65 52.60 2.11
CA MET AA 49 1.99 52.99 2.56
C MET AA 49 2.40 52.20 3.82
N PRO AA 50 3.70 51.97 4.10
CA PRO AA 50 4.23 51.32 5.29
C PRO AA 50 3.90 51.94 6.65
N GLY AA 51 3.59 51.06 7.58
CA GLY AA 51 3.32 51.30 8.99
C GLY AA 51 4.48 50.86 9.89
N MET AA 52 4.14 50.48 11.12
CA MET AA 52 5.08 50.03 12.15
C MET AA 52 5.61 48.62 11.90
N GLN AA 53 6.76 48.30 12.52
CA GLN AA 53 7.46 47.01 12.35
C GLN AA 53 7.09 45.97 13.43
N LYS AA 54 7.18 44.70 13.06
CA LYS AA 54 6.99 43.56 13.96
C LYS AA 54 8.04 42.46 13.78
N PHE AA 55 8.25 41.68 14.84
CA PHE AA 55 9.12 40.51 14.78
C PHE AA 55 8.44 39.29 15.39
N SER AA 56 8.77 38.11 14.89
CA SER AA 56 8.26 36.84 15.44
C SER AA 56 9.19 36.28 16.52
N ASN AA 57 8.66 35.42 17.39
CA ASN AA 57 9.48 34.75 18.39
C ASN AA 57 10.29 33.63 17.74
N ILE AA 58 11.44 33.31 18.32
CA ILE AA 58 12.31 32.27 17.78
C ILE AA 58 12.29 30.99 18.61
N THR AA 59 12.09 29.86 17.94
CA THR AA 59 12.04 28.57 18.64
C THR AA 59 13.29 27.72 18.39
N LEU AA 60 13.88 27.22 19.48
CA LEU AA 60 15.06 26.35 19.42
C LEU AA 60 14.78 24.99 20.05
N LYS AA 61 15.18 23.90 19.39
CA LYS AA 61 15.00 22.55 19.95
C LYS AA 61 16.28 21.74 19.94
N ARG AA 62 16.42 20.86 20.93
CA ARG AA 62 17.56 19.94 21.01
C ARG AA 62 17.24 18.75 21.92
N GLY AA 63 18.09 17.73 21.94
CA GLY AA 63 17.88 16.59 22.85
C GLY AA 63 18.39 16.89 24.25
N THR AA 64 17.97 16.08 25.22
CA THR AA 64 18.44 16.29 26.58
C THR AA 64 19.64 15.42 26.89
N PHE AA 65 20.50 15.92 27.76
CA PHE AA 65 21.70 15.22 28.19
C PHE AA 65 21.90 15.23 29.68
N LYS AA 66 22.59 14.20 30.16
CA LYS AA 66 22.95 14.13 31.55
C LYS AA 66 23.78 15.36 31.94
N SER AA 67 23.39 15.98 33.04
CA SER AA 67 24.02 17.15 33.66
C SER AA 67 23.95 18.47 32.88
N ASP AA 68 23.18 18.55 31.80
CA ASP AA 68 23.04 19.83 31.10
C ASP AA 68 21.71 20.50 31.42
N ASN AA 69 21.71 21.40 32.39
CA ASN AA 69 20.50 22.05 32.87
C ASN AA 69 20.38 23.52 32.47
N GLU AA 70 21.00 23.87 31.35
CA GLU AA 70 21.08 25.24 30.84
C GLU AA 70 19.80 25.95 30.49
N TYR AA 71 18.85 25.29 29.87
CA TYR AA 71 17.61 25.98 29.52
C TYR AA 71 16.94 26.51 30.79
N PHE AA 72 16.88 25.68 31.83
CA PHE AA 72 16.32 26.05 33.13
C PHE AA 72 17.12 27.15 33.85
N GLN AA 73 18.43 27.12 33.78
CA GLN AA 73 19.21 28.14 34.44
C GLN AA 73 19.04 29.52 33.82
N TRP AA 74 18.95 29.62 32.50
CA TRP AA 74 18.73 30.93 31.88
C TRP AA 74 17.33 31.46 32.26
N TYR AA 75 16.31 30.61 32.13
CA TYR AA 75 14.94 30.98 32.45
C TYR AA 75 14.84 31.49 33.88
N ASN AA 76 15.53 30.83 34.78
CA ASN AA 76 15.50 31.12 36.19
C ASN AA 76 16.24 32.42 36.57
N THR AA 77 16.75 33.19 35.57
CA THR AA 77 17.37 34.48 35.87
C THR AA 77 16.31 35.59 35.89
N ILE AA 78 15.05 35.24 35.61
CA ILE AA 78 13.97 36.21 35.63
C ILE AA 78 13.61 36.56 37.07
N ASN AA 79 13.59 37.86 37.35
CA ASN AA 79 13.29 38.35 38.69
C ASN AA 79 12.44 39.63 38.58
N LEU AA 80 11.13 39.46 38.67
CA LEU AA 80 10.12 40.50 38.48
C LEU AA 80 10.21 41.09 37.07
N ASN AA 81 10.91 42.22 36.89
CA ASN AA 81 11.02 42.81 35.56
C ASN AA 81 12.43 42.71 34.99
N LYS AA 82 13.31 41.99 35.67
CA LYS AA 82 14.67 41.85 35.19
C LYS AA 82 14.93 40.46 34.65
N VAL AA 83 15.83 40.37 33.68
CA VAL AA 83 16.23 39.12 33.07
C VAL AA 83 17.58 39.30 32.42
N GLU AA 84 18.36 38.24 32.34
CA GLU AA 84 19.60 38.33 31.60
C GLU AA 84 19.33 38.29 30.10
N ARG AA 85 19.69 39.35 29.39
CA ARG AA 85 19.46 39.42 27.96
C ARG AA 85 20.72 39.04 27.20
N ARG AA 86 20.56 38.34 26.07
CA ARG AA 86 21.72 37.92 25.30
C ARG AA 86 21.66 38.21 23.79
N ASP AA 87 22.83 38.28 23.19
CA ASP AA 87 22.97 38.40 21.76
C ASP AA 87 23.00 37.02 21.14
N LEU AA 88 22.06 36.76 20.24
CA LEU AA 88 21.91 35.46 19.60
C LEU AA 88 22.41 35.46 18.15
N THR AA 89 23.37 34.59 17.85
CA THR AA 89 23.88 34.56 16.47
C THR AA 89 23.67 33.19 15.82
N ILE AA 90 22.95 33.20 14.71
CA ILE AA 90 22.62 31.97 14.00
C ILE AA 90 23.30 31.92 12.64
N SER AA 91 24.00 30.84 12.36
CA SER AA 91 24.76 30.77 11.11
C SER AA 91 24.69 29.47 10.31
N LEU AA 92 24.44 29.63 9.01
CA LEU AA 92 24.38 28.56 8.00
C LEU AA 92 25.80 28.36 7.45
N LEU AA 93 26.32 27.12 7.53
CA LEU AA 93 27.72 26.82 7.22
C LEU AA 93 28.06 26.15 5.87
N ASN AA 94 29.30 26.41 5.40
CA ASN AA 94 29.86 25.78 4.20
C ASN AA 94 30.64 24.51 4.52
N GLU AA 95 31.29 23.92 3.52
CA GLU AA 95 32.05 22.68 3.66
C GLU AA 95 33.32 22.78 4.51
N GLU AA 96 33.76 24.00 4.84
CA GLU AA 96 34.93 24.25 5.66
C GLU AA 96 34.50 24.56 7.07
N HIS AA 97 33.19 24.46 7.29
CA HIS AA 97 32.47 24.74 8.51
C HIS AA 97 32.57 26.23 8.87
N GLU AA 98 32.58 27.08 7.85
CA GLU AA 98 32.62 28.52 8.01
C GLU AA 98 31.25 29.10 7.68
N PRO AA 99 30.84 30.23 8.26
CA PRO AA 99 29.61 30.93 7.96
C PRO AA 99 29.46 31.37 6.51
N VAL AA 100 28.23 31.31 6.02
CA VAL AA 100 27.83 31.78 4.71
C VAL AA 100 26.72 32.81 4.92
N VAL AA 101 25.66 32.40 5.63
CA VAL AA 101 24.53 33.30 5.88
C VAL AA 101 24.33 33.45 7.38
N THR AA 102 24.32 34.69 7.85
CA THR AA 102 24.17 34.94 9.29
C THR AA 102 22.96 35.77 9.67
N TRP AA 103 22.25 35.31 10.69
CA TRP AA 103 21.11 36.01 11.26
C TRP AA 103 21.50 36.56 12.63
N LYS AA 104 21.49 37.87 12.76
CA LYS AA 104 21.89 38.55 14.00
C LYS AA 104 20.70 39.02 14.81
N VAL AA 105 20.55 38.52 16.03
CA VAL AA 105 19.41 38.87 16.89
C VAL AA 105 19.77 39.60 18.18
N LYS AA 106 19.14 40.75 18.37
CA LYS AA 106 19.33 41.65 19.50
C LYS AA 106 18.43 41.40 20.73
N ASN AA 107 19.02 41.44 21.94
CA ASN AA 107 18.30 41.31 23.23
C ASN AA 107 17.38 40.10 23.47
N ALA AA 108 17.76 38.89 23.13
CA ALA AA 108 16.85 37.80 23.39
C ALA AA 108 16.69 37.40 24.87
N TRP AA 109 15.51 36.92 25.23
CA TRP AA 109 15.21 36.36 26.54
C TRP AA 109 14.08 35.33 26.40
N PRO AA 110 14.13 34.23 27.18
CA PRO AA 110 13.24 33.08 27.29
C PRO AA 110 11.83 33.37 27.81
N LEU AA 111 10.85 33.21 26.94
CA LEU AA 111 9.46 33.35 27.31
C LEU AA 111 8.94 32.09 27.92
N LYS AA 112 9.33 30.99 27.30
CA LYS AA 112 8.82 29.68 27.64
C LYS AA 112 9.81 28.55 27.48
N VAL AA 113 9.78 27.62 28.44
CA VAL AA 113 10.59 26.41 28.38
C VAL AA 113 9.66 25.22 28.49
N GLN AA 114 9.73 24.32 27.52
CA GLN AA 114 8.87 23.15 27.46
C GLN AA 114 9.64 21.84 27.55
N SER AA 115 9.32 21.05 28.57
CA SER AA 115 9.97 19.77 28.79
C SER AA 115 9.36 18.62 27.98
N THR AA 116 10.11 17.53 27.94
CA THR AA 116 9.81 16.26 27.29
C THR AA 116 8.60 15.51 27.83
N ASP AA 117 7.76 14.97 26.94
CA ASP AA 117 6.64 14.12 27.37
C ASP AA 117 7.13 12.68 27.62
N LEU AA 118 6.42 11.91 28.42
CA LEU AA 118 6.85 10.54 28.72
C LEU AA 118 5.86 9.45 28.32
N LYS AA 119 6.36 8.44 27.62
CA LYS AA 119 5.52 7.31 27.16
C LYS AA 119 6.12 5.95 27.47
N GLY AA 120 5.33 5.10 28.12
CA GLY AA 120 5.73 3.74 28.51
C GLY AA 120 6.14 2.87 27.33
N ASP AA 121 5.48 3.08 26.20
CA ASP AA 121 5.74 2.33 24.98
C ASP AA 121 6.41 3.14 23.87
N GLY AA 122 6.94 4.32 24.19
CA GLY AA 122 7.55 5.15 23.17
C GLY AA 122 9.06 5.06 23.01
N ASN AA 123 9.49 4.68 21.82
CA ASN AA 123 10.92 4.53 21.51
C ASN AA 123 11.39 5.79 20.79
N GLU AA 124 12.08 6.68 21.50
CA GLU AA 124 12.54 7.91 20.93
C GLU AA 124 13.43 8.70 21.87
N VAL AA 125 14.00 9.76 21.34
CA VAL AA 125 14.88 10.67 22.05
C VAL AA 125 14.10 11.72 22.82
N ALA AA 126 14.51 11.98 24.05
CA ALA AA 126 13.91 13.03 24.83
C ALA AA 126 14.33 14.39 24.27
N ILE AA 127 13.35 15.19 23.85
CA ILE AA 127 13.56 16.50 23.25
C ILE AA 127 13.00 17.59 24.12
N GLU AA 128 13.75 18.67 24.25
CA GLU AA 128 13.34 19.85 25.03
C GLU AA 128 13.32 21.07 24.11
N SER AA 129 12.51 22.08 24.45
CA SER AA 129 12.48 23.28 23.62
C SER AA 129 12.31 24.60 24.35
N MET AA 130 12.76 25.65 23.70
CA MET AA 130 12.69 27.01 24.20
C MET AA 130 12.18 28.04 23.18
N GLU AA 131 11.35 28.98 23.66
CA GLU AA 131 10.85 30.09 22.84
C GLU AA 131 11.38 31.43 23.33
N LEU AA 132 12.02 32.16 22.41
CA LEU AA 132 12.65 33.45 22.72
C LEU AA 132 12.03 34.71 22.13
N ALA AA 133 11.93 35.73 22.97
CA ALA AA 133 11.51 37.08 22.60
C ALA AA 133 12.75 37.83 22.20
N HIS AA 134 12.64 38.81 21.31
CA HIS AA 134 13.81 39.62 20.95
C HIS AA 134 13.38 40.97 20.43
N GLU AA 135 14.34 41.86 20.19
CA GLU AA 135 14.07 43.21 19.70
C GLU AA 135 14.62 43.57 18.33
N GLY AA 136 14.90 42.61 17.47
CA GLY AA 136 15.38 42.97 16.14
C GLY AA 136 16.28 41.95 15.49
N LEU AA 137 16.15 41.89 14.16
CA LEU AA 137 16.87 40.96 13.30
C LEU AA 137 17.51 41.60 12.07
N VAL AA 138 18.79 41.33 11.87
CA VAL AA 138 19.58 41.76 10.73
C VAL AA 138 20.13 40.56 9.96
N ILE AA 139 19.97 40.55 8.64
CA ILE AA 139 20.45 39.41 7.86
C ILE AA 139 21.65 39.75 7.00
N GLN AA 140 22.72 38.99 7.16
CA GLN AA 140 23.96 39.20 6.44
C GLN AA 140 24.34 38.04 5.50
N ASN AA 141 24.55 38.37 4.23
CA ASN AA 141 24.95 37.39 3.22
C ASN AA 141 25.79 38.11 2.20
N GLU AA 142 27.11 38.03 2.35
CA GLU AA 142 28.02 38.81 1.54
C GLU AA 142 28.88 37.92 0.65
N SER BA 2 28.95 11.26 23.10
CA SER BA 2 27.82 11.43 23.99
C SER BA 2 26.52 11.16 23.29
N TYR BA 3 25.58 10.55 24.01
CA TYR BA 3 24.29 10.23 23.48
C TYR BA 3 23.21 10.85 24.35
N PRO BA 4 22.05 11.23 23.79
CA PRO BA 4 20.89 11.76 24.47
C PRO BA 4 20.16 10.69 25.26
N LEU BA 5 19.34 11.11 26.21
CA LEU BA 5 18.52 10.20 26.99
C LEU BA 5 17.24 9.82 26.23
N SER BA 6 16.76 8.59 26.43
CA SER BA 6 15.49 8.12 25.89
C SER BA 6 14.36 8.51 26.84
N LYS BA 7 13.10 8.32 26.41
CA LYS BA 7 11.97 8.71 27.26
C LYS BA 7 10.99 7.61 27.69
N PHE BA 8 11.43 6.37 27.85
CA PHE BA 8 10.48 5.33 28.23
C PHE BA 8 10.66 4.70 29.63
N HIS BA 9 11.72 5.04 30.35
CA HIS BA 9 11.94 4.46 31.67
C HIS BA 9 11.85 5.57 32.73
N PHE BA 10 10.75 5.57 33.49
CA PHE BA 10 10.47 6.63 34.45
C PHE BA 10 9.58 6.16 35.59
N SER BA 11 9.47 6.97 36.65
CA SER BA 11 8.57 6.68 37.76
C SER BA 11 7.92 7.93 38.37
N VAL BA 12 6.72 7.75 38.96
CA VAL BA 12 6.01 8.86 39.57
C VAL BA 12 5.58 8.65 41.02
N GLU BA 13 5.98 9.53 41.91
CA GLU BA 13 5.57 9.46 43.32
C GLU BA 13 4.46 10.46 43.61
N TRP BA 14 3.26 9.94 43.83
CA TRP BA 14 2.10 10.78 44.00
C TRP BA 14 1.29 10.49 45.27
N GLY BA 15 1.85 9.72 46.22
CA GLY BA 15 1.10 9.40 47.43
C GLY BA 15 0.13 8.21 47.31
N GLY BA 16 0.32 7.41 46.29
CA GLY BA 16 -0.49 6.24 46.02
C GLY BA 16 0.33 4.99 46.20
N THR BA 17 -0.32 3.85 46.08
CA THR BA 17 0.35 2.56 46.18
C THR BA 17 1.35 2.24 45.08
N LYS BA 18 1.05 2.68 43.86
CA LYS BA 18 1.81 2.27 42.68
C LYS BA 18 2.54 3.47 42.06
N ILE BA 19 3.69 3.21 41.44
CA ILE BA 19 4.45 4.28 40.79
C ILE BA 19 4.55 4.17 39.27
N GLY BA 20 3.90 3.15 38.68
CA GLY BA 20 3.96 2.96 37.23
C GLY BA 20 2.77 3.62 36.51
N PHE BA 21 3.09 4.29 35.42
CA PHE BA 21 2.16 4.99 34.55
C PHE BA 21 2.50 4.72 33.10
N THR BA 22 1.54 4.92 32.21
CA THR BA 22 1.81 4.72 30.78
C THR BA 22 2.09 6.04 30.09
N GLU BA 23 1.62 7.14 30.68
CA GLU BA 23 1.83 8.45 30.07
C GLU BA 23 1.84 9.59 31.09
N VAL BA 24 2.78 10.52 30.89
CA VAL BA 24 2.89 11.75 31.68
C VAL BA 24 3.05 12.95 30.74
N SER BA 25 2.24 14.00 30.89
CA SER BA 25 2.39 15.19 30.05
C SER BA 25 2.00 16.52 30.73
N GLY BA 26 2.52 17.65 30.19
CA GLY BA 26 2.18 19.00 30.69
C GLY BA 26 3.24 19.68 31.58
N LEU BA 27 4.46 19.18 31.61
CA LEU BA 27 5.51 19.78 32.46
C LEU BA 27 6.13 21.04 31.83
N ASP BA 28 5.31 22.09 31.72
CA ASP BA 28 5.66 23.36 31.08
C ASP BA 28 5.81 24.55 32.05
N LEU BA 29 6.57 25.57 31.61
CA LEU BA 29 6.76 26.84 32.31
C LEU BA 29 6.47 28.00 31.35
N GLU BA 30 5.77 29.06 31.77
CA GLU BA 30 5.48 30.18 30.87
C GLU BA 30 5.36 31.56 31.54
N THR BA 31 5.78 32.62 30.84
CA THR BA 31 5.60 33.98 31.33
C THR BA 31 4.95 34.90 30.32
N GLU BA 32 4.35 35.97 30.82
CA GLU BA 32 3.74 37.03 30.02
C GLU BA 32 4.76 38.07 29.54
N ILE BA 33 4.41 38.81 28.50
CA ILE BA 33 5.26 39.89 27.99
C ILE BA 33 4.59 41.26 28.07
N ILE BA 34 5.31 42.24 28.61
CA ILE BA 34 4.83 43.60 28.69
C ILE BA 34 5.56 44.45 27.64
N GLU BA 35 4.80 45.08 26.75
CA GLU BA 35 5.36 45.87 25.64
C GLU BA 35 5.26 47.40 25.84
N TYR BA 36 6.23 48.15 25.30
CA TYR BA 36 6.18 49.62 25.40
C TYR BA 36 6.90 50.41 24.27
N ARG BA 37 6.31 51.54 23.86
CA ARG BA 37 6.97 52.48 22.93
C ARG BA 37 6.53 53.91 23.20
N HIS BA 38 7.47 54.86 23.14
CA HIS BA 38 7.08 56.25 23.24
C HIS BA 38 7.26 56.91 21.88
N GLY BA 39 6.54 58.01 21.65
CA GLY BA 39 6.51 58.68 20.35
C GLY BA 39 7.80 59.15 19.72
N ALA BA 40 8.77 59.55 20.51
CA ALA BA 40 10.03 60.05 19.98
C ALA BA 40 11.05 58.98 19.61
N SER BA 41 10.77 57.70 19.86
CA SER BA 41 11.79 56.72 19.55
C SER BA 41 12.10 56.62 18.05
N PRO BA 42 13.40 56.56 17.63
CA PRO BA 42 13.87 56.33 16.27
C PRO BA 42 13.46 54.98 15.69
N GLU BA 43 13.09 54.02 16.54
CA GLU BA 43 12.68 52.72 16.07
C GLU BA 43 11.18 52.65 16.13
N TYR BA 44 10.58 51.91 15.22
CA TYR BA 44 9.14 51.83 15.19
C TYR BA 44 8.59 50.53 15.74
N SER BA 45 9.43 49.85 16.49
CA SER BA 45 9.12 48.60 17.18
C SER BA 45 9.02 48.86 18.68
N LYS BA 46 8.48 47.90 19.42
CA LYS BA 46 8.34 48.03 20.87
C LYS BA 46 9.45 47.35 21.66
N ILE BA 47 9.65 47.80 22.90
CA ILE BA 47 10.61 47.18 23.81
C ILE BA 47 9.85 46.21 24.71
N LYS BA 48 10.45 45.07 25.00
CA LYS BA 48 9.77 44.03 25.79
C LYS BA 48 10.40 43.71 27.14
N MET BA 49 9.56 43.45 28.14
CA MET BA 49 10.05 43.00 29.45
C MET BA 49 9.11 41.93 30.05
N PRO BA 50 9.60 41.02 30.93
CA PRO BA 50 8.83 40.00 31.64
C PRO BA 50 7.68 40.48 32.54
N GLY BA 51 6.59 39.75 32.45
CA GLY BA 51 5.35 39.88 33.22
C GLY BA 51 5.21 38.76 34.26
N MET BA 52 3.97 38.43 34.59
CA MET BA 52 3.60 37.40 35.55
C MET BA 52 3.81 35.97 35.03
N GLN BA 53 3.91 35.01 35.97
CA GLN BA 53 4.17 33.59 35.66
C GLN BA 53 2.90 32.75 35.53
N LYS BA 54 2.97 31.68 34.73
CA LYS BA 54 1.92 30.68 34.56
C LYS BA 54 2.43 29.24 34.57
N PHE BA 55 1.56 28.31 34.94
CA PHE BA 55 1.87 26.89 34.87
C PHE BA 55 0.74 26.13 34.17
N SER BA 56 1.08 25.03 33.50
CA SER BA 56 0.09 24.16 32.86
C SER BA 56 -0.35 23.03 33.79
N ASN BA 57 -1.52 22.45 33.53
CA ASN BA 57 -1.98 21.29 34.31
C ASN BA 57 -1.23 20.04 33.87
N ILE BA 58 -1.10 19.08 34.77
CA ILE BA 58 -0.39 17.83 34.49
C ILE BA 58 -1.33 16.65 34.32
N THR BA 59 -1.14 15.90 33.24
CA THR BA 59 -1.99 14.74 32.96
C THR BA 59 -1.24 13.42 33.18
N LEU BA 60 -1.87 12.52 33.94
CA LEU BA 60 -1.34 11.18 34.20
C LEU BA 60 -2.28 10.08 33.72
N LYS BA 61 -1.74 9.07 33.03
CA LYS BA 61 -2.58 7.94 32.57
C LYS BA 61 -2.00 6.60 32.97
N ARG BA 62 -2.89 5.62 33.19
CA ARG BA 62 -2.49 4.25 33.51
C ARG BA 62 -3.64 3.27 33.23
N GLY BA 63 -3.37 1.97 33.27
CA GLY BA 63 -4.45 0.99 33.10
C GLY BA 63 -5.21 0.76 34.38
N THR BA 64 -6.38 0.13 34.29
CA THR BA 64 -7.16 -0.15 35.49
C THR BA 64 -6.90 -1.55 35.99
N PHE BA 65 -6.99 -1.71 37.29
CA PHE BA 65 -6.78 -3.00 37.96
C PHE BA 65 -7.85 -3.33 38.96
N LYS BA 66 -8.05 -4.62 39.17
CA LYS BA 66 -8.96 -5.10 40.19
C LYS BA 66 -8.54 -4.57 41.55
N SER BA 67 -9.52 -4.02 42.27
CA SER BA 67 -9.39 -3.46 43.62
C SER BA 67 -8.54 -2.19 43.78
N ASP BA 68 -8.12 -1.55 42.70
CA ASP BA 68 -7.37 -0.30 42.84
C ASP BA 68 -8.24 0.90 42.53
N ASN BA 69 -8.84 1.51 43.56
CA ASN BA 69 -9.79 2.62 43.39
C ASN BA 69 -9.22 3.97 43.82
N GLU BA 70 -7.90 4.11 43.74
CA GLU BA 70 -7.17 5.31 44.17
C GLU BA 70 -7.49 6.63 43.52
N TYR BA 71 -7.68 6.67 42.22
CA TYR BA 71 -7.96 7.95 41.57
C TYR BA 71 -9.24 8.53 42.17
N PHE BA 72 -10.27 7.71 42.32
CA PHE BA 72 -11.55 8.11 42.92
C PHE BA 72 -11.44 8.50 44.40
N GLN BA 73 -10.63 7.81 45.18
CA GLN BA 73 -10.51 8.14 46.57
C GLN BA 73 -9.84 9.49 46.79
N TRP BA 74 -8.81 9.83 46.01
CA TRP BA 74 -8.17 11.14 46.17
C TRP BA 74 -9.17 12.25 45.77
N TYR BA 75 -9.82 12.10 44.62
CA TYR BA 75 -10.79 13.07 44.13
C TYR BA 75 -11.88 13.32 45.16
N ASN BA 76 -12.33 12.26 45.79
CA ASN BA 76 -13.40 12.30 46.75
C ASN BA 76 -13.00 12.94 48.10
N THR BA 77 -11.77 13.48 48.22
CA THR BA 77 -11.38 14.20 49.44
C THR BA 77 -11.78 15.67 49.34
N ILE BA 78 -12.35 16.08 48.20
CA ILE BA 78 -12.78 17.46 48.03
C ILE BA 78 -14.06 17.71 48.82
N ASN BA 79 -14.03 18.76 49.62
CA ASN BA 79 -15.16 19.13 50.47
C ASN BA 79 -15.30 20.65 50.52
N LEU BA 80 -16.15 21.17 49.65
CA LEU BA 80 -16.37 22.60 49.42
C LEU BA 80 -15.08 23.28 48.95
N ASN BA 81 -14.30 23.89 49.85
CA ASN BA 81 -13.06 24.54 49.44
C ASN BA 81 -11.82 23.81 49.95
N LYS BA 82 -12.00 22.64 50.54
CA LYS BA 82 -10.87 21.89 51.05
C LYS BA 82 -10.59 20.67 50.19
N VAL BA 83 -9.32 20.29 50.15
CA VAL BA 83 -8.86 19.12 49.42
C VAL BA 83 -7.54 18.67 49.98
N GLU BA 84 -7.24 17.39 49.88
CA GLU BA 84 -5.92 16.94 50.28
C GLU BA 84 -4.90 17.28 49.21
N ARG BA 85 -3.91 18.09 49.56
CA ARG BA 85 -2.88 18.50 48.60
C ARG BA 85 -1.64 17.64 48.76
N ARG BA 86 -0.99 17.33 47.64
CA ARG BA 86 0.21 16.49 47.70
C ARG BA 86 1.42 17.00 46.93
N ASP BA 87 2.59 16.54 47.36
CA ASP BA 87 3.83 16.80 46.66
C ASP BA 87 4.05 15.72 45.62
N LEU BA 88 4.17 16.13 44.36
CA LEU BA 88 4.32 15.22 43.24
C LEU BA 88 5.75 15.20 42.71
N THR BA 89 6.37 14.01 42.69
CA THR BA 89 7.75 13.94 42.19
C THR BA 89 7.86 13.01 40.99
N ILE BA 90 8.33 13.56 39.89
CA ILE BA 90 8.45 12.81 38.64
C ILE BA 90 9.91 12.64 38.25
N SER BA 91 10.31 11.40 37.98
CA SER BA 91 11.72 11.15 37.69
C SER BA 91 12.05 10.22 36.52
N LEU BA 92 12.98 10.69 35.68
CA LEU BA 92 13.52 9.99 34.51
C LEU BA 92 14.72 9.17 34.98
N LEU BA 93 14.71 7.85 34.74
CA LEU BA 93 15.70 6.90 35.28
C LEU BA 93 16.81 6.39 34.37
N ASN BA 94 17.95 6.04 35.00
CA ASN BA 94 19.10 5.41 34.33
C ASN BA 94 19.03 3.87 34.38
N GLU BA 95 20.08 3.21 33.90
CA GLU BA 95 20.15 1.74 33.84
C GLU BA 95 20.21 1.03 35.21
N GLU BA 96 20.47 1.78 36.28
CA GLU BA 96 20.53 1.24 37.64
C GLU BA 96 19.22 1.51 38.34
N HIS BA 97 18.28 2.06 37.58
CA HIS BA 97 16.96 2.49 38.01
C HIS BA 97 17.04 3.62 39.03
N GLU BA 98 18.03 4.51 38.86
CA GLU BA 98 18.23 5.66 39.70
C GLU BA 98 17.81 6.92 38.94
N PRO BA 99 17.37 7.98 39.59
CA PRO BA 99 17.03 9.27 38.98
C PRO BA 99 18.19 9.94 38.27
N VAL BA 100 17.86 10.60 37.16
CA VAL BA 100 18.78 11.41 36.38
C VAL BA 100 18.18 12.81 36.31
N VAL BA 101 16.93 12.91 35.86
CA VAL BA 101 16.26 14.22 35.74
C VAL BA 101 15.00 14.21 36.58
N THR BA 102 14.86 15.19 37.48
CA THR BA 102 13.69 15.24 38.34
C THR BA 102 12.87 16.52 38.22
N TRP BA 103 11.56 16.33 38.15
CA TRP BA 103 10.60 17.42 38.11
C TRP BA 103 9.84 17.46 39.44
N LYS BA 104 10.01 18.56 40.17
CA LYS BA 104 9.39 18.71 41.49
C LYS BA 104 8.17 19.61 41.46
N VAL BA 105 7.00 19.07 41.83
CA VAL BA 105 5.75 19.82 41.77
C VAL BA 105 5.08 20.04 43.14
N LYS BA 106 4.80 21.30 43.42
CA LYS BA 106 4.20 21.79 44.67
C LYS BA 106 2.66 21.84 44.70
N ASN BA 107 2.05 21.38 45.80
CA ASN BA 107 0.58 21.45 46.05
C ASN BA 107 -0.38 20.86 44.99
N ALA BA 108 -0.15 19.71 44.42
CA ALA BA 108 -1.09 19.23 43.45
C ALA BA 108 -2.45 18.73 44.02
N TRP BA 109 -3.51 18.89 43.23
CA TRP BA 109 -4.84 18.37 43.54
C TRP BA 109 -5.59 18.12 42.22
N PRO BA 110 -6.39 17.05 42.16
CA PRO BA 110 -7.24 16.53 41.08
C PRO BA 110 -8.39 17.42 40.63
N LEU BA 111 -8.29 17.94 39.42
CA LEU BA 111 -9.36 18.72 38.83
C LEU BA 111 -10.41 17.84 38.22
N LYS BA 112 -9.92 16.81 37.56
CA LYS BA 112 -10.76 15.93 36.77
C LYS BA 112 -10.29 14.49 36.74
N VAL BA 113 -11.25 13.58 36.81
CA VAL BA 113 -10.99 12.15 36.68
C VAL BA 113 -11.86 11.61 35.55
N GLN BA 114 -11.23 10.97 34.58
CA GLN BA 114 -11.91 10.45 33.41
C GLN BA 114 -11.81 8.93 33.29
N SER BA 115 -12.97 8.28 33.29
CA SER BA 115 -13.04 6.83 33.18
C SER BA 115 -12.98 6.31 31.74
N THR BA 116 -12.76 5.02 31.65
CA THR BA 116 -12.67 4.21 30.43
C THR BA 116 -13.95 4.12 29.60
N ASP BA 117 -13.83 4.26 28.28
CA ASP BA 117 -14.99 4.05 27.40
C ASP BA 117 -15.20 2.55 27.12
N LEU BA 118 -16.40 2.15 26.76
CA LEU BA 118 -16.68 0.73 26.52
C LEU BA 118 -17.15 0.39 25.11
N LYS BA 119 -16.51 -0.60 24.49
CA LYS BA 119 -16.86 -1.04 23.14
C LYS BA 119 -17.05 -2.55 23.00
N GLY BA 120 -18.20 -2.95 22.46
CA GLY BA 120 -18.55 -4.36 22.26
C GLY BA 120 -17.57 -5.11 21.39
N ASP BA 121 -17.01 -4.42 20.41
CA ASP BA 121 -16.04 -4.99 19.47
C ASP BA 121 -14.60 -4.48 19.66
N GLY BA 122 -14.31 -3.82 20.77
CA GLY BA 122 -12.98 -3.28 20.97
C GLY BA 122 -12.02 -4.12 21.80
N ASN BA 123 -10.90 -4.48 21.18
CA ASN BA 123 -9.88 -5.29 21.82
C ASN BA 123 -8.77 -4.36 22.33
N GLU BA 124 -8.75 -4.10 23.63
CA GLU BA 124 -7.78 -3.21 24.21
C GLU BA 124 -7.85 -3.16 25.72
N VAL BA 125 -6.89 -2.49 26.31
CA VAL BA 125 -6.77 -2.29 27.74
C VAL BA 125 -7.61 -1.12 28.23
N ALA BA 126 -8.28 -1.32 29.35
CA ALA BA 126 -9.04 -0.24 29.96
C ALA BA 126 -8.07 0.76 30.56
N ILE BA 127 -8.13 2.01 30.11
CA ILE BA 127 -7.27 3.10 30.54
C ILE BA 127 -8.06 4.17 31.25
N GLU BA 128 -7.51 4.66 32.36
CA GLU BA 128 -8.10 5.74 33.14
C GLU BA 128 -7.14 6.92 33.21
N SER BA 129 -7.67 8.13 33.41
CA SER BA 129 -6.78 9.29 33.51
C SER BA 129 -7.19 10.37 34.48
N MET BA 130 -6.19 11.12 34.92
CA MET BA 130 -6.36 12.22 35.85
C MET BA 130 -5.63 13.50 35.45
N GLU BA 131 -6.29 14.64 35.69
CA GLU BA 131 -5.69 15.97 35.44
C GLU BA 131 -5.50 16.74 36.74
N LEU BA 132 -4.25 17.17 36.98
CA LEU BA 132 -3.87 17.87 38.20
C LEU BA 132 -3.49 19.35 38.11
N ALA BA 133 -4.02 20.12 39.04
CA ALA BA 133 -3.68 21.53 39.23
C ALA BA 133 -2.50 21.57 40.17
N HIS BA 134 -1.65 22.60 40.08
CA HIS BA 134 -0.53 22.72 41.01
C HIS BA 134 -0.08 24.17 41.12
N GLU BA 135 0.84 24.44 42.02
CA GLU BA 135 1.34 25.79 42.25
C GLU BA 135 2.83 26.03 41.96
N GLY BA 136 3.47 25.20 41.15
CA GLY BA 136 4.87 25.47 40.87
C GLY BA 136 5.70 24.25 40.53
N LEU BA 137 6.67 24.48 39.64
CA LEU BA 137 7.57 23.46 39.13
C LEU BA 137 9.04 23.87 39.12
N VAL BA 138 9.87 22.99 39.69
CA VAL BA 138 11.32 23.14 39.72
C VAL BA 138 12.00 21.95 39.03
N ILE BA 139 12.96 22.23 38.14
CA ILE BA 139 13.61 21.15 37.40
C ILE BA 139 15.06 20.95 37.83
N GLN BA 140 15.39 19.72 38.23
CA GLN BA 140 16.71 19.37 38.69
C GLN BA 140 17.44 18.36 37.79
N ASN BA 141 18.63 18.72 37.35
CA ASN BA 141 19.44 17.86 36.50
C ASN BA 141 20.90 18.17 36.80
N GLU BA 142 21.50 17.41 37.69
CA GLU BA 142 22.84 17.71 38.17
C GLU BA 142 23.85 16.65 37.74
N SER CA 2 0.61 -9.29 37.60
CA SER CA 2 -0.72 -8.69 37.49
C SER CA 2 -0.96 -8.12 36.11
N TYR CA 3 -2.19 -8.27 35.65
CA TYR CA 3 -2.58 -7.78 34.35
C TYR CA 3 -3.77 -6.83 34.49
N PRO CA 4 -3.91 -5.83 33.63
CA PRO CA 4 -5.00 -4.89 33.57
C PRO CA 4 -6.27 -5.53 33.02
N LEU CA 5 -7.41 -4.89 33.27
CA LEU CA 5 -8.68 -5.36 32.74
C LEU CA 5 -8.89 -4.88 31.30
N SER CA 6 -9.59 -5.70 30.50
CA SER CA 6 -9.98 -5.35 29.14
C SER CA 6 -11.29 -4.57 29.18
N LYS CA 7 -11.71 -4.02 28.04
CA LYS CA 7 -12.96 -3.23 28.02
C LYS CA 7 -14.08 -3.71 27.10
N PHE CA 8 -14.22 -5.00 26.84
CA PHE CA 8 -15.28 -5.45 25.95
C PHE CA 8 -16.42 -6.29 26.57
N HIS CA 9 -16.31 -6.66 27.84
CA HIS CA 9 -17.35 -7.48 28.46
C HIS CA 9 -18.02 -6.67 29.58
N PHE CA 10 -19.24 -6.22 29.34
CA PHE CA 10 -19.95 -5.33 30.26
C PHE CA 10 -21.46 -5.43 30.13
N SER CA 11 -22.19 -4.87 31.10
CA SER CA 11 -23.66 -4.83 31.03
C SER CA 11 -24.24 -3.53 31.60
N VAL CA 12 -25.44 -3.15 31.11
CA VAL CA 12 -26.11 -1.94 31.58
C VAL CA 12 -27.54 -2.13 32.04
N GLU CA 13 -27.83 -1.73 33.27
CA GLU CA 13 -29.19 -1.80 33.80
C GLU CA 13 -29.86 -0.44 33.78
N TRP CA 14 -30.83 -0.28 32.89
CA TRP CA 14 -31.47 1.01 32.68
C TRP CA 14 -32.99 0.99 32.76
N GLY CA 15 -33.58 -0.09 33.29
CA GLY CA 15 -35.04 -0.17 33.37
C GLY CA 15 -35.74 -0.63 32.08
N GLY CA 16 -34.99 -1.26 31.19
CA GLY CA 16 -35.49 -1.77 29.95
C GLY CA 16 -35.41 -3.28 29.94
N THR CA 17 -35.92 -3.88 28.88
CA THR CA 17 -35.90 -5.32 28.71
C THR CA 17 -34.51 -5.94 28.53
N LYS CA 18 -33.63 -5.22 27.85
CA LYS CA 18 -32.33 -5.78 27.44
C LYS CA 18 -31.19 -5.05 28.13
N ILE CA 19 -30.09 -5.77 28.36
CA ILE CA 19 -28.92 -5.16 28.99
C ILE CA 19 -27.66 -5.07 28.11
N GLY CA 20 -27.79 -5.49 26.84
CA GLY CA 20 -26.64 -5.44 25.93
C GLY CA 20 -26.62 -4.18 25.09
N PHE CA 21 -25.43 -3.60 24.99
CA PHE CA 21 -25.13 -2.39 24.23
C PHE CA 21 -23.84 -2.56 23.45
N THR CA 22 -23.64 -1.76 22.42
CA THR CA 22 -22.41 -1.84 21.67
C THR CA 22 -21.42 -0.77 22.09
N GLU CA 23 -21.92 0.31 22.69
CA GLU CA 23 -21.06 1.38 23.13
C GLU CA 23 -21.61 2.18 24.31
N VAL CA 24 -20.73 2.50 25.26
CA VAL CA 24 -21.03 3.35 26.41
C VAL CA 24 -19.95 4.42 26.56
N SER CA 25 -20.32 5.70 26.67
CA SER CA 25 -19.32 6.76 26.87
C SER CA 25 -19.80 7.96 27.68
N GLY CA 26 -18.84 8.72 28.26
CA GLY CA 26 -19.16 9.96 29.02
C GLY CA 26 -19.12 9.83 30.56
N LEU CA 27 -18.54 8.77 31.10
CA LEU CA 27 -18.49 8.59 32.56
C LEU CA 27 -17.38 9.43 33.22
N ASP CA 28 -17.54 10.76 33.16
CA ASP CA 28 -16.57 11.75 33.65
C ASP CA 28 -17.00 12.51 34.91
N LEU CA 29 -16.01 13.03 35.65
CA LEU CA 29 -16.20 13.90 36.82
C LEU CA 29 -15.35 15.18 36.66
N GLU CA 30 -15.88 16.35 37.00
CA GLU CA 30 -15.09 17.59 36.85
C GLU CA 30 -15.41 18.70 37.87
N THR CA 31 -14.39 19.48 38.25
CA THR CA 31 -14.61 20.65 39.11
C THR CA 31 -13.99 21.92 38.56
N GLU CA 32 -14.51 23.05 39.02
CA GLU CA 32 -14.00 24.38 38.70
C GLU CA 32 -12.82 24.78 39.59
N ILE CA 33 -12.04 25.76 39.13
CA ILE CA 33 -10.93 26.31 39.90
C ILE CA 33 -11.10 27.79 40.22
N ILE CA 34 -10.91 28.15 41.48
CA ILE CA 34 -10.96 29.54 41.91
C ILE CA 34 -9.55 30.03 42.18
N GLU CA 35 -9.13 31.11 41.50
CA GLU CA 35 -7.77 31.64 41.59
C GLU CA 35 -7.68 32.94 42.42
N TYR CA 36 -6.54 33.16 43.09
CA TYR CA 36 -6.33 34.40 43.85
C TYR CA 36 -4.87 34.87 44.04
N ARG CA 37 -4.64 36.19 44.00
CA ARG CA 37 -3.33 36.77 44.34
C ARG CA 37 -3.50 38.16 44.94
N HIS CA 38 -2.72 38.48 45.96
CA HIS CA 38 -2.74 39.84 46.50
C HIS CA 38 -1.42 40.51 46.13
N GLY CA 39 -1.42 41.84 46.09
CA GLY CA 39 -0.27 42.63 45.64
C GLY CA 39 1.07 42.45 46.33
N ALA CA 40 1.08 42.15 47.62
CA ALA CA 40 2.33 42.00 48.35
C ALA CA 40 2.98 40.62 48.24
N SER CA 41 2.37 39.66 47.57
CA SER CA 41 2.98 38.35 47.53
C SER CA 41 4.34 38.35 46.79
N PRO CA 42 5.40 37.69 47.33
CA PRO CA 42 6.70 37.46 46.72
C PRO CA 42 6.65 36.64 45.43
N GLU CA 43 5.56 35.89 45.23
CA GLU CA 43 5.44 35.09 44.03
C GLU CA 43 4.51 35.80 43.09
N TYR CA 44 4.73 35.63 41.80
CA TYR CA 44 3.92 36.33 40.82
C TYR CA 44 2.90 35.42 40.14
N SER CA 45 2.63 34.30 40.78
CA SER CA 45 1.66 33.30 40.36
C SER CA 45 0.47 33.34 41.31
N LYS CA 46 -0.63 32.70 40.92
CA LYS CA 46 -1.84 32.66 41.76
C LYS CA 46 -1.96 31.38 42.58
N ILE CA 47 -2.74 31.46 43.67
CA ILE CA 47 -3.05 30.30 44.50
C ILE CA 47 -4.39 29.74 44.06
N LYS CA 48 -4.51 28.41 44.03
CA LYS CA 48 -5.75 27.79 43.53
C LYS CA 48 -6.52 26.96 44.56
N MET CA 49 -7.86 27.03 44.50
CA MET CA 49 -8.70 26.18 45.35
C MET CA 49 -9.94 25.67 44.58
N PRO CA 50 -10.53 24.52 44.94
CA PRO CA 50 -11.75 23.97 44.35
C PRO CA 50 -13.02 24.81 44.41
N GLY CA 51 -13.73 24.80 43.29
CA GLY CA 51 -15.02 25.42 43.03
C GLY CA 51 -16.16 24.39 42.99
N MET CA 52 -17.21 24.71 42.23
CA MET CA 52 -18.40 23.89 42.05
C MET CA 52 -18.16 22.66 41.15
N GLN CA 53 -19.04 21.65 41.29
CA GLN CA 53 -18.93 20.38 40.56
C GLN CA 53 -19.74 20.35 39.25
N LYS CA 54 -19.28 19.55 38.28
CA LYS CA 54 -19.96 19.28 37.01
C LYS CA 54 -19.97 17.81 36.64
N PHE CA 55 -20.95 17.43 35.81
CA PHE CA 55 -21.02 16.09 35.25
C PHE CA 55 -21.27 16.14 33.75
N SER CA 56 -20.77 15.15 33.02
CA SER CA 56 -21.01 15.03 31.58
C SER CA 56 -22.24 14.17 31.28
N ASN CA 57 -22.82 14.33 30.09
CA ASN CA 57 -23.94 13.48 29.68
C ASN CA 57 -23.42 12.11 29.26
N ILE CA 58 -24.26 11.10 29.39
CA ILE CA 58 -23.89 9.72 29.05
C ILE CA 58 -24.54 9.24 27.76
N THR CA 59 -23.73 8.69 26.86
CA THR CA 59 -24.23 8.20 25.59
C THR CA 59 -24.25 6.67 25.51
N LEU CA 60 -25.40 6.12 25.11
CA LEU CA 60 -25.57 4.68 24.94
C LEU CA 60 -25.97 4.33 23.49
N LYS CA 61 -25.32 3.31 22.93
CA LYS CA 61 -25.67 2.86 21.56
C LYS CA 61 -25.93 1.37 21.49
N ARG CA 62 -26.82 0.98 20.56
CA ARG CA 62 -27.12 -0.42 20.30
C ARG CA 62 -27.77 -0.60 18.93
N GLY CA 63 -27.91 -1.84 18.45
CA GLY CA 63 -28.59 -2.08 17.19
C GLY CA 63 -30.10 -2.08 17.34
N THR CA 64 -30.83 -1.97 16.23
CA THR CA 64 -32.29 -2.00 16.30
C THR CA 64 -32.82 -3.39 16.05
N PHE CA 65 -33.94 -3.69 16.69
CA PHE CA 65 -34.62 -4.97 16.57
C PHE CA 65 -36.09 -4.86 16.31
N LYS CA 66 -36.63 -5.87 15.66
CA LYS CA 66 -38.06 -5.96 15.44
C LYS CA 66 -38.79 -5.93 16.77
N SER CA 67 -39.80 -5.08 16.85
CA SER CA 67 -40.69 -4.88 18.01
C SER CA 67 -40.07 -4.30 19.29
N ASP CA 68 -38.83 -3.81 19.24
CA ASP CA 68 -38.26 -3.17 20.43
C ASP CA 68 -38.27 -1.65 20.29
N ASN CA 69 -39.29 -1.01 20.83
CA ASN CA 69 -39.48 0.44 20.69
C ASN CA 69 -39.22 1.22 21.98
N GLU CA 70 -38.37 0.67 22.83
CA GLU CA 70 -38.05 1.22 24.15
C GLU CA 70 -37.43 2.59 24.24
N TYR CA 71 -36.50 2.93 23.36
CA TYR CA 71 -35.89 4.25 23.45
C TYR CA 71 -36.97 5.32 23.29
N PHE CA 72 -37.86 5.14 22.32
CA PHE CA 72 -38.98 6.04 22.06
C PHE CA 72 -40.00 6.09 23.20
N GLN CA 73 -40.31 4.96 23.81
CA GLN CA 73 -41.28 4.96 24.88
C GLN CA 73 -40.78 5.71 26.12
N TRP CA 74 -39.50 5.58 26.48
CA TRP CA 74 -38.99 6.32 27.64
C TRP CA 74 -39.01 7.83 27.34
N TYR CA 75 -38.51 8.22 26.16
CA TYR CA 75 -38.47 9.62 25.75
C TYR CA 75 -39.86 10.23 25.80
N ASN CA 76 -40.84 9.49 25.35
CA ASN CA 76 -42.22 9.92 25.26
C ASN CA 76 -42.91 10.05 26.63
N THR CA 77 -42.20 9.83 27.75
CA THR CA 77 -42.79 10.04 29.07
C THR CA 77 -42.64 11.50 29.50
N ILE CA 78 -41.98 12.32 28.67
CA ILE CA 78 -41.80 13.72 28.99
C ILE CA 78 -43.10 14.48 28.78
N ASN CA 79 -43.51 15.22 29.80
CA ASN CA 79 -44.75 15.98 29.77
C ASN CA 79 -44.55 17.32 30.47
N LEU CA 80 -44.25 18.35 29.69
CA LEU CA 80 -43.89 19.70 30.14
C LEU CA 80 -42.65 19.67 31.01
N ASN CA 81 -42.78 19.63 32.35
CA ASN CA 81 -41.61 19.58 33.22
C ASN CA 81 -41.46 18.25 33.93
N LYS CA 82 -42.27 17.27 33.58
CA LYS CA 82 -42.19 15.97 34.21
C LYS CA 82 -41.59 14.93 33.28
N VAL CA 83 -40.92 13.96 33.86
CA VAL CA 83 -40.31 12.87 33.13
C VAL CA 83 -40.09 11.71 34.07
N GLU CA 84 -40.11 10.50 33.56
CA GLU CA 84 -39.77 9.36 34.40
C GLU CA 84 -38.25 9.29 34.59
N ARG CA 85 -37.80 9.39 35.82
CA ARG CA 85 -36.37 9.35 36.11
C ARG CA 85 -35.96 7.96 36.56
N ARG CA 86 -34.76 7.53 36.16
CA ARG CA 86 -34.30 6.19 36.53
C ARG CA 86 -32.89 6.11 37.10
N ASP CA 87 -32.65 5.06 37.86
CA ASP CA 87 -31.32 4.74 38.36
C ASP CA 87 -30.60 3.88 37.34
N LEU CA 88 -29.45 4.36 36.89
CA LEU CA 88 -28.66 3.70 35.87
C LEU CA 88 -27.43 3.02 36.44
N THR CA 89 -27.30 1.71 36.24
CA THR CA 89 -26.13 0.99 36.78
C THR CA 89 -25.32 0.34 35.67
N ILE CA 90 -24.05 0.74 35.59
CA ILE CA 90 -23.15 0.24 34.56
C ILE CA 90 -22.04 -0.60 35.16
N SER CA 91 -21.85 -1.80 34.63
CA SER CA 91 -20.86 -2.70 35.24
C SER CA 91 -19.94 -3.46 34.28
N LEU CA 92 -18.64 -3.42 34.61
CA LEU CA 92 -17.55 -4.11 33.90
C LEU CA 92 -17.41 -5.50 34.54
N LEU CA 93 -17.49 -6.55 33.71
CA LEU CA 93 -17.55 -7.96 34.19
C LEU CA 93 -16.30 -8.82 34.10
N ASN CA 94 -16.22 -9.81 35.01
CA ASN CA 94 -15.16 -10.84 35.03
C ASN CA 94 -15.56 -12.10 34.24
N GLU CA 95 -14.71 -13.13 34.29
CA GLU CA 95 -14.93 -14.37 33.56
C GLU CA 95 -16.11 -15.22 34.05
N GLU CA 96 -16.68 -14.90 35.21
CA GLU CA 96 -17.81 -15.60 35.78
C GLU CA 96 -19.07 -14.80 35.50
N HIS CA 97 -18.90 -13.72 34.75
CA HIS CA 97 -19.90 -12.75 34.37
C HIS CA 97 -20.43 -12.00 35.59
N GLU CA 98 -19.55 -11.75 36.57
CA GLU CA 98 -19.87 -11.01 37.77
C GLU CA 98 -19.23 -9.63 37.69
N PRO CA 99 -19.79 -8.59 38.32
CA PRO CA 99 -19.23 -7.25 38.41
C PRO CA 99 -17.86 -7.18 39.04
N VAL CA 100 -17.04 -6.27 38.52
CA VAL CA 100 -15.73 -5.95 39.05
C VAL CA 100 -15.72 -4.46 39.35
N VAL CA 101 -16.06 -3.65 38.34
CA VAL CA 101 -16.08 -2.18 38.50
C VAL CA 101 -17.47 -1.66 38.18
N THR CA 102 -18.06 -0.92 39.12
CA THR CA 102 -19.40 -0.40 38.92
C THR CA 102 -19.51 1.12 38.97
N TRP CA 103 -20.25 1.66 38.01
CA TRP CA 103 -20.54 3.08 37.92
C TRP CA 103 -22.02 3.29 38.25
N LYS CA 104 -22.28 4.01 39.33
CA LYS CA 104 -23.64 4.26 39.81
C LYS CA 104 -24.14 5.65 39.46
N VAL CA 105 -25.21 5.75 38.67
CA VAL CA 105 -25.74 7.04 38.22
C VAL CA 105 -27.15 7.35 38.71
N LYS CA 106 -27.28 8.51 39.34
CA LYS CA 106 -28.50 9.04 39.94
C LYS CA 106 -29.40 9.88 39.01
N ASN CA 107 -30.72 9.64 39.04
CA ASN CA 107 -31.74 10.42 38.28
C ASN CA 107 -31.58 10.60 36.76
N ALA CA 108 -31.22 9.60 35.99
CA ALA CA 108 -31.11 9.84 34.58
C ALA CA 108 -32.43 10.04 33.81
N TRP CA 109 -32.39 10.85 32.76
CA TRP CA 109 -33.50 11.05 31.84
C TRP CA 109 -32.93 11.45 30.45
N PRO CA 110 -33.57 10.99 29.38
CA PRO CA 110 -33.31 11.15 27.94
C PRO CA 110 -33.44 12.57 27.40
N LEU CA 111 -32.31 13.15 27.01
CA LEU CA 111 -32.28 14.45 26.38
C LEU CA 111 -32.59 14.35 24.92
N LYS CA 112 -31.99 13.34 24.32
CA LYS CA 112 -32.03 13.16 22.88
C LYS CA 112 -32.04 11.72 22.44
N VAL CA 113 -32.83 11.44 21.41
CA VAL CA 113 -32.87 10.13 20.77
C VAL CA 113 -32.59 10.30 19.29
N GLN CA 114 -31.58 9.60 18.79
CA GLN CA 114 -31.16 9.70 17.41
C GLN CA 114 -31.32 8.40 16.64
N SER CA 115 -32.12 8.45 15.58
CA SER CA 115 -32.38 7.29 14.74
C SER CA 115 -31.31 7.05 13.68
N THR CA 116 -31.37 5.85 13.11
CA THR CA 116 -30.53 5.33 12.04
C THR CA 116 -30.62 6.05 10.69
N ASP CA 117 -29.48 6.31 10.06
CA ASP CA 117 -29.48 6.88 8.71
C ASP CA 117 -29.70 5.77 7.65
N LEU CA 118 -30.18 6.13 6.47
CA LEU CA 118 -30.44 5.11 5.45
C LEU CA 118 -29.67 5.29 4.15
N LYS CA 119 -29.02 4.22 3.69
CA LYS CA 119 -28.24 4.26 2.44
C LYS CA 119 -28.55 3.11 1.50
N GLY CA 120 -28.86 3.46 0.24
CA GLY CA 120 -29.19 2.50 -0.80
C GLY CA 120 -28.10 1.48 -1.08
N ASP CA 121 -26.85 1.93 -0.95
CA ASP CA 121 -25.67 1.09 -1.18
C ASP CA 121 -24.89 0.74 0.10
N GLY CA 122 -25.47 0.97 1.27
CA GLY CA 122 -24.75 0.70 2.50
C GLY CA 122 -25.03 -0.64 3.18
N ASN CA 123 -23.97 -1.43 3.34
CA ASN CA 123 -24.06 -2.74 3.96
C ASN CA 123 -23.64 -2.62 5.42
N GLU CA 124 -24.61 -2.61 6.33
CA GLU CA 124 -24.33 -2.46 7.74
C GLU CA 124 -25.56 -2.63 8.60
N VAL CA 125 -25.33 -2.65 9.90
CA VAL CA 125 -26.36 -2.77 10.92
C VAL CA 125 -26.98 -1.44 11.25
N ALA CA 126 -28.30 -1.42 11.39
CA ALA CA 126 -28.99 -0.22 11.81
C ALA CA 126 -28.71 0.02 13.30
N ILE CA 127 -28.13 1.17 13.60
CA ILE CA 127 -27.75 1.56 14.97
C ILE CA 127 -28.54 2.76 15.42
N GLU CA 128 -29.00 2.71 16.67
CA GLU CA 128 -29.75 3.81 17.29
C GLU CA 128 -29.00 4.28 18.53
N SER CA 129 -29.21 5.54 18.92
CA SER CA 129 -28.54 6.03 20.13
C SER CA 129 -29.32 7.00 20.99
N MET CA 130 -28.94 7.04 22.26
CA MET CA 130 -29.55 7.90 23.25
C MET CA 130 -28.54 8.67 24.12
N GLU CA 131 -28.87 9.93 24.42
CA GLU CA 131 -28.07 10.77 25.31
C GLU CA 131 -28.83 11.11 26.60
N LEU CA 132 -28.21 10.78 27.73
CA LEU CA 132 -28.82 10.98 29.05
C LEU CA 132 -28.22 12.03 29.98
N ALA CA 133 -29.10 12.81 30.59
CA ALA CA 133 -28.77 13.78 31.62
C ALA CA 133 -28.82 13.06 32.95
N HIS CA 134 -28.05 13.50 33.93
CA HIS CA 134 -28.12 12.87 35.26
C HIS CA 134 -27.65 13.83 36.33
N GLU CA 135 -27.79 13.43 37.59
CA GLU CA 135 -27.40 14.27 38.72
C GLU CA 135 -26.27 13.74 39.61
N GLY CA 136 -25.43 12.84 39.12
CA GLY CA 136 -24.34 12.39 39.98
C GLY CA 136 -23.85 10.99 39.69
N LEU CA 137 -22.55 10.81 39.89
CA LEU CA 137 -21.83 9.57 39.64
C LEU CA 137 -20.90 9.14 40.78
N VAL CA 138 -21.05 7.88 41.20
CA VAL CA 138 -20.22 7.24 42.21
C VAL CA 138 -19.52 6.01 41.63
N ILE CA 139 -18.22 5.89 41.85
CA ILE CA 139 -17.48 4.76 41.29
C ILE CA 139 -17.03 3.77 42.35
N GLN CA 140 -17.41 2.50 42.18
CA GLN CA 140 -17.09 1.44 43.12
C GLN CA 140 -16.18 0.35 42.53
N ASN CA 141 -15.06 0.11 43.20
CA ASN CA 141 -14.10 -0.91 42.80
C ASN CA 141 -13.44 -1.45 44.05
N GLU CA 142 -13.95 -2.55 44.57
CA GLU CA 142 -13.52 -3.07 45.85
C GLU CA 142 -12.81 -4.41 45.71
N SER DA 2 -31.38 -14.04 17.81
CA SER DA 2 -31.93 -12.83 17.20
C SER DA 2 -30.86 -12.01 16.52
N TYR DA 3 -31.23 -11.42 15.40
CA TYR DA 3 -30.32 -10.60 14.64
C TYR DA 3 -30.92 -9.21 14.44
N PRO DA 4 -30.10 -8.15 14.35
CA PRO DA 4 -30.48 -6.78 14.11
C PRO DA 4 -30.91 -6.58 12.66
N LEU DA 5 -31.63 -5.50 12.41
CA LEU DA 5 -32.04 -5.13 11.06
C LEU DA 5 -30.92 -4.40 10.32
N SER DA 6 -30.85 -4.60 9.00
CA SER DA 6 -29.93 -3.88 8.12
C SER DA 6 -30.54 -2.55 7.70
N LYS DA 7 -29.77 -1.68 7.05
CA LYS DA 7 -30.30 -0.37 6.65
C LYS DA 7 -30.31 -0.04 5.15
N PHE DA 8 -30.47 -1.02 4.26
CA PHE DA 8 -30.45 -0.69 2.83
C PHE DA 8 -31.76 -0.91 2.06
N HIS DA 9 -32.79 -1.48 2.68
CA HIS DA 9 -34.05 -1.71 1.99
C HIS DA 9 -35.15 -0.86 2.63
N PHE DA 10 -35.57 0.19 1.94
CA PHE DA 10 -36.52 1.15 2.48
C PHE DA 10 -37.30 1.88 1.40
N SER DA 11 -38.37 2.58 1.79
CA SER DA 11 -39.15 3.39 0.85
C SER DA 11 -39.67 4.69 1.46
N VAL DA 12 -39.88 5.70 0.60
CA VAL DA 12 -40.39 7.00 1.07
C VAL DA 12 -41.63 7.52 0.33
N GLU DA 13 -42.69 7.81 1.07
CA GLU DA 13 -43.90 8.37 0.50
C GLU DA 13 -43.98 9.88 0.74
N TRP DA 14 -43.79 10.64 -0.32
CA TRP DA 14 -43.73 12.09 -0.20
C TRP DA 14 -44.67 12.85 -1.11
N GLY DA 15 -45.66 12.17 -1.73
CA GLY DA 15 -46.56 12.84 -2.64
C GLY DA 15 -46.05 13.03 -4.08
N GLY DA 16 -45.04 12.26 -4.43
CA GLY DA 16 -44.44 12.28 -5.75
C GLY DA 16 -44.70 10.98 -6.45
N THR DA 17 -44.27 10.92 -7.70
CA THR DA 17 -44.42 9.72 -8.51
C THR DA 17 -43.61 8.51 -8.05
N LYS DA 18 -42.41 8.76 -7.54
CA LYS DA 18 -41.47 7.68 -7.24
C LYS DA 18 -41.22 7.58 -5.75
N ILE DA 19 -40.91 6.38 -5.27
CA ILE DA 19 -40.61 6.17 -3.85
C ILE DA 19 -39.18 5.74 -3.54
N GLY DA 20 -38.33 5.64 -4.57
CA GLY DA 20 -36.94 5.23 -4.36
C GLY DA 20 -36.00 6.41 -4.19
N PHE DA 21 -35.12 6.30 -3.21
CA PHE DA 21 -34.10 7.27 -2.85
C PHE DA 21 -32.78 6.58 -2.59
N THR DA 22 -31.68 7.31 -2.67
CA THR DA 22 -30.39 6.72 -2.37
C THR DA 22 -29.94 7.04 -0.95
N GLU DA 23 -30.49 8.11 -0.38
CA GLU DA 23 -30.11 8.49 0.97
C GLU DA 23 -31.21 9.26 1.71
N VAL DA 24 -31.39 8.92 2.99
CA VAL DA 24 -32.29 9.62 3.91
C VAL DA 24 -31.57 9.92 5.23
N SER DA 25 -31.62 11.17 5.69
CA SER DA 25 -30.98 11.50 6.98
C SER DA 25 -31.65 12.63 7.76
N GLY DA 26 -31.41 12.68 9.09
CA GLY DA 26 -31.93 13.75 9.96
C GLY DA 26 -33.15 13.40 10.83
N LEU DA 27 -33.48 12.12 10.97
CA LEU DA 27 -34.63 11.71 11.77
C LEU DA 27 -34.35 11.72 13.29
N ASP DA 28 -34.12 12.93 13.82
CA ASP DA 28 -33.75 13.19 15.22
C ASP DA 28 -34.84 13.85 16.08
N LEU DA 29 -34.75 13.65 17.40
CA LEU DA 29 -35.61 14.29 18.41
C LEU DA 29 -34.74 14.93 19.49
N GLU DA 30 -35.06 16.16 19.94
CA GLU DA 30 -34.24 16.81 20.99
C GLU DA 30 -34.99 17.74 21.94
N THR DA 31 -34.55 17.80 23.21
CA THR DA 31 -35.13 18.76 24.16
C THR DA 31 -34.06 19.58 24.87
N GLU DA 32 -34.50 20.73 25.39
CA GLU DA 32 -33.68 21.64 26.18
C GLU DA 32 -33.62 21.23 27.65
N ILE DA 33 -32.61 21.72 28.37
CA ILE DA 33 -32.47 21.46 29.80
C ILE DA 33 -32.51 22.75 30.63
N ILE DA 34 -33.33 22.74 31.67
CA ILE DA 34 -33.41 23.87 32.59
C ILE DA 34 -32.71 23.50 33.90
N GLU DA 35 -31.72 24.30 34.29
CA GLU DA 35 -30.91 24.03 35.48
C GLU DA 35 -31.23 24.94 36.68
N TYR DA 36 -31.08 24.41 37.91
CA TYR DA 36 -31.30 25.23 39.12
C TYR DA 36 -30.52 24.83 40.38
N ARG DA 37 -30.08 25.82 41.17
CA ARG DA 37 -29.48 25.58 42.49
C ARG DA 37 -29.77 26.73 43.43
N HIS DA 38 -30.07 26.44 44.70
CA HIS DA 38 -30.22 27.50 45.68
C HIS DA 38 -29.03 27.43 46.65
N GLY DA 39 -28.72 28.55 47.29
CA GLY DA 39 -27.55 28.69 48.14
C GLY DA 39 -27.37 27.72 49.31
N ALA DA 40 -28.45 27.28 49.91
CA ALA DA 40 -28.34 26.38 51.06
C ALA DA 40 -28.16 24.91 50.72
N SER DA 41 -28.18 24.52 49.46
CA SER DA 41 -28.07 23.10 49.16
C SER DA 41 -26.71 22.51 49.58
N PRO DA 42 -26.66 21.33 50.24
CA PRO DA 42 -25.48 20.56 50.59
C PRO DA 42 -24.66 20.09 49.37
N GLU DA 43 -25.28 20.06 48.20
CA GLU DA 43 -24.56 19.64 47.00
C GLU DA 43 -24.20 20.88 46.22
N TYR DA 44 -23.09 20.82 45.52
CA TYR DA 44 -22.64 21.98 44.79
C TYR DA 44 -22.87 21.86 43.29
N SER DA 45 -23.76 20.95 42.93
CA SER DA 45 -24.18 20.70 41.56
C SER DA 45 -25.62 21.19 41.39
N LYS DA 46 -26.07 21.29 40.14
CA LYS DA 46 -27.43 21.75 39.85
C LYS DA 46 -28.42 20.62 39.60
N ILE DA 47 -29.70 20.92 39.79
CA ILE DA 47 -30.78 19.97 39.50
C ILE DA 47 -31.32 20.27 38.11
N LYS DA 48 -31.65 19.23 37.34
CA LYS DA 48 -32.08 19.42 35.96
C LYS DA 48 -33.51 18.98 35.66
N MET DA 49 -34.21 19.74 34.81
CA MET DA 49 -35.55 19.34 34.36
C MET DA 49 -35.74 19.68 32.86
N PRO DA 50 -36.61 18.97 32.12
CA PRO DA 50 -36.96 19.23 30.72
C PRO DA 50 -37.56 20.59 30.37
N GLY DA 51 -37.08 21.12 29.26
CA GLY DA 51 -37.48 22.36 28.60
C GLY DA 51 -38.32 22.09 27.34
N MET DA 52 -38.24 23.02 26.39
CA MET DA 52 -38.96 22.99 25.12
C MET DA 52 -38.36 21.98 24.13
N GLN DA 53 -39.18 21.56 23.14
CA GLN DA 53 -38.80 20.57 22.13
C GLN DA 53 -38.23 21.16 20.85
N LYS DA 54 -37.37 20.40 20.16
CA LYS DA 54 -36.81 20.74 18.85
C LYS DA 54 -36.81 19.56 17.88
N PHE DA 55 -36.81 19.89 16.59
CA PHE DA 55 -36.68 18.88 15.53
C PHE DA 55 -35.62 19.30 14.52
N SER DA 56 -34.96 18.33 13.91
CA SER DA 56 -33.97 18.58 12.84
C SER DA 56 -34.62 18.54 11.47
N ASN DA 57 -33.98 19.17 10.47
CA ASN DA 57 -34.47 19.10 9.10
C ASN DA 57 -34.12 17.75 8.49
N ILE DA 58 -34.92 17.31 7.52
CA ILE DA 58 -34.71 16.03 6.86
C ILE DA 58 -34.16 16.16 5.45
N THR DA 59 -33.10 15.41 5.16
CA THR DA 59 -32.48 15.47 3.84
C THR DA 59 -32.74 14.21 3.02
N LEU DA 60 -33.19 14.41 1.78
CA LEU DA 60 -33.46 13.32 0.84
C LEU DA 60 -32.60 13.46 -0.43
N LYS DA 61 -32.00 12.35 -0.88
CA LYS DA 61 -31.21 12.39 -2.13
C LYS DA 61 -31.60 11.28 -3.09
N ARG DA 62 -31.47 11.56 -4.38
CA ARG DA 62 -31.72 10.58 -5.44
C ARG DA 62 -31.03 10.98 -6.74
N GLY DA 63 -31.00 10.09 -7.74
CA GLY DA 63 -30.43 10.46 -9.04
C GLY DA 63 -31.42 11.21 -9.90
N THR DA 64 -30.93 11.86 -10.96
CA THR DA 64 -31.82 12.59 -11.84
C THR DA 64 -32.22 11.74 -13.03
N PHE DA 65 -33.43 11.97 -13.52
CA PHE DA 65 -33.99 11.26 -14.67
C PHE DA 65 -34.61 12.17 -15.70
N LYS DA 66 -34.60 11.71 -16.93
CA LYS DA 66 -35.27 12.41 -18.00
C LYS DA 66 -36.74 12.60 -17.68
N SER DA 67 -37.21 13.83 -17.84
CA SER DA 67 -38.60 14.27 -17.62
C SER DA 67 -39.13 14.24 -16.18
N ASP DA 68 -38.29 14.01 -15.18
CA ASP DA 68 -38.77 14.07 -13.80
C ASP DA 68 -38.35 15.36 -13.11
N ASN DA 69 -39.22 16.35 -13.12
CA ASN DA 69 -38.93 17.69 -12.60
C ASN DA 69 -39.64 18.00 -11.28
N GLU DA 70 -39.94 16.95 -10.51
CA GLU DA 70 -40.69 17.05 -9.26
C GLU DA 70 -40.12 17.86 -8.13
N TYR DA 71 -38.83 17.80 -7.88
CA TYR DA 71 -38.28 18.57 -6.77
C TYR DA 71 -38.55 20.07 -7.02
N PHE DA 72 -38.31 20.53 -8.24
CA PHE DA 72 -38.57 21.90 -8.65
C PHE DA 72 -40.05 22.31 -8.61
N GLN DA 73 -40.94 21.41 -9.00
CA GLN DA 73 -42.35 21.75 -8.99
C GLN DA 73 -42.89 21.92 -7.57
N TRP DA 74 -42.47 21.08 -6.61
CA TRP DA 74 -42.94 21.26 -5.24
C TRP DA 74 -42.41 22.59 -4.66
N TYR DA 75 -41.11 22.84 -4.85
CA TYR DA 75 -40.46 24.06 -4.36
C TYR DA 75 -41.17 25.29 -4.89
N ASN DA 76 -41.54 25.24 -6.15
CA ASN DA 76 -42.16 26.34 -6.86
C ASN DA 76 -43.62 26.60 -6.44
N THR DA 77 -44.15 25.87 -5.44
CA THR DA 77 -45.49 26.14 -4.93
C THR DA 77 -45.44 27.22 -3.84
N ILE DA 78 -44.24 27.69 -3.50
CA ILE DA 78 -44.09 28.72 -2.48
C ILE DA 78 -44.52 30.07 -3.05
N ASN DA 79 -45.41 30.74 -2.35
CA ASN DA 79 -45.94 32.03 -2.76
C ASN DA 79 -46.11 32.94 -1.53
N LEU DA 80 -45.11 33.77 -1.30
CA LEU DA 80 -44.97 34.64 -0.13
C LEU DA 80 -44.96 33.82 1.16
N ASN DA 81 -46.11 33.66 1.84
CA ASN DA 81 -46.12 32.88 3.07
C ASN DA 81 -46.89 31.56 2.91
N LYS DA 82 -47.28 31.22 1.70
CA LYS DA 82 -48.00 29.98 1.47
C LYS DA 82 -47.13 28.96 0.78
N VAL DA 83 -47.40 27.69 1.06
CA VAL DA 83 -46.71 26.57 0.45
C VAL DA 83 -47.57 25.34 0.56
N GLU DA 84 -47.42 24.41 -0.36
CA GLU DA 84 -48.12 23.15 -0.23
C GLU DA 84 -47.42 22.27 0.81
N ARG DA 85 -48.12 21.92 1.88
CA ARG DA 85 -47.54 21.10 2.94
C ARG DA 85 -47.94 19.65 2.76
N ARG DA 86 -47.03 18.72 3.06
CA ARG DA 86 -47.34 17.31 2.90
C ARG DA 86 -47.00 16.42 4.08
N ASP DA 87 -47.69 15.29 4.15
CA ASP DA 87 -47.39 14.25 5.12
C ASP DA 87 -46.34 13.31 4.55
N LEU DA 88 -45.23 13.19 5.25
CA LEU DA 88 -44.09 12.39 4.82
C LEU DA 88 -43.99 11.07 5.59
N THR DA 89 -44.02 9.94 4.89
CA THR DA 89 -43.93 8.65 5.59
C THR DA 89 -42.71 7.85 5.13
N ILE DA 90 -41.85 7.54 6.07
CA ILE DA 90 -40.61 6.82 5.79
C ILE DA 90 -40.63 5.43 6.43
N SER DA 91 -40.35 4.41 5.63
CA SER DA 91 -40.44 3.05 6.15
C SER DA 91 -39.32 2.07 5.80
N LEU DA 92 -38.83 1.38 6.83
CA LEU DA 92 -37.78 0.35 6.75
C LEU DA 92 -38.50 -0.99 6.52
N LEU DA 93 -38.10 -1.70 5.44
CA LEU DA 93 -38.81 -2.91 4.99
C LEU DA 93 -38.20 -4.29 5.29
N ASN DA 94 -39.08 -5.30 5.38
CA ASN DA 94 -38.70 -6.72 5.54
C ASN DA 94 -38.56 -7.44 4.19
N GLU DA 95 -38.32 -8.74 4.23
CA GLU DA 95 -38.13 -9.57 3.04
C GLU DA 95 -39.37 -9.74 2.14
N GLU DA 96 -40.55 -9.35 2.64
CA GLU DA 96 -41.81 -9.44 1.90
C GLU DA 96 -42.13 -8.07 1.34
N HIS DA 97 -41.21 -7.13 1.55
CA HIS DA 97 -41.29 -5.74 1.18
C HIS DA 97 -42.40 -5.02 1.95
N GLU DA 98 -42.62 -5.44 3.21
CA GLU DA 98 -43.61 -4.84 4.08
C GLU DA 98 -42.89 -3.99 5.13
N PRO DA 99 -43.50 -2.94 5.67
CA PRO DA 99 -42.97 -2.12 6.75
C PRO DA 99 -42.68 -2.87 8.05
N VAL DA 100 -41.60 -2.46 8.70
CA VAL DA 100 -41.20 -2.96 10.01
C VAL DA 100 -41.13 -1.75 10.95
N VAL DA 101 -40.35 -0.74 10.54
CA VAL DA 101 -40.19 0.47 11.36
C VAL DA 101 -40.63 1.68 10.55
N THR DA 102 -41.56 2.46 11.11
CA THR DA 102 -42.06 3.64 10.40
C THR DA 102 -41.85 4.96 11.13
N TRP DA 103 -41.40 5.95 10.36
CA TRP DA 103 -41.20 7.31 10.85
C TRP DA 103 -42.27 8.21 10.21
N LYS DA 104 -43.13 8.77 11.05
CA LYS DA 104 -44.23 9.61 10.59
C LYS DA 104 -43.95 11.09 10.77
N VAL DA 105 -43.92 11.86 9.67
CA VAL DA 105 -43.60 13.28 9.74
C VAL DA 105 -44.73 14.21 9.28
N LYS DA 106 -45.06 15.14 10.17
CA LYS DA 106 -46.13 16.13 10.00
C LYS DA 106 -45.73 17.46 9.31
N ASN DA 107 -46.57 17.94 8.36
CA ASN DA 107 -46.40 19.24 7.67
C ASN DA 107 -45.06 19.55 6.97
N ALA DA 108 -44.45 18.64 6.24
CA ALA DA 108 -43.21 19.01 5.61
C ALA DA 108 -43.32 19.99 4.42
N TRP DA 109 -42.29 20.81 4.25
CA TRP DA 109 -42.15 21.71 3.09
C TRP DA 109 -40.65 21.97 2.83
N PRO DA 110 -40.25 22.07 1.57
CA PRO DA 110 -38.93 22.31 0.97
C PRO DA 110 -38.29 23.65 1.29
N LEU DA 111 -37.22 23.60 2.06
CA LEU DA 111 -36.42 24.78 2.37
C LEU DA 111 -35.46 25.10 1.26
N LYS DA 112 -34.84 24.03 0.78
CA LYS DA 112 -33.77 24.12 -0.18
C LYS DA 112 -33.72 22.98 -1.18
N VAL DA 113 -33.42 23.33 -2.43
CA VAL DA 113 -33.21 22.35 -3.48
C VAL DA 113 -31.83 22.60 -4.09
N GLN DA 114 -31.01 21.56 -4.09
CA GLN DA 114 -29.65 21.63 -4.59
C GLN DA 114 -29.40 20.75 -5.81
N SER DA 115 -29.00 21.37 -6.91
CA SER DA 115 -28.73 20.66 -8.14
C SER DA 115 -27.31 20.08 -8.21
N THR DA 116 -27.14 19.20 -9.19
CA THR DA 116 -25.93 18.49 -9.55
C THR DA 116 -24.76 19.36 -10.04
N ASP DA 117 -23.55 19.07 -9.56
CA ASP DA 117 -22.36 19.78 -10.07
C ASP DA 117 -21.88 19.13 -11.39
N LEU DA 118 -21.15 19.86 -12.20
CA LEU DA 118 -20.70 19.30 -13.48
C LEU DA 118 -19.19 19.26 -13.67
N LYS DA 119 -18.67 18.10 -14.07
CA LYS DA 119 -17.23 17.91 -14.29
C LYS DA 119 -16.88 17.26 -15.61
N GLY DA 120 -16.00 17.91 -16.37
CA GLY DA 120 -15.55 17.45 -17.69
C GLY DA 120 -14.92 16.06 -17.67
N ASP DA 121 -14.22 15.77 -16.58
CA ASP DA 121 -13.54 14.50 -16.39
C ASP DA 121 -14.18 13.60 -15.33
N GLY DA 122 -15.39 13.91 -14.89
CA GLY DA 122 -16.01 13.10 -13.85
C GLY DA 122 -16.97 12.02 -14.30
N ASN DA 123 -16.67 10.78 -13.93
CA ASN DA 123 -17.48 9.63 -14.28
C ASN DA 123 -18.36 9.28 -13.10
N GLU DA 124 -19.65 9.65 -13.17
CA GLU DA 124 -20.57 9.40 -12.09
C GLU DA 124 -22.00 9.77 -12.44
N VAL DA 125 -22.90 9.42 -11.55
CA VAL DA 125 -24.31 9.70 -11.66
C VAL DA 125 -24.67 11.09 -11.18
N ALA DA 126 -25.52 11.76 -11.93
CA ALA DA 126 -26.01 13.06 -11.51
C ALA DA 126 -26.98 12.89 -10.34
N ILE DA 127 -26.65 13.50 -9.21
CA ILE DA 127 -27.43 13.42 -7.98
C ILE DA 127 -28.00 14.76 -7.61
N GLU DA 128 -29.26 14.76 -7.19
CA GLU DA 128 -29.96 15.97 -6.74
C GLU DA 128 -30.42 15.79 -5.30
N SER DA 129 -30.59 16.89 -4.57
CA SER DA 129 -31.06 16.76 -3.18
C SER DA 129 -31.99 17.85 -2.69
N MET DA 130 -32.77 17.48 -1.68
CA MET DA 130 -33.73 18.36 -1.04
C MET DA 130 -33.69 18.34 0.49
N GLU DA 131 -33.85 19.52 1.09
CA GLU DA 131 -33.92 19.67 2.55
C GLU DA 131 -35.32 20.15 2.99
N LEU DA 132 -35.93 19.37 3.89
CA LEU DA 132 -37.28 19.65 4.37
C LEU DA 132 -37.45 20.07 5.83
N ALA DA 133 -38.29 21.08 6.03
CA ALA DA 133 -38.70 21.57 7.33
C ALA DA 133 -39.94 20.77 7.72
N HIS DA 134 -40.19 20.58 9.01
CA HIS DA 134 -41.41 19.88 9.42
C HIS DA 134 -41.80 20.27 10.83
N GLU DA 135 -42.95 19.81 11.29
CA GLU DA 135 -43.44 20.13 12.62
C GLU DA 135 -43.62 18.96 13.59
N GLY DA 136 -42.94 17.85 13.38
CA GLY DA 136 -43.10 16.76 14.34
C GLY DA 136 -42.87 15.38 13.78
N LEU DA 137 -42.32 14.52 14.63
CA LEU DA 137 -41.96 13.14 14.32
C LEU DA 137 -42.42 12.12 15.35
N VAL DA 138 -43.10 11.08 14.87
CA VAL DA 138 -43.56 9.95 15.67
C VAL DA 138 -42.96 8.64 15.15
N ILE DA 139 -42.41 7.82 16.04
CA ILE DA 139 -41.78 6.58 15.61
C ILE DA 139 -42.57 5.34 16.02
N GLN DA 140 -42.91 4.52 15.04
CA GLN DA 140 -43.68 3.31 15.26
C GLN DA 140 -42.93 2.02 14.95
N ASN DA 141 -42.86 1.12 15.93
CA ASN DA 141 -42.20 -0.17 15.78
C ASN DA 141 -42.93 -1.16 16.66
N GLU DA 142 -43.86 -1.90 16.09
CA GLU DA 142 -44.74 -2.77 16.86
C GLU DA 142 -44.49 -4.23 16.54
#